data_4ZYQ
#
_entry.id   4ZYQ
#
_cell.length_a   174.436
_cell.length_b   176.565
_cell.length_c   230.997
_cell.angle_alpha   90.000
_cell.angle_beta   90.000
_cell.angle_gamma   90.000
#
_symmetry.space_group_name_H-M   'P 21 21 21'
#
loop_
_entity.id
_entity.type
_entity.pdbx_description
1 polymer 'Probable M17 family aminopeptidase'
2 non-polymer "N-{(1R)-2-(hydroxyamino)-1-[3'-(N'-hydroxycarbamimidoyl)biphenyl-4-yl]-2-oxoethyl}-2,2-dimethylpropanamide"
3 non-polymer 'ZINC ION'
4 non-polymer 'CARBONATE ION'
5 non-polymer 'PENTAETHYLENE GLYCOL'
6 non-polymer 'SULFATE ION'
7 water water
#
_entity_poly.entity_id   1
_entity_poly.type   'polypeptide(L)'
_entity_poly.pdbx_seq_one_letter_code
;RKMASEVPQVVSLDPTSIPIEYNTPIHDIKVQVYDIKGGCNVEEGLTIFLVNNPGKENGPVKISSKVNDKQVSEFLKDEN
MEKFNVKLGTSKHFYMFNDNKNSVAVGYVGCGSVADLSEADMKRVVLSLVTMLHDNKLSKLTVVFEINVDKNLFRFFLET
LFYEYMTDERFKSTDKNVNMEYIKHLGVYINNADTYKEEVEKARVYYFGTYYASQLIAAPSNYCNPVSLSNAAVELAQKL
NLEYKILGVKELEELKMGAYLSVGKGSMYPNKFIHLTYKSKGDVKKKIALVGKGITFDSGGYNLKAAPGSMIDLMKFDMS
GCAAVLGCAYCVGTLKPENVEIHFLSAVCENMVSKNSYRPGDIITASNGKTIEVGNTDAEGRLTLADALVYAEKLGVDYI
VDIATLTGAMLYSLGTSYAGVFGNNEELINKILQSSKTSNEPVWWLPIINEYRATLNSKYADINQISSSVKASSIVASLF
LKEFVQNTAWAHIDIAGVSWNFKARKPKGFGVRLLTEFVLND
;
_entity_poly.pdbx_strand_id   A,B,C,D,E,F,G,H,I,J,K,L
#
# COMPACT_ATOMS: atom_id res chain seq x y z
N ALA A 4 63.70 27.40 23.88
CA ALA A 4 64.34 26.35 23.09
C ALA A 4 65.23 25.47 23.95
N SER A 5 65.05 24.16 23.84
CA SER A 5 65.90 23.21 24.55
C SER A 5 67.01 22.68 23.64
N GLU A 6 68.11 22.26 24.25
CA GLU A 6 69.23 21.65 23.53
C GLU A 6 68.95 20.17 23.28
N VAL A 7 69.07 19.74 22.02
CA VAL A 7 68.81 18.36 21.68
C VAL A 7 69.99 17.47 22.06
N PRO A 8 69.74 16.45 22.88
CA PRO A 8 70.80 15.51 23.27
C PRO A 8 71.29 14.64 22.10
N GLN A 9 72.57 14.29 22.12
CA GLN A 9 73.17 13.48 21.06
C GLN A 9 73.94 12.30 21.62
N VAL A 10 73.93 11.18 20.89
CA VAL A 10 74.76 10.05 21.23
C VAL A 10 76.11 10.22 20.54
N VAL A 11 76.07 10.59 19.27
CA VAL A 11 77.27 10.97 18.52
C VAL A 11 77.06 12.38 17.97
N SER A 12 78.15 13.02 17.55
CA SER A 12 78.08 14.40 17.08
C SER A 12 77.42 14.49 15.71
N LEU A 13 77.27 13.35 15.04
CA LEU A 13 76.65 13.32 13.72
C LEU A 13 75.14 13.25 13.82
N ASP A 14 74.63 13.09 15.03
CA ASP A 14 73.19 13.09 15.26
C ASP A 14 72.63 14.49 15.04
N PRO A 15 71.56 14.60 14.24
CA PRO A 15 70.95 15.89 13.93
C PRO A 15 70.35 16.57 15.16
N THR A 16 70.35 17.90 15.17
CA THR A 16 69.88 18.64 16.34
C THR A 16 68.68 19.51 16.02
N SER A 17 68.11 19.35 14.84
CA SER A 17 66.89 20.06 14.48
C SER A 17 66.18 19.38 13.32
N ILE A 18 64.87 19.62 13.22
CA ILE A 18 64.09 19.17 12.09
C ILE A 18 64.21 20.18 10.97
N PRO A 19 64.75 19.76 9.82
CA PRO A 19 64.78 20.68 8.67
C PRO A 19 63.37 21.03 8.22
N ILE A 20 63.06 22.32 8.18
CA ILE A 20 61.72 22.75 7.77
C ILE A 20 61.82 23.75 6.65
N GLU A 21 61.10 23.46 5.56
CA GLU A 21 61.01 24.39 4.45
C GLU A 21 59.76 25.23 4.59
N TYR A 22 59.95 26.53 4.84
CA TYR A 22 58.84 27.46 4.97
C TYR A 22 58.49 28.10 3.63
N ASN A 23 59.51 28.52 2.90
CA ASN A 23 59.30 29.11 1.58
C ASN A 23 59.35 28.06 0.47
N THR A 24 58.18 27.56 0.08
CA THR A 24 58.08 26.54 -0.95
C THR A 24 57.83 27.19 -2.31
N PRO A 25 58.16 26.47 -3.40
CA PRO A 25 57.87 26.99 -4.75
C PRO A 25 56.40 27.33 -4.93
N ILE A 26 55.51 26.65 -4.21
CA ILE A 26 54.07 26.92 -4.29
C ILE A 26 53.77 28.36 -3.90
N HIS A 27 54.52 28.87 -2.92
CA HIS A 27 54.33 30.23 -2.44
C HIS A 27 54.80 31.26 -3.48
N ASP A 28 55.58 30.80 -4.45
CA ASP A 28 56.10 31.69 -5.48
C ASP A 28 55.21 31.69 -6.71
N ILE A 29 54.15 30.90 -6.67
CA ILE A 29 53.23 30.81 -7.80
C ILE A 29 52.19 31.93 -7.78
N LYS A 30 52.25 32.77 -8.81
CA LYS A 30 51.24 33.82 -8.97
C LYS A 30 49.95 33.21 -9.52
N VAL A 31 48.86 33.35 -8.77
CA VAL A 31 47.59 32.74 -9.17
C VAL A 31 46.60 33.79 -9.65
N GLN A 32 46.07 33.57 -10.85
CA GLN A 32 45.11 34.49 -11.44
C GLN A 32 43.80 33.75 -11.73
N VAL A 33 42.69 34.36 -11.33
CA VAL A 33 41.39 33.77 -11.61
C VAL A 33 40.61 34.63 -12.59
N TYR A 34 40.22 34.04 -13.72
CA TYR A 34 39.46 34.75 -14.74
C TYR A 34 38.08 34.15 -14.88
N ASP A 35 37.13 34.95 -15.36
CA ASP A 35 35.80 34.43 -15.62
C ASP A 35 35.82 33.77 -17.00
N ILE A 36 35.22 32.60 -17.09
CA ILE A 36 35.28 31.81 -18.31
C ILE A 36 34.43 32.45 -19.40
N LYS A 37 33.49 33.31 -19.01
CA LYS A 37 32.63 34.00 -19.96
C LYS A 37 33.34 35.11 -20.71
N GLY A 38 34.65 35.24 -20.49
CA GLY A 38 35.42 36.27 -21.13
C GLY A 38 36.28 35.64 -22.20
N GLY A 39 36.16 34.32 -22.30
CA GLY A 39 36.93 33.55 -23.25
C GLY A 39 38.29 33.19 -22.68
N CYS A 40 38.92 32.17 -23.24
CA CYS A 40 40.21 31.73 -22.73
C CYS A 40 41.34 32.16 -23.64
N ASN A 41 42.42 32.63 -23.03
CA ASN A 41 43.64 32.94 -23.77
C ASN A 41 44.63 31.80 -23.67
N VAL A 42 45.10 31.31 -24.81
CA VAL A 42 46.03 30.19 -24.84
C VAL A 42 47.42 30.62 -25.29
N GLU A 43 48.28 30.97 -24.34
CA GLU A 43 49.62 31.45 -24.69
C GLU A 43 50.76 30.52 -24.25
N GLU A 44 51.65 31.02 -23.39
CA GLU A 44 52.76 30.17 -22.97
C GLU A 44 52.32 29.10 -21.99
N GLY A 45 53.24 28.20 -21.70
CA GLY A 45 53.03 27.13 -20.74
C GLY A 45 52.02 26.11 -21.24
N LEU A 46 51.34 25.45 -20.32
CA LEU A 46 50.37 24.41 -20.66
C LEU A 46 48.94 24.81 -20.27
N THR A 47 48.01 24.65 -21.19
CA THR A 47 46.61 24.96 -20.91
C THR A 47 45.77 23.70 -20.89
N ILE A 48 45.21 23.39 -19.72
CA ILE A 48 44.47 22.14 -19.54
C ILE A 48 42.98 22.35 -19.27
N PHE A 49 42.15 21.64 -20.02
CA PHE A 49 40.70 21.68 -19.84
C PHE A 49 40.21 20.53 -18.96
N LEU A 50 39.45 20.83 -17.92
CA LEU A 50 38.79 19.78 -17.14
C LEU A 50 37.40 19.53 -17.69
N VAL A 51 37.22 18.40 -18.38
CA VAL A 51 35.97 18.14 -19.08
C VAL A 51 35.33 16.82 -18.68
N ASN A 52 34.00 16.79 -18.69
CA ASN A 52 33.27 15.54 -18.48
C ASN A 52 32.21 15.31 -19.55
N ASN A 53 31.47 14.21 -19.40
CA ASN A 53 30.33 13.91 -20.25
C ASN A 53 29.31 13.11 -19.45
N PRO A 54 28.32 13.80 -18.88
CA PRO A 54 27.31 13.18 -18.02
C PRO A 54 26.52 12.06 -18.72
N LYS A 56 26.57 8.81 -20.18
CA LYS A 56 27.54 8.67 -21.26
C LYS A 56 28.93 8.32 -20.72
N GLU A 57 29.11 7.05 -20.34
CA GLU A 57 30.36 6.61 -19.75
C GLU A 57 31.43 6.49 -20.83
N ASN A 58 32.58 7.09 -20.55
CA ASN A 58 33.68 7.14 -21.51
C ASN A 58 33.22 7.79 -22.82
N GLY A 59 32.43 8.85 -22.69
CA GLY A 59 31.88 9.54 -23.84
C GLY A 59 32.87 10.50 -24.46
N PRO A 60 32.52 11.07 -25.62
CA PRO A 60 33.43 11.95 -26.34
C PRO A 60 33.68 13.28 -25.63
N VAL A 61 34.83 13.88 -25.91
CA VAL A 61 35.20 15.17 -25.36
C VAL A 61 34.60 16.32 -26.16
N LYS A 62 33.97 17.27 -25.47
CA LYS A 62 33.46 18.47 -26.10
C LYS A 62 33.85 19.71 -25.30
N ILE A 63 34.53 20.65 -25.95
CA ILE A 63 34.98 21.87 -25.28
C ILE A 63 33.90 22.94 -25.38
N SER A 64 33.35 23.32 -24.23
CA SER A 64 32.25 24.28 -24.19
C SER A 64 32.75 25.71 -24.16
N SER A 65 33.88 25.93 -23.50
CA SER A 65 34.43 27.26 -23.27
C SER A 65 34.78 27.97 -24.56
N LYS A 66 34.59 29.29 -24.57
CA LYS A 66 35.01 30.08 -25.72
C LYS A 66 36.51 30.32 -25.64
N VAL A 67 37.18 30.10 -26.75
CA VAL A 67 38.62 30.33 -26.82
C VAL A 67 38.89 31.52 -27.74
N ASN A 68 39.57 32.53 -27.20
CA ASN A 68 39.84 33.75 -27.94
C ASN A 68 40.98 33.61 -28.94
N ASP A 69 41.00 32.51 -29.67
CA ASP A 69 42.00 32.28 -30.70
C ASP A 69 41.40 31.44 -31.82
N LYS A 70 41.44 31.95 -33.04
CA LYS A 70 40.79 31.32 -34.17
C LYS A 70 41.43 29.97 -34.51
N GLN A 71 42.75 29.91 -34.41
CA GLN A 71 43.47 28.70 -34.75
C GLN A 71 43.20 27.58 -33.74
N VAL A 72 43.25 27.93 -32.45
CA VAL A 72 43.02 26.97 -31.38
C VAL A 72 41.56 26.52 -31.32
N SER A 73 40.64 27.47 -31.51
CA SER A 73 39.21 27.16 -31.51
C SER A 73 38.90 26.13 -32.59
N GLU A 74 39.54 26.29 -33.74
CA GLU A 74 39.36 25.35 -34.84
C GLU A 74 39.93 23.99 -34.48
N PHE A 75 41.09 23.99 -33.82
CA PHE A 75 41.71 22.75 -33.37
C PHE A 75 40.82 21.99 -32.37
N LEU A 76 40.19 22.73 -31.45
CA LEU A 76 39.42 22.11 -30.38
C LEU A 76 37.93 21.90 -30.71
N LYS A 77 37.55 22.10 -31.97
CA LYS A 77 36.18 21.87 -32.40
C LYS A 77 35.78 20.40 -32.22
N ASP A 78 34.48 20.15 -32.11
CA ASP A 78 33.96 18.83 -31.75
C ASP A 78 34.37 17.67 -32.64
N GLU A 79 34.47 17.89 -33.95
CA GLU A 79 34.85 16.83 -34.87
C GLU A 79 36.24 16.31 -34.54
N ASN A 80 37.11 17.21 -34.10
CA ASN A 80 38.49 16.87 -33.76
C ASN A 80 38.60 16.15 -32.41
N MET A 81 37.78 16.58 -31.45
CA MET A 81 37.88 16.08 -30.08
C MET A 81 37.12 14.78 -29.82
N GLU A 82 36.24 14.39 -30.73
CA GLU A 82 35.38 13.22 -30.51
C GLU A 82 36.16 11.90 -30.54
N LYS A 83 37.39 11.93 -31.01
CA LYS A 83 38.24 10.75 -31.00
C LYS A 83 38.75 10.46 -29.59
N PHE A 84 38.58 11.44 -28.68
CA PHE A 84 39.03 11.29 -27.30
C PHE A 84 37.84 11.16 -26.36
N ASN A 85 38.03 10.45 -25.25
CA ASN A 85 36.94 10.25 -24.29
C ASN A 85 37.23 10.85 -22.92
N VAL A 86 36.20 10.91 -22.08
CA VAL A 86 36.27 11.63 -20.82
C VAL A 86 36.44 10.73 -19.60
N LYS A 87 36.86 9.48 -19.83
CA LYS A 87 37.11 8.53 -18.75
C LYS A 87 37.94 9.17 -17.64
N LEU A 88 37.47 9.01 -16.40
CA LEU A 88 38.09 9.67 -15.25
C LEU A 88 39.58 9.37 -15.14
N GLY A 89 40.39 10.42 -15.18
CA GLY A 89 41.83 10.28 -15.06
C GLY A 89 42.56 10.34 -16.39
N THR A 90 41.82 10.15 -17.48
CA THR A 90 42.40 10.21 -18.82
C THR A 90 42.90 11.61 -19.15
N SER A 91 44.07 11.69 -19.78
CA SER A 91 44.64 12.98 -20.18
C SER A 91 45.35 12.87 -21.54
N LYS A 92 45.36 13.99 -22.27
CA LYS A 92 46.03 14.09 -23.57
C LYS A 92 46.74 15.44 -23.73
N HIS A 93 47.76 15.46 -24.57
CA HIS A 93 48.48 16.70 -24.87
C HIS A 93 48.33 17.08 -26.33
N PHE A 94 48.13 18.37 -26.58
CA PHE A 94 47.95 18.84 -27.94
C PHE A 94 49.03 19.86 -28.28
N TYR A 95 49.56 19.81 -29.50
CA TYR A 95 50.49 20.83 -29.97
C TYR A 95 49.94 21.58 -31.18
N MET A 96 49.97 22.91 -31.14
CA MET A 96 49.45 23.69 -32.27
C MET A 96 50.00 25.12 -32.27
N PHE A 97 49.74 25.84 -33.36
CA PHE A 97 50.13 27.24 -33.49
C PHE A 97 48.92 28.17 -33.36
N ASN A 98 49.03 29.23 -32.57
CA ASN A 98 47.92 30.16 -32.41
C ASN A 98 47.87 31.23 -33.50
N ASP A 99 47.06 32.25 -33.28
CA ASP A 99 46.87 33.32 -34.26
C ASP A 99 48.14 34.15 -34.51
N ASN A 100 49.02 34.20 -33.51
CA ASN A 100 50.25 34.97 -33.64
C ASN A 100 51.42 34.09 -34.05
N LYS A 101 51.09 32.94 -34.65
CA LYS A 101 52.07 31.98 -35.14
C LYS A 101 53.04 31.48 -34.05
N ASN A 102 52.60 31.50 -32.80
CA ASN A 102 53.37 30.95 -31.70
C ASN A 102 52.91 29.55 -31.30
N SER A 103 53.86 28.68 -30.97
CA SER A 103 53.53 27.32 -30.56
C SER A 103 52.95 27.30 -29.15
N VAL A 104 51.81 26.65 -28.98
CA VAL A 104 51.18 26.56 -27.66
C VAL A 104 50.88 25.10 -27.32
N ALA A 105 50.79 24.82 -26.02
CA ALA A 105 50.48 23.47 -25.57
C ALA A 105 49.13 23.45 -24.86
N VAL A 106 48.26 22.56 -25.32
CA VAL A 106 46.90 22.45 -24.83
C VAL A 106 46.59 20.99 -24.51
N GLY A 107 45.68 20.76 -23.57
CA GLY A 107 45.26 19.40 -23.27
C GLY A 107 44.04 19.34 -22.38
N TYR A 108 43.66 18.13 -21.99
CA TYR A 108 42.53 17.97 -21.09
C TYR A 108 42.76 16.84 -20.10
N VAL A 109 41.95 16.82 -19.05
CA VAL A 109 41.87 15.70 -18.13
C VAL A 109 40.42 15.24 -18.03
N GLY A 110 40.20 13.93 -18.20
CA GLY A 110 38.85 13.38 -18.15
C GLY A 110 38.33 13.39 -16.72
N CYS A 111 37.10 13.86 -16.55
CA CYS A 111 36.49 13.94 -15.22
C CYS A 111 35.29 13.00 -15.08
N GLY A 112 35.27 11.96 -15.90
CA GLY A 112 34.25 10.92 -15.81
C GLY A 112 32.87 11.30 -16.29
N SER A 113 31.85 10.63 -15.76
CA SER A 113 30.49 10.82 -16.21
C SER A 113 29.58 11.35 -15.11
N VAL A 114 30.08 11.34 -13.88
CA VAL A 114 29.32 11.86 -12.75
C VAL A 114 29.45 13.38 -12.72
N ALA A 115 28.31 14.07 -12.59
CA ALA A 115 28.30 15.53 -12.63
C ALA A 115 28.82 16.13 -11.33
N ASP A 116 28.79 15.35 -10.25
CA ASP A 116 29.26 15.81 -8.96
C ASP A 116 30.45 14.99 -8.49
N LEU A 117 31.65 15.54 -8.67
CA LEU A 117 32.88 14.83 -8.30
C LEU A 117 33.06 14.74 -6.80
N SER A 118 33.37 13.53 -6.31
CA SER A 118 33.66 13.33 -4.89
C SER A 118 35.09 13.77 -4.61
N GLU A 119 35.48 13.74 -3.34
CA GLU A 119 36.84 14.13 -2.96
C GLU A 119 37.86 13.15 -3.53
N ALA A 120 37.49 11.87 -3.60
CA ALA A 120 38.38 10.86 -4.15
C ALA A 120 38.51 11.00 -5.67
N ASP A 121 37.42 11.34 -6.33
CA ASP A 121 37.41 11.54 -7.77
C ASP A 121 38.28 12.72 -8.16
N MET A 122 38.15 13.80 -7.40
CA MET A 122 38.92 15.02 -7.66
C MET A 122 40.42 14.77 -7.48
N LYS A 123 40.76 13.91 -6.54
CA LYS A 123 42.17 13.60 -6.28
C LYS A 123 42.78 12.84 -7.46
N ARG A 124 42.00 11.94 -8.06
CA ARG A 124 42.48 11.20 -9.24
C ARG A 124 42.71 12.15 -10.41
N VAL A 125 41.82 13.14 -10.55
CA VAL A 125 41.96 14.15 -11.57
C VAL A 125 43.22 14.97 -11.37
N VAL A 126 43.42 15.42 -10.13
CA VAL A 126 44.59 16.21 -9.76
C VAL A 126 45.88 15.42 -9.97
N LEU A 127 45.87 14.15 -9.56
CA LEU A 127 47.04 13.29 -9.73
C LEU A 127 47.38 13.15 -11.21
N SER A 128 46.33 13.04 -12.03
CA SER A 128 46.49 12.98 -13.48
C SER A 128 47.04 14.30 -14.01
N LEU A 129 46.59 15.40 -13.41
CA LEU A 129 47.07 16.73 -13.77
C LEU A 129 48.55 16.92 -13.41
N VAL A 130 48.94 16.42 -12.24
CA VAL A 130 50.30 16.59 -11.75
C VAL A 130 51.34 15.85 -12.60
N THR A 131 50.95 14.70 -13.17
CA THR A 131 51.82 13.95 -14.05
C THR A 131 52.17 14.76 -15.30
N MET A 132 51.24 15.60 -15.71
CA MET A 132 51.45 16.48 -16.86
C MET A 132 52.45 17.58 -16.50
N LEU A 133 52.44 17.97 -15.23
CA LEU A 133 53.35 18.99 -14.71
C LEU A 133 54.75 18.42 -14.49
N HIS A 134 54.80 17.15 -14.11
CA HIS A 134 56.07 16.48 -13.87
C HIS A 134 56.79 16.15 -15.18
N ASP A 135 58.12 16.10 -15.11
CA ASP A 135 58.96 15.82 -16.27
C ASP A 135 58.73 16.77 -17.44
N ASN A 136 58.10 17.92 -17.17
CA ASN A 136 57.91 18.95 -18.18
C ASN A 136 58.31 20.29 -17.57
N LYS A 137 59.12 21.06 -18.29
CA LYS A 137 59.64 22.33 -17.78
C LYS A 137 58.78 23.55 -18.11
N LEU A 138 57.56 23.57 -17.57
CA LEU A 138 56.61 24.63 -17.85
C LEU A 138 56.79 25.84 -16.93
N SER A 139 56.48 27.04 -17.44
CA SER A 139 56.56 28.26 -16.63
C SER A 139 55.18 28.67 -16.14
N LYS A 140 54.15 28.18 -16.83
CA LYS A 140 52.77 28.53 -16.52
C LYS A 140 51.82 27.36 -16.78
N LEU A 141 50.88 27.16 -15.85
CA LEU A 141 49.79 26.23 -16.06
C LEU A 141 48.47 27.00 -16.09
N THR A 142 47.60 26.66 -17.03
CA THR A 142 46.28 27.26 -17.10
C THR A 142 45.23 26.17 -17.06
N VAL A 143 44.32 26.26 -16.09
CA VAL A 143 43.28 25.26 -15.92
C VAL A 143 41.91 25.84 -16.26
N VAL A 144 41.20 25.17 -17.17
CA VAL A 144 39.87 25.61 -17.58
C VAL A 144 38.80 24.67 -17.02
N PHE A 145 38.00 25.19 -16.09
CA PHE A 145 36.96 24.38 -15.45
C PHE A 145 35.68 24.27 -16.27
N GLU A 146 35.53 23.15 -16.97
CA GLU A 146 34.27 22.86 -17.66
C GLU A 146 33.49 21.82 -16.88
N ILE A 147 33.65 21.85 -15.56
CA ILE A 147 32.89 20.98 -14.67
C ILE A 147 32.27 21.80 -13.55
N ASN A 148 31.33 21.21 -12.83
CA ASN A 148 30.64 21.90 -11.75
C ASN A 148 31.27 21.63 -10.40
N VAL A 149 31.77 22.67 -9.75
CA VAL A 149 32.36 22.56 -8.43
C VAL A 149 31.90 23.70 -7.54
N ASP A 150 31.60 23.39 -6.28
CA ASP A 150 31.24 24.44 -5.33
C ASP A 150 32.54 25.04 -4.80
N LYS A 151 32.41 26.04 -3.94
CA LYS A 151 33.57 26.76 -3.44
C LYS A 151 34.53 25.85 -2.70
N ASN A 152 33.99 24.94 -1.91
CA ASN A 152 34.81 24.02 -1.13
C ASN A 152 35.60 23.03 -1.98
N LEU A 153 34.96 22.48 -3.00
CA LEU A 153 35.62 21.51 -3.87
C LEU A 153 36.68 22.19 -4.73
N PHE A 154 36.45 23.45 -5.08
CA PHE A 154 37.43 24.23 -5.83
C PHE A 154 38.67 24.45 -4.98
N ARG A 155 38.45 24.81 -3.72
CA ARG A 155 39.55 25.02 -2.79
C ARG A 155 40.33 23.72 -2.59
N PHE A 156 39.60 22.61 -2.49
CA PHE A 156 40.21 21.29 -2.34
C PHE A 156 41.11 20.96 -3.52
N PHE A 157 40.64 21.31 -4.71
CA PHE A 157 41.41 21.10 -5.95
C PHE A 157 42.77 21.79 -5.87
N LEU A 158 42.78 23.05 -5.45
CA LEU A 158 44.01 23.83 -5.36
C LEU A 158 44.95 23.29 -4.29
N GLU A 159 44.40 23.02 -3.11
CA GLU A 159 45.15 22.43 -2.00
C GLU A 159 45.85 21.15 -2.41
N THR A 160 45.09 20.24 -3.02
CA THR A 160 45.59 18.95 -3.44
C THR A 160 46.62 19.11 -4.55
N LEU A 161 46.34 20.01 -5.49
CA LEU A 161 47.28 20.30 -6.56
C LEU A 161 48.61 20.78 -5.99
N PHE A 162 48.53 21.78 -5.12
CA PHE A 162 49.71 22.33 -4.48
C PHE A 162 50.47 21.26 -3.71
N TYR A 163 49.72 20.47 -2.95
CA TYR A 163 50.31 19.43 -2.10
C TYR A 163 51.01 18.33 -2.92
N GLU A 164 50.37 17.88 -3.99
CA GLU A 164 50.92 16.80 -4.81
C GLU A 164 52.05 17.27 -5.72
N TYR A 165 51.96 18.52 -6.16
CA TYR A 165 52.98 19.12 -7.02
C TYR A 165 54.30 19.22 -6.26
N MET A 166 54.20 19.62 -4.99
CA MET A 166 55.34 19.82 -4.13
C MET A 166 56.11 18.53 -3.85
N THR A 167 57.44 18.61 -3.84
CA THR A 167 58.29 17.45 -3.58
C THR A 167 59.28 17.70 -2.43
N ASP A 168 59.31 16.79 -1.47
CA ASP A 168 60.16 16.93 -0.28
C ASP A 168 61.55 16.35 -0.54
N GLU A 169 62.56 17.23 -0.58
CA GLU A 169 63.92 16.80 -0.86
C GLU A 169 64.87 17.20 0.28
N ARG A 170 64.31 17.43 1.46
CA ARG A 170 65.09 17.83 2.63
C ARG A 170 66.15 16.81 3.01
N PHE A 171 65.90 15.55 2.69
CA PHE A 171 66.79 14.47 3.11
C PHE A 171 67.53 13.87 1.93
N LYS A 172 67.36 14.50 0.77
CA LYS A 172 68.16 14.13 -0.41
C LYS A 172 69.52 14.80 -0.29
N SER A 173 70.55 14.11 -0.76
CA SER A 173 71.90 14.66 -0.78
C SER A 173 72.52 14.52 -2.17
N THR A 174 72.91 13.29 -2.50
CA THR A 174 73.51 13.01 -3.79
C THR A 174 72.47 12.68 -4.86
N ASP A 175 71.21 12.68 -4.49
CA ASP A 175 70.14 12.26 -5.40
C ASP A 175 69.01 13.29 -5.56
N LYS A 176 69.33 14.57 -5.37
CA LYS A 176 68.39 15.64 -5.67
C LYS A 176 68.08 15.68 -7.18
N ASN A 177 66.80 15.78 -7.52
CA ASN A 177 66.38 15.83 -8.93
C ASN A 177 66.86 17.08 -9.66
N VAL A 178 67.63 16.88 -10.73
CA VAL A 178 68.22 17.98 -11.50
C VAL A 178 67.29 18.55 -12.57
N MET A 180 64.17 19.86 -11.03
CA MET A 180 62.84 20.39 -10.79
C MET A 180 62.75 21.87 -11.15
N GLU A 181 61.60 22.27 -11.69
CA GLU A 181 61.38 23.62 -12.19
C GLU A 181 59.88 23.88 -12.15
N TYR A 182 59.42 24.42 -11.02
CA TYR A 182 58.00 24.61 -10.80
C TYR A 182 57.52 25.81 -11.60
N ILE A 183 56.25 25.76 -12.01
CA ILE A 183 55.63 26.88 -12.69
C ILE A 183 55.66 28.10 -11.79
N LYS A 184 55.60 29.27 -12.41
CA LYS A 184 55.62 30.52 -11.65
C LYS A 184 54.26 31.17 -11.71
N HIS A 185 53.42 30.71 -12.62
CA HIS A 185 52.10 31.29 -12.80
C HIS A 185 51.03 30.23 -12.96
N LEU A 186 49.90 30.43 -12.30
CA LEU A 186 48.75 29.55 -12.45
C LEU A 186 47.50 30.34 -12.81
N GLY A 187 46.95 30.06 -13.97
CA GLY A 187 45.73 30.72 -14.40
C GLY A 187 44.55 29.78 -14.28
N VAL A 188 43.44 30.29 -13.73
CA VAL A 188 42.24 29.48 -13.57
C VAL A 188 41.05 30.17 -14.22
N TYR A 189 40.43 29.46 -15.16
CA TYR A 189 39.20 29.93 -15.78
C TYR A 189 38.03 29.16 -15.20
N ILE A 190 37.05 29.90 -14.70
CA ILE A 190 35.92 29.28 -14.04
C ILE A 190 34.71 30.21 -14.08
N ASN A 191 33.52 29.61 -14.10
CA ASN A 191 32.28 30.38 -14.07
C ASN A 191 32.14 31.09 -12.74
N ASN A 192 31.65 32.33 -12.80
CA ASN A 192 31.45 33.13 -11.60
C ASN A 192 32.74 33.34 -10.81
N ALA A 193 33.77 33.81 -11.48
CA ALA A 193 35.12 33.90 -10.91
C ALA A 193 35.19 34.71 -9.61
N ASP A 194 34.35 35.73 -9.48
CA ASP A 194 34.36 36.59 -8.29
C ASP A 194 34.10 35.79 -7.02
N THR A 195 33.25 34.78 -7.13
CA THR A 195 32.88 33.96 -5.98
C THR A 195 33.99 33.03 -5.52
N TYR A 196 34.88 32.65 -6.43
CA TYR A 196 35.92 31.66 -6.13
C TYR A 196 37.26 32.27 -5.70
N LYS A 197 37.44 33.57 -5.94
CA LYS A 197 38.72 34.23 -5.67
C LYS A 197 39.16 34.19 -4.22
N GLU A 198 38.20 34.25 -3.29
CA GLU A 198 38.53 34.23 -1.87
C GLU A 198 39.14 32.90 -1.45
N GLU A 199 38.87 31.87 -2.23
CA GLU A 199 39.34 30.52 -1.91
C GLU A 199 40.81 30.31 -2.22
N VAL A 200 41.38 31.16 -3.06
CA VAL A 200 42.75 30.98 -3.54
C VAL A 200 43.79 31.05 -2.42
N GLU A 201 43.77 32.14 -1.65
CA GLU A 201 44.76 32.32 -0.59
C GLU A 201 44.43 31.43 0.59
N LYS A 202 43.16 31.07 0.73
CA LYS A 202 42.75 30.14 1.76
C LYS A 202 43.34 28.77 1.47
N ALA A 203 43.31 28.38 0.19
CA ALA A 203 43.89 27.13 -0.26
C ALA A 203 45.39 27.12 -0.03
N ARG A 204 46.03 28.27 -0.24
CA ARG A 204 47.48 28.37 -0.07
C ARG A 204 47.84 28.21 1.40
N VAL A 205 47.01 28.76 2.28
CA VAL A 205 47.21 28.62 3.71
C VAL A 205 46.95 27.18 4.16
N TYR A 206 45.84 26.61 3.70
CA TYR A 206 45.50 25.21 4.00
C TYR A 206 46.57 24.27 3.44
N TYR A 207 47.08 24.59 2.25
CA TYR A 207 48.16 23.81 1.64
C TYR A 207 49.36 23.67 2.56
N PHE A 208 49.90 24.79 3.04
CA PHE A 208 51.16 24.73 3.79
C PHE A 208 50.98 24.12 5.17
N GLY A 209 49.84 24.38 5.81
CA GLY A 209 49.54 23.78 7.09
C GLY A 209 49.59 22.27 6.94
N THR A 210 48.99 21.78 5.85
CA THR A 210 49.01 20.36 5.55
C THR A 210 50.42 19.90 5.21
N TYR A 211 51.13 20.69 4.42
CA TYR A 211 52.49 20.33 4.01
C TYR A 211 53.47 20.42 5.18
N TYR A 212 53.24 21.37 6.08
CA TYR A 212 54.07 21.52 7.28
C TYR A 212 53.95 20.31 8.19
N ALA A 213 52.72 19.87 8.43
CA ALA A 213 52.46 18.67 9.21
C ALA A 213 53.11 17.47 8.54
N SER A 214 52.93 17.37 7.24
CA SER A 214 53.54 16.33 6.41
C SER A 214 55.06 16.30 6.58
N GLN A 215 55.68 17.46 6.66
CA GLN A 215 57.13 17.56 6.83
C GLN A 215 57.59 17.00 8.17
N LEU A 216 56.83 17.27 9.23
CA LEU A 216 57.16 16.80 10.56
C LEU A 216 57.00 15.29 10.67
N ILE A 217 55.92 14.78 10.09
CA ILE A 217 55.62 13.35 10.10
C ILE A 217 56.65 12.57 9.30
N ALA A 218 56.93 13.05 8.08
CA ALA A 218 57.89 12.39 7.21
C ALA A 218 59.29 12.42 7.81
N ALA A 219 59.57 13.44 8.61
CA ALA A 219 60.84 13.55 9.31
C ALA A 219 61.09 12.35 10.21
N PRO A 220 62.22 11.65 10.00
CA PRO A 220 62.57 10.45 10.76
C PRO A 220 62.75 10.76 12.25
N SER A 221 62.78 9.73 13.07
CA SER A 221 62.76 9.90 14.52
C SER A 221 64.10 10.40 15.09
N ASN A 222 65.17 10.25 14.32
CA ASN A 222 66.46 10.79 14.74
C ASN A 222 66.52 12.28 14.49
N TYR A 223 65.70 12.76 13.56
CA TYR A 223 65.56 14.19 13.31
C TYR A 223 64.44 14.77 14.16
N CYS A 224 63.29 14.11 14.11
CA CYS A 224 62.11 14.57 14.84
C CYS A 224 61.97 13.79 16.14
N ASN A 225 62.43 14.40 17.22
CA ASN A 225 62.37 13.83 18.56
C ASN A 225 61.63 14.83 19.47
N PRO A 226 61.27 14.42 20.70
CA PRO A 226 60.53 15.33 21.58
C PRO A 226 61.14 16.71 21.75
N VAL A 227 62.46 16.80 21.79
CA VAL A 227 63.11 18.09 21.96
C VAL A 227 63.03 18.91 20.68
N SER A 228 63.41 18.30 19.56
CA SER A 228 63.44 19.00 18.28
C SER A 228 62.03 19.34 17.79
N LEU A 229 61.06 18.48 18.10
CA LEU A 229 59.68 18.72 17.70
C LEU A 229 59.09 19.89 18.49
N SER A 230 59.40 19.96 19.77
CA SER A 230 58.93 21.06 20.60
C SER A 230 59.65 22.35 20.20
N ASN A 231 60.93 22.25 19.85
CA ASN A 231 61.69 23.39 19.35
C ASN A 231 61.07 23.98 18.09
N ALA A 232 60.62 23.10 17.20
CA ALA A 232 59.98 23.50 15.96
C ALA A 232 58.66 24.23 16.24
N ALA A 233 57.97 23.77 17.29
CA ALA A 233 56.71 24.38 17.70
C ALA A 233 56.91 25.78 18.23
N VAL A 234 58.00 26.00 18.95
CA VAL A 234 58.34 27.32 19.46
C VAL A 234 58.64 28.26 18.31
N GLU A 235 59.46 27.80 17.38
CA GLU A 235 59.82 28.59 16.21
C GLU A 235 58.59 28.97 15.40
N LEU A 236 57.66 28.04 15.26
CA LEU A 236 56.43 28.31 14.53
C LEU A 236 55.60 29.36 15.24
N ALA A 237 55.47 29.22 16.57
CA ALA A 237 54.71 30.16 17.38
C ALA A 237 55.31 31.55 17.30
N GLN A 238 56.64 31.62 17.24
CA GLN A 238 57.34 32.90 17.16
C GLN A 238 57.07 33.59 15.83
N LYS A 239 57.00 32.81 14.76
CA LYS A 239 56.73 33.35 13.44
C LYS A 239 55.27 33.80 13.33
N LEU A 240 54.40 33.18 14.12
CA LEU A 240 52.96 33.45 13.99
C LEU A 240 52.45 34.35 15.10
N ASN A 241 53.36 34.80 15.95
CA ASN A 241 53.03 35.62 17.12
C ASN A 241 52.00 34.96 18.03
N LEU A 242 52.18 33.66 18.27
CA LEU A 242 51.35 32.92 19.22
C LEU A 242 52.02 32.83 20.58
N GLU A 243 51.21 32.85 21.64
CA GLU A 243 51.70 32.55 22.97
C GLU A 243 52.10 31.09 23.01
N TYR A 244 53.19 30.77 23.69
CA TYR A 244 53.63 29.39 23.76
C TYR A 244 54.25 29.07 25.11
N LYS A 245 54.14 27.81 25.50
CA LYS A 245 54.73 27.35 26.73
C LYS A 245 55.11 25.89 26.56
N ILE A 246 56.38 25.58 26.82
CA ILE A 246 56.86 24.21 26.75
C ILE A 246 57.18 23.72 28.14
N LEU A 247 56.41 22.73 28.60
CA LEU A 247 56.59 22.18 29.94
C LEU A 247 57.62 21.06 29.92
N GLY A 248 58.61 21.17 30.79
CA GLY A 248 59.65 20.16 30.89
C GLY A 248 59.32 19.19 32.01
N VAL A 249 60.22 18.24 32.23
CA VAL A 249 59.97 17.16 33.18
C VAL A 249 59.68 17.68 34.58
N LYS A 250 60.42 18.69 35.00
CA LYS A 250 60.29 19.22 36.36
C LYS A 250 58.90 19.82 36.57
N GLU A 251 58.38 20.52 35.58
CA GLU A 251 57.03 21.07 35.66
C GLU A 251 56.00 19.96 35.56
N LEU A 252 56.26 18.98 34.70
CA LEU A 252 55.34 17.85 34.51
C LEU A 252 55.23 17.01 35.77
N GLU A 253 56.35 16.89 36.50
CA GLU A 253 56.35 16.19 37.77
C GLU A 253 55.51 16.94 38.79
N GLU A 254 55.59 18.26 38.76
CA GLU A 254 54.84 19.11 39.68
C GLU A 254 53.34 19.03 39.42
N LEU A 255 52.98 18.84 38.15
CA LEU A 255 51.58 18.67 37.77
C LEU A 255 51.12 17.23 37.93
N LYS A 256 52.06 16.36 38.31
CA LYS A 256 51.77 14.96 38.62
C LYS A 256 51.20 14.18 37.43
N MET A 257 51.75 14.43 36.24
CA MET A 257 51.32 13.71 35.04
C MET A 257 52.03 12.36 34.93
N GLY A 258 51.67 11.44 35.82
CA GLY A 258 52.36 10.15 35.91
C GLY A 258 52.14 9.24 34.73
N ALA A 259 51.00 9.35 34.07
CA ALA A 259 50.72 8.52 32.90
C ALA A 259 51.62 8.92 31.74
N TYR A 260 51.64 10.22 31.44
CA TYR A 260 52.46 10.76 30.36
C TYR A 260 53.95 10.52 30.60
N LEU A 261 54.41 10.75 31.82
CA LEU A 261 55.83 10.60 32.16
C LEU A 261 56.30 9.15 32.12
N SER A 262 55.41 8.21 32.43
CA SER A 262 55.79 6.80 32.43
C SER A 262 56.19 6.31 31.04
N VAL A 263 55.46 6.75 30.03
CA VAL A 263 55.73 6.35 28.66
C VAL A 263 57.13 6.79 28.21
N GLY A 264 57.52 8.00 28.60
CA GLY A 264 58.77 8.56 28.17
C GLY A 264 59.99 8.18 29.01
N LYS A 265 59.76 7.45 30.10
CA LYS A 265 60.82 7.08 31.03
C LYS A 265 62.01 6.41 30.35
N GLY A 266 61.73 5.55 29.38
CA GLY A 266 62.77 4.78 28.72
C GLY A 266 63.49 5.51 27.60
N SER A 267 63.16 6.79 27.42
CA SER A 267 63.74 7.56 26.32
C SER A 267 64.95 8.40 26.73
N MET A 268 65.83 8.66 25.76
CA MET A 268 66.99 9.53 25.99
C MET A 268 66.59 10.98 25.85
N TYR A 269 65.41 11.22 25.30
CA TYR A 269 64.90 12.57 25.14
C TYR A 269 63.91 12.90 26.25
N PRO A 270 64.15 14.00 26.97
CA PRO A 270 63.23 14.45 28.02
C PRO A 270 61.85 14.78 27.45
N ASN A 271 60.81 14.46 28.19
CA ASN A 271 59.46 14.82 27.80
C ASN A 271 59.29 16.32 27.62
N LYS A 272 58.53 16.70 26.60
CA LYS A 272 58.25 18.10 26.34
C LYS A 272 56.77 18.28 26.02
N PHE A 273 56.06 19.02 26.87
CA PHE A 273 54.64 19.27 26.65
C PHE A 273 54.42 20.59 25.92
N ILE A 274 53.87 20.49 24.71
CA ILE A 274 53.63 21.66 23.87
C ILE A 274 52.29 22.31 24.17
N HIS A 275 52.33 23.61 24.45
CA HIS A 275 51.12 24.40 24.65
C HIS A 275 51.20 25.70 23.87
N LEU A 276 50.54 25.73 22.72
CA LEU A 276 50.42 26.95 21.94
C LEU A 276 49.04 27.54 22.16
N THR A 277 48.96 28.87 22.11
CA THR A 277 47.69 29.54 22.31
C THR A 277 47.48 30.62 21.26
N TYR A 278 46.31 30.58 20.62
CA TYR A 278 45.86 31.67 19.78
C TYR A 278 44.81 32.35 20.63
N LYS A 279 44.99 33.65 20.82
CA LYS A 279 44.10 34.39 21.70
C LYS A 279 43.34 35.56 21.10
N SER A 280 42.04 35.54 21.34
CA SER A 280 41.17 36.70 21.14
C SER A 280 40.86 37.17 19.73
N LYS A 281 40.70 38.50 19.70
CA LYS A 281 40.41 39.37 18.57
C LYS A 281 39.82 40.56 19.28
N GLY A 282 38.67 40.31 19.91
CA GLY A 282 37.95 41.26 20.70
C GLY A 282 37.44 40.43 21.85
N ASP A 283 36.13 40.36 22.04
CA ASP A 283 35.56 39.54 23.10
C ASP A 283 35.69 38.07 22.72
N VAL A 284 36.18 37.25 23.64
CA VAL A 284 36.30 35.81 23.41
C VAL A 284 34.98 35.11 23.72
N LYS A 285 34.42 34.46 22.71
CA LYS A 285 33.11 33.81 22.86
C LYS A 285 33.19 32.30 22.94
N LYS A 286 34.22 31.70 22.37
CA LYS A 286 34.40 30.25 22.42
C LYS A 286 35.84 29.87 22.70
N LYS A 287 36.03 28.96 23.65
CA LYS A 287 37.36 28.44 23.98
C LYS A 287 37.51 26.96 23.60
N ILE A 288 38.57 26.66 22.84
CA ILE A 288 38.76 25.32 22.31
C ILE A 288 40.15 24.76 22.61
N ALA A 289 40.22 23.51 23.05
CA ALA A 289 41.49 22.81 23.20
C ALA A 289 41.65 21.73 22.14
N LEU A 290 42.73 21.82 21.36
CA LEU A 290 43.05 20.78 20.38
C LEU A 290 44.22 19.94 20.86
N VAL A 291 43.99 18.64 21.03
CA VAL A 291 45.01 17.73 21.55
C VAL A 291 45.48 16.72 20.51
N GLY A 292 46.79 16.65 20.31
CA GLY A 292 47.36 15.71 19.36
C GLY A 292 48.33 14.74 20.01
N LYS A 293 48.23 13.46 19.63
CA LYS A 293 49.18 12.46 20.10
C LYS A 293 50.56 12.73 19.52
N GLY A 294 51.57 12.77 20.38
CA GLY A 294 52.91 13.11 19.94
C GLY A 294 53.99 12.11 20.33
N ILE A 295 53.86 10.88 19.83
CA ILE A 295 54.90 9.89 20.03
C ILE A 295 55.86 9.91 18.83
N THR A 296 57.04 10.47 19.03
CA THR A 296 57.98 10.70 17.95
C THR A 296 58.51 9.40 17.37
N PHE A 297 58.58 8.36 18.21
CA PHE A 297 58.80 7.01 17.73
C PHE A 297 58.18 6.00 18.68
N ASP A 298 57.45 5.04 18.10
CA ASP A 298 56.78 4.02 18.89
C ASP A 298 57.38 2.64 18.63
N SER A 299 58.33 2.25 19.47
CA SER A 299 58.93 0.92 19.36
C SER A 299 57.99 -0.10 19.96
N GLY A 300 57.03 0.38 20.75
CA GLY A 300 56.08 -0.48 21.43
C GLY A 300 56.44 -0.70 22.88
N GLY A 301 57.65 -0.31 23.27
CA GLY A 301 58.16 -0.57 24.60
C GLY A 301 58.51 -2.04 24.78
N TYR A 302 58.38 -2.54 26.00
CA TYR A 302 58.69 -3.95 26.26
C TYR A 302 57.72 -4.88 25.56
N ASN A 303 56.52 -4.38 25.26
CA ASN A 303 55.64 -5.03 24.30
C ASN A 303 56.07 -4.63 22.90
N LEU A 304 57.31 -4.98 22.57
CA LEU A 304 57.96 -4.57 21.32
C LEU A 304 57.14 -4.94 20.09
N LYS A 305 57.16 -4.06 19.09
CA LYS A 305 56.52 -4.36 17.82
C LYS A 305 57.37 -5.35 17.04
N ALA A 306 57.23 -6.64 17.38
CA ALA A 306 58.08 -7.66 16.79
C ALA A 306 57.27 -8.65 15.96
N ALA A 307 55.95 -8.55 16.05
CA ALA A 307 55.06 -9.41 15.28
C ALA A 307 55.18 -9.10 13.79
N PRO A 308 55.04 -10.13 12.94
CA PRO A 308 55.08 -9.91 11.48
C PRO A 308 54.00 -8.95 11.03
N GLY A 309 54.38 -7.92 10.28
CA GLY A 309 53.43 -6.96 9.76
C GLY A 309 53.03 -5.90 10.77
N SER A 310 53.83 -5.74 11.83
CA SER A 310 53.55 -4.72 12.82
C SER A 310 54.12 -3.38 12.35
N MET A 311 54.90 -3.44 11.28
CA MET A 311 55.41 -2.25 10.58
C MET A 311 56.09 -1.24 11.49
N ILE A 312 57.10 -1.67 12.23
CA ILE A 312 57.79 -0.80 13.18
C ILE A 312 58.56 0.32 12.47
N ASP A 313 58.91 0.11 11.21
CA ASP A 313 59.69 1.09 10.46
C ASP A 313 58.86 2.31 10.03
N LEU A 314 57.55 2.24 10.25
CA LEU A 314 56.64 3.33 9.93
C LEU A 314 56.39 4.19 11.16
N MET A 315 56.78 3.67 12.32
CA MET A 315 56.32 4.22 13.58
C MET A 315 56.83 5.62 13.92
N LYS A 316 57.41 6.31 12.95
CA LYS A 316 57.71 7.74 13.08
C LYS A 316 56.44 8.57 12.87
N PHE A 317 55.47 7.98 12.18
CA PHE A 317 54.18 8.59 11.91
C PHE A 317 53.40 8.88 13.18
N ASP A 318 53.85 8.27 14.27
CA ASP A 318 53.05 8.17 15.50
C ASP A 318 52.88 9.49 16.22
N MET A 319 53.36 10.56 15.60
CA MET A 319 53.15 11.91 16.10
C MET A 319 52.31 12.72 15.12
N SER A 320 51.56 12.01 14.27
CA SER A 320 50.71 12.63 13.26
C SER A 320 49.64 13.54 13.85
N GLY A 321 49.11 13.16 15.00
CA GLY A 321 48.09 13.95 15.67
C GLY A 321 48.66 15.30 16.08
N CYS A 322 49.86 15.27 16.64
CA CYS A 322 50.59 16.48 17.02
C CYS A 322 50.87 17.35 15.80
N ALA A 323 51.27 16.72 14.71
CA ALA A 323 51.57 17.43 13.48
C ALA A 323 50.33 18.11 12.91
N ALA A 324 49.20 17.42 12.97
CA ALA A 324 47.93 17.98 12.50
C ALA A 324 47.54 19.20 13.31
N VAL A 325 47.75 19.12 14.62
CA VAL A 325 47.43 20.23 15.51
C VAL A 325 48.35 21.42 15.27
N LEU A 326 49.63 21.14 15.06
CA LEU A 326 50.59 22.22 14.79
C LEU A 326 50.32 22.87 13.44
N GLY A 327 49.94 22.05 12.46
CA GLY A 327 49.59 22.56 11.14
C GLY A 327 48.34 23.41 11.21
N CYS A 328 47.42 23.03 12.07
CA CYS A 328 46.20 23.80 12.29
C CYS A 328 46.53 25.13 12.96
N ALA A 329 47.49 25.11 13.89
CA ALA A 329 47.95 26.32 14.52
C ALA A 329 48.47 27.30 13.49
N TYR A 330 49.13 26.78 12.46
CA TYR A 330 49.61 27.62 11.38
C TYR A 330 48.45 28.29 10.65
N CYS A 331 47.45 27.50 10.27
CA CYS A 331 46.32 28.02 9.53
C CYS A 331 45.57 29.06 10.36
N VAL A 332 45.37 28.73 11.62
CA VAL A 332 44.65 29.62 12.53
C VAL A 332 45.45 30.90 12.78
N GLY A 333 46.74 30.75 13.04
CA GLY A 333 47.60 31.89 13.29
C GLY A 333 47.72 32.81 12.09
N THR A 334 47.54 32.26 10.89
CA THR A 334 47.65 33.02 9.66
C THR A 334 46.31 33.65 9.27
N LEU A 335 45.25 32.86 9.33
CA LEU A 335 43.93 33.34 8.94
C LEU A 335 43.32 34.22 10.02
N LYS A 336 43.82 34.06 11.25
CA LYS A 336 43.43 34.86 12.39
C LYS A 336 41.90 34.98 12.57
N PRO A 337 41.25 33.88 12.98
CA PRO A 337 39.81 33.96 13.25
C PRO A 337 39.51 34.84 14.45
N GLU A 338 38.29 35.37 14.51
CA GLU A 338 37.91 36.28 15.58
C GLU A 338 36.99 35.65 16.63
N ASN A 339 37.01 36.21 17.83
CA ASN A 339 36.09 35.85 18.91
C ASN A 339 36.26 34.41 19.38
N VAL A 340 37.46 33.86 19.18
CA VAL A 340 37.73 32.50 19.60
C VAL A 340 39.13 32.42 20.24
N GLU A 341 39.27 31.53 21.22
CA GLU A 341 40.56 31.25 21.82
C GLU A 341 40.89 29.77 21.70
N ILE A 342 42.01 29.46 21.07
CA ILE A 342 42.37 28.08 20.79
C ILE A 342 43.65 27.68 21.51
N HIS A 343 43.62 26.52 22.16
CA HIS A 343 44.81 25.96 22.78
C HIS A 343 45.29 24.76 21.97
N PHE A 344 46.55 24.80 21.55
CA PHE A 344 47.14 23.70 20.81
C PHE A 344 48.06 22.90 21.72
N LEU A 345 47.64 21.68 22.04
CA LEU A 345 48.34 20.86 23.03
C LEU A 345 48.92 19.58 22.46
N SER A 346 50.06 19.16 22.99
CA SER A 346 50.61 17.86 22.66
C SER A 346 51.56 17.36 23.74
N ALA A 347 51.26 16.19 24.29
CA ALA A 347 52.17 15.53 25.22
C ALA A 347 53.18 14.73 24.41
N VAL A 348 54.32 15.34 24.12
CA VAL A 348 55.31 14.73 23.24
C VAL A 348 56.33 13.92 24.02
N CYS A 349 56.56 12.69 23.56
CA CYS A 349 57.59 11.83 24.15
C CYS A 349 57.94 10.69 23.20
N GLU A 350 58.72 9.73 23.69
CA GLU A 350 59.18 8.62 22.88
C GLU A 350 59.01 7.30 23.65
N ASN A 351 58.48 6.27 22.97
CA ASN A 351 58.23 4.98 23.61
C ASN A 351 59.31 3.97 23.27
N MET A 352 60.28 3.82 24.18
CA MET A 352 61.48 3.05 23.87
C MET A 352 61.71 1.91 24.85
N VAL A 353 62.64 1.02 24.49
CA VAL A 353 63.01 -0.09 25.35
C VAL A 353 64.33 0.24 26.05
N SER A 354 64.32 0.21 27.37
CA SER A 354 65.47 0.62 28.15
C SER A 354 65.43 0.02 29.55
N LYS A 355 66.51 0.17 30.31
CA LYS A 355 66.49 -0.20 31.71
C LYS A 355 65.53 0.70 32.48
N ASN A 356 65.27 1.87 31.91
CA ASN A 356 64.46 2.88 32.57
C ASN A 356 63.03 2.87 32.10
N SER A 357 62.73 1.98 31.16
CA SER A 357 61.39 1.91 30.58
C SER A 357 60.39 1.44 31.62
N TYR A 358 59.14 1.90 31.47
CA TYR A 358 58.06 1.40 32.31
C TYR A 358 57.73 -0.02 31.84
N ARG A 359 57.35 -0.88 32.78
CA ARG A 359 57.12 -2.28 32.48
C ARG A 359 55.66 -2.63 32.30
N PRO A 360 55.38 -3.69 31.52
CA PRO A 360 54.04 -4.26 31.51
C PRO A 360 53.68 -4.73 32.91
N GLY A 361 52.51 -4.32 33.41
CA GLY A 361 52.11 -4.67 34.75
C GLY A 361 52.22 -3.52 35.73
N ASP A 362 53.03 -2.53 35.38
CA ASP A 362 53.21 -1.34 36.21
C ASP A 362 51.89 -0.62 36.48
N ILE A 363 51.72 -0.13 37.70
CA ILE A 363 50.57 0.71 38.02
C ILE A 363 51.01 2.16 38.18
N ILE A 364 50.39 3.05 37.39
CA ILE A 364 50.79 4.44 37.35
C ILE A 364 49.61 5.37 37.66
N THR A 365 49.92 6.57 38.16
CA THR A 365 48.88 7.50 38.58
C THR A 365 48.80 8.73 37.67
N ALA A 366 47.63 8.95 37.09
CA ALA A 366 47.41 10.11 36.24
C ALA A 366 47.26 11.37 37.08
N SER A 367 47.31 12.52 36.42
CA SER A 367 47.25 13.82 37.10
C SER A 367 45.90 14.09 37.77
N ASN A 368 44.89 13.28 37.45
CA ASN A 368 43.58 13.44 38.06
C ASN A 368 43.39 12.45 39.20
N GLY A 369 44.48 11.77 39.58
CA GLY A 369 44.47 10.88 40.71
C GLY A 369 44.12 9.42 40.41
N LYS A 370 43.57 9.16 39.24
CA LYS A 370 43.22 7.79 38.86
C LYS A 370 44.47 6.94 38.65
N THR A 371 44.49 5.77 39.27
CA THR A 371 45.58 4.83 39.09
C THR A 371 45.28 3.92 37.90
N ILE A 372 46.31 3.62 37.12
CA ILE A 372 46.16 2.87 35.88
C ILE A 372 47.07 1.65 35.87
N GLU A 373 46.49 0.50 35.59
CA GLU A 373 47.28 -0.73 35.44
C GLU A 373 47.68 -0.94 33.98
N VAL A 374 48.99 -0.91 33.73
CA VAL A 374 49.50 -1.10 32.38
C VAL A 374 49.48 -2.56 31.94
N GLY A 375 48.67 -2.86 30.92
CA GLY A 375 48.60 -4.21 30.39
C GLY A 375 49.39 -4.40 29.12
N ASN A 376 49.75 -3.30 28.46
CA ASN A 376 50.47 -3.33 27.20
C ASN A 376 51.18 -2.01 26.94
N THR A 377 52.50 -2.03 26.95
CA THR A 377 53.28 -0.80 26.80
C THR A 377 53.15 -0.21 25.39
N ASP A 378 52.62 -1.00 24.46
CA ASP A 378 52.45 -0.52 23.09
C ASP A 378 51.15 0.26 22.97
N ALA A 379 50.35 0.25 24.02
CA ALA A 379 49.17 1.10 24.08
C ALA A 379 49.50 2.39 24.83
N GLU A 380 50.60 3.02 24.41
CA GLU A 380 51.14 4.15 25.15
C GLU A 380 50.43 5.46 24.83
N GLY A 381 49.80 5.51 23.66
CA GLY A 381 49.14 6.72 23.20
C GLY A 381 48.04 7.22 24.13
N ARG A 382 47.20 6.30 24.60
CA ARG A 382 46.08 6.68 25.47
C ARG A 382 46.57 7.15 26.83
N LEU A 383 47.76 6.71 27.23
CA LEU A 383 48.33 7.12 28.50
C LEU A 383 48.79 8.58 28.45
N THR A 384 49.49 8.95 27.39
CA THR A 384 49.94 10.33 27.24
C THR A 384 48.75 11.25 27.02
N LEU A 385 47.77 10.79 26.25
CA LEU A 385 46.58 11.58 25.99
C LEU A 385 45.75 11.79 27.25
N ALA A 386 45.76 10.80 28.15
CA ALA A 386 45.01 10.89 29.39
C ALA A 386 45.40 12.13 30.20
N ASP A 387 46.70 12.32 30.38
CA ASP A 387 47.20 13.48 31.11
C ASP A 387 46.97 14.79 30.34
N ALA A 388 47.06 14.72 29.01
CA ALA A 388 46.81 15.89 28.17
C ALA A 388 45.35 16.32 28.24
N LEU A 389 44.45 15.35 28.30
CA LEU A 389 43.01 15.64 28.38
C LEU A 389 42.65 16.24 29.74
N VAL A 390 43.30 15.76 30.81
CA VAL A 390 43.09 16.35 32.13
C VAL A 390 43.58 17.79 32.14
N TYR A 391 44.75 18.01 31.56
CA TYR A 391 45.32 19.35 31.42
C TYR A 391 44.42 20.26 30.62
N ALA A 392 43.86 19.71 29.53
CA ALA A 392 42.99 20.47 28.64
C ALA A 392 41.76 20.99 29.35
N GLU A 393 41.12 20.11 30.12
CA GLU A 393 39.88 20.47 30.81
C GLU A 393 40.14 21.50 31.91
N LYS A 394 41.36 21.49 32.47
CA LYS A 394 41.73 22.47 33.49
C LYS A 394 41.83 23.87 32.91
N LEU A 395 41.96 23.98 31.60
CA LEU A 395 42.03 25.28 30.94
C LEU A 395 40.65 25.94 30.91
N GLY A 396 39.62 25.13 31.16
CA GLY A 396 38.26 25.63 31.18
C GLY A 396 37.78 26.03 29.79
N VAL A 397 37.75 25.06 28.89
CA VAL A 397 37.34 25.32 27.52
C VAL A 397 35.94 24.76 27.25
N ASP A 398 35.39 25.11 26.10
CA ASP A 398 34.05 24.66 25.72
C ASP A 398 34.14 23.31 25.00
N TYR A 399 35.15 23.15 24.15
CA TYR A 399 35.34 21.91 23.42
C TYR A 399 36.75 21.37 23.56
N ILE A 400 36.87 20.08 23.77
CA ILE A 400 38.15 19.39 23.68
C ILE A 400 38.11 18.41 22.53
N VAL A 401 38.98 18.61 21.54
CA VAL A 401 39.04 17.73 20.40
C VAL A 401 40.40 17.05 20.35
N ASP A 402 40.37 15.72 20.37
CA ASP A 402 41.59 14.92 20.33
C ASP A 402 41.77 14.25 18.98
N ILE A 403 43.01 14.20 18.50
CA ILE A 403 43.31 13.56 17.23
C ILE A 403 44.58 12.72 17.35
N ALA A 404 44.50 11.46 16.95
CA ALA A 404 45.59 10.52 17.27
C ALA A 404 45.65 9.29 16.36
N THR A 405 46.87 8.84 16.09
CA THR A 405 47.10 7.53 15.49
C THR A 405 47.06 6.48 16.60
N LEU A 406 45.87 6.23 17.13
CA LEU A 406 45.74 5.51 18.40
C LEU A 406 45.72 4.00 18.28
N THR A 407 44.87 3.48 17.39
CA THR A 407 44.68 2.02 17.30
C THR A 407 44.78 1.51 15.87
N GLY A 408 45.55 0.43 15.69
CA GLY A 408 45.71 -0.21 14.39
C GLY A 408 44.43 -0.85 13.87
N ALA A 409 43.49 -1.09 14.77
CA ALA A 409 42.20 -1.68 14.42
C ALA A 409 41.40 -0.82 13.43
N MET A 410 41.75 0.47 13.35
CA MET A 410 41.09 1.38 12.42
C MET A 410 41.24 0.93 10.97
N LEU A 411 42.33 0.23 10.69
CA LEU A 411 42.57 -0.30 9.36
C LEU A 411 41.56 -1.39 9.01
N TYR A 412 41.02 -2.03 10.04
CA TYR A 412 40.09 -3.13 9.84
C TYR A 412 38.64 -2.64 9.85
N SER A 413 38.43 -1.42 10.32
CA SER A 413 37.09 -0.87 10.44
C SER A 413 36.77 0.11 9.31
N LEU A 414 37.59 1.14 9.17
CA LEU A 414 37.31 2.17 8.18
C LEU A 414 38.35 2.18 7.06
N GLY A 415 39.48 1.55 7.31
CA GLY A 415 40.52 1.45 6.31
C GLY A 415 41.42 2.66 6.25
N THR A 416 41.83 3.03 5.04
CA THR A 416 42.85 4.05 4.83
C THR A 416 42.30 5.39 4.34
N SER A 417 41.00 5.48 4.11
CA SER A 417 40.40 6.70 3.57
C SER A 417 39.63 7.52 4.60
N TYR A 418 38.90 6.85 5.48
CA TYR A 418 38.05 7.53 6.45
C TYR A 418 38.60 7.42 7.87
N ALA A 419 38.74 8.56 8.54
CA ALA A 419 39.08 8.56 9.96
C ALA A 419 37.82 8.31 10.77
N GLY A 420 38.00 7.83 11.99
CA GLY A 420 36.86 7.60 12.88
C GLY A 420 36.78 8.65 13.97
N VAL A 421 35.56 9.08 14.29
CA VAL A 421 35.38 10.02 15.39
C VAL A 421 34.51 9.45 16.52
N PHE A 422 34.99 9.63 17.75
CA PHE A 422 34.28 9.18 18.94
C PHE A 422 34.06 10.40 19.84
N GLY A 423 33.06 10.34 20.71
CA GLY A 423 32.81 11.49 21.58
C GLY A 423 31.76 11.27 22.64
N ASN A 424 31.68 12.23 23.58
CA ASN A 424 30.69 12.18 24.64
C ASN A 424 29.58 13.20 24.41
N ASN A 425 29.62 13.87 23.27
CA ASN A 425 28.69 14.94 22.96
C ASN A 425 28.31 14.96 21.48
N GLU A 426 27.02 14.82 21.22
CA GLU A 426 26.53 14.68 19.85
C GLU A 426 26.64 15.98 19.05
N GLU A 427 26.43 17.10 19.73
CA GLU A 427 26.53 18.41 19.08
C GLU A 427 27.94 18.62 18.54
N LEU A 428 28.94 18.33 19.38
CA LEU A 428 30.33 18.45 18.97
C LEU A 428 30.66 17.50 17.82
N ILE A 429 30.16 16.26 17.92
CA ILE A 429 30.38 15.26 16.87
C ILE A 429 29.80 15.74 15.53
N ASN A 430 28.61 16.31 15.58
CA ASN A 430 27.98 16.82 14.37
C ASN A 430 28.80 17.96 13.76
N LYS A 431 29.40 18.76 14.62
CA LYS A 431 30.29 19.84 14.18
C LYS A 431 31.54 19.28 13.50
N ILE A 432 32.10 18.22 14.07
CA ILE A 432 33.28 17.58 13.49
C ILE A 432 32.93 17.00 12.12
N LEU A 433 31.77 16.36 12.03
CA LEU A 433 31.31 15.77 10.78
C LEU A 433 31.04 16.84 9.73
N GLN A 434 30.50 17.98 10.18
CA GLN A 434 30.30 19.13 9.30
C GLN A 434 31.62 19.62 8.73
N SER A 435 32.62 19.70 9.61
CA SER A 435 33.96 20.12 9.21
C SER A 435 34.58 19.15 8.21
N SER A 436 34.24 17.87 8.36
CA SER A 436 34.71 16.84 7.46
C SER A 436 34.21 17.07 6.04
N LYS A 437 32.95 17.50 5.92
CA LYS A 437 32.35 17.78 4.62
C LYS A 437 33.01 18.94 3.91
N THR A 438 33.24 20.03 4.63
CA THR A 438 33.73 21.27 4.04
C THR A 438 35.24 21.25 3.80
N SER A 439 35.97 20.46 4.58
CA SER A 439 37.41 20.34 4.42
C SER A 439 37.74 19.22 3.45
N ASN A 440 36.74 18.40 3.16
CA ASN A 440 36.89 17.20 2.32
C ASN A 440 37.92 16.23 2.87
N GLU A 441 38.04 16.18 4.19
CA GLU A 441 38.80 15.13 4.88
C GLU A 441 37.82 14.18 5.56
N PRO A 442 37.63 12.99 4.97
CA PRO A 442 36.54 12.06 5.33
C PRO A 442 36.66 11.53 6.75
N VAL A 443 35.57 11.65 7.50
CA VAL A 443 35.50 11.20 8.87
C VAL A 443 34.19 10.45 9.07
N TRP A 444 34.22 9.34 9.81
CA TRP A 444 33.01 8.60 10.09
C TRP A 444 32.79 8.46 11.59
N TRP A 445 31.53 8.58 12.01
CA TRP A 445 31.18 8.52 13.42
C TRP A 445 31.13 7.06 13.91
N LEU A 446 31.93 6.75 14.91
CA LEU A 446 31.93 5.42 15.52
C LEU A 446 31.46 5.51 16.97
N PRO A 447 30.82 4.44 17.48
CA PRO A 447 30.21 4.52 18.81
C PRO A 447 31.17 4.24 19.96
N ILE A 448 30.93 4.88 21.10
CA ILE A 448 31.57 4.51 22.35
C ILE A 448 30.61 3.59 23.09
N ILE A 449 30.84 2.29 23.00
CA ILE A 449 29.92 1.29 23.53
C ILE A 449 30.14 1.03 25.02
N ASN A 450 29.20 1.48 25.83
CA ASN A 450 29.33 1.44 27.29
C ASN A 450 29.38 0.03 27.87
N GLU A 451 28.88 -0.96 27.12
CA GLU A 451 28.89 -2.34 27.58
C GLU A 451 30.31 -2.89 27.71
N TYR A 452 31.26 -2.29 27.00
CA TYR A 452 32.64 -2.75 27.04
C TYR A 452 33.41 -2.16 28.22
N ARG A 453 32.81 -1.18 28.89
CA ARG A 453 33.46 -0.48 30.00
C ARG A 453 33.91 -1.42 31.11
N ALA A 454 33.13 -2.48 31.35
CA ALA A 454 33.42 -3.40 32.43
C ALA A 454 34.72 -4.19 32.20
N THR A 455 35.16 -4.26 30.95
CA THR A 455 36.39 -4.99 30.63
C THR A 455 37.63 -4.19 31.03
N LEU A 456 37.44 -2.93 31.40
CA LEU A 456 38.53 -2.09 31.86
C LEU A 456 38.62 -2.02 33.38
N ASN A 457 37.77 -2.80 34.05
CA ASN A 457 37.79 -2.87 35.51
C ASN A 457 39.00 -3.63 36.04
N SER A 458 39.90 -2.93 36.71
CA SER A 458 41.12 -3.54 37.23
C SER A 458 40.91 -4.14 38.62
N LYS A 459 41.60 -5.26 38.88
CA LYS A 459 41.52 -5.91 40.17
C LYS A 459 42.23 -5.10 41.24
N TYR A 460 43.30 -4.41 40.86
CA TYR A 460 44.14 -3.70 41.81
C TYR A 460 44.16 -2.19 41.59
N ALA A 461 44.21 -1.76 40.34
CA ALA A 461 44.19 -0.33 40.04
C ALA A 461 42.74 0.14 39.89
N ASP A 462 42.58 1.44 39.71
CA ASP A 462 41.25 2.01 39.47
C ASP A 462 40.71 1.57 38.11
N ILE A 463 41.61 1.46 37.13
CA ILE A 463 41.18 1.15 35.78
C ILE A 463 42.29 0.42 35.00
N ASN A 464 41.88 -0.44 34.08
CA ASN A 464 42.82 -1.06 33.16
C ASN A 464 43.14 -0.13 32.00
N GLN A 465 44.39 -0.19 31.53
CA GLN A 465 44.80 0.56 30.36
C GLN A 465 44.15 -0.04 29.11
N ILE A 466 44.16 -1.36 29.04
CA ILE A 466 43.59 -2.06 27.89
C ILE A 466 42.62 -3.14 28.36
N SER A 467 41.82 -3.62 27.43
CA SER A 467 40.90 -4.72 27.68
C SER A 467 41.58 -6.05 27.48
N SER A 468 40.88 -7.12 27.85
CA SER A 468 41.40 -8.47 27.74
C SER A 468 40.64 -9.12 26.58
N SER A 469 39.97 -8.24 25.83
CA SER A 469 39.25 -8.53 24.58
C SER A 469 37.82 -9.00 24.87
N VAL A 470 36.78 -8.28 24.41
CA VAL A 470 36.73 -7.12 23.48
C VAL A 470 37.25 -7.41 22.05
N LYS A 471 38.55 -7.22 21.82
CA LYS A 471 39.17 -6.99 20.50
C LYS A 471 38.96 -5.56 20.05
N ALA A 472 37.73 -5.21 19.63
CA ALA A 472 37.31 -3.82 19.37
C ALA A 472 38.13 -2.74 20.10
N SER A 473 39.41 -2.63 19.74
CA SER A 473 40.36 -1.79 20.48
C SER A 473 40.03 -0.32 20.40
N SER A 474 39.54 0.11 19.25
CA SER A 474 39.29 1.53 19.02
C SER A 474 38.19 2.05 19.95
N ILE A 475 37.19 1.21 20.18
CA ILE A 475 36.09 1.57 21.06
C ILE A 475 36.55 1.50 22.51
N VAL A 476 37.31 0.47 22.86
CA VAL A 476 37.85 0.31 24.19
C VAL A 476 38.77 1.48 24.55
N ALA A 477 39.61 1.90 23.60
CA ALA A 477 40.52 3.02 23.81
C ALA A 477 39.74 4.31 24.06
N SER A 478 38.62 4.47 23.36
CA SER A 478 37.77 5.64 23.54
C SER A 478 37.13 5.65 24.92
N LEU A 479 36.73 4.47 25.41
CA LEU A 479 36.17 4.33 26.75
C LEU A 479 37.20 4.74 27.80
N PHE A 480 38.46 4.40 27.55
CA PHE A 480 39.55 4.78 28.44
C PHE A 480 39.70 6.29 28.52
N LEU A 481 39.83 6.93 27.37
CA LEU A 481 40.01 8.37 27.30
C LEU A 481 38.85 9.14 27.91
N LYS A 482 37.64 8.62 27.71
CA LYS A 482 36.43 9.26 28.21
C LYS A 482 36.50 9.43 29.73
N GLU A 483 37.23 8.53 30.39
CA GLU A 483 37.38 8.55 31.84
C GLU A 483 38.19 9.76 32.34
N PHE A 484 38.81 10.49 31.42
CA PHE A 484 39.67 11.61 31.82
C PHE A 484 39.12 12.95 31.35
N VAL A 485 37.87 12.95 30.91
CA VAL A 485 37.16 14.19 30.61
C VAL A 485 35.86 14.14 31.38
N GLN A 486 35.76 14.98 32.40
CA GLN A 486 34.71 14.86 33.40
C GLN A 486 33.45 15.64 33.05
N ASN A 487 33.65 16.87 32.59
CA ASN A 487 32.54 17.79 32.42
C ASN A 487 32.71 18.74 31.24
N THR A 488 33.22 18.22 30.13
CA THR A 488 33.42 19.01 28.92
C THR A 488 33.06 18.22 27.66
N ALA A 489 32.46 18.90 26.69
CA ALA A 489 32.20 18.29 25.38
C ALA A 489 33.53 17.87 24.77
N TRP A 490 33.63 16.58 24.42
CA TRP A 490 34.90 16.02 23.96
C TRP A 490 34.73 15.08 22.77
N ALA A 491 35.65 15.16 21.83
CA ALA A 491 35.64 14.28 20.67
C ALA A 491 37.05 13.75 20.39
N HIS A 492 37.10 12.55 19.85
CA HIS A 492 38.37 11.86 19.62
C HIS A 492 38.43 11.34 18.20
N ILE A 493 39.45 11.78 17.46
CA ILE A 493 39.61 11.37 16.07
C ILE A 493 40.79 10.41 15.90
N ASP A 494 40.50 9.16 15.56
CA ASP A 494 41.54 8.16 15.38
C ASP A 494 41.98 8.12 13.92
N ILE A 495 43.21 8.54 13.67
CA ILE A 495 43.74 8.68 12.32
C ILE A 495 44.85 7.67 12.03
N ALA A 496 44.87 6.58 12.79
CA ALA A 496 45.90 5.55 12.62
C ALA A 496 45.89 4.95 11.23
N GLY A 497 44.70 4.87 10.62
CA GLY A 497 44.55 4.27 9.31
C GLY A 497 44.75 5.21 8.15
N VAL A 498 44.45 6.49 8.35
CA VAL A 498 44.45 7.45 7.24
C VAL A 498 45.66 8.36 7.19
N SER A 499 46.50 8.30 8.23
CA SER A 499 47.63 9.21 8.33
C SER A 499 48.68 9.02 7.22
N TRP A 500 49.04 7.76 6.96
CA TRP A 500 50.08 7.46 5.98
C TRP A 500 49.52 6.98 4.65
N ASN A 501 50.05 7.54 3.56
CA ASN A 501 49.70 7.12 2.21
C ASN A 501 50.66 6.03 1.73
N PHE A 502 50.26 4.77 1.87
CA PHE A 502 51.13 3.64 1.57
C PHE A 502 51.48 3.53 0.09
N LYS A 503 50.56 3.92 -0.78
CA LYS A 503 50.80 3.88 -2.22
C LYS A 503 51.86 4.91 -2.62
N ALA A 504 51.74 6.11 -2.07
CA ALA A 504 52.67 7.19 -2.41
C ALA A 504 53.88 7.21 -1.47
N ARG A 505 53.85 6.37 -0.44
CA ARG A 505 54.93 6.26 0.52
C ARG A 505 55.25 7.59 1.20
N LYS A 506 54.20 8.28 1.66
CA LYS A 506 54.37 9.61 2.25
C LYS A 506 53.17 9.94 3.15
N PRO A 507 53.33 10.92 4.05
CA PRO A 507 52.19 11.33 4.89
C PRO A 507 51.10 12.01 4.09
N LYS A 508 49.90 12.09 4.66
CA LYS A 508 48.82 12.83 4.03
C LYS A 508 48.66 14.21 4.67
N GLY A 509 49.21 14.37 5.87
CA GLY A 509 48.98 15.57 6.66
C GLY A 509 47.52 15.67 7.05
N PHE A 510 46.90 14.52 7.30
CA PHE A 510 45.47 14.44 7.57
C PHE A 510 45.09 15.16 8.86
N GLY A 511 44.04 15.97 8.79
CA GLY A 511 43.48 16.59 9.98
C GLY A 511 43.67 18.08 10.08
N VAL A 512 44.68 18.61 9.38
CA VAL A 512 44.96 20.04 9.41
C VAL A 512 43.76 20.83 8.90
N ARG A 513 43.26 20.45 7.74
CA ARG A 513 42.13 21.14 7.15
C ARG A 513 40.85 20.88 7.95
N LEU A 514 40.69 19.66 8.45
CA LEU A 514 39.55 19.29 9.28
C LEU A 514 39.45 20.14 10.54
N LEU A 515 40.54 20.23 11.29
CA LEU A 515 40.55 20.98 12.54
C LEU A 515 40.40 22.47 12.31
N THR A 516 40.97 22.97 11.22
CA THR A 516 40.90 24.40 10.91
C THR A 516 39.49 24.80 10.51
N GLU A 517 38.84 24.00 9.67
CA GLU A 517 37.45 24.25 9.30
C GLU A 517 36.55 24.22 10.52
N PHE A 518 36.87 23.35 11.46
CA PHE A 518 36.13 23.25 12.71
C PHE A 518 36.24 24.52 13.53
N VAL A 519 37.45 25.03 13.64
CA VAL A 519 37.74 26.22 14.42
C VAL A 519 37.15 27.46 13.75
N LEU A 520 37.19 27.47 12.43
CA LEU A 520 36.77 28.63 11.65
C LEU A 520 35.26 28.84 11.59
N ASN A 521 34.50 27.77 11.37
CA ASN A 521 33.05 27.89 11.15
C ASN A 521 32.14 27.76 12.38
N ASP A 522 32.70 27.87 13.58
CA ASP A 522 31.86 27.83 14.77
C ASP A 522 32.05 29.08 15.64
N SER B 5 69.65 0.57 49.84
CA SER B 5 68.48 0.95 50.63
C SER B 5 67.63 1.99 49.91
N GLU B 6 68.26 2.99 49.31
CA GLU B 6 67.52 4.00 48.57
C GLU B 6 67.23 3.49 47.17
N VAL B 7 65.95 3.50 46.79
CA VAL B 7 65.56 3.02 45.47
C VAL B 7 65.80 4.12 44.44
N PRO B 8 66.49 3.77 43.35
CA PRO B 8 66.70 4.74 42.26
C PRO B 8 65.39 5.06 41.56
N GLN B 9 65.29 6.28 41.04
CA GLN B 9 64.09 6.73 40.33
C GLN B 9 64.46 7.29 38.97
N VAL B 10 63.59 7.13 37.99
CA VAL B 10 63.77 7.79 36.70
C VAL B 10 63.13 9.17 36.79
N VAL B 11 61.92 9.23 37.31
CA VAL B 11 61.23 10.48 37.59
C VAL B 11 60.84 10.51 39.07
N SER B 12 60.47 11.69 39.57
CA SER B 12 60.15 11.82 40.99
C SER B 12 58.84 11.12 41.35
N LEU B 13 58.05 10.78 40.34
CA LEU B 13 56.76 10.13 40.58
C LEU B 13 56.91 8.62 40.71
N ASP B 14 58.10 8.11 40.47
CA ASP B 14 58.36 6.68 40.66
C ASP B 14 58.31 6.35 42.15
N PRO B 15 57.53 5.32 42.52
CA PRO B 15 57.35 4.93 43.92
C PRO B 15 58.65 4.47 44.55
N THR B 16 58.80 4.67 45.86
CA THR B 16 60.06 4.33 46.52
C THR B 16 59.93 3.25 47.59
N SER B 17 58.75 2.65 47.67
CA SER B 17 58.53 1.54 48.59
C SER B 17 57.30 0.72 48.19
N ILE B 18 57.26 -0.53 48.65
CA ILE B 18 56.09 -1.37 48.47
C ILE B 18 55.09 -1.08 49.58
N PRO B 19 53.89 -0.62 49.21
CA PRO B 19 52.84 -0.45 50.23
C PRO B 19 52.44 -1.80 50.83
N ILE B 20 52.55 -1.92 52.15
CA ILE B 20 52.20 -3.17 52.81
C ILE B 20 51.21 -2.94 53.96
N GLU B 21 50.11 -3.67 53.93
CA GLU B 21 49.14 -3.65 55.01
C GLU B 21 49.44 -4.82 55.95
N TYR B 22 49.86 -4.49 57.17
CA TYR B 22 50.17 -5.52 58.17
C TYR B 22 48.96 -5.84 59.03
N ASN B 23 48.28 -4.80 59.49
CA ASN B 23 47.07 -4.98 60.28
C ASN B 23 45.84 -4.99 59.38
N THR B 24 45.38 -6.19 59.03
CA THR B 24 44.24 -6.35 58.14
C THR B 24 42.96 -6.40 58.96
N PRO B 25 41.82 -6.08 58.31
CA PRO B 25 40.51 -6.20 58.99
C PRO B 25 40.29 -7.59 59.55
N ILE B 26 40.88 -8.60 58.92
CA ILE B 26 40.79 -9.97 59.38
C ILE B 26 41.32 -10.11 60.79
N HIS B 27 42.35 -9.34 61.12
CA HIS B 27 42.95 -9.39 62.44
C HIS B 27 42.04 -8.78 63.51
N ASP B 28 41.03 -8.02 63.06
CA ASP B 28 40.13 -7.35 63.99
C ASP B 28 38.89 -8.19 64.25
N ILE B 29 38.82 -9.36 63.62
CA ILE B 29 37.68 -10.24 63.82
C ILE B 29 37.88 -11.08 65.07
N LYS B 30 37.02 -10.90 66.06
CA LYS B 30 37.07 -11.72 67.26
C LYS B 30 36.47 -13.09 66.97
N VAL B 31 37.27 -14.13 67.15
CA VAL B 31 36.84 -15.49 66.82
C VAL B 31 36.60 -16.34 68.06
N GLN B 32 35.40 -16.89 68.16
CA GLN B 32 35.02 -17.75 69.27
C GLN B 32 34.56 -19.11 68.78
N VAL B 33 35.06 -20.16 69.40
CA VAL B 33 34.67 -21.53 69.06
C VAL B 33 33.88 -22.16 70.19
N TYR B 34 32.66 -22.60 69.89
CA TYR B 34 31.81 -23.24 70.88
C TYR B 34 31.55 -24.69 70.51
N ASP B 35 31.24 -25.52 71.50
CA ASP B 35 30.89 -26.91 71.23
C ASP B 35 29.42 -26.99 70.84
N ILE B 36 29.15 -27.75 69.79
CA ILE B 36 27.82 -27.85 69.21
C ILE B 36 26.87 -28.64 70.12
N LYS B 37 27.44 -29.44 71.02
CA LYS B 37 26.65 -30.24 71.95
C LYS B 37 26.05 -29.40 73.10
N GLY B 38 25.91 -28.10 72.87
CA GLY B 38 25.33 -27.21 73.85
C GLY B 38 24.22 -26.40 73.21
N GLY B 39 24.04 -26.61 71.92
CA GLY B 39 23.05 -25.91 71.14
C GLY B 39 23.52 -24.55 70.63
N CYS B 40 22.89 -24.06 69.57
CA CYS B 40 23.27 -22.78 68.99
C CYS B 40 22.24 -21.69 69.27
N ASN B 41 22.71 -20.51 69.67
CA ASN B 41 21.84 -19.35 69.81
C ASN B 41 21.97 -18.44 68.60
N VAL B 42 20.84 -18.10 67.97
CA VAL B 42 20.83 -17.25 66.79
C VAL B 42 20.26 -15.86 67.09
N GLU B 43 21.13 -14.90 67.36
CA GLU B 43 20.69 -13.57 67.75
C GLU B 43 20.97 -12.52 66.67
N GLU B 44 22.18 -11.94 66.63
CA GLU B 44 22.46 -10.95 65.58
C GLU B 44 23.25 -11.53 64.40
N GLY B 45 23.41 -10.71 63.36
CA GLY B 45 24.24 -11.06 62.22
C GLY B 45 23.70 -12.19 61.36
N LEU B 46 24.61 -12.92 60.72
CA LEU B 46 24.25 -14.01 59.84
C LEU B 46 24.67 -15.36 60.42
N THR B 47 23.76 -16.31 60.46
CA THR B 47 24.06 -17.65 60.96
C THR B 47 23.98 -18.67 59.83
N ILE B 48 25.11 -19.27 59.50
CA ILE B 48 25.16 -20.20 58.37
C ILE B 48 25.47 -21.63 58.80
N PHE B 49 24.62 -22.56 58.36
CA PHE B 49 24.83 -23.98 58.63
C PHE B 49 25.54 -24.65 57.46
N LEU B 50 26.63 -25.34 57.74
CA LEU B 50 27.31 -26.13 56.72
C LEU B 50 26.72 -27.53 56.75
N VAL B 51 25.93 -27.85 55.74
CA VAL B 51 25.14 -29.07 55.77
C VAL B 51 25.43 -29.99 54.57
N ASN B 52 25.41 -31.29 54.83
CA ASN B 52 25.51 -32.27 53.76
C ASN B 52 24.42 -33.33 53.88
N ASN B 53 24.44 -34.28 52.96
CA ASN B 53 23.55 -35.44 52.99
C ASN B 53 24.28 -36.58 52.35
N PRO B 54 24.90 -37.45 53.17
CA PRO B 54 25.71 -38.50 52.54
C PRO B 54 24.94 -39.42 51.59
N GLY B 55 25.70 -40.07 50.70
CA GLY B 55 25.21 -40.96 49.66
C GLY B 55 23.91 -40.63 48.92
N LYS B 56 23.43 -39.40 49.05
CA LYS B 56 22.16 -39.03 48.42
C LYS B 56 22.28 -37.78 47.56
N GLU B 57 22.89 -37.91 46.38
CA GLU B 57 23.17 -36.81 45.41
C GLU B 57 22.81 -35.42 45.92
N ASN B 58 21.66 -34.91 45.51
CA ASN B 58 21.20 -33.61 45.96
C ASN B 58 20.04 -33.83 46.92
N GLY B 59 20.36 -34.36 48.10
CA GLY B 59 19.34 -34.71 49.06
C GLY B 59 18.89 -33.50 49.85
N PRO B 60 17.83 -33.66 50.64
CA PRO B 60 17.28 -32.52 51.39
C PRO B 60 18.22 -32.04 52.50
N VAL B 61 18.11 -30.78 52.86
CA VAL B 61 18.90 -30.26 53.97
C VAL B 61 18.18 -30.60 55.26
N LYS B 62 18.93 -31.15 56.22
CA LYS B 62 18.38 -31.45 57.53
C LYS B 62 19.30 -30.95 58.63
N ILE B 63 18.77 -30.09 59.49
CA ILE B 63 19.56 -29.52 60.57
C ILE B 63 19.48 -30.41 61.80
N SER B 64 20.62 -31.00 62.14
CA SER B 64 20.73 -31.95 63.24
C SER B 64 20.98 -31.20 64.55
N SER B 65 21.68 -30.09 64.45
CA SER B 65 22.12 -29.33 65.61
C SER B 65 20.94 -28.80 66.42
N LYS B 66 21.13 -28.74 67.74
CA LYS B 66 20.13 -28.16 68.62
C LYS B 66 20.22 -26.63 68.58
N VAL B 67 19.07 -25.98 68.45
CA VAL B 67 19.04 -24.52 68.45
C VAL B 67 18.32 -24.02 69.70
N ASN B 68 19.01 -23.21 70.49
CA ASN B 68 18.45 -22.71 71.75
C ASN B 68 17.48 -21.56 71.55
N ASP B 69 16.62 -21.69 70.55
CA ASP B 69 15.59 -20.69 70.28
C ASP B 69 14.40 -21.45 69.67
N LYS B 70 13.24 -21.35 70.31
CA LYS B 70 12.09 -22.16 69.92
C LYS B 70 11.52 -21.85 68.54
N GLN B 71 11.43 -20.57 68.20
CA GLN B 71 10.88 -20.16 66.92
C GLN B 71 11.78 -20.54 65.76
N VAL B 72 13.09 -20.33 65.94
CA VAL B 72 14.04 -20.67 64.90
C VAL B 72 14.07 -22.18 64.71
N SER B 73 13.99 -22.91 65.82
CA SER B 73 13.92 -24.37 65.79
C SER B 73 12.69 -24.80 65.00
N GLU B 74 11.57 -24.11 65.24
CA GLU B 74 10.33 -24.38 64.54
C GLU B 74 10.45 -24.02 63.07
N PHE B 75 11.10 -22.90 62.79
CA PHE B 75 11.35 -22.47 61.42
C PHE B 75 12.20 -23.51 60.70
N LEU B 76 13.16 -24.07 61.42
CA LEU B 76 14.12 -25.01 60.84
C LEU B 76 13.68 -26.47 60.90
N LYS B 77 12.40 -26.71 61.16
CA LYS B 77 11.90 -28.09 61.18
C LYS B 77 12.12 -28.75 59.82
N ASP B 78 12.23 -30.08 59.83
CA ASP B 78 12.61 -30.86 58.65
C ASP B 78 11.63 -30.66 57.49
N GLU B 79 10.35 -30.53 57.82
CA GLU B 79 9.30 -30.35 56.83
C GLU B 79 9.50 -29.07 56.02
N ASN B 80 10.02 -28.03 56.67
CA ASN B 80 10.27 -26.75 56.03
C ASN B 80 11.51 -26.79 55.14
N MET B 81 12.52 -27.52 55.60
CA MET B 81 13.83 -27.54 54.95
C MET B 81 13.93 -28.50 53.77
N GLU B 82 12.96 -29.40 53.64
CA GLU B 82 13.04 -30.46 52.62
C GLU B 82 12.97 -29.96 51.18
N LYS B 83 12.53 -28.71 50.98
CA LYS B 83 12.50 -28.14 49.64
C LYS B 83 13.90 -27.73 49.14
N PHE B 84 14.88 -27.72 50.04
CA PHE B 84 16.24 -27.34 49.69
C PHE B 84 17.16 -28.55 49.66
N ASN B 85 18.17 -28.48 48.81
CA ASN B 85 19.11 -29.59 48.66
C ASN B 85 20.54 -29.21 49.05
N VAL B 86 21.40 -30.23 49.16
CA VAL B 86 22.74 -30.05 49.71
C VAL B 86 23.83 -30.00 48.64
N LYS B 87 23.44 -29.78 47.39
CA LYS B 87 24.39 -29.65 46.29
C LYS B 87 25.53 -28.70 46.65
N LEU B 88 26.76 -29.14 46.40
CA LEU B 88 27.95 -28.38 46.79
C LEU B 88 27.96 -26.96 46.24
N GLY B 89 28.06 -25.97 47.11
CA GLY B 89 28.15 -24.59 46.68
C GLY B 89 26.83 -23.85 46.80
N THR B 90 25.75 -24.59 46.92
CA THR B 90 24.42 -24.00 47.08
C THR B 90 24.34 -23.28 48.42
N SER B 91 23.72 -22.10 48.40
CA SER B 91 23.53 -21.31 49.61
C SER B 91 22.15 -20.69 49.57
N LYS B 92 21.54 -20.50 50.74
CA LYS B 92 20.21 -19.90 50.82
C LYS B 92 20.14 -18.94 52.01
N HIS B 93 19.25 -17.96 51.96
CA HIS B 93 19.06 -17.02 53.07
C HIS B 93 17.64 -17.03 53.65
N PHE B 94 17.55 -17.01 54.97
CA PHE B 94 16.25 -17.03 55.63
C PHE B 94 16.09 -15.83 56.57
N TYR B 95 14.88 -15.26 56.59
CA TYR B 95 14.55 -14.18 57.53
C TYR B 95 13.49 -14.62 58.53
N MET B 96 13.71 -14.35 59.82
CA MET B 96 12.72 -14.73 60.84
C MET B 96 12.89 -13.97 62.16
N PHE B 97 11.91 -14.12 63.04
CA PHE B 97 11.97 -13.55 64.39
C PHE B 97 12.24 -14.63 65.44
N ASN B 98 13.15 -14.33 66.35
CA ASN B 98 13.46 -15.27 67.44
C ASN B 98 12.52 -15.12 68.64
N ASP B 99 12.90 -15.73 69.76
CA ASP B 99 12.08 -15.71 70.98
C ASP B 99 11.92 -14.31 71.57
N ASN B 100 12.88 -13.43 71.28
CA ASN B 100 12.83 -12.08 71.80
C ASN B 100 12.18 -11.14 70.81
N LYS B 101 11.43 -11.72 69.88
CA LYS B 101 10.72 -10.97 68.85
C LYS B 101 11.69 -10.09 68.05
N ASN B 102 12.95 -10.51 68.00
CA ASN B 102 13.97 -9.83 67.24
C ASN B 102 14.24 -10.50 65.90
N SER B 103 14.47 -9.68 64.87
CA SER B 103 14.75 -10.17 63.53
C SER B 103 16.13 -10.80 63.47
N VAL B 104 16.22 -12.03 62.96
CA VAL B 104 17.50 -12.72 62.86
C VAL B 104 17.69 -13.22 61.42
N ALA B 105 18.94 -13.41 61.02
CA ALA B 105 19.22 -13.94 59.67
C ALA B 105 19.91 -15.29 59.74
N VAL B 106 19.33 -16.27 59.05
CA VAL B 106 19.80 -17.65 59.05
C VAL B 106 19.89 -18.16 57.62
N GLY B 107 20.81 -19.08 57.36
CA GLY B 107 20.94 -19.70 56.05
C GLY B 107 21.84 -20.90 56.09
N TYR B 108 22.13 -21.50 54.94
CA TYR B 108 23.00 -22.67 54.91
C TYR B 108 23.91 -22.66 53.67
N VAL B 109 24.92 -23.53 53.70
CA VAL B 109 25.71 -23.81 52.51
C VAL B 109 25.73 -25.32 52.27
N GLY B 110 25.39 -25.73 51.04
CA GLY B 110 25.38 -27.13 50.69
C GLY B 110 26.80 -27.67 50.58
N CYS B 111 27.05 -28.81 51.22
CA CYS B 111 28.38 -29.40 51.22
C CYS B 111 28.40 -30.76 50.52
N GLY B 112 27.43 -30.96 49.63
CA GLY B 112 27.39 -32.16 48.80
C GLY B 112 26.95 -33.42 49.51
N SER B 113 27.38 -34.55 48.97
CA SER B 113 26.99 -35.87 49.46
C SER B 113 28.21 -36.65 49.94
N VAL B 114 29.40 -36.13 49.65
CA VAL B 114 30.63 -36.78 50.07
C VAL B 114 30.93 -36.49 51.54
N ALA B 115 31.24 -37.54 52.29
CA ALA B 115 31.47 -37.42 53.72
C ALA B 115 32.84 -36.82 54.02
N ASP B 116 33.74 -36.92 53.06
CA ASP B 116 35.09 -36.39 53.20
C ASP B 116 35.35 -35.27 52.21
N LEU B 117 35.24 -34.03 52.67
CA LEU B 117 35.40 -32.86 51.83
C LEU B 117 36.83 -32.70 51.37
N SER B 118 37.01 -32.44 50.08
CA SER B 118 38.34 -32.24 49.52
C SER B 118 38.89 -30.85 49.78
N GLU B 119 40.14 -30.64 49.40
CA GLU B 119 40.75 -29.32 49.52
C GLU B 119 40.06 -28.40 48.50
N ALA B 120 39.70 -28.96 47.35
CA ALA B 120 39.02 -28.19 46.30
C ALA B 120 37.54 -27.90 46.59
N ASP B 121 36.81 -28.89 47.12
CA ASP B 121 35.41 -28.73 47.48
C ASP B 121 35.25 -27.77 48.65
N MET B 122 36.14 -27.89 49.64
CA MET B 122 36.08 -27.00 50.80
C MET B 122 36.33 -25.56 50.35
N LYS B 123 37.16 -25.40 49.33
CA LYS B 123 37.44 -24.09 48.78
C LYS B 123 36.17 -23.55 48.12
N ARG B 124 35.43 -24.44 47.48
CA ARG B 124 34.16 -24.07 46.87
C ARG B 124 33.13 -23.68 47.93
N VAL B 125 33.16 -24.38 49.06
CA VAL B 125 32.28 -24.09 50.18
C VAL B 125 32.55 -22.68 50.71
N VAL B 126 33.82 -22.38 50.91
CA VAL B 126 34.23 -21.07 51.43
C VAL B 126 33.81 -19.94 50.50
N LEU B 127 34.03 -20.12 49.20
CA LEU B 127 33.66 -19.10 48.21
C LEU B 127 32.17 -18.81 48.21
N SER B 128 31.35 -19.85 48.39
CA SER B 128 29.92 -19.66 48.47
C SER B 128 29.57 -18.85 49.71
N LEU B 129 30.29 -19.13 50.80
CA LEU B 129 30.12 -18.39 52.05
C LEU B 129 30.57 -16.94 51.91
N VAL B 130 31.70 -16.72 51.25
CA VAL B 130 32.26 -15.39 51.11
C VAL B 130 31.35 -14.50 50.25
N THR B 131 30.65 -15.12 49.30
CA THR B 131 29.71 -14.39 48.45
C THR B 131 28.57 -13.80 49.29
N MET B 132 28.17 -14.53 50.32
CA MET B 132 27.13 -14.03 51.22
C MET B 132 27.66 -12.90 52.10
N LEU B 133 28.96 -12.93 52.38
CA LEU B 133 29.59 -11.89 53.18
C LEU B 133 29.70 -10.63 52.34
N HIS B 134 29.91 -10.81 51.04
CA HIS B 134 30.00 -9.69 50.11
C HIS B 134 28.62 -9.10 49.88
N ASP B 135 28.59 -7.80 49.62
CA ASP B 135 27.35 -7.06 49.39
C ASP B 135 26.38 -7.14 50.58
N ASN B 136 26.88 -7.53 51.75
CA ASN B 136 26.07 -7.55 52.95
C ASN B 136 26.86 -6.91 54.10
N LYS B 137 26.21 -5.99 54.81
CA LYS B 137 26.87 -5.26 55.89
C LYS B 137 26.70 -5.87 57.29
N LEU B 138 27.19 -7.10 57.46
CA LEU B 138 27.01 -7.83 58.71
C LEU B 138 28.06 -7.49 59.76
N SER B 139 27.68 -7.61 61.03
CA SER B 139 28.58 -7.34 62.15
C SER B 139 29.15 -8.65 62.72
N LYS B 140 28.46 -9.74 62.44
CA LYS B 140 28.84 -11.07 62.92
C LYS B 140 28.51 -12.16 61.93
N LEU B 141 29.45 -13.09 61.75
CA LEU B 141 29.17 -14.30 61.01
C LEU B 141 29.24 -15.47 61.99
N THR B 142 28.24 -16.35 61.92
CA THR B 142 28.24 -17.55 62.75
C THR B 142 28.14 -18.77 61.84
N VAL B 143 29.13 -19.65 61.92
CA VAL B 143 29.15 -20.84 61.09
C VAL B 143 28.98 -22.10 61.93
N VAL B 144 27.98 -22.91 61.58
CA VAL B 144 27.71 -24.15 62.31
C VAL B 144 28.12 -25.36 61.48
N PHE B 145 29.13 -26.08 61.94
CA PHE B 145 29.65 -27.24 61.22
C PHE B 145 28.85 -28.52 61.45
N GLU B 146 27.98 -28.83 60.48
CA GLU B 146 27.25 -30.08 60.49
C GLU B 146 27.86 -31.04 59.48
N ILE B 147 29.17 -30.91 59.30
CA ILE B 147 29.93 -31.80 58.46
C ILE B 147 31.14 -32.30 59.21
N ASN B 148 31.76 -33.34 58.69
CA ASN B 148 32.92 -33.93 59.35
C ASN B 148 34.23 -33.38 58.81
N VAL B 149 34.99 -32.73 59.68
CA VAL B 149 36.29 -32.17 59.32
C VAL B 149 37.34 -32.45 60.40
N ASP B 150 38.55 -32.81 59.97
CA ASP B 150 39.63 -33.00 60.92
C ASP B 150 40.25 -31.65 61.25
N LYS B 151 41.24 -31.64 62.14
CA LYS B 151 41.84 -30.40 62.61
C LYS B 151 42.48 -29.61 61.46
N ASN B 152 43.16 -30.32 60.55
CA ASN B 152 43.82 -29.66 59.42
C ASN B 152 42.84 -29.00 58.45
N LEU B 153 41.76 -29.69 58.12
CA LEU B 153 40.78 -29.15 57.18
C LEU B 153 40.03 -27.97 57.78
N PHE B 154 39.84 -28.00 59.10
CA PHE B 154 39.21 -26.89 59.80
C PHE B 154 40.10 -25.67 59.71
N ARG B 155 41.40 -25.87 59.92
CA ARG B 155 42.36 -24.78 59.80
C ARG B 155 42.38 -24.25 58.36
N PHE B 156 42.33 -25.18 57.40
CA PHE B 156 42.27 -24.82 55.99
C PHE B 156 41.04 -23.97 55.67
N PHE B 157 39.91 -24.33 56.28
CA PHE B 157 38.67 -23.57 56.13
C PHE B 157 38.84 -22.12 56.55
N LEU B 158 39.42 -21.91 57.73
CA LEU B 158 39.61 -20.56 58.26
C LEU B 158 40.56 -19.74 57.41
N GLU B 159 41.70 -20.33 57.05
CA GLU B 159 42.68 -19.68 56.17
C GLU B 159 42.04 -19.19 54.88
N THR B 160 41.34 -20.10 54.23
CA THR B 160 40.71 -19.82 52.95
C THR B 160 39.62 -18.77 53.13
N LEU B 161 38.87 -18.88 54.22
CA LEU B 161 37.86 -17.88 54.54
C LEU B 161 38.51 -16.51 54.69
N PHE B 162 39.54 -16.44 55.51
CA PHE B 162 40.26 -15.19 55.76
C PHE B 162 40.86 -14.59 54.49
N TYR B 163 41.56 -15.42 53.72
CA TYR B 163 42.27 -14.97 52.53
C TYR B 163 41.32 -14.45 51.44
N GLU B 164 40.23 -15.17 51.22
CA GLU B 164 39.27 -14.79 50.18
C GLU B 164 38.41 -13.61 50.61
N TYR B 165 38.14 -13.51 51.91
CA TYR B 165 37.36 -12.42 52.47
C TYR B 165 38.10 -11.09 52.31
N MET B 166 39.41 -11.13 52.54
CA MET B 166 40.25 -9.95 52.47
C MET B 166 40.36 -9.40 51.04
N THR B 167 40.33 -8.07 50.92
CA THR B 167 40.42 -7.41 49.62
C THR B 167 41.59 -6.43 49.56
N ASP B 168 42.42 -6.55 48.52
CA ASP B 168 43.61 -5.70 48.39
C ASP B 168 43.27 -4.39 47.67
N GLU B 169 43.32 -3.29 48.40
CA GLU B 169 42.98 -1.98 47.85
C GLU B 169 44.13 -0.99 47.95
N ARG B 170 45.35 -1.50 48.09
CA ARG B 170 46.53 -0.65 48.24
C ARG B 170 46.73 0.29 47.06
N PHE B 171 46.26 -0.12 45.89
CA PHE B 171 46.51 0.64 44.68
C PHE B 171 45.25 1.29 44.13
N LYS B 172 44.16 1.20 44.88
CA LYS B 172 42.94 1.95 44.54
C LYS B 172 43.04 3.39 45.01
N SER B 173 42.49 4.29 44.20
CA SER B 173 42.40 5.71 44.54
C SER B 173 40.97 6.16 44.30
N THR B 174 40.63 6.22 43.00
CA THR B 174 39.33 6.60 42.44
C THR B 174 39.22 8.12 42.33
N LYS B 176 38.05 2.96 45.16
CA LYS B 176 37.93 2.23 46.42
C LYS B 176 36.47 1.97 46.78
N ASN B 177 36.16 0.74 47.17
CA ASN B 177 34.80 0.38 47.56
C ASN B 177 34.38 1.14 48.82
N VAL B 178 33.33 1.94 48.69
CA VAL B 178 32.82 2.76 49.78
C VAL B 178 31.85 1.96 50.65
N ASN B 179 31.38 0.85 50.10
CA ASN B 179 30.37 0.00 50.74
C ASN B 179 30.95 -1.23 51.43
N MET B 180 32.24 -1.23 51.70
CA MET B 180 32.86 -2.39 52.34
C MET B 180 32.83 -2.21 53.86
N GLU B 181 32.56 -3.31 54.56
CA GLU B 181 32.33 -3.31 56.00
C GLU B 181 32.58 -4.69 56.58
N TYR B 182 33.81 -4.96 57.02
CA TYR B 182 34.14 -6.31 57.49
C TYR B 182 33.52 -6.58 58.86
N ILE B 183 33.16 -7.84 59.08
CA ILE B 183 32.63 -8.30 60.35
C ILE B 183 33.64 -8.10 61.48
N LYS B 184 33.14 -8.01 62.71
CA LYS B 184 33.99 -7.82 63.88
C LYS B 184 34.02 -9.08 64.74
N HIS B 185 33.08 -9.99 64.51
CA HIS B 185 33.00 -11.22 65.28
C HIS B 185 32.73 -12.43 64.39
N LEU B 186 33.43 -13.52 64.68
CA LEU B 186 33.19 -14.79 63.99
C LEU B 186 32.95 -15.92 64.99
N GLY B 187 31.76 -16.51 64.93
CA GLY B 187 31.43 -17.63 65.79
C GLY B 187 31.42 -18.95 65.04
N VAL B 188 32.02 -19.98 65.65
CA VAL B 188 32.05 -21.31 65.07
C VAL B 188 31.51 -22.35 66.05
N TYR B 189 30.47 -23.08 65.64
CA TYR B 189 29.93 -24.17 66.44
C TYR B 189 30.38 -25.52 65.85
N ILE B 190 31.05 -26.33 66.66
CA ILE B 190 31.58 -27.60 66.17
C ILE B 190 31.82 -28.61 67.30
N ASN B 191 31.67 -29.90 67.00
CA ASN B 191 31.94 -30.94 67.98
C ASN B 191 33.42 -31.08 68.32
N ASN B 192 33.69 -31.36 69.59
CA ASN B 192 35.04 -31.46 70.12
C ASN B 192 35.74 -30.11 69.90
N ALA B 193 35.04 -29.05 70.28
CA ALA B 193 35.49 -27.69 70.02
C ALA B 193 36.85 -27.40 70.64
N ASP B 194 37.10 -27.99 71.81
CA ASP B 194 38.34 -27.75 72.53
C ASP B 194 39.55 -28.19 71.71
N THR B 195 39.38 -29.24 70.91
CA THR B 195 40.48 -29.73 70.08
C THR B 195 40.73 -28.77 68.91
N TYR B 196 39.71 -28.03 68.52
CA TYR B 196 39.79 -27.18 67.35
C TYR B 196 40.20 -25.74 67.66
N LYS B 197 40.13 -25.37 68.94
CA LYS B 197 40.43 -24.00 69.36
C LYS B 197 41.87 -23.60 69.04
N GLU B 198 42.79 -24.56 69.13
CA GLU B 198 44.20 -24.29 68.88
C GLU B 198 44.49 -23.92 67.43
N GLU B 199 43.60 -24.32 66.53
CA GLU B 199 43.78 -24.08 65.11
C GLU B 199 43.48 -22.64 64.71
N VAL B 200 42.74 -21.92 65.55
CA VAL B 200 42.27 -20.58 65.20
C VAL B 200 43.41 -19.59 64.98
N GLU B 201 44.29 -19.45 65.97
CA GLU B 201 45.37 -18.49 65.84
C GLU B 201 46.46 -18.98 64.92
N LYS B 202 46.57 -20.29 64.77
CA LYS B 202 47.49 -20.85 63.79
C LYS B 202 47.01 -20.52 62.38
N ALA B 203 45.71 -20.62 62.16
CA ALA B 203 45.12 -20.27 60.87
C ALA B 203 45.31 -18.79 60.57
N ARG B 204 45.22 -17.95 61.59
CA ARG B 204 45.36 -16.52 61.41
C ARG B 204 46.79 -16.17 61.02
N VAL B 205 47.75 -16.90 61.59
CA VAL B 205 49.15 -16.71 61.24
C VAL B 205 49.40 -17.19 59.81
N TYR B 206 48.89 -18.38 59.49
CA TYR B 206 49.01 -18.92 58.15
C TYR B 206 48.35 -18.01 57.13
N TYR B 207 47.19 -17.46 57.50
CA TYR B 207 46.50 -16.50 56.65
C TYR B 207 47.39 -15.36 56.21
N PHE B 208 48.00 -14.66 57.17
CA PHE B 208 48.74 -13.46 56.84
C PHE B 208 50.04 -13.77 56.10
N GLY B 209 50.68 -14.88 56.44
CA GLY B 209 51.86 -15.31 55.72
C GLY B 209 51.54 -15.44 54.25
N THR B 210 50.39 -16.03 53.95
CA THR B 210 49.90 -16.15 52.60
C THR B 210 49.52 -14.81 51.99
N TYR B 211 48.83 -13.99 52.77
CA TYR B 211 48.39 -12.68 52.30
C TYR B 211 49.55 -11.71 52.13
N TYR B 212 50.55 -11.84 52.99
CA TYR B 212 51.76 -11.02 52.87
C TYR B 212 52.47 -11.33 51.56
N ALA B 213 52.62 -12.62 51.27
CA ALA B 213 53.20 -13.06 50.02
C ALA B 213 52.37 -12.53 48.85
N SER B 214 51.06 -12.66 48.98
CA SER B 214 50.13 -12.16 47.98
C SER B 214 50.34 -10.68 47.70
N GLN B 215 50.58 -9.90 48.75
CA GLN B 215 50.78 -8.46 48.63
C GLN B 215 52.05 -8.14 47.83
N LEU B 216 53.10 -8.91 48.06
CA LEU B 216 54.38 -8.69 47.38
C LEU B 216 54.26 -9.06 45.90
N ILE B 217 53.59 -10.17 45.63
CA ILE B 217 53.41 -10.65 44.27
C ILE B 217 52.50 -9.71 43.48
N ALA B 218 51.37 -9.34 44.07
CA ALA B 218 50.40 -8.47 43.41
C ALA B 218 50.99 -7.08 43.14
N ALA B 219 51.89 -6.65 44.00
CA ALA B 219 52.59 -5.37 43.82
C ALA B 219 53.35 -5.35 42.50
N PRO B 220 53.08 -4.34 41.66
CA PRO B 220 53.72 -4.21 40.34
C PRO B 220 55.22 -3.98 40.45
N SER B 221 55.92 -4.12 39.33
CA SER B 221 57.38 -4.12 39.35
C SER B 221 57.98 -2.73 39.54
N ASN B 222 57.21 -1.69 39.29
CA ASN B 222 57.69 -0.33 39.53
C ASN B 222 57.62 -0.02 41.03
N TYR B 223 56.74 -0.73 41.73
CA TYR B 223 56.65 -0.63 43.18
C TYR B 223 57.58 -1.65 43.81
N CYS B 224 57.50 -2.88 43.31
CA CYS B 224 58.30 -3.98 43.83
C CYS B 224 59.51 -4.20 42.94
N ASN B 225 60.65 -3.65 43.36
CA ASN B 225 61.91 -3.80 42.64
C ASN B 225 62.94 -4.39 43.60
N PRO B 226 64.12 -4.81 43.09
CA PRO B 226 65.13 -5.43 43.95
C PRO B 226 65.46 -4.65 45.23
N VAL B 227 65.47 -3.32 45.13
CA VAL B 227 65.77 -2.49 46.29
C VAL B 227 64.59 -2.43 47.27
N SER B 228 63.40 -2.16 46.74
CA SER B 228 62.23 -2.00 47.60
C SER B 228 61.80 -3.33 48.20
N LEU B 229 62.01 -4.42 47.48
CA LEU B 229 61.68 -5.75 48.00
C LEU B 229 62.61 -6.15 49.14
N SER B 230 63.90 -5.86 48.96
CA SER B 230 64.90 -6.17 49.99
C SER B 230 64.70 -5.30 51.22
N ASN B 231 64.30 -4.05 51.02
CA ASN B 231 63.96 -3.16 52.12
C ASN B 231 62.80 -3.71 52.92
N ALA B 232 61.81 -4.26 52.22
CA ALA B 232 60.64 -4.84 52.86
C ALA B 232 61.00 -6.06 53.69
N ALA B 233 61.97 -6.84 53.22
CA ALA B 233 62.44 -8.02 53.93
C ALA B 233 63.13 -7.63 55.23
N VAL B 234 63.87 -6.53 55.18
CA VAL B 234 64.53 -6.01 56.37
C VAL B 234 63.51 -5.55 57.40
N GLU B 235 62.52 -4.79 56.94
CA GLU B 235 61.46 -4.29 57.82
C GLU B 235 60.69 -5.43 58.47
N LEU B 236 60.43 -6.48 57.70
CA LEU B 236 59.75 -7.66 58.24
C LEU B 236 60.65 -8.36 59.26
N ALA B 237 61.93 -8.49 58.91
CA ALA B 237 62.90 -9.14 59.79
C ALA B 237 63.03 -8.41 61.12
N GLN B 238 62.98 -7.08 61.07
CA GLN B 238 63.10 -6.27 62.29
C GLN B 238 61.90 -6.45 63.20
N LYS B 239 60.72 -6.59 62.62
CA LYS B 239 59.51 -6.79 63.41
C LYS B 239 59.50 -8.16 64.08
N LEU B 240 60.23 -9.12 63.51
CA LEU B 240 60.21 -10.49 63.99
C LEU B 240 61.48 -10.88 64.77
N ASN B 241 62.39 -9.93 64.92
CA ASN B 241 63.70 -10.16 65.52
C ASN B 241 64.45 -11.29 64.83
N LEU B 242 64.43 -11.31 63.51
CA LEU B 242 65.23 -12.28 62.78
C LEU B 242 66.56 -11.62 62.45
N GLU B 243 67.63 -12.40 62.45
CA GLU B 243 68.91 -11.89 61.97
C GLU B 243 68.71 -11.62 60.48
N TYR B 244 69.30 -10.54 59.98
CA TYR B 244 69.13 -10.19 58.58
C TYR B 244 70.40 -9.59 58.03
N LYS B 245 70.62 -9.85 56.74
CA LYS B 245 71.79 -9.38 56.05
C LYS B 245 71.44 -9.19 54.59
N ILE B 246 71.68 -8.01 54.06
CA ILE B 246 71.42 -7.75 52.66
C ILE B 246 72.73 -7.58 51.93
N LEU B 247 73.01 -8.50 51.02
CA LEU B 247 74.25 -8.47 50.28
C LEU B 247 74.08 -7.57 49.06
N GLY B 248 74.97 -6.58 48.94
CA GLY B 248 74.94 -5.66 47.82
C GLY B 248 75.91 -6.09 46.75
N VAL B 249 76.02 -5.31 45.69
CA VAL B 249 76.81 -5.68 44.52
C VAL B 249 78.26 -6.00 44.90
N LYS B 250 78.83 -5.20 45.79
CA LYS B 250 80.23 -5.36 46.17
C LYS B 250 80.51 -6.69 46.88
N GLU B 251 79.62 -7.11 47.77
CA GLU B 251 79.79 -8.41 48.42
C GLU B 251 79.59 -9.52 47.41
N LEU B 252 78.60 -9.33 46.54
CA LEU B 252 78.27 -10.34 45.55
C LEU B 252 79.43 -10.51 44.56
N GLU B 253 80.10 -9.42 44.23
CA GLU B 253 81.31 -9.50 43.41
C GLU B 253 82.42 -10.22 44.15
N GLU B 254 82.55 -9.92 45.45
CA GLU B 254 83.56 -10.54 46.28
C GLU B 254 83.27 -12.02 46.47
N LEU B 255 81.99 -12.36 46.46
CA LEU B 255 81.58 -13.77 46.54
C LEU B 255 81.57 -14.43 45.15
N LYS B 256 81.84 -13.63 44.13
CA LYS B 256 81.98 -14.12 42.76
C LYS B 256 80.72 -14.79 42.22
N MET B 257 79.56 -14.19 42.53
CA MET B 257 78.28 -14.70 42.02
C MET B 257 78.01 -14.18 40.61
N GLY B 258 78.76 -14.70 39.64
CA GLY B 258 78.69 -14.21 38.28
C GLY B 258 77.39 -14.52 37.56
N ALA B 259 76.76 -15.63 37.92
CA ALA B 259 75.49 -16.00 37.28
C ALA B 259 74.37 -15.04 37.71
N TYR B 260 74.25 -14.85 39.03
CA TYR B 260 73.25 -13.94 39.59
C TYR B 260 73.50 -12.50 39.17
N LEU B 261 74.76 -12.06 39.20
CA LEU B 261 75.06 -10.67 38.84
C LEU B 261 74.81 -10.39 37.36
N SER B 262 74.99 -11.40 36.52
CA SER B 262 74.79 -11.24 35.07
C SER B 262 73.34 -10.96 34.70
N VAL B 263 72.41 -11.64 35.37
CA VAL B 263 70.99 -11.46 35.10
C VAL B 263 70.55 -10.02 35.36
N GLY B 264 71.10 -9.42 36.42
CA GLY B 264 70.73 -8.08 36.83
C GLY B 264 71.47 -6.94 36.15
N LYS B 265 72.45 -7.28 35.32
CA LYS B 265 73.29 -6.28 34.65
C LYS B 265 72.49 -5.22 33.89
N GLY B 266 71.41 -5.65 33.23
CA GLY B 266 70.62 -4.75 32.41
C GLY B 266 69.61 -3.95 33.19
N SER B 267 69.61 -4.09 34.51
CA SER B 267 68.63 -3.41 35.35
C SER B 267 69.15 -2.10 35.93
N MET B 268 68.23 -1.18 36.18
CA MET B 268 68.58 0.09 36.82
C MET B 268 68.64 -0.07 38.33
N TYR B 269 68.14 -1.20 38.82
CA TYR B 269 68.17 -1.52 40.24
C TYR B 269 69.29 -2.51 40.55
N PRO B 270 70.14 -2.16 41.53
CA PRO B 270 71.23 -3.04 41.97
C PRO B 270 70.72 -4.36 42.52
N ASN B 271 71.43 -5.45 42.24
CA ASN B 271 71.09 -6.74 42.82
C ASN B 271 71.12 -6.70 44.35
N LYS B 272 70.16 -7.38 44.97
CA LYS B 272 70.10 -7.45 46.43
C LYS B 272 69.82 -8.88 46.89
N PHE B 273 70.78 -9.47 47.60
CA PHE B 273 70.62 -10.84 48.08
C PHE B 273 70.05 -10.82 49.50
N ILE B 274 68.84 -11.35 49.65
CA ILE B 274 68.16 -11.36 50.94
C ILE B 274 68.55 -12.58 51.77
N HIS B 275 68.99 -12.34 53.00
CA HIS B 275 69.34 -13.41 53.92
C HIS B 275 68.76 -13.18 55.31
N LEU B 276 67.65 -13.85 55.59
CA LEU B 276 67.03 -13.83 56.93
C LEU B 276 67.35 -15.11 57.67
N THR B 277 67.49 -15.03 58.99
CA THR B 277 67.78 -16.22 59.78
C THR B 277 66.94 -16.33 61.05
N TYR B 278 66.29 -17.47 61.23
CA TYR B 278 65.66 -17.79 62.50
C TYR B 278 66.42 -18.89 63.23
N LYS B 279 66.81 -18.62 64.46
CA LYS B 279 67.49 -19.62 65.29
C LYS B 279 66.72 -19.85 66.58
N SER B 280 66.38 -21.11 66.84
CA SER B 280 65.72 -21.51 68.08
C SER B 280 66.51 -21.14 69.33
N LYS B 281 65.83 -21.15 70.48
CA LYS B 281 66.48 -20.83 71.75
C LYS B 281 67.26 -22.01 72.34
N GLY B 282 66.84 -23.23 72.01
CA GLY B 282 67.52 -24.41 72.52
C GLY B 282 68.51 -25.05 71.56
N ASP B 283 68.64 -26.38 71.68
CA ASP B 283 69.54 -27.14 70.84
C ASP B 283 68.99 -27.27 69.42
N VAL B 284 69.82 -26.96 68.42
CA VAL B 284 69.42 -27.07 67.02
C VAL B 284 69.63 -28.48 66.47
N LYS B 285 68.55 -29.11 66.01
CA LYS B 285 68.63 -30.48 65.50
C LYS B 285 68.57 -30.53 63.97
N LYS B 286 67.97 -29.51 63.37
CA LYS B 286 67.89 -29.43 61.91
C LYS B 286 68.17 -28.03 61.41
N LYS B 287 69.02 -27.93 60.38
CA LYS B 287 69.27 -26.65 59.73
C LYS B 287 68.69 -26.67 58.32
N ILE B 288 67.89 -25.66 58.01
CA ILE B 288 67.16 -25.62 56.74
C ILE B 288 67.39 -24.30 56.01
N ALA B 289 67.69 -24.39 54.72
CA ALA B 289 67.77 -23.21 53.87
C ALA B 289 66.58 -23.16 52.94
N LEU B 290 65.83 -22.06 53.00
CA LEU B 290 64.72 -21.85 52.08
C LEU B 290 65.14 -20.81 51.04
N VAL B 291 65.15 -21.22 49.78
CA VAL B 291 65.59 -20.36 48.68
C VAL B 291 64.42 -20.01 47.77
N GLY B 292 64.25 -18.73 47.50
CA GLY B 292 63.19 -18.29 46.62
C GLY B 292 63.68 -17.56 45.40
N LYS B 293 63.11 -17.88 44.24
CA LYS B 293 63.42 -17.14 43.03
C LYS B 293 62.86 -15.73 43.18
N GLY B 294 63.72 -14.73 42.95
CA GLY B 294 63.32 -13.35 43.17
C GLY B 294 63.56 -12.44 41.99
N ILE B 295 62.91 -12.74 40.87
CA ILE B 295 62.95 -11.85 39.71
C ILE B 295 61.73 -10.93 39.77
N THR B 296 61.96 -9.68 40.14
CA THR B 296 60.87 -8.74 40.39
C THR B 296 60.13 -8.42 39.09
N PHE B 297 60.84 -8.50 37.97
CA PHE B 297 60.19 -8.50 36.66
C PHE B 297 61.00 -9.28 35.63
N ASP B 298 60.33 -10.15 34.89
CA ASP B 298 60.99 -10.96 33.88
C ASP B 298 60.54 -10.56 32.48
N SER B 299 61.33 -9.69 31.86
CA SER B 299 61.05 -9.28 30.49
C SER B 299 61.53 -10.35 29.53
N GLY B 300 62.41 -11.22 30.03
CA GLY B 300 63.00 -12.27 29.22
C GLY B 300 64.40 -11.90 28.75
N GLY B 301 64.76 -10.64 28.92
CA GLY B 301 66.03 -10.14 28.42
C GLY B 301 66.01 -10.04 26.90
N TYR B 302 67.17 -10.21 26.27
CA TYR B 302 67.25 -10.14 24.82
C TYR B 302 66.48 -11.28 24.15
N ASN B 303 66.27 -12.37 24.89
CA ASN B 303 65.26 -13.36 24.50
C ASN B 303 63.91 -12.86 24.99
N LEU B 304 63.52 -11.69 24.48
CA LEU B 304 62.33 -11.00 24.93
C LEU B 304 61.09 -11.87 24.85
N LYS B 305 60.21 -11.72 25.83
CA LYS B 305 58.92 -12.40 25.80
C LYS B 305 58.02 -11.68 24.80
N ALA B 306 58.20 -11.98 23.53
CA ALA B 306 57.47 -11.30 22.47
C ALA B 306 56.55 -12.26 21.74
N ALA B 307 56.72 -13.55 22.01
CA ALA B 307 55.88 -14.58 21.40
C ALA B 307 54.43 -14.46 21.86
N PRO B 308 53.48 -14.78 20.98
CA PRO B 308 52.06 -14.73 21.32
C PRO B 308 51.74 -15.64 22.50
N GLY B 309 51.09 -15.09 23.52
CA GLY B 309 50.71 -15.88 24.67
C GLY B 309 51.83 -16.09 25.66
N SER B 310 52.87 -15.26 25.59
CA SER B 310 53.99 -15.37 26.53
C SER B 310 53.67 -14.62 27.81
N MET B 311 52.57 -13.85 27.76
CA MET B 311 52.01 -13.18 28.94
C MET B 311 53.04 -12.38 29.74
N ILE B 312 53.68 -11.42 29.07
CA ILE B 312 54.71 -10.61 29.72
C ILE B 312 54.17 -9.65 30.79
N ASP B 313 52.89 -9.28 30.68
CA ASP B 313 52.31 -8.29 31.61
C ASP B 313 52.01 -8.89 32.98
N LEU B 314 52.12 -10.21 33.08
CA LEU B 314 51.85 -10.89 34.34
C LEU B 314 53.15 -11.08 35.11
N MET B 315 54.27 -10.91 34.41
CA MET B 315 55.60 -11.34 34.88
C MET B 315 56.14 -10.60 36.10
N LYS B 316 55.28 -9.88 36.80
CA LYS B 316 55.63 -9.36 38.11
C LYS B 316 55.60 -10.50 39.13
N PHE B 317 54.83 -11.55 38.83
CA PHE B 317 54.74 -12.72 39.70
C PHE B 317 56.05 -13.49 39.83
N ASP B 318 57.03 -13.18 38.99
CA ASP B 318 58.23 -14.01 38.88
C ASP B 318 59.12 -13.96 40.13
N MET B 319 58.65 -13.29 41.18
CA MET B 319 59.34 -13.29 42.46
C MET B 319 58.48 -13.95 43.53
N SER B 320 57.54 -14.79 43.08
CA SER B 320 56.62 -15.50 43.96
C SER B 320 57.34 -16.44 44.92
N GLY B 321 58.45 -17.02 44.47
CA GLY B 321 59.22 -17.90 45.30
C GLY B 321 59.79 -17.15 46.48
N CYS B 322 60.32 -15.96 46.23
CA CYS B 322 60.83 -15.11 47.29
C CYS B 322 59.69 -14.71 48.24
N ALA B 323 58.53 -14.37 47.68
CA ALA B 323 57.38 -13.97 48.48
C ALA B 323 56.93 -15.13 49.37
N ALA B 324 56.94 -16.33 48.81
CA ALA B 324 56.57 -17.53 49.55
C ALA B 324 57.53 -17.74 50.73
N VAL B 325 58.81 -17.52 50.47
CA VAL B 325 59.84 -17.68 51.50
C VAL B 325 59.69 -16.62 52.59
N LEU B 326 59.39 -15.39 52.18
CA LEU B 326 59.18 -14.29 53.12
C LEU B 326 57.89 -14.50 53.92
N GLY B 327 56.87 -15.02 53.27
CA GLY B 327 55.61 -15.31 53.94
C GLY B 327 55.82 -16.39 54.98
N CYS B 328 56.72 -17.33 54.65
CA CYS B 328 57.11 -18.38 55.58
C CYS B 328 57.89 -17.81 56.75
N ALA B 329 58.76 -16.84 56.47
CA ALA B 329 59.55 -16.17 57.49
C ALA B 329 58.64 -15.54 58.55
N TYR B 330 57.52 -14.98 58.10
CA TYR B 330 56.54 -14.43 59.03
C TYR B 330 55.99 -15.51 59.95
N CYS B 331 55.54 -16.61 59.37
CA CYS B 331 54.91 -17.68 60.14
C CYS B 331 55.87 -18.33 61.13
N VAL B 332 57.09 -18.60 60.68
CA VAL B 332 58.11 -19.23 61.51
C VAL B 332 58.55 -18.29 62.63
N GLY B 333 58.78 -17.03 62.28
CA GLY B 333 59.17 -16.03 63.26
C GLY B 333 58.08 -15.77 64.29
N THR B 334 56.83 -16.02 63.91
CA THR B 334 55.70 -15.78 64.78
C THR B 334 55.40 -16.98 65.67
N LEU B 335 55.37 -18.16 65.07
CA LEU B 335 55.05 -19.37 65.80
C LEU B 335 56.23 -19.87 66.61
N LYS B 336 57.42 -19.43 66.22
CA LYS B 336 58.67 -19.75 66.92
C LYS B 336 58.85 -21.24 67.23
N PRO B 337 59.06 -22.06 66.19
CA PRO B 337 59.32 -23.48 66.46
C PRO B 337 60.67 -23.67 67.15
N GLU B 338 60.84 -24.79 67.85
CA GLU B 338 62.07 -25.03 68.59
C GLU B 338 62.96 -26.05 67.88
N ASN B 339 64.25 -26.03 68.22
CA ASN B 339 65.23 -27.01 67.75
C ASN B 339 65.48 -26.96 66.25
N VAL B 340 65.24 -25.80 65.66
CA VAL B 340 65.46 -25.63 64.23
C VAL B 340 66.13 -24.30 63.92
N GLU B 341 66.98 -24.30 62.89
CA GLU B 341 67.57 -23.07 62.40
C GLU B 341 67.29 -22.92 60.90
N ILE B 342 66.61 -21.84 60.53
CA ILE B 342 66.21 -21.65 59.14
C ILE B 342 66.84 -20.39 58.54
N HIS B 343 67.41 -20.54 57.35
CA HIS B 343 67.93 -19.41 56.59
C HIS B 343 66.99 -19.13 55.42
N PHE B 344 66.52 -17.90 55.34
CA PHE B 344 65.61 -17.50 54.27
C PHE B 344 66.39 -16.72 53.22
N LEU B 345 66.54 -17.32 52.04
CA LEU B 345 67.40 -16.76 51.01
C LEU B 345 66.64 -16.37 49.74
N SER B 346 67.11 -15.31 49.10
CA SER B 346 66.61 -14.92 47.79
C SER B 346 67.62 -14.05 47.05
N ALA B 347 68.05 -14.50 45.88
CA ALA B 347 68.89 -13.68 45.02
C ALA B 347 68.00 -12.80 44.16
N VAL B 348 67.73 -11.59 44.64
CA VAL B 348 66.76 -10.72 44.00
C VAL B 348 67.40 -9.81 42.96
N CYS B 349 66.79 -9.78 41.78
CA CYS B 349 67.22 -8.88 40.71
C CYS B 349 66.10 -8.72 39.70
N GLU B 350 66.41 -8.06 38.59
CA GLU B 350 65.42 -7.78 37.55
C GLU B 350 66.01 -8.11 36.18
N ASN B 351 65.22 -8.78 35.34
CA ASN B 351 65.69 -9.19 34.02
C ASN B 351 65.18 -8.26 32.92
N MET B 352 66.03 -7.32 32.49
CA MET B 352 65.60 -6.24 31.61
C MET B 352 66.40 -6.17 30.31
N VAL B 353 65.90 -5.40 29.35
CA VAL B 353 66.60 -5.18 28.09
C VAL B 353 67.30 -3.83 28.10
N SER B 354 68.61 -3.84 27.90
CA SER B 354 69.40 -2.65 28.02
C SER B 354 70.72 -2.82 27.28
N LYS B 355 71.48 -1.74 27.15
CA LYS B 355 72.82 -1.82 26.58
C LYS B 355 73.73 -2.64 27.50
N ASN B 356 73.34 -2.74 28.77
CA ASN B 356 74.16 -3.40 29.78
C ASN B 356 73.74 -4.84 30.06
N SER B 357 72.67 -5.29 29.40
CA SER B 357 72.14 -6.63 29.61
C SER B 357 73.11 -7.71 29.17
N TYR B 358 73.06 -8.87 29.80
CA TYR B 358 73.83 -10.02 29.34
C TYR B 358 73.18 -10.57 28.06
N ARG B 359 74.00 -11.07 27.14
CA ARG B 359 73.52 -11.51 25.83
C ARG B 359 73.37 -13.03 25.72
N PRO B 360 72.51 -13.49 24.81
CA PRO B 360 72.48 -14.90 24.44
C PRO B 360 73.83 -15.34 23.89
N GLY B 361 74.39 -16.43 24.41
CA GLY B 361 75.69 -16.90 23.96
C GLY B 361 76.79 -16.63 24.96
N ASP B 362 76.55 -15.67 25.85
CA ASP B 362 77.53 -15.30 26.89
C ASP B 362 77.91 -16.48 27.78
N ILE B 363 79.20 -16.53 28.13
CA ILE B 363 79.67 -17.51 29.11
C ILE B 363 80.00 -16.80 30.42
N ILE B 364 79.36 -17.24 31.49
CA ILE B 364 79.49 -16.61 32.80
C ILE B 364 79.94 -17.64 33.82
N THR B 365 80.58 -17.18 34.88
CA THR B 365 81.15 -18.10 35.88
C THR B 365 80.39 -18.03 37.20
N ALA B 366 79.88 -19.17 37.63
CA ALA B 366 79.15 -19.27 38.90
C ALA B 366 80.10 -19.22 40.09
N SER B 367 79.54 -19.02 41.28
CA SER B 367 80.33 -18.90 42.50
C SER B 367 81.06 -20.19 42.87
N ASN B 368 80.70 -21.30 42.22
CA ASN B 368 81.40 -22.56 42.46
C ASN B 368 82.42 -22.82 41.35
N GLY B 369 82.65 -21.82 40.51
CA GLY B 369 83.68 -21.91 39.48
C GLY B 369 83.21 -22.46 38.15
N LYS B 370 82.03 -23.08 38.14
CA LYS B 370 81.49 -23.64 36.90
C LYS B 370 81.10 -22.57 35.90
N THR B 371 81.58 -22.71 34.67
CA THR B 371 81.23 -21.79 33.60
C THR B 371 79.94 -22.22 32.93
N ILE B 372 79.09 -21.25 32.62
CA ILE B 372 77.76 -21.53 32.07
C ILE B 372 77.54 -20.78 30.77
N GLU B 373 77.16 -21.50 29.73
CA GLU B 373 76.85 -20.86 28.45
C GLU B 373 75.37 -20.53 28.35
N VAL B 374 75.06 -19.24 28.24
CA VAL B 374 73.68 -18.77 28.14
C VAL B 374 73.10 -19.02 26.75
N GLY B 375 72.08 -19.88 26.69
CA GLY B 375 71.41 -20.16 25.44
C GLY B 375 70.11 -19.39 25.31
N ASN B 376 69.62 -18.88 26.43
CA ASN B 376 68.36 -18.17 26.48
C ASN B 376 68.29 -17.28 27.70
N THR B 377 68.24 -15.96 27.50
CA THR B 377 68.24 -15.02 28.61
C THR B 377 66.95 -15.09 29.44
N ASP B 378 65.93 -15.74 28.90
CA ASP B 378 64.65 -15.85 29.60
C ASP B 378 64.65 -17.05 30.56
N ALA B 379 65.71 -17.85 30.50
CA ALA B 379 65.91 -18.89 31.49
C ALA B 379 66.83 -18.35 32.59
N GLU B 380 66.47 -17.18 33.12
CA GLU B 380 67.33 -16.46 34.04
C GLU B 380 67.19 -16.93 35.48
N GLY B 381 66.06 -17.55 35.80
CA GLY B 381 65.78 -17.98 37.16
C GLY B 381 66.80 -18.98 37.68
N ARG B 382 67.13 -19.96 36.85
CA ARG B 382 68.07 -21.02 37.24
C ARG B 382 69.48 -20.46 37.43
N LEU B 383 69.78 -19.34 36.79
CA LEU B 383 71.08 -18.70 36.94
C LEU B 383 71.21 -18.03 38.32
N THR B 384 70.16 -17.32 38.73
CA THR B 384 70.16 -16.69 40.04
C THR B 384 70.11 -17.75 41.12
N LEU B 385 69.34 -18.81 40.87
CA LEU B 385 69.22 -19.91 41.81
C LEU B 385 70.54 -20.65 41.97
N ALA B 386 71.29 -20.77 40.88
CA ALA B 386 72.58 -21.46 40.90
C ALA B 386 73.51 -20.88 41.96
N ASP B 387 73.70 -19.57 41.93
CA ASP B 387 74.55 -18.89 42.90
C ASP B 387 73.92 -18.93 44.30
N ALA B 388 72.59 -18.87 44.35
CA ALA B 388 71.87 -18.95 45.62
C ALA B 388 72.01 -20.33 46.26
N LEU B 389 71.97 -21.36 45.42
CA LEU B 389 72.09 -22.73 45.91
C LEU B 389 73.50 -23.00 46.42
N VAL B 390 74.49 -22.42 45.76
CA VAL B 390 75.87 -22.52 46.20
C VAL B 390 76.05 -21.84 47.55
N TYR B 391 75.45 -20.66 47.68
CA TYR B 391 75.46 -19.90 48.93
C TYR B 391 74.81 -20.70 50.05
N ALA B 392 73.70 -21.36 49.73
CA ALA B 392 72.95 -22.15 50.69
C ALA B 392 73.78 -23.32 51.21
N GLU B 393 74.46 -24.03 50.32
CA GLU B 393 75.22 -25.21 50.70
C GLU B 393 76.43 -24.79 51.55
N LYS B 394 76.91 -23.58 51.33
CA LYS B 394 78.02 -23.04 52.11
C LYS B 394 77.63 -22.78 53.56
N LEU B 395 76.33 -22.68 53.83
CA LEU B 395 75.83 -22.46 55.18
C LEU B 395 75.90 -23.72 56.03
N GLY B 396 76.08 -24.87 55.38
CA GLY B 396 76.16 -26.14 56.08
C GLY B 396 74.83 -26.54 56.69
N VAL B 397 73.83 -26.73 55.83
CA VAL B 397 72.50 -27.10 56.29
C VAL B 397 72.21 -28.58 56.01
N ASP B 398 71.10 -29.06 56.55
CA ASP B 398 70.67 -30.44 56.34
C ASP B 398 69.79 -30.55 55.11
N TYR B 399 68.91 -29.56 54.93
CA TYR B 399 67.98 -29.53 53.81
C TYR B 399 68.04 -28.21 53.05
N ILE B 400 68.07 -28.28 51.73
CA ILE B 400 67.89 -27.12 50.88
C ILE B 400 66.62 -27.26 50.05
N VAL B 401 65.66 -26.36 50.27
CA VAL B 401 64.44 -26.35 49.47
C VAL B 401 64.27 -25.03 48.74
N ASP B 402 64.19 -25.09 47.42
CA ASP B 402 63.94 -23.89 46.63
C ASP B 402 62.55 -23.93 46.03
N ILE B 403 61.94 -22.75 45.89
CA ILE B 403 60.60 -22.65 45.34
C ILE B 403 60.62 -21.51 44.31
N ALA B 404 60.12 -21.79 43.10
CA ALA B 404 60.34 -20.88 41.99
C ALA B 404 59.30 -20.98 40.89
N THR B 405 59.00 -19.83 40.29
CA THR B 405 58.22 -19.80 39.06
C THR B 405 59.16 -20.03 37.88
N LEU B 406 59.61 -21.27 37.74
CA LEU B 406 60.75 -21.54 36.87
C LEU B 406 60.41 -21.81 35.42
N THR B 407 59.46 -22.71 35.17
CA THR B 407 59.19 -23.14 33.80
C THR B 407 57.70 -23.13 33.42
N GLY B 408 57.41 -22.56 32.25
CA GLY B 408 56.05 -22.53 31.72
C GLY B 408 55.50 -23.89 31.37
N ALA B 409 56.39 -24.88 31.21
CA ALA B 409 56.00 -26.24 30.89
C ALA B 409 55.12 -26.86 31.98
N MET B 410 55.19 -26.31 33.19
CA MET B 410 54.39 -26.80 34.29
C MET B 410 52.90 -26.73 34.01
N LEU B 411 52.49 -25.78 33.17
CA LEU B 411 51.09 -25.65 32.81
C LEU B 411 50.63 -26.85 31.97
N TYR B 412 51.58 -27.48 31.29
CA TYR B 412 51.28 -28.60 30.42
C TYR B 412 51.44 -29.95 31.12
N SER B 413 52.08 -29.93 32.29
CA SER B 413 52.33 -31.18 33.01
C SER B 413 51.33 -31.38 34.15
N LEU B 414 51.25 -30.40 35.04
CA LEU B 414 50.37 -30.52 36.20
C LEU B 414 49.25 -29.48 36.17
N GLY B 415 49.41 -28.44 35.36
CA GLY B 415 48.39 -27.43 35.24
C GLY B 415 48.49 -26.37 36.32
N THR B 416 47.33 -25.91 36.80
CA THR B 416 47.28 -24.76 37.70
C THR B 416 46.98 -25.10 39.16
N SER B 417 46.77 -26.37 39.48
CA SER B 417 46.43 -26.76 40.84
C SER B 417 47.60 -27.39 41.58
N TYR B 418 48.34 -28.24 40.89
CA TYR B 418 49.43 -28.98 41.53
C TYR B 418 50.79 -28.45 41.13
N ALA B 419 51.61 -28.10 42.11
CA ALA B 419 53.00 -27.75 41.84
C ALA B 419 53.80 -29.03 41.75
N GLY B 420 54.94 -28.97 41.06
CA GLY B 420 55.80 -30.13 40.94
C GLY B 420 57.01 -30.03 41.84
N VAL B 421 57.41 -31.15 42.43
CA VAL B 421 58.61 -31.17 43.25
C VAL B 421 59.65 -32.12 42.67
N PHE B 422 60.89 -31.64 42.62
CA PHE B 422 62.01 -32.42 42.14
C PHE B 422 63.04 -32.48 43.25
N GLY B 423 63.91 -33.49 43.22
CA GLY B 423 64.93 -33.58 44.26
C GLY B 423 65.99 -34.64 44.04
N ASN B 424 67.03 -34.57 44.87
CA ASN B 424 68.12 -35.55 44.82
C ASN B 424 68.05 -36.50 46.01
N ASN B 425 66.99 -36.37 46.81
CA ASN B 425 66.85 -37.12 48.04
C ASN B 425 65.39 -37.49 48.31
N GLU B 426 65.13 -38.80 48.41
CA GLU B 426 63.77 -39.31 48.52
C GLU B 426 63.13 -38.97 49.87
N GLU B 427 63.96 -38.97 50.91
CA GLU B 427 63.49 -38.65 52.25
C GLU B 427 62.96 -37.23 52.31
N LEU B 428 63.71 -36.29 51.74
CA LEU B 428 63.31 -34.90 51.70
C LEU B 428 62.04 -34.72 50.89
N ILE B 429 61.98 -35.42 49.76
CA ILE B 429 60.80 -35.40 48.89
C ILE B 429 59.59 -35.88 49.67
N ASN B 430 59.79 -36.92 50.47
CA ASN B 430 58.71 -37.47 51.29
C ASN B 430 58.21 -36.47 52.32
N LYS B 431 59.13 -35.69 52.87
CA LYS B 431 58.77 -34.64 53.82
C LYS B 431 57.97 -33.54 53.15
N ILE B 432 58.39 -33.16 51.94
CA ILE B 432 57.69 -32.13 51.17
C ILE B 432 56.27 -32.59 50.81
N LEU B 433 56.16 -33.84 50.39
CA LEU B 433 54.86 -34.39 50.04
C LEU B 433 53.94 -34.48 51.26
N GLN B 434 54.51 -34.85 52.40
CA GLN B 434 53.76 -34.90 53.65
C GLN B 434 53.27 -33.50 54.02
N SER B 435 54.14 -32.52 53.88
CA SER B 435 53.78 -31.13 54.17
C SER B 435 52.67 -30.65 53.25
N SER B 436 52.65 -31.16 52.03
CA SER B 436 51.60 -30.81 51.07
C SER B 436 50.23 -31.26 51.55
N LYS B 437 50.17 -32.45 52.14
CA LYS B 437 48.92 -32.98 52.65
C LYS B 437 48.36 -32.16 53.80
N THR B 438 49.22 -31.83 54.75
CA THR B 438 48.76 -31.19 55.99
C THR B 438 48.54 -29.68 55.79
N SER B 439 49.23 -29.10 54.83
CA SER B 439 49.07 -27.68 54.52
C SER B 439 47.97 -27.48 53.46
N ASN B 440 47.59 -28.58 52.83
CA ASN B 440 46.62 -28.59 51.75
C ASN B 440 47.02 -27.71 50.56
N GLU B 441 48.32 -27.60 50.31
CA GLU B 441 48.81 -27.03 49.07
C GLU B 441 49.37 -28.16 48.22
N PRO B 442 48.58 -28.59 47.22
CA PRO B 442 48.83 -29.83 46.48
C PRO B 442 50.12 -29.80 45.67
N VAL B 443 50.94 -30.83 45.85
CA VAL B 443 52.22 -30.95 45.16
C VAL B 443 52.38 -32.37 44.64
N TRP B 444 52.92 -32.52 43.44
CA TRP B 444 53.16 -33.83 42.86
C TRP B 444 54.63 -34.04 42.56
N TRP B 445 55.11 -35.25 42.83
CA TRP B 445 56.51 -35.60 42.63
C TRP B 445 56.82 -35.88 41.16
N LEU B 446 57.78 -35.13 40.61
CA LEU B 446 58.24 -35.35 39.24
C LEU B 446 59.70 -35.79 39.26
N PRO B 447 60.10 -36.59 38.24
CA PRO B 447 61.43 -37.18 38.23
C PRO B 447 62.52 -36.30 37.66
N ILE B 448 63.74 -36.43 38.15
CA ILE B 448 64.91 -35.85 37.50
C ILE B 448 65.54 -36.92 36.62
N ILE B 449 65.24 -36.86 35.34
CA ILE B 449 65.67 -37.90 34.40
C ILE B 449 67.08 -37.64 33.90
N ASN B 450 68.02 -38.46 34.35
CA ASN B 450 69.44 -38.25 34.07
C ASN B 450 69.82 -38.41 32.61
N GLU B 451 68.97 -39.08 31.84
CA GLU B 451 69.26 -39.29 30.42
C GLU B 451 69.26 -37.96 29.64
N TYR B 452 68.61 -36.95 30.18
CA TYR B 452 68.54 -35.66 29.50
C TYR B 452 69.76 -34.78 29.82
N ARG B 453 70.53 -35.20 30.81
CA ARG B 453 71.69 -34.44 31.29
C ARG B 453 72.72 -34.17 30.17
N ALA B 454 72.85 -35.10 29.23
CA ALA B 454 73.84 -34.99 28.19
C ALA B 454 73.57 -33.81 27.25
N THR B 455 72.32 -33.35 27.23
CA THR B 455 71.94 -32.21 26.40
C THR B 455 72.39 -30.89 27.01
N LEU B 456 72.89 -30.95 28.24
CA LEU B 456 73.41 -29.77 28.92
C LEU B 456 74.92 -29.68 28.73
N ASN B 457 75.46 -30.60 27.94
CA ASN B 457 76.88 -30.58 27.63
C ASN B 457 77.22 -29.44 26.68
N SER B 458 77.95 -28.45 27.19
CA SER B 458 78.34 -27.30 26.36
C SER B 458 79.66 -27.59 25.66
N LYS B 459 79.81 -27.07 24.45
CA LYS B 459 81.06 -27.25 23.72
C LYS B 459 82.21 -26.46 24.33
N TYR B 460 81.90 -25.30 24.89
CA TYR B 460 82.95 -24.39 25.36
C TYR B 460 82.95 -24.17 26.87
N ALA B 461 81.76 -24.04 27.46
CA ALA B 461 81.64 -23.86 28.90
C ALA B 461 81.57 -25.22 29.59
N ASP B 462 81.52 -25.21 30.91
CA ASP B 462 81.36 -26.46 31.67
C ASP B 462 79.99 -27.06 31.42
N ILE B 463 78.99 -26.20 31.28
CA ILE B 463 77.62 -26.66 31.14
C ILE B 463 76.76 -25.67 30.37
N ASN B 464 75.73 -26.19 29.69
CA ASN B 464 74.73 -25.34 29.06
C ASN B 464 73.69 -24.89 30.08
N GLN B 465 73.17 -23.69 29.88
CA GLN B 465 72.09 -23.18 30.70
C GLN B 465 70.80 -23.92 30.38
N ILE B 466 70.55 -24.12 29.09
CA ILE B 466 69.35 -24.78 28.63
C ILE B 466 69.66 -25.92 27.67
N SER B 467 68.67 -26.77 27.45
CA SER B 467 68.83 -27.84 26.48
C SER B 467 68.46 -27.36 25.08
N SER B 468 68.86 -28.14 24.08
CA SER B 468 68.55 -27.82 22.68
C SER B 468 67.63 -28.91 22.13
N SER B 469 68.09 -30.14 22.24
CA SER B 469 67.40 -31.32 21.76
C SER B 469 66.08 -31.55 22.45
N VAL B 470 66.09 -31.51 23.78
CA VAL B 470 64.99 -32.03 24.57
C VAL B 470 64.05 -30.94 25.06
N LYS B 471 62.74 -31.19 24.92
CA LYS B 471 61.74 -30.34 25.53
C LYS B 471 61.74 -30.62 27.04
N ALA B 472 60.57 -30.69 27.65
CA ALA B 472 60.44 -31.04 29.07
C ALA B 472 61.41 -30.20 29.89
N SER B 473 61.17 -28.89 29.87
CA SER B 473 62.08 -27.90 30.45
C SER B 473 62.20 -28.02 31.95
N SER B 474 61.11 -28.40 32.60
CA SER B 474 61.06 -28.46 34.06
C SER B 474 62.05 -29.49 34.58
N ILE B 475 62.19 -30.59 33.87
CA ILE B 475 63.14 -31.64 34.25
C ILE B 475 64.56 -31.20 33.93
N VAL B 476 64.73 -30.59 32.75
CA VAL B 476 66.03 -30.09 32.32
C VAL B 476 66.54 -29.00 33.27
N ALA B 477 65.65 -28.10 33.66
CA ALA B 477 66.00 -27.03 34.60
C ALA B 477 66.42 -27.63 35.93
N SER B 478 65.76 -28.72 36.32
CA SER B 478 66.09 -29.44 37.55
C SER B 478 67.47 -30.07 37.45
N LEU B 479 67.79 -30.60 36.27
CA LEU B 479 69.10 -31.18 36.01
C LEU B 479 70.19 -30.13 36.13
N PHE B 480 69.89 -28.91 35.69
CA PHE B 480 70.82 -27.79 35.82
C PHE B 480 71.10 -27.46 37.29
N LEU B 481 70.02 -27.25 38.05
CA LEU B 481 70.10 -26.87 39.46
C LEU B 481 70.88 -27.91 40.26
N LYS B 482 70.67 -29.17 39.91
CA LYS B 482 71.32 -30.30 40.59
C LYS B 482 72.85 -30.20 40.53
N GLU B 483 73.36 -29.58 39.46
CA GLU B 483 74.80 -29.39 39.28
C GLU B 483 75.40 -28.41 40.28
N PHE B 484 74.56 -27.72 41.03
CA PHE B 484 75.03 -26.69 41.95
C PHE B 484 74.78 -27.08 43.41
N VAL B 485 74.44 -28.35 43.63
CA VAL B 485 74.37 -28.93 44.97
C VAL B 485 75.21 -30.20 44.99
N GLN B 486 76.32 -30.18 45.70
CA GLN B 486 77.31 -31.25 45.58
C GLN B 486 77.07 -32.43 46.52
N ASN B 487 76.74 -32.16 47.79
CA ASN B 487 76.56 -33.24 48.75
C ASN B 487 75.55 -32.90 49.84
N THR B 488 74.41 -32.33 49.45
CA THR B 488 73.36 -31.99 50.40
C THR B 488 71.97 -32.35 49.88
N ALA B 489 71.10 -32.83 50.77
CA ALA B 489 69.72 -33.13 50.41
C ALA B 489 69.01 -31.88 49.91
N TRP B 490 68.48 -31.96 48.69
CA TRP B 490 67.91 -30.80 48.03
C TRP B 490 66.62 -31.12 47.28
N ALA B 491 65.66 -30.21 47.37
CA ALA B 491 64.40 -30.35 46.67
C ALA B 491 64.01 -29.03 46.02
N HIS B 492 63.32 -29.13 44.90
CA HIS B 492 62.99 -27.96 44.09
C HIS B 492 61.50 -27.99 43.74
N ILE B 493 60.80 -26.93 44.13
CA ILE B 493 59.36 -26.85 43.88
C ILE B 493 59.04 -25.81 42.80
N ASP B 494 58.53 -26.27 41.66
CA ASP B 494 58.21 -25.38 40.55
C ASP B 494 56.77 -24.93 40.64
N ILE B 495 56.55 -23.65 40.93
CA ILE B 495 55.21 -23.13 41.15
C ILE B 495 54.80 -22.16 40.04
N ALA B 496 55.45 -22.28 38.88
CA ALA B 496 55.16 -21.42 37.75
C ALA B 496 53.70 -21.55 37.30
N GLY B 497 53.13 -22.74 37.47
CA GLY B 497 51.77 -22.99 37.05
C GLY B 497 50.72 -22.63 38.09
N VAL B 498 51.05 -22.75 39.36
CA VAL B 498 50.06 -22.59 40.42
C VAL B 498 50.12 -21.25 41.16
N SER B 499 51.14 -20.46 40.89
CA SER B 499 51.36 -19.21 41.63
C SER B 499 50.24 -18.20 41.44
N TRP B 500 49.80 -18.01 40.20
CA TRP B 500 48.77 -17.03 39.90
C TRP B 500 47.39 -17.67 39.70
N ASN B 501 46.38 -17.09 40.33
CA ASN B 501 45.01 -17.53 40.14
C ASN B 501 44.40 -16.76 38.98
N PHE B 502 44.44 -17.35 37.80
CA PHE B 502 44.02 -16.67 36.57
C PHE B 502 42.53 -16.36 36.56
N LYS B 503 41.73 -17.23 37.17
CA LYS B 503 40.29 -17.03 37.25
C LYS B 503 39.94 -15.85 38.15
N ALA B 504 40.60 -15.77 39.30
CA ALA B 504 40.34 -14.70 40.27
C ALA B 504 41.22 -13.48 40.03
N ARG B 505 42.17 -13.61 39.10
CA ARG B 505 43.08 -12.53 38.72
C ARG B 505 43.88 -12.01 39.90
N LYS B 506 44.46 -12.91 40.68
CA LYS B 506 45.23 -12.54 41.87
C LYS B 506 46.19 -13.65 42.26
N PRO B 507 47.22 -13.34 43.06
CA PRO B 507 48.12 -14.41 43.50
C PRO B 507 47.44 -15.38 44.46
N LYS B 508 48.02 -16.56 44.63
CA LYS B 508 47.53 -17.52 45.60
C LYS B 508 48.35 -17.47 46.88
N GLY B 509 49.55 -16.91 46.79
CA GLY B 509 50.51 -16.96 47.88
C GLY B 509 50.92 -18.40 48.12
N PHE B 510 51.00 -19.17 47.03
CA PHE B 510 51.25 -20.60 47.10
C PHE B 510 52.65 -20.89 47.66
N GLY B 511 52.72 -21.80 48.61
CA GLY B 511 54.00 -22.24 49.12
C GLY B 511 54.26 -21.84 50.56
N VAL B 512 53.59 -20.78 51.01
CA VAL B 512 53.77 -20.30 52.38
C VAL B 512 53.42 -21.36 53.41
N ARG B 513 52.21 -21.90 53.31
CA ARG B 513 51.73 -22.89 54.28
C ARG B 513 52.49 -24.21 54.14
N LEU B 514 52.82 -24.55 52.89
CA LEU B 514 53.61 -25.75 52.60
C LEU B 514 54.97 -25.73 53.29
N LEU B 515 55.69 -24.64 53.12
CA LEU B 515 57.03 -24.50 53.70
C LEU B 515 56.99 -24.40 55.22
N THR B 516 55.96 -23.78 55.76
CA THR B 516 55.84 -23.62 57.20
C THR B 516 55.59 -24.96 57.89
N GLU B 517 54.68 -25.74 57.31
CA GLU B 517 54.41 -27.08 57.80
C GLU B 517 55.67 -27.92 57.72
N PHE B 518 56.45 -27.68 56.68
CA PHE B 518 57.71 -28.38 56.50
C PHE B 518 58.67 -28.04 57.62
N VAL B 519 58.73 -26.76 57.97
CA VAL B 519 59.59 -26.28 59.04
C VAL B 519 59.08 -26.71 60.42
N LEU B 520 57.77 -26.67 60.60
CA LEU B 520 57.18 -26.98 61.90
C LEU B 520 57.23 -28.47 62.20
N ASN B 521 56.84 -29.27 61.22
CA ASN B 521 56.76 -30.72 61.40
C ASN B 521 58.02 -31.41 60.94
N SER C 5 91.11 1.48 24.69
CA SER C 5 91.84 0.31 25.17
C SER C 5 91.27 -0.25 26.46
N GLU C 6 90.71 0.60 27.32
CA GLU C 6 90.10 0.09 28.55
C GLU C 6 88.69 -0.39 28.27
N VAL C 7 88.44 -1.67 28.58
CA VAL C 7 87.13 -2.26 28.35
C VAL C 7 86.19 -1.88 29.48
N PRO C 8 85.04 -1.27 29.13
CA PRO C 8 84.05 -0.91 30.15
C PRO C 8 83.40 -2.15 30.77
N GLN C 9 83.02 -2.05 32.05
CA GLN C 9 82.40 -3.16 32.77
C GLN C 9 81.12 -2.71 33.45
N VAL C 10 80.15 -3.62 33.54
CA VAL C 10 78.95 -3.38 34.33
C VAL C 10 79.22 -3.84 35.76
N VAL C 11 79.81 -5.02 35.89
CA VAL C 11 80.26 -5.53 37.18
C VAL C 11 81.74 -5.88 37.07
N SER C 12 82.39 -6.07 38.22
CA SER C 12 83.84 -6.36 38.23
C SER C 12 84.13 -7.76 37.69
N LEU C 13 83.10 -8.59 37.60
CA LEU C 13 83.28 -9.97 37.12
C LEU C 13 83.24 -10.03 35.60
N ASP C 14 82.91 -8.91 34.95
CA ASP C 14 82.92 -8.84 33.49
C ASP C 14 84.35 -8.92 32.98
N PRO C 15 84.60 -9.83 32.02
CA PRO C 15 85.93 -9.99 31.44
C PRO C 15 86.34 -8.74 30.66
N THR C 16 87.64 -8.46 30.63
CA THR C 16 88.12 -7.24 29.99
C THR C 16 89.06 -7.55 28.84
N SER C 17 89.15 -8.83 28.48
CA SER C 17 89.95 -9.22 27.33
C SER C 17 89.53 -10.59 26.82
N ILE C 18 89.82 -10.85 25.54
CA ILE C 18 89.58 -12.15 24.94
C ILE C 18 90.74 -13.09 25.25
N PRO C 19 90.45 -14.20 25.92
CA PRO C 19 91.50 -15.19 26.13
C PRO C 19 91.96 -15.78 24.79
N ILE C 20 93.26 -15.68 24.51
CA ILE C 20 93.82 -16.18 23.26
C ILE C 20 95.00 -17.10 23.49
N GLU C 21 94.93 -18.30 22.91
CA GLU C 21 96.03 -19.25 22.95
C GLU C 21 96.88 -19.12 21.68
N TYR C 22 98.10 -18.64 21.82
CA TYR C 22 99.01 -18.50 20.68
C TYR C 22 99.86 -19.75 20.52
N ASN C 23 100.40 -20.23 21.62
CA ASN C 23 101.21 -21.45 21.61
C ASN C 23 100.34 -22.67 21.86
N THR C 24 99.92 -23.30 20.78
CA THR C 24 99.04 -24.46 20.87
C THR C 24 99.89 -25.73 20.89
N PRO C 25 99.30 -26.83 21.41
CA PRO C 25 99.99 -28.12 21.37
C PRO C 25 100.40 -28.53 19.95
N ILE C 26 99.65 -28.06 18.95
CA ILE C 26 99.96 -28.33 17.56
C ILE C 26 101.34 -27.78 17.18
N HIS C 27 101.68 -26.63 17.75
CA HIS C 27 102.96 -25.99 17.47
C HIS C 27 104.13 -26.74 18.09
N ASP C 28 103.83 -27.64 19.02
CA ASP C 28 104.86 -28.41 19.70
C ASP C 28 105.12 -29.75 19.02
N ILE C 29 104.40 -30.02 17.95
CA ILE C 29 104.55 -31.27 17.22
C ILE C 29 105.69 -31.20 16.19
N LYS C 30 106.71 -32.04 16.38
CA LYS C 30 107.79 -32.14 15.40
C LYS C 30 107.32 -32.97 14.22
N VAL C 31 107.34 -32.36 13.03
CA VAL C 31 106.83 -33.01 11.82
C VAL C 31 107.95 -33.40 10.85
N GLN C 32 107.99 -34.68 10.49
CA GLN C 32 108.99 -35.19 9.56
C GLN C 32 108.36 -35.85 8.33
N VAL C 33 108.88 -35.52 7.16
CA VAL C 33 108.40 -36.13 5.92
C VAL C 33 109.47 -37.02 5.29
N TYR C 34 109.13 -38.28 5.07
CA TYR C 34 110.04 -39.24 4.47
C TYR C 34 109.51 -39.71 3.13
N ASP C 35 110.39 -40.18 2.25
CA ASP C 35 109.95 -40.70 0.96
C ASP C 35 109.48 -42.14 1.11
N ILE C 36 108.34 -42.44 0.48
CA ILE C 36 107.69 -43.74 0.63
C ILE C 36 108.46 -44.85 -0.09
N LYS C 37 109.32 -44.47 -1.03
CA LYS C 37 110.12 -45.44 -1.76
C LYS C 37 111.25 -46.00 -0.89
N GLY C 38 111.52 -45.34 0.24
CA GLY C 38 112.57 -45.77 1.13
C GLY C 38 112.10 -46.79 2.16
N GLY C 39 110.81 -47.12 2.13
CA GLY C 39 110.23 -48.05 3.08
C GLY C 39 109.84 -47.37 4.37
N CYS C 40 108.93 -47.99 5.12
CA CYS C 40 108.44 -47.39 6.36
C CYS C 40 109.00 -48.08 7.60
N ASN C 41 109.38 -47.27 8.58
CA ASN C 41 109.76 -47.82 9.87
C ASN C 41 108.54 -47.74 10.76
N VAL C 42 108.11 -48.87 11.29
CA VAL C 42 106.95 -48.91 12.17
C VAL C 42 107.41 -49.26 13.58
N GLU C 43 107.70 -48.24 14.38
CA GLU C 43 108.26 -48.45 15.71
C GLU C 43 107.28 -48.08 16.83
N GLU C 44 107.27 -46.80 17.20
CA GLU C 44 106.38 -46.31 18.25
C GLU C 44 105.10 -45.65 17.74
N GLY C 45 104.18 -45.39 18.67
CA GLY C 45 102.96 -44.67 18.39
C GLY C 45 101.98 -45.42 17.49
N LEU C 46 101.18 -44.66 16.74
CA LEU C 46 100.18 -45.24 15.84
C LEU C 46 100.56 -44.95 14.38
N THR C 47 100.56 -45.99 13.55
CA THR C 47 100.89 -45.83 12.14
C THR C 47 99.66 -46.12 11.26
N ILE C 48 99.21 -45.11 10.54
CA ILE C 48 98.00 -45.22 9.73
C ILE C 48 98.28 -45.13 8.24
N PHE C 49 97.76 -46.10 7.50
CA PHE C 49 97.87 -46.10 6.04
C PHE C 49 96.61 -45.52 5.40
N LEU C 50 96.81 -44.53 4.52
CA LEU C 50 95.68 -44.02 3.74
C LEU C 50 95.61 -44.80 2.44
N VAL C 51 94.62 -45.68 2.34
CA VAL C 51 94.54 -46.60 1.21
C VAL C 51 93.20 -46.50 0.48
N ASN C 52 93.25 -46.71 -0.83
CA ASN C 52 92.03 -46.79 -1.63
C ASN C 52 92.04 -48.04 -2.50
N ASN C 53 90.99 -48.19 -3.30
CA ASN C 53 90.89 -49.27 -4.27
C ASN C 53 90.08 -48.80 -5.47
N PRO C 54 90.77 -48.33 -6.51
CA PRO C 54 90.05 -47.79 -7.67
C PRO C 54 89.09 -48.78 -8.32
N GLY C 55 88.17 -48.26 -9.13
CA GLY C 55 87.13 -49.03 -9.80
C GLY C 55 86.43 -50.13 -8.99
N LYS C 56 86.59 -50.11 -7.68
CA LYS C 56 86.02 -51.15 -6.82
C LYS C 56 85.15 -50.55 -5.71
N GLU C 57 83.85 -50.80 -5.75
CA GLU C 57 82.93 -50.25 -4.76
C GLU C 57 83.07 -51.03 -3.46
N ASN C 58 83.92 -50.49 -2.58
CA ASN C 58 84.33 -51.11 -1.31
C ASN C 58 85.20 -52.31 -1.62
N GLY C 59 86.39 -52.05 -2.17
CA GLY C 59 87.30 -53.10 -2.55
C GLY C 59 88.14 -53.52 -1.35
N PRO C 60 88.90 -54.61 -1.51
CA PRO C 60 89.73 -55.11 -0.41
C PRO C 60 90.89 -54.16 -0.10
N VAL C 61 91.38 -54.20 1.12
CA VAL C 61 92.54 -53.40 1.50
C VAL C 61 93.83 -54.10 1.08
N LYS C 62 94.70 -53.36 0.40
CA LYS C 62 96.01 -53.89 0.03
C LYS C 62 97.08 -52.86 0.35
N ILE C 63 98.05 -53.24 1.16
CA ILE C 63 99.12 -52.32 1.53
C ILE C 63 100.26 -52.44 0.52
N SER C 64 100.48 -51.37 -0.24
CA SER C 64 101.46 -51.38 -1.32
C SER C 64 102.85 -51.02 -0.81
N SER C 65 102.91 -50.14 0.17
CA SER C 65 104.17 -49.60 0.67
C SER C 65 105.05 -50.71 1.21
N LYS C 66 106.36 -50.57 1.02
CA LYS C 66 107.30 -51.49 1.60
C LYS C 66 107.49 -51.16 3.07
N VAL C 67 107.42 -52.17 3.92
CA VAL C 67 107.58 -51.95 5.35
C VAL C 67 108.89 -52.59 5.82
N ASN C 68 109.74 -51.77 6.42
CA ASN C 68 111.06 -52.23 6.87
C ASN C 68 110.98 -53.02 8.17
N ASP C 69 110.00 -53.92 8.25
CA ASP C 69 109.84 -54.80 9.38
C ASP C 69 109.22 -56.12 8.92
N LYS C 70 109.89 -57.23 9.20
CA LYS C 70 109.45 -58.53 8.71
C LYS C 70 108.13 -58.93 9.36
N GLN C 71 108.02 -58.64 10.67
CA GLN C 71 106.84 -59.01 11.42
C GLN C 71 105.61 -58.20 11.02
N VAL C 72 105.79 -56.89 10.85
CA VAL C 72 104.69 -56.01 10.45
C VAL C 72 104.26 -56.29 9.01
N SER C 73 105.24 -56.51 8.13
CA SER C 73 104.97 -56.86 6.74
C SER C 73 104.14 -58.13 6.65
N GLU C 74 104.47 -59.09 7.51
CA GLU C 74 103.76 -60.36 7.55
C GLU C 74 102.31 -60.18 7.99
N PHE C 75 102.10 -59.33 8.99
CA PHE C 75 100.76 -59.01 9.46
C PHE C 75 99.96 -58.33 8.35
N LEU C 76 100.65 -57.48 7.58
CA LEU C 76 100.00 -56.65 6.57
C LEU C 76 99.91 -57.30 5.19
N LYS C 77 100.15 -58.61 5.12
CA LYS C 77 100.02 -59.33 3.85
C LYS C 77 98.58 -59.25 3.35
N ASP C 78 98.40 -59.34 2.03
CA ASP C 78 97.10 -59.17 1.42
C ASP C 78 96.07 -60.18 1.93
N GLU C 79 96.53 -61.40 2.17
CA GLU C 79 95.66 -62.47 2.66
C GLU C 79 95.07 -62.08 4.01
N ASN C 80 95.86 -61.36 4.80
CA ASN C 80 95.43 -60.90 6.11
C ASN C 80 94.51 -59.68 5.99
N MET C 81 94.83 -58.82 5.02
CA MET C 81 94.16 -57.53 4.84
C MET C 81 92.86 -57.61 4.04
N GLU C 82 92.62 -58.75 3.39
CA GLU C 82 91.48 -58.88 2.49
C GLU C 82 90.14 -58.89 3.23
N LYS C 83 90.15 -59.10 4.54
CA LYS C 83 88.89 -59.06 5.29
C LYS C 83 88.39 -57.63 5.48
N PHE C 84 89.24 -56.66 5.18
CA PHE C 84 88.87 -55.25 5.35
C PHE C 84 88.69 -54.55 4.00
N ASN C 85 87.79 -53.57 3.98
CA ASN C 85 87.51 -52.82 2.75
C ASN C 85 87.86 -51.34 2.87
N VAL C 86 87.84 -50.64 1.74
CA VAL C 86 88.35 -49.28 1.67
C VAL C 86 87.26 -48.20 1.66
N LYS C 87 86.04 -48.57 2.06
CA LYS C 87 84.93 -47.61 2.14
C LYS C 87 85.36 -46.30 2.81
N LEU C 88 85.04 -45.18 2.16
CA LEU C 88 85.48 -43.86 2.61
C LEU C 88 85.06 -43.56 4.06
N GLY C 89 86.05 -43.33 4.92
CA GLY C 89 85.79 -42.99 6.30
C GLY C 89 85.98 -44.18 7.24
N THR C 90 85.98 -45.38 6.69
CA THR C 90 86.19 -46.60 7.46
C THR C 90 87.61 -46.66 8.01
N SER C 91 87.74 -47.08 9.26
CA SER C 91 89.05 -47.20 9.89
C SER C 91 89.11 -48.44 10.79
N LYS C 92 90.30 -49.00 10.92
CA LYS C 92 90.55 -50.14 11.81
C LYS C 92 91.87 -50.00 12.56
N HIS C 93 91.94 -50.62 13.73
CA HIS C 93 93.16 -50.64 14.52
C HIS C 93 93.73 -52.04 14.58
N PHE C 94 95.06 -52.15 14.45
CA PHE C 94 95.71 -53.45 14.49
C PHE C 94 96.72 -53.46 15.64
N TYR C 95 96.80 -54.56 16.37
CA TYR C 95 97.81 -54.69 17.40
C TYR C 95 98.80 -55.81 17.05
N MET C 96 100.09 -55.54 17.16
CA MET C 96 101.10 -56.55 16.84
C MET C 96 102.47 -56.26 17.45
N PHE C 97 103.35 -57.25 17.35
CA PHE C 97 104.74 -57.10 17.77
C PHE C 97 105.66 -57.00 16.56
N ASN C 98 106.58 -56.04 16.59
CA ASN C 98 107.53 -55.87 15.50
C ASN C 98 108.76 -56.77 15.61
N ASP C 99 109.79 -56.46 14.83
CA ASP C 99 111.00 -57.27 14.79
C ASP C 99 111.73 -57.30 16.13
N ASN C 100 111.56 -56.25 16.93
CA ASN C 100 112.22 -56.14 18.22
C ASN C 100 111.32 -56.62 19.33
N LYS C 101 110.31 -57.42 18.97
CA LYS C 101 109.37 -57.98 19.92
C LYS C 101 108.68 -56.89 20.75
N ASN C 102 108.57 -55.70 20.17
CA ASN C 102 107.85 -54.61 20.80
C ASN C 102 106.45 -54.43 20.25
N SER C 103 105.51 -54.11 21.13
CA SER C 103 104.12 -53.93 20.74
C SER C 103 103.99 -52.64 19.94
N VAL C 104 103.35 -52.74 18.78
CA VAL C 104 103.14 -51.59 17.91
C VAL C 104 101.66 -51.51 17.53
N ALA C 105 101.20 -50.30 17.20
CA ALA C 105 99.82 -50.10 16.75
C ALA C 105 99.80 -49.62 15.32
N VAL C 106 99.03 -50.33 14.49
CA VAL C 106 98.93 -50.07 13.06
C VAL C 106 97.46 -50.00 12.66
N GLY C 107 97.15 -49.24 11.63
CA GLY C 107 95.79 -49.21 11.12
C GLY C 107 95.69 -48.52 9.78
N TYR C 108 94.47 -48.35 9.29
CA TYR C 108 94.25 -47.66 8.02
C TYR C 108 92.99 -46.82 8.06
N VAL C 109 92.86 -45.93 7.08
CA VAL C 109 91.62 -45.21 6.83
C VAL C 109 91.20 -45.39 5.38
N GLY C 110 89.95 -45.79 5.17
CA GLY C 110 89.44 -46.03 3.83
C GLY C 110 89.26 -44.72 3.07
N CYS C 111 89.75 -44.70 1.83
CA CYS C 111 89.67 -43.49 1.02
C CYS C 111 88.78 -43.69 -0.21
N GLY C 112 87.90 -44.68 -0.13
CA GLY C 112 86.93 -44.93 -1.19
C GLY C 112 87.52 -45.57 -2.43
N SER C 113 86.85 -45.36 -3.56
CA SER C 113 87.26 -45.98 -4.81
C SER C 113 87.63 -44.94 -5.86
N VAL C 114 87.31 -43.68 -5.58
CA VAL C 114 87.61 -42.59 -6.48
C VAL C 114 89.07 -42.17 -6.34
N ALA C 115 89.76 -42.03 -7.47
CA ALA C 115 91.19 -41.73 -7.48
C ALA C 115 91.44 -40.26 -7.14
N ASP C 116 90.41 -39.43 -7.30
CA ASP C 116 90.54 -38.01 -7.00
C ASP C 116 89.63 -37.58 -5.85
N LEU C 117 90.21 -37.48 -4.66
CA LEU C 117 89.45 -37.11 -3.46
C LEU C 117 89.02 -35.67 -3.50
N SER C 118 87.75 -35.41 -3.20
CA SER C 118 87.23 -34.05 -3.15
C SER C 118 87.65 -33.37 -1.84
N GLU C 119 87.32 -32.09 -1.70
CA GLU C 119 87.65 -31.37 -0.48
C GLU C 119 86.84 -31.97 0.66
N ALA C 120 85.62 -32.40 0.35
CA ALA C 120 84.73 -33.02 1.32
C ALA C 120 85.20 -34.43 1.67
N ASP C 121 85.71 -35.14 0.67
CA ASP C 121 86.20 -36.50 0.87
C ASP C 121 87.41 -36.53 1.78
N MET C 122 88.36 -35.64 1.55
CA MET C 122 89.58 -35.57 2.35
C MET C 122 89.26 -35.16 3.79
N LYS C 123 88.25 -34.30 3.95
CA LYS C 123 87.83 -33.87 5.27
C LYS C 123 87.21 -35.04 6.01
N ARG C 124 86.47 -35.87 5.28
CA ARG C 124 85.86 -37.07 5.84
C ARG C 124 86.95 -38.06 6.28
N VAL C 125 88.00 -38.16 5.47
CA VAL C 125 89.15 -39.01 5.79
C VAL C 125 89.84 -38.51 7.05
N VAL C 126 90.09 -37.21 7.11
CA VAL C 126 90.77 -36.58 8.23
C VAL C 126 89.98 -36.76 9.53
N LEU C 127 88.66 -36.61 9.45
CA LEU C 127 87.80 -36.76 10.62
C LEU C 127 87.88 -38.17 11.20
N SER C 128 87.97 -39.18 10.33
CA SER C 128 88.14 -40.56 10.77
C SER C 128 89.48 -40.76 11.47
N LEU C 129 90.50 -40.07 10.96
CA LEU C 129 91.83 -40.11 11.56
C LEU C 129 91.83 -39.53 12.97
N VAL C 130 91.14 -38.40 13.13
CA VAL C 130 91.10 -37.71 14.42
C VAL C 130 90.36 -38.56 15.47
N THR C 131 89.38 -39.34 15.05
CA THR C 131 88.66 -40.23 15.96
C THR C 131 89.64 -41.25 16.56
N MET C 132 90.62 -41.65 15.76
CA MET C 132 91.65 -42.57 16.23
C MET C 132 92.59 -41.87 17.19
N LEU C 133 92.79 -40.56 16.98
CA LEU C 133 93.63 -39.75 17.85
C LEU C 133 92.96 -39.43 19.17
N HIS C 134 91.64 -39.28 19.13
CA HIS C 134 90.86 -39.01 20.33
C HIS C 134 90.71 -40.27 21.18
N ASP C 135 90.61 -40.08 22.49
CA ASP C 135 90.47 -41.18 23.46
C ASP C 135 91.62 -42.20 23.42
N ASN C 136 92.73 -41.81 22.82
CA ASN C 136 93.92 -42.66 22.80
C ASN C 136 95.11 -41.78 23.17
N LYS C 137 95.92 -42.27 24.10
CA LYS C 137 97.06 -41.51 24.64
C LYS C 137 98.37 -41.72 23.88
N LEU C 138 98.38 -41.40 22.59
CA LEU C 138 99.54 -41.64 21.74
C LEU C 138 100.58 -40.52 21.83
N SER C 139 101.85 -40.88 21.64
CA SER C 139 102.92 -39.90 21.64
C SER C 139 103.36 -39.54 20.22
N LYS C 140 103.04 -40.43 19.27
CA LYS C 140 103.45 -40.25 17.88
C LYS C 140 102.40 -40.78 16.91
N LEU C 141 102.14 -40.01 15.85
CA LEU C 141 101.31 -40.48 14.75
C LEU C 141 102.13 -40.56 13.47
N THR C 142 101.96 -41.65 12.73
CA THR C 142 102.63 -41.80 11.45
C THR C 142 101.61 -42.04 10.33
N VAL C 143 101.62 -41.19 9.31
CA VAL C 143 100.68 -41.32 8.21
C VAL C 143 101.38 -41.72 6.93
N VAL C 144 100.95 -42.84 6.35
CA VAL C 144 101.53 -43.33 5.10
C VAL C 144 100.57 -43.13 3.95
N PHE C 145 100.95 -42.26 3.02
CA PHE C 145 100.12 -41.92 1.88
C PHE C 145 100.21 -42.94 0.74
N GLU C 146 99.23 -43.83 0.65
CA GLU C 146 99.13 -44.74 -0.47
C GLU C 146 98.04 -44.29 -1.42
N ILE C 147 97.83 -42.99 -1.48
CA ILE C 147 96.87 -42.39 -2.41
C ILE C 147 97.54 -41.24 -3.14
N ASN C 148 96.91 -40.77 -4.21
CA ASN C 148 97.48 -39.69 -5.00
C ASN C 148 96.96 -38.33 -4.55
N VAL C 149 97.87 -37.48 -4.08
CA VAL C 149 97.50 -36.13 -3.67
C VAL C 149 98.51 -35.12 -4.18
N ASP C 150 98.03 -33.98 -4.67
CA ASP C 150 98.93 -32.91 -5.09
C ASP C 150 99.31 -32.07 -3.88
N LYS C 151 100.15 -31.07 -4.11
CA LYS C 151 100.68 -30.24 -3.03
C LYS C 151 99.58 -29.51 -2.26
N ASN C 152 98.58 -29.01 -2.96
CA ASN C 152 97.47 -28.29 -2.34
C ASN C 152 96.63 -29.18 -1.44
N LEU C 153 96.30 -30.37 -1.93
CA LEU C 153 95.49 -31.32 -1.17
C LEU C 153 96.27 -31.87 0.01
N PHE C 154 97.58 -32.00 -0.15
CA PHE C 154 98.43 -32.45 0.94
C PHE C 154 98.45 -31.42 2.06
N ARG C 155 98.58 -30.16 1.68
CA ARG C 155 98.56 -29.06 2.64
C ARG C 155 97.21 -29.00 3.34
N PHE C 156 96.15 -29.20 2.57
CA PHE C 156 94.79 -29.22 3.10
C PHE C 156 94.61 -30.33 4.14
N PHE C 157 95.19 -31.49 3.88
CA PHE C 157 95.17 -32.61 4.81
C PHE C 157 95.74 -32.19 6.17
N LEU C 158 96.91 -31.55 6.14
CA LEU C 158 97.58 -31.12 7.36
C LEU C 158 96.79 -30.05 8.10
N GLU C 159 96.35 -29.02 7.37
CA GLU C 159 95.55 -27.95 7.95
C GLU C 159 94.33 -28.49 8.67
N THR C 160 93.59 -29.35 7.97
CA THR C 160 92.37 -29.91 8.50
C THR C 160 92.65 -30.82 9.70
N LEU C 161 93.72 -31.60 9.59
CA LEU C 161 94.15 -32.46 10.69
C LEU C 161 94.44 -31.64 11.95
N PHE C 162 95.28 -30.61 11.80
CA PHE C 162 95.65 -29.75 12.92
C PHE C 162 94.44 -29.08 13.55
N TYR C 163 93.57 -28.54 12.70
CA TYR C 163 92.39 -27.81 13.15
C TYR C 163 91.39 -28.70 13.91
N GLU C 164 91.12 -29.88 13.39
CA GLU C 164 90.15 -30.78 14.02
C GLU C 164 90.70 -31.45 15.27
N TYR C 165 92.00 -31.71 15.26
CA TYR C 165 92.68 -32.33 16.40
C TYR C 165 92.64 -31.40 17.61
N MET C 166 92.87 -30.12 17.36
CA MET C 166 92.93 -29.10 18.40
C MET C 166 91.58 -28.94 19.09
N THR C 167 91.60 -28.80 20.41
CA THR C 167 90.37 -28.62 21.18
C THR C 167 90.43 -27.34 22.01
N ASP C 168 89.40 -26.51 21.88
CA ASP C 168 89.37 -25.22 22.53
C ASP C 168 88.80 -25.33 23.96
N GLU C 169 89.65 -25.08 24.95
CA GLU C 169 89.24 -25.21 26.35
C GLU C 169 89.39 -23.91 27.12
N ARG C 170 89.42 -22.79 26.41
CA ARG C 170 89.59 -21.49 27.04
C ARG C 170 88.50 -21.15 28.05
N PHE C 171 87.31 -21.69 27.86
CA PHE C 171 86.18 -21.34 28.70
C PHE C 171 85.73 -22.50 29.57
N LYS C 172 86.50 -23.58 29.56
CA LYS C 172 86.30 -24.67 30.50
C LYS C 172 86.95 -24.31 31.84
N SER C 173 86.31 -24.74 32.93
CA SER C 173 86.84 -24.51 34.26
C SER C 173 86.93 -25.80 35.05
N THR C 174 85.77 -26.28 35.49
CA THR C 174 85.65 -27.53 36.26
C THR C 174 85.46 -28.75 35.36
N ASP C 175 85.45 -28.53 34.04
CA ASP C 175 85.15 -29.59 33.09
C ASP C 175 86.24 -29.75 32.02
N LYS C 176 87.46 -29.39 32.38
CA LYS C 176 88.62 -29.65 31.52
C LYS C 176 88.79 -31.15 31.33
N ASN C 177 89.03 -31.57 30.09
CA ASN C 177 89.25 -32.99 29.82
C ASN C 177 90.52 -33.47 30.51
N VAL C 178 90.38 -34.47 31.37
CA VAL C 178 91.48 -34.97 32.18
C VAL C 178 92.36 -35.91 31.38
N ASN C 179 91.82 -36.39 30.27
CA ASN C 179 92.50 -37.35 29.41
C ASN C 179 93.15 -36.76 28.18
N MET C 180 93.10 -35.44 28.02
CA MET C 180 93.69 -34.85 26.83
C MET C 180 95.21 -34.90 26.89
N GLU C 181 95.79 -35.32 25.77
CA GLU C 181 97.23 -35.52 25.64
C GLU C 181 97.58 -35.53 24.16
N TYR C 182 98.20 -34.45 23.68
CA TYR C 182 98.49 -34.35 22.26
C TYR C 182 99.76 -35.10 21.90
N ILE C 183 99.81 -35.63 20.68
CA ILE C 183 101.00 -36.27 20.14
C ILE C 183 102.15 -35.25 20.09
N LYS C 184 103.38 -35.75 20.13
CA LYS C 184 104.55 -34.87 20.11
C LYS C 184 105.29 -34.96 18.78
N HIS C 185 104.98 -36.00 18.02
CA HIS C 185 105.66 -36.24 16.74
C HIS C 185 104.67 -36.63 15.65
N LEU C 186 104.88 -36.10 14.45
CA LEU C 186 104.08 -36.49 13.30
C LEU C 186 105.00 -36.96 12.17
N GLY C 187 104.88 -38.23 11.79
CA GLY C 187 105.67 -38.75 10.70
C GLY C 187 104.80 -38.93 9.47
N VAL C 188 105.28 -38.48 8.32
CA VAL C 188 104.54 -38.63 7.09
C VAL C 188 105.38 -39.32 6.01
N TYR C 189 104.89 -40.45 5.53
CA TYR C 189 105.51 -41.17 4.43
C TYR C 189 104.73 -40.91 3.15
N ILE C 190 105.41 -40.45 2.12
CA ILE C 190 104.74 -40.06 0.89
C ILE C 190 105.65 -40.10 -0.34
N ASN C 191 105.04 -40.38 -1.49
CA ASN C 191 105.74 -40.35 -2.77
C ASN C 191 106.15 -38.94 -3.14
N ASN C 192 107.35 -38.80 -3.71
CA ASN C 192 107.86 -37.47 -4.05
C ASN C 192 107.98 -36.58 -2.81
N ALA C 193 108.61 -37.08 -1.76
CA ALA C 193 108.66 -36.37 -0.47
C ALA C 193 109.28 -34.96 -0.52
N ASP C 194 110.29 -34.73 -1.36
CA ASP C 194 110.96 -33.42 -1.40
C ASP C 194 110.03 -32.27 -1.79
N THR C 195 109.08 -32.56 -2.68
CA THR C 195 108.17 -31.53 -3.16
C THR C 195 107.15 -31.11 -2.11
N TYR C 196 106.87 -32.01 -1.16
CA TYR C 196 105.83 -31.76 -0.18
C TYR C 196 106.34 -31.12 1.12
N LYS C 197 107.64 -31.15 1.34
CA LYS C 197 108.22 -30.69 2.60
C LYS C 197 107.95 -29.20 2.88
N GLU C 198 107.93 -28.38 1.84
CA GLU C 198 107.68 -26.95 1.99
C GLU C 198 106.25 -26.67 2.45
N GLU C 199 105.35 -27.61 2.20
CA GLU C 199 103.94 -27.43 2.52
C GLU C 199 103.66 -27.59 4.02
N VAL C 200 104.60 -28.21 4.74
CA VAL C 200 104.39 -28.54 6.14
C VAL C 200 104.22 -27.28 6.99
N GLU C 201 105.19 -26.38 6.91
CA GLU C 201 105.14 -25.18 7.75
C GLU C 201 104.12 -24.17 7.24
N LYS C 202 103.82 -24.22 5.95
CA LYS C 202 102.76 -23.37 5.40
C LYS C 202 101.42 -23.83 5.96
N ALA C 203 101.25 -25.14 6.06
CA ALA C 203 100.03 -25.72 6.62
C ALA C 203 99.88 -25.32 8.09
N ARG C 204 101.00 -25.25 8.81
CA ARG C 204 100.98 -24.88 10.21
C ARG C 204 100.56 -23.42 10.39
N VAL C 205 100.99 -22.56 9.46
CA VAL C 205 100.60 -21.16 9.46
C VAL C 205 99.12 -21.00 9.12
N TYR C 206 98.68 -21.68 8.07
CA TYR C 206 97.29 -21.65 7.66
C TYR C 206 96.39 -22.20 8.77
N TYR C 207 96.87 -23.24 9.45
CA TYR C 207 96.16 -23.78 10.59
C TYR C 207 95.88 -22.71 11.63
N PHE C 208 96.94 -22.02 12.09
CA PHE C 208 96.78 -21.10 13.19
C PHE C 208 95.98 -19.86 12.77
N GLY C 209 96.14 -19.43 11.53
CA GLY C 209 95.36 -18.33 11.01
C GLY C 209 93.88 -18.65 11.15
N THR C 210 93.52 -19.87 10.77
CA THR C 210 92.16 -20.35 10.88
C THR C 210 91.72 -20.54 12.33
N TYR C 211 92.58 -21.12 13.15
CA TYR C 211 92.23 -21.38 14.55
C TYR C 211 92.14 -20.09 15.35
N TYR C 212 92.97 -19.11 14.99
CA TYR C 212 92.93 -17.79 15.62
C TYR C 212 91.59 -17.12 15.34
N ALA C 213 91.16 -17.16 14.08
CA ALA C 213 89.85 -16.64 13.70
C ALA C 213 88.76 -17.38 14.47
N SER C 214 88.90 -18.71 14.52
CA SER C 214 87.99 -19.56 15.27
C SER C 214 87.90 -19.15 16.75
N GLN C 215 89.04 -18.80 17.33
CA GLN C 215 89.08 -18.40 18.73
C GLN C 215 88.30 -17.10 18.96
N LEU C 216 88.41 -16.18 18.02
CA LEU C 216 87.72 -14.89 18.12
C LEU C 216 86.22 -15.06 17.95
N ILE C 217 85.83 -15.90 16.99
CA ILE C 217 84.41 -16.14 16.72
C ILE C 217 83.75 -16.88 17.88
N ALA C 218 84.39 -17.96 18.34
CA ALA C 218 83.86 -18.78 19.42
C ALA C 218 83.74 -18.01 20.73
N ALA C 219 84.63 -17.04 20.93
CA ALA C 219 84.58 -16.19 22.11
C ALA C 219 83.25 -15.44 22.18
N PRO C 220 82.52 -15.60 23.29
CA PRO C 220 81.21 -14.97 23.51
C PRO C 220 81.30 -13.46 23.55
N SER C 221 80.15 -12.80 23.47
CA SER C 221 80.10 -11.35 23.31
C SER C 221 80.47 -10.57 24.58
N ASN C 222 80.43 -11.25 25.73
CA ASN C 222 80.88 -10.59 26.96
C ASN C 222 82.40 -10.58 27.04
N TYR C 223 83.03 -11.52 26.34
CA TYR C 223 84.48 -11.57 26.23
C TYR C 223 84.96 -10.80 25.02
N CYS C 224 84.32 -11.05 23.88
CA CYS C 224 84.70 -10.43 22.62
C CYS C 224 83.78 -9.25 22.33
N ASN C 225 84.27 -8.06 22.62
CA ASN C 225 83.53 -6.82 22.41
C ASN C 225 84.32 -5.89 21.50
N PRO C 226 83.69 -4.80 21.00
CA PRO C 226 84.41 -3.90 20.09
C PRO C 226 85.77 -3.42 20.62
N VAL C 227 85.84 -3.19 21.93
CA VAL C 227 87.09 -2.72 22.53
C VAL C 227 88.09 -3.87 22.66
N SER C 228 87.65 -5.01 23.19
CA SER C 228 88.56 -6.14 23.41
C SER C 228 89.02 -6.77 22.11
N LEU C 229 88.17 -6.74 21.09
CA LEU C 229 88.54 -7.27 19.78
C LEU C 229 89.58 -6.37 19.12
N SER C 230 89.40 -5.06 19.26
CA SER C 230 90.35 -4.10 18.70
C SER C 230 91.70 -4.13 19.44
N ASN C 231 91.65 -4.33 20.76
CA ASN C 231 92.86 -4.51 21.54
C ASN C 231 93.63 -5.75 21.11
N ALA C 232 92.90 -6.82 20.81
CA ALA C 232 93.51 -8.06 20.35
C ALA C 232 94.16 -7.88 18.98
N ALA C 233 93.55 -7.05 18.13
CA ALA C 233 94.09 -6.79 16.80
C ALA C 233 95.42 -6.03 16.88
N VAL C 234 95.50 -5.10 17.82
CA VAL C 234 96.73 -4.36 18.07
C VAL C 234 97.83 -5.30 18.56
N GLU C 235 97.45 -6.15 19.52
CA GLU C 235 98.36 -7.12 20.10
C GLU C 235 98.93 -8.04 19.03
N LEU C 236 98.08 -8.46 18.09
CA LEU C 236 98.53 -9.30 16.97
C LEU C 236 99.47 -8.52 16.06
N ALA C 237 99.10 -7.29 15.74
CA ALA C 237 99.88 -6.44 14.85
C ALA C 237 101.28 -6.19 15.42
N GLN C 238 101.35 -6.03 16.73
CA GLN C 238 102.60 -5.78 17.41
C GLN C 238 103.52 -7.00 17.29
N LYS C 239 102.91 -8.18 17.39
CA LYS C 239 103.64 -9.44 17.29
C LYS C 239 104.13 -9.72 15.87
N LEU C 240 103.45 -9.14 14.90
CA LEU C 240 103.78 -9.40 13.50
C LEU C 240 104.55 -8.24 12.90
N ASN C 241 104.81 -7.24 13.73
CA ASN C 241 105.44 -6.00 13.29
C ASN C 241 104.70 -5.37 12.12
N LEU C 242 103.38 -5.35 12.22
CA LEU C 242 102.55 -4.66 11.23
C LEU C 242 102.20 -3.27 11.71
N GLU C 243 102.12 -2.31 10.79
CA GLU C 243 101.60 -1.00 11.12
C GLU C 243 100.14 -1.14 11.51
N TYR C 244 99.71 -0.41 12.53
CA TYR C 244 98.33 -0.54 13.00
C TYR C 244 97.75 0.79 13.45
N LYS C 245 96.44 0.91 13.31
CA LYS C 245 95.74 2.13 13.70
C LYS C 245 94.30 1.80 14.11
N ILE C 246 93.91 2.21 15.31
CA ILE C 246 92.55 2.02 15.77
C ILE C 246 91.84 3.36 15.88
N LEU C 247 90.82 3.56 15.05
CA LEU C 247 90.09 4.82 15.03
C LEU C 247 88.97 4.81 16.05
N GLY C 248 88.93 5.83 16.89
CA GLY C 248 87.90 5.94 17.91
C GLY C 248 86.77 6.82 17.44
N VAL C 249 85.77 7.00 18.31
CA VAL C 249 84.53 7.67 17.93
C VAL C 249 84.72 9.10 17.42
N LYS C 250 85.56 9.89 18.07
CA LYS C 250 85.75 11.28 17.65
C LYS C 250 86.39 11.35 16.27
N GLU C 251 87.31 10.42 16.02
CA GLU C 251 87.97 10.35 14.72
C GLU C 251 86.98 9.93 13.65
N LEU C 252 86.09 9.00 14.01
CA LEU C 252 85.08 8.51 13.08
C LEU C 252 84.08 9.59 12.74
N GLU C 253 83.76 10.42 13.72
CA GLU C 253 82.86 11.55 13.51
C GLU C 253 83.49 12.55 12.56
N GLU C 254 84.80 12.71 12.66
CA GLU C 254 85.55 13.62 11.82
C GLU C 254 85.49 13.14 10.38
N LEU C 255 85.45 11.83 10.21
CA LEU C 255 85.34 11.20 8.89
C LEU C 255 83.89 11.10 8.42
N LYS C 256 82.97 11.54 9.27
CA LYS C 256 81.55 11.61 8.94
C LYS C 256 80.97 10.23 8.60
N MET C 257 81.41 9.22 9.35
CA MET C 257 80.90 7.87 9.18
C MET C 257 79.60 7.65 9.94
N GLY C 258 78.54 8.29 9.47
CA GLY C 258 77.26 8.28 10.15
C GLY C 258 76.57 6.94 10.16
N ALA C 259 76.79 6.15 9.11
CA ALA C 259 76.18 4.82 9.03
C ALA C 259 76.80 3.86 10.05
N TYR C 260 78.13 3.80 10.07
CA TYR C 260 78.85 2.94 11.00
C TYR C 260 78.59 3.34 12.45
N LEU C 261 78.62 4.65 12.72
CA LEU C 261 78.42 5.14 14.07
C LEU C 261 76.99 4.92 14.56
N SER C 262 76.04 4.94 13.63
CA SER C 262 74.63 4.77 13.97
C SER C 262 74.33 3.39 14.53
N VAL C 263 74.94 2.36 13.94
CA VAL C 263 74.74 0.99 14.38
C VAL C 263 75.17 0.77 15.82
N GLY C 264 76.30 1.39 16.19
CA GLY C 264 76.88 1.21 17.51
C GLY C 264 76.35 2.14 18.59
N LYS C 265 75.47 3.08 18.22
CA LYS C 265 74.94 4.07 19.15
C LYS C 265 74.35 3.46 20.42
N GLY C 266 73.65 2.35 20.26
CA GLY C 266 72.96 1.72 21.37
C GLY C 266 73.84 0.83 22.23
N SER C 267 75.13 0.80 21.93
CA SER C 267 76.05 -0.08 22.65
C SER C 267 76.78 0.65 23.78
N MET C 268 77.14 -0.11 24.81
CA MET C 268 77.92 0.43 25.93
C MET C 268 79.40 0.46 25.58
N TYR C 269 79.76 -0.20 24.48
CA TYR C 269 81.13 -0.22 24.00
C TYR C 269 81.27 0.77 22.86
N PRO C 270 82.28 1.66 22.96
CA PRO C 270 82.56 2.62 21.88
C PRO C 270 82.98 1.89 20.61
N ASN C 271 82.56 2.42 19.46
CA ASN C 271 83.00 1.89 18.17
C ASN C 271 84.51 1.94 18.05
N LYS C 272 85.09 0.90 17.45
CA LYS C 272 86.53 0.84 17.21
C LYS C 272 86.80 0.35 15.79
N PHE C 273 87.42 1.20 14.98
CA PHE C 273 87.74 0.86 13.60
C PHE C 273 89.16 0.31 13.49
N ILE C 274 89.28 -0.95 13.08
CA ILE C 274 90.59 -1.59 12.97
C ILE C 274 91.22 -1.36 11.61
N HIS C 275 92.46 -0.86 11.61
CA HIS C 275 93.20 -0.67 10.37
C HIS C 275 94.63 -1.18 10.50
N LEU C 276 94.86 -2.39 9.98
CA LEU C 276 96.21 -2.96 9.92
C LEU C 276 96.76 -2.89 8.50
N THR C 277 98.08 -2.72 8.39
CA THR C 277 98.73 -2.66 7.08
C THR C 277 99.99 -3.50 7.03
N TYR C 278 100.07 -4.35 6.01
CA TYR C 278 101.31 -5.04 5.68
C TYR C 278 101.84 -4.45 4.38
N LYS C 279 103.09 -4.00 4.38
CA LYS C 279 103.71 -3.51 3.16
C LYS C 279 104.97 -4.32 2.87
N SER C 280 105.04 -4.89 1.69
CA SER C 280 106.23 -5.63 1.26
C SER C 280 107.49 -4.79 1.28
N LYS C 281 108.63 -5.46 1.39
CA LYS C 281 109.94 -4.82 1.34
C LYS C 281 110.40 -4.69 -0.11
N GLY C 282 110.08 -3.57 -0.75
CA GLY C 282 110.50 -3.34 -2.12
C GLY C 282 109.43 -2.70 -2.95
N ASP C 283 109.42 -2.98 -4.25
CA ASP C 283 108.42 -2.41 -5.14
C ASP C 283 107.04 -3.05 -4.95
N VAL C 284 106.04 -2.22 -4.70
CA VAL C 284 104.65 -2.67 -4.58
C VAL C 284 103.94 -2.63 -5.93
N LYS C 285 103.45 -3.78 -6.39
CA LYS C 285 102.76 -3.81 -7.68
C LYS C 285 101.25 -3.94 -7.49
N LYS C 286 100.83 -4.44 -6.33
CA LYS C 286 99.41 -4.56 -6.04
C LYS C 286 99.08 -4.05 -4.63
N LYS C 287 98.05 -3.21 -4.55
CA LYS C 287 97.55 -2.72 -3.26
C LYS C 287 96.15 -3.29 -3.03
N ILE C 288 95.97 -3.93 -1.88
CA ILE C 288 94.72 -4.63 -1.60
C ILE C 288 94.11 -4.23 -0.26
N ALA C 289 92.81 -3.98 -0.26
CA ALA C 289 92.06 -3.76 0.98
C ALA C 289 91.17 -4.97 1.29
N LEU C 290 91.38 -5.58 2.45
CA LEU C 290 90.52 -6.66 2.92
C LEU C 290 89.60 -6.15 4.03
N VAL C 291 88.30 -6.23 3.79
CA VAL C 291 87.32 -5.70 4.75
C VAL C 291 86.51 -6.82 5.40
N GLY C 292 86.43 -6.81 6.73
CA GLY C 292 85.67 -7.81 7.44
C GLY C 292 84.57 -7.20 8.29
N LYS C 293 83.39 -7.80 8.24
CA LYS C 293 82.28 -7.37 9.09
C LYS C 293 82.59 -7.70 10.54
N GLY C 294 82.45 -6.70 11.41
CA GLY C 294 82.81 -6.86 12.81
C GLY C 294 81.73 -6.49 13.79
N ILE C 295 80.62 -7.20 13.73
CA ILE C 295 79.56 -7.05 14.71
C ILE C 295 79.78 -8.09 15.80
N THR C 296 80.25 -7.64 16.97
CA THR C 296 80.63 -8.55 18.03
C THR C 296 79.40 -9.27 18.60
N PHE C 297 78.26 -8.61 18.54
CA PHE C 297 76.97 -9.25 18.79
C PHE C 297 75.84 -8.58 18.02
N ASP C 298 75.02 -9.39 17.38
CA ASP C 298 73.89 -8.88 16.62
C ASP C 298 72.56 -9.28 17.27
N SER C 299 72.03 -8.39 18.10
CA SER C 299 70.74 -8.62 18.72
C SER C 299 69.63 -8.35 17.71
N GLY C 300 69.98 -7.63 16.64
CA GLY C 300 69.03 -7.24 15.63
C GLY C 300 68.60 -5.79 15.81
N GLY C 301 68.97 -5.21 16.95
CA GLY C 301 68.53 -3.86 17.28
C GLY C 301 67.04 -3.87 17.61
N TYR C 302 66.37 -2.76 17.34
CA TYR C 302 64.94 -2.68 17.62
C TYR C 302 64.13 -3.63 16.74
N ASN C 303 64.68 -4.00 15.59
CA ASN C 303 64.17 -5.14 14.84
C ASN C 303 64.73 -6.41 15.45
N LEU C 304 64.40 -6.63 16.72
CA LEU C 304 64.96 -7.71 17.52
C LEU C 304 64.78 -9.07 16.86
N LYS C 305 65.79 -9.92 17.02
CA LYS C 305 65.71 -11.30 16.56
C LYS C 305 64.84 -12.12 17.50
N ALA C 306 63.53 -12.02 17.35
CA ALA C 306 62.60 -12.67 18.27
C ALA C 306 61.77 -13.75 17.56
N ALA C 307 61.86 -13.78 16.23
CA ALA C 307 61.15 -14.78 15.44
C ALA C 307 61.71 -16.17 15.73
N PRO C 308 60.84 -17.20 15.66
CA PRO C 308 61.30 -18.58 15.88
C PRO C 308 62.38 -19.00 14.89
N GLY C 309 63.49 -19.51 15.41
CA GLY C 309 64.58 -19.96 14.57
C GLY C 309 65.53 -18.88 14.09
N SER C 310 65.54 -17.73 14.76
CA SER C 310 66.44 -16.65 14.38
C SER C 310 67.83 -16.83 15.01
N MET C 311 67.93 -17.78 15.93
CA MET C 311 69.21 -18.18 16.54
C MET C 311 70.01 -16.99 17.07
N ILE C 312 69.41 -16.23 17.97
CA ILE C 312 70.06 -15.05 18.53
C ILE C 312 71.25 -15.45 19.40
N ASP C 313 71.23 -16.69 19.90
CA ASP C 313 72.30 -17.16 20.77
C ASP C 313 73.55 -17.50 19.98
N LEU C 314 73.43 -17.47 18.65
CA LEU C 314 74.55 -17.77 17.77
C LEU C 314 75.25 -16.49 17.36
N MET C 315 74.58 -15.35 17.56
CA MET C 315 74.96 -14.09 16.93
C MET C 315 76.29 -13.51 17.40
N LYS C 316 77.05 -14.30 18.14
CA LYS C 316 78.43 -13.94 18.43
C LYS C 316 79.26 -14.16 17.17
N PHE C 317 78.76 -14.99 16.26
CA PHE C 317 79.44 -15.25 14.99
C PHE C 317 79.52 -14.02 14.08
N ASP C 318 78.73 -12.99 14.37
CA ASP C 318 78.52 -11.91 13.41
C ASP C 318 79.77 -11.04 13.20
N MET C 319 80.89 -11.44 13.78
CA MET C 319 82.18 -10.79 13.53
C MET C 319 83.15 -11.77 12.88
N SER C 320 82.59 -12.81 12.27
CA SER C 320 83.36 -13.87 11.60
C SER C 320 84.19 -13.32 10.44
N GLY C 321 83.64 -12.31 9.76
CA GLY C 321 84.33 -11.68 8.66
C GLY C 321 85.58 -10.98 9.14
N CYS C 322 85.44 -10.27 10.26
CA CYS C 322 86.57 -9.58 10.87
C CYS C 322 87.64 -10.57 11.27
N ALA C 323 87.21 -11.70 11.83
CA ALA C 323 88.11 -12.75 12.25
C ALA C 323 88.87 -13.32 11.06
N ALA C 324 88.16 -13.50 9.95
CA ALA C 324 88.78 -14.01 8.73
C ALA C 324 89.89 -13.07 8.27
N VAL C 325 89.61 -11.77 8.35
CA VAL C 325 90.57 -10.76 7.94
C VAL C 325 91.78 -10.73 8.88
N LEU C 326 91.52 -10.86 10.18
CA LEU C 326 92.60 -10.88 11.17
C LEU C 326 93.43 -12.15 11.08
N GLY C 327 92.79 -13.28 10.81
CA GLY C 327 93.50 -14.53 10.64
C GLY C 327 94.37 -14.50 9.41
N CYS C 328 93.88 -13.80 8.38
CA CYS C 328 94.65 -13.60 7.17
C CYS C 328 95.84 -12.69 7.45
N ALA C 329 95.62 -11.68 8.28
CA ALA C 329 96.68 -10.77 8.70
C ALA C 329 97.82 -11.54 9.36
N TYR C 330 97.47 -12.56 10.15
CA TYR C 330 98.49 -13.41 10.75
C TYR C 330 99.29 -14.13 9.66
N CYS C 331 98.59 -14.76 8.73
CA CYS C 331 99.24 -15.54 7.68
C CYS C 331 100.12 -14.68 6.78
N VAL C 332 99.61 -13.52 6.39
CA VAL C 332 100.36 -12.61 5.53
C VAL C 332 101.55 -12.05 6.29
N GLY C 333 101.32 -11.65 7.54
CA GLY C 333 102.38 -11.12 8.38
C GLY C 333 103.47 -12.14 8.67
N THR C 334 103.11 -13.41 8.64
CA THR C 334 104.05 -14.48 8.93
C THR C 334 104.79 -14.95 7.68
N LEU C 335 104.05 -15.17 6.59
CA LEU C 335 104.64 -15.68 5.35
C LEU C 335 105.34 -14.56 4.57
N LYS C 336 104.96 -13.32 4.86
CA LYS C 336 105.56 -12.11 4.26
C LYS C 336 105.68 -12.15 2.74
N PRO C 337 104.55 -12.07 2.03
CA PRO C 337 104.62 -12.04 0.55
C PRO C 337 105.27 -10.76 0.03
N GLU C 338 105.78 -10.80 -1.19
CA GLU C 338 106.44 -9.64 -1.78
C GLU C 338 105.58 -8.92 -2.82
N ASN C 339 105.91 -7.65 -3.03
CA ASN C 339 105.32 -6.83 -4.09
C ASN C 339 103.83 -6.58 -3.87
N VAL C 340 103.41 -6.58 -2.61
CA VAL C 340 102.03 -6.33 -2.25
C VAL C 340 101.92 -5.40 -1.05
N GLU C 341 100.87 -4.58 -1.05
CA GLU C 341 100.53 -3.76 0.11
C GLU C 341 99.10 -4.10 0.51
N ILE C 342 98.92 -4.58 1.73
CA ILE C 342 97.60 -5.02 2.18
C ILE C 342 97.08 -4.23 3.36
N HIS C 343 95.83 -3.78 3.24
CA HIS C 343 95.14 -3.12 4.33
C HIS C 343 94.06 -4.03 4.92
N PHE C 344 94.14 -4.26 6.22
CA PHE C 344 93.15 -5.09 6.91
C PHE C 344 92.19 -4.21 7.68
N LEU C 345 90.95 -4.14 7.19
CA LEU C 345 89.97 -3.21 7.73
C LEU C 345 88.79 -3.93 8.36
N SER C 346 88.27 -3.33 9.43
CA SER C 346 87.04 -3.81 10.04
C SER C 346 86.40 -2.69 10.86
N ALA C 347 85.17 -2.35 10.53
CA ALA C 347 84.39 -1.41 11.33
C ALA C 347 83.69 -2.17 12.45
N VAL C 348 84.33 -2.22 13.60
CA VAL C 348 83.86 -3.07 14.69
C VAL C 348 82.89 -2.32 15.61
N CYS C 349 81.76 -2.94 15.90
CA CYS C 349 80.78 -2.40 16.84
C CYS C 349 79.81 -3.48 17.31
N GLU C 350 78.77 -3.06 18.03
CA GLU C 350 77.79 -3.99 18.58
C GLU C 350 76.38 -3.47 18.33
N ASN C 351 75.47 -4.35 17.91
CA ASN C 351 74.11 -3.97 17.59
C ASN C 351 73.15 -4.32 18.72
N MET C 352 72.82 -3.33 19.55
CA MET C 352 72.07 -3.59 20.78
C MET C 352 70.77 -2.79 20.87
N VAL C 353 69.93 -3.14 21.85
CA VAL C 353 68.69 -2.42 22.10
C VAL C 353 68.85 -1.50 23.30
N SER C 354 68.59 -0.21 23.08
CA SER C 354 68.84 0.79 24.09
C SER C 354 68.03 2.05 23.82
N LYS C 355 68.02 2.97 24.78
CA LYS C 355 67.43 4.28 24.57
C LYS C 355 68.25 5.07 23.54
N ASN C 356 69.50 4.67 23.34
CA ASN C 356 70.40 5.39 22.44
C ASN C 356 70.51 4.75 21.06
N SER C 357 69.84 3.62 20.86
CA SER C 357 69.90 2.89 19.59
C SER C 357 69.29 3.65 18.43
N TYR C 358 69.79 3.40 17.22
CA TYR C 358 69.18 3.96 16.03
C TYR C 358 67.87 3.23 15.76
N ARG C 359 66.89 3.96 15.24
CA ARG C 359 65.55 3.42 15.09
C ARG C 359 65.27 2.99 13.66
N PRO C 360 64.33 2.06 13.48
CA PRO C 360 63.80 1.80 12.14
C PRO C 360 63.16 3.07 11.61
N GLY C 361 63.54 3.50 10.40
CA GLY C 361 63.02 4.72 9.83
C GLY C 361 64.01 5.87 9.84
N ASP C 362 65.03 5.78 10.70
CA ASP C 362 66.06 6.81 10.77
C ASP C 362 66.77 7.00 9.43
N ILE C 363 67.05 8.25 9.09
CA ILE C 363 67.85 8.55 7.90
C ILE C 363 69.24 8.98 8.33
N ILE C 364 70.25 8.27 7.83
CA ILE C 364 71.62 8.49 8.25
C ILE C 364 72.52 8.82 7.06
N THR C 365 73.62 9.52 7.31
CA THR C 365 74.50 9.95 6.24
C THR C 365 75.84 9.22 6.27
N ALA C 366 76.17 8.54 5.18
CA ALA C 366 77.43 7.83 5.06
C ALA C 366 78.59 8.80 4.83
N SER C 367 79.81 8.30 4.97
CA SER C 367 81.02 9.12 4.83
C SER C 367 81.22 9.64 3.41
N ASN C 368 80.48 9.10 2.45
CA ASN C 368 80.55 9.58 1.07
C ASN C 368 79.40 10.52 0.74
N GLY C 369 78.65 10.91 1.77
CA GLY C 369 77.58 11.90 1.62
C GLY C 369 76.20 11.35 1.33
N LYS C 370 76.11 10.08 0.94
CA LYS C 370 74.81 9.48 0.65
C LYS C 370 73.94 9.31 1.89
N THR C 371 72.69 9.76 1.80
CA THR C 371 71.74 9.58 2.88
C THR C 371 71.04 8.23 2.72
N ILE C 372 70.86 7.54 3.84
CA ILE C 372 70.32 6.18 3.83
C ILE C 372 69.10 6.07 4.73
N GLU C 373 68.02 5.54 4.19
CA GLU C 373 66.82 5.30 5.00
C GLU C 373 66.86 3.88 5.59
N VAL C 374 66.93 3.80 6.91
CA VAL C 374 66.97 2.53 7.60
C VAL C 374 65.59 1.89 7.66
N GLY C 375 65.42 0.77 6.97
CA GLY C 375 64.16 0.05 6.96
C GLY C 375 64.13 -1.14 7.91
N ASN C 376 65.31 -1.55 8.36
CA ASN C 376 65.43 -2.69 9.27
C ASN C 376 66.78 -2.62 9.99
N THR C 377 66.74 -2.44 11.30
CA THR C 377 67.96 -2.29 12.09
C THR C 377 68.79 -3.57 12.15
N ASP C 378 68.21 -4.69 11.74
CA ASP C 378 68.92 -5.96 11.75
C ASP C 378 69.74 -6.16 10.48
N ALA C 379 69.58 -5.25 9.53
CA ALA C 379 70.44 -5.21 8.34
C ALA C 379 71.58 -4.23 8.58
N GLU C 380 72.25 -4.37 9.72
CA GLU C 380 73.24 -3.39 10.16
C GLU C 380 74.60 -3.61 9.51
N GLY C 381 74.86 -4.83 9.05
CA GLY C 381 76.14 -5.16 8.47
C GLY C 381 76.47 -4.30 7.26
N ARG C 382 75.49 -4.12 6.39
CA ARG C 382 75.68 -3.36 5.16
C ARG C 382 75.90 -1.88 5.47
N LEU C 383 75.42 -1.42 6.61
CA LEU C 383 75.63 -0.03 7.03
C LEU C 383 77.06 0.22 7.48
N THR C 384 77.59 -0.69 8.29
CA THR C 384 78.97 -0.57 8.76
C THR C 384 79.96 -0.76 7.61
N LEU C 385 79.66 -1.71 6.73
CA LEU C 385 80.52 -1.96 5.56
C LEU C 385 80.52 -0.79 4.61
N ALA C 386 79.39 -0.11 4.51
CA ALA C 386 79.26 1.06 3.62
C ALA C 386 80.33 2.09 3.94
N ASP C 387 80.45 2.44 5.22
CA ASP C 387 81.45 3.41 5.63
C ASP C 387 82.86 2.83 5.49
N ALA C 388 83.00 1.52 5.73
CA ALA C 388 84.28 0.83 5.60
C ALA C 388 84.75 0.77 4.15
N LEU C 389 83.82 0.57 3.23
CA LEU C 389 84.17 0.50 1.81
C LEU C 389 84.60 1.86 1.28
N VAL C 390 83.95 2.92 1.78
CA VAL C 390 84.33 4.28 1.42
C VAL C 390 85.74 4.60 1.92
N TYR C 391 86.02 4.21 3.16
CA TYR C 391 87.34 4.35 3.75
C TYR C 391 88.38 3.57 2.96
N ALA C 392 88.00 2.37 2.54
CA ALA C 392 88.90 1.49 1.78
C ALA C 392 89.30 2.12 0.46
N GLU C 393 88.33 2.67 -0.25
CA GLU C 393 88.57 3.25 -1.57
C GLU C 393 89.45 4.50 -1.48
N LYS C 394 89.35 5.22 -0.37
CA LYS C 394 90.18 6.39 -0.15
C LYS C 394 91.66 6.03 0.05
N LEU C 395 91.92 4.76 0.36
CA LEU C 395 93.28 4.30 0.54
C LEU C 395 94.00 4.15 -0.80
N GLY C 396 93.24 4.16 -1.88
CA GLY C 396 93.79 4.03 -3.21
C GLY C 396 94.33 2.64 -3.49
N VAL C 397 93.46 1.64 -3.43
CA VAL C 397 93.86 0.26 -3.66
C VAL C 397 93.38 -0.22 -5.04
N ASP C 398 93.87 -1.40 -5.45
CA ASP C 398 93.48 -1.97 -6.73
C ASP C 398 92.26 -2.85 -6.58
N TYR C 399 92.23 -3.59 -5.48
CA TYR C 399 91.14 -4.51 -5.20
C TYR C 399 90.57 -4.24 -3.82
N ILE C 400 89.25 -4.22 -3.73
CA ILE C 400 88.58 -4.22 -2.44
C ILE C 400 87.81 -5.53 -2.29
N VAL C 401 88.20 -6.33 -1.30
CA VAL C 401 87.48 -7.56 -1.03
C VAL C 401 86.90 -7.52 0.38
N ASP C 402 85.58 -7.64 0.48
CA ASP C 402 84.95 -7.70 1.80
C ASP C 402 84.38 -9.10 2.04
N ILE C 403 84.41 -9.53 3.29
CA ILE C 403 83.90 -10.84 3.67
C ILE C 403 83.03 -10.67 4.91
N ALA C 404 81.81 -11.20 4.86
CA ALA C 404 80.82 -10.88 5.88
C ALA C 404 79.74 -11.93 6.03
N THR C 405 79.29 -12.10 7.28
CA THR C 405 78.10 -12.89 7.57
C THR C 405 76.89 -12.00 7.36
N LEU C 406 76.57 -11.75 6.10
CA LEU C 406 75.66 -10.65 5.76
C LEU C 406 74.18 -11.02 5.78
N THR C 407 73.80 -12.10 5.08
CA THR C 407 72.39 -12.44 4.91
C THR C 407 72.08 -13.90 5.17
N GLY C 408 71.01 -14.14 5.92
CA GLY C 408 70.55 -15.48 6.21
C GLY C 408 70.03 -16.18 4.96
N ALA C 409 69.76 -15.41 3.92
CA ALA C 409 69.28 -15.97 2.65
C ALA C 409 70.29 -16.94 2.02
N MET C 410 71.56 -16.82 2.40
CA MET C 410 72.59 -17.71 1.88
C MET C 410 72.34 -19.18 2.23
N LEU C 411 71.66 -19.41 3.34
CA LEU C 411 71.32 -20.77 3.77
C LEU C 411 70.34 -21.43 2.80
N TYR C 412 69.54 -20.62 2.12
CA TYR C 412 68.53 -21.13 1.21
C TYR C 412 69.05 -21.20 -0.22
N SER C 413 70.18 -20.55 -0.46
CA SER C 413 70.76 -20.50 -1.81
C SER C 413 71.89 -21.50 -1.97
N LEU C 414 72.90 -21.40 -1.10
CA LEU C 414 74.06 -22.28 -1.21
C LEU C 414 74.18 -23.24 -0.04
N GLY C 415 73.49 -22.94 1.06
CA GLY C 415 73.51 -23.81 2.21
C GLY C 415 74.71 -23.56 3.12
N THR C 416 75.24 -24.64 3.68
CA THR C 416 76.27 -24.52 4.71
C THR C 416 77.67 -24.85 4.22
N SER C 417 77.81 -25.21 2.94
CA SER C 417 79.11 -25.61 2.41
C SER C 417 79.76 -24.54 1.53
N TYR C 418 78.96 -23.87 0.70
CA TYR C 418 79.49 -22.90 -0.25
C TYR C 418 79.17 -21.46 0.12
N ALA C 419 80.18 -20.62 0.17
CA ALA C 419 79.95 -19.18 0.33
C ALA C 419 79.62 -18.59 -1.03
N GLY C 420 78.92 -17.46 -1.03
CA GLY C 420 78.61 -16.79 -2.29
C GLY C 420 79.47 -15.57 -2.49
N VAL C 421 79.90 -15.34 -3.73
CA VAL C 421 80.69 -14.16 -4.03
C VAL C 421 80.00 -13.26 -5.06
N PHE C 422 79.99 -11.96 -4.77
CA PHE C 422 79.44 -10.95 -5.66
C PHE C 422 80.53 -9.95 -5.98
N GLY C 423 80.37 -9.20 -7.06
CA GLY C 423 81.37 -8.21 -7.43
C GLY C 423 80.97 -7.32 -8.59
N ASN C 424 81.75 -6.28 -8.82
CA ASN C 424 81.53 -5.39 -9.95
C ASN C 424 82.58 -5.62 -11.03
N ASN C 425 83.43 -6.63 -10.82
CA ASN C 425 84.57 -6.88 -11.70
C ASN C 425 84.87 -8.36 -11.86
N GLU C 426 84.83 -8.86 -13.09
CA GLU C 426 84.95 -10.30 -13.35
C GLU C 426 86.36 -10.84 -13.09
N GLU C 427 87.38 -10.02 -13.34
CA GLU C 427 88.75 -10.44 -13.09
C GLU C 427 88.96 -10.73 -11.60
N LEU C 428 88.53 -9.80 -10.76
CA LEU C 428 88.66 -9.98 -9.32
C LEU C 428 87.84 -11.18 -8.84
N ILE C 429 86.64 -11.32 -9.39
CA ILE C 429 85.78 -12.46 -9.06
C ILE C 429 86.47 -13.77 -9.42
N ASN C 430 87.11 -13.79 -10.59
CA ASN C 430 87.82 -14.97 -11.05
C ASN C 430 89.00 -15.33 -10.14
N LYS C 431 89.66 -14.30 -9.62
CA LYS C 431 90.76 -14.51 -8.68
C LYS C 431 90.26 -15.15 -7.39
N ILE C 432 89.12 -14.69 -6.90
CA ILE C 432 88.51 -15.24 -5.70
C ILE C 432 88.14 -16.71 -5.93
N LEU C 433 87.58 -16.99 -7.10
CA LEU C 433 87.21 -18.36 -7.43
C LEU C 433 88.45 -19.24 -7.56
N GLN C 434 89.51 -18.69 -8.14
CA GLN C 434 90.77 -19.40 -8.24
C GLN C 434 91.32 -19.70 -6.85
N SER C 435 91.26 -18.70 -5.98
CA SER C 435 91.72 -18.83 -4.61
C SER C 435 90.88 -19.87 -3.86
N SER C 436 89.61 -19.97 -4.23
CA SER C 436 88.71 -20.96 -3.63
C SER C 436 89.17 -22.38 -3.96
N LYS C 437 89.64 -22.58 -5.18
CA LYS C 437 90.12 -23.88 -5.61
C LYS C 437 91.37 -24.31 -4.83
N THR C 438 92.33 -23.40 -4.72
CA THR C 438 93.63 -23.73 -4.11
C THR C 438 93.59 -23.74 -2.59
N SER C 439 92.66 -22.99 -2.00
CA SER C 439 92.54 -22.97 -0.54
C SER C 439 91.58 -24.05 -0.07
N ASN C 440 90.84 -24.62 -1.01
CA ASN C 440 89.82 -25.63 -0.74
C ASN C 440 88.73 -25.13 0.20
N GLU C 441 88.43 -23.84 0.11
CA GLU C 441 87.25 -23.27 0.75
C GLU C 441 86.23 -22.89 -0.34
N PRO C 442 85.20 -23.73 -0.52
CA PRO C 442 84.29 -23.62 -1.66
C PRO C 442 83.47 -22.32 -1.70
N VAL C 443 83.51 -21.67 -2.85
CA VAL C 443 82.80 -20.42 -3.08
C VAL C 443 82.10 -20.49 -4.45
N TRP C 444 80.88 -19.97 -4.53
CA TRP C 444 80.14 -19.97 -5.78
C TRP C 444 79.78 -18.54 -6.19
N TRP C 445 79.89 -18.26 -7.48
CA TRP C 445 79.63 -16.92 -7.99
C TRP C 445 78.14 -16.67 -8.13
N LEU C 446 77.65 -15.63 -7.46
CA LEU C 446 76.24 -15.25 -7.55
C LEU C 446 76.12 -13.88 -8.21
N PRO C 447 74.99 -13.63 -8.91
CA PRO C 447 74.87 -12.41 -9.70
C PRO C 447 74.39 -11.19 -8.91
N ILE C 448 74.85 -10.01 -9.31
CA ILE C 448 74.27 -8.77 -8.83
C ILE C 448 73.26 -8.31 -9.87
N ILE C 449 71.98 -8.56 -9.60
CA ILE C 449 70.94 -8.30 -10.59
C ILE C 449 70.50 -6.84 -10.55
N ASN C 450 70.86 -6.10 -11.59
CA ASN C 450 70.64 -4.65 -11.63
C ASN C 450 69.18 -4.26 -11.67
N GLU C 451 68.31 -5.18 -12.06
CA GLU C 451 66.88 -4.90 -12.13
C GLU C 451 66.28 -4.65 -10.74
N TYR C 452 66.96 -5.12 -9.70
CA TYR C 452 66.45 -4.98 -8.34
C TYR C 452 66.83 -3.63 -7.73
N ARG C 453 67.72 -2.91 -8.41
CA ARG C 453 68.23 -1.63 -7.89
C ARG C 453 67.11 -0.64 -7.60
N ALA C 454 66.04 -0.69 -8.39
CA ALA C 454 64.95 0.27 -8.25
C ALA C 454 64.19 0.09 -6.93
N THR C 455 64.30 -1.08 -6.32
CA THR C 455 63.63 -1.33 -5.05
C THR C 455 64.37 -0.66 -3.89
N LEU C 456 65.56 -0.16 -4.18
CA LEU C 456 66.35 0.53 -3.16
C LEU C 456 66.16 2.04 -3.29
N ASN C 457 65.29 2.46 -4.20
CA ASN C 457 64.98 3.87 -4.35
C ASN C 457 64.12 4.37 -3.20
N SER C 458 64.69 5.23 -2.37
CA SER C 458 64.00 5.78 -1.22
C SER C 458 63.24 7.04 -1.61
N LYS C 459 62.09 7.25 -0.98
CA LYS C 459 61.27 8.43 -1.24
C LYS C 459 61.90 9.71 -0.72
N TYR C 460 62.65 9.61 0.37
CA TYR C 460 63.18 10.80 1.04
C TYR C 460 64.71 10.82 1.03
N ALA C 461 65.33 9.68 1.27
CA ALA C 461 66.79 9.59 1.27
C ALA C 461 67.31 9.33 -0.14
N ASP C 462 68.64 9.30 -0.27
CA ASP C 462 69.26 8.95 -1.55
C ASP C 462 69.00 7.48 -1.88
N ILE C 463 69.01 6.64 -0.86
CA ILE C 463 68.88 5.21 -1.05
C ILE C 463 68.25 4.50 0.16
N ASN C 464 67.52 3.42 -0.11
CA ASN C 464 67.01 2.54 0.93
C ASN C 464 68.08 1.54 1.39
N GLN C 465 68.03 1.21 2.67
CA GLN C 465 68.91 0.18 3.23
C GLN C 465 68.49 -1.21 2.75
N ILE C 466 67.18 -1.45 2.74
CA ILE C 466 66.62 -2.73 2.33
C ILE C 466 65.51 -2.55 1.30
N SER C 467 65.12 -3.65 0.65
CA SER C 467 63.99 -3.60 -0.26
C SER C 467 62.69 -3.79 0.53
N SER C 468 61.57 -3.44 -0.10
CA SER C 468 60.25 -3.53 0.53
C SER C 468 59.15 -3.20 -0.48
N VAL C 470 61.12 -7.92 -3.02
CA VAL C 470 62.30 -8.64 -3.49
C VAL C 470 63.01 -9.36 -2.35
N LYS C 471 62.53 -10.57 -2.04
CA LYS C 471 63.14 -11.47 -1.06
C LYS C 471 64.66 -11.51 -1.17
N ALA C 472 65.16 -12.14 -2.24
CA ALA C 472 66.58 -12.18 -2.64
C ALA C 472 67.51 -11.23 -1.88
N SER C 473 67.70 -11.50 -0.60
CA SER C 473 68.42 -10.60 0.29
C SER C 473 69.91 -10.41 -0.03
N SER C 474 70.58 -11.49 -0.43
CA SER C 474 72.01 -11.44 -0.70
C SER C 474 72.34 -10.56 -1.89
N ILE C 475 71.46 -10.61 -2.89
CA ILE C 475 71.63 -9.81 -4.10
C ILE C 475 71.34 -8.34 -3.82
N VAL C 476 70.25 -8.07 -3.10
CA VAL C 476 69.89 -6.70 -2.74
C VAL C 476 70.97 -6.05 -1.88
N ALA C 477 71.51 -6.81 -0.92
CA ALA C 477 72.56 -6.31 -0.05
C ALA C 477 73.81 -5.95 -0.86
N SER C 478 74.10 -6.77 -1.87
CA SER C 478 75.22 -6.51 -2.76
C SER C 478 75.00 -5.25 -3.57
N LEU C 479 73.76 -5.03 -3.99
CA LEU C 479 73.40 -3.82 -4.71
C LEU C 479 73.61 -2.58 -3.85
N PHE C 480 73.31 -2.71 -2.56
CA PHE C 480 73.52 -1.63 -1.61
C PHE C 480 75.01 -1.30 -1.49
N LEU C 481 75.81 -2.32 -1.21
CA LEU C 481 77.24 -2.15 -1.02
C LEU C 481 77.93 -1.57 -2.25
N LYS C 482 77.46 -1.99 -3.42
CA LYS C 482 78.03 -1.53 -4.68
C LYS C 482 77.95 0.00 -4.82
N GLU C 483 76.95 0.59 -4.19
CA GLU C 483 76.73 2.04 -4.22
C GLU C 483 77.83 2.83 -3.51
N PHE C 484 78.71 2.12 -2.80
CA PHE C 484 79.74 2.79 -2.02
C PHE C 484 81.14 2.50 -2.54
N VAL C 485 81.20 1.93 -3.74
CA VAL C 485 82.46 1.78 -4.46
C VAL C 485 82.27 2.37 -5.85
N GLN C 486 82.93 3.50 -6.10
CA GLN C 486 82.66 4.31 -7.29
C GLN C 486 83.50 3.88 -8.50
N ASN C 487 84.79 3.63 -8.29
CA ASN C 487 85.68 3.29 -9.40
C ASN C 487 86.82 2.38 -8.98
N THR C 488 86.50 1.33 -8.23
CA THR C 488 87.50 0.36 -7.81
C THR C 488 86.96 -1.05 -7.95
N ALA C 489 87.83 -1.97 -8.39
CA ALA C 489 87.46 -3.38 -8.44
C ALA C 489 87.09 -3.87 -7.05
N TRP C 490 85.88 -4.41 -6.90
CA TRP C 490 85.37 -4.78 -5.61
C TRP C 490 84.67 -6.13 -5.63
N ALA C 491 84.90 -6.94 -4.59
CA ALA C 491 84.24 -8.22 -4.48
C ALA C 491 83.72 -8.43 -3.06
N HIS C 492 82.61 -9.16 -2.96
CA HIS C 492 81.92 -9.34 -1.69
C HIS C 492 81.61 -10.81 -1.46
N ILE C 493 82.11 -11.35 -0.35
CA ILE C 493 81.89 -12.75 -0.03
C ILE C 493 80.95 -12.91 1.16
N ASP C 494 79.78 -13.46 0.91
CA ASP C 494 78.77 -13.67 1.95
C ASP C 494 78.93 -15.04 2.60
N ILE C 495 79.37 -15.05 3.85
CA ILE C 495 79.68 -16.29 4.56
C ILE C 495 78.74 -16.57 5.72
N ALA C 496 77.55 -15.98 5.68
CA ALA C 496 76.57 -16.15 6.76
C ALA C 496 76.18 -17.61 6.94
N GLY C 497 76.17 -18.37 5.86
CA GLY C 497 75.76 -19.76 5.91
C GLY C 497 76.86 -20.75 6.25
N VAL C 498 78.10 -20.43 5.87
CA VAL C 498 79.18 -21.38 6.00
C VAL C 498 80.09 -21.11 7.19
N SER C 499 79.91 -19.97 7.83
CA SER C 499 80.80 -19.57 8.90
C SER C 499 80.75 -20.53 10.09
N TRP C 500 79.54 -20.90 10.50
CA TRP C 500 79.38 -21.75 11.67
C TRP C 500 79.12 -23.20 11.27
N ASN C 501 79.84 -24.11 11.93
CA ASN C 501 79.63 -25.53 11.73
C ASN C 501 78.61 -26.07 12.72
N PHE C 502 77.36 -26.17 12.27
CA PHE C 502 76.27 -26.57 13.16
C PHE C 502 76.39 -28.02 13.62
N LYS C 503 76.95 -28.86 12.77
CA LYS C 503 77.14 -30.27 13.12
C LYS C 503 78.17 -30.43 14.24
N ALA C 504 79.27 -29.70 14.14
CA ALA C 504 80.34 -29.79 15.14
C ALA C 504 80.18 -28.77 16.27
N ARG C 505 79.21 -27.87 16.14
CA ARG C 505 78.95 -26.83 17.13
C ARG C 505 80.16 -25.94 17.40
N LYS C 506 80.79 -25.46 16.33
CA LYS C 506 81.99 -24.64 16.44
C LYS C 506 82.23 -23.85 15.16
N PRO C 507 83.05 -22.78 15.21
CA PRO C 507 83.34 -22.03 13.98
C PRO C 507 84.20 -22.82 13.00
N LYS C 508 84.20 -22.40 11.75
CA LYS C 508 85.07 -23.00 10.73
C LYS C 508 86.31 -22.14 10.52
N GLY C 509 86.22 -20.87 10.91
CA GLY C 509 87.26 -19.91 10.59
C GLY C 509 87.34 -19.71 9.09
N PHE C 510 86.18 -19.76 8.44
CA PHE C 510 86.10 -19.75 6.98
C PHE C 510 86.61 -18.43 6.39
N GLY C 511 87.45 -18.54 5.37
CA GLY C 511 87.89 -17.37 4.63
C GLY C 511 89.35 -17.03 4.84
N VAL C 512 89.92 -17.48 5.96
CA VAL C 512 91.31 -17.18 6.25
C VAL C 512 92.23 -17.73 5.16
N ARG C 513 92.09 -19.02 4.86
CA ARG C 513 92.93 -19.65 3.84
C ARG C 513 92.62 -19.09 2.46
N LEU C 514 91.33 -18.82 2.22
CA LEU C 514 90.88 -18.24 0.96
C LEU C 514 91.53 -16.89 0.70
N LEU C 515 91.49 -16.01 1.69
CA LEU C 515 92.06 -14.68 1.54
C LEU C 515 93.58 -14.69 1.44
N THR C 516 94.23 -15.61 2.16
CA THR C 516 95.68 -15.70 2.13
C THR C 516 96.16 -16.21 0.78
N GLU C 517 95.50 -17.23 0.26
CA GLU C 517 95.79 -17.73 -1.07
C GLU C 517 95.58 -16.64 -2.11
N PHE C 518 94.57 -15.81 -1.87
CA PHE C 518 94.27 -14.68 -2.75
C PHE C 518 95.41 -13.66 -2.77
N VAL C 519 95.90 -13.32 -1.58
CA VAL C 519 96.96 -12.32 -1.45
C VAL C 519 98.28 -12.85 -1.99
N LEU C 520 98.55 -14.13 -1.76
CA LEU C 520 99.81 -14.72 -2.20
C LEU C 520 99.83 -14.93 -3.70
N ASN C 521 98.74 -15.45 -4.25
CA ASN C 521 98.66 -15.75 -5.68
C ASN C 521 98.06 -14.59 -6.46
N ALA D 4 40.83 -37.30 -27.36
CA ALA D 4 40.24 -36.45 -26.32
C ALA D 4 39.54 -37.30 -25.25
N SER D 5 39.86 -37.02 -23.99
CA SER D 5 39.20 -37.67 -22.87
C SER D 5 38.08 -36.79 -22.34
N GLU D 6 37.11 -37.39 -21.67
CA GLU D 6 36.01 -36.64 -21.10
C GLU D 6 36.39 -36.01 -19.76
N VAL D 7 36.20 -34.70 -19.65
CA VAL D 7 36.51 -33.99 -18.41
C VAL D 7 35.37 -34.18 -17.41
N PRO D 8 35.69 -34.72 -16.23
CA PRO D 8 34.68 -34.92 -15.19
C PRO D 8 34.18 -33.60 -14.58
N GLN D 9 32.91 -33.59 -14.16
CA GLN D 9 32.32 -32.41 -13.55
C GLN D 9 31.65 -32.76 -12.22
N VAL D 10 31.67 -31.81 -11.28
CA VAL D 10 30.91 -31.96 -10.06
C VAL D 10 29.52 -31.39 -10.29
N VAL D 11 29.47 -30.21 -10.90
CA VAL D 11 28.22 -29.60 -11.32
C VAL D 11 28.25 -29.32 -12.82
N SER D 12 27.09 -29.08 -13.41
CA SER D 12 27.01 -28.88 -14.85
C SER D 12 27.59 -27.54 -15.28
N LEU D 13 27.79 -26.64 -14.32
CA LEU D 13 28.32 -25.31 -14.61
C LEU D 13 29.85 -25.32 -14.66
N ASP D 14 30.43 -26.46 -14.29
CA ASP D 14 31.87 -26.65 -14.35
C ASP D 14 32.33 -26.72 -15.81
N PRO D 15 33.35 -25.91 -16.16
CA PRO D 15 33.87 -25.86 -17.54
C PRO D 15 34.51 -27.19 -17.96
N THR D 16 34.47 -27.50 -19.24
CA THR D 16 34.99 -28.78 -19.73
C THR D 16 36.14 -28.65 -20.72
N SER D 17 36.65 -27.43 -20.91
CA SER D 17 37.83 -27.22 -21.75
C SER D 17 38.49 -25.88 -21.45
N ILE D 18 39.77 -25.78 -21.77
CA ILE D 18 40.50 -24.52 -21.66
C ILE D 18 40.30 -23.67 -22.91
N PRO D 19 39.74 -22.46 -22.74
CA PRO D 19 39.62 -21.53 -23.86
C PRO D 19 41.00 -21.08 -24.35
N ILE D 20 41.26 -21.25 -25.65
CA ILE D 20 42.55 -20.89 -26.21
C ILE D 20 42.34 -19.93 -27.37
N GLU D 21 43.01 -18.79 -27.31
CA GLU D 21 42.95 -17.82 -28.38
C GLU D 21 44.14 -18.03 -29.33
N TYR D 22 43.86 -18.48 -30.55
CA TYR D 22 44.92 -18.70 -31.53
C TYR D 22 45.15 -17.50 -32.45
N ASN D 23 44.07 -16.93 -32.95
CA ASN D 23 44.17 -15.77 -33.82
C ASN D 23 44.11 -14.46 -33.04
N THR D 24 45.29 -13.94 -32.72
CA THR D 24 45.36 -12.70 -31.94
C THR D 24 45.47 -11.50 -32.87
N PRO D 25 45.08 -10.31 -32.37
CA PRO D 25 45.23 -9.07 -33.13
C PRO D 25 46.69 -8.81 -33.55
N ILE D 26 47.64 -9.30 -32.75
CA ILE D 26 49.05 -9.18 -33.05
C ILE D 26 49.42 -9.83 -34.38
N HIS D 27 48.76 -10.94 -34.71
CA HIS D 27 49.04 -11.64 -35.95
C HIS D 27 48.58 -10.85 -37.18
N ASP D 28 47.73 -9.86 -36.95
CA ASP D 28 47.21 -9.03 -38.03
C ASP D 28 48.02 -7.75 -38.21
N ILE D 29 49.06 -7.58 -37.40
CA ILE D 29 49.87 -6.37 -37.48
C ILE D 29 50.89 -6.47 -38.60
N LYS D 30 50.75 -5.59 -39.58
CA LYS D 30 51.68 -5.49 -40.70
C LYS D 30 52.94 -4.77 -40.26
N VAL D 31 54.09 -5.44 -40.37
CA VAL D 31 55.34 -4.86 -39.88
C VAL D 31 56.28 -4.43 -41.00
N GLN D 32 56.68 -3.16 -40.96
CA GLN D 32 57.61 -2.62 -41.95
C GLN D 32 58.85 -2.08 -41.27
N VAL D 33 60.02 -2.44 -41.80
CA VAL D 33 61.28 -1.95 -41.25
C VAL D 33 62.02 -1.08 -42.27
N TYR D 34 62.30 0.16 -41.88
CA TYR D 34 63.00 1.10 -42.76
C TYR D 34 64.35 1.46 -42.17
N ASP D 35 65.28 1.87 -43.03
CA ASP D 35 66.59 2.31 -42.56
C ASP D 35 66.52 3.76 -42.07
N ILE D 36 67.16 4.01 -40.95
CA ILE D 36 67.11 5.33 -40.30
C ILE D 36 67.90 6.41 -41.03
N LYS D 37 68.82 6.03 -41.91
CA LYS D 37 69.63 7.01 -42.63
C LYS D 37 68.82 7.78 -43.68
N GLY D 38 67.70 7.23 -44.11
CA GLY D 38 66.87 7.88 -45.12
C GLY D 38 65.88 8.89 -44.59
N GLY D 39 65.83 9.05 -43.27
CA GLY D 39 64.87 9.96 -42.67
C GLY D 39 63.52 9.30 -42.45
N CYS D 40 62.71 9.90 -41.59
CA CYS D 40 61.43 9.32 -41.23
C CYS D 40 60.23 10.03 -41.85
N ASN D 41 59.27 9.25 -42.33
CA ASN D 41 58.01 9.83 -42.79
C ASN D 41 56.97 9.75 -41.69
N VAL D 42 56.43 10.91 -41.31
CA VAL D 42 55.39 10.96 -40.28
C VAL D 42 54.08 11.37 -40.93
N GLU D 43 53.33 10.36 -41.35
CA GLU D 43 52.10 10.53 -42.09
C GLU D 43 50.92 10.11 -41.24
N GLU D 44 50.73 8.80 -41.09
CA GLU D 44 49.65 8.27 -40.27
C GLU D 44 50.12 7.88 -38.86
N GLY D 45 49.16 7.63 -37.97
CA GLY D 45 49.42 7.05 -36.66
C GLY D 45 50.21 7.80 -35.59
N LEU D 46 50.88 7.00 -34.77
CA LEU D 46 51.69 7.48 -33.65
C LEU D 46 53.16 7.24 -33.93
N THR D 47 53.97 8.29 -33.76
CA THR D 47 55.41 8.16 -33.97
C THR D 47 56.15 8.37 -32.66
N ILE D 48 56.85 7.33 -32.21
CA ILE D 48 57.58 7.39 -30.96
C ILE D 48 59.08 7.27 -31.20
N PHE D 49 59.84 8.22 -30.66
CA PHE D 49 61.29 8.18 -30.75
C PHE D 49 61.90 7.58 -29.49
N LEU D 50 62.74 6.57 -29.66
CA LEU D 50 63.50 6.03 -28.54
C LEU D 50 64.81 6.77 -28.44
N VAL D 51 64.92 7.63 -27.44
CA VAL D 51 66.06 8.53 -27.35
C VAL D 51 66.77 8.40 -26.00
N ASN D 52 68.09 8.58 -26.01
CA ASN D 52 68.84 8.61 -24.76
C ASN D 52 69.75 9.83 -24.70
N ASN D 53 70.53 9.91 -23.62
CA ASN D 53 71.51 10.96 -23.44
C ASN D 53 72.66 10.40 -22.63
N PRO D 54 73.72 9.95 -23.31
CA PRO D 54 74.86 9.35 -22.59
C PRO D 54 75.49 10.31 -21.57
N GLY D 55 76.34 9.78 -20.70
CA GLY D 55 76.90 10.52 -19.58
C GLY D 55 75.94 11.42 -18.79
N LYS D 56 75.27 12.34 -19.48
CA LYS D 56 74.39 13.33 -18.85
C LYS D 56 73.10 12.73 -18.27
N GLU D 57 73.21 12.13 -17.08
CA GLU D 57 72.07 11.47 -16.41
C GLU D 57 70.81 12.33 -16.40
N ASN D 58 69.69 11.74 -16.81
CA ASN D 58 68.41 12.43 -16.96
C ASN D 58 68.56 13.72 -17.75
N GLY D 59 69.28 13.64 -18.86
CA GLY D 59 69.54 14.82 -19.67
C GLY D 59 68.38 15.15 -20.57
N PRO D 60 68.44 16.30 -21.24
CA PRO D 60 67.35 16.75 -22.10
C PRO D 60 67.21 15.85 -23.33
N VAL D 61 66.02 15.83 -23.91
CA VAL D 61 65.75 15.06 -25.13
C VAL D 61 66.21 15.82 -26.37
N LYS D 62 66.95 15.14 -27.23
CA LYS D 62 67.34 15.73 -28.50
C LYS D 62 67.12 14.72 -29.62
N ILE D 63 66.29 15.09 -30.59
CA ILE D 63 65.97 14.21 -31.72
C ILE D 63 66.89 14.49 -32.90
N SER D 64 67.69 13.51 -33.29
CA SER D 64 68.68 13.71 -34.35
C SER D 64 68.11 13.51 -35.76
N SER D 65 67.20 12.54 -35.91
CA SER D 65 66.69 12.16 -37.22
C SER D 65 65.94 13.28 -37.93
N LYS D 66 66.11 13.36 -39.25
CA LYS D 66 65.32 14.30 -40.03
C LYS D 66 63.96 13.69 -40.36
N VAL D 67 62.90 14.45 -40.14
CA VAL D 67 61.55 13.98 -40.43
C VAL D 67 60.97 14.77 -41.60
N ASN D 68 60.45 14.05 -42.59
CA ASN D 68 59.94 14.66 -43.81
C ASN D 68 58.58 15.34 -43.63
N ASP D 69 58.45 16.11 -42.55
CA ASP D 69 57.23 16.86 -42.27
C ASP D 69 57.58 18.16 -41.55
N LYS D 70 57.17 19.29 -42.12
CA LYS D 70 57.54 20.60 -41.61
C LYS D 70 56.94 20.86 -40.24
N GLN D 71 55.71 20.41 -40.04
CA GLN D 71 55.01 20.64 -38.77
C GLN D 71 55.67 19.84 -37.64
N VAL D 72 55.98 18.59 -37.92
CA VAL D 72 56.62 17.72 -36.94
C VAL D 72 58.06 18.15 -36.67
N SER D 73 58.76 18.55 -37.72
CA SER D 73 60.15 19.04 -37.58
C SER D 73 60.23 20.20 -36.61
N GLU D 74 59.25 21.10 -36.69
CA GLU D 74 59.19 22.25 -35.80
C GLU D 74 58.94 21.79 -34.37
N PHE D 75 58.05 20.81 -34.22
CA PHE D 75 57.78 20.20 -32.92
C PHE D 75 59.00 19.55 -32.31
N LEU D 76 59.81 18.90 -33.14
CA LEU D 76 60.94 18.13 -32.64
C LEU D 76 62.23 18.97 -32.54
N LYS D 77 62.10 20.28 -32.71
CA LYS D 77 63.25 21.17 -32.58
C LYS D 77 63.80 21.11 -31.16
N ASP D 78 65.09 21.39 -31.01
CA ASP D 78 65.79 21.25 -29.74
C ASP D 78 65.18 22.11 -28.62
N GLU D 79 64.71 23.30 -28.96
CA GLU D 79 64.14 24.20 -27.97
C GLU D 79 62.90 23.60 -27.31
N ASN D 80 62.14 22.84 -28.07
CA ASN D 80 60.93 22.19 -27.55
C ASN D 80 61.21 20.91 -26.77
N MET D 81 62.18 20.13 -27.22
CA MET D 81 62.41 18.81 -26.66
C MET D 81 63.27 18.81 -25.40
N GLU D 82 64.00 19.90 -25.18
CA GLU D 82 64.89 20.00 -24.04
C GLU D 82 64.10 20.17 -22.74
N LYS D 83 62.81 20.47 -22.88
CA LYS D 83 61.93 20.60 -21.74
C LYS D 83 61.58 19.23 -21.16
N PHE D 84 61.89 18.18 -21.93
CA PHE D 84 61.68 16.81 -21.52
C PHE D 84 63.03 16.14 -21.29
N ASN D 85 63.06 15.16 -20.40
CA ASN D 85 64.30 14.44 -20.11
C ASN D 85 64.22 12.95 -20.46
N VAL D 86 65.37 12.28 -20.44
CA VAL D 86 65.47 10.92 -20.96
C VAL D 86 65.47 9.85 -19.87
N LYS D 87 65.02 10.20 -18.67
CA LYS D 87 64.89 9.25 -17.57
C LYS D 87 64.20 7.99 -18.07
N LEU D 88 64.80 6.83 -17.78
CA LEU D 88 64.32 5.56 -18.32
C LEU D 88 62.85 5.32 -18.03
N GLY D 89 62.07 5.18 -19.08
CA GLY D 89 60.64 4.90 -18.97
C GLY D 89 59.77 6.14 -19.11
N THR D 90 60.38 7.31 -18.93
CA THR D 90 59.62 8.56 -19.06
C THR D 90 59.19 8.76 -20.51
N SER D 91 57.94 9.14 -20.69
CA SER D 91 57.42 9.37 -22.03
C SER D 91 56.44 10.53 -22.10
N LYS D 92 56.40 11.19 -23.25
CA LYS D 92 55.42 12.23 -23.54
C LYS D 92 54.98 12.02 -24.97
N HIS D 93 53.69 12.18 -25.26
CA HIS D 93 53.25 12.19 -26.65
C HIS D 93 52.21 13.30 -26.87
N PHE D 94 52.31 13.97 -28.02
CA PHE D 94 51.42 15.08 -28.38
C PHE D 94 50.64 14.81 -29.65
N TYR D 95 49.43 15.37 -29.71
CA TYR D 95 48.59 15.24 -30.89
C TYR D 95 48.63 16.56 -31.67
N MET D 96 48.79 16.46 -32.98
CA MET D 96 48.91 17.62 -33.84
C MET D 96 48.55 17.32 -35.28
N PHE D 97 48.51 18.35 -36.11
CA PHE D 97 48.23 18.19 -37.53
C PHE D 97 49.54 18.27 -38.31
N ASN D 98 49.72 17.36 -39.26
CA ASN D 98 50.92 17.34 -40.07
C ASN D 98 50.78 18.33 -41.23
N ASP D 99 51.65 18.20 -42.22
CA ASP D 99 51.66 19.11 -43.36
C ASP D 99 50.37 19.02 -44.17
N ASN D 100 49.76 17.83 -44.16
CA ASN D 100 48.52 17.60 -44.91
C ASN D 100 47.27 17.72 -44.06
N LYS D 101 47.37 18.44 -42.94
CA LYS D 101 46.25 18.67 -42.04
C LYS D 101 45.61 17.37 -41.53
N ASN D 102 46.40 16.30 -41.45
CA ASN D 102 45.96 15.03 -40.89
C ASN D 102 46.38 14.91 -39.43
N SER D 103 45.53 14.31 -38.61
CA SER D 103 45.85 14.16 -37.20
C SER D 103 46.94 13.12 -36.98
N VAL D 104 48.01 13.54 -36.33
CA VAL D 104 49.13 12.66 -36.01
C VAL D 104 49.53 12.81 -34.54
N ALA D 105 50.12 11.76 -33.99
CA ALA D 105 50.63 11.82 -32.63
C ALA D 105 52.14 11.57 -32.62
N VAL D 106 52.88 12.44 -31.94
CA VAL D 106 54.34 12.31 -31.88
C VAL D 106 54.81 12.34 -30.42
N GLY D 107 55.85 11.56 -30.13
CA GLY D 107 56.38 11.52 -28.79
C GLY D 107 57.69 10.78 -28.67
N TYR D 108 58.12 10.55 -27.43
CA TYR D 108 59.35 9.81 -27.17
C TYR D 108 59.20 8.90 -25.96
N VAL D 109 60.13 7.95 -25.83
CA VAL D 109 60.30 7.20 -24.59
C VAL D 109 61.76 7.29 -24.16
N GLY D 110 62.00 7.66 -22.91
CA GLY D 110 63.36 7.81 -22.42
C GLY D 110 64.06 6.48 -22.24
N CYS D 111 65.31 6.41 -22.73
CA CYS D 111 66.07 5.18 -22.65
C CYS D 111 67.32 5.34 -21.77
N GLY D 112 67.27 6.31 -20.86
CA GLY D 112 68.32 6.51 -19.88
C GLY D 112 69.60 7.13 -20.42
N SER D 113 70.71 6.86 -19.74
CA SER D 113 72.00 7.44 -20.10
C SER D 113 73.03 6.38 -20.48
N VAL D 114 72.71 5.13 -20.20
CA VAL D 114 73.60 4.03 -20.59
C VAL D 114 73.35 3.71 -22.06
N ALA D 115 74.41 3.60 -22.84
CA ALA D 115 74.30 3.40 -24.28
C ALA D 115 73.86 1.98 -24.64
N ASP D 116 74.04 1.06 -23.71
CA ASP D 116 73.66 -0.33 -23.93
C ASP D 116 72.55 -0.77 -23.01
N LEU D 117 71.33 -0.78 -23.54
CA LEU D 117 70.15 -1.16 -22.76
C LEU D 117 70.13 -2.64 -22.43
N SER D 118 69.88 -2.96 -21.16
CA SER D 118 69.73 -4.35 -20.77
C SER D 118 68.34 -4.81 -21.17
N GLU D 119 68.06 -6.09 -20.98
CA GLU D 119 66.77 -6.68 -21.33
C GLU D 119 65.68 -6.10 -20.43
N ALA D 120 66.05 -5.86 -19.18
CA ALA D 120 65.16 -5.29 -18.18
C ALA D 120 64.91 -3.83 -18.51
N ASP D 121 65.97 -3.18 -18.98
CA ASP D 121 65.88 -1.79 -19.40
C ASP D 121 64.95 -1.69 -20.59
N MET D 122 65.12 -2.61 -21.54
CA MET D 122 64.29 -2.65 -22.74
C MET D 122 62.85 -2.97 -22.36
N LYS D 123 62.68 -3.78 -21.31
CA LYS D 123 61.34 -4.14 -20.83
C LYS D 123 60.63 -2.91 -20.28
N ARG D 124 61.38 -2.06 -19.57
CA ARG D 124 60.83 -0.82 -19.03
C ARG D 124 60.42 0.14 -20.13
N VAL D 125 61.23 0.20 -21.19
CA VAL D 125 60.94 1.03 -22.36
C VAL D 125 59.67 0.58 -23.05
N VAL D 126 59.57 -0.73 -23.28
CA VAL D 126 58.41 -1.31 -23.95
C VAL D 126 57.12 -1.05 -23.17
N LEU D 127 57.17 -1.21 -21.85
CA LEU D 127 56.00 -0.99 -21.00
C LEU D 127 55.50 0.45 -21.09
N SER D 128 56.43 1.40 -21.17
CA SER D 128 56.08 2.80 -21.32
C SER D 128 55.39 3.01 -22.67
N LEU D 129 55.89 2.31 -23.67
CA LEU D 129 55.33 2.36 -25.01
C LEU D 129 53.91 1.77 -25.03
N VAL D 130 53.74 0.64 -24.35
CA VAL D 130 52.47 -0.06 -24.34
C VAL D 130 51.38 0.76 -23.64
N THR D 131 51.77 1.54 -22.64
CA THR D 131 50.83 2.41 -21.93
C THR D 131 50.21 3.43 -22.87
N MET D 132 50.99 3.90 -23.85
CA MET D 132 50.46 4.83 -24.84
C MET D 132 49.54 4.11 -25.83
N LEU D 133 49.84 2.85 -26.11
CA LEU D 133 49.05 2.06 -27.06
C LEU D 133 47.70 1.66 -26.48
N HIS D 134 47.65 1.42 -25.18
CA HIS D 134 46.39 1.05 -24.53
C HIS D 134 45.48 2.26 -24.38
N ASP D 135 45.99 3.40 -24.84
CA ASP D 135 45.30 4.68 -24.79
C ASP D 135 45.26 5.26 -26.21
N ASN D 136 45.40 4.39 -27.21
CA ASN D 136 45.45 4.85 -28.60
C ASN D 136 44.45 4.19 -29.54
N LYS D 137 43.71 5.04 -30.26
CA LYS D 137 42.70 4.60 -31.22
C LYS D 137 43.25 4.57 -32.65
N LEU D 138 44.55 4.82 -32.80
CA LEU D 138 45.16 4.91 -34.14
C LEU D 138 45.57 3.53 -34.66
N SER D 139 45.69 3.45 -35.98
CA SER D 139 45.95 2.21 -36.70
C SER D 139 47.43 1.90 -36.94
N LYS D 140 48.30 2.87 -36.69
CA LYS D 140 49.70 2.66 -36.99
C LYS D 140 50.61 3.23 -35.90
N LEU D 141 51.60 2.43 -35.52
CA LEU D 141 52.66 2.87 -34.64
C LEU D 141 53.98 2.84 -35.38
N THR D 142 54.76 3.90 -35.23
CA THR D 142 56.09 3.95 -35.82
C THR D 142 57.13 4.20 -34.74
N VAL D 143 58.09 3.29 -34.62
CA VAL D 143 59.12 3.41 -33.60
C VAL D 143 60.46 3.73 -34.24
N VAL D 144 61.07 4.84 -33.81
CA VAL D 144 62.35 5.26 -34.35
C VAL D 144 63.48 5.01 -33.34
N PHE D 145 64.36 4.08 -33.67
CA PHE D 145 65.46 3.71 -32.79
C PHE D 145 66.65 4.66 -32.92
N GLU D 146 66.76 5.60 -31.99
CA GLU D 146 67.93 6.48 -31.94
C GLU D 146 68.83 6.01 -30.79
N ILE D 147 68.80 4.69 -30.56
CA ILE D 147 69.63 4.03 -29.58
C ILE D 147 70.30 2.83 -30.21
N ASN D 148 71.29 2.25 -29.53
CA ASN D 148 72.03 1.11 -30.07
C ASN D 148 71.48 -0.23 -29.62
N VAL D 149 70.99 -1.03 -30.57
CA VAL D 149 70.49 -2.38 -30.29
C VAL D 149 70.93 -3.40 -31.34
N ASP D 150 71.31 -4.59 -30.89
CA ASP D 150 71.66 -5.67 -31.80
C ASP D 150 70.40 -6.43 -32.21
N LYS D 151 70.57 -7.44 -33.06
CA LYS D 151 69.45 -8.20 -33.60
C LYS D 151 68.60 -8.89 -32.55
N ASN D 152 69.26 -9.50 -31.56
CA ASN D 152 68.54 -10.21 -30.51
C ASN D 152 67.72 -9.27 -29.64
N LEU D 153 68.31 -8.15 -29.26
CA LEU D 153 67.61 -7.19 -28.41
C LEU D 153 66.47 -6.57 -29.19
N PHE D 154 66.67 -6.42 -30.49
CA PHE D 154 65.61 -5.92 -31.35
C PHE D 154 64.46 -6.92 -31.45
N ARG D 155 64.81 -8.20 -31.63
CA ARG D 155 63.79 -9.24 -31.66
C ARG D 155 63.08 -9.29 -30.31
N PHE D 156 63.85 -9.16 -29.24
CA PHE D 156 63.30 -9.13 -27.90
C PHE D 156 62.32 -7.97 -27.75
N PHE D 157 62.68 -6.83 -28.33
CA PHE D 157 61.81 -5.66 -28.32
C PHE D 157 60.45 -5.98 -28.92
N LEU D 158 60.45 -6.61 -30.09
CA LEU D 158 59.21 -6.95 -30.77
C LEU D 158 58.40 -7.96 -29.97
N GLU D 159 59.07 -9.02 -29.50
CA GLU D 159 58.44 -10.04 -28.69
C GLU D 159 57.76 -9.45 -27.46
N THR D 160 58.51 -8.63 -26.72
CA THR D 160 58.01 -8.03 -25.49
C THR D 160 56.87 -7.08 -25.81
N LEU D 161 57.05 -6.30 -26.89
CA LEU D 161 56.01 -5.40 -27.35
C LEU D 161 54.74 -6.18 -27.66
N PHE D 162 54.88 -7.22 -28.48
CA PHE D 162 53.73 -8.05 -28.84
C PHE D 162 53.05 -8.65 -27.61
N TYR D 163 53.86 -9.23 -26.73
CA TYR D 163 53.32 -9.91 -25.54
C TYR D 163 52.64 -8.96 -24.55
N GLU D 164 53.27 -7.82 -24.28
CA GLU D 164 52.72 -6.88 -23.29
C GLU D 164 51.49 -6.15 -23.84
N TYR D 165 51.49 -5.91 -25.15
CA TYR D 165 50.40 -5.24 -25.84
C TYR D 165 49.10 -6.04 -25.75
N MET D 166 49.23 -7.35 -25.92
CA MET D 166 48.10 -8.28 -25.91
C MET D 166 47.45 -8.41 -24.53
N THR D 167 46.12 -8.43 -24.49
CA THR D 167 45.40 -8.59 -23.23
C THR D 167 44.44 -9.78 -23.27
N ASP D 168 44.51 -10.62 -22.25
CA ASP D 168 43.72 -11.83 -22.18
C ASP D 168 42.33 -11.56 -21.58
N GLU D 169 41.30 -11.70 -22.41
CA GLU D 169 39.93 -11.40 -21.99
C GLU D 169 39.00 -12.61 -22.07
N ARG D 170 39.58 -13.81 -22.10
CA ARG D 170 38.82 -15.03 -22.20
C ARG D 170 37.82 -15.24 -21.06
N PHE D 171 38.12 -14.67 -19.90
CA PHE D 171 37.30 -14.88 -18.71
C PHE D 171 36.57 -13.60 -18.34
N LYS D 172 36.69 -12.60 -19.21
CA LYS D 172 35.92 -11.37 -19.14
C LYS D 172 34.55 -11.59 -19.76
N SER D 173 33.53 -10.90 -19.26
CA SER D 173 32.19 -11.02 -19.85
C SER D 173 31.64 -9.64 -20.23
N ASN D 179 38.14 3.34 -25.15
CA ASN D 179 39.36 2.73 -24.66
C ASN D 179 40.48 2.77 -25.69
N MET D 180 40.57 1.72 -26.50
CA MET D 180 41.59 1.62 -27.53
C MET D 180 41.22 0.62 -28.63
N GLU D 181 42.16 0.39 -29.53
CA GLU D 181 41.99 -0.48 -30.69
C GLU D 181 43.37 -0.95 -31.07
N TYR D 182 43.51 -2.17 -31.59
CA TYR D 182 44.85 -2.63 -31.90
C TYR D 182 45.28 -2.04 -33.22
N ILE D 183 46.56 -1.69 -33.31
CA ILE D 183 47.15 -1.18 -34.53
C ILE D 183 47.11 -2.23 -35.65
N LYS D 184 47.13 -1.76 -36.90
CA LYS D 184 47.13 -2.65 -38.04
C LYS D 184 48.50 -2.63 -38.70
N HIS D 185 49.29 -1.62 -38.36
CA HIS D 185 50.61 -1.43 -38.95
C HIS D 185 51.66 -1.04 -37.93
N LEU D 186 52.85 -1.63 -38.06
CA LEU D 186 53.98 -1.28 -37.23
C LEU D 186 55.16 -0.89 -38.08
N GLY D 187 55.60 0.36 -37.95
CA GLY D 187 56.75 0.85 -38.67
C GLY D 187 57.94 0.96 -37.74
N VAL D 188 59.10 0.49 -38.20
CA VAL D 188 60.31 0.55 -37.41
C VAL D 188 61.42 1.23 -38.19
N TYR D 189 61.94 2.34 -37.67
CA TYR D 189 63.09 2.97 -38.27
C TYR D 189 64.32 2.62 -37.44
N ILE D 190 65.31 2.03 -38.09
CA ILE D 190 66.50 1.56 -37.39
C ILE D 190 67.66 1.45 -38.38
N ASN D 191 68.87 1.67 -37.88
CA ASN D 191 70.05 1.57 -38.73
C ASN D 191 70.27 0.10 -39.14
N ASN D 192 70.70 -0.10 -40.38
CA ASN D 192 70.89 -1.44 -40.95
C ASN D 192 69.62 -2.27 -40.97
N ALA D 193 68.55 -1.69 -41.49
CA ALA D 193 67.24 -2.31 -41.47
C ALA D 193 67.25 -3.69 -42.13
N ASP D 194 68.11 -3.86 -43.14
CA ASP D 194 68.18 -5.08 -43.89
C ASP D 194 68.50 -6.30 -43.03
N THR D 195 69.36 -6.09 -42.03
CA THR D 195 69.77 -7.16 -41.14
C THR D 195 68.68 -7.52 -40.11
N TYR D 196 67.81 -6.56 -39.82
CA TYR D 196 66.82 -6.72 -38.76
C TYR D 196 65.49 -7.29 -39.26
N LYS D 197 65.29 -7.27 -40.57
CA LYS D 197 64.04 -7.71 -41.16
C LYS D 197 63.74 -9.18 -40.88
N GLU D 198 64.80 -10.00 -40.83
CA GLU D 198 64.66 -11.43 -40.59
C GLU D 198 64.16 -11.74 -39.18
N GLU D 199 64.35 -10.78 -38.27
CA GLU D 199 63.94 -10.96 -36.87
C GLU D 199 62.45 -10.79 -36.67
N VAL D 200 61.78 -10.15 -37.63
CA VAL D 200 60.37 -9.79 -37.47
C VAL D 200 59.44 -11.01 -37.32
N GLU D 201 59.52 -11.93 -38.27
CA GLU D 201 58.63 -13.08 -38.22
C GLU D 201 59.07 -14.10 -37.17
N LYS D 202 60.35 -14.09 -36.83
CA LYS D 202 60.82 -14.94 -35.74
C LYS D 202 60.23 -14.45 -34.42
N ALA D 203 60.18 -13.14 -34.25
CA ALA D 203 59.61 -12.52 -33.06
C ALA D 203 58.11 -12.84 -32.93
N ARG D 204 57.41 -12.89 -34.06
CA ARG D 204 55.98 -13.16 -34.04
C ARG D 204 55.66 -14.59 -33.59
N VAL D 205 56.50 -15.53 -34.01
CA VAL D 205 56.35 -16.92 -33.60
C VAL D 205 56.68 -17.06 -32.11
N TYR D 206 57.78 -16.45 -31.70
CA TYR D 206 58.20 -16.46 -30.31
C TYR D 206 57.14 -15.81 -29.42
N TYR D 207 56.53 -14.75 -29.93
CA TYR D 207 55.44 -14.09 -29.21
C TYR D 207 54.33 -15.06 -28.84
N PHE D 208 53.79 -15.76 -29.84
CA PHE D 208 52.61 -16.57 -29.59
C PHE D 208 52.95 -17.79 -28.74
N GLY D 209 54.14 -18.36 -28.93
CA GLY D 209 54.59 -19.46 -28.11
C GLY D 209 54.59 -19.05 -26.64
N THR D 210 55.10 -17.86 -26.38
CA THR D 210 55.11 -17.32 -25.02
C THR D 210 53.69 -17.00 -24.55
N TYR D 211 52.89 -16.41 -25.44
CA TYR D 211 51.53 -16.04 -25.10
C TYR D 211 50.65 -17.27 -24.92
N TYR D 212 50.92 -18.31 -25.71
CA TYR D 212 50.20 -19.57 -25.59
C TYR D 212 50.45 -20.17 -24.21
N ALA D 213 51.72 -20.19 -23.80
CA ALA D 213 52.10 -20.67 -22.47
C ALA D 213 51.41 -19.85 -21.39
N SER D 214 51.43 -18.53 -21.57
CA SER D 214 50.77 -17.60 -20.67
C SER D 214 49.27 -17.92 -20.53
N GLN D 215 48.63 -18.26 -21.63
CA GLN D 215 47.21 -18.56 -21.62
C GLN D 215 46.89 -19.79 -20.78
N LEU D 216 47.75 -20.80 -20.86
CA LEU D 216 47.56 -22.03 -20.10
C LEU D 216 47.78 -21.78 -18.61
N ILE D 217 48.81 -21.01 -18.30
CA ILE D 217 49.15 -20.71 -16.91
C ILE D 217 48.08 -19.85 -16.24
N ALA D 218 47.68 -18.77 -16.92
CA ALA D 218 46.69 -17.85 -16.38
C ALA D 218 45.33 -18.51 -16.20
N ALA D 219 45.04 -19.51 -17.04
CA ALA D 219 43.81 -20.28 -16.92
C ALA D 219 43.73 -20.95 -15.55
N PRO D 220 42.64 -20.69 -14.81
CA PRO D 220 42.43 -21.21 -13.46
C PRO D 220 42.30 -22.74 -13.44
N SER D 221 42.36 -23.32 -12.24
CA SER D 221 42.45 -24.77 -12.11
C SER D 221 41.13 -25.47 -12.39
N ASN D 222 40.02 -24.73 -12.34
CA ASN D 222 38.74 -25.32 -12.70
C ASN D 222 38.57 -25.40 -14.23
N TYR D 223 39.30 -24.54 -14.93
CA TYR D 223 39.34 -24.58 -16.39
C TYR D 223 40.49 -25.48 -16.84
N CYS D 224 41.65 -25.26 -16.26
CA CYS D 224 42.86 -26.00 -16.61
C CYS D 224 43.12 -27.13 -15.63
N ASN D 225 42.71 -28.33 -16.02
CA ASN D 225 42.90 -29.54 -15.22
C ASN D 225 43.66 -30.57 -16.06
N PRO D 226 44.12 -31.66 -15.43
CA PRO D 226 44.90 -32.66 -16.18
C PRO D 226 44.25 -33.16 -17.47
N VAL D 227 42.93 -33.32 -17.47
CA VAL D 227 42.24 -33.80 -18.66
C VAL D 227 42.15 -32.72 -19.75
N SER D 228 41.69 -31.54 -19.37
CA SER D 228 41.50 -30.46 -20.33
C SER D 228 42.84 -29.93 -20.86
N LEU D 229 43.87 -30.00 -20.02
CA LEU D 229 45.20 -29.56 -20.46
C LEU D 229 45.76 -30.53 -21.49
N SER D 230 45.54 -31.83 -21.28
CA SER D 230 46.00 -32.84 -22.22
C SER D 230 45.22 -32.76 -23.53
N ASN D 231 43.94 -32.42 -23.44
CA ASN D 231 43.12 -32.20 -24.62
C ASN D 231 43.65 -31.03 -25.45
N ALA D 232 44.08 -29.98 -24.78
CA ALA D 232 44.65 -28.81 -25.45
C ALA D 232 45.97 -29.15 -26.13
N ALA D 233 46.74 -30.03 -25.50
CA ALA D 233 48.03 -30.46 -26.06
C ALA D 233 47.80 -31.27 -27.33
N VAL D 234 46.75 -32.09 -27.32
CA VAL D 234 46.38 -32.87 -28.50
C VAL D 234 45.94 -31.95 -29.63
N GLU D 235 45.07 -31.00 -29.30
CA GLU D 235 44.57 -30.03 -30.27
C GLU D 235 45.72 -29.24 -30.88
N LEU D 236 46.69 -28.86 -30.05
CA LEU D 236 47.86 -28.15 -30.52
C LEU D 236 48.71 -29.04 -31.42
N ALA D 237 48.89 -30.29 -31.00
CA ALA D 237 49.69 -31.25 -31.73
C ALA D 237 49.12 -31.51 -33.13
N GLN D 238 47.80 -31.54 -33.21
CA GLN D 238 47.11 -31.78 -34.47
C GLN D 238 47.28 -30.62 -35.45
N LYS D 239 47.28 -29.40 -34.92
CA LYS D 239 47.44 -28.21 -35.74
C LYS D 239 48.86 -28.07 -36.28
N LEU D 240 49.83 -28.65 -35.58
CA LEU D 240 51.23 -28.50 -35.93
C LEU D 240 51.77 -29.75 -36.63
N ASN D 241 50.86 -30.70 -36.88
CA ASN D 241 51.20 -31.96 -37.52
C ASN D 241 52.34 -32.68 -36.76
N LEU D 242 52.23 -32.67 -35.43
CA LEU D 242 53.14 -33.40 -34.56
C LEU D 242 52.58 -34.77 -34.14
N GLU D 243 53.46 -35.76 -33.98
CA GLU D 243 53.06 -37.04 -33.38
C GLU D 243 52.68 -36.80 -31.92
N TYR D 244 51.63 -37.46 -31.46
CA TYR D 244 51.15 -37.23 -30.10
C TYR D 244 50.61 -38.50 -29.47
N LYS D 245 50.76 -38.56 -28.15
CA LYS D 245 50.31 -39.71 -27.38
C LYS D 245 49.97 -39.28 -25.96
N ILE D 246 48.76 -39.60 -25.51
CA ILE D 246 48.37 -39.30 -24.14
C ILE D 246 48.22 -40.59 -23.35
N LEU D 247 49.09 -40.78 -22.36
CA LEU D 247 49.08 -41.99 -21.56
C LEU D 247 48.13 -41.84 -20.38
N GLY D 248 47.22 -42.80 -20.24
CA GLY D 248 46.24 -42.78 -19.17
C GLY D 248 46.68 -43.63 -17.99
N VAL D 249 45.84 -43.69 -16.96
CA VAL D 249 46.17 -44.34 -15.70
C VAL D 249 46.55 -45.81 -15.87
N LYS D 250 45.77 -46.53 -16.68
CA LYS D 250 46.01 -47.96 -16.87
C LYS D 250 47.36 -48.18 -17.55
N GLU D 251 47.69 -47.28 -18.47
CA GLU D 251 48.97 -47.34 -19.16
C GLU D 251 50.10 -47.00 -18.20
N LEU D 252 49.85 -46.01 -17.35
CA LEU D 252 50.83 -45.57 -16.35
C LEU D 252 51.07 -46.63 -15.28
N GLU D 253 50.02 -47.37 -14.92
CA GLU D 253 50.14 -48.45 -13.96
C GLU D 253 51.03 -49.56 -14.51
N GLU D 254 50.84 -49.87 -15.79
CA GLU D 254 51.62 -50.90 -16.46
C GLU D 254 53.08 -50.47 -16.59
N LEU D 255 53.29 -49.16 -16.72
CA LEU D 255 54.64 -48.60 -16.78
C LEU D 255 55.20 -48.41 -15.37
N LYS D 256 54.36 -48.69 -14.38
CA LYS D 256 54.75 -48.70 -12.97
C LYS D 256 55.26 -47.35 -12.46
N MET D 257 54.61 -46.27 -12.88
CA MET D 257 54.96 -44.94 -12.41
C MET D 257 54.29 -44.60 -11.06
N GLY D 258 54.75 -45.25 -10.00
CA GLY D 258 54.13 -45.12 -8.69
C GLY D 258 54.28 -43.76 -8.04
N ALA D 259 55.38 -43.07 -8.33
CA ALA D 259 55.60 -41.75 -7.77
C ALA D 259 54.64 -40.73 -8.37
N TYR D 260 54.56 -40.71 -9.70
CA TYR D 260 53.67 -39.81 -10.42
C TYR D 260 52.21 -40.09 -10.08
N LEU D 261 51.83 -41.36 -10.03
CA LEU D 261 50.45 -41.73 -9.76
C LEU D 261 50.02 -41.41 -8.33
N SER D 262 50.97 -41.47 -7.39
CA SER D 262 50.68 -41.19 -5.98
C SER D 262 50.25 -39.74 -5.74
N VAL D 263 50.89 -38.81 -6.44
CA VAL D 263 50.58 -37.40 -6.32
C VAL D 263 49.14 -37.14 -6.75
N GLY D 264 48.72 -37.82 -7.81
CA GLY D 264 47.40 -37.62 -8.39
C GLY D 264 46.27 -38.41 -7.76
N LYS D 265 46.60 -39.28 -6.81
CA LYS D 265 45.61 -40.16 -6.18
C LYS D 265 44.40 -39.41 -5.61
N GLY D 266 44.67 -38.26 -4.99
CA GLY D 266 43.62 -37.50 -4.32
C GLY D 266 42.80 -36.60 -5.22
N SER D 267 43.03 -36.65 -6.52
CA SER D 267 42.34 -35.77 -7.45
C SER D 267 41.13 -36.45 -8.10
N MET D 268 40.15 -35.64 -8.48
CA MET D 268 38.98 -36.13 -9.19
C MET D 268 39.29 -36.27 -10.67
N TYR D 269 40.41 -35.69 -11.09
CA TYR D 269 40.86 -35.79 -12.47
C TYR D 269 41.95 -36.84 -12.62
N PRO D 270 41.76 -37.79 -13.55
CA PRO D 270 42.75 -38.83 -13.81
C PRO D 270 44.07 -38.26 -14.32
N ASN D 271 45.18 -38.85 -13.90
CA ASN D 271 46.49 -38.47 -14.41
C ASN D 271 46.58 -38.64 -15.93
N LYS D 272 47.24 -37.69 -16.58
CA LYS D 272 47.43 -37.72 -18.02
C LYS D 272 48.88 -37.38 -18.37
N PHE D 273 49.58 -38.32 -18.97
CA PHE D 273 50.96 -38.11 -19.38
C PHE D 273 51.06 -37.64 -20.83
N ILE D 274 51.55 -36.42 -21.02
CA ILE D 274 51.67 -35.83 -22.35
C ILE D 274 53.00 -36.19 -23.01
N HIS D 275 52.92 -36.71 -24.23
CA HIS D 275 54.10 -37.01 -25.03
C HIS D 275 53.93 -36.50 -26.44
N LEU D 276 54.54 -35.35 -26.72
CA LEU D 276 54.53 -34.77 -28.06
C LEU D 276 55.87 -35.04 -28.72
N THR D 277 55.88 -35.24 -30.02
CA THR D 277 57.14 -35.48 -30.73
C THR D 277 57.24 -34.70 -32.03
N TYR D 278 58.36 -34.01 -32.19
CA TYR D 278 58.70 -33.40 -33.48
C TYR D 278 59.85 -34.18 -34.10
N LYS D 279 59.66 -34.65 -35.31
CA LYS D 279 60.73 -35.33 -36.02
C LYS D 279 61.03 -34.62 -37.34
N SER D 280 62.28 -34.23 -37.52
CA SER D 280 62.72 -33.60 -38.77
C SER D 280 62.45 -34.49 -39.99
N LYS D 281 62.50 -33.87 -41.16
CA LYS D 281 62.27 -34.59 -42.41
C LYS D 281 63.50 -35.37 -42.88
N GLY D 282 64.68 -34.83 -42.60
CA GLY D 282 65.90 -35.52 -43.01
C GLY D 282 66.46 -36.44 -41.95
N ASP D 283 67.79 -36.58 -41.94
CA ASP D 283 68.47 -37.42 -40.97
C ASP D 283 68.47 -36.75 -39.59
N VAL D 284 68.12 -37.51 -38.56
CA VAL D 284 68.13 -37.01 -37.19
C VAL D 284 69.53 -37.14 -36.59
N LYS D 285 70.11 -36.01 -36.20
CA LYS D 285 71.46 -35.98 -35.67
C LYS D 285 71.50 -35.76 -34.15
N LYS D 286 70.44 -35.15 -33.61
CA LYS D 286 70.33 -34.93 -32.18
C LYS D 286 68.92 -35.24 -31.67
N LYS D 287 68.84 -35.99 -30.58
CA LYS D 287 67.55 -36.25 -29.93
C LYS D 287 67.47 -35.57 -28.58
N ILE D 288 66.40 -34.81 -28.38
CA ILE D 288 66.23 -34.02 -27.17
C ILE D 288 64.87 -34.30 -26.54
N ALA D 289 64.87 -34.49 -25.21
CA ALA D 289 63.63 -34.59 -24.47
C ALA D 289 63.43 -33.35 -23.60
N LEU D 290 62.30 -32.66 -23.79
CA LEU D 290 61.95 -31.52 -22.95
C LEU D 290 60.86 -31.90 -21.95
N VAL D 291 61.18 -31.79 -20.66
CA VAL D 291 60.25 -32.19 -19.61
C VAL D 291 59.75 -31.01 -18.79
N GLY D 292 58.43 -30.89 -18.66
CA GLY D 292 57.84 -29.81 -17.90
C GLY D 292 56.98 -30.30 -16.76
N LYS D 293 57.11 -29.65 -15.60
CA LYS D 293 56.26 -29.93 -14.46
C LYS D 293 54.84 -29.48 -14.77
N GLY D 294 53.89 -30.39 -14.57
CA GLY D 294 52.51 -30.12 -14.93
C GLY D 294 51.52 -30.35 -13.81
N ILE D 295 51.67 -29.59 -12.73
CA ILE D 295 50.69 -29.61 -11.64
C ILE D 295 49.66 -28.51 -11.86
N THR D 296 48.46 -28.91 -12.26
CA THR D 296 47.43 -27.94 -12.63
C THR D 296 46.95 -27.16 -11.41
N PHE D 297 47.02 -27.79 -10.24
CA PHE D 297 46.84 -27.06 -8.99
C PHE D 297 47.59 -27.71 -7.86
N ASP D 298 48.33 -26.88 -7.10
CA ASP D 298 49.09 -27.39 -5.97
C ASP D 298 48.53 -26.86 -4.66
N SER D 299 47.66 -27.64 -4.03
CA SER D 299 47.10 -27.27 -2.74
C SER D 299 48.09 -27.56 -1.64
N GLY D 300 49.09 -28.37 -1.95
CA GLY D 300 50.09 -28.80 -0.99
C GLY D 300 49.80 -30.19 -0.47
N GLY D 301 48.59 -30.68 -0.76
CA GLY D 301 48.16 -31.95 -0.22
C GLY D 301 47.91 -31.85 1.28
N TYR D 302 48.12 -32.94 2.00
CA TYR D 302 47.91 -32.94 3.44
C TYR D 302 48.91 -32.03 4.14
N ASN D 303 50.06 -31.80 3.50
CA ASN D 303 50.93 -30.70 3.89
C ASN D 303 50.40 -29.42 3.27
N LEU D 304 49.17 -29.08 3.64
CA LEU D 304 48.44 -27.98 3.05
C LEU D 304 49.20 -26.65 3.10
N LYS D 305 49.07 -25.87 2.02
CA LYS D 305 49.63 -24.54 1.97
C LYS D 305 48.77 -23.60 2.81
N ALA D 306 48.98 -23.60 4.12
CA ALA D 306 48.15 -22.83 5.03
C ALA D 306 48.95 -21.74 5.75
N ALA D 307 50.27 -21.81 5.63
CA ALA D 307 51.13 -20.83 6.27
C ALA D 307 50.92 -19.46 5.64
N PRO D 308 51.05 -18.39 6.45
CA PRO D 308 50.90 -17.03 5.94
C PRO D 308 51.90 -16.73 4.84
N GLY D 309 51.40 -16.25 3.70
CA GLY D 309 52.25 -15.90 2.59
C GLY D 309 52.66 -17.08 1.74
N SER D 310 51.94 -18.19 1.84
CA SER D 310 52.25 -19.36 1.02
C SER D 310 51.57 -19.25 -0.35
N MET D 311 50.70 -18.27 -0.49
CA MET D 311 50.05 -17.94 -1.77
C MET D 311 49.38 -19.12 -2.47
N ILE D 312 48.43 -19.76 -1.78
CA ILE D 312 47.73 -20.91 -2.36
C ILE D 312 46.85 -20.47 -3.53
N ASP D 313 46.46 -19.20 -3.55
CA ASP D 313 45.57 -18.68 -4.58
C ASP D 313 46.29 -18.47 -5.90
N LEU D 314 47.60 -18.61 -5.87
CA LEU D 314 48.43 -18.43 -7.05
C LEU D 314 48.70 -19.77 -7.74
N MET D 315 48.47 -20.85 -7.01
CA MET D 315 48.98 -22.18 -7.35
C MET D 315 48.41 -22.83 -8.60
N LYS D 316 47.73 -22.05 -9.43
CA LYS D 316 47.39 -22.53 -10.76
C LYS D 316 48.62 -22.48 -11.66
N PHE D 317 49.60 -21.64 -11.30
CA PHE D 317 50.86 -21.50 -12.05
C PHE D 317 51.73 -22.76 -12.02
N ASP D 318 51.42 -23.71 -11.14
CA ASP D 318 52.35 -24.80 -10.85
C ASP D 318 52.53 -25.77 -12.03
N MET D 319 51.94 -25.42 -13.17
CA MET D 319 52.13 -26.16 -14.41
C MET D 319 52.82 -25.31 -15.48
N SER D 320 53.50 -24.26 -15.03
CA SER D 320 54.22 -23.33 -15.92
C SER D 320 55.31 -24.01 -16.75
N GLY D 321 55.95 -25.01 -16.16
CA GLY D 321 56.98 -25.76 -16.85
C GLY D 321 56.38 -26.49 -18.04
N CYS D 322 55.22 -27.10 -17.82
CA CYS D 322 54.50 -27.79 -18.88
C CYS D 322 54.06 -26.83 -19.97
N ALA D 323 53.57 -25.66 -19.58
CA ALA D 323 53.11 -24.66 -20.53
C ALA D 323 54.26 -24.18 -21.42
N ALA D 324 55.42 -23.97 -20.80
CA ALA D 324 56.62 -23.55 -21.51
C ALA D 324 57.03 -24.59 -22.55
N VAL D 325 56.91 -25.86 -22.18
CA VAL D 325 57.25 -26.95 -23.08
C VAL D 325 56.27 -26.97 -24.25
N LEU D 326 54.99 -26.74 -23.96
CA LEU D 326 53.98 -26.70 -25.01
C LEU D 326 54.17 -25.47 -25.88
N GLY D 327 54.55 -24.36 -25.27
CA GLY D 327 54.80 -23.13 -26.02
C GLY D 327 55.99 -23.31 -26.94
N CYS D 328 56.97 -24.07 -26.47
CA CYS D 328 58.13 -24.41 -27.28
C CYS D 328 57.75 -25.35 -28.42
N ALA D 329 56.86 -26.29 -28.12
CA ALA D 329 56.34 -27.22 -29.11
C ALA D 329 55.72 -26.47 -30.28
N TYR D 330 55.04 -25.36 -29.97
CA TYR D 330 54.51 -24.50 -31.01
C TYR D 330 55.61 -23.92 -31.88
N CYS D 331 56.62 -23.33 -31.25
CA CYS D 331 57.72 -22.67 -31.96
C CYS D 331 58.49 -23.65 -32.84
N VAL D 332 58.78 -24.82 -32.29
CA VAL D 332 59.53 -25.83 -33.03
C VAL D 332 58.72 -26.35 -34.22
N GLY D 333 57.46 -26.66 -33.97
CA GLY D 333 56.56 -27.16 -35.01
C GLY D 333 56.30 -26.15 -36.12
N THR D 334 56.44 -24.87 -35.80
CA THR D 334 56.20 -23.81 -36.77
C THR D 334 57.48 -23.46 -37.54
N LEU D 335 58.58 -23.32 -36.81
CA LEU D 335 59.85 -22.96 -37.41
C LEU D 335 60.50 -24.16 -38.08
N LYS D 336 60.07 -25.35 -37.65
CA LYS D 336 60.50 -26.62 -38.24
C LYS D 336 62.02 -26.76 -38.44
N PRO D 337 62.78 -26.89 -37.35
CA PRO D 337 64.23 -27.07 -37.48
C PRO D 337 64.61 -28.40 -38.14
N GLU D 338 65.83 -28.47 -38.68
CA GLU D 338 66.30 -29.66 -39.38
C GLU D 338 67.25 -30.48 -38.52
N ASN D 339 67.33 -31.78 -38.84
CA ASN D 339 68.30 -32.69 -38.25
C ASN D 339 68.14 -32.87 -36.75
N VAL D 340 66.93 -32.66 -36.25
CA VAL D 340 66.68 -32.79 -34.82
C VAL D 340 65.37 -33.54 -34.53
N GLU D 341 65.37 -34.32 -33.45
CA GLU D 341 64.16 -34.97 -32.97
C GLU D 341 63.92 -34.59 -31.51
N ILE D 342 62.77 -33.96 -31.26
CA ILE D 342 62.45 -33.47 -29.93
C ILE D 342 61.20 -34.13 -29.36
N HIS D 343 61.29 -34.58 -28.12
CA HIS D 343 60.14 -35.13 -27.41
C HIS D 343 59.69 -34.15 -26.32
N PHE D 344 58.41 -33.79 -26.35
CA PHE D 344 57.85 -32.89 -25.35
C PHE D 344 57.05 -33.66 -24.31
N LEU D 345 57.56 -33.72 -23.09
CA LEU D 345 56.97 -34.57 -22.06
C LEU D 345 56.42 -33.78 -20.88
N SER D 346 55.33 -34.27 -20.31
CA SER D 346 54.81 -33.71 -19.06
C SER D 346 53.92 -34.70 -18.33
N ALA D 347 54.28 -35.01 -17.09
CA ALA D 347 53.44 -35.82 -16.22
C ALA D 347 52.44 -34.92 -15.51
N VAL D 348 51.25 -34.78 -16.11
CA VAL D 348 50.25 -33.83 -15.62
C VAL D 348 49.29 -34.45 -14.62
N CYS D 349 49.08 -33.76 -13.51
CA CYS D 349 48.10 -34.17 -12.51
C CYS D 349 47.72 -32.99 -11.61
N GLU D 350 46.99 -33.30 -10.54
CA GLU D 350 46.50 -32.27 -9.62
C GLU D 350 46.78 -32.71 -8.18
N ASN D 351 47.26 -31.77 -7.37
CA ASN D 351 47.65 -32.09 -5.99
C ASN D 351 46.59 -31.64 -4.98
N MET D 352 45.75 -32.58 -4.53
CA MET D 352 44.57 -32.23 -3.74
C MET D 352 44.48 -32.93 -2.38
N VAL D 353 43.57 -32.46 -1.54
CA VAL D 353 43.30 -33.08 -0.24
C VAL D 353 42.03 -33.93 -0.33
N SER D 354 42.17 -35.21 -0.01
CA SER D 354 41.07 -36.16 -0.16
C SER D 354 41.28 -37.40 0.70
N LYS D 355 40.26 -38.25 0.78
CA LYS D 355 40.38 -39.54 1.45
C LYS D 355 41.35 -40.43 0.69
N ASN D 356 41.52 -40.13 -0.60
CA ASN D 356 42.31 -40.95 -1.50
C ASN D 356 43.72 -40.41 -1.68
N SER D 357 43.99 -39.27 -1.03
CA SER D 357 45.28 -38.61 -1.16
C SER D 357 46.43 -39.42 -0.57
N TYR D 358 47.62 -39.19 -1.14
CA TYR D 358 48.86 -39.72 -0.60
C TYR D 358 49.21 -38.99 0.69
N ARG D 359 49.76 -39.71 1.66
CA ARG D 359 50.06 -39.14 2.97
C ARG D 359 51.54 -38.85 3.19
N PRO D 360 51.83 -37.89 4.08
CA PRO D 360 53.21 -37.72 4.56
C PRO D 360 53.69 -39.00 5.24
N GLY D 361 54.85 -39.50 4.85
CA GLY D 361 55.38 -40.72 5.44
C GLY D 361 55.25 -41.93 4.52
N ASP D 362 54.34 -41.85 3.56
CA ASP D 362 54.14 -42.93 2.60
C ASP D 362 55.42 -43.27 1.83
N ILE D 363 55.64 -44.56 1.60
CA ILE D 363 56.75 -45.01 0.77
C ILE D 363 56.22 -45.50 -0.57
N ILE D 364 56.70 -44.89 -1.64
CA ILE D 364 56.21 -45.17 -2.98
C ILE D 364 57.34 -45.62 -3.90
N THR D 365 57.00 -46.37 -4.94
CA THR D 365 58.02 -46.92 -5.83
C THR D 365 58.00 -46.27 -7.21
N ALA D 366 59.12 -45.67 -7.60
CA ALA D 366 59.24 -45.05 -8.91
C ALA D 366 59.38 -46.11 -10.00
N SER D 367 59.22 -45.70 -11.24
CA SER D 367 59.26 -46.61 -12.39
C SER D 367 60.61 -47.25 -12.61
N ASN D 368 61.65 -46.74 -11.95
CA ASN D 368 62.98 -47.32 -12.08
C ASN D 368 63.33 -48.23 -10.91
N GLY D 369 62.32 -48.54 -10.09
CA GLY D 369 62.46 -49.46 -8.98
C GLY D 369 62.84 -48.83 -7.65
N LYS D 370 63.30 -47.58 -7.68
CA LYS D 370 63.70 -46.88 -6.46
C LYS D 370 62.51 -46.58 -5.57
N THR D 371 62.61 -46.92 -4.29
CA THR D 371 61.56 -46.59 -3.33
C THR D 371 61.82 -45.22 -2.70
N ILE D 372 60.76 -44.45 -2.53
CA ILE D 372 60.87 -43.07 -2.06
C ILE D 372 60.03 -42.83 -0.80
N GLU D 373 60.66 -42.28 0.24
CA GLU D 373 59.92 -41.93 1.45
C GLU D 373 59.43 -40.48 1.39
N VAL D 374 58.12 -40.32 1.35
CA VAL D 374 57.50 -38.98 1.27
C VAL D 374 57.54 -38.28 2.62
N GLY D 375 58.29 -37.18 2.69
CA GLY D 375 58.40 -36.41 3.91
C GLY D 375 57.52 -35.18 3.90
N ASN D 376 57.05 -34.79 2.71
CA ASN D 376 56.25 -33.58 2.54
C ASN D 376 55.44 -33.64 1.24
N THR D 377 54.12 -33.66 1.35
CA THR D 377 53.26 -33.80 0.16
C THR D 377 53.31 -32.57 -0.74
N ASP D 378 53.85 -31.47 -0.24
CA ASP D 378 53.93 -30.24 -1.02
C ASP D 378 55.18 -30.23 -1.90
N ALA D 379 56.05 -31.19 -1.70
CA ALA D 379 57.20 -31.38 -2.60
C ALA D 379 56.87 -32.41 -3.67
N GLU D 380 55.73 -32.22 -4.34
CA GLU D 380 55.19 -33.22 -5.25
C GLU D 380 55.81 -33.15 -6.65
N GLY D 381 56.37 -31.99 -7.00
CA GLY D 381 56.93 -31.78 -8.32
C GLY D 381 58.05 -32.75 -8.63
N ARG D 382 58.95 -32.95 -7.69
CA ARG D 382 60.10 -33.82 -7.90
C ARG D 382 59.65 -35.27 -8.05
N LEU D 383 58.48 -35.58 -7.50
CA LEU D 383 57.92 -36.92 -7.62
C LEU D 383 57.41 -37.19 -9.03
N THR D 384 56.66 -36.24 -9.58
CA THR D 384 56.13 -36.38 -10.93
C THR D 384 57.24 -36.35 -11.95
N LEU D 385 58.21 -35.47 -11.74
CA LEU D 385 59.36 -35.35 -12.62
C LEU D 385 60.23 -36.60 -12.60
N ALA D 386 60.31 -37.23 -11.43
CA ALA D 386 61.11 -38.45 -11.27
C ALA D 386 60.69 -39.52 -12.27
N ASP D 387 59.40 -39.79 -12.34
CA ASP D 387 58.87 -40.78 -13.27
C ASP D 387 59.03 -40.29 -14.72
N ALA D 388 58.88 -38.98 -14.91
CA ALA D 388 59.03 -38.37 -16.24
C ALA D 388 60.46 -38.47 -16.76
N LEU D 389 61.42 -38.30 -15.86
CA LEU D 389 62.83 -38.38 -16.22
C LEU D 389 63.20 -39.80 -16.60
N VAL D 390 62.63 -40.77 -15.89
CA VAL D 390 62.83 -42.17 -16.21
C VAL D 390 62.26 -42.50 -17.58
N TYR D 391 61.04 -42.00 -17.84
CA TYR D 391 60.39 -42.19 -19.13
C TYR D 391 61.22 -41.53 -20.25
N ALA D 392 61.74 -40.34 -19.96
CA ALA D 392 62.52 -39.58 -20.92
C ALA D 392 63.80 -40.30 -21.31
N GLU D 393 64.49 -40.84 -20.32
CA GLU D 393 65.78 -41.49 -20.57
C GLU D 393 65.59 -42.78 -21.36
N LYS D 394 64.43 -43.42 -21.19
CA LYS D 394 64.12 -44.64 -21.92
C LYS D 394 63.94 -44.38 -23.40
N LEU D 395 63.71 -43.12 -23.76
CA LEU D 395 63.54 -42.75 -25.17
C LEU D 395 64.88 -42.77 -25.92
N GLY D 396 65.97 -42.77 -25.17
CA GLY D 396 67.30 -42.79 -25.75
C GLY D 396 67.64 -41.49 -26.44
N VAL D 397 67.65 -40.40 -25.68
CA VAL D 397 67.94 -39.08 -26.24
C VAL D 397 69.34 -38.63 -25.86
N ASP D 398 69.79 -37.55 -26.47
CA ASP D 398 71.13 -37.02 -26.19
C ASP D 398 71.09 -36.05 -25.01
N TYR D 399 70.04 -35.23 -24.97
CA TYR D 399 69.89 -34.24 -23.91
C TYR D 399 68.51 -34.35 -23.26
N ILE D 400 68.49 -34.31 -21.94
CA ILE D 400 67.24 -34.15 -21.20
C ILE D 400 67.25 -32.84 -20.43
N VAL D 401 66.34 -31.94 -20.77
CA VAL D 401 66.24 -30.70 -20.03
C VAL D 401 64.85 -30.59 -19.41
N ASP D 402 64.80 -30.47 -18.09
CA ASP D 402 63.51 -30.30 -17.42
C ASP D 402 63.39 -28.89 -16.89
N ILE D 403 62.16 -28.38 -16.90
CA ILE D 403 61.87 -27.03 -16.45
C ILE D 403 60.65 -27.06 -15.54
N ALA D 404 60.77 -26.45 -14.36
CA ALA D 404 59.76 -26.64 -13.32
C ALA D 404 59.72 -25.51 -12.30
N THR D 405 58.51 -25.19 -11.83
CA THR D 405 58.34 -24.30 -10.68
C THR D 405 58.52 -25.12 -9.42
N LEU D 406 59.77 -25.47 -9.13
CA LEU D 406 60.07 -26.53 -8.17
C LEU D 406 60.17 -26.05 -6.71
N THR D 407 60.96 -25.01 -6.46
CA THR D 407 61.25 -24.61 -5.08
C THR D 407 61.06 -23.12 -4.79
N GLY D 408 60.38 -22.82 -3.69
CA GLY D 408 60.15 -21.46 -3.28
C GLY D 408 61.42 -20.75 -2.84
N ALA D 409 62.46 -21.53 -2.53
CA ALA D 409 63.75 -20.98 -2.10
C ALA D 409 64.38 -20.13 -3.19
N MET D 410 63.95 -20.33 -4.43
CA MET D 410 64.44 -19.56 -5.57
C MET D 410 64.17 -18.07 -5.39
N LEU D 411 63.10 -17.75 -4.66
CA LEU D 411 62.76 -16.35 -4.39
C LEU D 411 63.81 -15.70 -3.49
N TYR D 412 64.47 -16.51 -2.67
CA TYR D 412 65.45 -16.00 -1.73
C TYR D 412 66.87 -16.08 -2.30
N SER D 413 67.03 -16.82 -3.39
CA SER D 413 68.35 -16.97 -3.98
C SER D 413 68.57 -16.06 -5.19
N LEU D 414 67.71 -16.17 -6.20
CA LEU D 414 67.89 -15.38 -7.41
C LEU D 414 66.77 -14.35 -7.58
N GLY D 415 65.69 -14.54 -6.84
CA GLY D 415 64.58 -13.61 -6.87
C GLY D 415 63.62 -13.87 -8.02
N THR D 416 63.08 -12.80 -8.59
CA THR D 416 61.99 -12.93 -9.54
C THR D 416 62.40 -12.68 -10.99
N SER D 417 63.68 -12.37 -11.22
CA SER D 417 64.14 -12.07 -12.57
C SER D 417 64.93 -13.21 -13.20
N TYR D 418 65.78 -13.84 -12.41
CA TYR D 418 66.66 -14.88 -12.91
C TYR D 418 66.23 -16.28 -12.46
N ALA D 419 66.08 -17.19 -13.41
CA ALA D 419 65.84 -18.60 -13.10
C ALA D 419 67.16 -19.29 -12.81
N GLY D 420 67.10 -20.40 -12.08
CA GLY D 420 68.30 -21.16 -11.78
C GLY D 420 68.38 -22.42 -12.61
N VAL D 421 69.58 -22.76 -13.07
CA VAL D 421 69.79 -23.99 -13.82
C VAL D 421 70.77 -24.90 -13.09
N PHE D 422 70.40 -26.17 -13.01
CA PHE D 422 71.24 -27.19 -12.39
C PHE D 422 71.49 -28.29 -13.42
N GLY D 423 72.55 -29.08 -13.25
CA GLY D 423 72.80 -30.14 -14.19
C GLY D 423 73.91 -31.10 -13.82
N ASN D 424 74.00 -32.19 -14.57
CA ASN D 424 75.05 -33.19 -14.37
C ASN D 424 76.09 -33.14 -15.48
N ASN D 425 75.94 -32.14 -16.36
CA ASN D 425 76.79 -32.04 -17.54
C ASN D 425 77.08 -30.58 -17.86
N GLU D 426 78.35 -30.19 -17.85
CA GLU D 426 78.73 -28.79 -17.99
C GLU D 426 78.49 -28.27 -19.40
N GLU D 427 78.70 -29.13 -20.39
CA GLU D 427 78.48 -28.75 -21.78
C GLU D 427 77.01 -28.38 -22.01
N LEU D 428 76.11 -29.22 -21.52
CA LEU D 428 74.68 -28.95 -21.66
C LEU D 428 74.31 -27.66 -20.94
N ILE D 429 74.87 -27.47 -19.76
CA ILE D 429 74.64 -26.25 -18.99
C ILE D 429 75.12 -25.02 -19.76
N ASN D 430 76.27 -25.14 -20.40
CA ASN D 430 76.83 -24.05 -21.18
C ASN D 430 75.92 -23.69 -22.35
N LYS D 431 75.32 -24.71 -22.94
CA LYS D 431 74.37 -24.52 -24.03
C LYS D 431 73.12 -23.77 -23.54
N ILE D 432 72.66 -24.13 -22.35
CA ILE D 432 71.51 -23.45 -21.74
C ILE D 432 71.80 -21.98 -21.47
N LEU D 433 72.99 -21.69 -20.95
CA LEU D 433 73.38 -20.32 -20.66
C LEU D 433 73.51 -19.48 -21.93
N GLN D 434 74.03 -20.09 -22.99
CA GLN D 434 74.10 -19.43 -24.28
C GLN D 434 72.68 -19.14 -24.79
N SER D 435 71.79 -20.11 -24.64
CA SER D 435 70.40 -19.94 -25.03
C SER D 435 69.74 -18.82 -24.22
N SER D 436 70.13 -18.70 -22.96
CA SER D 436 69.61 -17.63 -22.10
C SER D 436 70.04 -16.27 -22.62
N LYS D 437 71.28 -16.18 -23.09
CA LYS D 437 71.82 -14.94 -23.63
C LYS D 437 71.08 -14.46 -24.87
N THR D 438 70.85 -15.37 -25.82
CA THR D 438 70.28 -15.00 -27.10
C THR D 438 68.76 -14.83 -27.02
N SER D 439 68.13 -15.52 -26.07
CA SER D 439 66.69 -15.42 -25.88
C SER D 439 66.34 -14.29 -24.92
N ASN D 440 67.35 -13.79 -24.22
CA ASN D 440 67.18 -12.76 -23.19
C ASN D 440 66.21 -13.18 -22.09
N GLU D 441 66.18 -14.48 -21.81
CA GLU D 441 65.49 -14.98 -20.62
C GLU D 441 66.57 -15.38 -19.63
N PRO D 442 66.83 -14.52 -18.64
CA PRO D 442 68.01 -14.63 -17.77
C PRO D 442 67.99 -15.88 -16.89
N VAL D 443 69.09 -16.62 -16.94
CA VAL D 443 69.25 -17.84 -16.17
C VAL D 443 70.64 -17.84 -15.52
N TRP D 444 70.74 -18.31 -14.28
CA TRP D 444 72.03 -18.38 -13.61
C TRP D 444 72.35 -19.80 -13.18
N TRP D 445 73.61 -20.19 -13.33
CA TRP D 445 74.05 -21.54 -13.01
C TRP D 445 74.27 -21.70 -11.50
N LEU D 446 73.55 -22.65 -10.91
CA LEU D 446 73.69 -22.97 -9.50
C LEU D 446 74.23 -24.39 -9.35
N PRO D 447 74.96 -24.65 -8.26
CA PRO D 447 75.67 -25.93 -8.12
C PRO D 447 74.81 -27.06 -7.58
N ILE D 448 75.13 -28.28 -8.00
CA ILE D 448 74.61 -29.47 -7.35
C ILE D 448 75.66 -29.94 -6.34
N ILE D 449 75.46 -29.57 -5.07
CA ILE D 449 76.45 -29.82 -4.04
C ILE D 449 76.29 -31.23 -3.45
N ASN D 450 77.24 -32.10 -3.79
CA ASN D 450 77.17 -33.51 -3.44
C ASN D 450 77.24 -33.78 -1.94
N GLU D 451 77.77 -32.83 -1.19
CA GLU D 451 77.87 -32.98 0.27
C GLU D 451 76.49 -33.03 0.91
N TYR D 452 75.48 -32.50 0.22
CA TYR D 452 74.13 -32.50 0.75
C TYR D 452 73.40 -33.80 0.44
N ARG D 453 73.97 -34.62 -0.42
CA ARG D 453 73.33 -35.86 -0.86
C ARG D 453 72.98 -36.79 0.29
N ALA D 454 73.80 -36.80 1.33
CA ALA D 454 73.61 -37.70 2.45
C ALA D 454 72.34 -37.39 3.24
N THR D 455 71.80 -36.18 3.07
CA THR D 455 70.60 -35.79 3.78
C THR D 455 69.36 -36.46 3.17
N LEU D 456 69.53 -37.08 2.01
CA LEU D 456 68.43 -37.78 1.37
C LEU D 456 68.44 -39.27 1.65
N ASN D 457 69.37 -39.71 2.50
CA ASN D 457 69.42 -41.11 2.90
C ASN D 457 68.25 -41.46 3.82
N SER D 458 67.35 -42.28 3.31
CA SER D 458 66.16 -42.66 4.07
C SER D 458 66.46 -43.86 4.95
N LYS D 459 65.81 -43.90 6.12
CA LYS D 459 66.02 -45.00 7.05
C LYS D 459 65.42 -46.30 6.52
N TYR D 460 64.31 -46.19 5.79
CA TYR D 460 63.57 -47.38 5.35
C TYR D 460 63.51 -47.53 3.84
N ALA D 461 63.31 -46.42 3.14
CA ALA D 461 63.25 -46.44 1.68
C ALA D 461 64.64 -46.27 1.08
N ASP D 462 64.73 -46.34 -0.25
CA ASP D 462 66.00 -46.10 -0.94
C ASP D 462 66.47 -44.66 -0.79
N ILE D 463 65.52 -43.74 -0.82
CA ILE D 463 65.86 -42.33 -0.80
C ILE D 463 64.74 -41.50 -0.17
N ASN D 464 65.12 -40.39 0.45
CA ASN D 464 64.16 -39.41 0.94
C ASN D 464 63.70 -38.47 -0.17
N GLN D 465 62.46 -38.04 -0.09
CA GLN D 465 61.93 -37.05 -1.00
C GLN D 465 62.55 -35.68 -0.67
N ILE D 466 62.61 -35.36 0.61
CA ILE D 466 63.14 -34.08 1.08
C ILE D 466 64.18 -34.21 2.19
N SER D 467 64.85 -33.10 2.45
CA SER D 467 65.79 -32.97 3.56
C SER D 467 65.01 -32.59 4.82
N SER D 468 65.64 -32.62 5.99
CA SER D 468 64.92 -32.35 7.24
C SER D 468 65.23 -31.09 8.12
N SER D 469 65.97 -30.09 7.66
CA SER D 469 66.31 -29.81 6.27
C SER D 469 67.70 -29.20 6.11
N VAL D 470 68.06 -28.89 4.88
CA VAL D 470 69.31 -28.22 4.62
C VAL D 470 69.07 -26.73 4.41
N LYS D 471 67.83 -26.28 4.65
CA LYS D 471 67.33 -25.02 4.12
C LYS D 471 67.42 -24.96 2.59
N ALA D 472 68.64 -24.86 2.08
CA ALA D 472 68.93 -24.91 0.64
C ALA D 472 68.16 -25.98 -0.15
N SER D 473 66.84 -25.81 -0.23
CA SER D 473 65.97 -26.82 -0.81
C SER D 473 66.19 -27.03 -2.33
N SER D 474 66.56 -25.97 -3.05
CA SER D 474 66.71 -26.05 -4.49
C SER D 474 67.82 -27.00 -4.92
N ILE D 475 68.90 -27.04 -4.15
CA ILE D 475 70.01 -27.95 -4.44
C ILE D 475 69.62 -29.37 -4.09
N VAL D 476 68.94 -29.53 -2.95
CA VAL D 476 68.46 -30.83 -2.51
C VAL D 476 67.50 -31.44 -3.53
N ALA D 477 66.60 -30.60 -4.06
CA ALA D 477 65.64 -31.04 -5.05
C ALA D 477 66.34 -31.53 -6.32
N SER D 478 67.41 -30.85 -6.71
CA SER D 478 68.19 -31.24 -7.87
C SER D 478 68.89 -32.57 -7.63
N LEU D 479 69.39 -32.75 -6.41
CA LEU D 479 70.04 -34.00 -6.02
C LEU D 479 69.07 -35.17 -6.12
N PHE D 480 67.82 -34.93 -5.75
CA PHE D 480 66.76 -35.94 -5.85
C PHE D 480 66.54 -36.33 -7.31
N LEU D 481 66.30 -35.33 -8.15
CA LEU D 481 66.04 -35.55 -9.57
C LEU D 481 67.21 -36.25 -10.26
N LYS D 482 68.42 -35.90 -9.84
CA LYS D 482 69.65 -36.47 -10.39
C LYS D 482 69.68 -37.99 -10.25
N GLU D 483 69.04 -38.50 -9.20
CA GLU D 483 68.98 -39.93 -8.94
C GLU D 483 68.15 -40.69 -9.96
N PHE D 484 67.44 -39.96 -10.82
CA PHE D 484 66.56 -40.59 -11.78
C PHE D 484 67.04 -40.39 -13.22
N VAL D 485 68.29 -39.95 -13.36
CA VAL D 485 68.94 -39.93 -14.67
C VAL D 485 70.30 -40.62 -14.63
N GLN D 486 70.41 -41.79 -15.24
CA GLN D 486 71.61 -42.59 -15.04
C GLN D 486 72.76 -42.28 -16.03
N ASN D 487 72.57 -42.19 -17.35
CA ASN D 487 73.75 -41.88 -18.18
C ASN D 487 73.30 -41.02 -19.35
N THR D 488 72.60 -39.93 -19.04
CA THR D 488 72.20 -38.98 -20.06
C THR D 488 72.52 -37.59 -19.56
N ALA D 489 73.01 -36.75 -20.46
CA ALA D 489 73.25 -35.34 -20.15
C ALA D 489 71.92 -34.71 -19.76
N TRP D 490 71.89 -34.12 -18.57
CA TRP D 490 70.63 -33.61 -18.04
C TRP D 490 70.77 -32.26 -17.35
N ALA D 491 69.78 -31.40 -17.58
CA ALA D 491 69.77 -30.08 -16.96
C ALA D 491 68.38 -29.77 -16.42
N HIS D 492 68.34 -28.99 -15.35
CA HIS D 492 67.10 -28.70 -14.65
C HIS D 492 66.95 -27.20 -14.42
N ILE D 493 65.87 -26.63 -14.93
CA ILE D 493 65.64 -25.20 -14.81
C ILE D 493 64.51 -24.91 -13.82
N ASP D 494 64.85 -24.30 -12.69
CA ASP D 494 63.87 -23.96 -11.67
C ASP D 494 63.34 -22.54 -11.88
N ILE D 495 62.07 -22.43 -12.28
CA ILE D 495 61.46 -21.15 -12.63
C ILE D 495 60.38 -20.72 -11.65
N ALA D 496 60.44 -21.26 -10.43
CA ALA D 496 59.44 -20.97 -9.40
C ALA D 496 59.37 -19.49 -9.06
N GLY D 497 60.50 -18.80 -9.13
CA GLY D 497 60.55 -17.39 -8.80
C GLY D 497 60.21 -16.47 -9.95
N VAL D 498 60.50 -16.91 -11.17
CA VAL D 498 60.39 -16.04 -12.33
C VAL D 498 59.13 -16.27 -13.17
N SER D 499 58.38 -17.32 -12.88
CA SER D 499 57.24 -17.68 -13.70
C SER D 499 56.12 -16.64 -13.65
N TRP D 500 55.79 -16.16 -12.46
CA TRP D 500 54.69 -15.22 -12.30
C TRP D 500 55.17 -13.79 -12.14
N ASN D 501 54.54 -12.87 -12.88
CA ASN D 501 54.82 -11.45 -12.77
C ASN D 501 53.88 -10.82 -11.74
N PHE D 502 54.36 -10.70 -10.50
CA PHE D 502 53.55 -10.26 -9.38
C PHE D 502 53.14 -8.79 -9.50
N LYS D 503 54.01 -7.97 -10.09
CA LYS D 503 53.71 -6.56 -10.28
C LYS D 503 52.61 -6.37 -11.30
N ALA D 504 52.69 -7.13 -12.40
CA ALA D 504 51.73 -7.02 -13.49
C ALA D 504 50.54 -7.98 -13.32
N ARG D 505 50.62 -8.84 -12.31
CA ARG D 505 49.54 -9.80 -12.01
C ARG D 505 49.23 -10.75 -13.17
N LYS D 506 50.26 -11.31 -13.78
CA LYS D 506 50.08 -12.20 -14.93
C LYS D 506 51.31 -13.09 -15.14
N PRO D 507 51.17 -14.18 -15.91
CA PRO D 507 52.35 -15.01 -16.18
C PRO D 507 53.37 -14.31 -17.08
N LYS D 508 54.59 -14.81 -17.09
CA LYS D 508 55.61 -14.31 -18.00
C LYS D 508 55.74 -15.24 -19.20
N GLY D 509 55.27 -16.48 -19.05
CA GLY D 509 55.49 -17.51 -20.05
C GLY D 509 56.97 -17.81 -20.16
N PHE D 510 57.66 -17.76 -19.02
CA PHE D 510 59.11 -17.88 -18.98
C PHE D 510 59.56 -19.26 -19.44
N GLY D 511 60.55 -19.29 -20.32
CA GLY D 511 61.17 -20.54 -20.72
C GLY D 511 60.92 -20.95 -22.16
N VAL D 512 59.84 -20.43 -22.75
CA VAL D 512 59.50 -20.80 -24.13
C VAL D 512 60.64 -20.45 -25.08
N ARG D 513 61.07 -19.20 -25.04
CA ARG D 513 62.13 -18.73 -25.93
C ARG D 513 63.48 -19.38 -25.58
N LEU D 514 63.72 -19.57 -24.30
CA LEU D 514 64.94 -20.22 -23.83
C LEU D 514 65.08 -21.62 -24.41
N LEU D 515 64.03 -22.41 -24.26
CA LEU D 515 64.03 -23.79 -24.74
C LEU D 515 64.07 -23.83 -26.27
N THR D 516 63.41 -22.88 -26.91
CA THR D 516 63.36 -22.83 -28.37
C THR D 516 64.70 -22.43 -28.96
N GLU D 517 65.33 -21.43 -28.39
CA GLU D 517 66.66 -21.02 -28.81
C GLU D 517 67.64 -22.16 -28.61
N PHE D 518 67.42 -22.94 -27.55
CA PHE D 518 68.25 -24.10 -27.25
C PHE D 518 68.17 -25.19 -28.32
N VAL D 519 66.96 -25.54 -28.73
CA VAL D 519 66.78 -26.57 -29.76
C VAL D 519 67.18 -26.05 -31.14
N LEU D 520 66.92 -24.77 -31.39
CA LEU D 520 67.15 -24.16 -32.69
C LEU D 520 68.63 -23.98 -33.00
N ASN D 521 69.38 -23.47 -32.03
CA ASN D 521 70.80 -23.17 -32.23
C ASN D 521 71.72 -24.32 -31.79
N ASP D 522 71.14 -25.49 -31.55
CA ASP D 522 71.93 -26.66 -31.16
C ASP D 522 72.46 -27.40 -32.38
N SER E 5 38.41 -57.43 4.86
CA SER E 5 39.52 -58.35 4.60
C SER E 5 40.32 -57.94 3.35
N GLU E 6 39.60 -57.54 2.31
CA GLU E 6 40.25 -57.06 1.09
C GLU E 6 40.65 -55.59 1.23
N VAL E 7 41.92 -55.29 0.98
CA VAL E 7 42.38 -53.91 1.10
C VAL E 7 42.02 -53.11 -0.14
N PRO E 8 41.27 -51.99 0.05
CA PRO E 8 40.88 -51.11 -1.06
C PRO E 8 42.07 -50.36 -1.66
N GLN E 9 42.02 -50.08 -2.95
CA GLN E 9 43.09 -49.36 -3.64
C GLN E 9 42.59 -48.17 -4.44
N VAL E 10 43.41 -47.13 -4.52
CA VAL E 10 43.10 -46.00 -5.41
C VAL E 10 43.65 -46.29 -6.80
N VAL E 11 44.90 -46.75 -6.86
CA VAL E 11 45.50 -47.24 -8.10
C VAL E 11 45.99 -48.66 -7.87
N SER E 12 46.30 -49.38 -8.94
CA SER E 12 46.69 -50.78 -8.83
C SER E 12 48.07 -50.95 -8.18
N LEU E 13 48.83 -49.86 -8.09
CA LEU E 13 50.17 -49.93 -7.53
C LEU E 13 50.16 -49.78 -6.01
N ASP E 14 48.99 -49.48 -5.46
CA ASP E 14 48.84 -49.38 -4.01
C ASP E 14 48.98 -50.74 -3.34
N PRO E 15 49.84 -50.83 -2.31
CA PRO E 15 50.08 -52.09 -1.58
C PRO E 15 48.84 -52.60 -0.84
N THR E 16 48.72 -53.92 -0.72
CA THR E 16 47.54 -54.53 -0.12
C THR E 16 47.86 -55.35 1.12
N SER E 17 49.10 -55.27 1.59
CA SER E 17 49.49 -55.95 2.83
C SER E 17 50.75 -55.35 3.43
N ILE E 18 50.91 -55.54 4.74
CA ILE E 18 52.13 -55.14 5.42
C ILE E 18 53.19 -56.22 5.31
N PRO E 19 54.34 -55.91 4.70
CA PRO E 19 55.42 -56.88 4.68
C PRO E 19 55.90 -57.16 6.10
N ILE E 20 55.92 -58.42 6.49
CA ILE E 20 56.34 -58.78 7.84
C ILE E 20 57.43 -59.85 7.82
N GLU E 21 58.54 -59.56 8.51
CA GLU E 21 59.60 -60.53 8.68
C GLU E 21 59.42 -61.27 10.01
N TYR E 22 59.13 -62.56 9.93
CA TYR E 22 58.96 -63.36 11.15
C TYR E 22 60.27 -64.04 11.55
N ASN E 23 60.96 -64.62 10.57
CA ASN E 23 62.25 -65.26 10.82
C ASN E 23 63.42 -64.30 10.60
N THR E 24 63.90 -63.69 11.67
CA THR E 24 64.99 -62.73 11.60
C THR E 24 66.34 -63.42 11.83
N PRO E 25 67.43 -62.79 11.36
CA PRO E 25 68.79 -63.31 11.59
C PRO E 25 69.11 -63.49 13.07
N ILE E 26 68.48 -62.68 13.92
CA ILE E 26 68.66 -62.77 15.37
C ILE E 26 68.26 -64.16 15.87
N HIS E 27 67.24 -64.74 15.25
CA HIS E 27 66.77 -66.06 15.65
C HIS E 27 67.78 -67.16 15.31
N ASP E 28 68.74 -66.84 14.46
CA ASP E 28 69.75 -67.82 14.06
C ASP E 28 71.00 -67.72 14.93
N ILE E 29 70.98 -66.80 15.90
CA ILE E 29 72.15 -66.60 16.76
C ILE E 29 72.19 -67.58 17.93
N LYS E 30 73.21 -68.43 17.94
CA LYS E 30 73.44 -69.35 19.05
C LYS E 30 74.07 -68.60 20.22
N VAL E 31 73.38 -68.61 21.37
CA VAL E 31 73.86 -67.87 22.53
C VAL E 31 74.37 -68.80 23.61
N GLN E 32 75.60 -68.56 24.05
CA GLN E 32 76.22 -69.37 25.10
C GLN E 32 76.61 -68.48 26.27
N VAL E 33 76.25 -68.91 27.47
CA VAL E 33 76.62 -68.16 28.66
C VAL E 33 77.57 -68.98 29.53
N TYR E 34 78.74 -68.42 29.78
CA TYR E 34 79.76 -69.07 30.60
C TYR E 34 79.97 -68.27 31.86
N ASP E 35 80.46 -68.92 32.91
CA ASP E 35 80.79 -68.23 34.14
C ASP E 35 82.15 -67.58 33.98
N ILE E 36 82.27 -66.35 34.47
CA ILE E 36 83.48 -65.56 34.27
C ILE E 36 84.63 -66.19 35.06
N LYS E 37 84.29 -66.98 36.07
CA LYS E 37 85.28 -67.69 36.87
C LYS E 37 85.83 -68.85 36.05
N GLY E 38 87.14 -68.93 35.92
CA GLY E 38 87.76 -69.99 35.15
C GLY E 38 88.46 -69.44 33.92
N GLY E 39 88.36 -68.13 33.74
CA GLY E 39 88.98 -67.47 32.60
C GLY E 39 88.14 -67.45 31.33
N CYS E 40 88.48 -66.51 30.44
CA CYS E 40 87.78 -66.33 29.18
C CYS E 40 88.61 -66.88 28.04
N ASN E 41 87.96 -67.54 27.10
CA ASN E 41 88.63 -68.00 25.91
C ASN E 41 88.47 -67.02 24.75
N VAL E 42 89.59 -66.59 24.19
CA VAL E 42 89.59 -65.68 23.05
C VAL E 42 90.09 -66.49 21.86
N GLU E 43 89.14 -67.07 21.14
CA GLU E 43 89.45 -68.01 20.07
C GLU E 43 89.13 -67.34 18.75
N GLU E 44 87.85 -67.37 18.36
CA GLU E 44 87.39 -66.69 17.15
C GLU E 44 86.71 -65.34 17.44
N GLY E 45 86.43 -64.60 16.37
CA GLY E 45 85.59 -63.41 16.46
C GLY E 45 86.04 -62.19 17.22
N LEU E 46 85.05 -61.47 17.76
CA LEU E 46 85.26 -60.24 18.51
C LEU E 46 84.92 -60.42 19.99
N THR E 47 85.84 -60.03 20.86
CA THR E 47 85.63 -60.11 22.30
C THR E 47 85.61 -58.71 22.93
N ILE E 48 84.48 -58.33 23.51
CA ILE E 48 84.31 -57.00 24.09
C ILE E 48 84.13 -57.06 25.61
N PHE E 49 84.92 -56.28 26.33
CA PHE E 49 84.82 -56.20 27.79
C PHE E 49 83.99 -54.99 28.20
N LEU E 50 82.98 -55.21 29.03
CA LEU E 50 82.22 -54.10 29.59
C LEU E 50 82.85 -53.67 30.91
N VAL E 51 83.50 -52.51 30.88
CA VAL E 51 84.33 -52.06 32.00
C VAL E 51 83.91 -50.69 32.52
N ASN E 52 84.04 -50.50 33.84
CA ASN E 52 83.82 -49.20 34.45
C ASN E 52 85.00 -48.79 35.32
N ASN E 53 84.89 -47.64 35.98
CA ASN E 53 85.90 -47.21 36.94
C ASN E 53 85.27 -46.39 38.05
N PRO E 54 84.86 -47.07 39.14
CA PRO E 54 84.23 -46.46 40.32
C PRO E 54 85.15 -45.46 41.02
N LYS E 56 88.54 -42.17 38.56
CA LYS E 56 87.10 -42.35 38.75
C LYS E 56 86.32 -41.88 37.53
N GLU E 57 86.10 -40.57 37.44
CA GLU E 57 85.31 -39.97 36.37
C GLU E 57 86.11 -39.93 35.08
N ASN E 58 85.77 -40.85 34.18
CA ASN E 58 86.50 -41.08 32.92
C ASN E 58 87.88 -41.60 33.24
N GLY E 59 87.90 -42.65 34.07
CA GLY E 59 89.14 -43.23 34.54
C GLY E 59 89.69 -44.19 33.51
N PRO E 60 90.91 -44.68 33.74
CA PRO E 60 91.58 -45.59 32.81
C PRO E 60 90.89 -46.95 32.74
N VAL E 61 91.07 -47.64 31.62
CA VAL E 61 90.51 -48.98 31.50
C VAL E 61 91.43 -50.00 32.17
N LYS E 62 90.84 -50.85 33.00
CA LYS E 62 91.60 -51.93 33.61
C LYS E 62 90.79 -53.22 33.49
N ILE E 63 91.39 -54.21 32.85
CA ILE E 63 90.72 -55.50 32.63
C ILE E 63 91.03 -56.47 33.76
N SER E 64 90.00 -56.88 34.49
CA SER E 64 90.17 -57.74 35.64
C SER E 64 90.21 -59.23 35.28
N SER E 65 89.40 -59.62 34.29
CA SER E 65 89.24 -61.04 33.95
C SER E 65 90.52 -61.69 33.46
N LYS E 66 90.69 -62.95 33.80
CA LYS E 66 91.79 -63.76 33.30
C LYS E 66 91.47 -64.23 31.90
N VAL E 67 92.42 -64.08 30.99
CA VAL E 67 92.22 -64.52 29.62
C VAL E 67 93.12 -65.69 29.28
N ASN E 68 92.50 -66.80 28.86
CA ASN E 68 93.24 -68.02 28.56
C ASN E 68 93.94 -67.94 27.20
N ASP E 69 94.56 -66.80 26.93
CA ASP E 69 95.35 -66.60 25.73
C ASP E 69 96.48 -65.63 26.03
N LYS E 70 97.71 -66.08 25.82
CA LYS E 70 98.90 -65.32 26.19
C LYS E 70 99.06 -64.05 25.38
N GLN E 71 98.76 -64.12 24.09
CA GLN E 71 98.91 -62.98 23.19
C GLN E 71 97.90 -61.89 23.53
N VAL E 72 96.65 -62.29 23.73
CA VAL E 72 95.58 -61.37 24.08
C VAL E 72 95.79 -60.82 25.50
N SER E 73 96.26 -61.67 26.41
CA SER E 73 96.57 -61.25 27.78
C SER E 73 97.57 -60.10 27.79
N GLU E 74 98.55 -60.18 26.90
CA GLU E 74 99.58 -59.15 26.78
C GLU E 74 98.96 -57.83 26.31
N PHE E 75 98.01 -57.92 25.38
CA PHE E 75 97.25 -56.77 24.93
C PHE E 75 96.47 -56.09 26.05
N LEU E 76 95.90 -56.89 26.93
CA LEU E 76 95.01 -56.37 27.97
C LEU E 76 95.71 -56.00 29.26
N LYS E 77 97.04 -55.98 29.26
CA LYS E 77 97.80 -55.55 30.43
C LYS E 77 97.53 -54.09 30.75
N ASP E 78 97.69 -53.73 32.03
CA ASP E 78 97.33 -52.39 32.51
C ASP E 78 98.04 -51.27 31.78
N GLU E 79 99.30 -51.50 31.42
CA GLU E 79 100.11 -50.48 30.73
C GLU E 79 99.47 -50.11 29.39
N ASN E 80 98.89 -51.09 28.72
CA ASN E 80 98.23 -50.85 27.45
C ASN E 80 96.83 -50.26 27.56
N MET E 81 96.06 -50.73 28.54
CA MET E 81 94.64 -50.37 28.60
C MET E 81 94.41 -49.03 29.28
N GLU E 82 95.39 -48.55 30.04
CA GLU E 82 95.26 -47.28 30.76
C GLU E 82 95.30 -46.11 29.78
N LYS E 83 95.69 -46.39 28.54
CA LYS E 83 95.73 -45.38 27.48
C LYS E 83 94.31 -45.08 27.03
N PHE E 84 93.37 -45.92 27.44
CA PHE E 84 91.96 -45.78 27.11
C PHE E 84 91.17 -45.44 28.37
N ASN E 85 90.07 -44.72 28.23
CA ASN E 85 89.26 -44.36 29.40
C ASN E 85 87.87 -44.98 29.36
N VAL E 86 87.15 -44.89 30.46
CA VAL E 86 85.90 -45.61 30.62
C VAL E 86 84.66 -44.74 30.43
N LYS E 87 84.83 -43.56 29.84
CA LYS E 87 83.70 -42.69 29.56
C LYS E 87 82.57 -43.47 28.91
N LEU E 88 81.37 -43.31 29.46
CA LEU E 88 80.22 -44.11 29.04
C LEU E 88 79.98 -44.01 27.53
N GLY E 89 80.05 -45.14 26.85
CA GLY E 89 79.81 -45.20 25.42
C GLY E 89 81.08 -45.22 24.58
N THR E 90 82.20 -44.81 25.18
CA THR E 90 83.48 -44.83 24.49
C THR E 90 83.92 -46.26 24.25
N SER E 91 84.42 -46.54 23.05
CA SER E 91 84.90 -47.89 22.73
C SER E 91 86.12 -47.90 21.83
N LYS E 92 86.94 -48.93 21.98
CA LYS E 92 88.06 -49.18 21.08
C LYS E 92 88.12 -50.68 20.83
N HIS E 93 88.39 -51.10 19.60
CA HIS E 93 88.67 -52.50 19.34
C HIS E 93 89.86 -52.67 18.37
N PHE E 94 90.70 -53.65 18.66
CA PHE E 94 91.91 -53.93 17.88
C PHE E 94 91.89 -55.33 17.29
N TYR E 95 92.52 -55.48 16.13
CA TYR E 95 92.66 -56.77 15.48
C TYR E 95 94.08 -57.28 15.70
N MET E 96 94.19 -58.55 16.06
CA MET E 96 95.48 -59.14 16.36
C MET E 96 95.41 -60.65 16.21
N PHE E 97 96.56 -61.30 16.30
CA PHE E 97 96.63 -62.75 16.25
C PHE E 97 96.79 -63.30 17.66
N ASN E 98 96.02 -64.34 17.97
CA ASN E 98 96.11 -64.99 19.27
C ASN E 98 97.24 -66.03 19.26
N ASP E 99 97.24 -66.92 20.26
CA ASP E 99 98.28 -67.93 20.39
C ASP E 99 98.29 -68.89 19.21
N ASN E 100 97.13 -69.05 18.56
CA ASN E 100 97.02 -69.97 17.43
C ASN E 100 97.17 -69.27 16.09
N LYS E 101 97.74 -68.07 16.09
CA LYS E 101 97.96 -67.30 14.87
C LYS E 101 96.65 -67.12 14.09
N ASN E 102 95.55 -67.11 14.85
CA ASN E 102 94.23 -66.87 14.27
C ASN E 102 93.84 -65.41 14.47
N SER E 103 93.19 -64.82 13.47
CA SER E 103 92.81 -63.42 13.57
C SER E 103 91.67 -63.23 14.56
N VAL E 104 91.90 -62.38 15.55
CA VAL E 104 90.89 -62.05 16.55
C VAL E 104 90.78 -60.54 16.71
N ALA E 105 89.61 -60.09 17.15
CA ALA E 105 89.41 -58.69 17.46
C ALA E 105 89.04 -58.54 18.94
N VAL E 106 89.75 -57.66 19.65
CA VAL E 106 89.50 -57.48 21.08
C VAL E 106 89.28 -56.01 21.38
N GLY E 107 88.40 -55.72 22.33
CA GLY E 107 88.12 -54.35 22.71
C GLY E 107 87.27 -54.20 23.97
N TYR E 108 86.82 -52.97 24.22
CA TYR E 108 85.97 -52.71 25.37
C TYR E 108 84.87 -51.70 25.04
N VAL E 109 83.88 -51.60 25.92
CA VAL E 109 82.94 -50.50 25.91
C VAL E 109 82.92 -49.88 27.30
N GLY E 110 83.11 -48.57 27.38
CA GLY E 110 83.17 -47.88 28.66
C GLY E 110 81.81 -47.81 29.34
N CYS E 111 81.78 -48.12 30.63
CA CYS E 111 80.52 -48.10 31.37
C CYS E 111 80.49 -47.04 32.46
N GLY E 112 81.34 -46.02 32.33
CA GLY E 112 81.31 -44.90 33.25
C GLY E 112 81.88 -45.20 34.62
N SER E 113 81.41 -44.47 35.63
CA SER E 113 81.93 -44.58 36.98
C SER E 113 80.86 -45.05 37.96
N VAL E 114 79.62 -45.06 37.51
CA VAL E 114 78.51 -45.50 38.35
C VAL E 114 78.42 -47.02 38.36
N ALA E 115 78.31 -47.59 39.55
CA ALA E 115 78.31 -49.05 39.70
C ALA E 115 76.98 -49.67 39.29
N ASP E 116 75.92 -48.86 39.29
CA ASP E 116 74.60 -49.35 38.90
C ASP E 116 74.09 -48.66 37.64
N LEU E 117 74.24 -49.34 36.50
CA LEU E 117 73.84 -48.78 35.22
C LEU E 117 72.32 -48.72 35.10
N SER E 118 71.83 -47.56 34.68
CA SER E 118 70.39 -47.41 34.44
C SER E 118 70.04 -48.02 33.09
N GLU E 119 68.76 -48.03 32.76
CA GLU E 119 68.31 -48.55 31.47
C GLU E 119 68.83 -47.68 30.33
N ALA E 120 68.94 -46.37 30.59
CA ALA E 120 69.47 -45.44 29.60
C ALA E 120 70.97 -45.64 29.44
N ASP E 121 71.65 -45.91 30.55
CA ASP E 121 73.08 -46.15 30.54
C ASP E 121 73.41 -47.41 29.77
N MET E 122 72.64 -48.46 30.01
CA MET E 122 72.83 -49.73 29.31
C MET E 122 72.55 -49.58 27.83
N LYS E 123 71.62 -48.69 27.48
CA LYS E 123 71.28 -48.44 26.09
C LYS E 123 72.45 -47.83 25.33
N ARG E 124 73.15 -46.91 25.98
CA ARG E 124 74.32 -46.28 25.39
C ARG E 124 75.45 -47.29 25.20
N VAL E 125 75.60 -48.20 26.16
CA VAL E 125 76.60 -49.25 26.06
C VAL E 125 76.31 -50.15 24.86
N VAL E 126 75.06 -50.60 24.76
CA VAL E 126 74.64 -51.48 23.68
C VAL E 126 74.81 -50.82 22.31
N LEU E 127 74.44 -49.54 22.20
CA LEU E 127 74.55 -48.80 20.95
C LEU E 127 76.00 -48.73 20.48
N SER E 128 76.91 -48.56 21.42
CA SER E 128 78.33 -48.56 21.12
C SER E 128 78.77 -49.94 20.63
N LEU E 129 78.21 -50.98 21.22
CA LEU E 129 78.48 -52.35 20.83
C LEU E 129 77.97 -52.63 19.41
N VAL E 130 76.75 -52.16 19.13
CA VAL E 130 76.10 -52.42 17.84
C VAL E 130 76.85 -51.75 16.69
N THR E 131 77.45 -50.60 16.96
CA THR E 131 78.23 -49.89 15.96
C THR E 131 79.41 -50.75 15.48
N MET E 132 80.00 -51.50 16.40
CA MET E 132 81.11 -52.39 16.05
C MET E 132 80.61 -53.62 15.29
N LEU E 133 79.39 -54.06 15.60
CA LEU E 133 78.84 -55.23 14.93
C LEU E 133 78.45 -54.89 13.50
N HIS E 134 77.98 -53.66 13.29
CA HIS E 134 77.59 -53.22 11.96
C HIS E 134 78.76 -52.92 11.03
N ASP E 135 79.94 -52.68 11.61
CA ASP E 135 81.08 -52.32 10.77
C ASP E 135 82.15 -53.42 10.73
N ASN E 136 81.79 -54.60 11.19
CA ASN E 136 82.71 -55.74 11.20
C ASN E 136 82.04 -57.03 10.71
N LYS E 137 82.73 -57.76 9.85
CA LYS E 137 82.18 -58.97 9.23
C LYS E 137 82.42 -60.21 10.10
N LEU E 138 81.95 -60.15 11.34
CA LEU E 138 82.19 -61.17 12.34
C LEU E 138 81.18 -62.33 12.32
N SER E 139 81.63 -63.51 12.74
CA SER E 139 80.75 -64.67 12.85
C SER E 139 80.33 -64.88 14.30
N LYS E 140 81.10 -64.31 15.21
CA LYS E 140 80.89 -64.50 16.64
C LYS E 140 81.21 -63.25 17.46
N LEU E 141 80.33 -62.94 18.40
CA LEU E 141 80.58 -61.89 19.37
C LEU E 141 80.68 -62.48 20.76
N THR E 142 81.68 -62.04 21.52
CA THR E 142 81.82 -62.47 22.90
C THR E 142 81.83 -61.24 23.81
N VAL E 143 80.89 -61.20 24.75
CA VAL E 143 80.77 -60.07 25.66
C VAL E 143 81.15 -60.50 27.06
N VAL E 144 82.12 -59.80 27.65
CA VAL E 144 82.58 -60.11 28.99
C VAL E 144 82.10 -59.07 29.99
N PHE E 145 81.20 -59.47 30.88
CA PHE E 145 80.63 -58.57 31.86
C PHE E 145 81.52 -58.39 33.09
N GLU E 146 82.26 -57.28 33.13
CA GLU E 146 83.04 -56.93 34.31
C GLU E 146 82.34 -55.81 35.07
N ILE E 147 81.01 -55.80 34.97
CA ILE E 147 80.18 -54.82 35.67
C ILE E 147 79.05 -55.53 36.40
N ASN E 148 78.34 -54.81 37.25
CA ASN E 148 77.26 -55.42 38.02
C ASN E 148 75.93 -55.26 37.33
N VAL E 149 75.34 -56.39 36.98
CA VAL E 149 74.04 -56.43 36.31
C VAL E 149 73.18 -57.51 36.94
N ASP E 150 71.92 -57.18 37.23
CA ASP E 150 70.98 -58.17 37.74
C ASP E 150 70.29 -58.91 36.59
N LYS E 151 69.44 -59.87 36.92
CA LYS E 151 68.78 -60.70 35.91
C LYS E 151 67.94 -59.88 34.94
N ASN E 152 67.19 -58.92 35.48
CA ASN E 152 66.32 -58.09 34.66
C ASN E 152 67.11 -57.22 33.70
N LEU E 153 68.16 -56.61 34.20
CA LEU E 153 69.00 -55.74 33.38
C LEU E 153 69.81 -56.55 32.37
N PHE E 154 70.17 -57.78 32.74
CA PHE E 154 70.89 -58.67 31.82
C PHE E 154 69.98 -59.03 30.65
N ARG E 155 68.73 -59.35 30.96
CA ARG E 155 67.76 -59.64 29.93
C ARG E 155 67.57 -58.41 29.04
N PHE E 156 67.50 -57.24 29.68
CA PHE E 156 67.37 -55.97 28.96
C PHE E 156 68.52 -55.74 28.00
N PHE E 157 69.73 -56.08 28.45
CA PHE E 157 70.93 -55.99 27.60
C PHE E 157 70.76 -56.80 26.32
N LEU E 158 70.31 -58.05 26.46
CA LEU E 158 70.15 -58.93 25.32
C LEU E 158 69.05 -58.44 24.37
N GLU E 159 67.90 -58.11 24.93
CA GLU E 159 66.78 -57.58 24.15
C GLU E 159 67.20 -56.37 23.32
N THR E 160 67.83 -55.40 23.97
CA THR E 160 68.24 -54.18 23.31
C THR E 160 69.31 -54.46 22.27
N LEU E 161 70.24 -55.34 22.59
CA LEU E 161 71.27 -55.74 21.64
C LEU E 161 70.63 -56.32 20.39
N PHE E 162 69.74 -57.28 20.57
CA PHE E 162 69.04 -57.92 19.46
C PHE E 162 68.25 -56.89 18.64
N TYR E 163 67.52 -56.02 19.32
CA TYR E 163 66.67 -55.04 18.65
C TYR E 163 67.47 -54.03 17.83
N GLU E 164 68.55 -53.51 18.40
CA GLU E 164 69.36 -52.49 17.74
C GLU E 164 70.21 -53.09 16.63
N TYR E 165 70.63 -54.34 16.82
CA TYR E 165 71.42 -55.05 15.83
C TYR E 165 70.60 -55.29 14.56
N MET E 166 69.34 -55.64 14.74
CA MET E 166 68.44 -55.94 13.63
C MET E 166 68.16 -54.71 12.77
N THR E 167 68.15 -54.91 11.45
CA THR E 167 67.90 -53.80 10.54
C THR E 167 66.70 -54.07 9.64
N ASP E 168 65.78 -53.12 9.58
CA ASP E 168 64.55 -53.26 8.82
C ASP E 168 64.79 -52.84 7.36
N GLU E 169 64.75 -53.81 6.45
CA GLU E 169 65.03 -53.54 5.05
C GLU E 169 63.86 -53.93 4.16
N ARG E 170 62.68 -54.04 4.75
CA ARG E 170 61.47 -54.45 4.03
C ARG E 170 61.11 -53.51 2.89
N PHE E 171 61.50 -52.24 3.03
CA PHE E 171 61.12 -51.24 2.04
C PHE E 171 62.32 -50.75 1.23
N LYS E 172 63.47 -51.38 1.45
CA LYS E 172 64.62 -51.11 0.61
C LYS E 172 64.44 -51.90 -0.68
N SER E 173 64.85 -51.32 -1.81
CA SER E 173 64.78 -52.03 -3.08
C SER E 173 66.13 -52.00 -3.78
N GLU E 181 75.10 -59.74 6.75
CA GLU E 181 75.98 -60.77 7.30
C GLU E 181 76.08 -60.67 8.83
N TYR E 182 75.09 -61.25 9.50
CA TYR E 182 74.99 -61.22 10.96
C TYR E 182 75.85 -62.29 11.61
N ILE E 183 76.29 -62.03 12.84
CA ILE E 183 77.02 -63.04 13.61
C ILE E 183 76.15 -64.26 13.79
N LYS E 184 76.78 -65.42 14.00
CA LYS E 184 76.05 -66.66 14.16
C LYS E 184 76.13 -67.16 15.60
N HIS E 185 77.04 -66.58 16.36
CA HIS E 185 77.26 -67.01 17.74
C HIS E 185 77.41 -65.81 18.68
N LEU E 186 76.81 -65.92 19.86
CA LEU E 186 76.95 -64.90 20.89
C LEU E 186 77.45 -65.53 22.17
N GLY E 187 78.62 -65.11 22.62
CA GLY E 187 79.19 -65.62 23.86
C GLY E 187 79.07 -64.58 24.95
N VAL E 188 78.64 -65.02 26.13
CA VAL E 188 78.52 -64.13 27.28
C VAL E 188 79.25 -64.67 28.49
N TYR E 189 80.20 -63.89 28.99
CA TYR E 189 80.86 -64.21 30.25
C TYR E 189 80.33 -63.34 31.37
N ILE E 190 79.87 -63.98 32.44
CA ILE E 190 79.28 -63.25 33.55
C ILE E 190 79.39 -64.10 34.81
N ASN E 191 79.56 -63.46 35.95
CA ASN E 191 79.63 -64.18 37.21
C ASN E 191 78.26 -64.77 37.54
N ASN E 192 78.26 -65.99 38.09
CA ASN E 192 77.03 -66.72 38.40
C ASN E 192 76.18 -66.92 37.16
N ALA E 193 76.83 -67.41 36.10
CA ALA E 193 76.20 -67.55 34.79
C ALA E 193 74.95 -68.40 34.81
N ASP E 194 74.93 -69.40 35.68
CA ASP E 194 73.82 -70.35 35.72
C ASP E 194 72.50 -69.65 36.02
N THR E 195 72.56 -68.59 36.82
CA THR E 195 71.38 -67.85 37.21
C THR E 195 70.84 -67.00 36.05
N TYR E 196 71.72 -66.65 35.11
CA TYR E 196 71.37 -65.75 34.02
C TYR E 196 70.90 -66.48 32.75
N LYS E 197 71.15 -67.77 32.66
CA LYS E 197 70.88 -68.54 31.44
C LYS E 197 69.40 -68.57 31.05
N GLU E 198 68.51 -68.62 32.04
CA GLU E 198 67.08 -68.71 31.77
C GLU E 198 66.54 -67.43 31.12
N GLU E 199 67.25 -66.32 31.30
CA GLU E 199 66.83 -65.03 30.77
C GLU E 199 67.06 -64.93 29.26
N VAL E 200 67.91 -65.82 28.75
CA VAL E 200 68.34 -65.76 27.35
C VAL E 200 67.20 -65.96 26.35
N GLU E 201 66.46 -67.05 26.49
CA GLU E 201 65.38 -67.35 25.56
C GLU E 201 64.16 -66.46 25.81
N LYS E 202 64.05 -65.95 27.02
CA LYS E 202 63.03 -64.98 27.35
C LYS E 202 63.31 -63.67 26.61
N ALA E 203 64.58 -63.29 26.55
CA ALA E 203 65.01 -62.10 25.85
C ALA E 203 64.73 -62.20 24.35
N ARG E 204 64.89 -63.40 23.79
CA ARG E 204 64.66 -63.61 22.36
C ARG E 204 63.19 -63.43 22.02
N VAL E 205 62.32 -63.89 22.91
CA VAL E 205 60.89 -63.71 22.72
C VAL E 205 60.51 -62.24 22.85
N TYR E 206 61.00 -61.59 23.91
CA TYR E 206 60.74 -60.17 24.13
C TYR E 206 61.27 -59.34 22.97
N TYR E 207 62.43 -59.72 22.45
CA TYR E 207 63.01 -59.06 21.30
C TYR E 207 62.03 -59.00 20.13
N PHE E 208 61.48 -60.15 19.75
CA PHE E 208 60.66 -60.18 18.55
C PHE E 208 59.33 -59.47 18.75
N GLY E 209 58.79 -59.56 19.96
CA GLY E 209 57.57 -58.85 20.28
C GLY E 209 57.74 -57.36 20.05
N THR E 210 58.89 -56.85 20.52
CA THR E 210 59.25 -55.45 20.33
C THR E 210 59.52 -55.15 18.86
N TYR E 211 60.24 -56.06 18.20
CA TYR E 211 60.59 -55.86 16.79
C TYR E 211 59.36 -55.99 15.89
N TYR E 212 58.44 -56.89 16.25
CA TYR E 212 57.20 -57.04 15.51
C TYR E 212 56.39 -55.75 15.58
N ALA E 213 56.27 -55.20 16.78
CA ALA E 213 55.59 -53.93 16.99
C ALA E 213 56.28 -52.83 16.19
N SER E 214 57.60 -52.80 16.26
CA SER E 214 58.42 -51.85 15.50
C SER E 214 58.10 -51.92 14.00
N GLN E 215 57.93 -53.13 13.50
CA GLN E 215 57.64 -53.33 12.08
C GLN E 215 56.29 -52.72 11.69
N LEU E 216 55.30 -52.86 12.55
CA LEU E 216 53.98 -52.31 12.26
C LEU E 216 54.00 -50.79 12.32
N ILE E 217 54.67 -50.25 13.32
CA ILE E 217 54.75 -48.81 13.49
C ILE E 217 55.54 -48.16 12.35
N ALA E 218 56.70 -48.73 12.03
CA ALA E 218 57.56 -48.20 10.99
C ALA E 218 56.89 -48.24 9.61
N ALA E 219 56.04 -49.23 9.40
CA ALA E 219 55.30 -49.36 8.15
C ALA E 219 54.45 -48.11 7.88
N PRO E 220 54.66 -47.48 6.72
CA PRO E 220 53.95 -46.26 6.31
C PRO E 220 52.45 -46.49 6.18
N SER E 221 51.67 -45.42 6.09
CA SER E 221 50.22 -45.54 6.17
C SER E 221 49.59 -46.12 4.91
N ASN E 222 50.31 -46.09 3.79
CA ASN E 222 49.81 -46.71 2.58
C ASN E 222 49.97 -48.23 2.63
N TYR E 223 50.91 -48.69 3.46
CA TYR E 223 51.08 -50.12 3.70
C TYR E 223 50.25 -50.53 4.91
N CYS E 224 50.36 -49.76 5.98
CA CYS E 224 49.67 -50.04 7.21
C CYS E 224 48.39 -49.22 7.33
N ASN E 225 47.26 -49.82 6.97
CA ASN E 225 45.97 -49.17 7.05
C ASN E 225 45.06 -50.03 7.92
N PRO E 226 43.86 -49.53 8.30
CA PRO E 226 43.00 -50.32 9.18
C PRO E 226 42.75 -51.75 8.70
N VAL E 227 42.63 -51.95 7.39
CA VAL E 227 42.36 -53.28 6.85
C VAL E 227 43.59 -54.18 6.92
N SER E 228 44.71 -53.68 6.44
CA SER E 228 45.92 -54.51 6.39
C SER E 228 46.45 -54.80 7.79
N LEU E 229 46.27 -53.86 8.72
CA LEU E 229 46.72 -54.04 10.09
C LEU E 229 45.88 -55.10 10.81
N SER E 230 44.56 -55.08 10.57
CA SER E 230 43.67 -56.06 11.16
C SER E 230 43.92 -57.43 10.53
N ASN E 231 44.24 -57.46 9.24
CA ASN E 231 44.64 -58.70 8.59
C ASN E 231 45.90 -59.27 9.23
N ALA E 232 46.83 -58.38 9.56
CA ALA E 232 48.08 -58.79 10.20
C ALA E 232 47.81 -59.36 11.58
N ALA E 233 46.83 -58.81 12.28
CA ALA E 233 46.46 -59.28 13.60
C ALA E 233 45.88 -60.68 13.54
N VAL E 234 45.09 -60.95 12.50
CA VAL E 234 44.53 -62.28 12.28
C VAL E 234 45.62 -63.30 11.96
N GLU E 235 46.51 -62.95 11.04
CA GLU E 235 47.61 -63.82 10.65
C GLU E 235 48.48 -64.20 11.85
N LEU E 236 48.74 -63.22 12.72
CA LEU E 236 49.49 -63.46 13.93
C LEU E 236 48.71 -64.38 14.87
N ALA E 237 47.41 -64.12 14.99
CA ALA E 237 46.54 -64.89 15.85
C ALA E 237 46.49 -66.36 15.43
N GLN E 238 46.51 -66.58 14.11
CA GLN E 238 46.48 -67.92 13.57
C GLN E 238 47.76 -68.69 13.87
N LYS E 239 48.90 -67.99 13.83
CA LYS E 239 50.18 -68.62 14.11
C LYS E 239 50.34 -68.98 15.58
N LEU E 240 49.63 -68.26 16.45
CA LEU E 240 49.77 -68.43 17.90
C LEU E 240 48.63 -69.20 18.54
N ASN E 241 47.68 -69.66 17.72
CA ASN E 241 46.49 -70.34 18.19
C ASN E 241 45.72 -69.47 19.19
N LEU E 242 45.58 -68.18 18.87
CA LEU E 242 44.76 -67.29 19.66
C LEU E 242 43.38 -67.19 19.02
N GLU E 243 42.36 -67.06 19.85
CA GLU E 243 41.03 -66.75 19.35
C GLU E 243 41.07 -65.35 18.76
N TYR E 244 40.38 -65.14 17.65
CA TYR E 244 40.39 -63.83 17.03
C TYR E 244 39.05 -63.48 16.42
N LYS E 245 38.75 -62.18 16.45
CA LYS E 245 37.51 -61.64 15.94
C LYS E 245 37.74 -60.21 15.45
N ILE E 246 37.42 -59.95 14.20
CA ILE E 246 37.54 -58.60 13.65
C ILE E 246 36.17 -58.04 13.35
N LEU E 247 35.80 -56.98 14.07
CA LEU E 247 34.51 -56.35 13.91
C LEU E 247 34.53 -55.31 12.80
N GLY E 248 33.61 -55.45 11.85
CA GLY E 248 33.50 -54.53 10.73
C GLY E 248 32.45 -53.49 11.03
N VAL E 249 32.20 -52.60 10.07
CA VAL E 249 31.32 -51.46 10.27
C VAL E 249 29.91 -51.88 10.70
N LYS E 250 29.37 -52.92 10.09
CA LYS E 250 28.00 -53.36 10.39
C LYS E 250 27.85 -53.84 11.83
N GLU E 251 28.85 -54.56 12.34
CA GLU E 251 28.82 -55.01 13.73
C GLU E 251 29.00 -53.83 14.68
N LEU E 252 29.90 -52.92 14.30
CA LEU E 252 30.20 -51.76 15.11
C LEU E 252 29.01 -50.80 15.18
N GLU E 253 28.25 -50.70 14.09
CA GLU E 253 27.03 -49.89 14.08
C GLU E 253 25.96 -50.45 15.03
N GLU E 254 25.80 -51.75 15.02
CA GLU E 254 24.83 -52.41 15.89
C GLU E 254 25.25 -52.27 17.36
N LEU E 255 26.56 -52.20 17.59
CA LEU E 255 27.07 -51.97 18.94
C LEU E 255 27.07 -50.49 19.29
N LYS E 256 26.69 -49.66 18.32
CA LYS E 256 26.52 -48.22 18.52
C LYS E 256 27.80 -47.51 18.97
N MET E 257 28.93 -47.90 18.39
CA MET E 257 30.22 -47.26 18.70
C MET E 257 30.38 -45.98 17.88
N GLY E 258 29.58 -44.98 18.22
CA GLY E 258 29.51 -43.74 17.47
C GLY E 258 30.71 -42.83 17.53
N ALA E 259 31.44 -42.85 18.64
CA ALA E 259 32.64 -42.04 18.79
C ALA E 259 33.74 -42.59 17.89
N TYR E 260 33.94 -43.90 17.97
CA TYR E 260 34.92 -44.61 17.16
C TYR E 260 34.60 -44.51 15.67
N LEU E 261 33.32 -44.71 15.32
CA LEU E 261 32.92 -44.68 13.91
C LEU E 261 33.02 -43.28 13.30
N SER E 262 32.81 -42.26 14.13
CA SER E 262 32.85 -40.87 13.65
C SER E 262 34.25 -40.50 13.16
N VAL E 263 35.26 -40.94 13.89
CA VAL E 263 36.65 -40.63 13.55
C VAL E 263 37.03 -41.19 12.19
N GLY E 264 36.57 -42.40 11.88
CA GLY E 264 36.93 -43.09 10.66
C GLY E 264 36.08 -42.74 9.44
N LYS E 265 35.06 -41.91 9.64
CA LYS E 265 34.12 -41.55 8.57
C LYS E 265 34.82 -41.01 7.31
N GLY E 266 35.86 -40.21 7.51
CA GLY E 266 36.55 -39.57 6.40
C GLY E 266 37.60 -40.41 5.71
N SER E 267 37.73 -41.66 6.12
CA SER E 267 38.75 -42.55 5.57
C SER E 267 38.20 -43.42 4.46
N MET E 268 39.06 -43.83 3.53
CA MET E 268 38.68 -44.75 2.47
C MET E 268 38.71 -46.19 2.96
N TYR E 269 39.32 -46.38 4.14
CA TYR E 269 39.40 -47.69 4.75
C TYR E 269 38.32 -47.82 5.83
N PRO E 270 37.52 -48.89 5.76
CA PRO E 270 36.50 -49.16 6.77
C PRO E 270 37.13 -49.39 8.14
N ASN E 271 36.47 -48.93 9.19
CA ASN E 271 36.90 -49.19 10.55
C ASN E 271 37.00 -50.70 10.80
N LYS E 272 38.03 -51.12 11.53
CA LYS E 272 38.19 -52.53 11.89
C LYS E 272 38.57 -52.67 13.37
N PHE E 273 37.70 -53.32 14.13
CA PHE E 273 37.96 -53.50 15.55
C PHE E 273 38.63 -54.84 15.80
N ILE E 274 39.85 -54.80 16.30
CA ILE E 274 40.62 -56.01 16.55
C ILE E 274 40.35 -56.57 17.95
N HIS E 275 39.99 -57.84 18.01
CA HIS E 275 39.77 -58.52 19.29
C HIS E 275 40.44 -59.88 19.30
N LEU E 276 41.62 -59.95 19.90
CA LEU E 276 42.33 -61.22 20.09
C LEU E 276 42.21 -61.69 21.53
N THR E 277 42.18 -63.00 21.73
CA THR E 277 42.03 -63.54 23.08
C THR E 277 43.01 -64.68 23.37
N TYR E 278 43.71 -64.56 24.49
CA TYR E 278 44.50 -65.67 25.02
C TYR E 278 43.81 -66.20 26.26
N LYS E 279 43.51 -67.49 26.28
CA LYS E 279 42.93 -68.08 27.48
C LYS E 279 43.81 -69.23 27.94
N SER E 280 44.24 -69.18 29.20
CA SER E 280 45.00 -70.27 29.81
C SER E 280 44.27 -71.59 29.75
N LYS E 281 45.00 -72.68 29.95
CA LYS E 281 44.41 -74.01 29.92
C LYS E 281 43.70 -74.37 31.21
N GLY E 282 44.29 -74.00 32.35
CA GLY E 282 43.68 -74.31 33.63
C GLY E 282 42.57 -73.36 34.01
N ASP E 283 42.41 -73.15 35.31
CA ASP E 283 41.38 -72.25 35.83
C ASP E 283 41.78 -70.80 35.58
N VAL E 284 40.85 -70.02 35.03
CA VAL E 284 41.13 -68.60 34.82
C VAL E 284 40.83 -67.84 36.10
N LYS E 285 41.86 -67.22 36.66
CA LYS E 285 41.76 -66.56 37.94
C LYS E 285 41.77 -65.04 37.79
N LYS E 286 42.37 -64.57 36.70
CA LYS E 286 42.42 -63.15 36.42
C LYS E 286 42.14 -62.89 34.94
N LYS E 287 41.24 -61.93 34.68
CA LYS E 287 40.95 -61.52 33.32
C LYS E 287 41.44 -60.09 33.08
N ILE E 288 42.20 -59.91 32.01
CA ILE E 288 42.81 -58.62 31.70
C ILE E 288 42.48 -58.20 30.28
N ALA E 289 42.06 -56.95 30.12
CA ALA E 289 41.87 -56.39 28.79
C ALA E 289 42.96 -55.36 28.49
N LEU E 290 43.69 -55.58 27.41
CA LEU E 290 44.69 -54.64 26.96
C LEU E 290 44.17 -53.87 25.75
N VAL E 291 44.09 -52.56 25.88
CA VAL E 291 43.56 -51.71 24.82
C VAL E 291 44.66 -50.84 24.22
N GLY E 292 44.80 -50.87 22.90
CA GLY E 292 45.80 -50.06 22.24
C GLY E 292 45.20 -49.10 21.24
N LYS E 293 45.67 -47.86 21.25
CA LYS E 293 45.23 -46.88 20.27
C LYS E 293 45.74 -47.29 18.89
N GLY E 294 44.82 -47.33 17.93
CA GLY E 294 45.16 -47.81 16.60
C GLY E 294 44.78 -46.86 15.47
N ILE E 295 45.37 -45.67 15.48
CA ILE E 295 45.19 -44.73 14.38
C ILE E 295 46.33 -44.89 13.36
N THR E 296 46.04 -45.50 12.22
CA THR E 296 47.09 -45.84 11.25
C THR E 296 47.70 -44.59 10.60
N PHE E 297 46.93 -43.53 10.49
CA PHE E 297 47.48 -42.21 10.16
C PHE E 297 46.62 -41.11 10.75
N ASP E 298 47.28 -40.15 11.40
CA ASP E 298 46.58 -39.04 12.02
C ASP E 298 46.93 -37.72 11.31
N SER E 299 46.06 -37.32 10.39
CA SER E 299 46.23 -36.05 9.70
C SER E 299 45.76 -34.90 10.58
N GLY E 300 45.00 -35.23 11.62
CA GLY E 300 44.45 -34.23 12.51
C GLY E 300 42.99 -33.92 12.17
N GLY E 301 42.54 -34.43 11.03
CA GLY E 301 41.21 -34.12 10.55
C GLY E 301 41.11 -32.68 10.11
N TYR E 302 39.92 -32.09 10.25
CA TYR E 302 39.73 -30.70 9.86
C TYR E 302 40.51 -29.74 10.76
N ASN E 303 40.81 -30.17 11.97
CA ASN E 303 41.84 -29.52 12.78
C ASN E 303 43.21 -30.03 12.35
N LEU E 304 43.51 -29.80 11.07
CA LEU E 304 44.69 -30.33 10.41
C LEU E 304 45.98 -29.98 11.15
N LYS E 305 46.91 -30.93 11.17
CA LYS E 305 48.23 -30.69 11.72
C LYS E 305 49.03 -29.83 10.75
N ALA E 306 48.78 -28.53 10.77
CA ALA E 306 49.38 -27.60 9.81
C ALA E 306 50.31 -26.61 10.49
N ALA E 307 50.28 -26.58 11.82
CA ALA E 307 51.14 -25.69 12.59
C ALA E 307 52.60 -26.07 12.42
N PRO E 308 53.49 -25.07 12.45
CA PRO E 308 54.93 -25.36 12.36
C PRO E 308 55.37 -26.27 13.51
N GLY E 309 56.03 -27.38 13.16
CA GLY E 309 56.53 -28.31 14.14
C GLY E 309 55.47 -29.28 14.64
N SER E 310 54.39 -29.43 13.88
CA SER E 310 53.34 -30.37 14.26
C SER E 310 53.69 -31.78 13.79
N MET E 311 54.73 -31.87 12.96
CA MET E 311 55.32 -33.13 12.54
C MET E 311 54.30 -34.13 11.99
N ILE E 312 53.57 -33.74 10.95
CA ILE E 312 52.54 -34.58 10.36
C ILE E 312 53.11 -35.81 9.64
N ASP E 313 54.37 -35.75 9.25
CA ASP E 313 55.00 -36.86 8.53
C ASP E 313 55.36 -38.01 9.47
N LEU E 314 55.23 -37.78 10.77
CA LEU E 314 55.54 -38.79 11.78
C LEU E 314 54.29 -39.58 12.16
N MET E 315 53.13 -39.06 11.81
CA MET E 315 51.86 -39.53 12.35
C MET E 315 51.42 -40.92 11.91
N LYS E 316 52.33 -41.69 11.31
CA LYS E 316 52.07 -43.11 11.12
C LYS E 316 52.29 -43.87 12.43
N PHE E 317 53.10 -43.29 13.32
CA PHE E 317 53.43 -43.90 14.61
C PHE E 317 52.20 -43.97 15.52
N ASP E 318 51.13 -43.26 15.14
CA ASP E 318 49.96 -43.04 16.01
C ASP E 318 49.14 -44.31 16.25
N MET E 319 49.69 -45.44 15.83
CA MET E 319 49.08 -46.74 16.08
C MET E 319 49.98 -47.57 16.97
N SER E 320 50.91 -46.90 17.65
CA SER E 320 51.90 -47.56 18.49
C SER E 320 51.28 -48.34 19.63
N GLY E 321 50.16 -47.85 20.15
CA GLY E 321 49.46 -48.53 21.22
C GLY E 321 48.97 -49.88 20.75
N CYS E 322 48.39 -49.90 19.55
CA CYS E 322 47.93 -51.16 18.97
C CYS E 322 49.08 -52.13 18.72
N ALA E 323 50.19 -51.60 18.21
CA ALA E 323 51.36 -52.43 17.93
C ALA E 323 51.92 -53.04 19.21
N ALA E 324 51.95 -52.23 20.27
CA ALA E 324 52.42 -52.69 21.57
C ALA E 324 51.56 -53.82 22.10
N VAL E 325 50.26 -53.70 21.91
CA VAL E 325 49.31 -54.72 22.36
C VAL E 325 49.49 -56.01 21.55
N LEU E 326 49.68 -55.87 20.24
CA LEU E 326 49.88 -57.02 19.36
C LEU E 326 51.23 -57.71 19.62
N GLY E 327 52.25 -56.89 19.87
CA GLY E 327 53.57 -57.42 20.18
C GLY E 327 53.53 -58.17 21.50
N CYS E 328 52.70 -57.67 22.41
CA CYS E 328 52.49 -58.32 23.69
C CYS E 328 51.73 -59.64 23.51
N ALA E 329 50.76 -59.63 22.60
CA ALA E 329 50.02 -60.83 22.26
C ALA E 329 50.95 -61.93 21.78
N TYR E 330 51.99 -61.56 21.04
CA TYR E 330 52.99 -62.51 20.60
C TYR E 330 53.72 -63.13 21.79
N CYS E 331 54.18 -62.28 22.70
CA CYS E 331 54.94 -62.73 23.86
C CYS E 331 54.09 -63.64 24.74
N VAL E 332 52.84 -63.24 24.95
CA VAL E 332 51.92 -64.01 25.78
C VAL E 332 51.59 -65.35 25.12
N GLY E 333 51.32 -65.31 23.82
CA GLY E 333 51.01 -66.51 23.07
C GLY E 333 52.18 -67.49 23.01
N THR E 334 53.39 -66.96 23.12
CA THR E 334 54.60 -67.77 23.04
C THR E 334 55.02 -68.32 24.40
N LEU E 335 55.02 -67.45 25.41
CA LEU E 335 55.44 -67.85 26.75
C LEU E 335 54.33 -68.60 27.50
N LYS E 336 53.10 -68.43 27.03
CA LYS E 336 51.93 -69.14 27.58
C LYS E 336 51.80 -69.09 29.10
N PRO E 337 51.45 -67.92 29.65
CA PRO E 337 51.25 -67.79 31.10
C PRO E 337 50.06 -68.60 31.59
N GLU E 338 50.03 -68.91 32.88
CA GLU E 338 48.98 -69.74 33.43
C GLU E 338 47.92 -68.93 34.17
N ASN E 339 46.72 -69.49 34.25
CA ASN E 339 45.65 -68.95 35.09
C ASN E 339 45.23 -67.53 34.74
N VAL E 340 45.38 -67.17 33.47
CA VAL E 340 45.01 -65.83 33.01
C VAL E 340 44.26 -65.88 31.69
N GLU E 341 43.34 -64.94 31.52
CA GLU E 341 42.66 -64.74 30.25
C GLU E 341 42.87 -63.30 29.81
N ILE E 342 43.48 -63.13 28.64
CA ILE E 342 43.82 -61.79 28.17
C ILE E 342 43.07 -61.46 26.88
N HIS E 343 42.45 -60.29 26.86
CA HIS E 343 41.84 -59.79 25.64
C HIS E 343 42.66 -58.65 25.05
N PHE E 344 43.06 -58.81 23.80
CA PHE E 344 43.84 -57.79 23.11
C PHE E 344 42.94 -56.99 22.17
N LEU E 345 42.69 -55.74 22.52
CA LEU E 345 41.72 -54.92 21.79
C LEU E 345 42.36 -53.72 21.10
N SER E 346 41.81 -53.38 19.94
CA SER E 346 42.18 -52.15 19.26
C SER E 346 41.09 -51.69 18.30
N ALA E 347 40.61 -50.48 18.52
CA ALA E 347 39.67 -49.86 17.59
C ALA E 347 40.46 -49.13 16.50
N VAL E 348 40.72 -49.83 15.40
CA VAL E 348 41.61 -49.32 14.37
C VAL E 348 40.88 -48.53 13.29
N CYS E 349 41.39 -47.34 12.98
CA CYS E 349 40.84 -46.51 11.92
C CYS E 349 41.84 -45.47 11.45
N GLU E 350 41.37 -44.53 10.63
CA GLU E 350 42.24 -43.50 10.07
C GLU E 350 41.58 -42.13 10.17
N ASN E 351 42.35 -41.12 10.60
CA ASN E 351 41.83 -39.77 10.78
C ASN E 351 42.20 -38.87 9.59
N MET E 352 41.27 -38.71 8.66
CA MET E 352 41.56 -38.04 7.40
C MET E 352 40.65 -36.85 7.12
N VAL E 353 41.03 -36.05 6.13
CA VAL E 353 40.24 -34.93 5.68
C VAL E 353 39.48 -35.29 4.41
N SER E 354 38.16 -35.16 4.46
CA SER E 354 37.30 -35.59 3.38
C SER E 354 35.96 -34.87 3.47
N LYS E 355 35.12 -35.05 2.45
CA LYS E 355 33.76 -34.54 2.51
C LYS E 355 32.97 -35.29 3.59
N ASN E 356 33.44 -36.48 3.94
CA ASN E 356 32.73 -37.34 4.89
C ASN E 356 33.27 -37.28 6.30
N SER E 357 34.34 -36.50 6.52
CA SER E 357 34.95 -36.41 7.84
C SER E 357 34.01 -35.76 8.85
N TYR E 358 34.17 -36.13 10.12
CA TYR E 358 33.43 -35.44 11.17
C TYR E 358 34.04 -34.06 11.36
N ARG E 359 33.19 -33.10 11.71
CA ARG E 359 33.60 -31.71 11.81
C ARG E 359 33.82 -31.29 13.26
N PRO E 360 34.65 -30.25 13.46
CA PRO E 360 34.72 -29.62 14.79
C PRO E 360 33.36 -29.07 15.18
N GLY E 361 32.90 -29.39 16.39
CA GLY E 361 31.60 -28.91 16.86
C GLY E 361 30.53 -29.99 16.85
N ASP E 362 30.76 -31.03 16.06
CA ASP E 362 29.82 -32.14 15.96
C ASP E 362 29.58 -32.80 17.31
N ILE E 363 28.34 -33.18 17.57
CA ILE E 363 28.03 -33.92 18.77
C ILE E 363 27.75 -35.39 18.43
N ILE E 364 28.52 -36.28 19.04
CA ILE E 364 28.46 -37.70 18.73
C ILE E 364 28.19 -38.52 19.98
N THR E 365 27.60 -39.70 19.80
CA THR E 365 27.19 -40.54 20.92
C THR E 365 28.01 -41.82 21.04
N ALA E 366 28.64 -42.01 22.20
CA ALA E 366 29.41 -43.23 22.46
C ALA E 366 28.49 -44.42 22.72
N SER E 367 29.07 -45.62 22.72
CA SER E 367 28.29 -46.85 22.88
C SER E 367 27.66 -46.98 24.26
N ASN E 368 28.06 -46.13 25.20
CA ASN E 368 27.46 -46.14 26.53
C ASN E 368 26.38 -45.06 26.67
N GLY E 369 26.01 -44.45 25.55
CA GLY E 369 24.93 -43.48 25.56
C GLY E 369 25.35 -42.03 25.77
N LYS E 370 26.58 -41.82 26.20
CA LYS E 370 27.09 -40.47 26.45
C LYS E 370 27.27 -39.68 25.16
N THR E 371 26.70 -38.47 25.11
CA THR E 371 26.90 -37.59 23.96
C THR E 371 28.14 -36.72 24.15
N ILE E 372 28.91 -36.56 23.09
CA ILE E 372 30.19 -35.86 23.17
C ILE E 372 30.26 -34.72 22.16
N GLU E 373 30.60 -33.52 22.62
CA GLU E 373 30.80 -32.40 21.71
C GLU E 373 32.27 -32.32 21.30
N VAL E 374 32.52 -32.50 20.01
CA VAL E 374 33.86 -32.47 19.46
C VAL E 374 34.40 -31.05 19.35
N GLY E 375 35.46 -30.74 20.11
CA GLY E 375 36.06 -29.42 20.04
C GLY E 375 37.30 -29.39 19.16
N ASN E 376 37.84 -30.57 18.87
CA ASN E 376 39.06 -30.68 18.09
C ASN E 376 39.18 -32.09 17.49
N THR E 377 39.13 -32.16 16.16
CA THR E 377 39.19 -33.44 15.47
C THR E 377 40.55 -34.13 15.59
N ASP E 378 41.56 -33.38 16.04
CA ASP E 378 42.89 -33.93 16.19
C ASP E 378 43.06 -34.64 17.54
N ALA E 379 42.06 -34.47 18.41
CA ALA E 379 42.01 -35.23 19.65
C ALA E 379 41.15 -36.47 19.47
N GLU E 380 41.44 -37.23 18.42
CA GLU E 380 40.59 -38.34 18.01
C GLU E 380 40.86 -39.62 18.80
N GLY E 381 42.04 -39.73 19.38
CA GLY E 381 42.45 -40.93 20.09
C GLY E 381 41.52 -41.28 21.23
N ARG E 382 41.14 -40.27 22.02
CA ARG E 382 40.29 -40.49 23.18
C ARG E 382 38.88 -40.91 22.76
N LEU E 383 38.47 -40.54 21.55
CA LEU E 383 37.16 -40.92 21.04
C LEU E 383 37.12 -42.40 20.70
N THR E 384 38.15 -42.88 20.01
CA THR E 384 38.24 -44.30 19.67
C THR E 384 38.43 -45.14 20.94
N LEU E 385 39.25 -44.63 21.87
CA LEU E 385 39.46 -45.31 23.13
C LEU E 385 38.19 -45.37 23.99
N ALA E 386 37.38 -44.32 23.90
CA ALA E 386 36.14 -44.25 24.67
C ALA E 386 35.25 -45.46 24.41
N ASP E 387 34.99 -45.73 23.13
CA ASP E 387 34.17 -46.87 22.74
C ASP E 387 34.87 -48.20 23.02
N ALA E 388 36.18 -48.21 22.88
CA ALA E 388 36.97 -49.42 23.16
C ALA E 388 36.93 -49.78 24.64
N LEU E 389 36.97 -48.77 25.50
CA LEU E 389 36.94 -48.99 26.95
C LEU E 389 35.58 -49.51 27.40
N VAL E 390 34.52 -49.01 26.77
CA VAL E 390 33.17 -49.48 27.04
C VAL E 390 33.06 -50.96 26.64
N TYR E 391 33.58 -51.27 25.46
CA TYR E 391 33.61 -52.64 24.96
C TYR E 391 34.41 -53.53 25.90
N ALA E 392 35.53 -53.02 26.39
CA ALA E 392 36.40 -53.77 27.28
C ALA E 392 35.71 -54.10 28.61
N GLU E 393 35.04 -53.11 29.18
CA GLU E 393 34.39 -53.29 30.47
C GLU E 393 33.23 -54.28 30.39
N LYS E 394 32.61 -54.37 29.21
CA LYS E 394 31.53 -55.32 28.99
C LYS E 394 32.02 -56.77 29.00
N LEU E 395 33.32 -56.99 28.82
CA LEU E 395 33.86 -58.35 28.86
C LEU E 395 33.94 -58.90 30.28
N GLY E 396 33.82 -58.03 31.28
CA GLY E 396 33.88 -58.44 32.68
C GLY E 396 35.26 -58.88 33.10
N VAL E 397 36.23 -57.98 33.02
CA VAL E 397 37.60 -58.29 33.38
C VAL E 397 37.99 -57.66 34.71
N ASP E 398 39.15 -58.03 35.22
CA ASP E 398 39.63 -57.48 36.49
C ASP E 398 40.40 -56.19 36.26
N TYR E 399 41.20 -56.16 35.20
CA TYR E 399 42.01 -54.99 34.87
C TYR E 399 41.82 -54.55 33.42
N ILE E 400 41.66 -53.25 33.22
CA ILE E 400 41.72 -52.67 31.89
C ILE E 400 42.92 -51.74 31.81
N VAL E 401 43.86 -52.04 30.94
CA VAL E 401 45.02 -51.18 30.73
C VAL E 401 45.06 -50.70 29.29
N ASP E 402 45.02 -49.38 29.09
CA ASP E 402 45.13 -48.86 27.74
C ASP E 402 46.48 -48.16 27.54
N ILE E 403 46.99 -48.25 26.33
CA ILE E 403 48.27 -47.64 25.98
C ILE E 403 48.11 -46.90 24.67
N ALA E 404 48.53 -45.64 24.64
CA ALA E 404 48.20 -44.76 23.53
C ALA E 404 49.17 -43.59 23.36
N THR E 405 49.42 -43.23 22.11
CA THR E 405 50.13 -42.00 21.77
C THR E 405 49.12 -40.85 21.80
N LEU E 406 48.69 -40.48 23.01
CA LEU E 406 47.50 -39.66 23.16
C LEU E 406 47.72 -38.16 23.08
N THR E 407 48.68 -37.63 23.84
CA THR E 407 48.86 -36.17 23.92
C THR E 407 50.32 -35.75 23.76
N GLY E 408 50.53 -34.75 22.90
CA GLY E 408 51.85 -34.20 22.66
C GLY E 408 52.44 -33.49 23.87
N ALA E 409 51.57 -33.16 24.83
CA ALA E 409 51.99 -32.50 26.06
C ALA E 409 52.98 -33.34 26.85
N MET E 410 52.99 -34.65 26.60
CA MET E 410 53.90 -35.56 27.30
C MET E 410 55.36 -35.18 27.03
N LEU E 411 55.60 -34.56 25.89
CA LEU E 411 56.95 -34.11 25.54
C LEU E 411 57.41 -32.99 26.47
N TYR E 412 56.45 -32.26 27.04
CA TYR E 412 56.77 -31.13 27.90
C TYR E 412 56.80 -31.52 29.37
N SER E 413 56.25 -32.68 29.69
CA SER E 413 56.17 -33.12 31.08
C SER E 413 57.25 -34.13 31.42
N LEU E 414 57.30 -35.23 30.68
CA LEU E 414 58.26 -36.29 30.95
C LEU E 414 59.27 -36.44 29.83
N GLY E 415 58.96 -35.86 28.68
CA GLY E 415 59.87 -35.90 27.55
C GLY E 415 59.80 -37.17 26.73
N THR E 416 60.95 -37.63 26.27
CA THR E 416 61.01 -38.72 25.31
C THR E 416 61.47 -40.04 25.94
N SER E 417 61.77 -40.03 27.23
CA SER E 417 62.28 -41.22 27.88
C SER E 417 61.25 -41.93 28.75
N TYR E 418 60.47 -41.16 29.50
CA TYR E 418 59.51 -41.73 30.44
C TYR E 418 58.09 -41.58 29.93
N ALA E 419 57.36 -42.69 29.91
CA ALA E 419 55.94 -42.64 29.62
C ALA E 419 55.21 -42.27 30.89
N GLY E 420 54.00 -41.73 30.75
CA GLY E 420 53.19 -41.38 31.90
C GLY E 420 52.07 -42.38 32.10
N VAL E 421 51.76 -42.70 33.35
CA VAL E 421 50.64 -43.58 33.63
C VAL E 421 49.59 -42.88 34.49
N PHE E 422 48.33 -43.03 34.08
CA PHE E 422 47.20 -42.47 34.81
C PHE E 422 46.28 -43.64 35.15
N GLY E 423 45.43 -43.48 36.17
CA GLY E 423 44.53 -44.55 36.55
C GLY E 423 43.50 -44.19 37.61
N ASN E 424 42.52 -45.08 37.80
CA ASN E 424 41.49 -44.89 38.81
C ASN E 424 41.69 -45.82 40.01
N ASN E 425 42.80 -46.56 39.99
CA ASN E 425 43.06 -47.58 41.00
C ASN E 425 44.54 -47.69 41.34
N GLU E 426 44.87 -47.51 42.62
CA GLU E 426 46.27 -47.44 43.05
C GLU E 426 47.02 -48.78 42.96
N GLU E 427 46.32 -49.87 43.22
CA GLU E 427 46.94 -51.19 43.13
C GLU E 427 47.39 -51.50 41.71
N LEU E 428 46.51 -51.24 40.74
CA LEU E 428 46.82 -51.47 39.34
C LEU E 428 47.98 -50.62 38.86
N ILE E 429 48.00 -49.36 39.28
CA ILE E 429 49.09 -48.45 38.91
C ILE E 429 50.46 -48.93 39.36
N ASN E 430 50.55 -49.36 40.62
CA ASN E 430 51.82 -49.86 41.14
C ASN E 430 52.26 -51.15 40.47
N LYS E 431 51.30 -51.97 40.05
CA LYS E 431 51.63 -53.19 39.33
C LYS E 431 52.31 -52.83 38.02
N ILE E 432 51.78 -51.82 37.35
CA ILE E 432 52.38 -51.30 36.13
C ILE E 432 53.76 -50.71 36.40
N LEU E 433 53.87 -49.97 37.50
CA LEU E 433 55.15 -49.38 37.90
C LEU E 433 56.15 -50.48 38.22
N GLN E 434 55.67 -51.53 38.86
CA GLN E 434 56.52 -52.70 39.12
C GLN E 434 56.95 -53.32 37.80
N SER E 435 56.01 -53.44 36.87
CA SER E 435 56.31 -53.98 35.54
C SER E 435 57.30 -53.09 34.81
N SER E 436 57.20 -51.78 35.05
CA SER E 436 58.13 -50.82 34.47
C SER E 436 59.55 -51.05 34.99
N LYS E 437 59.64 -51.37 36.27
CA LYS E 437 60.93 -51.64 36.90
C LYS E 437 61.60 -52.89 36.34
N THR E 438 60.83 -53.97 36.22
CA THR E 438 61.39 -55.26 35.80
C THR E 438 61.59 -55.37 34.30
N SER E 439 60.81 -54.63 33.52
CA SER E 439 60.94 -54.66 32.06
C SER E 439 61.94 -53.60 31.60
N ASN E 440 62.29 -52.69 32.50
CA ASN E 440 63.16 -51.55 32.21
C ASN E 440 62.62 -50.65 31.10
N GLU E 441 61.30 -50.55 31.01
CA GLU E 441 60.66 -49.53 30.20
C GLU E 441 60.07 -48.49 31.14
N PRO E 442 60.78 -47.36 31.30
CA PRO E 442 60.51 -46.38 32.35
C PRO E 442 59.16 -45.70 32.23
N VAL E 443 58.41 -45.72 33.33
CA VAL E 443 57.09 -45.11 33.40
C VAL E 443 56.99 -44.33 34.71
N TRP E 444 56.36 -43.16 34.66
CA TRP E 444 56.17 -42.34 35.85
C TRP E 444 54.70 -42.07 36.10
N TRP E 445 54.32 -42.10 37.37
CA TRP E 445 52.93 -41.90 37.75
C TRP E 445 52.55 -40.42 37.72
N LEU E 446 51.54 -40.11 36.93
CA LEU E 446 51.02 -38.75 36.85
C LEU E 446 49.61 -38.74 37.41
N PRO E 447 49.18 -37.62 37.99
CA PRO E 447 47.88 -37.60 38.68
C PRO E 447 46.71 -37.31 37.76
N ILE E 448 45.55 -37.87 38.10
CA ILE E 448 44.30 -37.44 37.49
C ILE E 448 43.67 -36.41 38.43
N ILE E 449 43.84 -35.13 38.09
CA ILE E 449 43.42 -34.06 38.98
C ILE E 449 41.95 -33.73 38.80
N ASN E 450 41.15 -34.10 39.80
CA ASN E 450 39.69 -34.02 39.72
C ASN E 450 39.16 -32.59 39.61
N GLU E 451 39.97 -31.63 40.04
CA GLU E 451 39.56 -30.23 39.97
C GLU E 451 39.42 -29.75 38.52
N TYR E 452 40.06 -30.45 37.59
CA TYR E 452 40.00 -30.06 36.18
C TYR E 452 38.76 -30.63 35.47
N ARG E 453 38.07 -31.54 36.15
CA ARG E 453 36.92 -32.24 35.56
C ARG E 453 35.82 -31.29 35.05
N ALA E 454 35.62 -30.17 35.74
CA ALA E 454 34.55 -29.25 35.39
C ALA E 454 34.77 -28.57 34.04
N THR E 455 36.01 -28.58 33.55
CA THR E 455 36.33 -27.95 32.29
C THR E 455 35.85 -28.77 31.11
N LEU E 456 35.40 -29.99 31.38
CA LEU E 456 34.87 -30.86 30.35
C LEU E 456 33.34 -30.79 30.31
N ASN E 457 32.78 -29.93 31.14
CA ASN E 457 31.33 -29.72 31.16
C ASN E 457 30.86 -28.98 29.93
N SER E 458 30.12 -29.69 29.08
CA SER E 458 29.63 -29.11 27.83
C SER E 458 28.30 -28.40 28.04
N LYS E 459 28.09 -27.33 27.28
CA LYS E 459 26.85 -26.59 27.34
C LYS E 459 25.69 -27.39 26.77
N TYR E 460 25.98 -28.22 25.76
CA TYR E 460 24.92 -28.92 25.05
C TYR E 460 24.98 -30.45 25.17
N ALA E 461 26.18 -31.01 25.09
CA ALA E 461 26.36 -32.45 25.21
C ALA E 461 26.53 -32.87 26.67
N ASP E 462 26.62 -34.17 26.91
CA ASP E 462 26.87 -34.69 28.25
C ASP E 462 28.27 -34.31 28.69
N ILE E 463 29.20 -34.32 27.75
CA ILE E 463 30.59 -34.07 28.08
C ILE E 463 31.35 -33.48 26.90
N ASN E 464 32.35 -32.64 27.19
CA ASN E 464 33.26 -32.14 26.17
C ASN E 464 34.38 -33.12 25.88
N GLN E 465 34.81 -33.15 24.63
CA GLN E 465 35.94 -33.95 24.23
C GLN E 465 37.25 -33.36 24.76
N ILE E 466 37.37 -32.03 24.67
CA ILE E 466 38.56 -31.33 25.11
C ILE E 466 38.25 -30.15 26.02
N SER E 467 39.29 -29.65 26.69
CA SER E 467 39.19 -28.44 27.49
C SER E 467 39.46 -27.24 26.57
N SER E 468 39.21 -26.03 27.06
CA SER E 468 39.33 -24.83 26.21
C SER E 468 40.42 -23.74 26.44
N SER E 469 41.47 -23.93 27.25
CA SER E 469 41.88 -25.22 27.82
C SER E 469 42.48 -25.06 29.21
N VAL E 470 42.57 -26.18 29.93
CA VAL E 470 43.41 -26.22 31.12
C VAL E 470 44.73 -26.89 30.73
N LYS E 471 45.63 -26.10 30.14
CA LYS E 471 46.73 -26.56 29.29
C LYS E 471 46.98 -28.06 29.38
N ALA E 472 47.55 -28.48 30.52
CA ALA E 472 47.67 -29.88 30.95
C ALA E 472 46.80 -30.89 30.19
N SER E 473 47.10 -31.08 28.91
CA SER E 473 46.27 -31.90 28.03
C SER E 473 46.25 -33.36 28.45
N SER E 474 47.37 -33.84 28.97
CA SER E 474 47.50 -35.24 29.34
C SER E 474 46.57 -35.61 30.49
N ILE E 475 46.41 -34.69 31.45
CA ILE E 475 45.53 -34.94 32.58
C ILE E 475 44.07 -34.82 32.18
N VAL E 476 43.76 -33.79 31.39
CA VAL E 476 42.39 -33.57 30.92
C VAL E 476 41.91 -34.76 30.10
N ALA E 477 42.78 -35.29 29.24
CA ALA E 477 42.45 -36.45 28.42
C ALA E 477 42.15 -37.68 29.27
N SER E 478 42.88 -37.85 30.37
CA SER E 478 42.65 -38.97 31.29
C SER E 478 41.30 -38.86 31.98
N LEU E 479 40.90 -37.64 32.32
CA LEU E 479 39.59 -37.40 32.91
C LEU E 479 38.49 -37.81 31.95
N PHE E 480 38.71 -37.56 30.65
CA PHE E 480 37.76 -37.96 29.63
C PHE E 480 37.58 -39.47 29.61
N LEU E 481 38.70 -40.19 29.49
CA LEU E 481 38.68 -41.65 29.44
C LEU E 481 38.07 -42.24 30.71
N LYS E 482 38.34 -41.59 31.84
CA LYS E 482 37.87 -42.01 33.14
C LYS E 482 36.34 -42.11 33.20
N GLU E 483 35.68 -41.26 32.42
CA GLU E 483 34.21 -41.24 32.37
C GLU E 483 33.60 -42.47 31.68
N PHE E 484 34.44 -43.28 31.04
CA PHE E 484 33.95 -44.42 30.27
C PHE E 484 34.36 -45.75 30.90
N VAL E 485 34.83 -45.70 32.14
CA VAL E 485 35.07 -46.90 32.92
C VAL E 485 34.33 -46.75 34.25
N GLN E 486 33.26 -47.52 34.43
CA GLN E 486 32.34 -47.27 35.53
C GLN E 486 32.70 -48.01 36.82
N ASN E 487 33.06 -49.29 36.72
CA ASN E 487 33.33 -50.12 37.89
C ASN E 487 34.43 -51.14 37.65
N THR E 488 35.52 -50.72 37.02
CA THR E 488 36.64 -51.61 36.77
C THR E 488 37.97 -50.91 37.03
N ALA E 489 38.92 -51.63 37.61
CA ALA E 489 40.27 -51.11 37.77
C ALA E 489 40.85 -50.78 36.40
N TRP E 490 41.25 -49.53 36.21
CA TRP E 490 41.68 -49.07 34.90
C TRP E 490 42.91 -48.18 34.99
N ALA E 491 43.83 -48.37 34.05
CA ALA E 491 45.04 -47.56 33.96
C ALA E 491 45.32 -47.18 32.52
N HIS E 492 45.93 -46.01 32.33
CA HIS E 492 46.16 -45.45 31.00
C HIS E 492 47.61 -45.00 30.84
N ILE E 493 48.29 -45.56 29.85
CA ILE E 493 49.69 -45.22 29.60
C ILE E 493 49.86 -44.38 28.34
N ASP E 494 50.30 -43.14 28.53
CA ASP E 494 50.52 -42.22 27.42
C ASP E 494 51.95 -42.31 26.90
N ILE E 495 52.10 -42.83 25.69
CA ILE E 495 53.42 -43.08 25.11
C ILE E 495 53.72 -42.17 23.91
N ALA E 496 53.03 -41.05 23.83
CA ALA E 496 53.23 -40.11 22.72
C ALA E 496 54.65 -39.60 22.66
N GLY E 497 55.29 -39.46 23.82
CA GLY E 497 56.64 -38.94 23.89
C GLY E 497 57.74 -39.98 23.70
N VAL E 498 57.47 -41.22 24.08
CA VAL E 498 58.50 -42.24 24.10
C VAL E 498 58.42 -43.22 22.94
N SER E 499 57.35 -43.15 22.16
CA SER E 499 57.13 -44.14 21.11
C SER E 499 58.16 -44.09 19.99
N TRP E 500 58.48 -42.88 19.51
CA TRP E 500 59.40 -42.74 18.40
C TRP E 500 60.78 -42.30 18.87
N ASN E 501 61.81 -42.96 18.35
CA ASN E 501 63.20 -42.58 18.60
C ASN E 501 63.65 -41.59 17.53
N PHE E 502 63.56 -40.31 17.85
CA PHE E 502 63.83 -39.26 16.88
C PHE E 502 65.30 -39.22 16.46
N LYS E 503 66.18 -39.56 17.39
CA LYS E 503 67.61 -39.57 17.12
C LYS E 503 67.98 -40.67 16.13
N ALA E 504 67.43 -41.86 16.33
CA ALA E 504 67.73 -43.00 15.47
C ALA E 504 66.77 -43.10 14.29
N ARG E 505 65.73 -42.26 14.31
CA ARG E 505 64.72 -42.21 13.26
C ARG E 505 63.98 -43.55 13.08
N LYS E 506 63.54 -44.13 14.19
CA LYS E 506 62.87 -45.42 14.17
C LYS E 506 62.02 -45.60 15.43
N PRO E 507 61.07 -46.55 15.40
CA PRO E 507 60.26 -46.81 16.60
C PRO E 507 61.08 -47.44 17.72
N LYS E 508 60.56 -47.39 18.94
CA LYS E 508 61.21 -48.08 20.05
C LYS E 508 60.53 -49.42 20.32
N GLY E 509 59.31 -49.57 19.83
CA GLY E 509 58.49 -50.71 20.17
C GLY E 509 58.15 -50.67 21.65
N PHE E 510 57.99 -49.45 22.16
CA PHE E 510 57.78 -49.21 23.59
C PHE E 510 56.47 -49.80 24.08
N GLY E 511 56.55 -50.55 25.18
CA GLY E 511 55.35 -51.03 25.85
C GLY E 511 55.12 -52.54 25.79
N VAL E 512 55.70 -53.20 24.79
CA VAL E 512 55.52 -54.63 24.62
C VAL E 512 55.99 -55.41 25.84
N ARG E 513 57.23 -55.15 26.25
CA ARG E 513 57.83 -55.83 27.39
C ARG E 513 57.17 -55.41 28.69
N LEU E 514 56.79 -54.13 28.77
CA LEU E 514 56.06 -53.61 29.92
C LEU E 514 54.75 -54.35 30.15
N LEU E 515 53.96 -54.46 29.10
CA LEU E 515 52.66 -55.12 29.19
C LEU E 515 52.81 -56.62 29.44
N THR E 516 53.87 -57.20 28.86
CA THR E 516 54.11 -58.62 29.02
C THR E 516 54.51 -58.95 30.45
N GLU E 517 55.40 -58.14 31.02
CA GLU E 517 55.80 -58.30 32.42
C GLU E 517 54.60 -58.16 33.35
N PHE E 518 53.68 -57.28 32.97
CA PHE E 518 52.48 -57.05 33.75
C PHE E 518 51.61 -58.32 33.78
N VAL E 519 51.45 -58.94 32.61
CA VAL E 519 50.65 -60.15 32.50
C VAL E 519 51.35 -61.35 33.15
N LEU E 520 52.67 -61.42 33.00
CA LEU E 520 53.44 -62.53 33.54
C LEU E 520 53.63 -62.44 35.05
N ASN E 521 53.99 -61.26 35.54
CA ASN E 521 54.27 -61.06 36.95
C ASN E 521 53.05 -60.57 37.73
N SER F 5 14.79 -34.72 -0.11
CA SER F 5 14.79 -34.22 1.25
C SER F 5 15.34 -35.27 2.23
N GLU F 6 15.84 -36.37 1.68
CA GLU F 6 16.46 -37.41 2.50
C GLU F 6 17.92 -37.06 2.81
N VAL F 7 18.28 -37.08 4.09
CA VAL F 7 19.64 -36.75 4.49
C VAL F 7 20.61 -37.90 4.27
N PRO F 8 21.69 -37.65 3.52
CA PRO F 8 22.72 -38.65 3.27
C PRO F 8 23.50 -39.00 4.54
N GLN F 9 23.94 -40.24 4.66
CA GLN F 9 24.70 -40.68 5.82
C GLN F 9 25.99 -41.38 5.42
N VAL F 10 27.03 -41.21 6.21
CA VAL F 10 28.27 -41.95 6.03
C VAL F 10 28.16 -43.26 6.79
N VAL F 11 27.68 -43.17 8.02
CA VAL F 11 27.37 -44.34 8.82
C VAL F 11 25.91 -44.26 9.26
N SER F 12 25.37 -45.38 9.72
CA SER F 12 23.95 -45.44 10.08
C SER F 12 23.65 -44.65 11.35
N LEU F 13 24.68 -44.29 12.09
CA LEU F 13 24.52 -43.57 13.34
C LEU F 13 24.42 -42.05 13.13
N ASP F 14 24.64 -41.60 11.91
CA ASP F 14 24.51 -40.19 11.58
C ASP F 14 23.07 -39.72 11.64
N PRO F 15 22.80 -38.62 12.36
CA PRO F 15 21.44 -38.09 12.50
C PRO F 15 20.88 -37.63 11.16
N THR F 16 19.57 -37.73 11.00
CA THR F 16 18.94 -37.40 9.72
C THR F 16 17.95 -36.25 9.86
N SER F 17 17.92 -35.61 11.03
CA SER F 17 17.08 -34.45 11.24
C SER F 17 17.56 -33.62 12.43
N ILE F 18 17.22 -32.34 12.44
CA ILE F 18 17.48 -31.48 13.58
C ILE F 18 16.39 -31.61 14.63
N PRO F 19 16.75 -32.02 15.84
CA PRO F 19 15.77 -32.04 16.93
C PRO F 19 15.31 -30.62 17.26
N ILE F 20 14.01 -30.39 17.25
CA ILE F 20 13.45 -29.07 17.52
C ILE F 20 12.37 -29.11 18.60
N GLU F 21 12.52 -28.25 19.60
CA GLU F 21 11.51 -28.08 20.63
C GLU F 21 10.56 -26.94 20.27
N TYR F 22 9.30 -27.26 19.98
CA TYR F 22 8.32 -26.23 19.68
C TYR F 22 7.56 -25.82 20.94
N ASN F 23 7.15 -26.81 21.72
CA ASN F 23 6.45 -26.55 22.98
C ASN F 23 7.43 -26.45 24.15
N THR F 24 7.82 -25.22 24.48
CA THR F 24 8.76 -24.98 25.56
C THR F 24 8.02 -24.68 26.87
N PRO F 25 8.69 -24.91 28.01
CA PRO F 25 8.12 -24.57 29.32
C PRO F 25 7.72 -23.10 29.44
N ILE F 26 8.40 -22.23 28.71
CA ILE F 26 8.08 -20.80 28.70
C ILE F 26 6.65 -20.55 28.22
N HIS F 27 6.19 -21.38 27.29
CA HIS F 27 4.84 -21.24 26.75
C HIS F 27 3.77 -21.60 27.79
N ASP F 28 4.17 -22.25 28.88
CA ASP F 28 3.23 -22.66 29.91
C ASP F 28 3.11 -21.65 31.05
N ILE F 29 3.85 -20.54 30.96
CA ILE F 29 3.83 -19.52 32.00
C ILE F 29 2.70 -18.50 31.87
N LYS F 30 1.81 -18.49 32.86
CA LYS F 30 0.75 -17.49 32.94
C LYS F 30 1.28 -16.15 33.40
N VAL F 31 1.09 -15.13 32.58
CA VAL F 31 1.62 -13.80 32.86
C VAL F 31 0.51 -12.82 33.23
N GLN F 32 0.66 -12.19 34.39
CA GLN F 32 -0.31 -11.21 34.87
C GLN F 32 0.35 -9.85 35.13
N VAL F 33 -0.29 -8.78 34.67
CA VAL F 33 0.24 -7.44 34.91
C VAL F 33 -0.68 -6.61 35.81
N TYR F 34 -0.13 -6.16 36.94
CA TYR F 34 -0.88 -5.35 37.90
C TYR F 34 -0.31 -3.95 38.08
N ASP F 35 -1.15 -3.02 38.55
CA ASP F 35 -0.68 -1.66 38.84
C ASP F 35 0.00 -1.59 40.19
N ILE F 36 1.13 -0.91 40.24
CA ILE F 36 1.96 -0.84 41.44
C ILE F 36 1.32 0.04 42.52
N LYS F 37 0.41 0.91 42.10
CA LYS F 37 -0.26 1.82 43.03
C LYS F 37 -1.28 1.12 43.92
N GLY F 38 -1.74 -0.06 43.49
CA GLY F 38 -2.71 -0.82 44.24
C GLY F 38 -2.08 -1.68 45.32
N GLY F 39 -0.76 -1.65 45.40
CA GLY F 39 -0.03 -2.46 46.35
C GLY F 39 0.24 -3.85 45.82
N CYS F 40 1.24 -4.53 46.39
CA CYS F 40 1.60 -5.86 45.92
C CYS F 40 1.16 -6.94 46.90
N ASN F 41 0.62 -8.03 46.36
CA ASN F 41 0.26 -9.18 47.17
C ASN F 41 1.35 -10.25 47.15
N VAL F 42 1.80 -10.63 48.34
CA VAL F 42 2.85 -11.63 48.49
C VAL F 42 2.26 -12.92 49.07
N GLU F 43 1.89 -13.82 48.18
CA GLU F 43 1.24 -15.05 48.57
C GLU F 43 2.18 -16.23 48.33
N GLU F 44 2.20 -16.74 47.10
CA GLU F 44 3.10 -17.82 46.76
C GLU F 44 4.36 -17.33 46.03
N GLY F 45 5.31 -18.23 45.84
CA GLY F 45 6.49 -17.99 45.02
C GLY F 45 7.51 -16.97 45.48
N LEU F 46 8.21 -16.40 44.50
CA LEU F 46 9.28 -15.43 44.72
C LEU F 46 8.89 -14.04 44.23
N THR F 47 9.11 -13.04 45.09
CA THR F 47 8.82 -11.66 44.75
C THR F 47 10.10 -10.83 44.66
N ILE F 48 10.38 -10.31 43.47
CA ILE F 48 11.60 -9.56 43.23
C ILE F 48 11.31 -8.09 42.89
N PHE F 49 11.98 -7.20 43.61
CA PHE F 49 11.86 -5.77 43.35
C PHE F 49 13.01 -5.26 42.49
N LEU F 50 12.69 -4.59 41.39
CA LEU F 50 13.71 -3.93 40.59
C LEU F 50 13.87 -2.49 41.06
N VAL F 51 14.98 -2.20 41.73
CA VAL F 51 15.19 -0.91 42.38
C VAL F 51 16.47 -0.23 41.92
N ASN F 52 16.45 1.10 41.89
CA ASN F 52 17.65 1.88 41.60
C ASN F 52 17.93 2.95 42.65
N ASN F 53 18.99 3.72 42.44
CA ASN F 53 19.31 4.83 43.33
C ASN F 53 20.02 5.97 42.61
N PRO F 54 19.24 6.97 42.14
CA PRO F 54 19.79 8.12 41.43
C PRO F 54 20.79 8.88 42.31
N GLY F 55 22.06 8.92 41.91
CA GLY F 55 23.09 9.53 42.72
C GLY F 55 23.56 8.54 43.79
N LYS F 56 24.41 7.61 43.37
CA LYS F 56 24.86 6.53 44.24
C LYS F 56 25.99 5.74 43.59
N GLU F 57 26.88 5.17 44.40
CA GLU F 57 28.00 4.41 43.84
C GLU F 57 28.66 3.41 44.81
N ASN F 58 27.98 2.31 45.13
CA ASN F 58 26.56 2.15 44.86
C ASN F 58 25.79 2.36 46.17
N GLY F 59 24.68 3.07 46.10
CA GLY F 59 23.91 3.42 47.29
C GLY F 59 22.98 2.36 47.83
N PRO F 60 22.39 2.62 49.00
CA PRO F 60 21.51 1.67 49.70
C PRO F 60 20.19 1.42 48.97
N VAL F 61 19.61 0.25 49.22
CA VAL F 61 18.33 -0.14 48.66
C VAL F 61 17.14 0.39 49.48
N LYS F 62 16.18 1.02 48.81
CA LYS F 62 14.95 1.45 49.47
C LYS F 62 13.72 1.10 48.62
N ILE F 63 12.82 0.32 49.21
CA ILE F 63 11.60 -0.12 48.54
C ILE F 63 10.42 0.81 48.79
N SER F 64 9.93 1.43 47.71
CA SER F 64 8.86 2.41 47.80
C SER F 64 7.46 1.81 47.76
N SER F 65 7.29 0.74 46.99
CA SER F 65 5.96 0.15 46.77
C SER F 65 5.33 -0.38 48.07
N LYS F 66 4.02 -0.25 48.16
CA LYS F 66 3.27 -0.77 49.30
C LYS F 66 3.03 -2.28 49.20
N VAL F 67 3.30 -2.98 50.30
CA VAL F 67 3.10 -4.43 50.35
C VAL F 67 1.95 -4.81 51.27
N ASN F 68 0.97 -5.54 50.74
CA ASN F 68 -0.20 -5.95 51.51
C ASN F 68 0.08 -7.13 52.43
N ASP F 69 1.22 -7.09 53.12
CA ASP F 69 1.59 -8.14 54.06
C ASP F 69 2.43 -7.57 55.21
N LYS F 70 1.96 -7.78 56.43
CA LYS F 70 2.62 -7.20 57.60
C LYS F 70 4.00 -7.81 57.81
N GLN F 71 4.12 -9.12 57.58
CA GLN F 71 5.38 -9.82 57.79
C GLN F 71 6.43 -9.40 56.77
N VAL F 72 6.03 -9.30 55.51
CA VAL F 72 6.95 -8.88 54.45
C VAL F 72 7.35 -7.42 54.61
N SER F 73 6.40 -6.58 55.00
CA SER F 73 6.65 -5.15 55.23
C SER F 73 7.76 -4.91 56.26
N GLU F 74 7.76 -5.70 57.32
CA GLU F 74 8.79 -5.58 58.36
C GLU F 74 10.16 -5.93 57.78
N PHE F 75 10.19 -6.96 56.93
CA PHE F 75 11.39 -7.33 56.22
C PHE F 75 11.90 -6.21 55.32
N LEU F 76 10.97 -5.52 54.69
CA LEU F 76 11.31 -4.52 53.70
C LEU F 76 11.53 -3.15 54.32
N LYS F 77 11.65 -3.07 55.65
CA LYS F 77 11.91 -1.80 56.30
C LYS F 77 13.25 -1.23 55.88
N ASP F 78 13.35 0.10 55.92
CA ASP F 78 14.52 0.82 55.44
C ASP F 78 15.80 0.45 56.17
N GLU F 79 15.70 0.23 57.48
CA GLU F 79 16.87 -0.12 58.30
C GLU F 79 17.47 -1.46 57.88
N ASN F 80 16.60 -2.39 57.47
CA ASN F 80 17.05 -3.70 57.03
C ASN F 80 17.61 -3.65 55.61
N MET F 81 17.00 -2.82 54.77
CA MET F 81 17.34 -2.78 53.35
C MET F 81 18.56 -1.89 53.10
N GLU F 82 18.90 -1.06 54.09
CA GLU F 82 20.03 -0.15 53.95
C GLU F 82 21.35 -0.91 54.01
N LYS F 83 21.29 -2.16 54.47
CA LYS F 83 22.47 -3.02 54.54
C LYS F 83 22.85 -3.56 53.16
N PHE F 84 21.94 -3.39 52.19
CA PHE F 84 22.18 -3.83 50.83
C PHE F 84 22.35 -2.63 49.90
N ASN F 85 23.12 -2.80 48.82
CA ASN F 85 23.34 -1.70 47.89
C ASN F 85 22.73 -2.01 46.53
N VAL F 86 22.65 -1.00 45.68
CA VAL F 86 21.89 -1.11 44.44
C VAL F 86 22.75 -1.30 43.19
N LYS F 87 24.02 -1.65 43.38
CA LYS F 87 24.94 -1.92 42.28
C LYS F 87 24.32 -2.86 41.23
N LEU F 88 24.43 -2.46 39.96
CA LEU F 88 23.79 -3.18 38.87
C LEU F 88 24.16 -4.66 38.81
N GLY F 89 23.15 -5.51 38.90
CA GLY F 89 23.33 -6.95 38.84
C GLY F 89 23.33 -7.61 40.19
N THR F 90 23.55 -6.82 41.24
CA THR F 90 23.53 -7.34 42.61
C THR F 90 22.12 -7.73 43.02
N SER F 91 21.98 -8.88 43.67
CA SER F 91 20.69 -9.33 44.15
C SER F 91 20.80 -10.09 45.47
N LYS F 92 19.73 -10.02 46.28
CA LYS F 92 19.63 -10.81 47.49
C LYS F 92 18.19 -11.30 47.59
N HIS F 93 18.00 -12.54 48.01
CA HIS F 93 16.65 -13.02 48.30
C HIS F 93 16.62 -13.85 49.59
N PHE F 94 15.59 -13.64 50.39
CA PHE F 94 15.40 -14.34 51.66
C PHE F 94 14.11 -15.13 51.71
N TYR F 95 14.14 -16.23 52.46
CA TYR F 95 12.94 -17.04 52.67
C TYR F 95 12.38 -16.77 54.05
N MET F 96 11.07 -16.59 54.11
CA MET F 96 10.39 -16.28 55.36
C MET F 96 8.93 -16.66 55.28
N PHE F 97 8.23 -16.54 56.40
CA PHE F 97 6.80 -16.82 56.44
C PHE F 97 6.03 -15.50 56.43
N ASN F 98 4.98 -15.45 55.61
CA ASN F 98 4.15 -14.25 55.53
C ASN F 98 3.09 -14.26 56.62
N ASP F 99 2.09 -13.41 56.48
CA ASP F 99 1.05 -13.27 57.50
C ASP F 99 0.24 -14.55 57.67
N ASN F 100 0.14 -15.34 56.61
CA ASN F 100 -0.62 -16.59 56.65
C ASN F 100 0.27 -17.80 56.93
N LYS F 101 1.43 -17.54 57.51
CA LYS F 101 2.38 -18.59 57.88
C LYS F 101 2.76 -19.44 56.67
N ASN F 102 2.70 -18.85 55.48
CA ASN F 102 3.12 -19.53 54.27
C ASN F 102 4.54 -19.12 53.91
N SER F 103 5.33 -20.07 53.43
CA SER F 103 6.70 -19.77 53.08
C SER F 103 6.77 -18.94 51.81
N VAL F 104 7.44 -17.79 51.89
CA VAL F 104 7.60 -16.90 50.75
C VAL F 104 9.05 -16.51 50.57
N ALA F 105 9.42 -16.16 49.35
CA ALA F 105 10.77 -15.69 49.07
C ALA F 105 10.70 -14.26 48.54
N VAL F 106 11.45 -13.35 49.16
CA VAL F 106 11.42 -11.95 48.78
C VAL F 106 12.85 -11.46 48.54
N GLY F 107 13.01 -10.56 47.58
CA GLY F 107 14.31 -10.01 47.27
C GLY F 107 14.29 -8.83 46.32
N TYR F 108 15.48 -8.42 45.89
CA TYR F 108 15.61 -7.31 44.95
C TYR F 108 16.70 -7.58 43.91
N VAL F 109 16.70 -6.78 42.85
CA VAL F 109 17.82 -6.72 41.92
C VAL F 109 18.26 -5.26 41.75
N GLY F 110 19.55 -5.00 41.92
CA GLY F 110 20.08 -3.65 41.79
C GLY F 110 20.10 -3.18 40.35
N CYS F 111 19.62 -1.97 40.11
CA CYS F 111 19.58 -1.42 38.75
C CYS F 111 20.46 -0.19 38.58
N GLY F 112 21.46 -0.05 39.44
CA GLY F 112 22.43 1.02 39.31
C GLY F 112 21.90 2.38 39.72
N SER F 113 22.50 3.43 39.15
CA SER F 113 22.17 4.80 39.53
C SER F 113 21.60 5.58 38.35
N VAL F 114 21.67 5.00 37.16
CA VAL F 114 21.13 5.66 35.98
C VAL F 114 19.61 5.45 35.89
N ALA F 115 18.89 6.54 35.67
CA ALA F 115 17.43 6.51 35.66
C ALA F 115 16.89 5.91 34.36
N ASP F 116 17.71 5.91 33.32
CA ASP F 116 17.32 5.36 32.03
C ASP F 116 18.16 4.13 31.72
N LEU F 117 17.59 2.96 31.98
CA LEU F 117 18.29 1.69 31.82
C LEU F 117 18.51 1.35 30.35
N SER F 118 19.75 1.01 30.01
CA SER F 118 20.09 0.61 28.64
C SER F 118 19.73 -0.85 28.36
N GLU F 119 19.91 -1.26 27.11
CA GLU F 119 19.66 -2.63 26.70
C GLU F 119 20.66 -3.61 27.32
N ALA F 120 21.91 -3.17 27.47
CA ALA F 120 22.94 -3.99 28.09
C ALA F 120 22.75 -4.08 29.59
N ASP F 121 22.33 -2.97 30.20
CA ASP F 121 22.07 -2.91 31.63
C ASP F 121 20.90 -3.79 32.02
N MET F 122 19.84 -3.73 31.21
CA MET F 122 18.65 -4.54 31.45
C MET F 122 18.97 -6.03 31.35
N LYS F 123 19.90 -6.36 30.46
CA LYS F 123 20.31 -7.75 30.27
C LYS F 123 21.02 -8.28 31.52
N ARG F 124 21.81 -7.42 32.16
CA ARG F 124 22.47 -7.79 33.42
C ARG F 124 21.45 -8.01 34.53
N VAL F 125 20.41 -7.19 34.54
CA VAL F 125 19.34 -7.32 35.51
C VAL F 125 18.62 -8.66 35.35
N VAL F 126 18.26 -8.98 34.11
CA VAL F 126 17.58 -10.24 33.81
C VAL F 126 18.42 -11.45 34.18
N LEU F 127 19.71 -11.40 33.85
CA LEU F 127 20.63 -12.50 34.12
C LEU F 127 20.72 -12.79 35.62
N SER F 128 20.72 -11.72 36.41
CA SER F 128 20.75 -11.85 37.86
C SER F 128 19.46 -12.50 38.36
N LEU F 129 18.34 -12.14 37.73
CA LEU F 129 17.05 -12.71 38.05
C LEU F 129 16.98 -14.20 37.69
N VAL F 130 17.50 -14.53 36.50
CA VAL F 130 17.47 -15.90 35.99
C VAL F 130 18.33 -16.81 36.86
N THR F 131 19.39 -16.25 37.45
CA THR F 131 20.25 -17.01 38.34
C THR F 131 19.48 -17.51 39.56
N MET F 132 18.55 -16.70 40.04
CA MET F 132 17.71 -17.09 41.16
C MET F 132 16.66 -18.12 40.75
N LEU F 133 16.20 -18.05 39.49
CA LEU F 133 15.19 -18.97 39.02
C LEU F 133 15.78 -20.36 38.80
N HIS F 134 17.04 -20.40 38.37
CA HIS F 134 17.72 -21.67 38.14
C HIS F 134 18.17 -22.33 39.45
N ASP F 135 18.17 -21.58 40.54
CA ASP F 135 18.61 -22.13 41.81
C ASP F 135 17.47 -22.23 42.81
N ASN F 136 16.25 -22.05 42.33
CA ASN F 136 15.07 -22.12 43.19
C ASN F 136 13.89 -22.91 42.61
N LYS F 137 13.29 -23.77 43.43
CA LYS F 137 12.14 -24.54 42.98
C LYS F 137 10.91 -23.72 43.30
N LEU F 138 10.38 -23.04 42.29
CA LEU F 138 9.27 -22.11 42.48
C LEU F 138 8.13 -22.36 41.52
N SER F 139 6.92 -22.01 41.94
CA SER F 139 5.75 -22.15 41.09
C SER F 139 5.36 -20.81 40.48
N LYS F 140 5.81 -19.73 41.12
CA LYS F 140 5.42 -18.38 40.71
C LYS F 140 6.56 -17.38 40.90
N LEU F 141 6.75 -16.50 39.91
CA LEU F 141 7.66 -15.38 40.04
C LEU F 141 6.87 -14.08 40.00
N THR F 142 7.19 -13.16 40.90
CA THR F 142 6.56 -11.85 40.91
C THR F 142 7.62 -10.74 40.83
N VAL F 143 7.49 -9.91 39.80
CA VAL F 143 8.45 -8.83 39.57
C VAL F 143 7.81 -7.46 39.77
N VAL F 144 8.41 -6.65 40.65
CA VAL F 144 7.92 -5.32 40.91
C VAL F 144 8.82 -4.24 40.32
N PHE F 145 8.31 -3.52 39.33
CA PHE F 145 9.07 -2.48 38.65
C PHE F 145 9.05 -1.17 39.43
N GLU F 146 10.12 -0.90 40.17
CA GLU F 146 10.28 0.37 40.85
C GLU F 146 11.28 1.23 40.10
N ILE F 147 11.33 1.01 38.78
CA ILE F 147 12.13 1.81 37.88
C ILE F 147 11.27 2.20 36.67
N ASN F 148 11.74 3.16 35.89
CA ASN F 148 10.99 3.62 34.73
C ASN F 148 11.41 2.94 33.42
N VAL F 149 10.46 2.25 32.79
CA VAL F 149 10.70 1.59 31.51
C VAL F 149 9.53 1.84 30.56
N ASP F 150 9.84 2.09 29.29
CA ASP F 150 8.80 2.26 28.28
C ASP F 150 8.37 0.88 27.75
N LYS F 151 7.40 0.87 26.83
CA LYS F 151 6.85 -0.37 26.32
C LYS F 151 7.88 -1.26 25.67
N ASN F 152 8.79 -0.67 24.90
CA ASN F 152 9.83 -1.43 24.20
C ASN F 152 10.80 -2.10 25.15
N LEU F 153 11.25 -1.38 26.17
CA LEU F 153 12.20 -1.91 27.14
C LEU F 153 11.54 -2.97 28.03
N PHE F 154 10.25 -2.80 28.30
CA PHE F 154 9.50 -3.78 29.07
C PHE F 154 9.36 -5.08 28.29
N ARG F 155 9.05 -4.98 27.01
CA ARG F 155 8.95 -6.15 26.15
C ARG F 155 10.31 -6.84 26.07
N PHE F 156 11.36 -6.04 25.95
CA PHE F 156 12.73 -6.54 25.92
C PHE F 156 13.06 -7.31 27.20
N PHE F 157 12.59 -6.79 28.32
CA PHE F 157 12.76 -7.44 29.62
C PHE F 157 12.20 -8.87 29.62
N LEU F 158 10.96 -9.00 29.13
CA LEU F 158 10.29 -10.29 29.12
C LEU F 158 10.96 -11.27 28.17
N GLU F 159 11.26 -10.82 26.96
CA GLU F 159 11.95 -11.63 25.96
C GLU F 159 13.26 -12.17 26.52
N THR F 160 14.05 -11.28 27.09
CA THR F 160 15.35 -11.63 27.64
C THR F 160 15.18 -12.60 28.81
N LEU F 161 14.18 -12.33 29.64
CA LEU F 161 13.87 -13.22 30.76
C LEU F 161 13.56 -14.64 30.28
N PHE F 162 12.62 -14.74 29.35
CA PHE F 162 12.20 -16.02 28.80
C PHE F 162 13.36 -16.80 28.15
N TYR F 163 14.12 -16.10 27.31
CA TYR F 163 15.21 -16.69 26.55
C TYR F 163 16.33 -17.23 27.44
N GLU F 164 16.74 -16.43 28.42
CA GLU F 164 17.84 -16.82 29.30
C GLU F 164 17.39 -17.90 30.28
N TYR F 165 16.13 -17.84 30.67
CA TYR F 165 15.53 -18.82 31.58
C TYR F 165 15.53 -20.20 30.93
N MET F 166 15.17 -20.24 29.65
CA MET F 166 15.07 -21.48 28.91
C MET F 166 16.41 -22.20 28.76
N THR F 167 16.39 -23.52 28.88
CA THR F 167 17.61 -24.32 28.77
C THR F 167 17.48 -25.38 27.67
N ASP F 168 18.47 -25.41 26.78
CA ASP F 168 18.47 -26.32 25.64
C ASP F 168 19.10 -27.67 26.02
N GLU F 169 18.28 -28.71 26.05
CA GLU F 169 18.75 -30.04 26.47
C GLU F 169 18.57 -31.11 25.40
N ARG F 170 18.45 -30.68 24.15
CA ARG F 170 18.23 -31.59 23.03
C ARG F 170 19.33 -32.62 22.84
N PHE F 171 20.55 -32.28 23.25
CA PHE F 171 21.70 -33.14 23.00
C PHE F 171 22.23 -33.73 24.31
N LYS F 172 21.49 -33.49 25.37
CA LYS F 172 21.71 -34.13 26.67
C LYS F 172 21.08 -35.52 26.68
N SER F 173 21.66 -36.46 27.42
CA SER F 173 21.10 -37.80 27.55
C SER F 173 20.89 -38.17 29.01
N GLU F 181 9.86 -28.09 37.91
CA GLU F 181 11.05 -27.41 37.40
C GLU F 181 10.78 -25.93 37.17
N TYR F 182 10.14 -25.61 36.05
CA TYR F 182 9.87 -24.23 35.67
C TYR F 182 8.67 -23.65 36.38
N ILE F 183 8.69 -22.33 36.62
CA ILE F 183 7.55 -21.65 37.20
C ILE F 183 6.36 -21.77 36.24
N LYS F 184 5.15 -21.67 36.79
CA LYS F 184 3.94 -21.78 36.00
C LYS F 184 3.23 -20.43 35.90
N HIS F 185 3.64 -19.50 36.75
CA HIS F 185 3.02 -18.18 36.79
C HIS F 185 4.07 -17.06 36.90
N LEU F 186 3.81 -15.98 36.18
CA LEU F 186 4.66 -14.80 36.26
C LEU F 186 3.80 -13.58 36.60
N GLY F 187 4.09 -12.98 37.74
CA GLY F 187 3.36 -11.79 38.15
C GLY F 187 4.21 -10.54 37.95
N VAL F 188 3.61 -9.51 37.38
CA VAL F 188 4.32 -8.26 37.17
C VAL F 188 3.56 -7.09 37.77
N TYR F 189 4.20 -6.39 38.70
CA TYR F 189 3.65 -5.17 39.25
C TYR F 189 4.37 -3.97 38.64
N ILE F 190 3.61 -3.06 38.05
CA ILE F 190 4.18 -1.89 37.37
C ILE F 190 3.14 -0.78 37.26
N ASN F 191 3.60 0.46 37.39
CA ASN F 191 2.69 1.59 37.19
C ASN F 191 2.33 1.73 35.72
N ASN F 192 1.10 2.16 35.48
CA ASN F 192 0.55 2.29 34.14
C ASN F 192 0.50 0.91 33.50
N ALA F 193 -0.01 -0.06 34.27
CA ALA F 193 -0.03 -1.46 33.87
C ALA F 193 -0.78 -1.70 32.57
N ASP F 194 -1.84 -0.92 32.35
CA ASP F 194 -2.70 -1.09 31.18
C ASP F 194 -1.93 -0.92 29.87
N THR F 195 -0.93 -0.05 29.89
CA THR F 195 -0.14 0.27 28.70
C THR F 195 0.82 -0.87 28.30
N TYR F 196 1.21 -1.67 29.28
CA TYR F 196 2.25 -2.70 29.05
C TYR F 196 1.69 -4.07 28.68
N LYS F 197 0.40 -4.28 28.88
CA LYS F 197 -0.22 -5.59 28.70
C LYS F 197 -0.12 -6.12 27.27
N GLU F 198 -0.19 -5.22 26.29
CA GLU F 198 -0.12 -5.61 24.89
C GLU F 198 1.27 -6.16 24.53
N GLU F 199 2.27 -5.78 25.31
CA GLU F 199 3.65 -6.19 25.06
C GLU F 199 3.91 -7.64 25.48
N VAL F 200 3.02 -8.18 26.31
CA VAL F 200 3.22 -9.50 26.91
C VAL F 200 3.25 -10.65 25.90
N GLU F 201 2.22 -10.76 25.08
CA GLU F 201 2.15 -11.87 24.13
C GLU F 201 3.09 -11.65 22.95
N LYS F 202 3.40 -10.40 22.67
CA LYS F 202 4.38 -10.06 21.64
C LYS F 202 5.76 -10.54 22.06
N ALA F 203 6.08 -10.36 23.34
CA ALA F 203 7.35 -10.82 23.90
C ALA F 203 7.47 -12.33 23.81
N ARG F 204 6.35 -13.02 24.00
CA ARG F 204 6.34 -14.47 23.92
C ARG F 204 6.62 -14.94 22.50
N VAL F 205 6.09 -14.21 21.52
CA VAL F 205 6.34 -14.54 20.12
C VAL F 205 7.80 -14.24 19.78
N TYR F 206 8.28 -13.06 20.18
CA TYR F 206 9.67 -12.67 19.95
C TYR F 206 10.63 -13.63 20.65
N TYR F 207 10.25 -14.09 21.84
CA TYR F 207 11.05 -15.07 22.57
C TYR F 207 11.33 -16.31 21.73
N PHE F 208 10.29 -16.94 21.20
CA PHE F 208 10.47 -18.21 20.52
C PHE F 208 11.16 -18.06 19.17
N GLY F 209 10.88 -16.96 18.47
CA GLY F 209 11.57 -16.68 17.22
C GLY F 209 13.07 -16.64 17.44
N THR F 210 13.48 -15.98 18.51
CA THR F 210 14.88 -15.91 18.90
C THR F 210 15.38 -17.29 19.35
N TYR F 211 14.57 -17.98 20.14
CA TYR F 211 14.94 -19.30 20.66
C TYR F 211 14.97 -20.37 19.57
N TYR F 212 14.08 -20.26 18.61
CA TYR F 212 14.07 -21.19 17.47
C TYR F 212 15.35 -21.02 16.67
N ALA F 213 15.71 -19.77 16.39
CA ALA F 213 16.95 -19.45 15.69
C ALA F 213 18.13 -19.98 16.48
N SER F 214 18.08 -19.75 17.79
CA SER F 214 19.09 -20.26 18.72
C SER F 214 19.23 -21.77 18.61
N GLN F 215 18.11 -22.47 18.47
CA GLN F 215 18.11 -23.92 18.35
C GLN F 215 18.82 -24.37 17.08
N LEU F 216 18.59 -23.66 15.98
CA LEU F 216 19.20 -24.02 14.70
C LEU F 216 20.70 -23.77 14.71
N ILE F 217 21.10 -22.64 15.29
CA ILE F 217 22.51 -22.27 15.35
C ILE F 217 23.30 -23.19 16.26
N ALA F 218 22.79 -23.43 17.46
CA ALA F 218 23.46 -24.28 18.44
C ALA F 218 23.58 -25.70 17.93
N ALA F 219 22.62 -26.12 17.10
CA ALA F 219 22.64 -27.44 16.49
C ALA F 219 23.93 -27.65 15.68
N PRO F 220 24.67 -28.72 16.01
CA PRO F 220 25.94 -29.04 15.34
C PRO F 220 25.77 -29.36 13.86
N SER F 221 26.87 -29.37 13.13
CA SER F 221 26.82 -29.47 11.67
C SER F 221 26.49 -30.88 11.17
N ASN F 222 26.66 -31.89 12.02
CA ASN F 222 26.28 -33.23 11.65
C ASN F 222 24.76 -33.41 11.81
N TYR F 223 24.17 -32.57 12.64
CA TYR F 223 22.72 -32.52 12.80
C TYR F 223 22.11 -31.53 11.82
N CYS F 224 22.69 -30.34 11.78
CA CYS F 224 22.19 -29.27 10.92
C CYS F 224 23.03 -29.17 9.65
N ASN F 225 22.54 -29.77 8.57
CA ASN F 225 23.20 -29.74 7.28
C ASN F 225 22.24 -29.14 6.24
N PRO F 226 22.73 -28.82 5.02
CA PRO F 226 21.85 -28.19 4.03
C PRO F 226 20.52 -28.92 3.82
N VAL F 227 20.55 -30.25 3.89
CA VAL F 227 19.33 -31.04 3.69
C VAL F 227 18.43 -30.97 4.92
N SER F 228 18.99 -31.19 6.10
CA SER F 228 18.21 -31.21 7.33
C SER F 228 17.67 -29.83 7.69
N LEU F 229 18.44 -28.80 7.34
CA LEU F 229 18.03 -27.43 7.61
C LEU F 229 16.86 -27.03 6.72
N SER F 230 16.89 -27.49 5.47
CA SER F 230 15.80 -27.20 4.54
C SER F 230 14.54 -27.95 4.95
N ASN F 231 14.73 -29.16 5.47
CA ASN F 231 13.63 -29.96 5.98
C ASN F 231 12.93 -29.25 7.14
N ALA F 232 13.72 -28.65 8.02
CA ALA F 232 13.19 -27.90 9.14
C ALA F 232 12.45 -26.64 8.69
N ALA F 233 12.97 -26.01 7.64
CA ALA F 233 12.36 -24.81 7.09
C ALA F 233 11.01 -25.10 6.46
N VAL F 234 10.91 -26.25 5.80
CA VAL F 234 9.66 -26.71 5.21
C VAL F 234 8.64 -26.98 6.33
N GLU F 235 9.10 -27.70 7.33
CA GLU F 235 8.29 -28.03 8.50
C GLU F 235 7.76 -26.77 9.18
N LEU F 236 8.61 -25.77 9.29
CA LEU F 236 8.22 -24.50 9.90
C LEU F 236 7.16 -23.79 9.06
N ALA F 237 7.38 -23.77 7.75
CA ALA F 237 6.46 -23.10 6.83
C ALA F 237 5.07 -23.74 6.86
N GLN F 238 5.05 -25.07 6.99
CA GLN F 238 3.80 -25.81 7.01
C GLN F 238 2.97 -25.53 8.27
N LYS F 239 3.64 -25.36 9.40
CA LYS F 239 2.95 -25.06 10.65
C LYS F 239 2.39 -23.64 10.63
N LEU F 240 3.00 -22.77 9.84
CA LEU F 240 2.61 -21.38 9.80
C LEU F 240 1.80 -21.09 8.53
N ASN F 241 1.63 -22.13 7.71
CA ASN F 241 0.98 -22.01 6.41
C ASN F 241 1.57 -20.90 5.53
N LEU F 242 2.90 -20.86 5.48
CA LEU F 242 3.61 -19.97 4.58
C LEU F 242 3.88 -20.74 3.31
N GLU F 243 3.86 -20.05 2.17
CA GLU F 243 4.26 -20.69 0.92
C GLU F 243 5.73 -21.05 1.01
N TYR F 244 6.10 -22.21 0.48
CA TYR F 244 7.48 -22.64 0.59
C TYR F 244 7.93 -23.35 -0.66
N LYS F 245 9.23 -23.20 -0.95
CA LYS F 245 9.84 -23.82 -2.12
C LYS F 245 11.31 -24.08 -1.83
N ILE F 246 11.74 -25.31 -2.04
CA ILE F 246 13.14 -25.66 -1.86
C ILE F 246 13.77 -25.97 -3.21
N LEU F 247 14.72 -25.14 -3.62
CA LEU F 247 15.38 -25.33 -4.91
C LEU F 247 16.57 -26.29 -4.75
N GLY F 248 16.60 -27.32 -5.57
CA GLY F 248 17.68 -28.29 -5.55
C GLY F 248 18.73 -28.00 -6.60
N VAL F 249 19.74 -28.88 -6.67
CA VAL F 249 20.89 -28.66 -7.54
C VAL F 249 20.50 -28.47 -9.00
N LYS F 250 19.58 -29.30 -9.47
CA LYS F 250 19.16 -29.27 -10.87
C LYS F 250 18.50 -27.95 -11.22
N GLU F 251 17.70 -27.45 -10.28
CA GLU F 251 17.02 -26.17 -10.46
C GLU F 251 18.01 -25.01 -10.44
N LEU F 252 18.98 -25.11 -9.53
CA LEU F 252 20.00 -24.08 -9.35
C LEU F 252 20.99 -23.99 -10.53
N GLU F 253 21.30 -25.14 -11.13
CA GLU F 253 22.17 -25.19 -12.29
C GLU F 253 21.53 -24.51 -13.48
N GLU F 254 20.23 -24.72 -13.65
CA GLU F 254 19.52 -24.08 -14.74
C GLU F 254 19.40 -22.57 -14.54
N LEU F 255 19.37 -22.15 -13.29
CA LEU F 255 19.35 -20.73 -12.95
C LEU F 255 20.76 -20.17 -13.00
N LYS F 256 21.71 -21.07 -13.25
CA LYS F 256 23.11 -20.74 -13.46
C LYS F 256 23.74 -20.04 -12.26
N MET F 257 23.38 -20.50 -11.06
CA MET F 257 23.95 -19.94 -9.83
C MET F 257 25.29 -20.58 -9.54
N GLY F 258 26.28 -20.24 -10.38
CA GLY F 258 27.59 -20.87 -10.30
C GLY F 258 28.41 -20.50 -9.09
N ALA F 259 28.22 -19.29 -8.58
CA ALA F 259 28.96 -18.86 -7.39
C ALA F 259 28.48 -19.65 -6.18
N TYR F 260 27.17 -19.69 -6.00
CA TYR F 260 26.55 -20.43 -4.90
C TYR F 260 26.86 -21.92 -5.00
N LEU F 261 26.74 -22.47 -6.21
CA LEU F 261 26.97 -23.91 -6.42
C LEU F 261 28.44 -24.31 -6.25
N SER F 262 29.35 -23.39 -6.56
CA SER F 262 30.78 -23.66 -6.45
C SER F 262 31.21 -23.90 -5.00
N VAL F 263 30.65 -23.11 -4.09
CA VAL F 263 30.97 -23.22 -2.68
C VAL F 263 30.63 -24.60 -2.11
N GLY F 264 29.49 -25.14 -2.53
CA GLY F 264 29.01 -26.41 -2.00
C GLY F 264 29.57 -27.65 -2.67
N LYS F 265 30.37 -27.46 -3.72
CA LYS F 265 30.91 -28.56 -4.51
C LYS F 265 31.62 -29.64 -3.70
N GLY F 266 32.36 -29.22 -2.68
CA GLY F 266 33.14 -30.16 -1.89
C GLY F 266 32.37 -30.85 -0.78
N SER F 267 31.07 -30.58 -0.69
CA SER F 267 30.26 -31.12 0.39
C SER F 267 29.50 -32.37 -0.03
N MET F 268 29.22 -33.24 0.94
CA MET F 268 28.45 -34.46 0.71
C MET F 268 26.95 -34.17 0.71
N TYR F 269 26.58 -32.99 1.16
CA TYR F 269 25.19 -32.57 1.19
C TYR F 269 24.89 -31.64 0.01
N PRO F 270 23.84 -31.97 -0.75
CA PRO F 270 23.43 -31.14 -1.89
C PRO F 270 23.01 -29.73 -1.46
N ASN F 271 23.36 -28.72 -2.25
CA ASN F 271 22.89 -27.37 -1.99
C ASN F 271 21.37 -27.31 -1.97
N LYS F 272 20.84 -26.52 -1.05
CA LYS F 272 19.39 -26.36 -0.94
C LYS F 272 19.05 -24.88 -0.77
N PHE F 273 18.31 -24.33 -1.71
CA PHE F 273 17.91 -22.93 -1.62
C PHE F 273 16.54 -22.80 -0.98
N ILE F 274 16.48 -22.16 0.19
CA ILE F 274 15.23 -22.00 0.93
C ILE F 274 14.47 -20.74 0.50
N HIS F 275 13.21 -20.89 0.12
CA HIS F 275 12.37 -19.75 -0.23
C HIS F 275 10.98 -19.84 0.41
N LEU F 276 10.78 -19.11 1.49
CA LEU F 276 9.48 -19.01 2.13
C LEU F 276 8.82 -17.68 1.79
N THR F 277 7.49 -17.64 1.70
CA THR F 277 6.79 -16.41 1.37
C THR F 277 5.58 -16.17 2.28
N TYR F 278 5.51 -14.97 2.84
CA TYR F 278 4.34 -14.49 3.57
C TYR F 278 3.61 -13.39 2.82
N LYS F 279 2.30 -13.53 2.61
CA LYS F 279 1.54 -12.45 1.99
C LYS F 279 0.42 -11.98 2.93
N SER F 280 0.49 -10.72 3.31
CA SER F 280 -0.54 -10.07 4.11
C SER F 280 -1.91 -9.98 3.45
N LYS F 281 -2.91 -9.72 4.29
CA LYS F 281 -4.27 -9.48 3.82
C LYS F 281 -4.41 -8.01 3.41
N GLY F 282 -5.33 -7.74 2.50
CA GLY F 282 -5.57 -6.37 2.06
C GLY F 282 -4.58 -5.83 1.05
N ASP F 283 -4.34 -4.52 1.14
CA ASP F 283 -3.44 -3.82 0.23
C ASP F 283 -1.98 -4.19 0.48
N VAL F 284 -1.28 -4.60 -0.57
CA VAL F 284 0.16 -4.85 -0.44
C VAL F 284 0.85 -3.52 -0.73
N LYS F 285 1.52 -2.95 0.26
CA LYS F 285 2.16 -1.65 0.09
C LYS F 285 3.68 -1.75 0.08
N LYS F 286 4.21 -2.79 0.70
CA LYS F 286 5.64 -3.01 0.70
C LYS F 286 6.01 -4.47 0.44
N LYS F 287 6.97 -4.69 -0.46
CA LYS F 287 7.51 -6.02 -0.72
C LYS F 287 8.95 -6.10 -0.22
N ILE F 288 9.23 -7.09 0.61
CA ILE F 288 10.53 -7.20 1.25
C ILE F 288 11.15 -8.58 1.05
N ALA F 289 12.42 -8.61 0.68
CA ALA F 289 13.17 -9.85 0.64
C ALA F 289 14.20 -9.88 1.77
N LEU F 290 14.12 -10.89 2.62
CA LEU F 290 15.11 -11.08 3.67
C LEU F 290 16.05 -12.23 3.32
N VAL F 291 17.34 -11.93 3.20
CA VAL F 291 18.33 -12.94 2.81
C VAL F 291 19.27 -13.28 3.96
N GLY F 292 19.42 -14.56 4.25
CA GLY F 292 20.32 -14.98 5.32
C GLY F 292 21.42 -15.90 4.83
N LYS F 293 22.65 -15.66 5.29
CA LYS F 293 23.77 -16.54 4.95
C LYS F 293 23.56 -17.91 5.60
N GLY F 294 23.67 -18.96 4.80
CA GLY F 294 23.38 -20.30 5.29
C GLY F 294 24.50 -21.29 5.04
N ILE F 295 25.66 -21.04 5.64
CA ILE F 295 26.73 -22.02 5.59
C ILE F 295 26.68 -22.89 6.85
N THR F 296 26.22 -24.12 6.70
CA THR F 296 25.96 -24.99 7.84
C THR F 296 27.26 -25.38 8.55
N PHE F 297 28.35 -25.41 7.80
CA PHE F 297 29.68 -25.49 8.39
C PHE F 297 30.71 -24.84 7.49
N ASP F 298 31.54 -23.99 8.09
CA ASP F 298 32.56 -23.28 7.33
C ASP F 298 33.95 -23.74 7.75
N SER F 299 34.48 -24.71 7.01
CA SER F 299 35.83 -25.18 7.27
C SER F 299 36.85 -24.21 6.70
N GLY F 300 36.38 -23.35 5.79
CA GLY F 300 37.26 -22.40 5.13
C GLY F 300 37.66 -22.85 3.74
N GLY F 301 37.36 -24.11 3.41
CA GLY F 301 37.79 -24.68 2.15
C GLY F 301 39.28 -24.93 2.15
N TYR F 302 39.90 -24.87 0.98
CA TYR F 302 41.34 -25.08 0.88
C TYR F 302 42.12 -23.97 1.58
N ASN F 303 41.48 -22.82 1.73
CA ASN F 303 41.95 -21.80 2.67
C ASN F 303 41.49 -22.16 4.08
N LEU F 304 41.94 -23.33 4.54
CA LEU F 304 41.49 -23.91 5.80
C LEU F 304 41.66 -22.95 6.99
N LYS F 305 40.69 -23.00 7.90
CA LYS F 305 40.79 -22.27 9.15
C LYS F 305 41.76 -22.99 10.08
N ALA F 306 43.06 -22.79 9.84
CA ALA F 306 44.09 -23.51 10.58
C ALA F 306 44.94 -22.54 11.39
N ALA F 307 44.79 -21.26 11.12
CA ALA F 307 45.51 -20.22 11.84
C ALA F 307 45.08 -20.20 13.29
N PRO F 308 46.00 -19.87 14.20
CA PRO F 308 45.64 -19.80 15.63
C PRO F 308 44.53 -18.79 15.90
N GLY F 309 43.48 -19.24 16.58
CA GLY F 309 42.37 -18.38 16.93
C GLY F 309 41.35 -18.18 15.82
N SER F 310 41.35 -19.06 14.83
CA SER F 310 40.37 -18.97 13.75
C SER F 310 39.09 -19.67 14.18
N MET F 311 39.17 -20.40 15.29
CA MET F 311 38.01 -21.01 15.94
C MET F 311 37.12 -21.81 14.99
N ILE F 312 37.70 -22.82 14.36
CA ILE F 312 36.97 -23.64 13.40
C ILE F 312 35.87 -24.43 14.10
N ASP F 313 36.02 -24.64 15.40
CA ASP F 313 35.05 -25.42 16.16
C ASP F 313 33.77 -24.63 16.43
N LEU F 314 33.78 -23.35 16.10
CA LEU F 314 32.61 -22.51 16.30
C LEU F 314 31.79 -22.48 15.03
N MET F 315 32.43 -22.91 13.94
CA MET F 315 31.94 -22.61 12.60
C MET F 315 30.61 -23.25 12.21
N LYS F 316 29.89 -23.79 13.17
CA LYS F 316 28.50 -24.18 12.97
C LYS F 316 27.61 -22.93 13.00
N PHE F 317 28.10 -21.87 13.64
CA PHE F 317 27.37 -20.60 13.75
C PHE F 317 27.16 -19.90 12.41
N ASP F 318 27.88 -20.36 11.38
CA ASP F 318 27.97 -19.63 10.11
C ASP F 318 26.66 -19.63 9.31
N MET F 319 25.60 -20.12 9.95
CA MET F 319 24.26 -20.09 9.38
C MET F 319 23.32 -19.22 10.21
N SER F 320 23.91 -18.34 11.02
CA SER F 320 23.14 -17.47 11.90
C SER F 320 22.21 -16.52 11.15
N GLY F 321 22.66 -16.07 9.98
CA GLY F 321 21.86 -15.18 9.15
C GLY F 321 20.61 -15.89 8.68
N CYS F 322 20.77 -17.14 8.25
CA CYS F 322 19.65 -17.96 7.83
C CYS F 322 18.70 -18.21 8.99
N ALA F 323 19.27 -18.48 10.15
CA ALA F 323 18.48 -18.73 11.35
C ALA F 323 17.66 -17.50 11.74
N ALA F 324 18.28 -16.33 11.63
CA ALA F 324 17.62 -15.07 11.96
C ALA F 324 16.42 -14.86 11.04
N VAL F 325 16.60 -15.22 9.77
CA VAL F 325 15.54 -15.10 8.78
C VAL F 325 14.40 -16.10 9.05
N LEU F 326 14.76 -17.32 9.40
CA LEU F 326 13.77 -18.34 9.70
C LEU F 326 13.01 -18.01 10.98
N GLY F 327 13.72 -17.49 11.97
CA GLY F 327 13.13 -17.09 13.23
C GLY F 327 12.20 -15.91 13.02
N CYS F 328 12.56 -15.04 12.08
CA CYS F 328 11.72 -13.91 11.70
C CYS F 328 10.46 -14.40 11.01
N ALA F 329 10.61 -15.41 10.17
CA ALA F 329 9.48 -16.02 9.47
C ALA F 329 8.45 -16.52 10.47
N TYR F 330 8.93 -17.07 11.58
CA TYR F 330 8.02 -17.52 12.64
C TYR F 330 7.23 -16.35 13.22
N CYS F 331 7.94 -15.29 13.58
CA CYS F 331 7.32 -14.13 14.21
C CYS F 331 6.31 -13.49 13.29
N VAL F 332 6.67 -13.37 12.01
CA VAL F 332 5.78 -12.78 11.02
C VAL F 332 4.56 -13.66 10.79
N GLY F 333 4.80 -14.96 10.65
CA GLY F 333 3.70 -15.91 10.45
C GLY F 333 2.76 -15.99 11.63
N THR F 334 3.26 -15.64 12.82
CA THR F 334 2.46 -15.70 14.04
C THR F 334 1.72 -14.40 14.32
N LEU F 335 2.40 -13.28 14.21
CA LEU F 335 1.79 -11.99 14.49
C LEU F 335 0.94 -11.50 13.33
N LYS F 336 1.18 -12.06 12.15
CA LYS F 336 0.43 -11.72 10.94
C LYS F 336 0.34 -10.22 10.71
N PRO F 337 1.46 -9.59 10.35
CA PRO F 337 1.50 -8.15 10.08
C PRO F 337 0.65 -7.79 8.86
N GLU F 338 0.32 -6.51 8.74
CA GLU F 338 -0.56 -6.00 7.71
C GLU F 338 0.20 -5.36 6.56
N ASN F 339 -0.39 -5.44 5.36
CA ASN F 339 0.05 -4.70 4.18
C ASN F 339 1.49 -4.97 3.71
N VAL F 340 2.01 -6.16 3.97
CA VAL F 340 3.38 -6.47 3.56
C VAL F 340 3.50 -7.87 2.94
N GLU F 341 4.44 -8.00 2.00
CA GLU F 341 4.78 -9.29 1.43
C GLU F 341 6.27 -9.54 1.65
N ILE F 342 6.60 -10.62 2.35
CA ILE F 342 7.97 -10.91 2.70
C ILE F 342 8.46 -12.23 2.12
N HIS F 343 9.64 -12.19 1.50
CA HIS F 343 10.29 -13.39 1.01
C HIS F 343 11.49 -13.73 1.89
N PHE F 344 11.50 -14.95 2.41
CA PHE F 344 12.57 -15.40 3.27
C PHE F 344 13.52 -16.31 2.50
N LEU F 345 14.72 -15.81 2.23
CA LEU F 345 15.67 -16.49 1.37
C LEU F 345 16.93 -16.90 2.09
N SER F 346 17.48 -18.04 1.69
CA SER F 346 18.78 -18.48 2.18
C SER F 346 19.42 -19.46 1.21
N ALA F 347 20.60 -19.10 0.73
CA ALA F 347 21.38 -20.01 -0.10
C ALA F 347 22.19 -20.92 0.81
N VAL F 348 21.61 -22.08 1.13
CA VAL F 348 22.18 -22.97 2.11
C VAL F 348 23.11 -24.01 1.49
N CYS F 349 24.31 -24.14 2.06
CA CYS F 349 25.27 -25.16 1.65
C CYS F 349 26.33 -25.35 2.71
N GLU F 350 27.36 -26.10 2.37
CA GLU F 350 28.43 -26.41 3.32
C GLU F 350 29.79 -26.21 2.64
N ASN F 351 30.72 -25.55 3.34
CA ASN F 351 32.02 -25.26 2.77
C ASN F 351 33.08 -26.23 3.27
N MET F 352 33.39 -27.23 2.46
CA MET F 352 34.23 -28.34 2.91
C MET F 352 35.48 -28.54 2.05
N VAL F 353 36.39 -29.35 2.55
CA VAL F 353 37.60 -29.69 1.82
C VAL F 353 37.47 -31.08 1.21
N SER F 354 37.62 -31.14 -0.10
CA SER F 354 37.42 -32.39 -0.83
C SER F 354 38.12 -32.33 -2.19
N LYS F 355 38.18 -33.46 -2.87
CA LYS F 355 38.68 -33.49 -4.23
C LYS F 355 37.74 -32.73 -5.17
N ASN F 356 36.50 -32.54 -4.73
CA ASN F 356 35.48 -31.89 -5.55
C ASN F 356 35.32 -30.40 -5.22
N SER F 357 36.08 -29.93 -4.24
CA SER F 357 36.00 -28.55 -3.77
C SER F 357 36.47 -27.56 -4.83
N TYR F 358 35.93 -26.36 -4.81
CA TYR F 358 36.44 -25.29 -5.66
C TYR F 358 37.76 -24.82 -5.07
N ARG F 359 38.70 -24.44 -5.93
CA ARG F 359 40.04 -24.10 -5.49
C ARG F 359 40.28 -22.59 -5.46
N PRO F 360 41.25 -22.16 -4.62
CA PRO F 360 41.69 -20.77 -4.70
C PRO F 360 42.25 -20.48 -6.10
N GLY F 361 41.78 -19.40 -6.72
CA GLY F 361 42.21 -19.05 -8.07
C GLY F 361 41.16 -19.34 -9.12
N ASP F 362 40.22 -20.22 -8.79
CA ASP F 362 39.14 -20.58 -9.71
C ASP F 362 38.33 -19.36 -10.14
N ILE F 363 37.93 -19.34 -11.40
CA ILE F 363 37.04 -18.29 -11.89
C ILE F 363 35.63 -18.82 -12.06
N ILE F 364 34.69 -18.17 -11.40
CA ILE F 364 33.31 -18.65 -11.34
C ILE F 364 32.36 -17.62 -11.93
N THR F 365 31.23 -18.10 -12.45
CA THR F 365 30.25 -17.22 -13.08
C THR F 365 28.98 -17.18 -12.25
N ALA F 366 28.61 -15.99 -11.78
CA ALA F 366 27.38 -15.81 -11.02
C ALA F 366 26.16 -15.86 -11.96
N SER F 367 24.97 -15.96 -11.37
CA SER F 367 23.73 -16.07 -12.13
C SER F 367 23.40 -14.80 -12.94
N ASN F 368 24.12 -13.72 -12.68
CA ASN F 368 23.91 -12.50 -13.45
C ASN F 368 24.97 -12.33 -14.54
N GLY F 369 25.77 -13.38 -14.75
CA GLY F 369 26.74 -13.39 -15.83
C GLY F 369 28.14 -12.89 -15.46
N LYS F 370 28.26 -12.21 -14.33
CA LYS F 370 29.54 -11.69 -13.88
C LYS F 370 30.49 -12.83 -13.48
N THR F 371 31.71 -12.80 -14.00
CA THR F 371 32.72 -13.78 -13.62
C THR F 371 33.48 -13.31 -12.39
N ILE F 372 33.77 -14.24 -11.49
CA ILE F 372 34.39 -13.90 -10.21
C ILE F 372 35.66 -14.73 -10.00
N GLU F 373 36.77 -14.04 -9.71
CA GLU F 373 38.03 -14.72 -9.42
C GLU F 373 38.17 -14.99 -7.92
N VAL F 374 38.21 -16.27 -7.56
CA VAL F 374 38.32 -16.68 -6.17
C VAL F 374 39.74 -16.49 -5.64
N GLY F 375 39.88 -15.60 -4.68
CA GLY F 375 41.18 -15.37 -4.04
C GLY F 375 41.28 -16.07 -2.70
N ASN F 376 40.13 -16.46 -2.15
CA ASN F 376 40.08 -17.08 -0.83
C ASN F 376 38.80 -17.88 -0.65
N THR F 377 38.92 -19.19 -0.52
CA THR F 377 37.75 -20.06 -0.41
C THR F 377 37.01 -19.87 0.92
N ASP F 378 37.63 -19.20 1.88
CA ASP F 378 37.00 -18.96 3.16
C ASP F 378 36.13 -17.70 3.15
N ALA F 379 36.20 -16.95 2.05
CA ALA F 379 35.27 -15.85 1.85
C ALA F 379 34.10 -16.34 1.02
N GLU F 380 33.51 -17.46 1.45
CA GLU F 380 32.49 -18.14 0.67
C GLU F 380 31.11 -17.53 0.85
N GLY F 381 30.91 -16.83 1.97
CA GLY F 381 29.63 -16.25 2.29
C GLY F 381 29.14 -15.28 1.24
N ARG F 382 30.03 -14.42 0.79
CA ARG F 382 29.67 -13.41 -0.20
C ARG F 382 29.36 -14.03 -1.56
N LEU F 383 29.90 -15.22 -1.82
CA LEU F 383 29.63 -15.92 -3.08
C LEU F 383 28.20 -16.43 -3.11
N THR F 384 27.77 -17.05 -2.01
CA THR F 384 26.40 -17.56 -1.91
C THR F 384 25.41 -16.40 -1.88
N LEU F 385 25.77 -15.33 -1.17
CA LEU F 385 24.91 -14.15 -1.08
C LEU F 385 24.73 -13.47 -2.44
N ALA F 386 25.78 -13.50 -3.25
CA ALA F 386 25.74 -12.89 -4.58
C ALA F 386 24.60 -13.48 -5.41
N ASP F 387 24.55 -14.79 -5.48
CA ASP F 387 23.51 -15.48 -6.24
C ASP F 387 22.14 -15.31 -5.58
N ALA F 388 22.12 -15.26 -4.25
CA ALA F 388 20.87 -15.06 -3.52
C ALA F 388 20.31 -13.66 -3.76
N LEU F 389 21.19 -12.67 -3.82
CA LEU F 389 20.79 -11.29 -4.05
C LEU F 389 20.24 -11.08 -5.45
N VAL F 390 20.84 -11.77 -6.42
CA VAL F 390 20.34 -11.72 -7.79
C VAL F 390 18.93 -12.32 -7.85
N TYR F 391 18.76 -13.45 -7.18
CA TYR F 391 17.46 -14.10 -7.09
C TYR F 391 16.44 -13.19 -6.41
N ALA F 392 16.88 -12.51 -5.36
CA ALA F 392 16.00 -11.63 -4.58
C ALA F 392 15.48 -10.44 -5.40
N GLU F 393 16.35 -9.80 -6.16
CA GLU F 393 15.95 -8.62 -6.93
C GLU F 393 15.01 -9.01 -8.06
N LYS F 394 15.14 -10.23 -8.55
CA LYS F 394 14.27 -10.75 -9.60
C LYS F 394 12.84 -10.96 -9.10
N LEU F 395 12.66 -11.01 -7.78
CA LEU F 395 11.34 -11.16 -7.19
C LEU F 395 10.53 -9.86 -7.28
N GLY F 396 11.23 -8.78 -7.58
CA GLY F 396 10.59 -7.48 -7.72
C GLY F 396 10.11 -6.94 -6.39
N VAL F 397 11.04 -6.73 -5.46
CA VAL F 397 10.69 -6.24 -4.14
C VAL F 397 11.10 -4.78 -3.96
N ASP F 398 10.65 -4.19 -2.86
CA ASP F 398 10.97 -2.80 -2.56
C ASP F 398 12.26 -2.69 -1.75
N TYR F 399 12.44 -3.60 -0.81
CA TYR F 399 13.63 -3.62 0.03
C TYR F 399 14.29 -4.99 0.03
N ILE F 400 15.61 -5.01 -0.10
CA ILE F 400 16.36 -6.23 0.14
C ILE F 400 17.26 -6.03 1.35
N VAL F 401 17.02 -6.80 2.40
CA VAL F 401 17.87 -6.74 3.58
C VAL F 401 18.50 -8.11 3.79
N ASP F 402 19.83 -8.16 3.76
CA ASP F 402 20.51 -9.41 4.03
C ASP F 402 21.23 -9.35 5.37
N ILE F 403 21.30 -10.50 6.03
CA ILE F 403 21.93 -10.61 7.34
C ILE F 403 22.86 -11.83 7.34
N ALA F 404 24.10 -11.63 7.76
CA ALA F 404 25.12 -12.66 7.55
C ALA F 404 26.30 -12.57 8.52
N THR F 405 26.82 -13.73 8.89
CA THR F 405 28.09 -13.81 9.62
C THR F 405 29.23 -13.72 8.60
N LEU F 406 29.44 -12.53 8.06
CA LEU F 406 30.26 -12.38 6.87
C LEU F 406 31.75 -12.21 7.15
N THR F 407 32.11 -11.26 8.01
CA THR F 407 33.51 -10.90 8.18
C THR F 407 33.97 -10.85 9.64
N GLY F 408 35.11 -11.48 9.92
CA GLY F 408 35.70 -11.45 11.24
C GLY F 408 36.19 -10.07 11.64
N ALA F 409 36.35 -9.19 10.66
CA ALA F 409 36.80 -7.83 10.90
C ALA F 409 35.84 -7.05 11.79
N MET F 410 34.59 -7.50 11.83
CA MET F 410 33.57 -6.88 12.68
C MET F 410 33.95 -6.94 14.16
N LEU F 411 34.74 -7.95 14.53
CA LEU F 411 35.19 -8.09 15.90
C LEU F 411 36.13 -6.95 16.30
N TYR F 412 36.81 -6.39 15.29
CA TYR F 412 37.77 -5.33 15.52
C TYR F 412 37.16 -3.95 15.31
N SER F 413 35.97 -3.90 14.74
CA SER F 413 35.32 -2.61 14.46
C SER F 413 34.26 -2.28 15.52
N LEU F 414 33.27 -3.15 15.67
CA LEU F 414 32.18 -2.87 16.61
C LEU F 414 32.17 -3.86 17.78
N GLY F 415 32.86 -4.98 17.61
CA GLY F 415 32.95 -5.98 18.65
C GLY F 415 31.78 -6.94 18.70
N THR F 416 31.39 -7.32 19.90
CA THR F 416 30.43 -8.40 20.08
C THR F 416 29.03 -7.90 20.47
N SER F 417 28.88 -6.59 20.60
CA SER F 417 27.60 -6.03 21.04
C SER F 417 26.81 -5.43 19.88
N TYR F 418 27.51 -4.73 19.00
CA TYR F 418 26.86 -4.03 17.89
C TYR F 418 27.12 -4.70 16.54
N ALA F 419 26.05 -4.98 15.81
CA ALA F 419 26.19 -5.42 14.43
C ALA F 419 26.38 -4.18 13.56
N GLY F 420 26.99 -4.36 12.40
CA GLY F 420 27.17 -3.26 11.47
C GLY F 420 26.20 -3.37 10.31
N VAL F 421 25.68 -2.23 9.87
CA VAL F 421 24.79 -2.23 8.70
C VAL F 421 25.40 -1.38 7.58
N PHE F 422 25.37 -1.93 6.37
CA PHE F 422 25.84 -1.26 5.18
C PHE F 422 24.68 -1.20 4.19
N GLY F 423 24.71 -0.25 3.25
CA GLY F 423 23.63 -0.16 2.28
C GLY F 423 23.86 0.81 1.13
N ASN F 424 22.97 0.73 0.13
CA ASN F 424 23.03 1.63 -1.03
C ASN F 424 21.92 2.67 -1.00
N ASN F 425 21.17 2.70 0.09
CA ASN F 425 20.00 3.56 0.21
C ASN F 425 19.87 4.07 1.63
N GLU F 426 19.88 5.39 1.77
CA GLU F 426 19.93 6.03 3.09
C GLU F 426 18.62 5.85 3.87
N GLU F 427 17.49 5.86 3.17
CA GLU F 427 16.19 5.71 3.81
C GLU F 427 16.09 4.33 4.46
N LEU F 428 16.49 3.30 3.72
CA LEU F 428 16.46 1.92 4.21
C LEU F 428 17.37 1.74 5.42
N ILE F 429 18.55 2.33 5.36
CA ILE F 429 19.51 2.25 6.46
C ILE F 429 18.89 2.85 7.73
N ASN F 430 18.23 3.98 7.58
CA ASN F 430 17.57 4.65 8.69
C ASN F 430 16.43 3.85 9.31
N LYS F 431 15.69 3.13 8.48
CA LYS F 431 14.60 2.28 8.97
C LYS F 431 15.12 1.15 9.84
N ILE F 432 16.22 0.55 9.40
CA ILE F 432 16.88 -0.50 10.18
C ILE F 432 17.37 0.04 11.50
N LEU F 433 17.94 1.25 11.48
CA LEU F 433 18.43 1.88 12.70
C LEU F 433 17.27 2.15 13.66
N GLN F 434 16.13 2.55 13.10
CA GLN F 434 14.90 2.72 13.87
C GLN F 434 14.46 1.38 14.47
N SER F 435 14.52 0.34 13.65
CA SER F 435 14.16 -1.00 14.09
C SER F 435 15.11 -1.48 15.18
N SER F 436 16.36 -1.05 15.09
CA SER F 436 17.36 -1.40 16.10
C SER F 436 17.02 -0.79 17.46
N LYS F 437 16.54 0.44 17.44
CA LYS F 437 16.15 1.13 18.68
C LYS F 437 14.96 0.45 19.35
N THR F 438 13.95 0.11 18.57
CA THR F 438 12.70 -0.42 19.11
C THR F 438 12.80 -1.91 19.47
N SER F 439 13.70 -2.63 18.82
CA SER F 439 13.89 -4.05 19.13
C SER F 439 14.96 -4.26 20.21
N ASN F 440 15.73 -3.22 20.46
CA ASN F 440 16.88 -3.28 21.36
C ASN F 440 17.92 -4.33 20.96
N GLU F 441 18.07 -4.54 19.65
CA GLU F 441 19.20 -5.28 19.12
C GLU F 441 20.11 -4.27 18.42
N PRO F 442 21.19 -3.85 19.11
CA PRO F 442 22.00 -2.70 18.71
C PRO F 442 22.73 -2.86 17.39
N VAL F 443 22.56 -1.87 16.52
CA VAL F 443 23.17 -1.86 15.20
C VAL F 443 23.78 -0.48 14.94
N TRP F 444 24.96 -0.45 14.31
CA TRP F 444 25.60 0.81 13.99
C TRP F 444 25.87 0.90 12.48
N TRP F 445 25.66 2.09 11.93
CA TRP F 445 25.79 2.31 10.49
C TRP F 445 27.25 2.46 10.09
N LEU F 446 27.70 1.60 9.17
CA LEU F 446 29.05 1.67 8.65
C LEU F 446 29.02 2.02 7.16
N PRO F 447 30.06 2.73 6.68
CA PRO F 447 30.04 3.24 5.31
C PRO F 447 30.51 2.24 4.26
N ILE F 448 29.94 2.35 3.07
CA ILE F 448 30.48 1.67 1.91
C ILE F 448 31.36 2.66 1.13
N ILE F 449 32.67 2.57 1.34
CA ILE F 449 33.60 3.54 0.78
C ILE F 449 34.00 3.17 -0.66
N ASN F 450 33.50 3.94 -1.63
CA ASN F 450 33.67 3.62 -3.05
C ASN F 450 35.11 3.67 -3.54
N GLU F 451 35.97 4.37 -2.82
CA GLU F 451 37.37 4.48 -3.20
C GLU F 451 38.07 3.12 -3.15
N TYR F 452 37.50 2.19 -2.39
CA TYR F 452 38.08 0.87 -2.25
C TYR F 452 37.64 -0.07 -3.37
N ARG F 453 36.68 0.36 -4.18
CA ARG F 453 36.13 -0.48 -5.24
C ARG F 453 37.20 -0.96 -6.23
N ALA F 454 38.21 -0.13 -6.47
CA ALA F 454 39.24 -0.43 -7.45
C ALA F 454 40.09 -1.64 -7.07
N THR F 455 40.09 -1.99 -5.79
CA THR F 455 40.87 -3.11 -5.31
C THR F 455 40.23 -4.45 -5.71
N LEU F 456 39.00 -4.39 -6.20
CA LEU F 456 38.29 -5.57 -6.66
C LEU F 456 38.37 -5.75 -8.18
N ASN F 457 39.12 -4.87 -8.85
CA ASN F 457 39.32 -5.01 -10.29
C ASN F 457 40.22 -6.19 -10.62
N SER F 458 39.64 -7.22 -11.21
CA SER F 458 40.38 -8.44 -11.52
C SER F 458 41.08 -8.35 -12.86
N LYS F 459 42.25 -8.98 -12.95
CA LYS F 459 43.02 -9.00 -14.19
C LYS F 459 42.35 -9.85 -15.26
N TYR F 460 41.68 -10.91 -14.84
CA TYR F 460 41.12 -11.89 -15.77
C TYR F 460 39.60 -11.98 -15.69
N ALA F 461 39.05 -11.95 -14.49
CA ALA F 461 37.61 -12.01 -14.30
C ALA F 461 36.99 -10.62 -14.36
N ASP F 462 35.66 -10.56 -14.28
CA ASP F 462 34.96 -9.29 -14.23
C ASP F 462 35.24 -8.57 -12.92
N ILE F 463 35.35 -9.35 -11.84
CA ILE F 463 35.54 -8.78 -10.52
C ILE F 463 36.27 -9.78 -9.61
N ASN F 464 37.05 -9.26 -8.67
CA ASN F 464 37.65 -10.08 -7.64
C ASN F 464 36.68 -10.32 -6.50
N GLN F 465 36.76 -11.50 -5.91
CA GLN F 465 35.95 -11.84 -4.74
C GLN F 465 36.42 -11.06 -3.54
N ILE F 466 37.74 -11.00 -3.39
CA ILE F 466 38.33 -10.29 -2.28
C ILE F 466 39.42 -9.36 -2.73
N SER F 467 39.81 -8.47 -1.84
CA SER F 467 40.98 -7.66 -2.05
C SER F 467 42.12 -8.53 -1.56
N SER F 468 43.35 -8.14 -1.85
CA SER F 468 44.50 -8.91 -1.43
C SER F 468 45.08 -8.15 -0.25
N SER F 469 44.22 -8.02 0.77
CA SER F 469 44.49 -7.39 2.06
C SER F 469 44.72 -5.89 1.97
N VAL F 470 43.67 -5.15 1.60
CA VAL F 470 43.74 -3.70 1.67
C VAL F 470 42.38 -3.01 1.81
N LYS F 471 41.79 -3.01 3.01
CA LYS F 471 42.08 -3.95 4.09
C LYS F 471 40.72 -4.21 4.70
N ALA F 472 40.20 -3.19 5.37
CA ALA F 472 38.80 -3.08 5.82
C ALA F 472 37.86 -4.11 5.19
N SER F 473 37.98 -5.36 5.63
CA SER F 473 37.31 -6.50 4.98
C SER F 473 35.79 -6.37 4.94
N SER F 474 35.20 -5.78 5.97
CA SER F 474 33.76 -5.66 6.03
C SER F 474 33.27 -4.73 4.91
N ILE F 475 34.04 -3.69 4.63
CA ILE F 475 33.68 -2.72 3.59
C ILE F 475 33.90 -3.29 2.20
N VAL F 476 35.02 -3.96 2.00
CA VAL F 476 35.34 -4.57 0.72
C VAL F 476 34.28 -5.61 0.34
N ALA F 477 33.87 -6.41 1.32
CA ALA F 477 32.84 -7.41 1.11
C ALA F 477 31.51 -6.76 0.73
N SER F 478 31.22 -5.62 1.36
CA SER F 478 30.01 -4.87 1.07
C SER F 478 30.05 -4.31 -0.36
N LEU F 479 31.23 -3.86 -0.77
CA LEU F 479 31.42 -3.37 -2.14
C LEU F 479 31.17 -4.50 -3.14
N PHE F 480 31.59 -5.70 -2.78
CA PHE F 480 31.35 -6.88 -3.59
C PHE F 480 29.86 -7.14 -3.76
N LEU F 481 29.15 -7.20 -2.63
CA LEU F 481 27.72 -7.48 -2.63
C LEU F 481 26.91 -6.45 -3.41
N LYS F 482 27.32 -5.18 -3.32
CA LYS F 482 26.61 -4.10 -4.01
C LYS F 482 26.60 -4.29 -5.52
N GLU F 483 27.62 -4.97 -6.05
CA GLU F 483 27.69 -5.22 -7.48
C GLU F 483 26.61 -6.17 -7.99
N PHE F 484 25.89 -6.81 -7.08
CA PHE F 484 24.90 -7.80 -7.47
C PHE F 484 23.48 -7.31 -7.15
N VAL F 485 23.39 -6.02 -6.83
CA VAL F 485 22.09 -5.34 -6.68
C VAL F 485 22.11 -4.10 -7.55
N GLN F 486 21.32 -4.10 -8.61
CA GLN F 486 21.44 -3.06 -9.64
C GLN F 486 20.62 -1.81 -9.36
N ASN F 487 19.36 -1.97 -8.98
CA ASN F 487 18.51 -0.80 -8.79
C ASN F 487 17.41 -1.05 -7.74
N THR F 488 17.82 -1.61 -6.61
CA THR F 488 16.90 -1.87 -5.51
C THR F 488 17.53 -1.41 -4.21
N ALA F 489 16.73 -0.81 -3.35
CA ALA F 489 17.20 -0.44 -2.02
C ALA F 489 17.68 -1.69 -1.30
N TRP F 490 18.93 -1.67 -0.86
CA TRP F 490 19.56 -2.86 -0.30
C TRP F 490 20.38 -2.52 0.93
N ALA F 491 20.29 -3.37 1.94
CA ALA F 491 21.06 -3.19 3.15
C ALA F 491 21.69 -4.50 3.60
N HIS F 492 22.84 -4.41 4.25
CA HIS F 492 23.60 -5.60 4.65
C HIS F 492 23.99 -5.52 6.12
N ILE F 493 23.53 -6.49 6.91
CA ILE F 493 23.82 -6.49 8.34
C ILE F 493 24.83 -7.58 8.67
N ASP F 494 26.01 -7.15 9.09
CA ASP F 494 27.08 -8.10 9.41
C ASP F 494 27.03 -8.45 10.89
N ILE F 495 26.67 -9.69 11.18
CA ILE F 495 26.46 -10.13 12.55
C ILE F 495 27.53 -11.15 12.94
N ALA F 496 28.66 -11.14 12.23
CA ALA F 496 29.74 -12.08 12.49
C ALA F 496 30.29 -11.95 13.90
N GLY F 497 30.26 -10.72 14.44
CA GLY F 497 30.78 -10.47 15.76
C GLY F 497 29.79 -10.69 16.90
N VAL F 498 28.52 -10.46 16.63
CA VAL F 498 27.49 -10.45 17.68
C VAL F 498 26.67 -11.73 17.76
N SER F 499 26.86 -12.62 16.78
CA SER F 499 26.03 -13.81 16.67
C SER F 499 26.19 -14.74 17.87
N TRP F 500 27.42 -14.98 18.28
CA TRP F 500 27.71 -15.92 19.35
C TRP F 500 27.99 -15.21 20.69
N ASN F 501 27.37 -15.72 21.75
CA ASN F 501 27.63 -15.24 23.10
C ASN F 501 28.76 -16.06 23.71
N PHE F 502 29.99 -15.55 23.59
CA PHE F 502 31.17 -16.30 24.02
C PHE F 502 31.23 -16.49 25.53
N LYS F 503 30.70 -15.54 26.28
CA LYS F 503 30.68 -15.64 27.72
C LYS F 503 29.75 -16.75 28.18
N ALA F 504 28.56 -16.82 27.57
CA ALA F 504 27.54 -17.81 27.94
C ALA F 504 27.65 -19.11 27.15
N ARG F 505 28.53 -19.13 26.15
CA ARG F 505 28.75 -20.30 25.29
C ARG F 505 27.47 -20.76 24.59
N LYS F 506 26.75 -19.82 23.98
CA LYS F 506 25.50 -20.13 23.30
C LYS F 506 25.17 -19.04 22.29
N PRO F 507 24.27 -19.34 21.33
CA PRO F 507 23.89 -18.29 20.37
C PRO F 507 23.08 -17.18 21.04
N LYS F 508 22.98 -16.04 20.37
CA LYS F 508 22.15 -14.96 20.86
C LYS F 508 20.81 -14.94 20.14
N GLY F 509 20.75 -15.60 18.98
CA GLY F 509 19.59 -15.52 18.12
C GLY F 509 19.43 -14.10 17.60
N PHE F 510 20.56 -13.46 17.36
CA PHE F 510 20.61 -12.05 16.99
C PHE F 510 19.97 -11.80 15.62
N GLY F 511 19.10 -10.81 15.57
CA GLY F 511 18.53 -10.36 14.31
C GLY F 511 17.06 -10.66 14.11
N VAL F 512 16.56 -11.67 14.82
CA VAL F 512 15.16 -12.07 14.70
C VAL F 512 14.23 -10.92 15.07
N ARG F 513 14.45 -10.36 16.24
CA ARG F 513 13.61 -9.27 16.74
C ARG F 513 13.83 -8.01 15.91
N LEU F 514 15.08 -7.79 15.48
CA LEU F 514 15.43 -6.67 14.63
C LEU F 514 14.68 -6.69 13.29
N LEU F 515 14.72 -7.82 12.60
CA LEU F 515 14.07 -7.96 11.31
C LEU F 515 12.54 -7.92 11.44
N THR F 516 12.03 -8.47 12.54
CA THR F 516 10.59 -8.50 12.75
C THR F 516 10.07 -7.09 13.01
N GLU F 517 10.79 -6.33 13.83
CA GLU F 517 10.43 -4.94 14.05
C GLU F 517 10.46 -4.13 12.75
N PHE F 518 11.39 -4.48 11.87
CA PHE F 518 11.52 -3.81 10.59
C PHE F 518 10.30 -4.01 9.69
N VAL F 519 9.82 -5.25 9.59
CA VAL F 519 8.67 -5.55 8.74
C VAL F 519 7.37 -5.03 9.36
N LEU F 520 7.28 -5.03 10.68
CA LEU F 520 6.06 -4.62 11.38
C LEU F 520 5.83 -3.11 11.31
N ASN F 521 6.91 -2.35 11.51
CA ASN F 521 6.81 -0.89 11.59
C ASN F 521 7.01 -0.18 10.25
N ASP F 522 6.91 -0.92 9.14
CA ASP F 522 7.08 -0.31 7.83
C ASP F 522 5.75 -0.18 7.09
N ALA G 4 -42.51 62.39 -3.78
CA ALA G 4 -42.00 61.30 -4.60
C ALA G 4 -41.22 60.30 -3.74
N SER G 5 -41.56 59.02 -3.90
CA SER G 5 -40.84 57.95 -3.20
C SER G 5 -39.78 57.32 -4.10
N GLU G 6 -38.68 56.90 -3.49
CA GLU G 6 -37.59 56.26 -4.20
C GLU G 6 -37.86 54.77 -4.45
N VAL G 7 -37.73 54.36 -5.70
CA VAL G 7 -37.98 52.96 -6.07
C VAL G 7 -36.82 52.06 -5.69
N PRO G 8 -37.08 51.02 -4.90
CA PRO G 8 -36.02 50.07 -4.52
C PRO G 8 -35.55 49.23 -5.71
N GLN G 9 -34.27 48.86 -5.69
CA GLN G 9 -33.68 48.07 -6.76
C GLN G 9 -32.92 46.86 -6.19
N VAL G 10 -32.93 45.77 -6.93
CA VAL G 10 -32.12 44.61 -6.58
C VAL G 10 -30.75 44.77 -7.21
N VAL G 11 -30.74 45.13 -8.49
CA VAL G 11 -29.52 45.49 -9.20
C VAL G 11 -29.72 46.89 -9.76
N SER G 12 -28.64 47.56 -10.16
CA SER G 12 -28.72 48.94 -10.62
C SER G 12 -29.40 49.03 -11.99
N LEU G 13 -29.54 47.89 -12.67
CA LEU G 13 -30.15 47.88 -13.98
C LEU G 13 -31.67 47.82 -13.90
N ASP G 14 -32.20 47.66 -12.68
CA ASP G 14 -33.64 47.68 -12.46
C ASP G 14 -34.20 49.07 -12.70
N PRO G 15 -35.27 49.17 -13.50
CA PRO G 15 -35.88 50.47 -13.81
C PRO G 15 -36.49 51.12 -12.57
N THR G 16 -36.50 52.45 -12.55
CA THR G 16 -36.98 53.17 -11.36
C THR G 16 -38.17 54.05 -11.68
N SER G 17 -38.74 53.90 -12.87
CA SER G 17 -39.94 54.63 -13.24
C SER G 17 -40.66 53.97 -14.41
N ILE G 18 -41.95 54.24 -14.52
CA ILE G 18 -42.72 53.79 -15.67
C ILE G 18 -42.56 54.81 -16.80
N PRO G 19 -42.03 54.37 -17.94
CA PRO G 19 -41.97 55.29 -19.08
C PRO G 19 -43.38 55.64 -19.55
N ILE G 20 -43.68 56.94 -19.61
CA ILE G 20 -45.01 57.35 -20.02
C ILE G 20 -44.92 58.36 -21.14
N GLU G 21 -45.68 58.09 -22.20
CA GLU G 21 -45.79 59.03 -23.31
C GLU G 21 -47.04 59.89 -23.16
N TYR G 22 -46.84 61.19 -22.94
CA TYR G 22 -47.97 62.11 -22.81
C TYR G 22 -48.32 62.75 -24.15
N ASN G 23 -47.31 63.21 -24.87
CA ASN G 23 -47.53 63.80 -26.19
C ASN G 23 -47.45 62.77 -27.31
N THR G 24 -48.61 62.23 -27.70
CA THR G 24 -48.68 61.20 -28.72
C THR G 24 -48.95 61.82 -30.09
N PRO G 25 -48.61 61.09 -31.17
CA PRO G 25 -48.91 61.57 -32.53
C PRO G 25 -50.40 61.90 -32.74
N ILE G 26 -51.27 61.21 -32.02
CA ILE G 26 -52.71 61.47 -32.09
C ILE G 26 -53.00 62.92 -31.70
N HIS G 27 -52.26 63.43 -30.72
CA HIS G 27 -52.45 64.79 -30.24
C HIS G 27 -52.00 65.84 -31.25
N ASP G 28 -51.20 65.42 -32.24
CA ASP G 28 -50.70 66.34 -33.24
C ASP G 28 -51.58 66.34 -34.49
N ILE G 29 -52.62 65.53 -34.47
CA ILE G 29 -53.53 65.44 -35.61
C ILE G 29 -54.58 66.53 -35.59
N LYS G 30 -54.54 67.39 -36.60
CA LYS G 30 -55.56 68.42 -36.77
C LYS G 30 -56.83 67.81 -37.34
N VAL G 31 -57.93 67.92 -36.61
CA VAL G 31 -59.19 67.31 -37.02
C VAL G 31 -60.18 68.36 -37.51
N GLN G 32 -60.70 68.16 -38.72
CA GLN G 32 -61.65 69.08 -39.30
C GLN G 32 -62.95 68.34 -39.61
N VAL G 33 -64.08 68.91 -39.22
CA VAL G 33 -65.38 68.30 -39.50
C VAL G 33 -66.19 69.15 -40.47
N TYR G 34 -66.57 68.55 -41.60
CA TYR G 34 -67.35 69.26 -42.61
C TYR G 34 -68.73 68.66 -42.78
N ASP G 35 -69.68 69.46 -43.24
CA ASP G 35 -71.02 68.97 -43.54
C ASP G 35 -71.05 68.36 -44.94
N ILE G 36 -71.73 67.22 -45.07
CA ILE G 36 -71.75 66.48 -46.32
C ILE G 36 -72.56 67.22 -47.39
N LYS G 37 -73.47 68.08 -46.95
CA LYS G 37 -74.30 68.84 -47.88
C LYS G 37 -73.56 69.99 -48.58
N GLY G 38 -72.23 69.89 -48.62
CA GLY G 38 -71.42 70.92 -49.24
C GLY G 38 -70.50 70.28 -50.25
N GLY G 39 -70.57 68.96 -50.33
CA GLY G 39 -69.72 68.20 -51.24
C GLY G 39 -68.38 67.90 -50.61
N CYS G 40 -67.69 66.88 -51.12
CA CYS G 40 -66.41 66.48 -50.57
C CYS G 40 -65.26 66.91 -51.47
N ASN G 41 -64.20 67.42 -50.86
CA ASN G 41 -63.00 67.75 -51.59
C ASN G 41 -62.02 66.59 -51.48
N VAL G 42 -61.57 66.11 -52.62
CA VAL G 42 -60.66 64.98 -52.66
C VAL G 42 -59.29 65.49 -53.09
N GLU G 43 -58.46 65.84 -52.10
CA GLU G 43 -57.18 66.46 -52.42
C GLU G 43 -55.97 65.58 -52.11
N GLU G 44 -55.32 65.79 -50.97
CA GLU G 44 -54.17 64.95 -50.67
C GLU G 44 -54.56 63.81 -49.73
N GLY G 45 -53.62 62.89 -49.54
CA GLY G 45 -53.79 61.77 -48.63
C GLY G 45 -54.80 60.75 -49.13
N LEU G 46 -55.44 60.07 -48.19
CA LEU G 46 -56.39 59.01 -48.52
C LEU G 46 -57.82 59.40 -48.11
N THR G 47 -58.77 59.21 -49.02
CA THR G 47 -60.18 59.51 -48.73
C THR G 47 -61.01 58.23 -48.69
N ILE G 48 -61.58 57.94 -47.54
CA ILE G 48 -62.32 56.69 -47.34
C ILE G 48 -63.81 56.91 -47.10
N PHE G 49 -64.63 56.20 -47.87
CA PHE G 49 -66.08 56.24 -47.72
C PHE G 49 -66.58 55.08 -46.87
N LEU G 50 -67.35 55.40 -45.83
CA LEU G 50 -68.01 54.37 -45.03
C LEU G 50 -69.39 54.10 -45.62
N VAL G 51 -69.55 52.96 -46.28
CA VAL G 51 -70.77 52.68 -47.02
C VAL G 51 -71.43 51.38 -46.58
N ASN G 52 -72.76 51.38 -46.62
CA ASN G 52 -73.53 50.17 -46.37
C ASN G 52 -74.59 49.93 -47.45
N ASN G 53 -75.36 48.88 -47.27
CA ASN G 53 -76.51 48.60 -48.12
C ASN G 53 -77.55 47.88 -47.30
N PRO G 54 -78.53 48.62 -46.75
CA PRO G 54 -79.48 47.95 -45.86
C PRO G 54 -80.26 46.79 -46.51
N GLY G 55 -80.79 45.91 -45.65
CA GLY G 55 -81.50 44.71 -46.04
C GLY G 55 -80.97 43.90 -47.23
N LYS G 56 -79.75 44.21 -47.67
CA LYS G 56 -79.15 43.58 -48.85
C LYS G 56 -77.79 42.97 -48.56
N GLU G 57 -77.77 41.78 -47.93
CA GLU G 57 -76.53 41.12 -47.55
C GLU G 57 -75.52 41.07 -48.71
N ASN G 58 -74.39 41.73 -48.50
CA ASN G 58 -73.34 41.92 -49.51
C ASN G 58 -73.92 42.58 -50.75
N GLY G 59 -74.42 43.79 -50.59
CA GLY G 59 -75.02 44.54 -51.67
C GLY G 59 -73.96 45.32 -52.42
N PRO G 60 -74.33 45.93 -53.56
CA PRO G 60 -73.37 46.71 -54.33
C PRO G 60 -73.00 48.00 -53.59
N VAL G 61 -71.81 48.54 -53.87
CA VAL G 61 -71.41 49.80 -53.26
C VAL G 61 -72.01 50.96 -54.05
N LYS G 62 -72.63 51.90 -53.35
CA LYS G 62 -73.17 53.10 -53.98
C LYS G 62 -72.81 54.36 -53.20
N ILE G 63 -72.15 55.29 -53.88
CA ILE G 63 -71.72 56.53 -53.23
C ILE G 63 -72.78 57.62 -53.40
N SER G 64 -73.38 58.03 -52.28
CA SER G 64 -74.47 59.00 -52.31
C SER G 64 -73.94 60.43 -52.26
N SER G 65 -72.86 60.63 -51.52
CA SER G 65 -72.32 61.97 -51.26
C SER G 65 -71.87 62.67 -52.53
N LYS G 66 -72.05 63.98 -52.55
CA LYS G 66 -71.59 64.78 -53.68
C LYS G 66 -70.08 65.01 -53.59
N VAL G 67 -69.40 64.82 -54.71
CA VAL G 67 -67.97 65.04 -54.78
C VAL G 67 -67.72 66.26 -55.66
N ASN G 68 -67.05 67.26 -55.11
CA ASN G 68 -66.80 68.51 -55.83
C ASN G 68 -65.68 68.37 -56.85
N ASP G 69 -65.69 67.25 -57.57
CA ASP G 69 -64.70 66.98 -58.61
C ASP G 69 -65.32 66.13 -59.71
N LYS G 70 -65.26 66.62 -60.94
CA LYS G 70 -65.92 65.95 -62.06
C LYS G 70 -65.26 64.60 -62.36
N GLN G 71 -63.94 64.56 -62.27
CA GLN G 71 -63.18 63.35 -62.57
C GLN G 71 -63.43 62.26 -61.53
N VAL G 72 -63.39 62.63 -60.26
CA VAL G 72 -63.60 61.70 -59.17
C VAL G 72 -65.04 61.20 -59.10
N SER G 73 -65.98 62.11 -59.33
CA SER G 73 -67.41 61.76 -59.31
C SER G 73 -67.77 60.65 -60.29
N GLU G 74 -67.26 60.73 -61.52
CA GLU G 74 -67.53 59.66 -62.48
C GLU G 74 -66.86 58.35 -62.09
N PHE G 75 -65.64 58.43 -61.57
CA PHE G 75 -64.95 57.22 -61.14
C PHE G 75 -65.81 56.50 -60.11
N LEU G 76 -66.46 57.28 -59.23
CA LEU G 76 -67.25 56.71 -58.15
C LEU G 76 -68.73 56.53 -58.52
N LYS G 77 -69.05 56.67 -59.80
CA LYS G 77 -70.42 56.45 -60.28
C LYS G 77 -70.85 55.01 -60.09
N ASP G 78 -72.16 54.79 -60.01
CA ASP G 78 -72.72 53.49 -59.66
C ASP G 78 -72.28 52.34 -60.58
N GLU G 79 -72.16 52.61 -61.87
CA GLU G 79 -71.76 51.57 -62.82
C GLU G 79 -70.36 51.04 -62.52
N ASN G 80 -69.48 51.93 -62.04
CA ASN G 80 -68.13 51.54 -61.69
C ASN G 80 -68.07 50.82 -60.35
N MET G 81 -68.91 51.26 -59.42
CA MET G 81 -68.87 50.78 -58.04
C MET G 81 -69.65 49.49 -57.78
N GLU G 82 -70.52 49.09 -58.70
CA GLU G 82 -71.38 47.94 -58.47
C GLU G 82 -70.61 46.62 -58.47
N LYS G 83 -69.36 46.64 -58.93
CA LYS G 83 -68.53 45.45 -58.90
C LYS G 83 -68.01 45.19 -57.48
N PHE G 84 -68.19 46.18 -56.61
CA PHE G 84 -67.74 46.06 -55.22
C PHE G 84 -68.92 45.92 -54.28
N ASN G 85 -68.73 45.21 -53.18
CA ASN G 85 -69.80 44.98 -52.22
C ASN G 85 -69.52 45.59 -50.85
N VAL G 86 -70.55 45.62 -50.01
CA VAL G 86 -70.48 46.36 -48.75
C VAL G 86 -70.26 45.46 -47.53
N LYS G 87 -69.81 44.23 -47.77
CA LYS G 87 -69.50 43.27 -46.70
C LYS G 87 -68.70 43.91 -45.57
N LEU G 88 -69.16 43.70 -44.35
CA LEU G 88 -68.55 44.33 -43.17
C LEU G 88 -67.06 44.00 -43.06
N GLY G 89 -66.23 45.05 -43.07
CA GLY G 89 -64.80 44.88 -42.95
C GLY G 89 -64.06 44.92 -44.27
N THR G 90 -64.81 44.76 -45.37
CA THR G 90 -64.23 44.83 -46.69
C THR G 90 -63.72 46.23 -46.99
N SER G 91 -62.55 46.31 -47.63
CA SER G 91 -61.97 47.59 -48.01
C SER G 91 -61.32 47.48 -49.38
N LYS G 92 -61.32 48.59 -50.11
CA LYS G 92 -60.68 48.70 -51.41
C LYS G 92 -59.97 50.04 -51.58
N HIS G 93 -58.93 50.04 -52.41
CA HIS G 93 -58.21 51.26 -52.73
C HIS G 93 -58.39 51.62 -54.19
N PHE G 94 -58.58 52.91 -54.46
CA PHE G 94 -58.76 53.38 -55.83
C PHE G 94 -57.68 54.41 -56.17
N TYR G 95 -57.14 54.37 -57.38
CA TYR G 95 -56.20 55.38 -57.84
C TYR G 95 -56.75 56.17 -59.04
N MET G 96 -56.66 57.50 -59.00
CA MET G 96 -57.17 58.30 -60.11
C MET G 96 -56.61 59.73 -60.11
N PHE G 97 -56.89 60.46 -61.19
CA PHE G 97 -56.51 61.86 -61.33
C PHE G 97 -57.73 62.78 -61.18
N ASN G 98 -57.60 63.84 -60.38
CA ASN G 98 -58.72 64.77 -60.21
C ASN G 98 -58.77 65.86 -61.31
N ASP G 99 -59.57 66.88 -61.08
CA ASP G 99 -59.79 67.95 -62.06
C ASP G 99 -58.54 68.79 -62.37
N ASN G 100 -57.63 68.91 -61.41
CA ASN G 100 -56.39 69.66 -61.60
C ASN G 100 -55.21 68.77 -61.96
N LYS G 101 -55.52 67.61 -62.55
CA LYS G 101 -54.52 66.65 -63.01
C LYS G 101 -53.57 66.15 -61.92
N ASN G 102 -54.02 66.13 -60.67
CA ASN G 102 -53.25 65.56 -59.59
C ASN G 102 -53.72 64.14 -59.28
N SER G 103 -52.78 63.24 -59.00
CA SER G 103 -53.11 61.86 -58.68
C SER G 103 -53.72 61.81 -57.29
N VAL G 104 -54.87 61.16 -57.16
CA VAL G 104 -55.51 61.08 -55.85
C VAL G 104 -55.87 59.63 -55.48
N ALA G 105 -55.93 59.37 -54.18
CA ALA G 105 -56.29 58.04 -53.68
C ALA G 105 -57.61 58.06 -52.90
N VAL G 106 -58.51 57.17 -53.31
CA VAL G 106 -59.85 57.08 -52.75
C VAL G 106 -60.14 55.61 -52.43
N GLY G 107 -61.03 55.37 -51.47
CA GLY G 107 -61.43 54.01 -51.17
C GLY G 107 -62.64 53.95 -50.29
N TYR G 108 -63.03 52.74 -49.87
CA TYR G 108 -64.17 52.59 -49.00
C TYR G 108 -63.95 51.48 -47.97
N VAL G 109 -64.77 51.50 -46.92
CA VAL G 109 -64.84 50.39 -45.99
C VAL G 109 -66.29 49.95 -45.86
N GLY G 110 -66.54 48.66 -46.04
CA GLY G 110 -67.87 48.10 -45.96
C GLY G 110 -68.41 48.09 -44.54
N CYS G 111 -69.64 48.55 -44.37
CA CYS G 111 -70.25 48.60 -43.05
C CYS G 111 -71.46 47.67 -42.98
N GLY G 112 -71.48 46.67 -43.86
CA GLY G 112 -72.50 45.65 -43.84
C GLY G 112 -73.86 46.07 -44.33
N SER G 113 -74.89 45.38 -43.86
CA SER G 113 -76.26 45.61 -44.30
C SER G 113 -77.18 46.05 -43.16
N VAL G 114 -76.68 45.95 -41.92
CA VAL G 114 -77.45 46.38 -40.77
C VAL G 114 -77.36 47.91 -40.62
N ALA G 115 -78.51 48.55 -40.46
CA ALA G 115 -78.57 50.01 -40.43
C ALA G 115 -78.07 50.59 -39.12
N ASP G 116 -78.05 49.78 -38.07
CA ASP G 116 -77.57 50.25 -36.78
C ASP G 116 -76.32 49.47 -36.38
N LEU G 117 -75.15 50.07 -36.59
CA LEU G 117 -73.89 49.40 -36.28
C LEU G 117 -73.71 49.28 -34.78
N SER G 118 -73.38 48.07 -34.34
CA SER G 118 -73.11 47.83 -32.92
C SER G 118 -71.71 48.27 -32.57
N GLU G 119 -71.36 48.16 -31.30
CA GLU G 119 -70.03 48.51 -30.83
C GLU G 119 -68.95 47.60 -31.42
N ALA G 120 -69.29 46.32 -31.60
CA ALA G 120 -68.36 45.35 -32.20
C ALA G 120 -68.21 45.58 -33.71
N ASP G 121 -69.30 45.92 -34.37
CA ASP G 121 -69.28 46.18 -35.81
C ASP G 121 -68.45 47.40 -36.14
N MET G 122 -68.63 48.46 -35.37
CA MET G 122 -67.91 49.71 -35.58
C MET G 122 -66.41 49.49 -35.37
N LYS G 123 -66.07 48.63 -34.43
CA LYS G 123 -64.67 48.31 -34.19
C LYS G 123 -64.08 47.51 -35.36
N ARG G 124 -64.89 46.64 -35.95
CA ARG G 124 -64.45 45.89 -37.13
C ARG G 124 -64.21 46.84 -38.30
N VAL G 125 -65.07 47.85 -38.43
CA VAL G 125 -64.91 48.86 -39.45
C VAL G 125 -63.61 49.63 -39.23
N VAL G 126 -63.40 50.07 -38.00
CA VAL G 126 -62.22 50.84 -37.64
C VAL G 126 -60.93 50.05 -37.86
N LEU G 127 -60.93 48.78 -37.43
CA LEU G 127 -59.76 47.93 -37.61
C LEU G 127 -59.44 47.78 -39.10
N SER G 128 -60.48 47.69 -39.91
CA SER G 128 -60.32 47.63 -41.35
C SER G 128 -59.75 48.96 -41.87
N LEU G 129 -60.20 50.05 -41.27
CA LEU G 129 -59.72 51.39 -41.62
C LEU G 129 -58.24 51.55 -41.26
N VAL G 130 -57.87 51.07 -40.07
CA VAL G 130 -56.50 51.18 -39.57
C VAL G 130 -55.52 50.37 -40.42
N THR G 131 -56.00 49.26 -40.98
CA THR G 131 -55.19 48.42 -41.86
C THR G 131 -54.74 49.20 -43.09
N MET G 132 -55.62 50.10 -43.54
CA MET G 132 -55.34 50.95 -44.68
C MET G 132 -54.32 52.04 -44.32
N LEU G 133 -54.34 52.47 -43.06
CA LEU G 133 -53.42 53.49 -42.59
C LEU G 133 -52.01 52.93 -42.38
N HIS G 134 -51.94 51.67 -41.96
CA HIS G 134 -50.66 51.03 -41.69
C HIS G 134 -49.94 50.71 -43.00
N ASP G 135 -48.61 50.72 -42.96
CA ASP G 135 -47.78 50.44 -44.13
C ASP G 135 -48.05 51.39 -45.31
N ASN G 136 -48.66 52.53 -45.02
CA ASN G 136 -48.87 53.55 -46.03
C ASN G 136 -48.44 54.89 -45.43
N LYS G 137 -47.64 55.64 -46.19
CA LYS G 137 -47.09 56.90 -45.70
C LYS G 137 -47.92 58.12 -46.03
N LEU G 138 -49.15 58.16 -45.53
CA LEU G 138 -50.10 59.23 -45.82
C LEU G 138 -49.91 60.42 -44.89
N SER G 139 -50.24 61.62 -45.38
CA SER G 139 -50.15 62.82 -44.55
C SER G 139 -51.53 63.22 -44.03
N LYS G 140 -52.56 62.76 -44.73
CA LYS G 140 -53.94 63.09 -44.39
C LYS G 140 -54.90 61.93 -44.66
N LEU G 141 -55.81 61.72 -43.72
CA LEU G 141 -56.92 60.78 -43.91
C LEU G 141 -58.23 61.55 -43.91
N THR G 142 -59.11 61.22 -44.85
CA THR G 142 -60.44 61.83 -44.90
C THR G 142 -61.52 60.75 -44.87
N VAL G 143 -62.42 60.85 -43.91
CA VAL G 143 -63.47 59.85 -43.75
C VAL G 143 -64.85 60.44 -44.08
N VAL G 144 -65.55 59.81 -45.01
CA VAL G 144 -66.87 60.27 -45.42
C VAL G 144 -67.96 59.33 -44.88
N PHE G 145 -68.77 59.82 -43.96
CA PHE G 145 -69.80 59.00 -43.33
C PHE G 145 -71.06 58.90 -44.17
N GLU G 146 -71.22 57.78 -44.87
CA GLU G 146 -72.47 57.51 -45.58
C GLU G 146 -73.28 56.47 -44.82
N ILE G 147 -73.15 56.51 -43.49
CA ILE G 147 -73.93 55.66 -42.60
C ILE G 147 -74.54 56.52 -41.52
N ASN G 148 -75.51 55.98 -40.80
CA ASN G 148 -76.19 56.71 -39.73
C ASN G 148 -75.57 56.39 -38.38
N VAL G 149 -75.02 57.41 -37.73
CA VAL G 149 -74.42 57.24 -36.41
C VAL G 149 -74.83 58.38 -35.47
N ASP G 150 -75.12 58.05 -34.21
CA ASP G 150 -75.42 59.10 -33.25
C ASP G 150 -74.11 59.68 -32.72
N LYS G 151 -74.22 60.70 -31.86
CA LYS G 151 -73.04 61.40 -31.38
C LYS G 151 -72.12 60.46 -30.61
N ASN G 152 -72.70 59.58 -29.81
CA ASN G 152 -71.92 58.64 -29.01
C ASN G 152 -71.15 57.64 -29.86
N LEU G 153 -71.81 57.10 -30.89
CA LEU G 153 -71.17 56.13 -31.77
C LEU G 153 -70.12 56.81 -32.64
N PHE G 154 -70.37 58.07 -32.98
CA PHE G 154 -69.41 58.85 -33.75
C PHE G 154 -68.16 59.09 -32.90
N ARG G 155 -68.37 59.43 -31.63
CA ARG G 155 -67.26 59.61 -30.71
C ARG G 155 -66.49 58.31 -30.51
N PHE G 156 -67.24 57.21 -30.39
CA PHE G 156 -66.62 55.89 -30.24
C PHE G 156 -65.72 55.57 -31.42
N PHE G 157 -66.17 55.93 -32.62
CA PHE G 157 -65.39 55.77 -33.85
C PHE G 157 -64.03 56.45 -33.75
N LEU G 158 -64.04 57.71 -33.33
CA LEU G 158 -62.81 58.49 -33.24
C LEU G 158 -61.87 57.92 -32.18
N GLU G 159 -62.42 57.63 -31.01
CA GLU G 159 -61.67 57.03 -29.92
C GLU G 159 -60.97 55.74 -30.33
N THR G 160 -61.73 54.84 -30.93
CA THR G 160 -61.23 53.55 -31.35
C THR G 160 -60.18 53.70 -32.45
N LEU G 161 -60.46 54.61 -33.38
CA LEU G 161 -59.51 54.91 -34.45
C LEU G 161 -58.18 55.38 -33.86
N PHE G 162 -58.25 56.38 -32.98
CA PHE G 162 -57.05 56.92 -32.35
C PHE G 162 -56.29 55.85 -31.58
N TYR G 163 -57.03 55.05 -30.79
CA TYR G 163 -56.44 54.03 -29.94
C TYR G 163 -55.75 52.92 -30.76
N GLU G 164 -56.43 52.46 -31.82
CA GLU G 164 -55.90 51.38 -32.65
C GLU G 164 -54.79 51.86 -33.57
N TYR G 165 -54.88 53.12 -34.00
CA TYR G 165 -53.85 53.72 -34.85
C TYR G 165 -52.53 53.82 -34.11
N MET G 166 -52.62 54.21 -32.83
CA MET G 166 -51.45 54.41 -31.98
C MET G 166 -50.70 53.12 -31.72
N THR G 167 -49.37 53.19 -31.73
CA THR G 167 -48.53 52.02 -31.45
C THR G 167 -47.55 52.30 -30.30
N ASP G 168 -47.53 51.40 -29.32
CA ASP G 168 -46.70 51.55 -28.12
C ASP G 168 -45.28 51.01 -28.34
N GLU G 169 -44.29 51.89 -28.34
CA GLU G 169 -42.90 51.49 -28.59
C GLU G 169 -41.97 51.85 -27.44
N ARG G 170 -42.52 52.06 -26.25
CA ARG G 170 -41.73 52.44 -25.08
C ARG G 170 -40.65 51.39 -24.74
N PHE G 171 -40.91 50.14 -25.08
CA PHE G 171 -40.01 49.07 -24.70
C PHE G 171 -39.29 48.47 -25.90
N LYS G 172 -39.48 49.08 -27.07
CA LYS G 172 -38.70 48.72 -28.25
C LYS G 172 -37.35 49.42 -28.16
N SER G 173 -36.29 48.73 -28.60
CA SER G 173 -34.97 49.32 -28.64
C SER G 173 -34.34 49.14 -30.02
N THR G 174 -33.91 47.92 -30.30
CA THR G 174 -33.27 47.58 -31.58
C THR G 174 -34.30 47.17 -32.64
N ASP G 175 -35.58 47.16 -32.26
CA ASP G 175 -36.63 46.69 -33.15
C ASP G 175 -37.74 47.73 -33.29
N LYS G 176 -37.38 49.00 -33.09
CA LYS G 176 -38.30 50.09 -33.35
C LYS G 176 -38.66 50.13 -34.84
N ASN G 177 -39.95 50.27 -35.13
CA ASN G 177 -40.43 50.34 -36.50
C ASN G 177 -39.87 51.58 -37.19
N VAL G 178 -39.13 51.38 -38.27
CA VAL G 178 -38.45 52.47 -38.96
C VAL G 178 -39.34 53.25 -39.93
N ASN G 179 -40.46 52.65 -40.31
CA ASN G 179 -41.34 53.28 -41.28
C ASN G 179 -42.60 53.95 -40.70
N MET G 180 -42.73 53.98 -39.38
CA MET G 180 -43.92 54.60 -38.80
C MET G 180 -43.95 56.09 -39.09
N GLU G 181 -45.13 56.58 -39.48
CA GLU G 181 -45.32 57.96 -39.92
C GLU G 181 -46.80 58.29 -39.79
N TYR G 182 -47.21 58.90 -38.69
CA TYR G 182 -48.62 59.15 -38.46
C TYR G 182 -49.11 60.34 -39.30
N ILE G 183 -50.38 60.29 -39.69
CA ILE G 183 -51.00 61.41 -40.40
C ILE G 183 -50.97 62.66 -39.53
N LYS G 184 -51.04 63.82 -40.18
CA LYS G 184 -51.02 65.08 -39.46
C LYS G 184 -52.39 65.74 -39.52
N HIS G 185 -53.24 65.26 -40.43
CA HIS G 185 -54.55 65.85 -40.60
C HIS G 185 -55.63 64.77 -40.74
N LEU G 186 -56.77 64.99 -40.09
CA LEU G 186 -57.91 64.11 -40.22
C LEU G 186 -59.16 64.90 -40.60
N GLY G 187 -59.71 64.60 -41.77
CA GLY G 187 -60.92 65.26 -42.24
C GLY G 187 -62.13 64.36 -42.12
N VAL G 188 -63.24 64.92 -41.63
CA VAL G 188 -64.47 64.15 -41.47
C VAL G 188 -65.65 64.83 -42.15
N TYR G 189 -66.28 64.10 -43.08
CA TYR G 189 -67.52 64.55 -43.71
C TYR G 189 -68.70 63.79 -43.12
N ILE G 190 -69.68 64.53 -42.61
CA ILE G 190 -70.84 63.90 -41.98
C ILE G 190 -72.03 64.85 -42.02
N ASN G 191 -73.23 64.30 -42.10
CA ASN G 191 -74.45 65.10 -42.10
C ASN G 191 -74.68 65.77 -40.75
N ASN G 192 -75.11 67.03 -40.77
CA ASN G 192 -75.32 67.81 -39.55
C ASN G 192 -74.03 67.88 -38.74
N ALA G 193 -72.95 68.25 -39.40
CA ALA G 193 -71.61 68.21 -38.81
C ALA G 193 -71.46 69.03 -37.52
N ASP G 194 -72.15 70.15 -37.42
CA ASP G 194 -72.01 71.03 -36.26
C ASP G 194 -72.38 70.34 -34.96
N THR G 195 -73.34 69.42 -35.02
CA THR G 195 -73.78 68.70 -33.83
C THR G 195 -72.71 67.71 -33.38
N TYR G 196 -71.87 67.28 -34.32
CA TYR G 196 -70.86 66.26 -34.04
C TYR G 196 -69.51 66.84 -33.64
N LYS G 197 -69.31 68.14 -33.89
CA LYS G 197 -68.01 68.77 -33.62
C LYS G 197 -67.62 68.76 -32.14
N GLU G 198 -68.61 68.85 -31.25
CA GLU G 198 -68.34 68.87 -29.83
C GLU G 198 -67.74 67.55 -29.35
N GLU G 199 -67.98 66.48 -30.10
CA GLU G 199 -67.50 65.15 -29.75
C GLU G 199 -66.01 64.94 -30.04
N VAL G 200 -65.43 65.78 -30.88
CA VAL G 200 -64.06 65.57 -31.37
C VAL G 200 -63.02 65.63 -30.25
N GLU G 201 -63.00 66.71 -29.48
CA GLU G 201 -62.00 66.84 -28.44
C GLU G 201 -62.33 65.95 -27.25
N LYS G 202 -63.60 65.61 -27.10
CA LYS G 202 -64.00 64.66 -26.07
C LYS G 202 -63.42 63.30 -26.40
N ALA G 203 -63.49 62.96 -27.69
CA ALA G 203 -62.93 61.70 -28.18
C ALA G 203 -61.43 61.67 -27.98
N ARG G 204 -60.78 62.82 -28.17
CA ARG G 204 -59.34 62.92 -28.01
C ARG G 204 -58.95 62.74 -26.54
N VAL G 205 -59.77 63.29 -25.65
CA VAL G 205 -59.56 63.13 -24.21
C VAL G 205 -59.81 61.70 -23.76
N TYR G 206 -60.93 61.13 -24.20
CA TYR G 206 -61.27 59.75 -23.88
C TYR G 206 -60.21 58.79 -24.42
N TYR G 207 -59.71 59.09 -25.63
CA TYR G 207 -58.63 58.30 -26.22
C TYR G 207 -57.43 58.18 -25.28
N PHE G 208 -56.92 59.32 -24.82
CA PHE G 208 -55.67 59.28 -24.07
C PHE G 208 -55.89 58.69 -22.68
N GLY G 209 -57.04 58.95 -22.08
CA GLY G 209 -57.39 58.34 -20.81
C GLY G 209 -57.32 56.83 -20.94
N THR G 210 -57.88 56.33 -22.03
CA THR G 210 -57.84 54.91 -22.33
C THR G 210 -56.42 54.45 -22.64
N TYR G 211 -55.70 55.24 -23.44
CA TYR G 211 -54.33 54.89 -23.82
C TYR G 211 -53.36 55.01 -22.65
N TYR G 212 -53.61 55.97 -21.77
CA TYR G 212 -52.79 56.14 -20.57
C TYR G 212 -52.90 54.91 -19.68
N ALA G 213 -54.12 54.46 -19.46
CA ALA G 213 -54.37 53.24 -18.69
C ALA G 213 -53.69 52.05 -19.35
N SER G 214 -53.85 51.97 -20.68
CA SER G 214 -53.21 50.94 -21.49
C SER G 214 -51.69 50.91 -21.28
N GLN G 215 -51.09 52.08 -21.19
CA GLN G 215 -49.65 52.17 -20.98
C GLN G 215 -49.23 51.61 -19.63
N LEU G 216 -50.03 51.87 -18.60
CA LEU G 216 -49.74 51.37 -17.26
C LEU G 216 -49.92 49.86 -17.18
N ILE G 217 -50.99 49.36 -17.81
CA ILE G 217 -51.30 47.94 -17.80
C ILE G 217 -50.27 47.13 -18.56
N ALA G 218 -49.95 47.57 -19.78
CA ALA G 218 -48.98 46.89 -20.63
C ALA G 218 -47.59 46.91 -20.01
N ALA G 219 -47.30 47.97 -19.25
CA ALA G 219 -46.03 48.09 -18.54
C ALA G 219 -45.78 46.89 -17.62
N PRO G 220 -44.64 46.21 -17.80
CA PRO G 220 -44.27 45.02 -17.02
C PRO G 220 -44.07 45.35 -15.55
N SER G 221 -44.03 44.31 -14.71
CA SER G 221 -44.03 44.50 -13.27
C SER G 221 -42.70 44.99 -12.71
N ASN G 222 -41.63 44.85 -13.49
CA ASN G 222 -40.34 45.38 -13.08
C ASN G 222 -40.28 46.90 -13.33
N TYR G 223 -41.11 47.36 -14.26
CA TYR G 223 -41.27 48.79 -14.51
C TYR G 223 -42.39 49.37 -13.67
N CYS G 224 -43.53 48.69 -13.69
CA CYS G 224 -44.70 49.14 -12.97
C CYS G 224 -44.83 48.38 -11.65
N ASN G 225 -44.38 49.00 -10.58
CA ASN G 225 -44.45 48.43 -9.24
C ASN G 225 -45.20 49.42 -8.35
N PRO G 226 -45.56 49.02 -7.12
CA PRO G 226 -46.33 49.92 -6.25
C PRO G 226 -45.74 51.34 -6.10
N VAL G 227 -44.42 51.44 -6.06
CA VAL G 227 -43.79 52.74 -5.89
C VAL G 227 -43.85 53.56 -7.19
N SER G 228 -43.45 52.94 -8.30
CA SER G 228 -43.39 53.64 -9.58
C SER G 228 -44.80 53.97 -10.10
N LEU G 229 -45.76 53.12 -9.78
CA LEU G 229 -47.15 53.37 -10.18
C LEU G 229 -47.74 54.55 -9.40
N SER G 230 -47.44 54.61 -8.11
CA SER G 230 -47.90 55.71 -7.26
C SER G 230 -47.21 57.01 -7.66
N ASN G 231 -45.94 56.91 -8.05
CA ASN G 231 -45.20 58.06 -8.54
C ASN G 231 -45.86 58.65 -9.78
N ALA G 232 -46.31 57.77 -10.67
CA ALA G 232 -46.98 58.19 -11.89
C ALA G 232 -48.30 58.88 -11.58
N ALA G 233 -48.98 58.40 -10.53
CA ALA G 233 -50.23 58.99 -10.09
C ALA G 233 -50.00 60.39 -9.55
N VAL G 234 -48.90 60.57 -8.83
CA VAL G 234 -48.50 61.86 -8.31
C VAL G 234 -48.19 62.81 -9.47
N GLU G 235 -47.39 62.32 -10.41
CA GLU G 235 -47.01 63.10 -11.58
C GLU G 235 -48.24 63.52 -12.39
N LEU G 236 -49.18 62.61 -12.56
CA LEU G 236 -50.41 62.90 -13.29
C LEU G 236 -51.24 63.95 -12.57
N ALA G 237 -51.38 63.78 -11.26
CA ALA G 237 -52.15 64.71 -10.45
C ALA G 237 -51.56 66.11 -10.53
N GLN G 238 -50.24 66.18 -10.56
CA GLN G 238 -49.54 67.45 -10.63
C GLN G 238 -49.79 68.16 -11.97
N LYS G 239 -49.84 67.38 -13.05
CA LYS G 239 -50.10 67.93 -14.38
C LYS G 239 -51.56 68.37 -14.51
N LEU G 240 -52.44 67.76 -13.73
CA LEU G 240 -53.87 68.04 -13.83
C LEU G 240 -54.37 68.93 -12.71
N ASN G 241 -53.45 69.34 -11.84
CA ASN G 241 -53.80 70.13 -10.66
C ASN G 241 -54.84 69.45 -9.78
N LEU G 242 -54.66 68.14 -9.57
CA LEU G 242 -55.50 67.40 -8.65
C LEU G 242 -54.82 67.34 -7.29
N GLU G 243 -55.61 67.39 -6.23
CA GLU G 243 -55.11 67.13 -4.88
C GLU G 243 -54.73 65.65 -4.81
N TYR G 244 -53.65 65.34 -4.13
CA TYR G 244 -53.20 63.95 -4.07
C TYR G 244 -52.58 63.60 -2.73
N LYS G 245 -52.69 62.32 -2.36
CA LYS G 245 -52.11 61.83 -1.13
C LYS G 245 -51.72 60.37 -1.32
N ILE G 246 -50.46 60.06 -1.05
CA ILE G 246 -49.99 58.68 -1.10
C ILE G 246 -49.68 58.21 0.32
N LEU G 247 -50.46 57.25 0.79
CA LEU G 247 -50.31 56.74 2.14
C LEU G 247 -49.26 55.64 2.17
N GLY G 248 -48.30 55.78 3.08
CA GLY G 248 -47.25 54.79 3.21
C GLY G 248 -47.60 53.79 4.30
N VAL G 249 -46.70 52.83 4.53
CA VAL G 249 -46.96 51.73 5.44
C VAL G 249 -47.28 52.21 6.83
N LYS G 250 -46.54 53.20 7.30
CA LYS G 250 -46.68 53.72 8.64
C LYS G 250 -48.06 54.35 8.81
N GLU G 251 -48.52 55.02 7.75
CA GLU G 251 -49.83 55.63 7.71
C GLU G 251 -50.92 54.57 7.67
N LEU G 252 -50.68 53.53 6.87
CA LEU G 252 -51.61 52.43 6.71
C LEU G 252 -51.75 51.59 7.98
N GLU G 253 -50.66 51.45 8.72
CA GLU G 253 -50.67 50.76 10.01
C GLU G 253 -51.53 51.51 11.03
N GLU G 254 -51.43 52.84 10.99
CA GLU G 254 -52.19 53.68 11.91
C GLU G 254 -53.68 53.59 11.63
N LEU G 255 -54.03 53.39 10.37
CA LEU G 255 -55.43 53.20 9.97
C LEU G 255 -55.84 51.74 10.13
N LYS G 256 -54.88 50.92 10.53
CA LYS G 256 -55.11 49.51 10.86
C LYS G 256 -55.64 48.70 9.67
N MET G 257 -55.12 48.97 8.48
CA MET G 257 -55.51 48.23 7.28
C MET G 257 -54.76 46.92 7.16
N GLY G 258 -55.09 45.97 8.03
CA GLY G 258 -54.37 44.72 8.11
C GLY G 258 -54.55 43.81 6.92
N ALA G 259 -55.70 43.89 6.27
CA ALA G 259 -55.97 43.05 5.12
C ALA G 259 -55.10 43.45 3.93
N TYR G 260 -55.11 44.74 3.61
CA TYR G 260 -54.32 45.29 2.51
C TYR G 260 -52.83 45.09 2.76
N LEU G 261 -52.39 45.35 4.00
CA LEU G 261 -50.98 45.23 4.35
C LEU G 261 -50.49 43.78 4.31
N SER G 262 -51.37 42.84 4.60
CA SER G 262 -51.00 41.43 4.59
C SER G 262 -50.60 40.94 3.20
N VAL G 263 -51.34 41.40 2.19
CA VAL G 263 -51.06 41.00 0.80
C VAL G 263 -49.67 41.47 0.36
N GLY G 264 -49.29 42.68 0.78
CA GLY G 264 -48.02 43.26 0.34
C GLY G 264 -46.81 42.86 1.17
N LYS G 265 -47.04 42.12 2.25
CA LYS G 265 -45.97 41.71 3.15
C LYS G 265 -44.80 41.01 2.45
N GLY G 266 -45.11 40.16 1.49
CA GLY G 266 -44.10 39.37 0.81
C GLY G 266 -43.39 40.10 -0.32
N SER G 267 -43.71 41.37 -0.49
CA SER G 267 -43.13 42.16 -1.59
C SER G 267 -41.93 42.99 -1.14
N MET G 268 -41.02 43.25 -2.09
CA MET G 268 -39.88 44.12 -1.83
C MET G 268 -40.29 45.57 -1.97
N TYR G 269 -41.47 45.80 -2.55
CA TYR G 269 -41.98 47.15 -2.70
C TYR G 269 -42.98 47.46 -1.61
N PRO G 270 -42.78 48.57 -0.88
CA PRO G 270 -43.70 49.01 0.16
C PRO G 270 -45.07 49.33 -0.40
N ASN G 271 -46.13 49.00 0.32
CA ASN G 271 -47.48 49.36 -0.07
C ASN G 271 -47.62 50.86 -0.24
N LYS G 272 -48.39 51.26 -1.25
CA LYS G 272 -48.66 52.66 -1.51
C LYS G 272 -50.15 52.84 -1.81
N PHE G 273 -50.84 53.58 -0.96
CA PHE G 273 -52.26 53.84 -1.16
C PHE G 273 -52.48 55.15 -1.90
N ILE G 274 -53.04 55.06 -3.10
CA ILE G 274 -53.27 56.25 -3.93
C ILE G 274 -54.61 56.90 -3.63
N HIS G 275 -54.57 58.20 -3.35
CA HIS G 275 -55.77 58.99 -3.13
C HIS G 275 -55.68 60.30 -3.90
N LEU G 276 -56.34 60.33 -5.06
CA LEU G 276 -56.45 61.57 -5.84
C LEU G 276 -57.84 62.17 -5.67
N THR G 277 -57.92 63.50 -5.69
CA THR G 277 -59.20 64.17 -5.53
C THR G 277 -59.40 65.29 -6.53
N TYR G 278 -60.55 65.26 -7.21
CA TYR G 278 -61.01 66.37 -8.02
C TYR G 278 -62.19 67.03 -7.32
N LYS G 279 -62.09 68.33 -7.08
CA LYS G 279 -63.23 69.06 -6.50
C LYS G 279 -63.61 70.22 -7.42
N SER G 280 -64.89 70.26 -7.80
CA SER G 280 -65.43 71.36 -8.60
C SER G 280 -65.24 72.71 -7.94
N LYS G 281 -65.39 73.78 -8.72
CA LYS G 281 -65.25 75.12 -8.21
C LYS G 281 -66.51 75.62 -7.49
N GLY G 282 -67.68 75.31 -8.03
CA GLY G 282 -68.92 75.75 -7.41
C GLY G 282 -69.37 74.85 -6.27
N ASP G 283 -70.68 74.78 -6.06
CA ASP G 283 -71.26 73.96 -5.01
C ASP G 283 -71.18 72.48 -5.38
N VAL G 284 -70.68 71.67 -4.45
CA VAL G 284 -70.60 70.23 -4.68
C VAL G 284 -71.93 69.57 -4.33
N LYS G 285 -72.53 68.93 -5.33
CA LYS G 285 -73.84 68.31 -5.18
C LYS G 285 -73.76 66.78 -5.11
N LYS G 286 -72.69 66.21 -5.65
CA LYS G 286 -72.51 64.76 -5.63
C LYS G 286 -71.07 64.41 -5.27
N LYS G 287 -70.92 63.46 -4.35
CA LYS G 287 -69.61 62.96 -3.95
C LYS G 287 -69.43 61.52 -4.40
N ILE G 288 -68.35 61.23 -5.13
CA ILE G 288 -68.14 59.89 -5.67
C ILE G 288 -66.75 59.36 -5.35
N ALA G 289 -66.68 58.12 -4.89
CA ALA G 289 -65.39 57.44 -4.71
C ALA G 289 -65.21 56.35 -5.75
N LEU G 290 -64.13 56.44 -6.53
CA LEU G 290 -63.79 55.39 -7.48
C LEU G 290 -62.60 54.58 -6.98
N VAL G 291 -62.81 53.29 -6.77
CA VAL G 291 -61.77 52.41 -6.23
C VAL G 291 -61.31 51.40 -7.29
N GLY G 292 -60.00 51.32 -7.49
CA GLY G 292 -59.45 50.37 -8.45
C GLY G 292 -58.50 49.37 -7.81
N LYS G 293 -58.62 48.12 -8.20
CA LYS G 293 -57.70 47.08 -7.74
C LYS G 293 -56.31 47.34 -8.32
N GLY G 294 -55.31 47.37 -7.46
CA GLY G 294 -53.96 47.70 -7.88
C GLY G 294 -52.92 46.69 -7.48
N ILE G 295 -53.04 45.47 -7.98
CA ILE G 295 -52.01 44.47 -7.77
C ILE G 295 -51.06 44.49 -8.96
N THR G 296 -49.88 45.07 -8.75
CA THR G 296 -48.94 45.30 -9.84
C THR G 296 -48.39 44.00 -10.40
N PHE G 297 -48.33 42.98 -9.55
CA PHE G 297 -48.10 41.61 -10.01
C PHE G 297 -48.75 40.61 -9.08
N ASP G 298 -49.49 39.68 -9.66
CA ASP G 298 -50.16 38.65 -8.87
C ASP G 298 -49.58 37.26 -9.17
N SER G 299 -48.62 36.84 -8.35
CA SER G 299 -48.06 35.50 -8.50
C SER G 299 -49.00 34.48 -7.89
N GLY G 300 -49.93 34.97 -7.07
CA GLY G 300 -50.86 34.12 -6.36
C GLY G 300 -50.44 33.90 -4.92
N GLY G 301 -49.22 34.32 -4.59
CA GLY G 301 -48.67 34.07 -3.27
C GLY G 301 -48.32 32.60 -3.10
N TYR G 302 -48.42 32.10 -1.87
CA TYR G 302 -48.12 30.69 -1.63
C TYR G 302 -49.10 29.77 -2.34
N ASN G 303 -50.28 30.30 -2.64
CA ASN G 303 -51.17 29.66 -3.61
C ASN G 303 -50.74 30.05 -5.02
N LEU G 304 -49.51 29.69 -5.36
CA LEU G 304 -48.88 30.09 -6.61
C LEU G 304 -49.71 29.74 -7.83
N LYS G 305 -49.71 30.63 -8.81
CA LYS G 305 -50.36 30.35 -10.09
C LYS G 305 -49.48 29.38 -10.86
N ALA G 306 -49.59 28.10 -10.53
CA ALA G 306 -48.76 27.07 -11.12
C ALA G 306 -49.57 26.07 -11.92
N ALA G 307 -50.89 26.15 -11.79
CA ALA G 307 -51.78 25.27 -12.54
C ALA G 307 -51.72 25.58 -14.04
N PRO G 308 -51.88 24.55 -14.89
CA PRO G 308 -51.85 24.74 -16.34
C PRO G 308 -52.93 25.70 -16.82
N GLY G 309 -52.52 26.71 -17.59
CA GLY G 309 -53.46 27.69 -18.13
C GLY G 309 -53.82 28.80 -17.15
N SER G 310 -53.00 28.98 -16.13
CA SER G 310 -53.24 30.03 -15.14
C SER G 310 -52.65 31.37 -15.60
N MET G 311 -51.86 31.34 -16.66
CA MET G 311 -51.33 32.55 -17.29
C MET G 311 -50.66 33.51 -16.31
N ILE G 312 -49.64 33.03 -15.62
CA ILE G 312 -48.93 33.83 -14.62
C ILE G 312 -48.17 34.97 -15.30
N ASP G 313 -47.85 34.81 -16.59
CA ASP G 313 -47.11 35.81 -17.34
C ASP G 313 -47.97 37.00 -17.76
N LEU G 314 -49.27 36.90 -17.56
CA LEU G 314 -50.22 37.95 -17.91
C LEU G 314 -50.49 38.84 -16.69
N MET G 315 -50.07 38.36 -15.53
CA MET G 315 -50.53 38.88 -14.26
C MET G 315 -50.06 40.31 -13.92
N LYS G 316 -49.47 40.99 -14.90
CA LYS G 316 -49.21 42.42 -14.82
C LYS G 316 -50.51 43.19 -15.06
N PHE G 317 -51.47 42.51 -15.70
CA PHE G 317 -52.78 43.07 -16.02
C PHE G 317 -53.55 43.42 -14.73
N ASP G 318 -53.09 42.87 -13.61
CA ASP G 318 -53.89 42.83 -12.38
C ASP G 318 -54.03 44.18 -11.66
N MET G 319 -53.53 45.24 -12.28
CA MET G 319 -53.72 46.59 -11.78
C MET G 319 -54.57 47.41 -12.76
N SER G 320 -55.32 46.70 -13.60
CA SER G 320 -56.17 47.30 -14.61
C SER G 320 -57.24 48.20 -14.02
N GLY G 321 -57.76 47.82 -12.86
CA GLY G 321 -58.78 48.62 -12.18
C GLY G 321 -58.20 49.96 -11.78
N CYS G 322 -57.00 49.93 -11.23
CA CYS G 322 -56.30 51.14 -10.85
C CYS G 322 -56.03 52.01 -12.08
N ALA G 323 -55.64 51.37 -13.17
CA ALA G 323 -55.36 52.08 -14.42
C ALA G 323 -56.62 52.75 -14.95
N ALA G 324 -57.74 52.04 -14.88
CA ALA G 324 -59.02 52.59 -15.32
C ALA G 324 -59.38 53.81 -14.49
N VAL G 325 -59.10 53.73 -13.19
CA VAL G 325 -59.39 54.83 -12.28
C VAL G 325 -58.49 56.03 -12.55
N LEU G 326 -57.22 55.77 -12.80
CA LEU G 326 -56.26 56.85 -13.10
C LEU G 326 -56.54 57.48 -14.46
N GLY G 327 -56.94 56.66 -15.42
CA GLY G 327 -57.27 57.15 -16.75
C GLY G 327 -58.51 58.04 -16.67
N CYS G 328 -59.41 57.67 -15.78
CA CYS G 328 -60.61 58.47 -15.53
C CYS G 328 -60.23 59.80 -14.89
N ALA G 329 -59.26 59.76 -13.98
CA ALA G 329 -58.74 60.97 -13.34
C ALA G 329 -58.22 61.94 -14.39
N TYR G 330 -57.58 61.42 -15.42
CA TYR G 330 -57.13 62.28 -16.52
C TYR G 330 -58.31 62.95 -17.20
N CYS G 331 -59.30 62.15 -17.57
CA CYS G 331 -60.46 62.65 -18.30
C CYS G 331 -61.23 63.67 -17.48
N VAL G 332 -61.42 63.37 -16.20
CA VAL G 332 -62.14 64.27 -15.32
C VAL G 332 -61.36 65.56 -15.08
N GLY G 333 -60.06 65.43 -14.83
CA GLY G 333 -59.21 66.58 -14.60
C GLY G 333 -59.11 67.48 -15.81
N THR G 334 -59.31 66.91 -16.99
CA THR G 334 -59.21 67.65 -18.24
C THR G 334 -60.55 68.29 -18.63
N LEU G 335 -61.63 67.51 -18.56
CA LEU G 335 -62.93 68.01 -18.95
C LEU G 335 -63.52 68.89 -17.86
N LYS G 336 -63.02 68.70 -16.64
CA LYS G 336 -63.41 69.50 -15.48
C LYS G 336 -64.93 69.59 -15.31
N PRO G 337 -65.57 68.48 -14.90
CA PRO G 337 -67.02 68.49 -14.66
C PRO G 337 -67.40 69.39 -13.50
N GLU G 338 -68.66 69.81 -13.46
CA GLU G 338 -69.12 70.78 -12.47
C GLU G 338 -69.94 70.15 -11.33
N ASN G 339 -69.91 70.79 -10.16
CA ASN G 339 -70.76 70.44 -9.03
C ASN G 339 -70.57 69.02 -8.52
N VAL G 340 -69.37 68.48 -8.71
CA VAL G 340 -69.08 67.12 -8.27
C VAL G 340 -67.70 67.03 -7.62
N GLU G 341 -67.57 66.11 -6.66
CA GLU G 341 -66.28 65.82 -6.04
C GLU G 341 -65.94 64.34 -6.18
N ILE G 342 -64.79 64.05 -6.79
CA ILE G 342 -64.42 62.67 -7.07
C ILE G 342 -63.16 62.27 -6.32
N HIS G 343 -63.20 61.12 -5.68
CA HIS G 343 -62.02 60.54 -5.04
C HIS G 343 -61.55 59.35 -5.86
N PHE G 344 -60.28 59.39 -6.26
CA PHE G 344 -59.69 58.30 -7.03
C PHE G 344 -58.80 57.47 -6.12
N LEU G 345 -59.24 56.25 -5.82
CA LEU G 345 -58.57 55.41 -4.83
C LEU G 345 -58.01 54.13 -5.42
N SER G 346 -56.87 53.71 -4.87
CA SER G 346 -56.30 52.41 -5.19
C SER G 346 -55.35 51.94 -4.09
N ALA G 347 -55.62 50.76 -3.54
CA ALA G 347 -54.71 50.13 -2.59
C ALA G 347 -53.68 49.32 -3.38
N VAL G 348 -52.55 49.94 -3.69
CA VAL G 348 -51.56 49.33 -4.58
C VAL G 348 -50.51 48.52 -3.82
N CYS G 349 -50.29 47.28 -4.28
CA CYS G 349 -49.25 46.44 -3.72
C CYS G 349 -48.90 45.31 -4.68
N GLU G 350 -48.10 44.36 -4.22
CA GLU G 350 -47.66 43.25 -5.04
C GLU G 350 -47.80 41.94 -4.26
N ASN G 351 -48.32 40.91 -4.91
CA ASN G 351 -48.56 39.61 -4.25
C ASN G 351 -47.48 38.61 -4.60
N MET G 352 -46.52 38.43 -3.70
CA MET G 352 -45.32 37.66 -4.00
C MET G 352 -45.11 36.51 -3.02
N VAL G 353 -44.19 35.62 -3.38
CA VAL G 353 -43.83 34.51 -2.53
C VAL G 353 -42.52 34.85 -1.83
N SER G 354 -42.54 34.80 -0.50
CA SER G 354 -41.39 35.24 0.27
C SER G 354 -41.38 34.67 1.69
N LYS G 355 -40.30 34.97 2.40
CA LYS G 355 -40.16 34.66 3.81
C LYS G 355 -41.21 35.41 4.61
N ASN G 356 -41.63 36.54 4.06
CA ASN G 356 -42.51 37.47 4.74
C ASN G 356 -43.96 37.42 4.27
N SER G 357 -44.25 36.55 3.31
CA SER G 357 -45.59 36.48 2.74
C SER G 357 -46.61 36.01 3.76
N TYR G 358 -47.84 36.47 3.60
CA TYR G 358 -48.93 35.98 4.43
C TYR G 358 -49.27 34.57 3.98
N ARG G 359 -49.66 33.73 4.93
CA ARG G 359 -49.90 32.31 4.64
C ARG G 359 -51.38 31.98 4.49
N PRO G 360 -51.68 30.91 3.74
CA PRO G 360 -53.04 30.35 3.75
C PRO G 360 -53.40 29.90 5.16
N GLY G 361 -54.55 30.33 5.65
CA GLY G 361 -54.98 29.98 7.00
C GLY G 361 -54.83 31.13 7.97
N ASP G 362 -53.97 32.09 7.63
CA ASP G 362 -53.75 33.27 8.47
C ASP G 362 -55.05 34.02 8.71
N ILE G 363 -55.23 34.50 9.94
CA ILE G 363 -56.37 35.35 10.24
C ILE G 363 -55.91 36.78 10.39
N ILE G 364 -56.50 37.66 9.59
CA ILE G 364 -56.09 39.05 9.55
C ILE G 364 -57.29 39.97 9.83
N THR G 365 -57.00 41.16 10.32
CA THR G 365 -58.05 42.09 10.71
C THR G 365 -58.13 43.30 9.78
N ALA G 366 -59.28 43.50 9.17
CA ALA G 366 -59.51 44.65 8.30
C ALA G 366 -59.67 45.93 9.12
N SER G 367 -59.61 47.07 8.44
CA SER G 367 -59.66 48.37 9.10
C SER G 367 -61.00 48.66 9.79
N ASN G 368 -62.00 47.84 9.53
CA ASN G 368 -63.30 48.00 10.19
C ASN G 368 -63.48 47.00 11.35
N GLY G 369 -62.40 46.32 11.70
CA GLY G 369 -62.41 45.43 12.84
C GLY G 369 -62.74 43.98 12.54
N LYS G 370 -63.30 43.72 11.35
CA LYS G 370 -63.63 42.35 10.98
C LYS G 370 -62.40 41.48 10.78
N THR G 371 -62.39 40.31 11.42
CA THR G 371 -61.31 39.36 11.23
C THR G 371 -61.63 38.46 10.04
N ILE G 372 -60.61 38.15 9.25
CA ILE G 372 -60.78 37.40 8.02
C ILE G 372 -59.88 36.17 7.98
N GLU G 373 -60.47 35.02 7.69
CA GLU G 373 -59.69 33.80 7.52
C GLU G 373 -59.27 33.61 6.06
N VAL G 374 -57.97 33.65 5.82
CA VAL G 374 -57.43 33.48 4.48
C VAL G 374 -57.42 32.02 4.05
N GLY G 375 -58.22 31.68 3.05
CA GLY G 375 -58.25 30.32 2.53
C GLY G 375 -57.43 30.15 1.26
N ASN G 376 -57.13 31.26 0.62
CA ASN G 376 -56.40 31.24 -0.64
C ASN G 376 -55.72 32.58 -0.90
N THR G 377 -54.40 32.58 -0.90
CA THR G 377 -53.63 33.81 -1.04
C THR G 377 -53.76 34.42 -2.43
N ASP G 378 -54.30 33.66 -3.39
CA ASP G 378 -54.46 34.16 -4.75
C ASP G 378 -55.77 34.93 -4.88
N ALA G 379 -56.59 34.92 -3.83
CA ALA G 379 -57.77 35.76 -3.79
C ALA G 379 -57.43 37.05 -3.04
N GLU G 380 -56.33 37.68 -3.45
CA GLU G 380 -55.77 38.80 -2.70
C GLU G 380 -56.49 40.11 -3.00
N GLY G 381 -57.14 40.18 -4.16
CA GLY G 381 -57.81 41.40 -4.58
C GLY G 381 -58.88 41.88 -3.63
N ARG G 382 -59.72 40.97 -3.17
CA ARG G 382 -60.82 41.31 -2.28
C ARG G 382 -60.31 41.79 -0.92
N LEU G 383 -59.10 41.37 -0.56
CA LEU G 383 -58.50 41.80 0.69
C LEU G 383 -58.07 43.28 0.61
N THR G 384 -57.41 43.64 -0.47
CA THR G 384 -57.00 45.03 -0.65
C THR G 384 -58.22 45.92 -0.86
N LEU G 385 -59.20 45.41 -1.60
CA LEU G 385 -60.43 46.16 -1.85
C LEU G 385 -61.23 46.39 -0.57
N ALA G 386 -61.18 45.40 0.33
CA ALA G 386 -61.91 45.50 1.60
C ALA G 386 -61.51 46.75 2.38
N ASP G 387 -60.20 46.92 2.58
CA ASP G 387 -59.68 48.07 3.31
C ASP G 387 -59.90 49.37 2.53
N ALA G 388 -59.81 49.28 1.20
CA ALA G 388 -60.03 50.44 0.34
C ALA G 388 -61.48 50.92 0.41
N LEU G 389 -62.42 49.96 0.48
CA LEU G 389 -63.83 50.30 0.57
C LEU G 389 -64.19 50.92 1.92
N VAL G 390 -63.55 50.44 2.98
CA VAL G 390 -63.75 51.01 4.31
C VAL G 390 -63.28 52.46 4.32
N TYR G 391 -62.11 52.67 3.75
CA TYR G 391 -61.54 54.00 3.61
C TYR G 391 -62.45 54.90 2.79
N ALA G 392 -63.01 54.34 1.72
CA ALA G 392 -63.88 55.09 0.83
C ALA G 392 -65.16 55.56 1.52
N GLU G 393 -65.78 54.67 2.29
CA GLU G 393 -67.03 55.01 2.95
C GLU G 393 -66.81 56.05 4.04
N LYS G 394 -65.61 56.05 4.63
CA LYS G 394 -65.28 57.05 5.65
C LYS G 394 -65.18 58.45 5.07
N LEU G 395 -65.03 58.53 3.76
CA LEU G 395 -64.96 59.82 3.08
C LEU G 395 -66.32 60.48 3.01
N GLY G 396 -67.38 59.70 3.24
CA GLY G 396 -68.72 60.21 3.21
C GLY G 396 -69.16 60.60 1.80
N VAL G 397 -69.21 59.61 0.92
CA VAL G 397 -69.59 59.85 -0.46
C VAL G 397 -71.00 59.34 -0.74
N ASP G 398 -71.54 59.69 -1.91
CA ASP G 398 -72.87 59.25 -2.29
C ASP G 398 -72.81 57.91 -3.01
N TYR G 399 -71.78 57.74 -3.84
CA TYR G 399 -71.59 56.49 -4.58
C TYR G 399 -70.19 55.94 -4.41
N ILE G 400 -70.10 54.63 -4.21
CA ILE G 400 -68.82 53.93 -4.29
C ILE G 400 -68.85 52.95 -5.46
N VAL G 401 -67.98 53.18 -6.43
CA VAL G 401 -67.86 52.25 -7.55
C VAL G 401 -66.45 51.68 -7.58
N ASP G 402 -66.35 50.36 -7.48
CA ASP G 402 -65.05 49.72 -7.60
C ASP G 402 -64.97 48.93 -8.89
N ILE G 403 -63.77 48.88 -9.46
CA ILE G 403 -63.54 48.15 -10.70
C ILE G 403 -62.25 47.33 -10.55
N ALA G 404 -62.32 46.05 -10.88
CA ALA G 404 -61.24 45.13 -10.55
C ALA G 404 -61.18 43.89 -11.44
N THR G 405 -59.97 43.43 -11.71
CA THR G 405 -59.76 42.13 -12.34
C THR G 405 -59.81 41.05 -11.26
N LEU G 406 -61.01 40.78 -10.76
CA LEU G 406 -61.16 40.04 -9.51
C LEU G 406 -61.16 38.53 -9.68
N THR G 407 -61.99 38.02 -10.58
CA THR G 407 -62.19 36.58 -10.69
C THR G 407 -62.08 36.04 -12.12
N GLY G 408 -61.33 34.96 -12.28
CA GLY G 408 -61.17 34.31 -13.58
C GLY G 408 -62.47 33.71 -14.08
N ALA G 409 -63.42 33.53 -13.18
CA ALA G 409 -64.73 32.99 -13.52
C ALA G 409 -65.49 33.87 -14.52
N MET G 410 -65.11 35.13 -14.62
CA MET G 410 -65.76 36.05 -15.56
C MET G 410 -65.63 35.58 -17.00
N LEU G 411 -64.56 34.85 -17.30
CA LEU G 411 -64.34 34.31 -18.62
C LEU G 411 -65.36 33.24 -18.95
N TYR G 412 -65.89 32.60 -17.90
CA TYR G 412 -66.83 31.50 -18.07
C TYR G 412 -68.27 31.98 -18.04
N SER G 413 -68.48 33.21 -17.57
CA SER G 413 -69.82 33.76 -17.44
C SER G 413 -70.16 34.72 -18.58
N LEU G 414 -69.34 35.75 -18.74
CA LEU G 414 -69.61 36.77 -19.76
C LEU G 414 -68.56 36.77 -20.86
N GLY G 415 -67.42 36.15 -20.60
CA GLY G 415 -66.37 36.06 -21.59
C GLY G 415 -65.46 37.27 -21.65
N THR G 416 -65.04 37.63 -22.87
CA THR G 416 -64.02 38.66 -23.06
C THR G 416 -64.57 39.99 -23.56
N SER G 417 -65.87 40.06 -23.79
CA SER G 417 -66.47 41.28 -24.34
C SER G 417 -67.23 42.09 -23.31
N TYR G 418 -67.96 41.41 -22.43
CA TYR G 418 -68.82 42.09 -21.44
C TYR G 418 -68.26 41.98 -20.03
N ALA G 419 -68.13 43.10 -19.35
CA ALA G 419 -67.79 43.09 -17.92
C ALA G 419 -69.05 42.85 -17.11
N GLY G 420 -68.88 42.34 -15.89
CA GLY G 420 -70.02 42.13 -15.00
C GLY G 420 -70.08 43.18 -13.92
N VAL G 421 -71.29 43.62 -13.60
CA VAL G 421 -71.45 44.58 -12.51
C VAL G 421 -72.33 44.02 -11.39
N PHE G 422 -71.87 44.21 -10.15
CA PHE G 422 -72.61 43.80 -8.96
C PHE G 422 -72.82 45.03 -8.10
N GLY G 423 -73.82 45.00 -7.24
CA GLY G 423 -74.09 46.16 -6.39
C GLY G 423 -75.15 45.95 -5.33
N ASN G 424 -75.25 46.91 -4.42
CA ASN G 424 -76.26 46.87 -3.37
C ASN G 424 -77.37 47.88 -3.61
N ASN G 425 -77.34 48.54 -4.77
CA ASN G 425 -78.26 49.63 -5.06
C ASN G 425 -78.67 49.65 -6.53
N GLU G 426 -79.97 49.53 -6.79
CA GLU G 426 -80.47 49.42 -8.14
C GLU G 426 -80.31 50.72 -8.92
N GLU G 427 -80.47 51.84 -8.23
CA GLU G 427 -80.32 53.14 -8.86
C GLU G 427 -78.89 53.31 -9.39
N LEU G 428 -77.92 52.99 -8.54
CA LEU G 428 -76.51 53.08 -8.92
C LEU G 428 -76.15 52.12 -10.05
N ILE G 429 -76.63 50.89 -9.95
CA ILE G 429 -76.38 49.88 -10.98
C ILE G 429 -76.95 50.30 -12.34
N ASN G 430 -78.15 50.86 -12.33
CA ASN G 430 -78.78 51.31 -13.56
C ASN G 430 -78.00 52.46 -14.18
N LYS G 431 -77.42 53.32 -13.34
CA LYS G 431 -76.59 54.41 -13.81
C LYS G 431 -75.33 53.88 -14.49
N ILE G 432 -74.75 52.83 -13.92
CA ILE G 432 -73.59 52.18 -14.53
C ILE G 432 -73.96 51.57 -15.88
N LEU G 433 -75.13 50.94 -15.96
CA LEU G 433 -75.61 50.34 -17.19
C LEU G 433 -75.86 51.44 -18.24
N GLN G 434 -76.37 52.57 -17.78
CA GLN G 434 -76.54 53.73 -18.65
C GLN G 434 -75.20 54.24 -19.17
N SER G 435 -74.21 54.32 -18.30
CA SER G 435 -72.88 54.75 -18.67
C SER G 435 -72.26 53.78 -19.67
N SER G 436 -72.59 52.49 -19.54
CA SER G 436 -72.12 51.46 -20.45
C SER G 436 -72.67 51.71 -21.84
N LYS G 437 -73.93 52.12 -21.90
CA LYS G 437 -74.60 52.42 -23.15
C LYS G 437 -73.94 53.60 -23.86
N THR G 438 -73.67 54.67 -23.13
CA THR G 438 -73.17 55.90 -23.72
C THR G 438 -71.66 55.86 -24.02
N SER G 439 -70.92 55.07 -23.26
CA SER G 439 -69.48 54.93 -23.48
C SER G 439 -69.16 53.80 -24.45
N ASN G 440 -70.16 52.96 -24.72
CA ASN G 440 -70.01 51.77 -25.55
C ASN G 440 -68.94 50.81 -25.01
N GLU G 441 -68.84 50.76 -23.68
CA GLU G 441 -68.06 49.73 -23.00
C GLU G 441 -69.02 48.76 -22.32
N PRO G 442 -69.21 47.58 -22.92
CA PRO G 442 -70.29 46.64 -22.55
C PRO G 442 -70.18 46.11 -21.13
N VAL G 443 -71.28 46.23 -20.39
CA VAL G 443 -71.36 45.77 -19.02
C VAL G 443 -72.69 45.04 -18.83
N TRP G 444 -72.66 43.93 -18.10
CA TRP G 444 -73.88 43.17 -17.83
C TRP G 444 -74.10 43.03 -16.34
N TRP G 445 -75.35 43.15 -15.91
CA TRP G 445 -75.69 43.07 -14.50
C TRP G 445 -75.76 41.62 -14.01
N LEU G 446 -74.94 41.29 -13.01
CA LEU G 446 -74.96 39.97 -12.42
C LEU G 446 -75.42 40.06 -10.97
N PRO G 447 -76.07 39.00 -10.47
CA PRO G 447 -76.67 39.07 -9.13
C PRO G 447 -75.71 38.78 -7.98
N ILE G 448 -75.95 39.43 -6.84
CA ILE G 448 -75.31 39.04 -5.59
C ILE G 448 -76.28 38.12 -4.85
N ILE G 449 -76.05 36.82 -4.97
CA ILE G 449 -76.97 35.82 -4.45
C ILE G 449 -76.73 35.56 -2.96
N ASN G 450 -77.66 36.02 -2.13
CA ASN G 450 -77.50 35.98 -0.68
C ASN G 450 -77.44 34.58 -0.09
N GLU G 451 -77.95 33.59 -0.84
CA GLU G 451 -77.94 32.22 -0.35
C GLU G 451 -76.53 31.67 -0.20
N TYR G 452 -75.59 32.27 -0.92
CA TYR G 452 -74.20 31.80 -0.89
C TYR G 452 -73.42 32.41 0.28
N ARG G 453 -74.02 33.39 0.95
CA ARG G 453 -73.36 34.09 2.04
C ARG G 453 -72.90 33.18 3.17
N ALA G 454 -73.69 32.14 3.44
CA ALA G 454 -73.41 31.23 4.55
C ALA G 454 -72.13 30.43 4.33
N THR G 455 -71.69 30.31 3.08
CA THR G 455 -70.48 29.57 2.77
C THR G 455 -69.22 30.36 3.13
N LEU G 456 -69.41 31.64 3.48
CA LEU G 456 -68.31 32.49 3.91
C LEU G 456 -68.21 32.57 5.44
N ASN G 457 -69.06 31.81 6.13
CA ASN G 457 -69.05 31.74 7.59
C ASN G 457 -67.85 30.96 8.12
N SER G 458 -66.94 31.67 8.80
CA SER G 458 -65.74 31.04 9.33
C SER G 458 -65.96 30.44 10.71
N LYS G 459 -65.27 29.32 10.97
CA LYS G 459 -65.35 28.66 12.27
C LYS G 459 -64.66 29.48 13.35
N TYR G 460 -63.61 30.18 12.96
CA TYR G 460 -62.78 30.90 13.92
C TYR G 460 -62.79 32.42 13.71
N ALA G 461 -62.75 32.85 12.46
CA ALA G 461 -62.80 34.28 12.15
C ALA G 461 -64.25 34.74 12.01
N ASP G 462 -64.44 36.05 11.82
CA ASP G 462 -65.76 36.60 11.57
C ASP G 462 -66.28 36.13 10.22
N ILE G 463 -65.38 36.04 9.25
CA ILE G 463 -65.75 35.71 7.89
C ILE G 463 -64.61 35.03 7.14
N ASN G 464 -64.97 34.16 6.21
CA ASN G 464 -64.00 33.55 5.31
C ASN G 464 -63.69 34.44 4.10
N GLN G 465 -62.46 34.38 3.63
CA GLN G 465 -62.05 35.07 2.41
C GLN G 465 -62.66 34.43 1.18
N ILE G 466 -62.69 33.10 1.17
CA ILE G 466 -63.21 32.36 0.02
C ILE G 466 -64.29 31.37 0.43
N SER G 467 -65.02 30.89 -0.56
CA SER G 467 -66.08 29.90 -0.38
C SER G 467 -65.61 28.46 -0.36
N SER G 468 -66.56 27.58 -0.04
CA SER G 468 -66.32 26.14 0.07
C SER G 468 -67.04 25.42 -1.08
N SER G 469 -67.50 26.22 -2.05
CA SER G 469 -68.04 25.74 -3.34
C SER G 469 -69.46 25.17 -3.19
N VAL G 470 -70.48 25.72 -3.86
CA VAL G 470 -70.56 26.94 -4.70
C VAL G 470 -69.83 26.89 -6.07
N LYS G 471 -68.51 27.08 -6.08
CA LYS G 471 -67.72 27.50 -7.25
C LYS G 471 -67.90 28.98 -7.60
N ALA G 472 -69.05 29.34 -8.18
CA ALA G 472 -69.48 30.72 -8.47
C ALA G 472 -68.66 31.84 -7.80
N SER G 473 -67.41 31.96 -8.21
CA SER G 473 -66.44 32.84 -7.54
C SER G 473 -66.76 34.33 -7.60
N SER G 474 -67.29 34.77 -8.73
CA SER G 474 -67.57 36.19 -8.93
C SER G 474 -68.64 36.70 -7.98
N ILE G 475 -69.63 35.86 -7.73
CA ILE G 475 -70.73 36.21 -6.82
C ILE G 475 -70.26 36.18 -5.38
N VAL G 476 -69.49 35.14 -5.04
CA VAL G 476 -68.93 35.00 -3.69
C VAL G 476 -68.03 36.17 -3.34
N ALA G 477 -67.20 36.58 -4.30
CA ALA G 477 -66.31 37.71 -4.10
C ALA G 477 -67.09 38.99 -3.85
N SER G 478 -68.21 39.15 -4.55
CA SER G 478 -69.08 40.30 -4.36
C SER G 478 -69.71 40.28 -2.96
N LEU G 479 -70.11 39.10 -2.52
CA LEU G 479 -70.68 38.93 -1.18
C LEU G 479 -69.69 39.34 -0.09
N PHE G 480 -68.42 38.99 -0.32
CA PHE G 480 -67.34 39.37 0.59
C PHE G 480 -67.20 40.89 0.67
N LEU G 481 -67.06 41.53 -0.49
CA LEU G 481 -66.89 42.98 -0.58
C LEU G 481 -68.06 43.72 0.06
N LYS G 482 -69.26 43.18 -0.13
CA LYS G 482 -70.48 43.79 0.38
C LYS G 482 -70.43 43.95 1.90
N GLU G 483 -69.70 43.06 2.57
CA GLU G 483 -69.54 43.08 4.02
C GLU G 483 -68.73 44.28 4.50
N PHE G 484 -68.11 45.01 3.57
CA PHE G 484 -67.23 46.11 3.93
C PHE G 484 -67.79 47.46 3.48
N VAL G 485 -69.05 47.46 3.10
CA VAL G 485 -69.78 48.70 2.83
C VAL G 485 -71.07 48.68 3.63
N GLN G 486 -71.14 49.55 4.64
CA GLN G 486 -72.18 49.45 5.65
C GLN G 486 -73.46 50.20 5.28
N ASN G 487 -73.31 51.43 4.79
CA ASN G 487 -74.49 52.24 4.51
C ASN G 487 -74.31 53.22 3.36
N THR G 488 -73.72 52.74 2.27
CA THR G 488 -73.51 53.59 1.09
C THR G 488 -73.81 52.82 -0.20
N ALA G 489 -74.44 53.50 -1.15
CA ALA G 489 -74.68 52.91 -2.46
C ALA G 489 -73.35 52.49 -3.09
N TRP G 490 -73.23 51.22 -3.43
CA TRP G 490 -71.98 50.66 -3.89
C TRP G 490 -72.18 49.71 -5.06
N ALA G 491 -71.27 49.77 -6.04
CA ALA G 491 -71.31 48.87 -7.19
C ALA G 491 -69.91 48.35 -7.49
N HIS G 492 -69.85 47.14 -8.02
CA HIS G 492 -68.57 46.45 -8.24
C HIS G 492 -68.47 45.92 -9.67
N ILE G 493 -67.44 46.35 -10.38
CA ILE G 493 -67.26 45.94 -11.77
C ILE G 493 -66.09 44.98 -11.93
N ASP G 494 -66.40 43.73 -12.28
CA ASP G 494 -65.38 42.71 -12.45
C ASP G 494 -64.93 42.67 -13.91
N ILE G 495 -63.70 43.08 -14.15
CA ILE G 495 -63.16 43.21 -15.50
C ILE G 495 -62.04 42.22 -15.79
N ALA G 496 -61.99 41.13 -15.04
CA ALA G 496 -60.93 40.12 -15.20
C ALA G 496 -60.94 39.50 -16.61
N GLY G 497 -62.13 39.39 -17.20
CA GLY G 497 -62.25 38.77 -18.51
C GLY G 497 -62.06 39.69 -19.70
N VAL G 498 -62.39 40.96 -19.53
CA VAL G 498 -62.41 41.90 -20.66
C VAL G 498 -61.21 42.85 -20.71
N SER G 499 -60.39 42.84 -19.67
CA SER G 499 -59.28 43.81 -19.57
C SER G 499 -58.23 43.61 -20.68
N TRP G 500 -57.83 42.36 -20.90
CA TRP G 500 -56.77 42.07 -21.86
C TRP G 500 -57.33 41.57 -23.19
N ASN G 501 -56.81 42.13 -24.29
CA ASN G 501 -57.17 41.70 -25.64
C ASN G 501 -56.22 40.61 -26.09
N PHE G 502 -56.64 39.35 -25.94
CA PHE G 502 -55.78 38.21 -26.22
C PHE G 502 -55.45 38.08 -27.70
N LYS G 503 -56.38 38.46 -28.56
CA LYS G 503 -56.18 38.40 -30.00
C LYS G 503 -55.13 39.43 -30.45
N ALA G 504 -55.23 40.63 -29.91
CA ALA G 504 -54.33 41.72 -30.27
C ALA G 504 -53.08 41.78 -29.38
N ARG G 505 -53.07 40.93 -28.34
CA ARG G 505 -51.94 40.84 -27.41
C ARG G 505 -51.63 42.18 -26.73
N LYS G 506 -52.68 42.85 -26.24
CA LYS G 506 -52.51 44.15 -25.63
C LYS G 506 -53.70 44.49 -24.72
N PRO G 507 -53.52 45.47 -23.81
CA PRO G 507 -54.64 45.89 -22.96
C PRO G 507 -55.72 46.62 -23.75
N LYS G 508 -56.91 46.73 -23.18
CA LYS G 508 -57.98 47.51 -23.78
C LYS G 508 -58.11 48.87 -23.12
N GLY G 509 -57.56 48.99 -21.91
CA GLY G 509 -57.78 50.18 -21.10
C GLY G 509 -59.25 50.28 -20.74
N PHE G 510 -59.87 49.12 -20.53
CA PHE G 510 -61.31 49.02 -20.31
C PHE G 510 -61.73 49.68 -19.01
N GLY G 511 -62.80 50.48 -19.09
CA GLY G 511 -63.39 51.07 -17.92
C GLY G 511 -63.24 52.58 -17.79
N VAL G 512 -62.21 53.12 -18.45
CA VAL G 512 -61.93 54.56 -18.38
C VAL G 512 -63.12 55.39 -18.87
N ARG G 513 -63.59 55.07 -20.07
CA ARG G 513 -64.71 55.80 -20.66
C ARG G 513 -65.99 55.51 -19.88
N LEU G 514 -66.14 54.27 -19.42
CA LEU G 514 -67.29 53.89 -18.62
C LEU G 514 -67.39 54.72 -17.35
N LEU G 515 -66.29 54.81 -16.61
CA LEU G 515 -66.26 55.55 -15.36
C LEU G 515 -66.40 57.06 -15.60
N THR G 516 -65.82 57.56 -16.68
CA THR G 516 -65.89 58.98 -16.99
C THR G 516 -67.31 59.40 -17.37
N GLU G 517 -67.96 58.60 -18.21
CA GLU G 517 -69.35 58.86 -18.57
C GLU G 517 -70.23 58.82 -17.33
N PHE G 518 -69.90 57.93 -16.39
CA PHE G 518 -70.64 57.83 -15.14
C PHE G 518 -70.52 59.11 -14.31
N VAL G 519 -69.30 59.61 -14.20
CA VAL G 519 -69.03 60.82 -13.42
C VAL G 519 -69.64 62.04 -14.11
N LEU G 520 -69.57 62.03 -15.44
CA LEU G 520 -70.03 63.15 -16.24
C LEU G 520 -71.54 63.28 -16.29
N ASN G 521 -72.24 62.16 -16.49
CA ASN G 521 -73.67 62.22 -16.71
C ASN G 521 -74.55 62.10 -15.47
N ASP G 522 -73.95 62.14 -14.28
CA ASP G 522 -74.68 62.08 -13.01
C ASP G 522 -73.72 62.16 -11.82
N SER H 5 -37.36 35.14 22.20
CA SER H 5 -38.53 35.53 22.99
C SER H 5 -39.36 36.59 22.27
N GLU H 6 -38.69 37.58 21.66
CA GLU H 6 -39.41 38.59 20.90
C GLU H 6 -39.72 38.08 19.50
N VAL H 7 -40.99 38.11 19.11
CA VAL H 7 -41.37 37.62 17.79
C VAL H 7 -41.14 38.72 16.75
N PRO H 8 -40.43 38.38 15.66
CA PRO H 8 -40.23 39.33 14.58
C PRO H 8 -41.53 39.66 13.87
N GLN H 9 -41.64 40.88 13.34
CA GLN H 9 -42.82 41.31 12.61
C GLN H 9 -42.41 41.88 11.26
N VAL H 10 -43.28 41.73 10.25
CA VAL H 10 -43.07 42.41 8.98
C VAL H 10 -43.71 43.79 9.06
N VAL H 11 -44.94 43.82 9.55
CA VAL H 11 -45.65 45.07 9.84
C VAL H 11 -46.07 45.10 11.31
N SER H 12 -46.45 46.27 11.80
CA SER H 12 -46.80 46.41 13.22
C SER H 12 -48.14 45.74 13.57
N LEU H 13 -48.94 45.42 12.56
CA LEU H 13 -50.23 44.80 12.78
C LEU H 13 -50.13 43.27 12.91
N ASP H 14 -48.94 42.74 12.66
CA ASP H 14 -48.71 41.31 12.85
C ASP H 14 -48.73 40.98 14.34
N PRO H 15 -49.50 39.94 14.71
CA PRO H 15 -49.65 39.54 16.12
C PRO H 15 -48.34 39.07 16.70
N THR H 16 -48.16 39.26 18.01
CA THR H 16 -46.90 38.94 18.66
C THR H 16 -47.01 37.86 19.73
N SER H 17 -48.18 37.24 19.83
CA SER H 17 -48.37 36.13 20.76
C SER H 17 -49.61 35.31 20.40
N ILE H 18 -49.64 34.07 20.84
CA ILE H 18 -50.82 33.24 20.67
C ILE H 18 -51.81 33.51 21.79
N PRO H 19 -53.00 33.98 21.44
CA PRO H 19 -54.05 34.15 22.46
C PRO H 19 -54.46 32.81 23.02
N ILE H 20 -54.39 32.65 24.34
CA ILE H 20 -54.77 31.39 24.99
C ILE H 20 -55.77 31.62 26.10
N GLU H 21 -56.87 30.88 26.04
CA GLU H 21 -57.87 30.91 27.09
C GLU H 21 -57.58 29.76 28.06
N TYR H 22 -57.17 30.10 29.28
CA TYR H 22 -56.87 29.09 30.31
C TYR H 22 -58.08 28.78 31.17
N ASN H 23 -58.77 29.82 31.62
CA ASN H 23 -59.99 29.63 32.39
C ASN H 23 -61.20 29.63 31.47
N THR H 24 -61.66 28.44 31.12
CA THR H 24 -62.78 28.28 30.22
C THR H 24 -64.07 28.24 31.02
N PRO H 25 -65.20 28.56 30.39
CA PRO H 25 -66.49 28.45 31.07
C PRO H 25 -66.74 27.06 31.65
N ILE H 26 -66.15 26.04 31.04
CA ILE H 26 -66.25 24.66 31.53
C ILE H 26 -65.69 24.56 32.95
N HIS H 27 -64.63 25.31 33.23
CA HIS H 27 -63.99 25.26 34.55
C HIS H 27 -64.86 25.87 35.64
N ASP H 28 -65.86 26.65 35.25
CA ASP H 28 -66.74 27.30 36.21
C ASP H 28 -67.98 26.46 36.48
N ILE H 29 -68.05 25.31 35.84
CA ILE H 29 -69.17 24.41 36.02
C ILE H 29 -68.95 23.55 37.25
N LYS H 30 -69.81 23.72 38.25
CA LYS H 30 -69.76 22.89 39.45
C LYS H 30 -70.37 21.52 39.14
N VAL H 31 -69.58 20.47 39.32
CA VAL H 31 -70.03 19.12 38.98
C VAL H 31 -70.28 18.27 40.23
N GLN H 32 -71.49 17.72 40.31
CA GLN H 32 -71.88 16.86 41.41
C GLN H 32 -72.33 15.49 40.91
N VAL H 33 -71.84 14.44 41.56
CA VAL H 33 -72.22 13.08 41.21
C VAL H 33 -73.03 12.45 42.34
N TYR H 34 -74.25 12.03 42.03
CA TYR H 34 -75.11 11.41 43.01
C TYR H 34 -75.34 9.95 42.65
N ASP H 35 -75.65 9.13 43.65
CA ASP H 35 -75.93 7.73 43.39
C ASP H 35 -77.39 7.60 42.96
N ILE H 36 -77.62 6.80 41.92
CA ILE H 36 -78.94 6.69 41.34
C ILE H 36 -79.87 5.95 42.29
N LYS H 37 -79.28 5.14 43.18
CA LYS H 37 -80.04 4.45 44.22
C LYS H 37 -80.36 5.47 45.31
N GLY H 38 -81.43 6.22 45.14
CA GLY H 38 -81.83 7.22 46.10
C GLY H 38 -82.81 8.18 45.46
N GLY H 39 -83.07 7.95 44.18
CA GLY H 39 -83.98 8.78 43.41
C GLY H 39 -83.35 10.03 42.84
N CYS H 40 -83.98 10.58 41.81
CA CYS H 40 -83.47 11.76 41.13
C CYS H 40 -84.34 12.96 41.47
N ASN H 41 -83.70 14.10 41.72
CA ASN H 41 -84.44 15.33 41.91
C ASN H 41 -84.52 16.13 40.63
N VAL H 42 -85.75 16.43 40.20
CA VAL H 42 -85.97 17.20 39.00
C VAL H 42 -86.53 18.58 39.34
N GLU H 43 -85.65 19.57 39.49
CA GLU H 43 -86.09 20.90 39.91
C GLU H 43 -85.94 21.96 38.80
N GLU H 44 -84.79 22.62 38.72
CA GLU H 44 -84.58 23.62 37.67
C GLU H 44 -83.74 23.07 36.51
N GLY H 45 -83.63 23.87 35.46
CA GLY H 45 -82.76 23.58 34.34
C GLY H 45 -83.21 22.39 33.52
N LEU H 46 -82.28 21.69 32.87
CA LEU H 46 -82.67 20.57 32.02
C LEU H 46 -82.20 19.22 32.58
N THR H 47 -83.11 18.25 32.63
CA THR H 47 -82.78 16.93 33.12
C THR H 47 -82.89 15.90 31.99
N ILE H 48 -81.77 15.28 31.65
CA ILE H 48 -81.73 14.34 30.53
C ILE H 48 -81.43 12.91 30.97
N PHE H 49 -82.27 11.98 30.54
CA PHE H 49 -82.08 10.56 30.83
C PHE H 49 -81.40 9.85 29.66
N LEU H 50 -80.31 9.15 29.95
CA LEU H 50 -79.66 8.32 28.93
C LEU H 50 -80.22 6.91 28.99
N VAL H 51 -81.03 6.54 27.99
CA VAL H 51 -81.75 5.28 28.01
C VAL H 51 -81.45 4.42 26.78
N ASN H 52 -81.46 3.10 26.97
CA ASN H 52 -81.30 2.15 25.89
C ASN H 52 -82.39 1.08 25.90
N ASN H 53 -82.29 0.15 24.96
CA ASN H 53 -83.18 -1.01 24.91
C ASN H 53 -82.43 -2.21 24.34
N PRO H 54 -81.85 -3.02 25.22
CA PRO H 54 -81.07 -4.18 24.80
C PRO H 54 -81.91 -5.18 24.01
N GLY H 55 -81.59 -5.36 22.73
CA GLY H 55 -82.35 -6.24 21.87
C GLY H 55 -83.09 -5.55 20.75
N LYS H 56 -84.27 -5.02 21.06
CA LYS H 56 -85.13 -4.39 20.06
C LYS H 56 -84.42 -3.19 19.45
N GLU H 57 -84.37 -3.14 18.11
CA GLU H 57 -83.66 -2.08 17.39
C GLU H 57 -84.09 -0.71 17.89
N ASN H 58 -85.27 -0.27 17.47
CA ASN H 58 -85.79 1.01 17.92
C ASN H 58 -86.91 0.71 18.91
N GLY H 59 -86.52 0.21 20.08
CA GLY H 59 -87.48 -0.20 21.09
C GLY H 59 -87.98 0.98 21.90
N PRO H 60 -89.01 0.75 22.72
CA PRO H 60 -89.66 1.80 23.51
C PRO H 60 -88.78 2.38 24.61
N VAL H 61 -89.05 3.62 25.00
CA VAL H 61 -88.32 4.24 26.10
C VAL H 61 -88.90 3.80 27.43
N LYS H 62 -88.03 3.37 28.34
CA LYS H 62 -88.45 2.99 29.68
C LYS H 62 -87.54 3.62 30.73
N ILE H 63 -88.13 4.39 31.63
CA ILE H 63 -87.37 5.07 32.67
C ILE H 63 -87.22 4.17 33.89
N SER H 64 -85.98 3.80 34.18
CA SER H 64 -85.67 2.85 35.24
C SER H 64 -85.56 3.53 36.60
N SER H 65 -85.02 4.74 36.60
CA SER H 65 -84.73 5.49 37.82
C SER H 65 -85.97 5.85 38.62
N LYS H 66 -85.82 5.86 39.93
CA LYS H 66 -86.86 6.35 40.82
C LYS H 66 -86.77 7.88 40.82
N VAL H 67 -87.89 8.55 40.68
CA VAL H 67 -87.88 10.00 40.67
C VAL H 67 -88.55 10.55 41.94
N ASN H 68 -87.81 11.37 42.69
CA ASN H 68 -88.31 11.91 43.95
C ASN H 68 -89.29 13.05 43.76
N ASP H 69 -90.18 12.88 42.79
CA ASP H 69 -91.25 13.83 42.52
C ASP H 69 -92.42 13.02 41.96
N LYS H 70 -93.58 13.09 42.61
CA LYS H 70 -94.71 12.23 42.24
C LYS H 70 -95.30 12.53 40.87
N GLN H 71 -95.48 13.81 40.53
CA GLN H 71 -96.05 14.19 39.23
C GLN H 71 -95.09 13.94 38.07
N VAL H 72 -93.80 14.21 38.27
CA VAL H 72 -92.83 13.99 37.22
C VAL H 72 -92.76 12.49 36.94
N SER H 73 -92.81 11.71 38.02
CA SER H 73 -92.87 10.26 37.91
C SER H 73 -94.09 9.84 37.10
N GLU H 74 -95.20 10.53 37.34
CA GLU H 74 -96.45 10.28 36.64
C GLU H 74 -96.36 10.63 35.16
N PHE H 75 -95.69 11.74 34.84
CA PHE H 75 -95.45 12.11 33.46
C PHE H 75 -94.61 11.03 32.77
N LEU H 76 -93.67 10.47 33.52
CA LEU H 76 -92.69 9.53 33.00
C LEU H 76 -93.15 8.07 33.00
N LYS H 77 -94.46 7.86 33.10
CA LYS H 77 -95.01 6.50 33.07
C LYS H 77 -94.63 5.78 31.79
N ASP H 78 -94.55 4.46 31.88
CA ASP H 78 -94.12 3.63 30.77
C ASP H 78 -95.10 3.78 29.61
N GLU H 79 -96.38 3.94 29.94
CA GLU H 79 -97.44 4.12 28.95
C GLU H 79 -97.21 5.40 28.16
N ASN H 80 -96.69 6.42 28.84
CA ASN H 80 -96.40 7.70 28.20
C ASN H 80 -95.13 7.64 27.36
N MET H 81 -94.15 6.89 27.84
CA MET H 81 -92.83 6.86 27.22
C MET H 81 -92.75 5.90 26.03
N GLU H 82 -93.75 5.02 25.90
CA GLU H 82 -93.72 3.99 24.87
C GLU H 82 -93.88 4.52 23.45
N LYS H 83 -94.31 5.77 23.30
CA LYS H 83 -94.42 6.40 21.99
C LYS H 83 -93.06 6.82 21.44
N PHE H 84 -92.04 6.78 22.31
CA PHE H 84 -90.70 7.16 21.92
C PHE H 84 -89.78 5.95 21.84
N ASN H 85 -88.80 6.02 20.96
CA ASN H 85 -87.87 4.91 20.80
C ASN H 85 -86.44 5.31 21.17
N VAL H 86 -85.56 4.32 21.29
CA VAL H 86 -84.22 4.53 21.82
C VAL H 86 -83.13 4.57 20.76
N LYS H 87 -83.52 4.77 19.50
CA LYS H 87 -82.55 4.88 18.40
C LYS H 87 -81.40 5.81 18.76
N LEU H 88 -80.18 5.34 18.54
CA LEU H 88 -78.96 6.05 18.92
C LEU H 88 -78.90 7.46 18.32
N GLY H 89 -78.79 8.46 19.18
CA GLY H 89 -78.71 9.84 18.74
C GLY H 89 -80.00 10.62 18.87
N THR H 90 -81.11 9.91 19.03
CA THR H 90 -82.42 10.53 19.19
C THR H 90 -82.54 11.30 20.51
N SER H 91 -83.16 12.47 20.46
CA SER H 91 -83.39 13.27 21.66
C SER H 91 -84.78 13.92 21.60
N LYS H 92 -85.39 14.11 22.76
CA LYS H 92 -86.71 14.74 22.88
C LYS H 92 -86.76 15.67 24.09
N HIS H 93 -87.66 16.66 24.06
CA HIS H 93 -87.82 17.56 25.19
C HIS H 93 -89.23 17.52 25.78
N PHE H 94 -89.32 17.55 27.11
CA PHE H 94 -90.60 17.48 27.81
C PHE H 94 -90.81 18.71 28.70
N TYR H 95 -92.04 19.21 28.74
CA TYR H 95 -92.39 20.29 29.66
C TYR H 95 -93.43 19.84 30.70
N MET H 96 -93.19 20.14 31.97
CA MET H 96 -94.16 19.77 33.02
C MET H 96 -93.96 20.55 34.32
N PHE H 97 -94.92 20.43 35.23
CA PHE H 97 -94.85 21.04 36.55
C PHE H 97 -94.57 19.99 37.63
N ASN H 98 -93.64 20.29 38.54
CA ASN H 98 -93.32 19.35 39.61
C ASN H 98 -94.24 19.44 40.83
N ASP H 99 -93.83 18.80 41.92
CA ASP H 99 -94.62 18.75 43.15
C ASP H 99 -94.82 20.11 43.80
N ASN H 100 -93.88 21.03 43.56
CA ASN H 100 -93.99 22.37 44.13
C ASN H 100 -94.64 23.31 43.13
N LYS H 101 -95.36 22.70 42.17
CA LYS H 101 -96.08 23.43 41.13
C LYS H 101 -95.18 24.39 40.37
N ASN H 102 -93.88 24.10 40.35
CA ASN H 102 -92.92 24.89 39.60
C ASN H 102 -92.56 24.19 38.28
N SER H 103 -92.35 24.96 37.23
CA SER H 103 -92.06 24.43 35.90
C SER H 103 -90.66 23.81 35.78
N VAL H 104 -90.61 22.59 35.24
CA VAL H 104 -89.36 21.86 35.06
C VAL H 104 -89.19 21.38 33.61
N ALA H 105 -87.95 21.18 33.17
CA ALA H 105 -87.69 20.66 31.83
C ALA H 105 -86.97 19.31 31.88
N VAL H 106 -87.55 18.33 31.19
CA VAL H 106 -87.04 16.95 31.20
C VAL H 106 -86.95 16.41 29.75
N GLY H 107 -86.04 15.48 29.51
CA GLY H 107 -85.93 14.85 28.21
C GLY H 107 -85.02 13.63 28.24
N TYR H 108 -84.75 13.04 27.09
CA TYR H 108 -83.85 11.89 27.07
C TYR H 108 -82.96 11.90 25.82
N VAL H 109 -81.92 11.07 25.83
CA VAL H 109 -81.13 10.79 24.65
C VAL H 109 -81.04 9.29 24.41
N GLY H 110 -81.37 8.87 23.20
CA GLY H 110 -81.35 7.47 22.84
C GLY H 110 -79.95 6.90 22.74
N CYS H 111 -79.74 5.74 23.34
CA CYS H 111 -78.42 5.11 23.35
C CYS H 111 -78.41 3.77 22.62
N GLY H 112 -79.37 3.58 21.72
CA GLY H 112 -79.41 2.41 20.85
C GLY H 112 -79.86 1.12 21.53
N SER H 113 -79.45 -0.01 20.95
CA SER H 113 -79.88 -1.32 21.45
C SER H 113 -78.70 -2.17 21.90
N VAL H 114 -77.50 -1.74 21.57
CA VAL H 114 -76.29 -2.46 21.98
C VAL H 114 -75.94 -2.10 23.41
N ALA H 115 -75.66 -3.11 24.24
CA ALA H 115 -75.42 -2.90 25.66
C ALA H 115 -74.05 -2.29 25.95
N ASP H 116 -73.12 -2.43 25.01
CA ASP H 116 -71.79 -1.87 25.19
C ASP H 116 -71.49 -0.79 24.16
N LEU H 117 -71.65 0.47 24.56
CA LEU H 117 -71.43 1.60 23.65
C LEU H 117 -69.95 1.79 23.34
N SER H 118 -69.63 1.90 22.06
CA SER H 118 -68.25 2.14 21.63
C SER H 118 -67.88 3.61 21.79
N GLU H 119 -66.62 3.93 21.48
CA GLU H 119 -66.14 5.30 21.56
C GLU H 119 -66.85 6.18 20.54
N ALA H 120 -67.15 5.61 19.37
CA ALA H 120 -67.87 6.34 18.33
C ALA H 120 -69.34 6.48 18.74
N ASP H 121 -69.87 5.44 19.37
CA ASP H 121 -71.24 5.43 19.84
C ASP H 121 -71.46 6.46 20.95
N MET H 122 -70.53 6.51 21.90
CA MET H 122 -70.62 7.48 23.00
C MET H 122 -70.49 8.91 22.51
N LYS H 123 -69.67 9.12 21.48
CA LYS H 123 -69.47 10.45 20.93
C LYS H 123 -70.74 10.94 20.25
N ARG H 124 -71.46 10.03 19.61
CA ARG H 124 -72.73 10.37 18.97
C ARG H 124 -73.75 10.80 20.01
N VAL H 125 -73.72 10.14 21.16
CA VAL H 125 -74.61 10.46 22.26
C VAL H 125 -74.36 11.86 22.80
N VAL H 126 -73.09 12.18 23.02
CA VAL H 126 -72.70 13.48 23.55
C VAL H 126 -73.11 14.63 22.64
N LEU H 127 -72.88 14.46 21.34
CA LEU H 127 -73.23 15.48 20.36
C LEU H 127 -74.75 15.74 20.36
N SER H 128 -75.53 14.68 20.56
CA SER H 128 -76.97 14.82 20.67
C SER H 128 -77.31 15.62 21.91
N LEU H 129 -76.55 15.37 22.97
CA LEU H 129 -76.70 16.10 24.22
C LEU H 129 -76.31 17.57 24.08
N VAL H 130 -75.18 17.82 23.41
CA VAL H 130 -74.65 19.17 23.26
C VAL H 130 -75.58 20.05 22.42
N THR H 131 -76.28 19.43 21.47
CA THR H 131 -77.26 20.15 20.66
C THR H 131 -78.37 20.71 21.55
N MET H 132 -78.68 19.96 22.60
CA MET H 132 -79.70 20.37 23.57
C MET H 132 -79.18 21.53 24.43
N LEU H 133 -77.86 21.54 24.64
CA LEU H 133 -77.23 22.59 25.44
C LEU H 133 -77.17 23.91 24.67
N HIS H 134 -77.02 23.80 23.35
CA HIS H 134 -76.98 24.97 22.49
C HIS H 134 -78.41 25.52 22.39
N ASP H 135 -78.58 26.65 21.70
CA ASP H 135 -79.85 27.36 21.57
C ASP H 135 -80.80 27.32 22.77
N ASN H 136 -80.29 26.96 23.95
CA ASN H 136 -81.10 26.97 25.15
C ASN H 136 -80.30 27.62 26.28
N LYS H 137 -80.92 28.55 26.99
CA LYS H 137 -80.26 29.29 28.06
C LYS H 137 -80.43 28.65 29.44
N LEU H 138 -79.92 27.44 29.58
CA LEU H 138 -80.08 26.68 30.82
C LEU H 138 -79.02 27.07 31.84
N SER H 139 -79.37 26.98 33.12
CA SER H 139 -78.43 27.29 34.20
C SER H 139 -77.84 26.01 34.78
N LYS H 140 -78.54 24.90 34.56
CA LYS H 140 -78.15 23.62 35.11
C LYS H 140 -78.52 22.50 34.16
N LEU H 141 -77.60 21.54 34.00
CA LEU H 141 -77.90 20.32 33.27
C LEU H 141 -77.81 19.13 34.21
N THR H 142 -78.78 18.23 34.13
CA THR H 142 -78.75 17.01 34.91
C THR H 142 -78.81 15.81 34.00
N VAL H 143 -77.80 14.94 34.11
CA VAL H 143 -77.72 13.75 33.27
C VAL H 143 -77.90 12.49 34.12
N VAL H 144 -78.89 11.69 33.76
CA VAL H 144 -79.19 10.45 34.49
C VAL H 144 -78.78 9.23 33.66
N PHE H 145 -77.79 8.50 34.14
CA PHE H 145 -77.29 7.32 33.43
C PHE H 145 -78.14 6.09 33.68
N GLU H 146 -79.03 5.78 32.75
CA GLU H 146 -79.80 4.55 32.80
C GLU H 146 -79.21 3.57 31.79
N ILE H 147 -77.91 3.68 31.59
CA ILE H 147 -77.17 2.75 30.75
C ILE H 147 -75.93 2.31 31.51
N ASN H 148 -75.29 1.26 31.03
CA ASN H 148 -74.09 0.76 31.69
C ASN H 148 -72.82 1.31 31.06
N VAL H 149 -72.03 2.03 31.85
CA VAL H 149 -70.77 2.57 31.39
C VAL H 149 -69.70 2.35 32.46
N ASP H 150 -68.52 1.94 32.03
CA ASP H 150 -67.43 1.79 32.96
C ASP H 150 -66.77 3.16 33.16
N LYS H 151 -65.77 3.21 34.03
CA LYS H 151 -65.13 4.45 34.40
C LYS H 151 -64.48 5.19 33.23
N ASN H 152 -63.80 4.44 32.37
CA ASN H 152 -63.10 5.02 31.24
C ASN H 152 -64.10 5.64 30.28
N LEU H 153 -65.19 4.93 30.02
CA LEU H 153 -66.22 5.43 29.12
C LEU H 153 -66.94 6.60 29.76
N PHE H 154 -67.07 6.56 31.09
CA PHE H 154 -67.67 7.66 31.83
C PHE H 154 -66.79 8.90 31.79
N ARG H 155 -65.49 8.71 31.98
CA ARG H 155 -64.54 9.81 31.92
C ARG H 155 -64.54 10.41 30.52
N PHE H 156 -64.53 9.51 29.53
CA PHE H 156 -64.56 9.89 28.12
C PHE H 156 -65.81 10.69 27.79
N PHE H 157 -66.93 10.28 28.39
CA PHE H 157 -68.19 10.99 28.24
C PHE H 157 -68.03 12.45 28.65
N LEU H 158 -67.44 12.67 29.83
CA LEU H 158 -67.25 14.01 30.36
C LEU H 158 -66.26 14.81 29.50
N GLU H 159 -65.14 14.20 29.17
CA GLU H 159 -64.14 14.83 28.31
C GLU H 159 -64.76 15.31 27.02
N THR H 160 -65.49 14.42 26.35
CA THR H 160 -66.11 14.74 25.08
C THR H 160 -67.20 15.78 25.29
N LEU H 161 -67.97 15.64 26.37
CA LEU H 161 -69.00 16.61 26.72
C LEU H 161 -68.40 18.00 26.87
N PHE H 162 -67.36 18.10 27.70
CA PHE H 162 -66.68 19.38 27.93
C PHE H 162 -66.10 19.97 26.65
N TYR H 163 -65.36 19.14 25.91
CA TYR H 163 -64.65 19.59 24.71
C TYR H 163 -65.59 20.06 23.60
N GLU H 164 -66.67 19.31 23.38
CA GLU H 164 -67.60 19.64 22.31
C GLU H 164 -68.49 20.83 22.70
N TYR H 165 -68.77 20.96 24.00
CA TYR H 165 -69.56 22.08 24.52
C TYR H 165 -68.83 23.40 24.34
N MET H 166 -67.52 23.37 24.60
CA MET H 166 -66.68 24.57 24.53
C MET H 166 -66.60 25.14 23.12
N THR H 167 -66.63 26.47 23.03
CA THR H 167 -66.54 27.15 21.74
C THR H 167 -65.37 28.13 21.72
N ASP H 168 -64.54 28.02 20.70
CA ASP H 168 -63.35 28.85 20.56
C ASP H 168 -63.67 30.16 19.83
N GLU H 169 -63.60 31.27 20.57
CA GLU H 169 -63.93 32.57 20.03
C GLU H 169 -62.78 33.57 20.11
N ARG H 170 -61.56 33.05 20.24
CA ARG H 170 -60.38 33.92 20.36
C ARG H 170 -60.19 34.84 19.17
N PHE H 171 -60.66 34.41 18.00
CA PHE H 171 -60.42 35.17 16.78
C PHE H 171 -61.68 35.82 16.24
N LYS H 172 -62.77 35.74 17.00
CA LYS H 172 -63.98 36.48 16.67
C LYS H 172 -63.86 37.93 17.15
N SER H 173 -64.40 38.84 16.34
CA SER H 173 -64.48 40.26 16.69
C SER H 173 -65.91 40.74 16.42
N THR H 174 -66.22 40.80 15.13
CA THR H 174 -67.51 41.19 14.53
C THR H 174 -67.53 42.69 14.23
N LYS H 176 -69.33 37.73 16.60
CA LYS H 176 -69.32 37.11 17.92
C LYS H 176 -70.73 36.76 18.40
N ASN H 177 -70.90 35.55 18.91
CA ASN H 177 -72.20 35.09 19.42
C ASN H 177 -72.63 35.90 20.64
N VAL H 178 -73.77 36.56 20.54
CA VAL H 178 -74.26 37.41 21.62
C VAL H 178 -75.00 36.58 22.68
N ASN H 179 -75.45 35.40 22.28
CA ASN H 179 -76.19 34.52 23.19
C ASN H 179 -75.32 33.38 23.71
N MET H 180 -74.18 33.72 24.28
CA MET H 180 -73.29 32.71 24.84
C MET H 180 -73.62 32.66 26.33
N GLU H 181 -74.01 31.49 26.81
CA GLU H 181 -74.49 31.32 28.17
C GLU H 181 -74.32 29.89 28.64
N TYR H 182 -73.14 29.58 29.17
CA TYR H 182 -72.83 28.22 29.58
C TYR H 182 -73.50 27.90 30.91
N ILE H 183 -73.86 26.63 31.09
CA ILE H 183 -74.41 26.17 32.35
C ILE H 183 -73.42 26.39 33.48
N LYS H 184 -73.92 26.49 34.70
CA LYS H 184 -73.07 26.71 35.87
C LYS H 184 -73.03 25.46 36.74
N HIS H 185 -73.96 24.54 36.50
CA HIS H 185 -74.04 23.31 37.29
C HIS H 185 -74.30 22.09 36.42
N LEU H 186 -73.61 21.00 36.74
CA LEU H 186 -73.85 19.72 36.06
C LEU H 186 -74.12 18.62 37.08
N GLY H 187 -75.31 18.04 37.01
CA GLY H 187 -75.66 16.94 37.89
C GLY H 187 -75.62 15.60 37.18
N VAL H 188 -75.00 14.61 37.81
CA VAL H 188 -74.93 13.28 37.23
C VAL H 188 -75.46 12.24 38.21
N TYR H 189 -76.50 11.52 37.78
CA TYR H 189 -77.04 10.41 38.54
C TYR H 189 -76.59 9.09 37.92
N ILE H 190 -75.95 8.24 38.72
CA ILE H 190 -75.41 7.00 38.19
C ILE H 190 -75.22 5.94 39.29
N ASN H 191 -75.37 4.67 38.93
CA ASN H 191 -75.17 3.59 39.88
C ASN H 191 -73.71 3.48 40.28
N ASN H 192 -73.48 3.18 41.57
CA ASN H 192 -72.13 3.10 42.14
C ASN H 192 -71.37 4.41 41.94
N ALA H 193 -72.05 5.52 42.27
CA ALA H 193 -71.54 6.86 42.03
C ALA H 193 -70.23 7.19 42.74
N ASP H 194 -70.04 6.62 43.92
CA ASP H 194 -68.88 6.93 44.75
C ASP H 194 -67.57 6.61 44.05
N THR H 195 -67.60 5.55 43.26
CA THR H 195 -66.42 5.09 42.53
C THR H 195 -66.15 5.99 41.31
N TYR H 196 -67.20 6.66 40.83
CA TYR H 196 -67.12 7.48 39.60
C TYR H 196 -66.73 8.92 39.89
N LYS H 197 -66.80 9.30 41.16
CA LYS H 197 -66.53 10.69 41.55
C LYS H 197 -65.09 11.09 41.21
N GLU H 198 -64.17 10.13 41.32
CA GLU H 198 -62.75 10.40 41.06
C GLU H 198 -62.48 10.74 39.60
N GLU H 199 -63.37 10.32 38.70
CA GLU H 199 -63.20 10.56 37.27
C GLU H 199 -63.52 11.99 36.85
N VAL H 200 -64.24 12.71 37.71
CA VAL H 200 -64.71 14.05 37.34
C VAL H 200 -63.57 15.01 37.09
N GLU H 201 -62.67 15.14 38.06
CA GLU H 201 -61.55 16.07 37.91
C GLU H 201 -60.49 15.54 36.97
N LYS H 202 -60.42 14.23 36.81
CA LYS H 202 -59.50 13.66 35.83
C LYS H 202 -59.98 14.04 34.43
N ALA H 203 -61.28 13.98 34.22
CA ALA H 203 -61.88 14.37 32.95
C ALA H 203 -61.68 15.85 32.66
N ARG H 204 -61.78 16.68 33.70
CA ARG H 204 -61.63 18.12 33.55
C ARG H 204 -60.20 18.48 33.17
N VAL H 205 -59.24 17.76 33.74
CA VAL H 205 -57.83 17.94 33.40
C VAL H 205 -57.56 17.46 31.98
N TYR H 206 -58.08 16.28 31.66
CA TYR H 206 -57.94 15.72 30.31
C TYR H 206 -58.60 16.62 29.27
N TYR H 207 -59.76 17.19 29.63
CA TYR H 207 -60.45 18.12 28.75
C TYR H 207 -59.53 19.27 28.35
N PHE H 208 -58.96 19.97 29.32
CA PHE H 208 -58.22 21.17 28.99
C PHE H 208 -56.92 20.85 28.26
N GLY H 209 -56.30 19.73 28.61
CA GLY H 209 -55.11 19.28 27.91
C GLY H 209 -55.40 19.13 26.43
N THR H 210 -56.55 18.52 26.13
CA THR H 210 -57.01 18.36 24.76
C THR H 210 -57.40 19.69 24.13
N TYR H 211 -58.12 20.52 24.89
CA TYR H 211 -58.56 21.82 24.39
C TYR H 211 -57.42 22.81 24.23
N TYR H 212 -56.41 22.71 25.10
CA TYR H 212 -55.22 23.55 24.99
C TYR H 212 -54.48 23.27 23.69
N ALA H 213 -54.30 21.99 23.39
CA ALA H 213 -53.68 21.56 22.14
C ALA H 213 -54.49 22.09 20.97
N SER H 214 -55.80 21.93 21.06
CA SER H 214 -56.73 22.43 20.05
C SER H 214 -56.55 23.94 19.80
N GLN H 215 -56.33 24.70 20.86
CA GLN H 215 -56.16 26.14 20.75
C GLN H 215 -54.89 26.49 19.97
N LEU H 216 -53.82 25.73 20.21
CA LEU H 216 -52.55 25.97 19.55
C LEU H 216 -52.65 25.61 18.06
N ILE H 217 -53.30 24.49 17.78
CA ILE H 217 -53.46 24.02 16.40
C ILE H 217 -54.35 24.97 15.60
N ALA H 218 -55.50 25.31 16.17
CA ALA H 218 -56.46 26.19 15.52
C ALA H 218 -55.88 27.58 15.27
N ALA H 219 -54.98 28.02 16.15
CA ALA H 219 -54.31 29.29 15.98
C ALA H 219 -53.55 29.32 14.66
N PRO H 220 -53.86 30.31 13.80
CA PRO H 220 -53.25 30.44 12.47
C PRO H 220 -51.75 30.69 12.55
N SER H 221 -51.06 30.57 11.43
CA SER H 221 -49.60 30.58 11.43
C SER H 221 -49.00 31.97 11.64
N ASN H 222 -49.79 33.01 11.42
CA ASN H 222 -49.32 34.37 11.69
C ASN H 222 -49.38 34.65 13.18
N TYR H 223 -50.22 33.91 13.88
CA TYR H 223 -50.29 33.97 15.33
C TYR H 223 -49.36 32.95 15.97
N CYS H 224 -49.43 31.71 15.47
CA CYS H 224 -48.63 30.62 16.00
C CYS H 224 -47.40 30.38 15.12
N ASN H 225 -46.28 30.94 15.54
CA ASN H 225 -45.02 30.80 14.83
C ASN H 225 -44.00 30.19 15.81
N PRO H 226 -42.82 29.77 15.32
CA PRO H 226 -41.84 29.13 16.22
C PRO H 226 -41.54 29.91 17.49
N VAL H 227 -41.53 31.24 17.40
CA VAL H 227 -41.23 32.06 18.56
C VAL H 227 -42.42 32.14 19.51
N SER H 228 -43.61 32.42 18.97
CA SER H 228 -44.79 32.58 19.81
C SER H 228 -45.23 31.24 20.42
N LEU H 229 -44.99 30.16 19.70
CA LEU H 229 -45.34 28.83 20.19
C LEU H 229 -44.40 28.43 21.33
N SER H 230 -43.13 28.75 21.18
CA SER H 230 -42.13 28.46 22.21
C SER H 230 -42.34 29.34 23.44
N ASN H 231 -42.76 30.59 23.22
CA ASN H 231 -43.09 31.48 24.32
C ASN H 231 -44.27 30.94 25.13
N ALA H 232 -45.26 30.40 24.43
CA ALA H 232 -46.43 29.82 25.08
C ALA H 232 -46.04 28.59 25.92
N ALA H 233 -45.06 27.84 25.42
CA ALA H 233 -44.57 26.66 26.12
C ALA H 233 -43.86 27.03 27.42
N VAL H 234 -43.13 28.14 27.38
CA VAL H 234 -42.47 28.67 28.57
C VAL H 234 -43.53 29.10 29.58
N GLU H 235 -44.51 29.84 29.09
CA GLU H 235 -45.63 30.32 29.90
C GLU H 235 -46.38 29.16 30.55
N LEU H 236 -46.59 28.09 29.80
CA LEU H 236 -47.24 26.89 30.31
C LEU H 236 -46.37 26.20 31.36
N ALA H 237 -45.08 26.09 31.06
CA ALA H 237 -44.13 25.45 31.97
C ALA H 237 -44.03 26.20 33.29
N GLN H 238 -44.10 27.53 33.22
CA GLN H 238 -44.01 28.35 34.42
C GLN H 238 -45.22 28.18 35.33
N LYS H 239 -46.41 28.06 34.74
CA LYS H 239 -47.64 27.84 35.50
C LYS H 239 -47.72 26.45 36.11
N LEU H 240 -47.05 25.49 35.49
CA LEU H 240 -47.15 24.09 35.92
C LEU H 240 -45.94 23.72 36.73
N ASN H 241 -45.05 24.70 36.90
CA ASN H 241 -43.82 24.52 37.63
C ASN H 241 -42.97 23.38 37.05
N LEU H 242 -42.90 23.34 35.72
CA LEU H 242 -42.03 22.39 35.02
C LEU H 242 -40.70 23.04 34.67
N GLU H 243 -39.62 22.27 34.69
CA GLU H 243 -38.35 22.76 34.20
C GLU H 243 -38.49 22.99 32.69
N TYR H 244 -37.88 24.07 32.20
CA TYR H 244 -38.01 24.40 30.79
C TYR H 244 -36.74 24.99 30.22
N LYS H 245 -36.51 24.74 28.94
CA LYS H 245 -35.32 25.21 28.24
C LYS H 245 -35.64 25.40 26.78
N ILE H 246 -35.40 26.59 26.26
CA ILE H 246 -35.63 26.88 24.86
C ILE H 246 -34.32 27.07 24.13
N LEU H 247 -34.02 26.16 23.21
CA LEU H 247 -32.76 26.21 22.48
C LEU H 247 -32.91 27.09 21.25
N GLY H 248 -32.03 28.08 21.10
CA GLY H 248 -32.06 28.97 19.96
C GLY H 248 -31.07 28.52 18.89
N VAL H 249 -30.98 29.28 17.81
CA VAL H 249 -30.18 28.89 16.66
C VAL H 249 -28.72 28.65 17.03
N LYS H 250 -28.17 29.50 17.89
CA LYS H 250 -26.76 29.39 18.27
C LYS H 250 -26.43 28.10 19.02
N GLU H 251 -27.31 27.67 19.93
CA GLU H 251 -27.11 26.41 20.63
C GLU H 251 -27.29 25.24 19.67
N LEU H 252 -28.28 25.37 18.80
CA LEU H 252 -28.61 24.31 17.85
C LEU H 252 -27.47 24.09 16.87
N GLU H 253 -26.79 25.18 16.50
CA GLU H 253 -25.61 25.07 15.63
C GLU H 253 -24.48 24.35 16.38
N GLU H 254 -24.33 24.68 17.66
CA GLU H 254 -23.30 24.06 18.47
C GLU H 254 -23.59 22.58 18.69
N LEU H 255 -24.87 22.24 18.71
CA LEU H 255 -25.32 20.85 18.81
C LEU H 255 -25.37 20.16 17.45
N LYS H 256 -25.07 20.91 16.40
CA LYS H 256 -24.94 20.39 15.04
C LYS H 256 -26.23 19.76 14.49
N MET H 257 -27.37 20.39 14.77
CA MET H 257 -28.65 19.91 14.26
C MET H 257 -28.91 20.42 12.84
N GLY H 258 -28.15 19.90 11.86
CA GLY H 258 -28.22 20.39 10.50
C GLY H 258 -29.49 20.09 9.73
N ALA H 259 -30.13 18.97 10.06
CA ALA H 259 -31.38 18.60 9.39
C ALA H 259 -32.52 19.53 9.80
N TYR H 260 -32.66 19.71 11.11
CA TYR H 260 -33.67 20.60 11.69
C TYR H 260 -33.44 22.06 11.28
N LEU H 261 -32.19 22.50 11.33
CA LEU H 261 -31.86 23.89 11.00
C LEU H 261 -32.10 24.19 9.52
N SER H 262 -31.91 23.19 8.66
CA SER H 262 -32.09 23.36 7.23
C SER H 262 -33.55 23.66 6.85
N VAL H 263 -34.47 22.96 7.51
CA VAL H 263 -35.90 23.14 7.23
C VAL H 263 -36.34 24.57 7.53
N GLY H 264 -35.79 25.14 8.60
CA GLY H 264 -36.18 26.48 9.03
C GLY H 264 -35.42 27.61 8.35
N LYS H 265 -34.42 27.27 7.54
CA LYS H 265 -33.58 28.28 6.88
C LYS H 265 -34.39 29.31 6.10
N GLY H 266 -35.44 28.86 5.42
CA GLY H 266 -36.24 29.73 4.57
C GLY H 266 -37.29 30.54 5.30
N SER H 267 -37.31 30.44 6.63
CA SER H 267 -38.31 31.12 7.44
C SER H 267 -37.78 32.43 8.04
N MET H 268 -38.68 33.37 8.29
CA MET H 268 -38.32 34.64 8.93
C MET H 268 -38.25 34.48 10.45
N TYR H 269 -38.78 33.35 10.95
CA TYR H 269 -38.75 33.05 12.38
C TYR H 269 -37.63 32.06 12.69
N PRO H 270 -36.76 32.42 13.65
CA PRO H 270 -35.67 31.54 14.09
C PRO H 270 -36.18 30.23 14.69
N ASN H 271 -35.48 29.14 14.41
CA ASN H 271 -35.81 27.85 15.02
C ASN H 271 -35.78 27.92 16.54
N LYS H 272 -36.74 27.25 17.18
CA LYS H 272 -36.80 27.19 18.63
C LYS H 272 -37.08 25.77 19.07
N PHE H 273 -36.13 25.18 19.78
CA PHE H 273 -36.28 23.82 20.26
C PHE H 273 -36.86 23.83 21.67
N ILE H 274 -38.05 23.26 21.81
CA ILE H 274 -38.73 23.24 23.11
C ILE H 274 -38.31 22.01 23.92
N HIS H 275 -37.86 22.23 25.15
CA HIS H 275 -37.51 21.16 26.05
C HIS H 275 -38.07 21.40 27.44
N LEU H 276 -39.18 20.74 27.74
CA LEU H 276 -39.78 20.79 29.07
C LEU H 276 -39.48 19.48 29.80
N THR H 277 -39.32 19.56 31.12
CA THR H 277 -39.03 18.36 31.90
C THR H 277 -39.87 18.29 33.17
N TYR H 278 -40.53 17.15 33.36
CA TYR H 278 -41.19 16.84 34.61
C TYR H 278 -40.46 15.72 35.36
N LYS H 279 -40.08 15.97 36.60
CA LYS H 279 -39.48 14.93 37.41
C LYS H 279 -40.29 14.75 38.68
N SER H 280 -40.80 13.54 38.88
CA SER H 280 -41.50 13.18 40.12
C SER H 280 -40.61 13.31 41.34
N LYS H 281 -41.24 13.36 42.51
CA LYS H 281 -40.49 13.37 43.75
C LYS H 281 -40.13 11.93 44.10
N GLY H 282 -38.93 11.74 44.64
CA GLY H 282 -38.48 10.41 45.04
C GLY H 282 -37.73 9.66 43.96
N ASP H 283 -37.84 8.33 43.99
CA ASP H 283 -37.15 7.48 43.02
C ASP H 283 -37.80 7.50 41.63
N VAL H 284 -36.97 7.78 40.62
CA VAL H 284 -37.41 7.74 39.22
C VAL H 284 -37.23 6.33 38.69
N LYS H 285 -38.33 5.71 38.26
CA LYS H 285 -38.25 4.32 37.84
C LYS H 285 -38.31 4.20 36.32
N LYS H 286 -38.90 5.19 35.66
CA LYS H 286 -38.97 5.23 34.20
C LYS H 286 -38.71 6.64 33.67
N LYS H 287 -37.86 6.75 32.66
CA LYS H 287 -37.64 8.04 32.00
C LYS H 287 -38.20 8.00 30.59
N ILE H 288 -39.03 8.98 30.26
CA ILE H 288 -39.72 9.00 28.98
C ILE H 288 -39.55 10.33 28.25
N ALA H 289 -39.22 10.27 26.97
CA ALA H 289 -39.17 11.45 26.13
C ALA H 289 -40.35 11.47 25.14
N LEU H 290 -41.15 12.52 25.20
CA LEU H 290 -42.23 12.70 24.25
C LEU H 290 -41.84 13.76 23.22
N VAL H 291 -41.80 13.36 21.95
CA VAL H 291 -41.36 14.24 20.88
C VAL H 291 -42.50 14.58 19.94
N GLY H 292 -42.69 15.85 19.66
CA GLY H 292 -43.76 16.27 18.77
C GLY H 292 -43.26 17.03 17.55
N LYS H 293 -43.81 16.70 16.38
CA LYS H 293 -43.50 17.48 15.18
C LYS H 293 -44.06 18.87 15.35
N GLY H 294 -43.22 19.88 15.13
CA GLY H 294 -43.62 21.25 15.36
C GLY H 294 -43.39 22.17 14.17
N ILE H 295 -44.06 21.88 13.06
CA ILE H 295 -44.03 22.76 11.90
C ILE H 295 -45.25 23.70 11.97
N THR H 296 -44.99 24.96 12.30
CA THR H 296 -46.07 25.91 12.53
C THR H 296 -46.81 26.21 11.23
N PHE H 297 -46.10 26.13 10.11
CA PHE H 297 -46.74 26.14 8.80
C PHE H 297 -45.89 25.37 7.77
N ASP H 298 -46.54 24.49 7.03
CA ASP H 298 -45.85 23.69 6.01
C ASP H 298 -46.30 24.06 4.61
N SER H 299 -45.54 24.94 3.96
CA SER H 299 -45.84 25.32 2.58
C SER H 299 -45.37 24.23 1.63
N GLY H 300 -44.50 23.35 2.13
CA GLY H 300 -43.93 22.30 1.31
C GLY H 300 -42.52 22.64 0.85
N GLY H 301 -42.12 23.88 1.05
CA GLY H 301 -40.83 24.36 0.56
C GLY H 301 -40.84 24.49 -0.95
N TYR H 302 -39.68 24.31 -1.57
CA TYR H 302 -39.59 24.41 -3.02
C TYR H 302 -40.37 23.30 -3.69
N ASN H 303 -40.58 22.20 -2.96
CA ASN H 303 -41.60 21.23 -3.34
C ASN H 303 -42.96 21.71 -2.86
N LEU H 304 -43.36 22.87 -3.36
CA LEU H 304 -44.57 23.58 -2.93
C LEU H 304 -45.81 22.70 -2.99
N LYS H 305 -46.71 22.89 -2.02
CA LYS H 305 -48.01 22.23 -2.06
C LYS H 305 -48.91 22.92 -3.07
N ALA H 306 -48.72 22.58 -4.34
CA ALA H 306 -49.43 23.24 -5.42
C ALA H 306 -50.34 22.26 -6.15
N ALA H 307 -50.17 20.97 -5.85
CA ALA H 307 -51.01 19.93 -6.42
C ALA H 307 -52.44 20.06 -5.91
N PRO H 308 -53.41 19.68 -6.75
CA PRO H 308 -54.83 19.72 -6.35
C PRO H 308 -55.13 18.84 -5.13
N GLY H 309 -55.75 19.42 -4.11
CA GLY H 309 -56.12 18.67 -2.93
C GLY H 309 -54.99 18.46 -1.94
N SER H 310 -53.95 19.27 -2.06
CA SER H 310 -52.81 19.18 -1.14
C SER H 310 -53.09 19.97 0.14
N MET H 311 -54.20 20.73 0.11
CA MET H 311 -54.70 21.44 1.29
C MET H 311 -53.67 22.29 2.01
N ILE H 312 -53.07 23.23 1.29
CA ILE H 312 -52.05 24.09 1.88
C ILE H 312 -52.65 25.04 2.92
N ASP H 313 -53.95 25.31 2.81
CA ASP H 313 -54.62 26.24 3.71
C ASP H 313 -54.89 25.63 5.08
N LEU H 314 -54.70 24.32 5.19
CA LEU H 314 -54.92 23.62 6.43
C LEU H 314 -53.62 23.47 7.22
N MET H 315 -52.50 23.70 6.54
CA MET H 315 -51.19 23.30 7.04
C MET H 315 -50.70 24.06 8.27
N LYS H 316 -51.59 24.78 8.94
CA LYS H 316 -51.27 25.30 10.26
C LYS H 316 -51.29 24.15 11.27
N PHE H 317 -52.04 23.09 10.95
CA PHE H 317 -52.16 21.91 11.83
C PHE H 317 -50.84 21.14 11.95
N ASP H 318 -49.86 21.46 11.11
CA ASP H 318 -48.66 20.62 10.99
C ASP H 318 -47.78 20.65 12.24
N MET H 319 -48.26 21.30 13.30
CA MET H 319 -47.60 21.28 14.60
C MET H 319 -48.47 20.60 15.65
N SER H 320 -49.40 19.78 15.18
CA SER H 320 -50.34 19.06 16.03
C SER H 320 -49.61 18.13 17.00
N GLY H 321 -48.52 17.54 16.53
CA GLY H 321 -47.72 16.65 17.36
C GLY H 321 -47.15 17.39 18.54
N CYS H 322 -46.62 18.58 18.28
CA CYS H 322 -46.09 19.43 19.35
C CYS H 322 -47.19 19.83 20.33
N ALA H 323 -48.36 20.17 19.79
CA ALA H 323 -49.49 20.58 20.61
C ALA H 323 -49.94 19.43 21.51
N ALA H 324 -49.94 18.22 20.96
CA ALA H 324 -50.28 17.03 21.71
C ALA H 324 -49.31 16.82 22.86
N VAL H 325 -48.03 17.09 22.59
CA VAL H 325 -47.00 16.94 23.61
C VAL H 325 -47.19 17.98 24.72
N LEU H 326 -47.50 19.21 24.34
CA LEU H 326 -47.73 20.28 25.31
C LEU H 326 -48.99 20.09 26.14
N GLY H 327 -50.04 19.60 25.51
CA GLY H 327 -51.29 19.33 26.22
C GLY H 327 -51.09 18.23 27.23
N CYS H 328 -50.23 17.28 26.88
CA CYS H 328 -49.86 16.20 27.78
C CYS H 328 -49.04 16.74 28.95
N ALA H 329 -48.17 17.70 28.66
CA ALA H 329 -47.37 18.35 29.70
C ALA H 329 -48.28 18.97 30.75
N TYR H 330 -49.40 19.54 30.30
CA TYR H 330 -50.38 20.11 31.22
C TYR H 330 -50.96 19.05 32.14
N CYS H 331 -51.42 17.95 31.56
CA CYS H 331 -52.07 16.88 32.32
C CYS H 331 -51.09 16.28 33.32
N VAL H 332 -49.86 16.04 32.89
CA VAL H 332 -48.84 15.48 33.77
C VAL H 332 -48.44 16.46 34.86
N GLY H 333 -48.23 17.72 34.48
CA GLY H 333 -47.87 18.75 35.43
C GLY H 333 -48.97 19.00 36.44
N THR H 334 -50.19 18.69 36.06
CA THR H 334 -51.35 18.90 36.92
C THR H 334 -51.61 17.67 37.80
N LEU H 335 -51.61 16.49 37.19
CA LEU H 335 -51.91 15.27 37.92
C LEU H 335 -50.72 14.79 38.74
N LYS H 336 -49.54 15.27 38.39
CA LYS H 336 -48.31 14.96 39.11
C LYS H 336 -48.14 13.46 39.39
N PRO H 337 -47.85 12.68 38.35
CA PRO H 337 -47.62 11.24 38.52
C PRO H 337 -46.36 10.96 39.34
N GLU H 338 -46.27 9.76 39.90
CA GLU H 338 -45.17 9.39 40.76
C GLU H 338 -44.14 8.53 40.05
N ASN H 339 -42.89 8.62 40.52
CA ASN H 339 -41.81 7.73 40.10
C ASN H 339 -41.49 7.77 38.61
N VAL H 340 -41.74 8.91 37.96
CA VAL H 340 -41.48 9.03 36.54
C VAL H 340 -40.82 10.37 36.18
N GLU H 341 -39.95 10.36 35.17
CA GLU H 341 -39.36 11.59 34.64
C GLU H 341 -39.65 11.74 33.16
N ILE H 342 -40.31 12.84 32.79
CA ILE H 342 -40.73 13.04 31.41
C ILE H 342 -40.09 14.26 30.76
N HIS H 343 -39.56 14.08 29.57
CA HIS H 343 -39.06 15.18 28.78
C HIS H 343 -40.00 15.45 27.61
N PHE H 344 -40.47 16.70 27.52
CA PHE H 344 -41.37 17.11 26.45
C PHE H 344 -40.57 17.87 25.40
N LEU H 345 -40.41 17.26 24.24
CA LEU H 345 -39.52 17.80 23.21
C LEU H 345 -40.27 18.20 21.94
N SER H 346 -39.82 19.28 21.31
CA SER H 346 -40.32 19.68 20.01
C SER H 346 -39.32 20.57 19.28
N ALA H 347 -38.91 20.14 18.10
CA ALA H 347 -38.07 20.96 17.24
C ALA H 347 -38.99 21.84 16.39
N VAL H 348 -39.26 23.05 16.87
CA VAL H 348 -40.23 23.92 16.23
C VAL H 348 -39.59 24.82 15.18
N CYS H 349 -40.20 24.86 14.00
CA CYS H 349 -39.77 25.75 12.94
C CYS H 349 -40.87 25.90 11.89
N GLU H 350 -40.54 26.53 10.78
CA GLU H 350 -41.49 26.82 9.72
C GLU H 350 -40.87 26.49 8.35
N ASN H 351 -41.64 25.83 7.49
CA ASN H 351 -41.14 25.41 6.16
C ASN H 351 -41.59 26.36 5.06
N MET H 352 -40.73 27.28 4.65
CA MET H 352 -41.14 28.36 3.76
C MET H 352 -40.31 28.43 2.48
N VAL H 353 -40.80 29.20 1.51
CA VAL H 353 -40.11 29.42 0.26
C VAL H 353 -39.41 30.78 0.27
N SER H 354 -38.11 30.76 0.08
CA SER H 354 -37.28 31.94 0.21
C SER H 354 -35.97 31.76 -0.55
N LYS H 355 -35.18 32.83 -0.65
CA LYS H 355 -33.85 32.74 -1.22
C LYS H 355 -32.96 31.90 -0.31
N ASN H 356 -33.37 31.79 0.95
CA ASN H 356 -32.57 31.13 1.97
C ASN H 356 -33.04 29.70 2.26
N SER H 357 -34.09 29.27 1.56
CA SER H 357 -34.66 27.93 1.79
C SER H 357 -33.71 26.82 1.39
N TYR H 358 -33.83 25.67 2.04
CA TYR H 358 -33.09 24.49 1.61
C TYR H 358 -33.73 23.99 0.32
N ARG H 359 -32.91 23.47 -0.59
CA ARG H 359 -33.39 23.06 -1.90
C ARG H 359 -33.53 21.55 -2.03
N PRO H 360 -34.41 21.10 -2.93
CA PRO H 360 -34.43 19.69 -3.30
C PRO H 360 -33.08 19.28 -3.86
N GLY H 361 -32.51 18.19 -3.36
CA GLY H 361 -31.21 17.72 -3.82
C GLY H 361 -30.10 18.01 -2.83
N ASP H 362 -30.33 18.96 -1.93
CA ASP H 362 -29.35 19.33 -0.91
C ASP H 362 -28.98 18.14 -0.03
N ILE H 363 -27.70 18.05 0.31
CA ILE H 363 -27.25 17.06 1.26
C ILE H 363 -26.93 17.73 2.58
N ILE H 364 -27.58 17.25 3.64
CA ILE H 364 -27.47 17.87 4.95
C ILE H 364 -26.99 16.85 5.98
N THR H 365 -26.35 17.34 7.04
CA THR H 365 -25.77 16.46 8.05
C THR H 365 -26.54 16.53 9.37
N ALA H 366 -27.04 15.40 9.83
CA ALA H 366 -27.75 15.33 11.09
C ALA H 366 -26.79 15.38 12.27
N SER H 367 -27.33 15.59 13.47
CA SER H 367 -26.53 15.71 14.69
C SER H 367 -25.82 14.39 15.07
N ASN H 368 -26.22 13.30 14.44
CA ASN H 368 -25.57 12.02 14.69
C ASN H 368 -24.56 11.68 13.61
N GLY H 369 -24.25 12.67 12.76
CA GLY H 369 -23.22 12.52 11.75
C GLY H 369 -23.71 12.02 10.42
N LYS H 370 -24.92 11.48 10.37
CA LYS H 370 -25.47 10.97 9.11
C LYS H 370 -25.75 12.06 8.10
N THR H 371 -25.25 11.87 6.88
CA THR H 371 -25.55 12.79 5.79
C THR H 371 -26.82 12.34 5.09
N ILE H 372 -27.67 13.30 4.77
CA ILE H 372 -28.99 13.01 4.22
C ILE H 372 -29.21 13.73 2.89
N GLU H 373 -29.61 12.99 1.87
CA GLU H 373 -29.94 13.62 0.60
C GLU H 373 -31.42 13.98 0.57
N VAL H 374 -31.70 15.27 0.50
CA VAL H 374 -33.07 15.76 0.45
C VAL H 374 -33.66 15.56 -0.94
N GLY H 375 -34.67 14.71 -1.05
CA GLY H 375 -35.31 14.47 -2.32
C GLY H 375 -36.61 15.24 -2.47
N ASN H 376 -37.14 15.71 -1.33
CA ASN H 376 -38.40 16.43 -1.32
C ASN H 376 -38.50 17.28 -0.07
N THR H 377 -38.54 18.59 -0.28
CA THR H 377 -38.56 19.55 0.82
C THR H 377 -39.88 19.51 1.59
N ASP H 378 -40.89 18.86 1.03
CA ASP H 378 -42.20 18.76 1.69
C ASP H 378 -42.22 17.58 2.66
N ALA H 379 -41.18 16.76 2.63
CA ALA H 379 -41.01 15.72 3.63
C ALA H 379 -40.11 16.23 4.75
N GLU H 380 -40.46 17.41 5.27
CA GLU H 380 -39.60 18.11 6.21
C GLU H 380 -39.74 17.61 7.63
N GLY H 381 -40.88 17.00 7.94
CA GLY H 381 -41.17 16.56 9.28
C GLY H 381 -40.16 15.56 9.81
N ARG H 382 -39.80 14.60 8.98
CA ARG H 382 -38.87 13.55 9.39
C ARG H 382 -37.45 14.10 9.60
N LEU H 383 -37.15 15.22 8.95
CA LEU H 383 -35.84 15.86 9.12
C LEU H 383 -35.72 16.52 10.49
N THR H 384 -36.76 17.24 10.89
CA THR H 384 -36.79 17.89 12.20
C THR H 384 -36.86 16.82 13.30
N LEU H 385 -37.65 15.79 13.05
CA LEU H 385 -37.78 14.69 14.01
C LEU H 385 -36.47 13.94 14.16
N ALA H 386 -35.71 13.83 13.07
CA ALA H 386 -34.44 13.11 13.09
C ALA H 386 -33.50 13.69 14.16
N ASP H 387 -33.28 15.00 14.11
CA ASP H 387 -32.40 15.65 15.08
C ASP H 387 -33.02 15.65 16.46
N ALA H 388 -34.35 15.74 16.52
CA ALA H 388 -35.07 15.71 17.79
C ALA H 388 -34.95 14.35 18.46
N LEU H 389 -34.99 13.29 17.66
CA LEU H 389 -34.87 11.94 18.18
C LEU H 389 -33.46 11.68 18.68
N VAL H 390 -32.47 12.24 17.98
CA VAL H 390 -31.08 12.15 18.39
C VAL H 390 -30.89 12.85 19.74
N TYR H 391 -31.49 14.02 19.87
CA TYR H 391 -31.48 14.77 21.12
C TYR H 391 -32.12 13.97 22.25
N ALA H 392 -33.21 13.29 21.92
CA ALA H 392 -33.96 12.50 22.90
C ALA H 392 -33.14 11.33 23.44
N GLU H 393 -32.46 10.62 22.54
CA GLU H 393 -31.67 9.45 22.93
C GLU H 393 -30.47 9.86 23.76
N LYS H 394 -30.00 11.08 23.53
CA LYS H 394 -28.88 11.63 24.26
C LYS H 394 -29.22 11.87 25.72
N LEU H 395 -30.52 11.97 26.02
CA LEU H 395 -30.98 12.16 27.39
C LEU H 395 -30.92 10.86 28.21
N GLY H 396 -30.78 9.73 27.52
CA GLY H 396 -30.70 8.45 28.19
C GLY H 396 -32.03 8.05 28.82
N VAL H 397 -33.05 7.89 27.99
CA VAL H 397 -34.38 7.51 28.47
C VAL H 397 -34.71 6.06 28.19
N ASP H 398 -35.82 5.58 28.74
CA ASP H 398 -36.27 4.21 28.54
C ASP H 398 -37.15 4.12 27.30
N TYR H 399 -37.98 5.13 27.10
CA TYR H 399 -38.90 5.17 25.97
C TYR H 399 -38.78 6.48 25.20
N ILE H 400 -38.74 6.37 23.86
CA ILE H 400 -38.90 7.54 23.01
C ILE H 400 -40.19 7.39 22.21
N VAL H 401 -41.13 8.29 22.43
CA VAL H 401 -42.37 8.27 21.66
C VAL H 401 -42.53 9.59 20.91
N ASP H 402 -42.62 9.51 19.58
CA ASP H 402 -42.85 10.70 18.79
C ASP H 402 -44.26 10.66 18.21
N ILE H 403 -44.86 11.83 18.08
CA ILE H 403 -46.20 11.94 17.52
C ILE H 403 -46.20 13.08 16.49
N ALA H 404 -46.71 12.80 15.29
CA ALA H 404 -46.50 13.72 14.17
C ALA H 404 -47.54 13.58 13.05
N THR H 405 -47.90 14.70 12.44
CA THR H 405 -48.68 14.71 11.22
C THR H 405 -47.73 14.50 10.03
N LEU H 406 -47.25 13.27 9.90
CA LEU H 406 -46.10 12.99 9.04
C LEU H 406 -46.43 12.73 7.58
N THR H 407 -47.38 11.84 7.32
CA THR H 407 -47.65 11.42 5.94
C THR H 407 -49.13 11.46 5.58
N GLY H 408 -49.42 12.04 4.41
CA GLY H 408 -50.78 12.11 3.90
C GLY H 408 -51.33 10.73 3.55
N ALA H 409 -50.43 9.77 3.41
CA ALA H 409 -50.82 8.40 3.09
C ALA H 409 -51.70 7.76 4.18
N MET H 410 -51.65 8.30 5.39
CA MET H 410 -52.46 7.78 6.49
C MET H 410 -53.95 7.85 6.18
N LEU H 411 -54.34 8.82 5.36
CA LEU H 411 -55.73 8.97 4.97
C LEU H 411 -56.19 7.81 4.10
N TYR H 412 -55.24 7.18 3.42
CA TYR H 412 -55.54 6.07 2.51
C TYR H 412 -55.42 4.73 3.21
N SER H 413 -54.81 4.73 4.39
CA SER H 413 -54.58 3.49 5.12
C SER H 413 -55.60 3.29 6.25
N LEU H 414 -55.66 4.24 7.16
CA LEU H 414 -56.56 4.12 8.31
C LEU H 414 -57.66 5.18 8.28
N GLY H 415 -57.45 6.23 7.49
CA GLY H 415 -58.45 7.26 7.35
C GLY H 415 -58.40 8.31 8.45
N THR H 416 -59.57 8.76 8.88
CA THR H 416 -59.66 9.90 9.78
C THR H 416 -60.00 9.52 11.23
N SER H 417 -60.17 8.23 11.50
CA SER H 417 -60.55 7.81 12.85
C SER H 417 -59.38 7.18 13.62
N TYR H 418 -58.58 6.36 12.93
CA TYR H 418 -57.51 5.63 13.61
C TYR H 418 -56.14 6.18 13.25
N ALA H 419 -55.34 6.49 14.27
CA ALA H 419 -53.95 6.86 14.05
C ALA H 419 -53.11 5.60 13.88
N GLY H 420 -51.97 5.72 13.22
CA GLY H 420 -51.09 4.58 13.04
C GLY H 420 -49.90 4.69 13.95
N VAL H 421 -49.48 3.55 14.52
CA VAL H 421 -48.30 3.53 15.35
C VAL H 421 -47.25 2.58 14.78
N PHE H 422 -46.00 3.06 14.75
CA PHE H 422 -44.88 2.27 14.29
C PHE H 422 -43.87 2.21 15.42
N GLY H 423 -42.99 1.21 15.41
CA GLY H 423 -42.00 1.10 16.46
C GLY H 423 -40.95 0.03 16.26
N ASN H 424 -39.93 0.06 17.10
CA ASN H 424 -38.87 -0.95 17.07
C ASN H 424 -38.95 -1.92 18.25
N ASN H 425 -39.99 -1.78 19.05
CA ASN H 425 -40.13 -2.54 20.29
C ASN H 425 -41.59 -2.89 20.60
N GLU H 426 -41.88 -4.19 20.76
CA GLU H 426 -43.26 -4.66 20.88
C GLU H 426 -43.97 -4.26 22.17
N GLU H 427 -43.26 -4.27 23.30
CA GLU H 427 -43.85 -3.84 24.56
C GLU H 427 -44.27 -2.37 24.54
N LEU H 428 -43.40 -1.52 24.02
CA LEU H 428 -43.74 -0.11 23.94
C LEU H 428 -44.96 0.07 23.05
N ILE H 429 -45.00 -0.66 21.94
CA ILE H 429 -46.14 -0.61 21.03
C ILE H 429 -47.43 -1.06 21.74
N ASN H 430 -47.34 -2.15 22.48
CA ASN H 430 -48.49 -2.68 23.21
C ASN H 430 -48.97 -1.72 24.29
N LYS H 431 -48.01 -1.02 24.91
CA LYS H 431 -48.34 -0.02 25.92
C LYS H 431 -49.12 1.12 25.29
N ILE H 432 -48.69 1.53 24.09
CA ILE H 432 -49.40 2.58 23.37
C ILE H 432 -50.80 2.11 23.00
N LEU H 433 -50.91 0.86 22.56
CA LEU H 433 -52.20 0.30 22.21
C LEU H 433 -53.09 0.18 23.45
N GLN H 434 -52.50 -0.18 24.58
CA GLN H 434 -53.24 -0.22 25.83
C GLN H 434 -53.74 1.17 26.21
N SER H 435 -52.85 2.15 26.07
CA SER H 435 -53.18 3.54 26.35
C SER H 435 -54.25 4.02 25.40
N SER H 436 -54.24 3.49 24.18
CA SER H 436 -55.26 3.81 23.18
C SER H 436 -56.62 3.34 23.67
N LYS H 437 -56.65 2.16 24.29
CA LYS H 437 -57.88 1.60 24.82
C LYS H 437 -58.46 2.43 25.95
N THR H 438 -57.61 2.82 26.90
CA THR H 438 -58.07 3.50 28.10
C THR H 438 -58.35 4.98 27.88
N SER H 439 -57.69 5.57 26.89
CA SER H 439 -57.91 6.98 26.56
C SER H 439 -59.01 7.15 25.52
N ASN H 440 -59.40 6.03 24.91
CA ASN H 440 -60.38 6.01 23.83
C ASN H 440 -60.00 6.89 22.63
N GLU H 441 -58.70 7.01 22.39
CA GLU H 441 -58.22 7.59 21.15
C GLU H 441 -57.61 6.49 20.30
N PRO H 442 -58.36 6.02 19.29
CA PRO H 442 -58.06 4.81 18.53
C PRO H 442 -56.76 4.88 17.73
N VAL H 443 -55.93 3.86 17.90
CA VAL H 443 -54.64 3.76 17.22
C VAL H 443 -54.50 2.33 16.71
N TRP H 444 -53.96 2.17 15.51
CA TRP H 444 -53.75 0.83 14.95
C TRP H 444 -52.29 0.59 14.64
N TRP H 445 -51.83 -0.61 14.94
CA TRP H 445 -50.43 -0.99 14.74
C TRP H 445 -50.14 -1.32 13.27
N LEU H 446 -49.19 -0.58 12.70
CA LEU H 446 -48.74 -0.81 11.33
C LEU H 446 -47.28 -1.28 11.33
N PRO H 447 -46.89 -2.06 10.32
CA PRO H 447 -45.55 -2.65 10.33
C PRO H 447 -44.48 -1.73 9.76
N ILE H 448 -43.27 -1.83 10.27
CA ILE H 448 -42.11 -1.22 9.63
C ILE H 448 -41.43 -2.26 8.76
N ILE H 449 -41.72 -2.23 7.47
CA ILE H 449 -41.27 -3.28 6.56
C ILE H 449 -39.85 -3.03 6.05
N ASN H 450 -38.93 -3.86 6.54
CA ASN H 450 -37.49 -3.69 6.29
C ASN H 450 -37.08 -3.89 4.83
N GLU H 451 -37.93 -4.55 4.04
CA GLU H 451 -37.62 -4.77 2.64
C GLU H 451 -37.59 -3.45 1.86
N TYR H 452 -38.24 -2.43 2.39
CA TYR H 452 -38.28 -1.13 1.70
C TYR H 452 -37.06 -0.29 2.02
N ARG H 453 -36.28 -0.71 3.00
CA ARG H 453 -35.11 0.05 3.47
C ARG H 453 -34.10 0.33 2.36
N ALA H 454 -33.95 -0.61 1.44
CA ALA H 454 -32.96 -0.48 0.38
C ALA H 454 -33.28 0.68 -0.55
N THR H 455 -34.54 1.11 -0.53
CA THR H 455 -34.98 2.21 -1.38
C THR H 455 -34.53 3.56 -0.84
N LEU H 456 -33.98 3.55 0.38
CA LEU H 456 -33.46 4.77 0.99
C LEU H 456 -31.94 4.85 0.82
N ASN H 457 -31.37 3.90 0.09
CA ASN H 457 -29.94 3.90 -0.19
C ASN H 457 -29.55 5.01 -1.17
N SER H 458 -28.83 6.00 -0.65
CA SER H 458 -28.41 7.14 -1.47
C SER H 458 -27.07 6.88 -2.15
N LYS H 459 -26.91 7.39 -3.36
CA LYS H 459 -25.66 7.27 -4.11
C LYS H 459 -24.52 8.10 -3.52
N TYR H 460 -24.85 9.26 -2.95
CA TYR H 460 -23.82 10.18 -2.49
C TYR H 460 -23.87 10.41 -0.97
N ALA H 461 -25.06 10.53 -0.41
CA ALA H 461 -25.20 10.71 1.04
C ALA H 461 -25.27 9.35 1.74
N ASP H 462 -25.32 9.37 3.07
CA ASP H 462 -25.47 8.14 3.83
C ASP H 462 -26.85 7.53 3.61
N ILE H 463 -27.85 8.38 3.47
CA ILE H 463 -29.22 7.93 3.37
C ILE H 463 -30.09 8.91 2.57
N ASN H 464 -31.09 8.39 1.88
CA ASN H 464 -32.07 9.24 1.24
C ASN H 464 -33.11 9.68 2.25
N GLN H 465 -33.63 10.90 2.07
CA GLN H 465 -34.70 11.39 2.92
C GLN H 465 -35.99 10.63 2.61
N ILE H 466 -36.28 10.44 1.33
CA ILE H 466 -37.48 9.73 0.93
C ILE H 466 -37.19 8.66 -0.10
N SER H 467 -38.10 7.70 -0.23
CA SER H 467 -38.03 6.79 -1.35
C SER H 467 -38.93 7.34 -2.44
N SER H 468 -38.68 6.94 -3.69
CA SER H 468 -39.56 7.36 -4.78
C SER H 468 -40.12 6.11 -5.42
N SER H 469 -39.43 5.00 -5.19
CA SER H 469 -39.82 3.69 -5.71
C SER H 469 -41.08 3.19 -5.03
N VAL H 470 -41.07 3.27 -3.70
CA VAL H 470 -42.13 2.68 -2.89
C VAL H 470 -43.17 3.71 -2.45
N LYS H 471 -44.43 3.34 -2.63
CA LYS H 471 -45.53 4.28 -2.41
C LYS H 471 -45.69 4.47 -0.91
N ALA H 472 -46.23 3.45 -0.24
CA ALA H 472 -46.30 3.33 1.23
C ALA H 472 -45.37 4.27 2.02
N SER H 473 -45.65 5.57 1.92
CA SER H 473 -44.77 6.59 2.49
C SER H 473 -44.67 6.54 4.02
N SER H 474 -45.76 6.15 4.69
CA SER H 474 -45.78 6.16 6.14
C SER H 474 -44.77 5.16 6.70
N ILE H 475 -44.63 4.03 6.01
CA ILE H 475 -43.68 3.01 6.41
C ILE H 475 -42.26 3.45 6.08
N VAL H 476 -42.08 4.03 4.90
CA VAL H 476 -40.78 4.53 4.48
C VAL H 476 -40.27 5.61 5.43
N ALA H 477 -41.16 6.52 5.83
CA ALA H 477 -40.82 7.57 6.78
C ALA H 477 -40.41 6.97 8.11
N SER H 478 -41.08 5.89 8.50
CA SER H 478 -40.76 5.18 9.73
C SER H 478 -39.37 4.56 9.64
N LEU H 479 -39.04 4.00 8.48
CA LEU H 479 -37.73 3.43 8.24
C LEU H 479 -36.63 4.49 8.36
N PHE H 480 -36.94 5.69 7.89
CA PHE H 480 -36.03 6.82 8.00
C PHE H 480 -35.76 7.17 9.47
N LEU H 481 -36.84 7.34 10.23
CA LEU H 481 -36.76 7.71 11.64
C LEU H 481 -36.00 6.66 12.46
N LYS H 482 -36.19 5.40 12.09
CA LYS H 482 -35.55 4.27 12.76
C LYS H 482 -34.02 4.40 12.76
N GLU H 483 -33.49 5.03 11.71
CA GLU H 483 -32.05 5.25 11.57
C GLU H 483 -31.49 6.24 12.58
N PHE H 484 -32.35 6.94 13.30
CA PHE H 484 -31.89 7.97 14.23
C PHE H 484 -32.17 7.59 15.67
N VAL H 485 -32.50 6.32 15.89
CA VAL H 485 -32.61 5.75 17.23
C VAL H 485 -31.75 4.48 17.26
N GLN H 486 -30.64 4.53 17.98
CA GLN H 486 -29.62 3.48 17.88
C GLN H 486 -29.88 2.32 18.83
N ASN H 487 -30.23 2.59 20.08
CA ASN H 487 -30.47 1.46 20.95
C ASN H 487 -31.56 1.77 21.99
N THR H 488 -32.65 2.39 21.57
CA THR H 488 -33.66 2.71 22.56
C THR H 488 -35.07 2.33 22.06
N ALA H 489 -35.88 1.83 22.98
CA ALA H 489 -37.27 1.52 22.68
C ALA H 489 -37.97 2.76 22.18
N TRP H 490 -38.49 2.68 20.96
CA TRP H 490 -39.06 3.83 20.29
C TRP H 490 -40.35 3.49 19.55
N ALA H 491 -41.32 4.38 19.62
CA ALA H 491 -42.58 4.22 18.91
C ALA H 491 -42.97 5.54 18.25
N HIS H 492 -43.66 5.45 17.13
CA HIS H 492 -43.99 6.62 16.32
C HIS H 492 -45.46 6.63 15.97
N ILE H 493 -46.16 7.70 16.35
CA ILE H 493 -47.60 7.80 16.10
C ILE H 493 -47.88 8.82 15.00
N ASP H 494 -48.38 8.35 13.85
CA ASP H 494 -48.68 9.22 12.74
C ASP H 494 -50.14 9.70 12.80
N ILE H 495 -50.33 10.99 13.04
CA ILE H 495 -51.66 11.53 13.25
C ILE H 495 -52.11 12.47 12.13
N ALA H 496 -51.48 12.34 10.97
CA ALA H 496 -51.80 13.19 9.82
C ALA H 496 -53.26 13.06 9.38
N GLY H 497 -53.83 11.87 9.56
CA GLY H 497 -55.21 11.63 9.16
C GLY H 497 -56.24 11.99 10.20
N VAL H 498 -55.88 11.87 11.48
CA VAL H 498 -56.83 12.01 12.58
C VAL H 498 -56.77 13.35 13.31
N SER H 499 -55.77 14.17 13.00
CA SER H 499 -55.57 15.40 13.74
C SER H 499 -56.69 16.41 13.56
N TRP H 500 -57.12 16.62 12.32
CA TRP H 500 -58.14 17.61 12.01
C TRP H 500 -59.51 16.97 11.81
N ASN H 501 -60.53 17.55 12.44
CA ASN H 501 -61.90 17.11 12.25
C ASN H 501 -62.52 17.88 11.09
N PHE H 502 -62.48 17.28 9.90
CA PHE H 502 -62.92 17.95 8.69
C PHE H 502 -64.41 18.24 8.69
N LYS H 503 -65.18 17.36 9.33
CA LYS H 503 -66.61 17.55 9.41
C LYS H 503 -66.95 18.74 10.30
N ALA H 504 -66.26 18.84 11.43
CA ALA H 504 -66.50 19.90 12.41
C ALA H 504 -65.64 21.14 12.16
N ARG H 505 -64.70 21.02 11.21
CA ARG H 505 -63.80 22.10 10.83
C ARG H 505 -62.99 22.61 12.01
N LYS H 506 -62.41 21.69 12.78
CA LYS H 506 -61.65 22.06 13.96
C LYS H 506 -60.68 20.95 14.36
N PRO H 507 -59.66 21.26 15.18
CA PRO H 507 -58.74 20.22 15.63
C PRO H 507 -59.42 19.23 16.58
N LYS H 508 -58.80 18.07 16.77
CA LYS H 508 -59.31 17.12 17.75
C LYS H 508 -58.53 17.17 19.05
N GLY H 509 -57.32 17.74 19.00
CA GLY H 509 -56.41 17.68 20.11
C GLY H 509 -56.00 16.24 20.37
N PHE H 510 -55.89 15.48 19.28
CA PHE H 510 -55.62 14.04 19.36
C PHE H 510 -54.24 13.76 19.94
N GLY H 511 -54.19 12.86 20.90
CA GLY H 511 -52.92 12.41 21.43
C GLY H 511 -52.66 12.83 22.87
N VAL H 512 -53.33 13.89 23.32
CA VAL H 512 -53.13 14.37 24.68
C VAL H 512 -53.49 13.28 25.69
N ARG H 513 -54.70 12.73 25.55
CA ARG H 513 -55.18 11.69 26.46
C ARG H 513 -54.41 10.40 26.28
N LEU H 514 -54.08 10.10 25.03
CA LEU H 514 -53.30 8.91 24.70
C LEU H 514 -51.95 8.93 25.41
N LEU H 515 -51.22 10.03 25.28
CA LEU H 515 -49.89 10.17 25.88
C LEU H 515 -49.96 10.23 27.40
N THR H 516 -51.01 10.84 27.94
CA THR H 516 -51.14 10.96 29.39
C THR H 516 -51.42 9.61 30.03
N GLU H 517 -52.34 8.86 29.43
CA GLU H 517 -52.65 7.50 29.90
C GLU H 517 -51.40 6.63 29.80
N PHE H 518 -50.59 6.90 28.78
CA PHE H 518 -49.36 6.17 28.58
C PHE H 518 -48.38 6.38 29.73
N VAL H 519 -48.23 7.63 30.14
CA VAL H 519 -47.34 7.98 31.23
C VAL H 519 -47.87 7.56 32.59
N LEU H 520 -49.18 7.72 32.79
CA LEU H 520 -49.77 7.47 34.09
C LEU H 520 -49.82 5.97 34.42
N ASN H 521 -50.27 5.19 33.45
CA ASN H 521 -50.45 3.76 33.65
C ASN H 521 -49.24 2.96 33.20
N SER I 5 -16.04 36.27 -3.24
CA SER I 5 -15.14 35.18 -2.88
C SER I 5 -15.60 34.48 -1.60
N GLU I 6 -16.12 35.24 -0.65
CA GLU I 6 -16.65 34.66 0.58
C GLU I 6 -18.08 34.17 0.37
N VAL I 7 -18.32 32.90 0.69
CA VAL I 7 -19.64 32.31 0.50
C VAL I 7 -20.58 32.70 1.63
N PRO I 8 -21.74 33.30 1.29
CA PRO I 8 -22.73 33.65 2.31
C PRO I 8 -23.40 32.43 2.93
N GLN I 9 -23.78 32.55 4.20
CA GLN I 9 -24.42 31.45 4.92
C GLN I 9 -25.71 31.88 5.61
N VAL I 10 -26.68 30.97 5.69
CA VAL I 10 -27.89 31.22 6.47
C VAL I 10 -27.67 30.78 7.91
N VAL I 11 -27.10 29.60 8.07
CA VAL I 11 -26.69 29.09 9.38
C VAL I 11 -25.21 28.74 9.32
N SER I 12 -24.57 28.56 10.48
CA SER I 12 -23.13 28.31 10.51
C SER I 12 -22.79 26.92 9.97
N LEU I 13 -23.81 26.05 9.86
CA LEU I 13 -23.59 24.70 9.39
C LEU I 13 -23.62 24.63 7.86
N ASP I 14 -23.97 25.75 7.24
CA ASP I 14 -23.99 25.82 5.78
C ASP I 14 -22.56 25.76 5.23
N PRO I 15 -22.33 24.87 4.25
CA PRO I 15 -21.01 24.68 3.66
C PRO I 15 -20.55 25.94 2.90
N THR I 16 -19.23 26.16 2.89
CA THR I 16 -18.68 27.36 2.28
C THR I 16 -17.74 27.03 1.13
N SER I 17 -17.68 25.76 0.74
CA SER I 17 -16.89 25.36 -0.41
C SER I 17 -17.34 24.01 -0.96
N ILE I 18 -17.04 23.78 -2.22
CA ILE I 18 -17.30 22.49 -2.83
C ILE I 18 -16.13 21.56 -2.54
N PRO I 19 -16.41 20.44 -1.85
CA PRO I 19 -15.35 19.45 -1.67
C PRO I 19 -14.93 18.86 -3.00
N ILE I 20 -13.65 18.96 -3.32
CA ILE I 20 -13.12 18.43 -4.59
C ILE I 20 -11.92 17.52 -4.35
N GLU I 21 -12.00 16.33 -4.93
CA GLU I 21 -10.91 15.37 -4.89
C GLU I 21 -10.05 15.50 -6.15
N TYR I 22 -8.82 15.97 -5.98
CA TYR I 22 -7.89 16.14 -7.10
C TYR I 22 -7.01 14.91 -7.27
N ASN I 23 -6.49 14.41 -6.15
CA ASN I 23 -5.67 13.21 -6.16
C ASN I 23 -6.55 11.98 -5.97
N THR I 24 -6.96 11.36 -7.07
CA THR I 24 -7.84 10.20 -7.01
C THR I 24 -7.03 8.91 -6.99
N PRO I 25 -7.64 7.82 -6.48
CA PRO I 25 -6.99 6.50 -6.49
C PRO I 25 -6.58 6.09 -7.91
N ILE I 26 -7.32 6.55 -8.90
CA ILE I 26 -6.99 6.28 -10.29
C ILE I 26 -5.61 6.83 -10.65
N HIS I 27 -5.25 7.97 -10.05
CA HIS I 27 -3.98 8.60 -10.34
C HIS I 27 -2.78 7.83 -9.77
N ASP I 28 -3.04 6.92 -8.83
CA ASP I 28 -1.97 6.11 -8.24
C ASP I 28 -1.83 4.75 -8.92
N ILE I 29 -2.64 4.51 -9.94
CA ILE I 29 -2.59 3.25 -10.66
C ILE I 29 -1.48 3.31 -11.71
N LYS I 30 -0.46 2.48 -11.52
CA LYS I 30 0.63 2.37 -12.49
C LYS I 30 0.18 1.57 -13.70
N VAL I 31 0.23 2.17 -14.87
CA VAL I 31 -0.25 1.54 -16.09
C VAL I 31 0.91 1.14 -17.00
N GLN I 32 0.95 -0.15 -17.37
CA GLN I 32 1.99 -0.66 -18.25
C GLN I 32 1.39 -1.27 -19.50
N VAL I 33 1.95 -0.93 -20.66
CA VAL I 33 1.48 -1.49 -21.92
C VAL I 33 2.55 -2.37 -22.56
N TYR I 34 2.20 -3.63 -22.81
CA TYR I 34 3.12 -4.56 -23.43
C TYR I 34 2.60 -4.99 -24.80
N ASP I 35 3.50 -5.42 -25.68
CA ASP I 35 3.06 -5.92 -26.96
C ASP I 35 2.64 -7.38 -26.78
N ILE I 36 1.50 -7.73 -27.35
CA ILE I 36 0.92 -9.05 -27.13
C ILE I 36 1.73 -10.14 -27.86
N LYS I 37 2.48 -9.74 -28.87
CA LYS I 37 3.33 -10.66 -29.62
C LYS I 37 4.59 -11.05 -28.84
N GLY I 38 4.54 -10.93 -27.52
CA GLY I 38 5.67 -11.25 -26.66
C GLY I 38 5.22 -12.22 -25.58
N GLY I 39 3.94 -12.55 -25.61
CA GLY I 39 3.35 -13.45 -24.64
C GLY I 39 2.92 -12.74 -23.38
N CYS I 40 2.00 -13.37 -22.64
CA CYS I 40 1.46 -12.77 -21.42
C CYS I 40 2.03 -13.44 -20.19
N ASN I 41 2.37 -12.65 -19.20
CA ASN I 41 2.79 -13.19 -17.91
C ASN I 41 1.60 -13.20 -16.96
N VAL I 42 1.30 -14.38 -16.42
CA VAL I 42 0.20 -14.51 -15.49
C VAL I 42 0.75 -14.79 -14.10
N GLU I 43 0.96 -13.74 -13.32
CA GLU I 43 1.56 -13.89 -12.00
C GLU I 43 0.57 -13.59 -10.87
N GLU I 44 0.47 -12.34 -10.41
CA GLU I 44 -0.53 -12.03 -9.40
C GLU I 44 -1.76 -11.30 -9.96
N GLY I 45 -2.75 -11.10 -9.10
CA GLY I 45 -3.95 -10.35 -9.39
C GLY I 45 -4.92 -11.00 -10.35
N LEU I 46 -5.69 -10.19 -11.06
CA LEU I 46 -6.68 -10.71 -11.99
C LEU I 46 -6.31 -10.40 -13.44
N THR I 47 -6.34 -11.42 -14.28
CA THR I 47 -6.02 -11.28 -15.69
C THR I 47 -7.25 -11.54 -16.56
N ILE I 48 -7.68 -10.52 -17.29
CA ILE I 48 -8.89 -10.62 -18.10
C ILE I 48 -8.61 -10.54 -19.60
N PHE I 49 -9.11 -11.52 -20.34
CA PHE I 49 -8.97 -11.54 -21.78
C PHE I 49 -10.22 -10.97 -22.45
N LEU I 50 -10.03 -9.98 -23.33
CA LEU I 50 -11.13 -9.46 -24.12
C LEU I 50 -11.22 -10.22 -25.43
N VAL I 51 -12.23 -11.09 -25.54
CA VAL I 51 -12.34 -11.98 -26.68
C VAL I 51 -13.67 -11.85 -27.40
N ASN I 52 -13.65 -12.06 -28.71
CA ASN I 52 -14.87 -12.12 -29.49
C ASN I 52 -14.87 -13.37 -30.36
N ASN I 53 -15.92 -13.52 -31.16
CA ASN I 53 -15.98 -14.62 -32.12
C ASN I 53 -16.78 -14.16 -33.30
N PRO I 54 -16.11 -13.69 -34.36
CA PRO I 54 -16.87 -13.18 -35.50
C PRO I 54 -17.81 -14.21 -36.13
N GLY I 55 -18.80 -13.73 -36.89
CA GLY I 55 -19.84 -14.57 -37.48
C GLY I 55 -20.40 -15.71 -36.64
N LYS I 56 -20.15 -15.65 -35.33
CA LYS I 56 -20.54 -16.69 -34.39
C LYS I 56 -21.37 -16.10 -33.25
N GLU I 57 -22.66 -15.91 -33.48
CA GLU I 57 -23.51 -15.27 -32.47
C GLU I 57 -23.70 -16.20 -31.28
N ASN I 58 -22.84 -15.99 -30.28
CA ASN I 58 -22.71 -16.78 -29.04
C ASN I 58 -21.80 -17.97 -29.27
N GLY I 59 -20.71 -17.74 -29.99
CA GLY I 59 -19.77 -18.79 -30.31
C GLY I 59 -18.84 -19.04 -29.14
N PRO I 60 -18.04 -20.11 -29.22
CA PRO I 60 -17.16 -20.50 -28.12
C PRO I 60 -16.00 -19.53 -27.87
N VAL I 61 -15.49 -19.53 -26.65
CA VAL I 61 -14.33 -18.73 -26.30
C VAL I 61 -13.06 -19.46 -26.69
N LYS I 62 -12.18 -18.77 -27.40
CA LYS I 62 -10.88 -19.31 -27.75
C LYS I 62 -9.80 -18.28 -27.46
N ILE I 63 -8.83 -18.63 -26.63
CA ILE I 63 -7.76 -17.71 -26.29
C ILE I 63 -6.61 -17.92 -27.29
N SER I 64 -6.37 -16.89 -28.10
CA SER I 64 -5.39 -16.98 -29.18
C SER I 64 -3.99 -16.63 -28.70
N SER I 65 -3.90 -15.70 -27.76
CA SER I 65 -2.62 -15.18 -27.30
C SER I 65 -1.76 -16.27 -26.68
N LYS I 66 -0.46 -16.16 -26.88
CA LYS I 66 0.48 -17.07 -26.24
C LYS I 66 0.67 -16.64 -24.80
N VAL I 67 0.59 -17.61 -23.88
CA VAL I 67 0.78 -17.33 -22.48
C VAL I 67 2.09 -17.96 -22.01
N ASN I 68 2.97 -17.14 -21.45
CA ASN I 68 4.29 -17.61 -21.03
C ASN I 68 4.26 -18.39 -19.72
N ASP I 69 3.27 -19.27 -19.60
CA ASP I 69 3.13 -20.15 -18.44
C ASP I 69 2.46 -21.44 -18.88
N LYS I 70 3.12 -22.57 -18.63
CA LYS I 70 2.64 -23.86 -19.13
C LYS I 70 1.32 -24.30 -18.49
N GLN I 71 1.19 -24.09 -17.19
CA GLN I 71 0.00 -24.51 -16.46
C GLN I 71 -1.22 -23.67 -16.84
N VAL I 72 -1.03 -22.36 -16.94
CA VAL I 72 -2.11 -21.46 -17.31
C VAL I 72 -2.51 -21.69 -18.77
N SER I 73 -1.52 -21.93 -19.62
CA SER I 73 -1.76 -22.24 -21.03
C SER I 73 -2.63 -23.48 -21.18
N GLU I 74 -2.33 -24.48 -20.37
CA GLU I 74 -3.09 -25.73 -20.39
C GLU I 74 -4.52 -25.54 -19.91
N PHE I 75 -4.70 -24.74 -18.87
CA PHE I 75 -6.02 -24.40 -18.37
C PHE I 75 -6.81 -23.70 -19.47
N LEU I 76 -6.10 -22.86 -20.23
CA LEU I 76 -6.72 -22.02 -21.25
C LEU I 76 -6.78 -22.72 -22.61
N LYS I 77 -6.59 -24.03 -22.61
CA LYS I 77 -6.70 -24.82 -23.83
C LYS I 77 -8.08 -24.69 -24.44
N ASP I 78 -8.14 -24.87 -25.75
CA ASP I 78 -9.37 -24.67 -26.50
C ASP I 78 -10.49 -25.59 -26.03
N GLU I 79 -10.12 -26.82 -25.70
CA GLU I 79 -11.06 -27.83 -25.23
C GLU I 79 -11.73 -27.41 -23.92
N ASN I 80 -10.96 -26.71 -23.09
CA ASN I 80 -11.44 -26.25 -21.80
C ASN I 80 -12.37 -25.05 -21.92
N MET I 81 -12.05 -24.17 -22.87
CA MET I 81 -12.75 -22.90 -23.00
C MET I 81 -14.04 -22.99 -23.81
N GLU I 82 -14.26 -24.11 -24.48
CA GLU I 82 -15.42 -24.25 -25.36
C GLU I 82 -16.77 -24.28 -24.64
N LYS I 83 -16.75 -24.47 -23.32
CA LYS I 83 -18.00 -24.43 -22.55
C LYS I 83 -18.48 -22.99 -22.35
N PHE I 84 -17.61 -22.02 -22.64
CA PHE I 84 -17.98 -20.61 -22.45
C PHE I 84 -18.14 -19.91 -23.80
N ASN I 85 -19.04 -18.93 -23.83
CA ASN I 85 -19.32 -18.19 -25.06
C ASN I 85 -18.98 -16.71 -24.96
N VAL I 86 -19.00 -16.02 -26.09
CA VAL I 86 -18.50 -14.65 -26.18
C VAL I 86 -19.61 -13.60 -26.20
N LYS I 87 -20.82 -13.98 -25.79
CA LYS I 87 -21.94 -13.06 -25.71
C LYS I 87 -21.54 -11.76 -25.01
N LEU I 88 -21.86 -10.63 -25.65
CA LEU I 88 -21.45 -9.31 -25.17
C LEU I 88 -21.89 -9.04 -23.73
N GLY I 89 -20.93 -8.79 -22.86
CA GLY I 89 -21.20 -8.50 -21.46
C GLY I 89 -21.00 -9.70 -20.54
N THR I 90 -20.98 -10.89 -21.13
CA THR I 90 -20.73 -12.13 -20.38
C THR I 90 -19.30 -12.16 -19.84
N SER I 91 -19.15 -12.59 -18.60
CA SER I 91 -17.84 -12.70 -17.97
C SER I 91 -17.76 -13.92 -17.07
N LYS I 92 -16.56 -14.48 -16.93
CA LYS I 92 -16.32 -15.61 -16.05
C LYS I 92 -15.00 -15.47 -15.29
N HIS I 93 -14.95 -16.05 -14.10
CA HIS I 93 -13.76 -16.05 -13.28
C HIS I 93 -13.13 -17.45 -13.24
N PHE I 94 -11.81 -17.52 -13.36
CA PHE I 94 -11.13 -18.81 -13.32
C PHE I 94 -10.12 -18.81 -12.17
N TYR I 95 -10.03 -19.92 -11.45
CA TYR I 95 -9.01 -20.06 -10.42
C TYR I 95 -8.03 -21.18 -10.79
N MET I 96 -6.74 -20.92 -10.69
CA MET I 96 -5.74 -21.96 -11.02
C MET I 96 -4.37 -21.66 -10.44
N PHE I 97 -3.48 -22.65 -10.52
CA PHE I 97 -2.09 -22.50 -10.10
C PHE I 97 -1.17 -22.41 -11.30
N ASN I 98 -0.24 -21.45 -11.29
CA ASN I 98 0.69 -21.33 -12.41
C ASN I 98 1.92 -22.23 -12.27
N ASP I 99 2.93 -21.97 -13.09
CA ASP I 99 4.14 -22.80 -13.15
C ASP I 99 4.93 -22.79 -11.85
N ASN I 100 4.81 -21.69 -11.10
CA ASN I 100 5.55 -21.52 -9.86
C ASN I 100 4.68 -21.90 -8.66
N LYS I 101 3.64 -22.68 -8.96
CA LYS I 101 2.69 -23.18 -7.97
C LYS I 101 1.97 -22.10 -7.15
N ASN I 102 1.83 -20.91 -7.72
CA ASN I 102 1.06 -19.86 -7.06
C ASN I 102 -0.34 -19.74 -7.61
N SER I 103 -1.31 -19.48 -6.74
CA SER I 103 -2.70 -19.33 -7.16
C SER I 103 -2.88 -18.03 -7.92
N VAL I 104 -3.49 -18.11 -9.09
CA VAL I 104 -3.73 -16.93 -9.92
C VAL I 104 -5.21 -16.88 -10.31
N ALA I 105 -5.69 -15.68 -10.63
CA ALA I 105 -7.07 -15.51 -11.08
C ALA I 105 -7.10 -15.01 -12.51
N VAL I 106 -7.83 -15.72 -13.35
CA VAL I 106 -7.90 -15.44 -14.77
C VAL I 106 -9.37 -15.41 -15.20
N GLY I 107 -9.69 -14.64 -16.23
CA GLY I 107 -11.06 -14.63 -16.73
C GLY I 107 -11.16 -13.95 -18.08
N TYR I 108 -12.39 -13.79 -18.57
CA TYR I 108 -12.59 -13.11 -19.84
C TYR I 108 -13.85 -12.26 -19.78
N VAL I 109 -13.98 -11.35 -20.74
CA VAL I 109 -15.24 -10.64 -20.97
C VAL I 109 -15.62 -10.76 -22.44
N GLY I 110 -16.86 -11.17 -22.70
CA GLY I 110 -17.34 -11.36 -24.06
C GLY I 110 -17.54 -10.05 -24.79
N CYS I 111 -17.05 -9.99 -26.03
CA CYS I 111 -17.16 -8.78 -26.83
C CYS I 111 -18.04 -9.00 -28.05
N GLY I 112 -18.90 -10.01 -27.98
CA GLY I 112 -19.87 -10.28 -29.03
C GLY I 112 -19.32 -10.91 -30.29
N SER I 113 -20.01 -10.71 -31.40
CA SER I 113 -19.65 -11.35 -32.67
C SER I 113 -19.29 -10.33 -33.74
N VAL I 114 -19.55 -9.05 -33.45
CA VAL I 114 -19.24 -7.98 -34.38
C VAL I 114 -17.75 -7.62 -34.30
N ALA I 115 -17.10 -7.53 -35.46
CA ALA I 115 -15.66 -7.28 -35.52
C ALA I 115 -15.31 -5.84 -35.19
N ASP I 116 -16.28 -4.94 -35.33
CA ASP I 116 -16.05 -3.53 -35.03
C ASP I 116 -16.93 -3.08 -33.86
N LEU I 117 -16.34 -3.01 -32.67
CA LEU I 117 -17.09 -2.68 -31.46
C LEU I 117 -17.52 -1.22 -31.44
N SER I 118 -18.79 -0.99 -31.16
CA SER I 118 -19.36 0.37 -31.07
C SER I 118 -19.09 1.07 -29.74
N GLU I 119 -19.52 2.32 -29.65
CA GLU I 119 -19.37 3.12 -28.44
C GLU I 119 -20.21 2.57 -27.28
N ALA I 120 -21.40 2.08 -27.60
CA ALA I 120 -22.29 1.52 -26.58
C ALA I 120 -21.78 0.14 -26.15
N ASP I 121 -21.30 -0.62 -27.12
CA ASP I 121 -20.79 -1.97 -26.89
C ASP I 121 -19.54 -1.99 -26.01
N MET I 122 -18.61 -1.10 -26.29
CA MET I 122 -17.37 -1.01 -25.50
C MET I 122 -17.67 -0.63 -24.07
N LYS I 123 -18.69 0.22 -23.90
CA LYS I 123 -19.10 0.64 -22.57
C LYS I 123 -19.70 -0.54 -21.81
N ARG I 124 -20.40 -1.41 -22.54
CA ARG I 124 -20.97 -2.62 -21.96
C ARG I 124 -19.86 -3.56 -21.51
N VAL I 125 -18.80 -3.64 -22.32
CA VAL I 125 -17.64 -4.46 -21.99
C VAL I 125 -16.96 -3.94 -20.72
N VAL I 126 -16.75 -2.62 -20.67
CA VAL I 126 -16.11 -1.99 -19.52
C VAL I 126 -16.92 -2.20 -18.25
N LEU I 127 -18.24 -2.05 -18.36
CA LEU I 127 -19.13 -2.21 -17.21
C LEU I 127 -19.06 -3.62 -16.62
N SER I 128 -18.96 -4.63 -17.49
CA SER I 128 -18.81 -6.01 -17.05
C SER I 128 -17.48 -6.23 -16.34
N LEU I 129 -16.45 -5.57 -16.84
CA LEU I 129 -15.12 -5.63 -16.25
C LEU I 129 -15.10 -5.03 -14.85
N VAL I 130 -15.77 -3.89 -14.68
CA VAL I 130 -15.78 -3.18 -13.41
C VAL I 130 -16.50 -4.01 -12.33
N THR I 131 -17.52 -4.77 -12.74
CA THR I 131 -18.22 -5.64 -11.79
C THR I 131 -17.26 -6.67 -11.20
N MET I 132 -16.30 -7.09 -12.01
CA MET I 132 -15.28 -8.03 -11.56
C MET I 132 -14.32 -7.32 -10.60
N LEU I 133 -14.14 -6.02 -10.80
CA LEU I 133 -13.30 -5.22 -9.94
C LEU I 133 -13.97 -4.89 -8.62
N HIS I 134 -15.29 -4.74 -8.65
CA HIS I 134 -16.06 -4.45 -7.44
C HIS I 134 -16.20 -5.68 -6.56
N ASP I 135 -16.23 -5.46 -5.25
CA ASP I 135 -16.36 -6.53 -4.26
C ASP I 135 -15.26 -7.57 -4.31
N ASN I 136 -14.14 -7.21 -4.93
CA ASN I 136 -12.98 -8.10 -4.98
C ASN I 136 -11.76 -7.28 -4.58
N LYS I 137 -10.95 -7.82 -3.67
CA LYS I 137 -9.80 -7.10 -3.13
C LYS I 137 -8.50 -7.33 -3.88
N LEU I 138 -8.50 -7.00 -5.17
CA LEU I 138 -7.34 -7.23 -6.02
C LEU I 138 -6.32 -6.11 -5.93
N SER I 139 -5.05 -6.43 -6.13
CA SER I 139 -3.98 -5.44 -6.11
C SER I 139 -3.56 -5.05 -7.52
N LYS I 140 -3.83 -5.91 -8.49
CA LYS I 140 -3.40 -5.67 -9.87
C LYS I 140 -4.40 -6.21 -10.87
N LEU I 141 -4.68 -5.43 -11.91
CA LEU I 141 -5.50 -5.88 -13.04
C LEU I 141 -4.70 -5.93 -14.34
N THR I 142 -4.86 -7.01 -15.09
CA THR I 142 -4.22 -7.14 -16.40
C THR I 142 -5.26 -7.41 -17.49
N VAL I 143 -5.29 -6.57 -18.51
CA VAL I 143 -6.25 -6.72 -19.58
C VAL I 143 -5.56 -7.12 -20.88
N VAL I 144 -5.98 -8.23 -21.46
CA VAL I 144 -5.41 -8.72 -22.70
C VAL I 144 -6.37 -8.51 -23.87
N PHE I 145 -5.99 -7.62 -24.78
CA PHE I 145 -6.83 -7.27 -25.91
C PHE I 145 -6.68 -8.27 -27.05
N GLU I 146 -7.62 -9.20 -27.15
CA GLU I 146 -7.64 -10.11 -28.29
C GLU I 146 -8.72 -9.71 -29.28
N ILE I 147 -9.02 -8.42 -29.33
CA ILE I 147 -9.95 -7.88 -30.30
C ILE I 147 -9.31 -6.69 -30.98
N ASN I 148 -9.89 -6.25 -32.09
CA ASN I 148 -9.32 -5.14 -32.83
C ASN I 148 -9.96 -3.82 -32.43
N VAL I 149 -9.15 -2.93 -31.90
CA VAL I 149 -9.60 -1.60 -31.50
C VAL I 149 -8.58 -0.58 -31.99
N ASP I 150 -9.06 0.54 -32.51
CA ASP I 150 -8.14 1.59 -32.92
C ASP I 150 -7.79 2.42 -31.70
N LYS I 151 -6.92 3.41 -31.91
CA LYS I 151 -6.40 4.25 -30.84
C LYS I 151 -7.50 5.01 -30.10
N ASN I 152 -8.48 5.51 -30.83
CA ASN I 152 -9.57 6.26 -30.23
C ASN I 152 -10.43 5.39 -29.31
N LEU I 153 -10.74 4.19 -29.77
CA LEU I 153 -11.55 3.26 -28.99
C LEU I 153 -10.76 2.73 -27.81
N PHE I 154 -9.46 2.60 -27.98
CA PHE I 154 -8.59 2.16 -26.89
C PHE I 154 -8.54 3.21 -25.78
N ARG I 155 -8.41 4.47 -26.17
CA ARG I 155 -8.39 5.57 -25.20
C ARG I 155 -9.72 5.64 -24.48
N PHE I 156 -10.80 5.46 -25.25
CA PHE I 156 -12.15 5.44 -24.70
C PHE I 156 -12.32 4.33 -23.67
N PHE I 157 -11.73 3.16 -23.95
CA PHE I 157 -11.75 2.04 -23.02
C PHE I 157 -11.19 2.42 -21.66
N LEU I 158 -10.00 3.03 -21.67
CA LEU I 158 -9.33 3.45 -20.44
C LEU I 158 -10.12 4.54 -19.71
N GLU I 159 -10.54 5.57 -20.45
CA GLU I 159 -11.36 6.65 -19.88
C GLU I 159 -12.58 6.10 -19.17
N THR I 160 -13.30 5.23 -19.86
CA THR I 160 -14.53 4.65 -19.33
C THR I 160 -14.22 3.76 -18.13
N LEU I 161 -13.15 2.97 -18.25
CA LEU I 161 -12.72 2.10 -17.17
C LEU I 161 -12.43 2.91 -15.91
N PHE I 162 -11.59 3.94 -16.05
CA PHE I 162 -11.24 4.80 -14.92
C PHE I 162 -12.46 5.46 -14.31
N TYR I 163 -13.31 6.02 -15.16
CA TYR I 163 -14.46 6.78 -14.71
C TYR I 163 -15.46 5.92 -13.94
N GLU I 164 -15.75 4.73 -14.45
CA GLU I 164 -16.72 3.85 -13.81
C GLU I 164 -16.14 3.18 -12.56
N TYR I 165 -14.84 2.90 -12.59
CA TYR I 165 -14.16 2.28 -11.45
C TYR I 165 -14.20 3.21 -10.24
N MET I 166 -13.99 4.50 -10.50
CA MET I 166 -13.96 5.50 -9.44
C MET I 166 -15.30 5.66 -8.75
N THR I 167 -15.28 5.78 -7.42
CA THR I 167 -16.51 5.96 -6.66
C THR I 167 -16.41 7.23 -5.82
N ASP I 168 -17.43 8.07 -5.92
CA ASP I 168 -17.45 9.36 -5.23
C ASP I 168 -18.01 9.22 -3.82
N GLU I 169 -17.15 9.45 -2.83
CA GLU I 169 -17.54 9.31 -1.43
C GLU I 169 -17.40 10.60 -0.64
N ARG I 170 -17.37 11.73 -1.33
CA ARG I 170 -17.21 13.03 -0.69
C ARG I 170 -18.32 13.36 0.31
N PHE I 171 -19.51 12.82 0.08
CA PHE I 171 -20.66 13.16 0.91
C PHE I 171 -21.09 12.00 1.79
N LYS I 172 -20.32 10.92 1.78
CA LYS I 172 -20.53 9.84 2.73
C LYS I 172 -19.88 10.19 4.07
N SER I 173 -20.52 9.77 5.15
CA SER I 173 -19.96 10.00 6.48
C SER I 173 -19.90 8.70 7.27
N THR I 174 -21.06 8.24 7.72
CA THR I 174 -21.17 6.99 8.48
C THR I 174 -21.37 5.80 7.56
N ASP I 175 -21.39 6.04 6.25
CA ASP I 175 -21.69 4.99 5.29
C ASP I 175 -20.60 4.89 4.20
N LYS I 176 -19.38 5.29 4.55
CA LYS I 176 -18.25 5.06 3.66
C LYS I 176 -18.06 3.56 3.47
N ASN I 177 -17.87 3.14 2.23
CA ASN I 177 -17.67 1.73 1.93
C ASN I 177 -16.37 1.26 2.59
N VAL I 178 -16.48 0.28 3.48
CA VAL I 178 -15.34 -0.20 4.24
C VAL I 178 -14.60 -1.19 3.35
N ASN I 179 -15.30 -1.64 2.32
CA ASN I 179 -14.77 -2.62 1.40
C ASN I 179 -14.26 -1.95 0.13
N MET I 180 -14.03 -0.64 0.19
CA MET I 180 -13.57 0.08 -0.98
C MET I 180 -12.06 0.12 -1.03
N GLU I 181 -11.53 -0.40 -2.13
CA GLU I 181 -10.11 -0.56 -2.37
C GLU I 181 -9.86 -0.58 -3.86
N TYR I 182 -8.79 0.05 -4.29
CA TYR I 182 -8.49 0.17 -5.70
C TYR I 182 -7.22 -0.60 -6.03
N ILE I 183 -7.17 -1.13 -7.26
CA ILE I 183 -5.97 -1.78 -7.75
C ILE I 183 -4.84 -0.76 -7.78
N LYS I 184 -3.60 -1.22 -7.71
CA LYS I 184 -2.45 -0.32 -7.71
C LYS I 184 -1.67 -0.41 -9.02
N HIS I 185 -1.95 -1.46 -9.79
CA HIS I 185 -1.23 -1.70 -11.04
C HIS I 185 -2.18 -2.11 -12.16
N LEU I 186 -1.96 -1.59 -13.36
CA LEU I 186 -2.74 -1.98 -14.52
C LEU I 186 -1.84 -2.41 -15.68
N GLY I 187 -1.97 -3.68 -16.09
CA GLY I 187 -1.21 -4.19 -17.22
C GLY I 187 -2.10 -4.35 -18.45
N VAL I 188 -1.60 -3.90 -19.60
CA VAL I 188 -2.35 -4.03 -20.86
C VAL I 188 -1.52 -4.70 -21.95
N TYR I 189 -2.05 -5.81 -22.47
CA TYR I 189 -1.43 -6.50 -23.60
C TYR I 189 -2.20 -6.22 -24.87
N ILE I 190 -1.51 -5.73 -25.90
CA ILE I 190 -2.16 -5.35 -27.15
C ILE I 190 -1.16 -5.36 -28.33
N ASN I 191 -1.66 -5.65 -29.53
CA ASN I 191 -0.83 -5.61 -30.74
C ASN I 191 -0.40 -4.19 -31.05
N ASN I 192 0.86 -4.02 -31.45
CA ASN I 192 1.43 -2.70 -31.70
C ASN I 192 1.32 -1.79 -30.49
N ALA I 193 1.79 -2.28 -29.34
CA ALA I 193 1.65 -1.57 -28.07
C ALA I 193 2.25 -0.17 -28.15
N ASP I 194 3.34 -0.03 -28.91
CA ASP I 194 4.04 1.24 -29.05
C ASP I 194 3.12 2.30 -29.63
N THR I 195 2.18 1.88 -30.47
CA THR I 195 1.25 2.79 -31.10
C THR I 195 0.22 3.29 -30.09
N TYR I 196 -0.05 2.49 -29.07
CA TYR I 196 -1.10 2.80 -28.10
C TYR I 196 -0.64 3.52 -26.83
N LYS I 197 0.67 3.50 -26.57
CA LYS I 197 1.21 4.00 -25.31
C LYS I 197 0.92 5.48 -25.07
N GLU I 198 0.88 6.28 -26.12
CA GLU I 198 0.61 7.71 -25.99
C GLU I 198 -0.82 7.99 -25.50
N GLU I 199 -1.71 7.02 -25.72
CA GLU I 199 -3.12 7.19 -25.36
C GLU I 199 -3.38 7.01 -23.87
N VAL I 200 -2.43 6.39 -23.17
CA VAL I 200 -2.62 6.05 -21.76
C VAL I 200 -2.75 7.28 -20.86
N GLU I 201 -1.77 8.17 -20.91
CA GLU I 201 -1.80 9.35 -20.05
C GLU I 201 -2.80 10.37 -20.56
N LYS I 202 -3.08 10.32 -21.86
CA LYS I 202 -4.13 11.16 -22.43
C LYS I 202 -5.48 10.72 -21.87
N ALA I 203 -5.66 9.41 -21.77
CA ALA I 203 -6.87 8.83 -21.20
C ALA I 203 -7.03 9.22 -19.74
N ARG I 204 -5.92 9.28 -19.01
CA ARG I 204 -5.94 9.65 -17.60
C ARG I 204 -6.31 11.11 -17.42
N VAL I 205 -5.83 11.96 -18.34
CA VAL I 205 -6.18 13.38 -18.33
C VAL I 205 -7.65 13.58 -18.67
N TYR I 206 -8.10 12.93 -19.73
CA TYR I 206 -9.50 13.00 -20.14
C TYR I 206 -10.40 12.47 -19.03
N TYR I 207 -9.97 11.41 -18.36
CA TYR I 207 -10.69 10.86 -17.22
C TYR I 207 -10.98 11.92 -16.16
N PHE I 208 -9.94 12.61 -15.68
CA PHE I 208 -10.14 13.51 -14.55
C PHE I 208 -10.94 14.74 -14.94
N GLY I 209 -10.75 15.21 -16.17
CA GLY I 209 -11.53 16.33 -16.68
C GLY I 209 -13.01 15.99 -16.59
N THR I 210 -13.33 14.76 -17.01
CA THR I 210 -14.69 14.28 -16.93
C THR I 210 -15.13 14.08 -15.48
N TYR I 211 -14.25 13.51 -14.67
CA TYR I 211 -14.58 13.24 -13.27
C TYR I 211 -14.66 14.54 -12.47
N TYR I 212 -13.84 15.52 -12.83
CA TYR I 212 -13.89 16.82 -12.17
C TYR I 212 -15.24 17.48 -12.44
N ALA I 213 -15.69 17.42 -13.69
CA ALA I 213 -17.01 17.93 -14.05
C ALA I 213 -18.10 17.19 -13.27
N SER I 214 -17.98 15.86 -13.24
CA SER I 214 -18.89 15.00 -12.50
C SER I 214 -19.00 15.41 -11.03
N GLN I 215 -17.86 15.75 -10.43
CA GLN I 215 -17.81 16.13 -9.03
C GLN I 215 -18.57 17.44 -8.78
N LEU I 216 -18.46 18.37 -9.73
CA LEU I 216 -19.13 19.66 -9.62
C LEU I 216 -20.64 19.49 -9.79
N ILE I 217 -21.02 18.65 -10.75
CA ILE I 217 -22.43 18.39 -11.03
C ILE I 217 -23.12 17.64 -9.90
N ALA I 218 -22.50 16.56 -9.44
CA ALA I 218 -23.07 15.74 -8.38
C ALA I 218 -23.21 16.52 -7.07
N ALA I 219 -22.30 17.46 -6.86
CA ALA I 219 -22.35 18.33 -5.68
C ALA I 219 -23.67 19.11 -5.64
N PRO I 220 -24.41 18.97 -4.54
CA PRO I 220 -25.72 19.61 -4.33
C PRO I 220 -25.63 21.13 -4.32
N SER I 221 -26.78 21.78 -4.38
CA SER I 221 -26.84 23.23 -4.56
C SER I 221 -26.47 24.00 -3.30
N ASN I 222 -26.51 23.35 -2.14
CA ASN I 222 -26.06 24.01 -0.91
C ASN I 222 -24.54 24.01 -0.83
N TYR I 223 -23.92 23.06 -1.52
CA TYR I 223 -22.46 23.02 -1.64
C TYR I 223 -21.99 23.78 -2.87
N CYS I 224 -22.62 23.51 -4.00
CA CYS I 224 -22.25 24.13 -5.26
C CYS I 224 -23.15 25.32 -5.59
N ASN I 225 -22.68 26.51 -5.28
CA ASN I 225 -23.40 27.75 -5.52
C ASN I 225 -22.54 28.70 -6.36
N PRO I 226 -23.13 29.81 -6.85
CA PRO I 226 -22.36 30.71 -7.72
C PRO I 226 -21.01 31.16 -7.14
N VAL I 227 -20.94 31.38 -5.84
CA VAL I 227 -19.69 31.81 -5.23
C VAL I 227 -18.69 30.68 -5.12
N SER I 228 -19.14 29.54 -4.59
CA SER I 228 -18.25 28.41 -4.37
C SER I 228 -17.78 27.79 -5.69
N LEU I 229 -18.65 27.84 -6.69
CA LEU I 229 -18.30 27.29 -8.00
C LEU I 229 -17.24 28.17 -8.67
N SER I 230 -17.41 29.48 -8.54
CA SER I 230 -16.44 30.42 -9.11
C SER I 230 -15.11 30.38 -8.38
N ASN I 231 -15.15 30.21 -7.06
CA ASN I 231 -13.94 30.04 -6.27
C ASN I 231 -13.17 28.79 -6.69
N ALA I 232 -13.90 27.72 -6.98
CA ALA I 232 -13.30 26.48 -7.44
C ALA I 232 -12.65 26.68 -8.80
N ALA I 233 -13.27 27.52 -9.63
CA ALA I 233 -12.75 27.82 -10.96
C ALA I 233 -11.44 28.58 -10.87
N VAL I 234 -11.35 29.48 -9.89
CA VAL I 234 -10.14 30.24 -9.65
C VAL I 234 -9.01 29.31 -9.23
N GLU I 235 -9.33 28.45 -8.27
CA GLU I 235 -8.38 27.47 -7.74
C GLU I 235 -7.83 26.55 -8.82
N LEU I 236 -8.69 26.10 -9.73
CA LEU I 236 -8.25 25.26 -10.84
C LEU I 236 -7.33 26.01 -11.78
N ALA I 237 -7.70 27.25 -12.10
CA ALA I 237 -6.91 28.08 -13.00
C ALA I 237 -5.52 28.32 -12.42
N GLN I 238 -5.47 28.47 -11.11
CA GLN I 238 -4.21 28.71 -10.41
C GLN I 238 -3.31 27.47 -10.49
N LYS I 239 -3.91 26.30 -10.40
CA LYS I 239 -3.17 25.04 -10.46
C LYS I 239 -2.64 24.76 -11.88
N LEU I 240 -3.31 25.33 -12.87
CA LEU I 240 -2.98 25.07 -14.27
C LEU I 240 -2.22 26.22 -14.90
N ASN I 241 -1.95 27.24 -14.09
CA ASN I 241 -1.31 28.48 -14.55
C ASN I 241 -2.08 29.12 -15.70
N LEU I 242 -3.40 29.16 -15.58
CA LEU I 242 -4.25 29.85 -16.54
C LEU I 242 -4.57 31.26 -16.07
N GLU I 243 -4.68 32.19 -17.00
CA GLU I 243 -5.18 33.51 -16.68
C GLU I 243 -6.64 33.37 -16.29
N TYR I 244 -7.08 34.11 -15.28
CA TYR I 244 -8.45 33.99 -14.80
C TYR I 244 -9.01 35.33 -14.35
N LYS I 245 -10.33 35.48 -14.49
CA LYS I 245 -11.01 36.69 -14.07
C LYS I 245 -12.45 36.36 -13.67
N ILE I 246 -12.84 36.75 -12.46
CA ILE I 246 -14.20 36.54 -11.99
C ILE I 246 -14.91 37.87 -11.83
N LEU I 247 -15.93 38.10 -12.66
CA LEU I 247 -16.67 39.35 -12.66
C LEU I 247 -17.83 39.34 -11.66
N GLY I 248 -17.87 40.36 -10.82
CA GLY I 248 -18.93 40.50 -9.84
C GLY I 248 -20.05 41.38 -10.35
N VAL I 249 -21.06 41.59 -9.50
CA VAL I 249 -22.30 42.26 -9.88
C VAL I 249 -22.14 43.67 -10.45
N LYS I 250 -21.33 44.50 -9.80
CA LYS I 250 -21.17 45.88 -10.25
C LYS I 250 -20.52 45.92 -11.62
N GLU I 251 -19.61 44.97 -11.86
CA GLU I 251 -18.94 44.83 -13.13
C GLU I 251 -19.95 44.40 -14.20
N LEU I 252 -20.85 43.50 -13.83
CA LEU I 252 -21.89 43.04 -14.74
C LEU I 252 -22.85 44.18 -15.04
N GLU I 253 -23.09 45.02 -14.03
CA GLU I 253 -23.94 46.19 -14.18
C GLU I 253 -23.33 47.19 -15.17
N GLU I 254 -22.01 47.35 -15.10
CA GLU I 254 -21.31 48.25 -15.99
C GLU I 254 -21.35 47.74 -17.43
N LEU I 255 -21.35 46.43 -17.57
CA LEU I 255 -21.43 45.78 -18.88
C LEU I 255 -22.87 45.64 -19.34
N LYS I 256 -23.80 46.05 -18.48
CA LYS I 256 -25.23 46.10 -18.80
C LYS I 256 -25.80 44.72 -19.14
N MET I 257 -25.37 43.70 -18.41
CA MET I 257 -25.89 42.35 -18.62
C MET I 257 -27.20 42.16 -17.88
N GLY I 258 -28.25 42.83 -18.35
CA GLY I 258 -29.54 42.84 -17.68
C GLY I 258 -30.26 41.51 -17.66
N ALA I 259 -30.04 40.71 -18.71
CA ALA I 259 -30.66 39.39 -18.80
C ALA I 259 -30.05 38.42 -17.79
N TYR I 260 -28.72 38.36 -17.77
CA TYR I 260 -27.99 37.51 -16.84
C TYR I 260 -28.24 37.91 -15.39
N LEU I 261 -28.20 39.21 -15.11
CA LEU I 261 -28.38 39.68 -13.75
C LEU I 261 -29.81 39.46 -13.26
N SER I 262 -30.76 39.50 -14.19
CA SER I 262 -32.17 39.31 -13.85
C SER I 262 -32.46 37.92 -13.31
N VAL I 263 -31.82 36.92 -13.91
CA VAL I 263 -32.01 35.53 -13.50
C VAL I 263 -31.57 35.31 -12.05
N GLY I 264 -30.46 35.93 -11.67
CA GLY I 264 -29.88 35.76 -10.36
C GLY I 264 -30.42 36.67 -9.26
N LYS I 265 -31.31 37.60 -9.63
CA LYS I 265 -31.85 38.58 -8.68
C LYS I 265 -32.45 37.97 -7.42
N GLY I 266 -33.16 36.87 -7.57
CA GLY I 266 -33.87 36.27 -6.45
C GLY I 266 -33.00 35.39 -5.57
N SER I 267 -31.71 35.34 -5.86
CA SER I 267 -30.80 34.47 -5.12
C SER I 267 -30.06 35.17 -4.00
N MET I 268 -29.71 34.41 -2.96
CA MET I 268 -28.91 34.93 -1.86
C MET I 268 -27.44 34.95 -2.24
N TYR I 269 -27.11 34.28 -3.33
CA TYR I 269 -25.74 34.27 -3.84
C TYR I 269 -25.59 35.26 -4.99
N PRO I 270 -24.60 36.15 -4.89
CA PRO I 270 -24.30 37.12 -5.95
C PRO I 270 -23.88 36.43 -7.25
N ASN I 271 -24.32 36.98 -8.38
CA ASN I 271 -23.88 36.46 -9.67
C ASN I 271 -22.36 36.51 -9.80
N LYS I 272 -21.78 35.48 -10.40
CA LYS I 272 -20.33 35.43 -10.64
C LYS I 272 -20.06 34.93 -12.05
N PHE I 273 -19.47 35.79 -12.87
CA PHE I 273 -19.16 35.44 -14.26
C PHE I 273 -17.73 34.91 -14.34
N ILE I 274 -17.58 33.64 -14.73
CA ILE I 274 -16.28 33.00 -14.80
C ILE I 274 -15.61 33.23 -16.16
N HIS I 275 -14.37 33.70 -16.14
CA HIS I 275 -13.61 33.88 -17.36
C HIS I 275 -12.19 33.34 -17.24
N LEU I 276 -11.98 32.14 -17.76
CA LEU I 276 -10.63 31.56 -17.81
C LEU I 276 -10.09 31.66 -19.23
N THR I 277 -8.78 31.83 -19.35
CA THR I 277 -8.13 31.90 -20.66
C THR I 277 -6.87 31.06 -20.72
N TYR I 278 -6.78 30.23 -21.76
CA TYR I 278 -5.55 29.54 -22.10
C TYR I 278 -4.98 30.13 -23.38
N LYS I 279 -3.72 30.56 -23.34
CA LYS I 279 -3.09 31.06 -24.56
C LYS I 279 -1.83 30.25 -24.83
N SER I 280 -1.79 29.65 -26.02
CA SER I 280 -0.63 28.89 -26.48
C SER I 280 0.67 29.67 -26.52
N LYS I 281 1.78 28.93 -26.53
CA LYS I 281 3.11 29.51 -26.66
C LYS I 281 3.44 29.73 -28.13
N GLY I 282 3.37 30.98 -28.59
CA GLY I 282 3.71 31.30 -29.96
C GLY I 282 2.59 31.94 -30.76
N ASP I 283 2.57 31.69 -32.07
CA ASP I 283 1.54 32.26 -32.92
C ASP I 283 0.18 31.59 -32.72
N VAL I 284 -0.83 32.41 -32.49
CA VAL I 284 -2.20 31.94 -32.34
C VAL I 284 -2.88 31.86 -33.70
N LYS I 285 -3.36 30.67 -34.06
CA LYS I 285 -3.96 30.49 -35.37
C LYS I 285 -5.48 30.44 -35.25
N LYS I 286 -5.96 30.05 -34.08
CA LYS I 286 -7.39 30.01 -33.80
C LYS I 286 -7.74 30.51 -32.40
N LYS I 287 -8.75 31.36 -32.32
CA LYS I 287 -9.28 31.80 -31.04
C LYS I 287 -10.68 31.25 -30.82
N ILE I 288 -10.88 30.59 -29.69
CA ILE I 288 -12.14 29.89 -29.43
C ILE I 288 -12.74 30.28 -28.08
N ALA I 289 -14.04 30.57 -28.07
CA ALA I 289 -14.75 30.78 -26.82
C ALA I 289 -15.68 29.61 -26.52
N LEU I 290 -15.48 29.00 -25.36
CA LEU I 290 -16.35 27.93 -24.89
C LEU I 290 -17.24 28.46 -23.77
N VAL I 291 -18.55 28.42 -24.01
CA VAL I 291 -19.51 28.96 -23.05
C VAL I 291 -20.34 27.85 -22.41
N GLY I 292 -20.41 27.84 -21.09
CA GLY I 292 -21.18 26.83 -20.40
C GLY I 292 -22.28 27.43 -19.54
N LYS I 293 -23.47 26.85 -19.61
CA LYS I 293 -24.58 27.27 -18.75
C LYS I 293 -24.26 26.90 -17.31
N GLY I 294 -24.37 27.87 -16.42
CA GLY I 294 -23.99 27.68 -15.03
C GLY I 294 -25.08 28.07 -14.05
N ILE I 295 -26.21 27.38 -14.12
CA ILE I 295 -27.27 27.58 -13.13
C ILE I 295 -27.10 26.54 -12.03
N THR I 296 -26.61 27.00 -10.88
CA THR I 296 -26.25 26.09 -9.80
C THR I 296 -27.48 25.39 -9.21
N PHE I 297 -28.62 26.05 -9.30
CA PHE I 297 -29.90 25.40 -9.03
C PHE I 297 -31.03 26.05 -9.81
N ASP I 298 -31.85 25.22 -10.46
CA ASP I 298 -32.97 25.73 -11.23
C ASP I 298 -34.29 25.33 -10.58
N SER I 299 -34.82 26.22 -9.75
CA SER I 299 -36.12 26.00 -9.12
C SER I 299 -37.24 26.29 -10.10
N GLY I 300 -36.89 26.99 -11.18
CA GLY I 300 -37.86 27.38 -12.18
C GLY I 300 -38.31 28.82 -12.02
N GLY I 301 -37.94 29.41 -10.89
CA GLY I 301 -38.40 30.75 -10.56
C GLY I 301 -39.87 30.74 -10.22
N TYR I 302 -40.56 31.84 -10.49
CA TYR I 302 -41.99 31.92 -10.22
C TYR I 302 -42.79 30.97 -11.10
N ASN I 303 -42.22 30.60 -12.24
CA ASN I 303 -42.70 29.46 -13.00
C ASN I 303 -42.14 28.17 -12.38
N LEU I 304 -42.47 27.96 -11.11
CA LEU I 304 -41.92 26.87 -10.32
C LEU I 304 -42.10 25.50 -10.97
N LYS I 305 -41.09 24.65 -10.83
CA LYS I 305 -41.17 23.27 -11.29
C LYS I 305 -42.04 22.47 -10.33
N ALA I 306 -43.36 22.59 -10.49
CA ALA I 306 -44.30 21.98 -9.56
C ALA I 306 -45.13 20.91 -10.25
N ALA I 307 -45.04 20.86 -11.57
CA ALA I 307 -45.77 19.87 -12.36
C ALA I 307 -45.25 18.47 -12.08
N PRO I 308 -46.14 17.46 -12.15
CA PRO I 308 -45.72 16.08 -11.92
C PRO I 308 -44.65 15.63 -12.92
N GLY I 309 -43.55 15.09 -12.41
CA GLY I 309 -42.47 14.61 -13.26
C GLY I 309 -41.50 15.66 -13.76
N SER I 310 -41.48 16.83 -13.12
CA SER I 310 -40.55 17.89 -13.50
C SER I 310 -39.17 17.71 -12.88
N MET I 311 -39.08 16.79 -11.92
CA MET I 311 -37.80 16.41 -11.29
C MET I 311 -37.01 17.60 -10.76
N ILE I 312 -37.61 18.37 -9.86
CA ILE I 312 -36.95 19.55 -9.33
C ILE I 312 -35.77 19.16 -8.44
N ASP I 313 -35.80 17.93 -7.92
CA ASP I 313 -34.75 17.46 -7.02
C ASP I 313 -33.49 17.11 -7.77
N LEU I 314 -33.57 17.10 -9.09
CA LEU I 314 -32.42 16.76 -9.90
C LEU I 314 -31.70 18.04 -10.35
N MET I 315 -32.39 19.17 -10.22
CA MET I 315 -32.00 20.41 -10.89
C MET I 315 -30.68 21.04 -10.42
N LYS I 316 -29.90 20.28 -9.68
CA LYS I 316 -28.53 20.68 -9.39
C LYS I 316 -27.65 20.47 -10.63
N PHE I 317 -28.08 19.59 -11.52
CA PHE I 317 -27.34 19.29 -12.75
C PHE I 317 -27.30 20.48 -13.72
N ASP I 318 -28.10 21.51 -13.46
CA ASP I 318 -28.30 22.59 -14.43
C ASP I 318 -27.05 23.47 -14.63
N MET I 319 -25.93 23.07 -14.03
CA MET I 319 -24.65 23.74 -14.26
C MET I 319 -23.67 22.78 -14.93
N SER I 320 -24.22 21.75 -15.56
CA SER I 320 -23.45 20.72 -16.27
C SER I 320 -22.65 21.31 -17.43
N GLY I 321 -23.21 22.35 -18.06
CA GLY I 321 -22.53 23.01 -19.15
C GLY I 321 -21.27 23.69 -18.65
N CYS I 322 -21.40 24.38 -17.53
CA CYS I 322 -20.28 25.05 -16.90
C CYS I 322 -19.20 24.06 -16.47
N ALA I 323 -19.66 22.94 -15.90
CA ALA I 323 -18.77 21.90 -15.42
C ALA I 323 -17.97 21.30 -16.57
N ALA I 324 -18.64 21.09 -17.70
CA ALA I 324 -17.99 20.56 -18.88
C ALA I 324 -16.90 21.49 -19.38
N VAL I 325 -17.19 22.80 -19.33
CA VAL I 325 -16.22 23.81 -19.77
C VAL I 325 -15.01 23.82 -18.84
N LEU I 326 -15.27 23.72 -17.53
CA LEU I 326 -14.20 23.68 -16.56
C LEU I 326 -13.40 22.38 -16.65
N GLY I 327 -14.10 21.28 -16.91
CA GLY I 327 -13.43 20.01 -17.06
C GLY I 327 -12.55 20.03 -18.30
N CYS I 328 -13.02 20.73 -19.33
CA CYS I 328 -12.25 20.93 -20.54
C CYS I 328 -11.04 21.83 -20.30
N ALA I 329 -11.25 22.86 -19.48
CA ALA I 329 -10.17 23.78 -19.10
C ALA I 329 -9.02 23.00 -18.45
N TYR I 330 -9.37 22.00 -17.65
CA TYR I 330 -8.36 21.14 -17.05
C TYR I 330 -7.56 20.41 -18.13
N CYS I 331 -8.25 19.79 -19.08
CA CYS I 331 -7.60 19.02 -20.12
C CYS I 331 -6.71 19.90 -20.99
N VAL I 332 -7.22 21.06 -21.39
CA VAL I 332 -6.47 21.97 -22.23
C VAL I 332 -5.28 22.54 -21.48
N GLY I 333 -5.51 22.94 -20.23
CA GLY I 333 -4.44 23.48 -19.40
C GLY I 333 -3.35 22.48 -19.09
N THR I 334 -3.70 21.19 -19.11
CA THR I 334 -2.74 20.13 -18.82
C THR I 334 -2.05 19.63 -20.09
N LEU I 335 -2.82 19.40 -21.14
CA LEU I 335 -2.26 18.88 -22.40
C LEU I 335 -1.55 19.98 -23.17
N LYS I 336 -1.89 21.22 -22.86
CA LYS I 336 -1.26 22.42 -23.42
C LYS I 336 -1.13 22.40 -24.94
N PRO I 337 -2.26 22.49 -25.65
CA PRO I 337 -2.21 22.52 -27.12
C PRO I 337 -1.56 23.81 -27.65
N GLU I 338 -1.06 23.76 -28.88
CA GLU I 338 -0.37 24.89 -29.48
C GLU I 338 -1.23 25.61 -30.50
N ASN I 339 -0.89 26.87 -30.76
CA ASN I 339 -1.48 27.68 -31.81
C ASN I 339 -2.97 27.95 -31.59
N VAL I 340 -3.38 27.95 -30.32
CA VAL I 340 -4.76 28.22 -29.97
C VAL I 340 -4.89 29.14 -28.77
N GLU I 341 -5.93 29.97 -28.77
CA GLU I 341 -6.27 30.77 -27.60
C GLU I 341 -7.72 30.45 -27.22
N ILE I 342 -7.91 29.95 -25.99
CA ILE I 342 -9.23 29.52 -25.57
C ILE I 342 -9.75 30.33 -24.40
N HIS I 343 -10.99 30.79 -24.51
CA HIS I 343 -11.64 31.44 -23.38
C HIS I 343 -12.73 30.55 -22.80
N PHE I 344 -12.64 30.28 -21.50
CA PHE I 344 -13.61 29.46 -20.82
C PHE I 344 -14.57 30.33 -20.03
N LEU I 345 -15.81 30.41 -20.51
CA LEU I 345 -16.78 31.36 -19.99
C LEU I 345 -17.97 30.66 -19.35
N SER I 346 -18.49 31.26 -18.28
CA SER I 346 -19.74 30.79 -17.69
C SER I 346 -20.41 31.89 -16.87
N ALA I 347 -21.63 32.22 -17.25
CA ALA I 347 -22.45 33.15 -16.48
C ALA I 347 -23.16 32.38 -15.38
N VAL I 348 -22.55 32.34 -14.20
CA VAL I 348 -23.03 31.51 -13.12
C VAL I 348 -23.99 32.26 -12.19
N CYS I 349 -25.13 31.64 -11.90
CA CYS I 349 -26.09 32.20 -10.96
C CYS I 349 -27.06 31.14 -10.46
N GLU I 350 -28.10 31.57 -9.74
CA GLU I 350 -29.08 30.67 -9.15
C GLU I 350 -30.49 31.19 -9.43
N ASN I 351 -31.37 30.28 -9.83
CA ASN I 351 -32.75 30.63 -10.18
C ASN I 351 -33.72 30.28 -9.05
N MET I 352 -34.07 31.28 -8.23
CA MET I 352 -34.81 31.03 -7.00
C MET I 352 -36.12 31.81 -6.92
N VAL I 353 -36.96 31.45 -5.95
CA VAL I 353 -38.19 32.18 -5.71
C VAL I 353 -38.03 33.09 -4.51
N SER I 354 -38.28 34.38 -4.72
CA SER I 354 -38.04 35.38 -3.69
C SER I 354 -38.84 36.64 -3.96
N LYS I 355 -38.84 37.56 -3.01
CA LYS I 355 -39.40 38.89 -3.23
C LYS I 355 -38.57 39.66 -4.26
N ASN I 356 -37.32 39.24 -4.46
CA ASN I 356 -36.41 39.92 -5.37
C ASN I 356 -36.29 39.26 -6.74
N SER I 357 -36.98 38.14 -6.94
CA SER I 357 -36.91 37.41 -8.20
C SER I 357 -37.53 38.19 -9.36
N TYR I 358 -37.02 37.94 -10.56
CA TYR I 358 -37.64 38.53 -11.75
C TYR I 358 -38.97 37.81 -12.02
N ARG I 359 -39.94 38.55 -12.52
CA ARG I 359 -41.29 38.03 -12.69
C ARG I 359 -41.56 37.63 -14.13
N PRO I 360 -42.49 36.68 -14.33
CA PRO I 360 -43.02 36.43 -15.68
C PRO I 360 -43.67 37.70 -16.23
N GLY I 361 -43.29 38.10 -17.44
CA GLY I 361 -43.84 39.30 -18.03
C GLY I 361 -42.86 40.46 -18.04
N ASP I 362 -41.86 40.40 -17.17
CA ASP I 362 -40.83 41.43 -17.10
C ASP I 362 -40.11 41.60 -18.42
N ILE I 363 -39.83 42.85 -18.78
CA ILE I 363 -39.02 43.14 -19.95
C ILE I 363 -37.64 43.59 -19.50
N ILE I 364 -36.62 42.89 -19.96
CA ILE I 364 -35.25 43.13 -19.52
C ILE I 364 -34.34 43.42 -20.71
N THR I 365 -33.25 44.13 -20.45
CA THR I 365 -32.34 44.54 -21.51
C THR I 365 -31.01 43.82 -21.49
N ALA I 366 -30.69 43.14 -22.58
CA ALA I 366 -29.42 42.45 -22.71
C ALA I 366 -28.29 43.44 -22.99
N SER I 367 -27.06 42.98 -22.88
CA SER I 367 -25.89 43.82 -23.07
C SER I 367 -25.72 44.34 -24.50
N ASN I 368 -26.48 43.79 -25.44
CA ASN I 368 -26.41 44.27 -26.82
C ASN I 368 -27.57 45.22 -27.15
N GLY I 369 -28.32 45.61 -26.12
CA GLY I 369 -29.38 46.57 -26.26
C GLY I 369 -30.75 45.96 -26.56
N LYS I 370 -30.76 44.69 -26.93
CA LYS I 370 -32.02 44.02 -27.25
C LYS I 370 -32.87 43.84 -25.99
N THR I 371 -34.13 44.25 -26.08
CA THR I 371 -35.09 44.07 -25.00
C THR I 371 -35.79 42.72 -25.15
N ILE I 372 -35.99 42.04 -24.02
CA ILE I 372 -36.55 40.70 -24.02
C ILE I 372 -37.76 40.62 -23.09
N GLU I 373 -38.88 40.11 -23.61
CA GLU I 373 -40.05 39.90 -22.78
C GLU I 373 -40.04 38.48 -22.21
N VAL I 374 -39.94 38.40 -20.88
CA VAL I 374 -39.91 37.12 -20.20
C VAL I 374 -41.28 36.48 -20.13
N GLY I 375 -41.45 35.34 -20.80
CA GLY I 375 -42.70 34.62 -20.79
C GLY I 375 -42.69 33.45 -19.82
N ASN I 376 -41.50 33.05 -19.40
CA ASN I 376 -41.34 31.90 -18.51
C ASN I 376 -39.99 31.97 -17.80
N THR I 377 -40.02 32.14 -16.48
CA THR I 377 -38.80 32.28 -15.68
C THR I 377 -38.01 30.97 -15.61
N ASP I 378 -38.62 29.87 -16.00
CA ASP I 378 -37.94 28.58 -15.98
C ASP I 378 -37.14 28.36 -17.27
N ALA I 379 -37.31 29.27 -18.23
CA ALA I 379 -36.47 29.28 -19.42
C ALA I 379 -35.33 30.28 -19.21
N GLU I 380 -34.65 30.15 -18.08
CA GLU I 380 -33.67 31.14 -17.65
C GLU I 380 -32.30 30.91 -18.31
N GLY I 381 -32.06 29.70 -18.77
CA GLY I 381 -30.77 29.35 -19.35
C GLY I 381 -30.39 30.21 -20.54
N ARG I 382 -31.35 30.43 -21.43
CA ARG I 382 -31.11 31.20 -22.64
C ARG I 382 -30.85 32.67 -22.32
N LEU I 383 -31.34 33.14 -21.18
CA LEU I 383 -31.11 34.52 -20.77
C LEU I 383 -29.67 34.73 -20.33
N THR I 384 -29.16 33.82 -19.50
CA THR I 384 -27.78 33.90 -19.04
C THR I 384 -26.80 33.69 -20.19
N LEU I 385 -27.13 32.76 -21.08
CA LEU I 385 -26.29 32.50 -22.25
C LEU I 385 -26.27 33.70 -23.20
N ALA I 386 -27.41 34.39 -23.30
CA ALA I 386 -27.54 35.54 -24.18
C ALA I 386 -26.47 36.59 -23.88
N ASP I 387 -26.36 36.97 -22.62
CA ASP I 387 -25.35 37.94 -22.20
C ASP I 387 -23.96 37.33 -22.32
N ALA I 388 -23.86 36.03 -22.06
CA ALA I 388 -22.59 35.33 -22.15
C ALA I 388 -22.09 35.28 -23.60
N LEU I 389 -23.02 35.09 -24.53
CA LEU I 389 -22.66 35.03 -25.94
C LEU I 389 -22.24 36.41 -26.46
N VAL I 390 -22.88 37.45 -25.96
CA VAL I 390 -22.51 38.82 -26.31
C VAL I 390 -21.10 39.14 -25.81
N TYR I 391 -20.82 38.75 -24.57
CA TYR I 391 -19.49 38.92 -23.97
C TYR I 391 -18.44 38.18 -24.78
N ALA I 392 -18.79 36.97 -25.21
CA ALA I 392 -17.88 36.13 -25.97
C ALA I 392 -17.51 36.77 -27.30
N GLU I 393 -18.49 37.32 -27.99
CA GLU I 393 -18.26 37.89 -29.30
C GLU I 393 -17.40 39.15 -29.23
N LYS I 394 -17.48 39.87 -28.11
CA LYS I 394 -16.63 41.04 -27.90
C LYS I 394 -15.16 40.66 -27.73
N LEU I 395 -14.90 39.39 -27.43
CA LEU I 395 -13.53 38.91 -27.27
C LEU I 395 -12.85 38.77 -28.64
N GLY I 396 -13.65 38.75 -29.70
CA GLY I 396 -13.12 38.63 -31.05
C GLY I 396 -12.55 37.24 -31.32
N VAL I 397 -13.39 36.23 -31.25
CA VAL I 397 -12.95 34.86 -31.47
C VAL I 397 -13.40 34.36 -32.82
N ASP I 398 -12.89 33.20 -33.23
CA ASP I 398 -13.25 32.61 -34.51
C ASP I 398 -14.47 31.72 -34.35
N TYR I 399 -14.52 31.01 -33.23
CA TYR I 399 -15.62 30.11 -32.93
C TYR I 399 -16.20 30.38 -31.55
N ILE I 400 -17.53 30.41 -31.48
CA ILE I 400 -18.22 30.40 -30.20
C ILE I 400 -19.01 29.11 -30.06
N VAL I 401 -18.64 28.29 -29.09
CA VAL I 401 -19.39 27.06 -28.83
C VAL I 401 -19.97 27.09 -27.43
N ASP I 402 -21.29 27.00 -27.34
CA ASP I 402 -21.93 26.96 -26.04
C ASP I 402 -22.49 25.58 -25.78
N ILE I 403 -22.47 25.17 -24.52
CA ILE I 403 -22.95 23.86 -24.11
C ILE I 403 -23.84 24.02 -22.88
N ALA I 404 -25.03 23.46 -22.92
CA ALA I 404 -26.05 23.76 -21.92
C ALA I 404 -27.11 22.69 -21.77
N THR I 405 -27.56 22.49 -20.54
CA THR I 405 -28.75 21.70 -20.26
C THR I 405 -29.97 22.59 -20.45
N LEU I 406 -30.28 22.89 -21.71
CA LEU I 406 -31.19 23.97 -22.04
C LEU I 406 -32.67 23.58 -22.04
N THR I 407 -33.01 22.51 -22.75
CA THR I 407 -34.43 22.15 -22.93
C THR I 407 -34.74 20.68 -22.66
N GLY I 408 -35.79 20.44 -21.89
CA GLY I 408 -36.24 19.10 -21.58
C GLY I 408 -36.75 18.35 -22.80
N ALA I 409 -37.07 19.11 -23.86
CA ALA I 409 -37.56 18.52 -25.11
C ALA I 409 -36.54 17.57 -25.73
N MET I 410 -35.28 17.70 -25.35
CA MET I 410 -34.23 16.83 -25.88
C MET I 410 -34.48 15.37 -25.53
N LEU I 411 -35.18 15.13 -24.42
CA LEU I 411 -35.53 13.78 -24.01
C LEU I 411 -36.53 13.16 -24.98
N TYR I 412 -37.31 14.00 -25.63
CA TYR I 412 -38.35 13.52 -26.53
C TYR I 412 -37.85 13.47 -27.97
N SER I 413 -36.71 14.10 -28.22
CA SER I 413 -36.16 14.16 -29.57
C SER I 413 -35.03 13.15 -29.76
N LEU I 414 -34.02 13.23 -28.90
CA LEU I 414 -32.86 12.34 -29.01
C LEU I 414 -32.74 11.39 -27.82
N GLY I 415 -33.44 11.69 -26.74
CA GLY I 415 -33.41 10.81 -25.58
C GLY I 415 -32.22 11.04 -24.67
N THR I 416 -31.68 9.95 -24.13
CA THR I 416 -30.67 10.03 -23.10
C THR I 416 -29.27 9.71 -23.58
N SER I 417 -29.13 9.35 -24.85
CA SER I 417 -27.83 8.95 -25.39
C SER I 417 -27.18 10.03 -26.27
N TYR I 418 -27.96 10.69 -27.10
CA TYR I 418 -27.43 11.65 -28.06
C TYR I 418 -27.75 13.08 -27.67
N ALA I 419 -26.72 13.92 -27.61
CA ALA I 419 -26.92 15.35 -27.43
C ALA I 419 -27.25 15.95 -28.79
N GLY I 420 -27.92 17.09 -28.79
CA GLY I 420 -28.26 17.77 -30.02
C GLY I 420 -27.38 18.98 -30.24
N VAL I 421 -26.98 19.20 -31.49
CA VAL I 421 -26.20 20.39 -31.80
C VAL I 421 -26.92 21.28 -32.81
N PHE I 422 -26.91 22.58 -32.52
CA PHE I 422 -27.46 23.59 -33.41
C PHE I 422 -26.35 24.58 -33.71
N GLY I 423 -26.48 25.31 -34.82
CA GLY I 423 -25.46 26.29 -35.16
C GLY I 423 -25.81 27.18 -36.34
N ASN I 424 -25.01 28.22 -36.53
CA ASN I 424 -25.21 29.14 -37.65
C ASN I 424 -24.16 28.93 -38.73
N ASN I 425 -23.34 27.89 -38.57
CA ASN I 425 -22.20 27.67 -39.45
C ASN I 425 -21.97 26.18 -39.71
N GLU I 426 -21.99 25.80 -40.98
CA GLU I 426 -21.92 24.39 -41.35
C GLU I 426 -20.55 23.80 -41.05
N GLU I 427 -19.50 24.59 -41.24
CA GLU I 427 -18.15 24.14 -40.94
C GLU I 427 -17.97 23.85 -39.46
N LEU I 428 -18.41 24.78 -38.61
CA LEU I 428 -18.29 24.62 -37.17
C LEU I 428 -19.10 23.42 -36.67
N ILE I 429 -20.31 23.26 -37.19
CA ILE I 429 -21.15 22.13 -36.84
C ILE I 429 -20.44 20.83 -37.20
N ASN I 430 -19.82 20.82 -38.38
CA ASN I 430 -19.09 19.66 -38.86
C ASN I 430 -17.89 19.33 -37.97
N LYS I 431 -17.25 20.37 -37.44
CA LYS I 431 -16.14 20.17 -36.52
C LYS I 431 -16.61 19.54 -35.21
N ILE I 432 -17.76 20.00 -34.72
CA ILE I 432 -18.35 19.44 -33.51
C ILE I 432 -18.68 17.97 -33.70
N LEU I 433 -19.22 17.64 -34.88
CA LEU I 433 -19.56 16.26 -35.21
C LEU I 433 -18.31 15.40 -35.31
N GLN I 434 -17.25 15.95 -35.88
CA GLN I 434 -15.97 15.25 -35.97
C GLN I 434 -15.43 14.97 -34.57
N SER I 435 -15.52 15.97 -33.71
CA SER I 435 -15.08 15.84 -32.33
C SER I 435 -15.90 14.79 -31.58
N SER I 436 -17.18 14.68 -31.94
CA SER I 436 -18.06 13.68 -31.35
C SER I 436 -17.63 12.26 -31.70
N LYS I 437 -17.20 12.06 -32.93
CA LYS I 437 -16.74 10.75 -33.39
C LYS I 437 -15.49 10.30 -32.65
N THR I 438 -14.52 11.20 -32.53
CA THR I 438 -13.23 10.86 -31.95
C THR I 438 -13.24 10.82 -30.43
N SER I 439 -14.16 11.57 -29.82
CA SER I 439 -14.29 11.58 -28.36
C SER I 439 -15.27 10.49 -27.91
N ASN I 440 -16.03 9.96 -28.87
CA ASN I 440 -17.07 8.98 -28.61
C ASN I 440 -18.14 9.46 -27.63
N GLU I 441 -18.40 10.77 -27.68
CA GLU I 441 -19.55 11.35 -27.02
C GLU I 441 -20.56 11.75 -28.11
N PRO I 442 -21.59 10.93 -28.30
CA PRO I 442 -22.50 11.03 -29.47
C PRO I 442 -23.30 12.32 -29.52
N VAL I 443 -23.26 12.95 -30.70
CA VAL I 443 -23.97 14.21 -30.96
C VAL I 443 -24.69 14.14 -32.31
N TRP I 444 -25.91 14.67 -32.38
CA TRP I 444 -26.66 14.68 -33.63
C TRP I 444 -27.02 16.11 -34.02
N TRP I 445 -26.95 16.40 -35.31
CA TRP I 445 -27.23 17.73 -35.83
C TRP I 445 -28.73 17.98 -35.96
N LEU I 446 -29.22 19.01 -35.29
CA LEU I 446 -30.63 19.38 -35.40
C LEU I 446 -30.73 20.79 -36.03
N PRO I 447 -31.83 21.06 -36.75
CA PRO I 447 -31.91 22.31 -37.51
C PRO I 447 -32.40 23.52 -36.71
N ILE I 448 -31.92 24.70 -37.08
CA ILE I 448 -32.50 25.93 -36.58
C ILE I 448 -33.49 26.43 -37.62
N ILE I 449 -34.77 26.16 -37.38
CA ILE I 449 -35.81 26.43 -38.37
C ILE I 449 -36.32 27.86 -38.34
N ASN I 450 -35.97 28.64 -39.36
CA ASN I 450 -36.27 30.07 -39.40
C ASN I 450 -37.75 30.38 -39.45
N GLU I 451 -38.57 29.41 -39.88
CA GLU I 451 -40.00 29.63 -39.97
C GLU I 451 -40.63 29.86 -38.59
N TYR I 452 -39.96 29.40 -37.53
CA TYR I 452 -40.48 29.55 -36.18
C TYR I 452 -40.08 30.89 -35.56
N ARG I 453 -39.16 31.60 -36.21
CA ARG I 453 -38.63 32.86 -35.67
C ARG I 453 -39.74 33.88 -35.42
N ALA I 454 -40.78 33.84 -36.24
CA ALA I 454 -41.86 34.82 -36.14
C ALA I 454 -42.64 34.68 -34.83
N THR I 455 -42.56 33.52 -34.20
CA THR I 455 -43.27 33.30 -32.93
C THR I 455 -42.55 33.97 -31.77
N LEU I 456 -41.35 34.47 -32.02
CA LEU I 456 -40.59 35.18 -31.00
C LEU I 456 -40.77 36.69 -31.13
N ASN I 457 -41.62 37.12 -32.06
CA ASN I 457 -41.91 38.54 -32.22
C ASN I 457 -42.77 39.07 -31.08
N SER I 458 -42.19 39.92 -30.24
CA SER I 458 -42.90 40.47 -29.10
C SER I 458 -43.65 41.74 -29.49
N LYS I 459 -44.81 41.95 -28.85
CA LYS I 459 -45.62 43.13 -29.10
C LYS I 459 -44.96 44.40 -28.57
N TYR I 460 -44.22 44.28 -27.48
CA TYR I 460 -43.67 45.45 -26.81
C TYR I 460 -42.14 45.48 -26.80
N ALA I 461 -41.53 44.33 -26.54
CA ALA I 461 -40.08 44.24 -26.53
C ALA I 461 -39.56 43.94 -27.93
N ASP I 462 -38.23 43.92 -28.08
CA ASP I 462 -37.62 43.58 -29.36
C ASP I 462 -37.87 42.11 -29.70
N ILE I 463 -37.86 41.27 -28.68
CA ILE I 463 -37.98 39.82 -28.88
C ILE I 463 -38.61 39.14 -27.68
N ASN I 464 -39.33 38.05 -27.94
CA ASN I 464 -39.86 37.20 -26.88
C ASN I 464 -38.81 36.19 -26.41
N GLN I 465 -38.85 35.87 -25.12
CA GLN I 465 -37.98 34.85 -24.57
C GLN I 465 -38.41 33.47 -25.05
N ILE I 466 -39.72 33.25 -25.05
CA ILE I 466 -40.26 31.97 -25.48
C ILE I 466 -41.37 32.14 -26.50
N SER I 467 -41.72 31.04 -27.16
CA SER I 467 -42.87 31.03 -28.05
C SER I 467 -44.10 30.67 -27.22
N SER I 468 -45.29 30.92 -27.76
CA SER I 468 -46.52 30.61 -27.05
C SER I 468 -47.33 29.57 -27.81
N SER I 469 -46.71 29.01 -28.84
CA SER I 469 -47.41 28.09 -29.74
C SER I 469 -46.51 27.01 -30.33
N VAL I 470 -45.20 27.26 -30.34
CA VAL I 470 -44.26 26.39 -31.04
C VAL I 470 -43.55 25.44 -30.09
N LYS I 471 -44.19 24.30 -29.83
CA LYS I 471 -43.69 23.25 -28.95
C LYS I 471 -42.17 23.07 -29.05
N ALA I 472 -41.69 22.50 -30.15
CA ALA I 472 -40.27 22.42 -30.51
C ALA I 472 -39.33 23.35 -29.73
N SER I 473 -39.18 23.08 -28.43
CA SER I 473 -38.46 24.00 -27.52
C SER I 473 -36.98 24.18 -27.83
N SER I 474 -36.33 23.10 -28.25
CA SER I 474 -34.89 23.14 -28.51
C SER I 474 -34.57 24.04 -29.70
N ILE I 475 -35.45 24.03 -30.69
CA ILE I 475 -35.28 24.84 -31.88
C ILE I 475 -35.56 26.31 -31.60
N VAL I 476 -36.63 26.58 -30.87
CA VAL I 476 -36.97 27.95 -30.50
C VAL I 476 -35.87 28.59 -29.66
N ALA I 477 -35.33 27.82 -28.72
CA ALA I 477 -34.25 28.30 -27.85
C ALA I 477 -33.01 28.63 -28.66
N SER I 478 -32.73 27.83 -29.68
CA SER I 478 -31.60 28.08 -30.58
C SER I 478 -31.81 29.36 -31.38
N LEU I 479 -33.05 29.58 -31.83
CA LEU I 479 -33.39 30.80 -32.55
C LEU I 479 -33.17 32.03 -31.68
N PHE I 480 -33.50 31.90 -30.40
CA PHE I 480 -33.30 32.98 -29.44
C PHE I 480 -31.82 33.31 -29.30
N LEU I 481 -31.01 32.29 -29.00
CA LEU I 481 -29.57 32.48 -28.82
C LEU I 481 -28.89 33.03 -30.06
N LYS I 482 -29.37 32.60 -31.22
CA LYS I 482 -28.80 33.03 -32.50
C LYS I 482 -28.87 34.56 -32.66
N GLU I 483 -29.89 35.16 -32.04
CA GLU I 483 -30.09 36.61 -32.10
C GLU I 483 -29.01 37.39 -31.37
N PHE I 484 -28.16 36.70 -30.63
CA PHE I 484 -27.14 37.35 -29.81
C PHE I 484 -25.72 37.05 -30.28
N VAL I 485 -25.62 36.48 -31.49
CA VAL I 485 -24.34 36.29 -32.16
C VAL I 485 -24.45 36.92 -33.54
N GLN I 486 -23.75 38.03 -33.76
CA GLN I 486 -24.00 38.85 -34.94
C GLN I 486 -23.21 38.44 -36.19
N ASN I 487 -21.91 38.18 -36.02
CA ASN I 487 -21.04 37.86 -37.16
C ASN I 487 -19.90 36.92 -36.77
N THR I 488 -20.24 35.86 -36.03
CA THR I 488 -19.25 34.87 -35.63
C THR I 488 -19.83 33.47 -35.78
N ALA I 489 -19.02 32.53 -36.24
CA ALA I 489 -19.43 31.13 -36.30
C ALA I 489 -19.79 30.65 -34.92
N TRP I 490 -21.01 30.15 -34.77
CA TRP I 490 -21.53 29.78 -33.46
C TRP I 490 -22.27 28.45 -33.52
N ALA I 491 -22.06 27.63 -32.49
CA ALA I 491 -22.73 26.34 -32.39
C ALA I 491 -23.23 26.14 -30.97
N HIS I 492 -24.34 25.44 -30.84
CA HIS I 492 -24.99 25.27 -29.54
C HIS I 492 -25.33 23.80 -29.29
N ILE I 493 -24.78 23.28 -28.21
CA ILE I 493 -24.98 21.88 -27.86
C ILE I 493 -25.90 21.74 -26.65
N ASP I 494 -27.07 21.15 -26.89
CA ASP I 494 -28.05 20.96 -25.83
C ASP I 494 -27.86 19.58 -25.17
N ILE I 495 -27.44 19.58 -23.92
CA ILE I 495 -27.11 18.34 -23.21
C ILE I 495 -28.07 18.03 -22.06
N ALA I 496 -29.27 18.60 -22.12
CA ALA I 496 -30.26 18.39 -21.07
C ALA I 496 -30.64 16.92 -20.90
N GLY I 497 -30.60 16.18 -22.00
CA GLY I 497 -30.97 14.77 -21.98
C GLY I 497 -29.87 13.79 -21.64
N VAL I 498 -28.63 14.13 -21.98
CA VAL I 498 -27.53 13.19 -21.84
C VAL I 498 -26.64 13.46 -20.64
N SER I 499 -26.85 14.59 -19.97
CA SER I 499 -25.97 14.98 -18.88
C SER I 499 -26.06 14.03 -17.69
N TRP I 500 -27.29 13.66 -17.32
CA TRP I 500 -27.48 12.81 -16.15
C TRP I 500 -27.74 11.36 -16.54
N ASN I 501 -27.05 10.44 -15.88
CA ASN I 501 -27.25 9.02 -16.07
C ASN I 501 -28.28 8.49 -15.07
N PHE I 502 -29.53 8.40 -15.51
CA PHE I 502 -30.63 8.04 -14.62
C PHE I 502 -30.53 6.59 -14.12
N LYS I 503 -29.99 5.71 -14.94
CA LYS I 503 -29.82 4.31 -14.55
C LYS I 503 -28.77 4.17 -13.44
N ALA I 504 -27.65 4.87 -13.59
CA ALA I 504 -26.56 4.80 -12.63
C ALA I 504 -26.70 5.84 -11.51
N ARG I 505 -27.67 6.73 -11.65
CA ARG I 505 -27.94 7.77 -10.66
C ARG I 505 -26.74 8.67 -10.41
N LYS I 506 -26.10 9.13 -11.47
CA LYS I 506 -24.90 9.95 -11.38
C LYS I 506 -24.66 10.73 -12.66
N PRO I 507 -23.84 11.80 -12.60
CA PRO I 507 -23.54 12.56 -13.82
C PRO I 507 -22.71 11.77 -14.83
N LYS I 508 -22.70 12.20 -16.08
CA LYS I 508 -21.84 11.60 -17.08
C LYS I 508 -20.58 12.43 -17.32
N GLY I 509 -20.64 13.70 -16.93
CA GLY I 509 -19.57 14.63 -17.27
C GLY I 509 -19.51 14.79 -18.77
N PHE I 510 -20.68 14.76 -19.41
CA PHE I 510 -20.77 14.77 -20.86
C PHE I 510 -20.29 16.09 -21.44
N GLY I 511 -19.43 16.00 -22.45
CA GLY I 511 -19.00 17.19 -23.18
C GLY I 511 -17.54 17.54 -22.95
N VAL I 512 -16.98 17.09 -21.83
CA VAL I 512 -15.60 17.40 -21.51
C VAL I 512 -14.65 16.88 -22.58
N ARG I 513 -14.77 15.60 -22.91
CA ARG I 513 -13.91 15.00 -23.93
C ARG I 513 -14.23 15.57 -25.31
N LEU I 514 -15.52 15.82 -25.55
CA LEU I 514 -15.99 16.43 -26.81
C LEU I 514 -15.33 17.78 -27.07
N LEU I 515 -15.37 18.66 -26.07
CA LEU I 515 -14.81 20.00 -26.20
C LEU I 515 -13.29 19.98 -26.33
N THR I 516 -12.64 19.05 -25.62
CA THR I 516 -11.19 18.97 -25.67
C THR I 516 -10.70 18.47 -27.02
N GLU I 517 -11.37 17.45 -27.55
CA GLU I 517 -11.08 16.95 -28.88
C GLU I 517 -11.29 18.03 -29.93
N PHE I 518 -12.29 18.88 -29.70
CA PHE I 518 -12.59 19.97 -30.61
C PHE I 518 -11.43 20.97 -30.65
N VAL I 519 -10.92 21.30 -29.47
CA VAL I 519 -9.83 22.26 -29.34
C VAL I 519 -8.50 21.69 -29.84
N LEU I 520 -8.27 20.41 -29.55
CA LEU I 520 -7.02 19.75 -29.92
C LEU I 520 -6.92 19.39 -31.40
N ASN I 521 -8.00 18.83 -31.95
CA ASN I 521 -7.98 18.34 -33.31
C ASN I 521 -8.40 19.38 -34.33
N ASP I 522 -8.43 20.64 -33.88
CA ASP I 522 -8.76 21.77 -34.76
C ASP I 522 -7.79 21.86 -35.94
N ALA J 4 -65.90 -2.79 -55.16
CA ALA J 4 -66.49 -1.89 -54.18
C ALA J 4 -67.27 -2.68 -53.12
N SER J 5 -66.99 -2.39 -51.86
CA SER J 5 -67.72 -2.99 -50.75
C SER J 5 -68.81 -2.05 -50.26
N GLU J 6 -69.84 -2.63 -49.64
CA GLU J 6 -70.93 -1.84 -49.11
C GLU J 6 -70.56 -1.26 -47.75
N VAL J 7 -70.72 0.06 -47.60
CA VAL J 7 -70.39 0.72 -46.34
C VAL J 7 -71.51 0.49 -45.33
N PRO J 8 -71.18 -0.09 -44.17
CA PRO J 8 -72.17 -0.33 -43.12
C PRO J 8 -72.67 0.97 -42.49
N GLN J 9 -73.93 0.99 -42.06
CA GLN J 9 -74.53 2.16 -41.45
C GLN J 9 -75.21 1.83 -40.13
N VAL J 10 -75.18 2.78 -39.20
CA VAL J 10 -75.94 2.64 -37.97
C VAL J 10 -77.34 3.19 -38.23
N VAL J 11 -77.39 4.36 -38.86
CA VAL J 11 -78.65 4.95 -39.30
C VAL J 11 -78.59 5.22 -40.79
N SER J 12 -79.74 5.45 -41.41
CA SER J 12 -79.82 5.65 -42.85
C SER J 12 -79.23 7.00 -43.28
N LEU J 13 -79.01 7.89 -42.32
CA LEU J 13 -78.47 9.21 -42.60
C LEU J 13 -76.94 9.19 -42.66
N ASP J 14 -76.35 8.06 -42.31
CA ASP J 14 -74.91 7.89 -42.40
C ASP J 14 -74.44 7.86 -43.85
N PRO J 15 -73.42 8.67 -44.17
CA PRO J 15 -72.89 8.73 -45.54
C PRO J 15 -72.24 7.41 -45.95
N THR J 16 -72.28 7.08 -47.25
CA THR J 16 -71.76 5.81 -47.72
C THR J 16 -70.61 5.96 -48.72
N SER J 17 -70.14 7.19 -48.89
CA SER J 17 -68.99 7.45 -49.75
C SER J 17 -68.36 8.79 -49.42
N ILE J 18 -67.08 8.93 -49.76
CA ILE J 18 -66.37 10.21 -49.64
C ILE J 18 -66.60 11.07 -50.87
N PRO J 19 -67.18 12.27 -50.69
CA PRO J 19 -67.32 13.20 -51.81
C PRO J 19 -65.96 13.65 -52.33
N ILE J 20 -65.71 13.47 -53.63
CA ILE J 20 -64.43 13.83 -54.21
C ILE J 20 -64.57 14.73 -55.44
N GLU J 21 -63.90 15.87 -55.42
CA GLU J 21 -63.84 16.76 -56.58
C GLU J 21 -62.59 16.48 -57.41
N TYR J 22 -62.77 15.98 -58.62
CA TYR J 22 -61.66 15.73 -59.52
C TYR J 22 -61.42 16.93 -60.43
N ASN J 23 -62.49 17.49 -60.98
CA ASN J 23 -62.41 18.68 -61.82
C ASN J 23 -62.56 19.96 -61.02
N THR J 24 -61.42 20.54 -60.64
CA THR J 24 -61.43 21.77 -59.84
C THR J 24 -61.31 23.00 -60.74
N PRO J 25 -61.74 24.16 -60.23
CA PRO J 25 -61.58 25.42 -60.97
C PRO J 25 -60.14 25.71 -61.38
N ILE J 26 -59.19 25.24 -60.58
CA ILE J 26 -57.77 25.41 -60.87
C ILE J 26 -57.39 24.77 -62.20
N HIS J 27 -58.04 23.66 -62.52
CA HIS J 27 -57.77 22.95 -63.77
C HIS J 27 -58.22 23.74 -64.99
N ASP J 28 -59.06 24.75 -64.77
CA ASP J 28 -59.58 25.58 -65.86
C ASP J 28 -58.78 26.87 -66.06
N ILE J 29 -57.72 27.05 -65.27
CA ILE J 29 -56.90 28.25 -65.39
C ILE J 29 -55.85 28.12 -66.48
N LYS J 30 -55.96 29.01 -67.48
CA LYS J 30 -55.00 29.09 -68.57
C LYS J 30 -53.72 29.80 -68.11
N VAL J 31 -52.58 29.11 -68.18
CA VAL J 31 -51.33 29.68 -67.65
C VAL J 31 -50.35 30.08 -68.75
N GLN J 32 -49.94 31.35 -68.71
CA GLN J 32 -48.99 31.87 -69.68
C GLN J 32 -47.74 32.44 -69.01
N VAL J 33 -46.58 32.07 -69.51
CA VAL J 33 -45.33 32.57 -68.98
C VAL J 33 -44.60 33.43 -70.02
N TYR J 34 -44.34 34.68 -69.66
CA TYR J 34 -43.68 35.62 -70.55
C TYR J 34 -42.32 36.02 -69.98
N ASP J 35 -41.41 36.44 -70.84
CA ASP J 35 -40.11 36.89 -70.36
C ASP J 35 -40.21 38.35 -69.91
N ILE J 36 -39.60 38.64 -68.76
CA ILE J 36 -39.69 39.96 -68.14
C ILE J 36 -38.87 41.04 -68.86
N LYS J 37 -37.92 40.64 -69.70
CA LYS J 37 -37.08 41.61 -70.41
C LYS J 37 -37.85 42.37 -71.48
N GLY J 38 -38.96 41.81 -71.95
CA GLY J 38 -39.75 42.43 -72.99
C GLY J 38 -40.73 43.47 -72.47
N GLY J 39 -40.77 43.65 -71.15
CA GLY J 39 -41.71 44.59 -70.55
C GLY J 39 -43.04 43.91 -70.30
N CYS J 40 -43.84 44.50 -69.42
CA CYS J 40 -45.11 43.90 -69.04
C CYS J 40 -46.32 44.60 -69.64
N ASN J 41 -47.28 43.82 -70.10
CA ASN J 41 -48.54 44.39 -70.56
C ASN J 41 -49.58 44.32 -69.45
N VAL J 42 -50.10 45.49 -69.07
CA VAL J 42 -51.13 45.55 -68.04
C VAL J 42 -52.47 46.05 -68.60
N GLU J 43 -53.27 45.15 -69.15
CA GLU J 43 -54.52 45.54 -69.74
C GLU J 43 -55.72 44.95 -69.01
N GLU J 44 -55.75 43.62 -68.90
CA GLU J 44 -56.83 42.97 -68.17
C GLU J 44 -56.41 42.55 -66.75
N GLY J 45 -57.40 42.22 -65.93
CA GLY J 45 -57.18 41.61 -64.64
C GLY J 45 -56.44 42.36 -63.54
N LEU J 46 -55.79 41.58 -62.68
CA LEU J 46 -55.01 42.07 -61.54
C LEU J 46 -53.53 41.82 -61.79
N THR J 47 -52.71 42.85 -61.63
CA THR J 47 -51.26 42.72 -61.82
C THR J 47 -50.52 42.93 -60.52
N ILE J 48 -49.85 41.88 -60.06
CA ILE J 48 -49.11 41.92 -58.80
C ILE J 48 -47.61 41.79 -59.03
N PHE J 49 -46.86 42.74 -58.48
CA PHE J 49 -45.41 42.71 -58.55
C PHE J 49 -44.82 42.10 -57.28
N LEU J 50 -43.95 41.11 -57.44
CA LEU J 50 -43.21 40.56 -56.31
C LEU J 50 -41.91 41.33 -56.17
N VAL J 51 -41.82 42.14 -55.13
CA VAL J 51 -40.71 43.08 -54.98
C VAL J 51 -39.96 42.89 -53.67
N ASN J 52 -38.65 43.09 -53.70
CA ASN J 52 -37.86 43.10 -52.49
C ASN J 52 -36.96 44.33 -52.39
N ASN J 53 -36.17 44.41 -51.32
CA ASN J 53 -35.20 45.49 -51.17
C ASN J 53 -34.02 44.97 -50.38
N PRO J 54 -32.99 44.46 -51.07
CA PRO J 54 -31.82 43.87 -50.40
C PRO J 54 -31.05 44.84 -49.50
N GLY J 55 -30.86 46.08 -49.96
CA GLY J 55 -30.09 47.07 -49.23
C GLY J 55 -30.83 47.83 -48.14
N LYS J 56 -31.96 47.27 -47.69
CA LYS J 56 -32.79 47.96 -46.72
C LYS J 56 -33.81 47.05 -46.04
N GLU J 57 -33.73 46.97 -44.72
CA GLU J 57 -34.61 46.12 -43.92
C GLU J 57 -35.96 46.79 -43.77
N ASN J 58 -36.89 46.40 -44.64
CA ASN J 58 -38.24 46.98 -44.76
C ASN J 58 -38.14 48.29 -45.52
N GLY J 59 -37.39 48.25 -46.61
CA GLY J 59 -37.14 49.44 -47.40
C GLY J 59 -38.30 49.72 -48.33
N PRO J 60 -38.25 50.86 -49.02
CA PRO J 60 -39.34 51.29 -49.90
C PRO J 60 -39.49 50.37 -51.12
N VAL J 61 -40.68 50.38 -51.70
CA VAL J 61 -40.97 49.61 -52.90
C VAL J 61 -40.50 50.33 -54.15
N LYS J 62 -39.78 49.62 -55.02
CA LYS J 62 -39.37 50.18 -56.30
C LYS J 62 -39.64 49.19 -57.43
N ILE J 63 -40.46 49.61 -58.40
CA ILE J 63 -40.82 48.77 -59.53
C ILE J 63 -39.86 49.02 -60.69
N SER J 64 -39.12 47.98 -61.08
CA SER J 64 -38.11 48.14 -62.12
C SER J 64 -38.66 47.97 -63.54
N SER J 65 -39.61 47.04 -63.69
CA SER J 65 -40.12 46.68 -65.01
C SER J 65 -40.84 47.81 -65.73
N LYS J 66 -40.66 47.88 -67.05
CA LYS J 66 -41.39 48.81 -67.88
C LYS J 66 -42.77 48.23 -68.19
N VAL J 67 -43.82 49.02 -68.03
CA VAL J 67 -45.18 48.57 -68.33
C VAL J 67 -45.73 49.33 -69.53
N ASN J 68 -46.26 48.59 -70.50
CA ASN J 68 -46.77 49.17 -71.73
C ASN J 68 -48.13 49.87 -71.55
N ASP J 69 -48.26 50.65 -70.48
CA ASP J 69 -49.47 51.43 -70.21
C ASP J 69 -49.11 52.72 -69.46
N LYS J 70 -49.50 53.85 -70.03
CA LYS J 70 -49.13 55.16 -69.49
C LYS J 70 -49.75 55.43 -68.12
N GLN J 71 -51.00 55.00 -67.94
CA GLN J 71 -51.72 55.26 -66.70
C GLN J 71 -51.10 54.49 -65.53
N VAL J 72 -50.79 53.23 -65.76
CA VAL J 72 -50.18 52.38 -64.74
C VAL J 72 -48.74 52.81 -64.43
N SER J 73 -48.01 53.22 -65.47
CA SER J 73 -46.64 53.70 -65.30
C SER J 73 -46.54 54.87 -64.32
N GLU J 74 -47.48 55.80 -64.41
CA GLU J 74 -47.49 56.95 -63.51
C GLU J 74 -47.78 56.49 -62.09
N PHE J 75 -48.68 55.52 -61.96
CA PHE J 75 -48.97 54.90 -60.67
C PHE J 75 -47.73 54.25 -60.08
N LEU J 76 -46.92 53.63 -60.94
CA LEU J 76 -45.77 52.86 -60.49
C LEU J 76 -44.49 53.69 -60.40
N LYS J 77 -44.60 55.00 -60.52
CA LYS J 77 -43.44 55.87 -60.37
C LYS J 77 -42.89 55.78 -58.94
N ASP J 78 -41.59 56.03 -58.79
CA ASP J 78 -40.91 55.83 -57.51
C ASP J 78 -41.49 56.66 -56.36
N GLU J 79 -41.93 57.87 -56.65
CA GLU J 79 -42.49 58.76 -55.63
C GLU J 79 -43.74 58.15 -55.00
N ASN J 80 -44.53 57.43 -55.81
CA ASN J 80 -45.74 56.79 -55.33
C ASN J 80 -45.46 55.50 -54.56
N MET J 81 -44.49 54.73 -55.05
CA MET J 81 -44.25 53.40 -54.50
C MET J 81 -43.38 53.42 -53.24
N GLU J 82 -42.67 54.52 -53.01
CA GLU J 82 -41.79 54.61 -51.87
C GLU J 82 -42.59 54.76 -50.57
N LYS J 83 -43.89 55.04 -50.71
CA LYS J 83 -44.77 55.14 -49.56
C LYS J 83 -45.09 53.77 -48.98
N PHE J 84 -44.76 52.73 -49.74
CA PHE J 84 -44.97 51.36 -49.31
C PHE J 84 -43.63 50.66 -49.08
N ASN J 85 -43.63 49.68 -48.20
CA ASN J 85 -42.41 48.93 -47.90
C ASN J 85 -42.51 47.46 -48.28
N VAL J 86 -41.39 46.76 -48.26
CA VAL J 86 -41.30 45.40 -48.78
C VAL J 86 -41.32 44.33 -47.69
N LYS J 87 -41.76 44.70 -46.49
CA LYS J 87 -41.89 43.75 -45.39
C LYS J 87 -42.58 42.48 -45.88
N LEU J 88 -41.99 41.32 -45.59
CA LEU J 88 -42.47 40.06 -46.15
C LEU J 88 -43.94 39.83 -45.82
N GLY J 89 -44.75 39.71 -46.88
CA GLY J 89 -46.17 39.45 -46.74
C GLY J 89 -47.04 40.68 -46.87
N THR J 90 -46.43 41.86 -46.74
CA THR J 90 -47.17 43.11 -46.86
C THR J 90 -47.67 43.32 -48.29
N SER J 91 -48.92 43.74 -48.42
CA SER J 91 -49.51 43.99 -49.72
C SER J 91 -50.50 45.17 -49.77
N LYS J 92 -50.54 45.83 -50.92
CA LYS J 92 -51.52 46.86 -51.26
C LYS J 92 -51.90 46.63 -52.71
N HIS J 93 -53.13 46.92 -53.08
CA HIS J 93 -53.51 46.92 -54.49
C HIS J 93 -54.58 47.98 -54.71
N PHE J 94 -54.47 48.69 -55.83
CA PHE J 94 -55.39 49.77 -56.19
C PHE J 94 -56.15 49.47 -57.46
N TYR J 95 -57.38 49.96 -57.54
CA TYR J 95 -58.18 49.79 -58.73
C TYR J 95 -58.16 51.13 -59.49
N MET J 96 -57.97 51.05 -60.80
CA MET J 96 -57.85 52.25 -61.61
C MET J 96 -58.18 51.96 -63.08
N PHE J 97 -58.21 53.02 -63.89
CA PHE J 97 -58.42 52.88 -65.31
C PHE J 97 -57.10 53.02 -66.05
N ASN J 98 -56.89 52.13 -67.03
CA ASN J 98 -55.69 52.15 -67.85
C ASN J 98 -55.87 53.11 -69.02
N ASP J 99 -54.97 53.05 -70.00
CA ASP J 99 -54.96 53.97 -71.13
C ASP J 99 -56.23 53.81 -71.98
N ASN J 100 -56.77 52.62 -71.92
CA ASN J 100 -57.96 52.21 -72.66
C ASN J 100 -59.26 52.25 -71.88
N LYS J 101 -59.22 53.01 -70.79
CA LYS J 101 -60.38 53.26 -69.91
C LYS J 101 -61.03 51.97 -69.40
N ASN J 102 -60.23 50.92 -69.30
CA ASN J 102 -60.69 49.66 -68.74
C ASN J 102 -60.30 49.53 -67.28
N SER J 103 -61.19 48.97 -66.46
CA SER J 103 -60.89 48.85 -65.05
C SER J 103 -59.82 47.79 -64.79
N VAL J 104 -58.75 48.21 -64.14
CA VAL J 104 -57.63 47.32 -63.81
C VAL J 104 -57.23 47.47 -62.35
N ALA J 105 -56.62 46.41 -61.82
CA ALA J 105 -56.10 46.45 -60.46
C ALA J 105 -54.59 46.21 -60.45
N VAL J 106 -53.84 47.07 -59.76
CA VAL J 106 -52.39 46.94 -59.72
C VAL J 106 -51.94 46.95 -58.25
N GLY J 107 -50.90 46.19 -57.94
CA GLY J 107 -50.40 46.11 -56.57
C GLY J 107 -49.07 45.40 -56.43
N TYR J 108 -48.70 45.15 -55.18
CA TYR J 108 -47.46 44.43 -54.88
C TYR J 108 -47.59 43.49 -53.69
N VAL J 109 -46.62 42.58 -53.57
CA VAL J 109 -46.43 41.78 -52.37
C VAL J 109 -44.97 41.88 -51.94
N GLY J 110 -44.73 42.21 -50.67
CA GLY J 110 -43.37 42.36 -50.18
C GLY J 110 -42.65 41.04 -50.01
N CYS J 111 -41.41 40.96 -50.49
CA CYS J 111 -40.63 39.74 -50.37
C CYS J 111 -39.37 39.94 -49.52
N GLY J 112 -39.40 40.95 -48.66
CA GLY J 112 -38.33 41.18 -47.70
C GLY J 112 -37.05 41.76 -48.28
N SER J 113 -35.95 41.50 -47.59
CA SER J 113 -34.64 42.04 -47.95
C SER J 113 -33.64 40.93 -48.27
N VAL J 114 -34.03 39.70 -47.98
CA VAL J 114 -33.19 38.54 -48.27
C VAL J 114 -33.34 38.15 -49.74
N ALA J 115 -32.21 37.94 -50.42
CA ALA J 115 -32.22 37.69 -51.86
C ALA J 115 -32.68 36.28 -52.23
N ASP J 116 -32.57 35.34 -51.30
CA ASP J 116 -32.98 33.96 -51.56
C ASP J 116 -34.12 33.49 -50.69
N LEU J 117 -35.32 33.49 -51.26
CA LEU J 117 -36.53 33.11 -50.56
C LEU J 117 -36.61 31.62 -50.26
N SER J 118 -36.93 31.28 -49.02
CA SER J 118 -37.15 29.89 -48.64
C SER J 118 -38.56 29.51 -49.06
N GLU J 119 -38.90 28.23 -48.90
CA GLU J 119 -40.26 27.80 -49.21
C GLU J 119 -41.25 28.40 -48.22
N ALA J 120 -40.80 28.62 -46.99
CA ALA J 120 -41.66 29.21 -45.97
C ALA J 120 -41.90 30.69 -46.30
N ASP J 121 -40.86 31.36 -46.78
CA ASP J 121 -40.95 32.76 -47.18
C ASP J 121 -41.88 32.93 -48.36
N MET J 122 -41.73 32.06 -49.36
CA MET J 122 -42.54 32.10 -50.56
C MET J 122 -44.00 31.81 -50.24
N LYS J 123 -44.23 30.94 -49.27
CA LYS J 123 -45.58 30.58 -48.85
C LYS J 123 -46.26 31.77 -48.19
N ARG J 124 -45.49 32.55 -47.44
CA ARG J 124 -46.03 33.76 -46.84
C ARG J 124 -46.43 34.73 -47.95
N VAL J 125 -45.60 34.79 -49.00
CA VAL J 125 -45.87 35.61 -50.17
C VAL J 125 -47.12 35.13 -50.90
N VAL J 126 -47.21 33.84 -51.14
CA VAL J 126 -48.34 33.23 -51.82
C VAL J 126 -49.64 33.46 -51.07
N LEU J 127 -49.60 33.27 -49.75
CA LEU J 127 -50.77 33.45 -48.90
C LEU J 127 -51.26 34.89 -48.97
N SER J 128 -50.31 35.82 -49.03
CA SER J 128 -50.63 37.23 -49.15
C SER J 128 -51.32 37.49 -50.49
N LEU J 129 -50.85 36.79 -51.52
CA LEU J 129 -51.46 36.88 -52.84
C LEU J 129 -52.88 36.34 -52.83
N VAL J 130 -53.07 35.21 -52.17
CA VAL J 130 -54.35 34.51 -52.13
C VAL J 130 -55.43 35.34 -51.42
N THR J 131 -55.02 36.14 -50.45
CA THR J 131 -55.95 37.00 -49.74
C THR J 131 -56.58 38.01 -50.70
N MET J 132 -55.80 38.48 -51.66
CA MET J 132 -56.32 39.40 -52.67
C MET J 132 -57.21 38.67 -53.67
N LEU J 133 -56.91 37.41 -53.93
CA LEU J 133 -57.67 36.61 -54.88
C LEU J 133 -59.03 36.22 -54.33
N HIS J 134 -59.11 36.04 -53.01
CA HIS J 134 -60.37 35.68 -52.37
C HIS J 134 -61.29 36.90 -52.32
N ASP J 135 -60.78 38.03 -52.79
CA ASP J 135 -61.50 39.29 -52.83
C ASP J 135 -61.40 39.85 -54.25
N ASN J 136 -61.07 38.99 -55.20
CA ASN J 136 -61.00 39.47 -56.57
C ASN J 136 -62.21 38.94 -57.40
N LYS J 137 -62.86 39.80 -58.20
CA LYS J 137 -63.85 39.28 -59.14
C LYS J 137 -63.26 39.11 -60.55
N LEU J 138 -62.17 39.78 -60.84
CA LEU J 138 -61.49 39.78 -62.15
C LEU J 138 -61.13 38.38 -62.65
N SER J 139 -61.00 38.29 -63.96
CA SER J 139 -60.77 37.03 -64.67
C SER J 139 -59.30 36.67 -64.88
N LYS J 140 -58.40 37.61 -64.63
CA LYS J 140 -56.99 37.35 -64.89
C LYS J 140 -56.09 37.88 -63.79
N LEU J 141 -55.13 37.05 -63.39
CA LEU J 141 -54.08 37.47 -62.48
C LEU J 141 -52.74 37.41 -63.20
N THR J 142 -51.95 38.47 -63.02
CA THR J 142 -50.62 38.53 -63.60
C THR J 142 -49.58 38.74 -62.52
N VAL J 143 -48.61 37.83 -62.44
CA VAL J 143 -47.57 37.92 -61.41
C VAL J 143 -46.24 38.28 -62.05
N VAL J 144 -45.65 39.37 -61.57
CA VAL J 144 -44.38 39.86 -62.10
C VAL J 144 -43.25 39.59 -61.11
N PHE J 145 -42.36 38.66 -61.47
CA PHE J 145 -41.26 38.29 -60.61
C PHE J 145 -40.08 39.23 -60.75
N GLU J 146 -39.95 40.17 -59.81
CA GLU J 146 -38.78 41.04 -59.79
C GLU J 146 -37.84 40.57 -58.68
N ILE J 147 -37.89 39.26 -58.45
CA ILE J 147 -37.03 38.57 -57.50
C ILE J 147 -36.48 37.30 -58.17
N ASN J 148 -35.47 36.70 -57.56
CA ASN J 148 -34.89 35.46 -58.10
C ASN J 148 -35.47 34.19 -57.51
N VAL J 149 -36.02 33.37 -58.39
CA VAL J 149 -36.53 32.08 -58.02
C VAL J 149 -36.04 31.09 -59.07
N ASP J 150 -35.60 29.92 -58.64
CA ASP J 150 -35.21 28.88 -59.58
C ASP J 150 -36.43 28.09 -60.03
N LYS J 151 -36.20 27.13 -60.92
CA LYS J 151 -37.29 26.34 -61.51
C LYS J 151 -38.09 25.61 -60.45
N ASN J 152 -37.39 25.05 -59.45
CA ASN J 152 -38.07 24.33 -58.37
C ASN J 152 -38.93 25.26 -57.52
N LEU J 153 -38.39 26.42 -57.18
CA LEU J 153 -39.11 27.37 -56.33
C LEU J 153 -40.28 27.98 -57.09
N PHE J 154 -40.11 28.16 -58.39
CA PHE J 154 -41.20 28.65 -59.23
C PHE J 154 -42.33 27.61 -59.30
N ARG J 155 -41.96 26.35 -59.47
CA ARG J 155 -42.94 25.29 -59.49
C ARG J 155 -43.62 25.22 -58.13
N PHE J 156 -42.83 25.38 -57.07
CA PHE J 156 -43.36 25.41 -55.71
C PHE J 156 -44.33 26.58 -55.55
N PHE J 157 -43.99 27.72 -56.15
CA PHE J 157 -44.85 28.89 -56.14
C PHE J 157 -46.23 28.58 -56.72
N LEU J 158 -46.24 27.94 -57.88
CA LEU J 158 -47.47 27.60 -58.56
C LEU J 158 -48.29 26.58 -57.79
N GLU J 159 -47.64 25.51 -57.37
CA GLU J 159 -48.29 24.47 -56.56
C GLU J 159 -48.96 25.05 -55.33
N THR J 160 -48.20 25.86 -54.59
CA THR J 160 -48.72 26.46 -53.36
C THR J 160 -49.86 27.41 -53.68
N LEU J 161 -49.68 28.19 -54.75
CA LEU J 161 -50.72 29.10 -55.20
C LEU J 161 -51.99 28.34 -55.54
N PHE J 162 -51.87 27.30 -56.36
CA PHE J 162 -53.03 26.50 -56.74
C PHE J 162 -53.71 25.91 -55.50
N TYR J 163 -52.92 25.32 -54.62
CA TYR J 163 -53.45 24.66 -53.43
C TYR J 163 -54.16 25.60 -52.45
N GLU J 164 -53.54 26.75 -52.16
CA GLU J 164 -54.10 27.67 -51.19
C GLU J 164 -55.31 28.42 -51.74
N TYR J 165 -55.27 28.67 -53.05
CA TYR J 165 -56.35 29.34 -53.75
C TYR J 165 -57.63 28.51 -53.69
N MET J 166 -57.48 27.20 -53.87
CA MET J 166 -58.59 26.26 -53.88
C MET J 166 -59.29 26.17 -52.52
N THR J 167 -60.62 26.11 -52.54
CA THR J 167 -61.40 26.02 -51.32
C THR J 167 -62.33 24.81 -51.33
N ASP J 168 -62.27 24.03 -50.25
CA ASP J 168 -63.06 22.80 -50.12
C ASP J 168 -64.44 23.09 -49.54
N GLU J 169 -65.48 22.90 -50.35
CA GLU J 169 -66.84 23.19 -49.92
C GLU J 169 -67.75 21.97 -50.00
N ARG J 170 -67.15 20.78 -50.01
CA ARG J 170 -67.91 19.54 -50.12
C ARG J 170 -68.92 19.34 -49.00
N PHE J 171 -68.63 19.91 -47.83
CA PHE J 171 -69.47 19.70 -46.66
C PHE J 171 -70.22 20.96 -46.28
N LYS J 172 -70.10 21.98 -47.13
CA LYS J 172 -70.88 23.20 -47.02
C LYS J 172 -72.27 22.99 -47.62
N SER J 173 -73.28 23.62 -47.06
CA SER J 173 -74.63 23.51 -47.60
C SER J 173 -75.24 24.89 -47.87
N MET J 180 -66.01 36.56 -54.48
CA MET J 180 -65.03 36.30 -55.52
C MET J 180 -65.47 35.19 -56.47
N GLU J 181 -64.63 34.93 -57.46
CA GLU J 181 -64.89 33.94 -58.49
C GLU J 181 -63.50 33.58 -58.98
N TYR J 182 -63.29 32.37 -59.51
CA TYR J 182 -61.93 31.99 -59.87
C TYR J 182 -61.48 32.61 -61.19
N ILE J 183 -60.20 32.97 -61.23
CA ILE J 183 -59.58 33.48 -62.44
C ILE J 183 -59.60 32.43 -63.54
N LYS J 184 -59.57 32.88 -64.79
CA LYS J 184 -59.55 31.96 -65.92
C LYS J 184 -58.18 32.00 -66.58
N HIS J 185 -57.40 33.02 -66.23
CA HIS J 185 -56.07 33.21 -66.81
C HIS J 185 -55.04 33.60 -65.77
N LEU J 186 -53.85 33.02 -65.91
CA LEU J 186 -52.71 33.37 -65.07
C LEU J 186 -51.53 33.76 -65.92
N GLY J 187 -51.10 35.01 -65.80
CA GLY J 187 -49.93 35.48 -66.53
C GLY J 187 -48.75 35.59 -65.60
N VAL J 188 -47.60 35.09 -66.04
CA VAL J 188 -46.39 35.16 -65.23
C VAL J 188 -45.26 35.81 -66.02
N TYR J 189 -44.74 36.90 -65.49
CA TYR J 189 -43.57 37.55 -66.07
C TYR J 189 -42.35 37.19 -65.23
N ILE J 190 -41.35 36.61 -65.88
CA ILE J 190 -40.17 36.12 -65.19
C ILE J 190 -38.98 36.02 -66.15
N ASN J 191 -37.77 36.23 -65.62
CA ASN J 191 -36.58 36.11 -66.45
C ASN J 191 -36.37 34.65 -66.85
N ASN J 192 -35.91 34.44 -68.09
CA ASN J 192 -35.72 33.10 -68.67
C ASN J 192 -37.00 32.29 -68.69
N ALA J 193 -38.08 32.91 -69.18
CA ALA J 193 -39.40 32.31 -69.14
C ALA J 193 -39.49 30.97 -69.85
N ASP J 194 -38.74 30.82 -70.93
CA ASP J 194 -38.78 29.59 -71.72
C ASP J 194 -38.38 28.37 -70.90
N THR J 195 -37.46 28.56 -69.97
CA THR J 195 -36.99 27.45 -69.13
C THR J 195 -38.05 27.05 -68.11
N TYR J 196 -38.91 27.99 -67.73
CA TYR J 196 -39.88 27.76 -66.66
C TYR J 196 -41.21 27.21 -67.17
N LYS J 197 -41.42 27.26 -68.49
CA LYS J 197 -42.69 26.86 -69.07
C LYS J 197 -43.04 25.40 -68.83
N GLU J 198 -42.03 24.54 -68.82
CA GLU J 198 -42.24 23.12 -68.60
C GLU J 198 -42.71 22.82 -67.17
N GLU J 199 -42.47 23.75 -66.26
CA GLU J 199 -42.82 23.56 -64.85
C GLU J 199 -44.31 23.75 -64.60
N VAL J 200 -45.01 24.39 -65.53
CA VAL J 200 -46.41 24.74 -65.33
C VAL J 200 -47.34 23.54 -65.19
N GLU J 201 -47.29 22.62 -66.14
CA GLU J 201 -48.19 21.47 -66.11
C GLU J 201 -47.75 20.44 -65.07
N LYS J 202 -46.46 20.43 -64.74
CA LYS J 202 -45.97 19.59 -63.67
C LYS J 202 -46.53 20.07 -62.35
N ALA J 203 -46.56 21.38 -62.18
CA ALA J 203 -47.12 22.00 -60.98
C ALA J 203 -48.60 21.70 -60.84
N ARG J 204 -49.32 21.67 -61.96
CA ARG J 204 -50.74 21.42 -61.94
C ARG J 204 -51.06 19.98 -61.51
N VAL J 205 -50.23 19.04 -61.93
CA VAL J 205 -50.39 17.66 -61.52
C VAL J 205 -50.09 17.51 -60.02
N TYR J 206 -48.98 18.09 -59.60
CA TYR J 206 -48.58 18.06 -58.20
C TYR J 206 -49.64 18.70 -57.32
N TYR J 207 -50.24 19.77 -57.83
CA TYR J 207 -51.35 20.45 -57.14
C TYR J 207 -52.46 19.49 -56.78
N PHE J 208 -52.99 18.77 -57.78
CA PHE J 208 -54.16 17.95 -57.52
C PHE J 208 -53.82 16.74 -56.65
N GLY J 209 -52.62 16.19 -56.83
CA GLY J 209 -52.16 15.09 -56.00
C GLY J 209 -52.17 15.50 -54.54
N THR J 210 -51.67 16.71 -54.28
CA THR J 210 -51.67 17.27 -52.94
C THR J 210 -53.10 17.57 -52.48
N TYR J 211 -53.90 18.15 -53.37
CA TYR J 211 -55.27 18.51 -53.02
C TYR J 211 -56.16 17.29 -52.84
N TYR J 212 -55.90 16.24 -53.62
CA TYR J 212 -56.66 15.00 -53.50
C TYR J 212 -56.42 14.39 -52.12
N ALA J 213 -55.16 14.37 -51.70
CA ALA J 213 -54.80 13.90 -50.37
C ALA J 213 -55.48 14.74 -49.31
N SER J 214 -55.44 16.05 -49.50
CA SER J 214 -56.11 16.99 -48.60
C SER J 214 -57.60 16.70 -48.46
N GLN J 215 -58.25 16.36 -49.56
CA GLN J 215 -59.67 16.07 -49.55
C GLN J 215 -60.01 14.84 -48.71
N LEU J 216 -59.17 13.82 -48.78
CA LEU J 216 -59.40 12.61 -48.02
C LEU J 216 -59.18 12.84 -46.53
N ILE J 217 -58.12 13.58 -46.19
CA ILE J 217 -57.80 13.87 -44.80
C ILE J 217 -58.85 14.75 -44.15
N ALA J 218 -59.22 15.83 -44.83
CA ALA J 218 -60.20 16.77 -44.30
C ALA J 218 -61.56 16.12 -44.12
N ALA J 219 -61.85 15.11 -44.94
CA ALA J 219 -63.09 14.34 -44.83
C ALA J 219 -63.18 13.71 -43.45
N PRO J 220 -64.28 14.00 -42.72
CA PRO J 220 -64.48 13.47 -41.36
C PRO J 220 -64.62 11.96 -41.35
N SER J 221 -64.53 11.36 -40.16
CA SER J 221 -64.46 9.91 -40.04
C SER J 221 -65.78 9.22 -40.32
N ASN J 222 -66.89 9.96 -40.28
CA ASN J 222 -68.17 9.38 -40.65
C ASN J 222 -68.28 9.29 -42.16
N TYR J 223 -67.51 10.12 -42.86
CA TYR J 223 -67.43 10.06 -44.33
C TYR J 223 -66.28 9.16 -44.78
N CYS J 224 -65.11 9.35 -44.18
CA CYS J 224 -63.93 8.56 -44.55
C CYS J 224 -63.69 7.42 -43.57
N ASN J 225 -64.10 6.21 -43.96
CA ASN J 225 -63.92 5.02 -43.15
C ASN J 225 -63.16 3.98 -43.97
N PRO J 226 -62.68 2.89 -43.33
CA PRO J 226 -61.90 1.88 -44.06
C PRO J 226 -62.56 1.37 -45.34
N VAL J 227 -63.89 1.23 -45.33
CA VAL J 227 -64.60 0.75 -46.52
C VAL J 227 -64.67 1.82 -47.60
N SER J 228 -65.10 3.02 -47.22
CA SER J 228 -65.26 4.11 -48.17
C SER J 228 -63.92 4.62 -48.71
N LEU J 229 -62.89 4.56 -47.88
CA LEU J 229 -61.56 5.01 -48.30
C LEU J 229 -60.96 4.04 -49.32
N SER J 230 -61.15 2.75 -49.10
CA SER J 230 -60.64 1.75 -50.02
C SER J 230 -61.39 1.84 -51.36
N ASN J 231 -62.69 2.14 -51.29
CA ASN J 231 -63.49 2.34 -52.49
C ASN J 231 -62.98 3.51 -53.32
N ALA J 232 -62.60 4.59 -52.66
CA ALA J 232 -62.08 5.77 -53.33
C ALA J 232 -60.75 5.46 -54.01
N ALA J 233 -59.95 4.62 -53.38
CA ALA J 233 -58.66 4.22 -53.93
C ALA J 233 -58.87 3.39 -55.19
N VAL J 234 -59.92 2.57 -55.18
CA VAL J 234 -60.29 1.78 -56.34
C VAL J 234 -60.71 2.68 -57.50
N GLU J 235 -61.59 3.63 -57.19
CA GLU J 235 -62.08 4.58 -58.17
C GLU J 235 -60.92 5.37 -58.78
N LEU J 236 -59.96 5.74 -57.95
CA LEU J 236 -58.77 6.46 -58.40
C LEU J 236 -57.91 5.59 -59.32
N ALA J 237 -57.73 4.34 -58.91
CA ALA J 237 -56.93 3.39 -59.67
C ALA J 237 -57.52 3.13 -61.04
N GLN J 238 -58.84 3.06 -61.11
CA GLN J 238 -59.54 2.81 -62.36
C GLN J 238 -59.41 3.97 -63.33
N LYS J 239 -59.45 5.20 -62.81
CA LYS J 239 -59.32 6.38 -63.65
C LYS J 239 -57.91 6.52 -64.18
N LEU J 240 -56.94 5.94 -63.47
CA LEU J 240 -55.53 6.08 -63.84
C LEU J 240 -54.99 4.84 -64.52
N ASN J 241 -55.87 3.86 -64.72
CA ASN J 241 -55.49 2.56 -65.28
C ASN J 241 -54.38 1.88 -64.50
N LEU J 242 -54.50 1.92 -63.17
CA LEU J 242 -53.58 1.22 -62.30
C LEU J 242 -54.16 -0.15 -61.92
N GLU J 243 -53.29 -1.15 -61.76
CA GLU J 243 -53.73 -2.42 -61.21
C GLU J 243 -54.14 -2.20 -59.75
N TYR J 244 -55.20 -2.86 -59.31
CA TYR J 244 -55.67 -2.64 -57.95
C TYR J 244 -56.20 -3.91 -57.32
N LYS J 245 -56.03 -4.00 -56.00
CA LYS J 245 -56.48 -5.14 -55.23
C LYS J 245 -56.78 -4.70 -53.81
N ILE J 246 -58.00 -4.98 -53.33
CA ILE J 246 -58.35 -4.66 -51.95
C ILE J 246 -58.52 -5.95 -51.16
N LEU J 247 -57.64 -6.15 -50.20
CA LEU J 247 -57.66 -7.36 -49.40
C LEU J 247 -58.60 -7.21 -48.22
N GLY J 248 -59.53 -8.15 -48.08
CA GLY J 248 -60.50 -8.13 -47.01
C GLY J 248 -60.09 -8.98 -45.83
N VAL J 249 -60.95 -9.02 -44.81
CA VAL J 249 -60.64 -9.68 -43.55
C VAL J 249 -60.32 -11.16 -43.74
N LYS J 250 -61.09 -11.84 -44.58
CA LYS J 250 -60.91 -13.27 -44.78
C LYS J 250 -59.54 -13.54 -45.42
N GLU J 251 -59.17 -12.70 -46.37
CA GLU J 251 -57.87 -12.79 -47.03
C GLU J 251 -56.75 -12.37 -46.08
N LEU J 252 -56.99 -11.36 -45.26
CA LEU J 252 -56.00 -10.89 -44.30
C LEU J 252 -55.73 -11.95 -43.23
N GLU J 253 -56.77 -12.68 -42.85
CA GLU J 253 -56.62 -13.77 -41.88
C GLU J 253 -55.75 -14.89 -42.46
N GLU J 254 -55.95 -15.19 -43.74
CA GLU J 254 -55.18 -16.23 -44.39
C GLU J 254 -53.71 -15.82 -44.49
N LEU J 255 -53.47 -14.51 -44.61
CA LEU J 255 -52.12 -13.98 -44.61
C LEU J 255 -51.62 -13.76 -43.18
N LYS J 256 -52.50 -13.99 -42.21
CA LYS J 256 -52.16 -13.94 -40.79
C LYS J 256 -51.64 -12.59 -40.30
N MET J 257 -52.26 -11.51 -40.75
CA MET J 257 -51.87 -10.17 -40.31
C MET J 257 -52.52 -9.83 -38.97
N GLY J 258 -52.05 -10.49 -37.91
CA GLY J 258 -52.67 -10.37 -36.60
C GLY J 258 -52.52 -9.02 -35.92
N ALA J 259 -51.43 -8.32 -36.18
CA ALA J 259 -51.24 -7.00 -35.60
C ALA J 259 -52.22 -6.00 -36.21
N TYR J 260 -52.28 -5.99 -37.54
CA TYR J 260 -53.19 -5.13 -38.28
C TYR J 260 -54.65 -5.46 -37.97
N LEU J 261 -54.96 -6.74 -37.91
CA LEU J 261 -56.34 -7.18 -37.65
C LEU J 261 -56.76 -6.83 -36.22
N SER J 262 -55.80 -6.83 -35.30
CA SER J 262 -56.08 -6.53 -33.90
C SER J 262 -56.54 -5.09 -33.67
N VAL J 263 -55.92 -4.16 -34.37
CA VAL J 263 -56.27 -2.75 -34.22
C VAL J 263 -57.72 -2.50 -34.64
N GLY J 264 -58.15 -3.16 -35.71
CA GLY J 264 -59.48 -2.94 -36.26
C GLY J 264 -60.61 -3.74 -35.62
N LYS J 265 -60.27 -4.63 -34.70
CA LYS J 265 -61.24 -5.52 -34.07
C LYS J 265 -62.43 -4.78 -33.45
N GLY J 266 -62.15 -3.64 -32.82
CA GLY J 266 -63.18 -2.89 -32.12
C GLY J 266 -64.00 -1.97 -33.00
N SER J 267 -63.76 -2.01 -34.31
CA SER J 267 -64.45 -1.10 -35.23
C SER J 267 -65.66 -1.78 -35.87
N MET J 268 -66.64 -0.98 -36.27
CA MET J 268 -67.80 -1.51 -36.97
C MET J 268 -67.49 -1.67 -38.45
N TYR J 269 -66.37 -1.07 -38.87
CA TYR J 269 -65.92 -1.16 -40.25
C TYR J 269 -64.83 -2.20 -40.41
N PRO J 270 -65.01 -3.11 -41.38
CA PRO J 270 -64.04 -4.16 -41.70
C PRO J 270 -62.70 -3.60 -42.18
N ASN J 271 -61.60 -4.23 -41.77
CA ASN J 271 -60.28 -3.85 -42.28
C ASN J 271 -60.20 -4.00 -43.79
N LYS J 272 -59.54 -3.04 -44.44
CA LYS J 272 -59.35 -3.07 -45.90
C LYS J 272 -57.92 -2.72 -46.27
N PHE J 273 -57.22 -3.67 -46.87
CA PHE J 273 -55.84 -3.46 -47.28
C PHE J 273 -55.77 -3.00 -48.73
N ILE J 274 -55.28 -1.78 -48.94
CA ILE J 274 -55.16 -1.21 -50.27
C ILE J 274 -53.81 -1.56 -50.91
N HIS J 275 -53.87 -2.11 -52.12
CA HIS J 275 -52.66 -2.44 -52.89
C HIS J 275 -52.81 -1.93 -54.33
N LEU J 276 -52.18 -0.80 -54.62
CA LEU J 276 -52.18 -0.25 -55.96
C LEU J 276 -50.84 -0.53 -56.62
N THR J 277 -50.82 -0.74 -57.94
CA THR J 277 -49.57 -0.97 -58.64
C THR J 277 -49.46 -0.19 -59.94
N TYR J 278 -48.34 0.52 -60.09
CA TYR J 278 -47.99 1.15 -61.35
C TYR J 278 -46.81 0.43 -61.98
N LYS J 279 -46.97 -0.03 -63.22
CA LYS J 279 -45.86 -0.67 -63.90
C LYS J 279 -45.55 0.06 -65.20
N SER J 280 -44.29 0.45 -65.36
CA SER J 280 -43.81 1.10 -66.58
C SER J 280 -44.09 0.29 -67.84
N LYS J 281 -44.00 0.95 -68.98
CA LYS J 281 -44.22 0.29 -70.25
C LYS J 281 -42.98 -0.49 -70.71
N GLY J 282 -41.80 0.03 -70.40
CA GLY J 282 -40.59 -0.66 -70.79
C GLY J 282 -40.08 -1.62 -69.73
N ASP J 283 -38.77 -1.81 -69.71
CA ASP J 283 -38.14 -2.70 -68.74
C ASP J 283 -38.12 -2.06 -67.36
N VAL J 284 -38.53 -2.81 -66.34
CA VAL J 284 -38.50 -2.32 -64.98
C VAL J 284 -37.13 -2.52 -64.34
N LYS J 285 -36.50 -1.41 -63.95
CA LYS J 285 -35.15 -1.43 -63.39
C LYS J 285 -35.16 -1.20 -61.88
N LYS J 286 -36.21 -0.55 -61.39
CA LYS J 286 -36.35 -0.31 -59.96
C LYS J 286 -37.77 -0.62 -59.50
N LYS J 287 -37.89 -1.37 -58.41
CA LYS J 287 -39.18 -1.67 -57.81
C LYS J 287 -39.32 -0.97 -56.45
N ILE J 288 -40.40 -0.24 -56.26
CA ILE J 288 -40.59 0.55 -55.05
C ILE J 288 -41.94 0.28 -54.39
N ALA J 289 -41.93 0.05 -53.08
CA ALA J 289 -43.18 -0.04 -52.33
C ALA J 289 -43.35 1.18 -51.42
N LEU J 290 -44.45 1.90 -51.60
CA LEU J 290 -44.78 3.04 -50.73
C LEU J 290 -45.91 2.67 -49.77
N VAL J 291 -45.63 2.74 -48.47
CA VAL J 291 -46.59 2.35 -47.45
C VAL J 291 -47.07 3.53 -46.60
N GLY J 292 -48.39 3.68 -46.49
CA GLY J 292 -48.95 4.77 -45.70
C GLY J 292 -49.83 4.30 -44.56
N LYS J 293 -49.68 4.93 -43.40
CA LYS J 293 -50.55 4.66 -42.26
C LYS J 293 -51.97 5.13 -42.56
N GLY J 294 -52.92 4.22 -42.37
CA GLY J 294 -54.30 4.52 -42.72
C GLY J 294 -55.31 4.26 -41.62
N ILE J 295 -55.16 4.97 -40.50
CA ILE J 295 -56.15 4.91 -39.44
C ILE J 295 -57.17 6.02 -39.65
N THR J 296 -58.36 5.66 -40.11
CA THR J 296 -59.36 6.66 -40.51
C THR J 296 -59.86 7.45 -39.31
N PHE J 297 -59.83 6.84 -38.13
CA PHE J 297 -60.03 7.57 -36.89
C PHE J 297 -59.28 6.91 -35.74
N ASP J 298 -58.55 7.72 -34.98
CA ASP J 298 -57.77 7.22 -33.86
C ASP J 298 -58.32 7.71 -32.52
N SER J 299 -59.18 6.91 -31.89
CA SER J 299 -59.71 7.27 -30.59
C SER J 299 -58.68 6.99 -29.49
N GLY J 300 -57.69 6.18 -29.83
CA GLY J 300 -56.68 5.77 -28.89
C GLY J 300 -56.96 4.37 -28.36
N GLY J 301 -58.15 3.86 -28.65
CA GLY J 301 -58.58 2.59 -28.11
C GLY J 301 -58.87 2.69 -26.63
N TYR J 302 -58.66 1.60 -25.89
CA TYR J 302 -58.91 1.62 -24.45
C TYR J 302 -57.92 2.55 -23.74
N ASN J 303 -56.78 2.81 -24.38
CA ASN J 303 -55.92 3.92 -23.97
C ASN J 303 -56.46 5.22 -24.58
N LEU J 304 -57.71 5.54 -24.23
CA LEU J 304 -58.43 6.65 -24.84
C LEU J 304 -57.68 7.98 -24.77
N LYS J 305 -57.77 8.75 -25.84
CA LYS J 305 -57.20 10.09 -25.86
C LYS J 305 -58.07 11.02 -25.02
N ALA J 306 -57.84 10.98 -23.70
CA ALA J 306 -58.66 11.73 -22.76
C ALA J 306 -57.86 12.82 -22.05
N ALA J 307 -56.54 12.80 -22.25
CA ALA J 307 -55.67 13.80 -21.66
C ALA J 307 -55.95 15.18 -22.25
N PRO J 308 -55.79 16.24 -21.45
CA PRO J 308 -56.01 17.60 -21.94
C PRO J 308 -55.07 17.96 -23.08
N GLY J 309 -55.62 18.41 -24.20
CA GLY J 309 -54.82 18.80 -25.34
C GLY J 309 -54.39 17.62 -26.19
N SER J 310 -55.08 16.49 -26.06
CA SER J 310 -54.76 15.31 -26.86
C SER J 310 -55.42 15.41 -28.23
N MET J 311 -56.29 16.40 -28.40
CA MET J 311 -56.91 16.73 -29.67
C MET J 311 -57.55 15.54 -30.38
N ILE J 312 -58.50 14.90 -29.71
CA ILE J 312 -59.17 13.74 -30.26
C ILE J 312 -60.04 14.14 -31.46
N ASP J 313 -60.41 15.42 -31.52
CA ASP J 313 -61.25 15.92 -32.61
C ASP J 313 -60.44 16.09 -33.90
N LEU J 314 -59.13 15.92 -33.78
CA LEU J 314 -58.20 16.05 -34.92
C LEU J 314 -57.88 14.68 -35.54
N MET J 315 -58.22 13.62 -34.83
CA MET J 315 -57.72 12.28 -35.14
C MET J 315 -58.26 11.66 -36.44
N LYS J 316 -58.93 12.46 -37.25
CA LYS J 316 -59.25 12.07 -38.62
C LYS J 316 -57.99 12.21 -39.48
N PHE J 317 -57.04 13.01 -39.00
CA PHE J 317 -55.78 13.28 -39.68
C PHE J 317 -54.94 12.00 -39.84
N ASP J 318 -55.29 10.98 -39.06
CA ASP J 318 -54.40 9.83 -38.84
C ASP J 318 -54.27 8.91 -40.04
N MET J 319 -54.81 9.35 -41.17
CA MET J 319 -54.70 8.64 -42.42
C MET J 319 -53.91 9.45 -43.44
N SER J 320 -53.16 10.43 -42.95
CA SER J 320 -52.38 11.33 -43.80
C SER J 320 -51.33 10.61 -44.62
N GLY J 321 -50.73 9.57 -44.04
CA GLY J 321 -49.74 8.79 -44.74
C GLY J 321 -50.38 8.07 -45.92
N CYS J 322 -51.55 7.49 -45.68
CA CYS J 322 -52.29 6.80 -46.73
C CYS J 322 -52.71 7.78 -47.83
N ALA J 323 -53.18 8.96 -47.42
CA ALA J 323 -53.62 9.97 -48.37
C ALA J 323 -52.46 10.44 -49.26
N ALA J 324 -51.30 10.62 -48.65
CA ALA J 324 -50.09 11.02 -49.37
C ALA J 324 -49.69 9.97 -50.40
N VAL J 325 -49.84 8.71 -50.04
CA VAL J 325 -49.52 7.62 -50.94
C VAL J 325 -50.49 7.62 -52.11
N LEU J 326 -51.76 7.84 -51.81
CA LEU J 326 -52.78 7.89 -52.84
C LEU J 326 -52.59 9.12 -53.73
N GLY J 327 -52.22 10.24 -53.12
CA GLY J 327 -51.97 11.46 -53.86
C GLY J 327 -50.77 11.27 -54.77
N CYS J 328 -49.80 10.50 -54.29
CA CYS J 328 -48.62 10.17 -55.08
C CYS J 328 -49.01 9.26 -56.24
N ALA J 329 -49.92 8.32 -55.97
CA ALA J 329 -50.43 7.43 -57.02
C ALA J 329 -51.05 8.23 -58.15
N TYR J 330 -51.74 9.32 -57.81
CA TYR J 330 -52.30 10.18 -58.85
C TYR J 330 -51.21 10.77 -59.71
N CYS J 331 -50.21 11.37 -59.08
CA CYS J 331 -49.13 12.04 -59.80
C CYS J 331 -48.33 11.07 -60.67
N VAL J 332 -48.03 9.90 -60.13
CA VAL J 332 -47.26 8.91 -60.87
C VAL J 332 -48.07 8.36 -62.05
N GLY J 333 -49.33 8.04 -61.80
CA GLY J 333 -50.22 7.53 -62.81
C GLY J 333 -50.48 8.51 -63.94
N THR J 334 -50.34 9.80 -63.63
CA THR J 334 -50.58 10.86 -64.60
C THR J 334 -49.31 11.20 -65.38
N LEU J 335 -48.19 11.32 -64.67
CA LEU J 335 -46.93 11.68 -65.30
C LEU J 335 -46.28 10.48 -66.00
N LYS J 336 -46.67 9.28 -65.59
CA LYS J 336 -46.21 8.03 -66.22
C LYS J 336 -44.69 7.93 -66.44
N PRO J 337 -43.93 7.76 -65.35
CA PRO J 337 -42.46 7.64 -65.34
C PRO J 337 -41.96 6.37 -66.04
N GLU J 338 -40.69 6.32 -66.42
CA GLU J 338 -40.17 5.17 -67.17
C GLU J 338 -39.41 4.22 -66.27
N ASN J 339 -39.35 2.95 -66.67
CA ASN J 339 -38.45 1.96 -66.07
C ASN J 339 -38.65 1.72 -64.57
N VAL J 340 -39.87 1.93 -64.08
CA VAL J 340 -40.11 1.75 -62.66
C VAL J 340 -41.42 1.01 -62.38
N GLU J 341 -41.42 0.21 -61.31
CA GLU J 341 -42.63 -0.43 -60.83
C GLU J 341 -42.88 -0.06 -59.38
N ILE J 342 -44.03 0.56 -59.11
CA ILE J 342 -44.34 1.06 -57.78
C ILE J 342 -45.58 0.39 -57.18
N HIS J 343 -45.46 -0.06 -55.94
CA HIS J 343 -46.59 -0.58 -55.20
C HIS J 343 -47.03 0.41 -54.12
N PHE J 344 -48.30 0.79 -54.15
CA PHE J 344 -48.87 1.72 -53.18
C PHE J 344 -49.67 0.94 -52.15
N LEU J 345 -49.16 0.89 -50.91
CA LEU J 345 -49.76 0.03 -49.89
C LEU J 345 -50.31 0.83 -48.71
N SER J 346 -51.40 0.35 -48.13
CA SER J 346 -51.94 0.91 -46.90
C SER J 346 -52.82 -0.09 -46.15
N ALA J 347 -52.45 -0.38 -44.91
CA ALA J 347 -53.29 -1.19 -44.04
C ALA J 347 -54.31 -0.31 -43.35
N VAL J 348 -55.49 -0.16 -43.96
CA VAL J 348 -56.50 0.77 -43.47
C VAL J 348 -57.48 0.12 -42.49
N CYS J 349 -57.69 0.79 -41.37
CA CYS J 349 -58.66 0.34 -40.37
C CYS J 349 -59.01 1.50 -39.44
N GLU J 350 -59.74 1.18 -38.37
CA GLU J 350 -60.21 2.20 -37.42
C GLU J 350 -59.95 1.74 -35.99
N ASN J 351 -59.45 2.65 -35.16
CA ASN J 351 -59.10 2.34 -33.78
C ASN J 351 -60.17 2.82 -32.80
N MET J 352 -61.05 1.91 -32.38
CA MET J 352 -62.23 2.31 -31.61
C MET J 352 -62.34 1.62 -30.25
N VAL J 353 -63.24 2.11 -29.42
CA VAL J 353 -63.51 1.49 -28.13
C VAL J 353 -64.78 0.64 -28.19
N SER J 354 -64.63 -0.64 -27.87
CA SER J 354 -65.72 -1.59 -28.01
C SER J 354 -65.47 -2.82 -27.13
N LYS J 355 -66.47 -3.68 -27.02
CA LYS J 355 -66.29 -4.95 -26.32
C LYS J 355 -65.34 -5.84 -27.12
N ASN J 356 -65.20 -5.54 -28.41
CA ASN J 356 -64.39 -6.36 -29.31
C ASN J 356 -62.99 -5.81 -29.54
N SER J 357 -62.70 -4.67 -28.91
CA SER J 357 -61.40 -4.01 -29.07
C SER J 357 -60.29 -4.86 -28.46
N TYR J 358 -59.09 -4.75 -29.02
CA TYR J 358 -57.93 -5.38 -28.41
C TYR J 358 -57.55 -4.60 -27.16
N ARG J 359 -57.06 -5.30 -26.14
CA ARG J 359 -56.80 -4.68 -24.85
C ARG J 359 -55.33 -4.37 -24.61
N PRO J 360 -55.05 -3.38 -23.75
CA PRO J 360 -53.68 -3.19 -23.26
C PRO J 360 -53.18 -4.44 -22.54
N GLY J 361 -52.02 -4.92 -22.94
CA GLY J 361 -51.47 -6.14 -22.35
C GLY J 361 -51.60 -7.34 -23.27
N ASP J 362 -52.50 -7.25 -24.23
CA ASP J 362 -52.72 -8.32 -25.20
C ASP J 362 -51.44 -8.66 -25.96
N ILE J 363 -51.21 -9.95 -26.18
CA ILE J 363 -50.10 -10.37 -27.03
C ILE J 363 -50.65 -10.85 -28.36
N ILE J 364 -50.18 -10.24 -29.43
CA ILE J 364 -50.69 -10.52 -30.76
C ILE J 364 -49.53 -10.93 -31.68
N THR J 365 -49.85 -11.68 -32.73
CA THR J 365 -48.84 -12.20 -33.63
C THR J 365 -48.87 -11.54 -35.02
N ALA J 366 -47.74 -10.98 -35.42
CA ALA J 366 -47.64 -10.35 -36.74
C ALA J 366 -47.55 -11.42 -37.83
N SER J 367 -47.69 -11.00 -39.08
CA SER J 367 -47.69 -11.92 -40.20
C SER J 367 -46.36 -12.62 -40.41
N ASN J 368 -45.30 -12.12 -39.77
CA ASN J 368 -43.99 -12.74 -39.88
C ASN J 368 -43.69 -13.63 -38.67
N GLY J 369 -44.70 -13.87 -37.86
CA GLY J 369 -44.58 -14.77 -36.73
C GLY J 369 -44.19 -14.13 -35.41
N LYS J 370 -43.73 -12.89 -35.46
CA LYS J 370 -43.31 -12.20 -34.24
C LYS J 370 -44.49 -11.91 -33.34
N THR J 371 -44.38 -12.31 -32.07
CA THR J 371 -45.42 -12.00 -31.09
C THR J 371 -45.11 -10.65 -30.45
N ILE J 372 -46.15 -9.84 -30.26
CA ILE J 372 -45.98 -8.48 -29.78
C ILE J 372 -46.83 -8.22 -28.55
N GLU J 373 -46.20 -7.67 -27.50
CA GLU J 373 -46.95 -7.29 -26.31
C GLU J 373 -47.42 -5.84 -26.42
N VAL J 374 -48.73 -5.66 -26.46
CA VAL J 374 -49.32 -4.33 -26.56
C VAL J 374 -49.30 -3.62 -25.21
N GLY J 375 -48.54 -2.53 -25.11
CA GLY J 375 -48.46 -1.77 -23.89
C GLY J 375 -49.36 -0.55 -23.92
N ASN J 376 -49.81 -0.19 -25.12
CA ASN J 376 -50.63 0.99 -25.32
C ASN J 376 -51.40 0.89 -26.64
N THR J 377 -52.72 0.82 -26.56
CA THR J 377 -53.54 0.67 -27.76
C THR J 377 -53.51 1.92 -28.65
N ASP J 378 -53.01 3.02 -28.12
CA ASP J 378 -52.95 4.27 -28.88
C ASP J 378 -51.69 4.32 -29.74
N ALA J 379 -50.80 3.35 -29.55
CA ALA J 379 -49.67 3.19 -30.44
C ALA J 379 -50.03 2.18 -31.53
N GLU J 380 -51.19 2.38 -32.15
CA GLU J 380 -51.76 1.40 -33.05
C GLU J 380 -51.16 1.49 -34.45
N GLY J 381 -50.62 2.65 -34.78
CA GLY J 381 -50.06 2.90 -36.10
C GLY J 381 -48.93 1.95 -36.46
N ARG J 382 -48.02 1.73 -35.51
CA ARG J 382 -46.86 0.88 -35.77
C ARG J 382 -47.28 -0.57 -35.92
N LEU J 383 -48.42 -0.93 -35.34
CA LEU J 383 -48.94 -2.29 -35.46
C LEU J 383 -49.44 -2.56 -36.88
N THR J 384 -50.18 -1.61 -37.43
CA THR J 384 -50.70 -1.74 -38.78
C THR J 384 -49.57 -1.72 -39.80
N LEU J 385 -48.58 -0.86 -39.58
CA LEU J 385 -47.44 -0.74 -40.47
C LEU J 385 -46.57 -2.00 -40.45
N ALA J 386 -46.48 -2.64 -39.29
CA ALA J 386 -45.66 -3.84 -39.12
C ALA J 386 -46.06 -4.91 -40.13
N ASP J 387 -47.35 -5.21 -40.20
CA ASP J 387 -47.86 -6.20 -41.14
C ASP J 387 -47.74 -5.72 -42.58
N ALA J 388 -47.91 -4.42 -42.78
CA ALA J 388 -47.78 -3.83 -44.11
C ALA J 388 -46.34 -3.91 -44.60
N LEU J 389 -45.39 -3.72 -43.70
CA LEU J 389 -43.98 -3.79 -44.04
C LEU J 389 -43.57 -5.22 -44.39
N VAL J 390 -44.13 -6.19 -43.68
CA VAL J 390 -43.91 -7.60 -44.00
C VAL J 390 -44.48 -7.92 -45.38
N TYR J 391 -45.68 -7.42 -45.65
CA TYR J 391 -46.32 -7.59 -46.94
C TYR J 391 -45.50 -6.96 -48.06
N ALA J 392 -44.97 -5.77 -47.79
CA ALA J 392 -44.19 -5.02 -48.76
C ALA J 392 -42.91 -5.75 -49.13
N GLU J 393 -42.20 -6.27 -48.13
CA GLU J 393 -40.92 -6.93 -48.37
C GLU J 393 -41.11 -8.22 -49.14
N LYS J 394 -42.27 -8.85 -48.98
CA LYS J 394 -42.58 -10.07 -49.72
C LYS J 394 -42.76 -9.81 -51.22
N LEU J 395 -43.00 -8.55 -51.58
CA LEU J 395 -43.16 -8.17 -52.98
C LEU J 395 -41.81 -8.15 -53.72
N GLY J 396 -40.72 -8.14 -52.96
CA GLY J 396 -39.40 -8.13 -53.54
C GLY J 396 -39.05 -6.83 -54.24
N VAL J 397 -39.06 -5.74 -53.50
CA VAL J 397 -38.76 -4.44 -54.06
C VAL J 397 -37.37 -3.98 -53.65
N ASP J 398 -36.88 -2.90 -54.24
CA ASP J 398 -35.56 -2.38 -53.91
C ASP J 398 -35.63 -1.41 -52.75
N TYR J 399 -36.67 -0.60 -52.73
CA TYR J 399 -36.86 0.39 -51.68
C TYR J 399 -38.24 0.26 -51.05
N ILE J 400 -38.28 0.30 -49.72
CA ILE J 400 -39.54 0.41 -49.00
C ILE J 400 -39.56 1.74 -48.25
N VAL J 401 -40.47 2.63 -48.60
CA VAL J 401 -40.60 3.88 -47.88
C VAL J 401 -41.97 4.00 -47.26
N ASP J 402 -42.03 4.13 -45.93
CA ASP J 402 -43.31 4.32 -45.27
C ASP J 402 -43.42 5.74 -44.75
N ILE J 403 -44.64 6.25 -44.75
CA ILE J 403 -44.92 7.60 -44.30
C ILE J 403 -46.14 7.56 -43.39
N ALA J 404 -46.02 8.16 -42.21
CA ALA J 404 -47.03 7.95 -41.17
C ALA J 404 -47.09 9.07 -40.14
N THR J 405 -48.30 9.37 -39.68
CA THR J 405 -48.51 10.23 -38.53
C THR J 405 -48.32 9.41 -37.25
N LEU J 406 -47.07 9.05 -36.97
CA LEU J 406 -46.78 8.02 -36.00
C LEU J 406 -46.67 8.50 -34.55
N THR J 407 -45.89 9.54 -34.30
CA THR J 407 -45.61 9.94 -32.92
C THR J 407 -45.80 11.43 -32.64
N GLY J 408 -46.52 11.72 -31.56
CA GLY J 408 -46.75 13.09 -31.14
C GLY J 408 -45.50 13.82 -30.69
N ALA J 409 -44.46 13.05 -30.37
CA ALA J 409 -43.18 13.62 -29.94
C ALA J 409 -42.54 14.49 -31.03
N MET J 410 -42.96 14.28 -32.27
CA MET J 410 -42.47 15.06 -33.39
C MET J 410 -42.76 16.54 -33.21
N LEU J 411 -43.84 16.84 -32.50
CA LEU J 411 -44.21 18.22 -32.23
C LEU J 411 -43.18 18.88 -31.30
N TYR J 412 -42.52 18.07 -30.49
CA TYR J 412 -41.52 18.58 -29.54
C TYR J 412 -40.12 18.53 -30.11
N SER J 413 -39.93 17.81 -31.21
CA SER J 413 -38.60 17.65 -31.78
C SER J 413 -38.35 18.56 -32.99
N LEU J 414 -39.19 18.46 -34.02
CA LEU J 414 -39.00 19.24 -35.24
C LEU J 414 -40.10 20.28 -35.43
N GLY J 415 -41.20 20.10 -34.71
CA GLY J 415 -42.30 21.03 -34.77
C GLY J 415 -43.26 20.79 -35.92
N THR J 416 -43.78 21.86 -36.48
CA THR J 416 -44.87 21.75 -37.44
C THR J 416 -44.45 21.97 -38.90
N SER J 417 -43.17 22.26 -39.12
CA SER J 417 -42.68 22.54 -40.47
C SER J 417 -41.88 21.39 -41.06
N TYR J 418 -41.05 20.76 -40.25
CA TYR J 418 -40.16 19.71 -40.74
C TYR J 418 -40.59 18.32 -40.31
N ALA J 419 -40.70 17.41 -41.27
CA ALA J 419 -40.93 16.01 -40.99
C ALA J 419 -39.60 15.33 -40.66
N GLY J 420 -39.66 14.22 -39.94
CA GLY J 420 -38.46 13.47 -39.61
C GLY J 420 -38.35 12.21 -40.45
N VAL J 421 -37.14 11.87 -40.87
CA VAL J 421 -36.93 10.62 -41.60
C VAL J 421 -35.99 9.70 -40.84
N PHE J 422 -36.37 8.43 -40.75
CA PHE J 422 -35.56 7.41 -40.12
C PHE J 422 -35.34 6.32 -41.17
N GLY J 423 -34.29 5.51 -41.01
CA GLY J 423 -34.07 4.46 -41.97
C GLY J 423 -32.96 3.48 -41.65
N ASN J 424 -32.90 2.40 -42.43
CA ASN J 424 -31.87 1.38 -42.27
C ASN J 424 -30.83 1.48 -43.39
N ASN J 425 -30.98 2.50 -44.25
CA ASN J 425 -30.13 2.63 -45.44
C ASN J 425 -29.82 4.09 -45.77
N GLU J 426 -28.54 4.45 -45.76
CA GLU J 426 -28.13 5.84 -45.88
C GLU J 426 -28.35 6.40 -47.28
N GLU J 427 -28.11 5.60 -48.31
CA GLU J 427 -28.34 6.07 -49.68
C GLU J 427 -29.82 6.39 -49.87
N LEU J 428 -30.67 5.48 -49.42
CA LEU J 428 -32.11 5.69 -49.52
C LEU J 428 -32.51 6.95 -48.75
N ILE J 429 -31.93 7.13 -47.57
CA ILE J 429 -32.18 8.33 -46.78
C ILE J 429 -31.72 9.57 -47.56
N ASN J 430 -30.56 9.45 -48.20
CA ASN J 430 -30.01 10.55 -48.98
C ASN J 430 -30.91 10.91 -50.16
N LYS J 431 -31.51 9.89 -50.76
CA LYS J 431 -32.46 10.09 -51.85
C LYS J 431 -33.71 10.82 -51.36
N ILE J 432 -34.19 10.44 -50.18
CA ILE J 432 -35.34 11.09 -49.57
C ILE J 432 -35.00 12.56 -49.30
N LEU J 433 -33.79 12.80 -48.81
CA LEU J 433 -33.35 14.16 -48.52
C LEU J 433 -33.24 15.04 -49.78
N GLN J 434 -32.79 14.49 -50.91
CA GLN J 434 -32.84 15.29 -52.13
C GLN J 434 -34.27 15.59 -52.54
N SER J 435 -35.13 14.58 -52.44
CA SER J 435 -36.53 14.73 -52.80
C SER J 435 -37.19 15.82 -51.96
N SER J 436 -36.75 15.95 -50.73
CA SER J 436 -37.23 17.02 -49.86
C SER J 436 -36.78 18.37 -50.40
N LYS J 437 -35.54 18.42 -50.89
CA LYS J 437 -34.99 19.66 -51.43
C LYS J 437 -35.71 20.13 -52.70
N THR J 438 -35.92 19.21 -53.62
CA THR J 438 -36.47 19.57 -54.93
C THR J 438 -37.98 19.77 -54.88
N SER J 439 -38.65 19.09 -53.94
CA SER J 439 -40.10 19.24 -53.79
C SER J 439 -40.44 20.36 -52.81
N ASN J 440 -39.44 20.80 -52.06
CA ASN J 440 -39.60 21.79 -51.00
C ASN J 440 -40.60 21.38 -49.92
N GLU J 441 -40.67 20.08 -49.65
CA GLU J 441 -41.38 19.60 -48.48
C GLU J 441 -40.30 19.16 -47.49
N PRO J 442 -40.00 20.01 -46.51
CA PRO J 442 -38.82 19.90 -45.64
C PRO J 442 -38.83 18.66 -44.75
N VAL J 443 -37.72 17.95 -44.77
CA VAL J 443 -37.53 16.73 -43.99
C VAL J 443 -36.15 16.75 -43.33
N TRP J 444 -36.06 16.31 -42.10
CA TRP J 444 -34.77 16.25 -41.41
C TRP J 444 -34.46 14.83 -40.97
N TRP J 445 -33.19 14.44 -41.11
CA TRP J 445 -32.76 13.09 -40.78
C TRP J 445 -32.59 12.92 -39.27
N LEU J 446 -33.29 11.95 -38.71
CA LEU J 446 -33.17 11.61 -37.30
C LEU J 446 -32.60 10.21 -37.14
N PRO J 447 -31.88 9.95 -36.04
CA PRO J 447 -31.17 8.68 -35.89
C PRO J 447 -32.02 7.54 -35.33
N ILE J 448 -31.70 6.33 -35.75
CA ILE J 448 -32.21 5.14 -35.08
C ILE J 448 -31.17 4.70 -34.08
N ILE J 449 -31.36 5.08 -32.83
CA ILE J 449 -30.36 4.83 -31.80
C ILE J 449 -30.55 3.43 -31.24
N ASN J 450 -29.65 2.53 -31.60
CA ASN J 450 -29.78 1.12 -31.28
C ASN J 450 -29.69 0.79 -29.79
N GLU J 451 -29.10 1.69 -29.00
CA GLU J 451 -28.98 1.44 -27.56
C GLU J 451 -30.36 1.43 -26.89
N TYR J 452 -31.34 2.02 -27.57
CA TYR J 452 -32.69 2.05 -27.03
C TYR J 452 -33.46 0.77 -27.35
N ARG J 453 -32.89 -0.06 -28.22
CA ARG J 453 -33.55 -1.29 -28.68
C ARG J 453 -33.90 -2.23 -27.52
N ALA J 454 -33.08 -2.23 -26.48
CA ALA J 454 -33.26 -3.14 -25.36
C ALA J 454 -34.55 -2.86 -24.59
N THR J 455 -35.09 -1.65 -24.75
CA THR J 455 -36.31 -1.27 -24.06
C THR J 455 -37.53 -1.94 -24.70
N LEU J 456 -37.33 -2.56 -25.85
CA LEU J 456 -38.41 -3.28 -26.52
C LEU J 456 -38.35 -4.78 -26.22
N ASN J 457 -37.40 -5.17 -25.38
CA ASN J 457 -37.32 -6.57 -24.97
C ASN J 457 -38.46 -6.92 -24.01
N SER J 458 -39.38 -7.75 -24.48
CA SER J 458 -40.54 -8.13 -23.68
C SER J 458 -40.25 -9.33 -22.79
N LYS J 459 -40.87 -9.36 -21.62
CA LYS J 459 -40.71 -10.47 -20.69
C LYS J 459 -41.36 -11.73 -21.24
N TYR J 460 -42.46 -11.57 -21.96
CA TYR J 460 -43.23 -12.72 -22.41
C TYR J 460 -43.32 -12.85 -23.94
N ALA J 461 -43.51 -11.74 -24.63
CA ALA J 461 -43.60 -11.77 -26.08
C ALA J 461 -42.23 -11.66 -26.72
N ASP J 462 -42.18 -11.75 -28.04
CA ASP J 462 -40.93 -11.59 -28.78
C ASP J 462 -40.42 -10.16 -28.65
N ILE J 463 -41.35 -9.21 -28.64
CA ILE J 463 -41.00 -7.80 -28.63
C ILE J 463 -42.09 -6.96 -27.96
N ASN J 464 -41.67 -5.86 -27.33
CA ASN J 464 -42.61 -4.87 -26.81
C ASN J 464 -43.03 -3.92 -27.92
N GLN J 465 -44.28 -3.46 -27.86
CA GLN J 465 -44.79 -2.47 -28.79
C GLN J 465 -44.20 -1.09 -28.48
N ILE J 466 -44.16 -0.75 -27.20
CA ILE J 466 -43.65 0.54 -26.75
C ILE J 466 -42.65 0.36 -25.61
N SER J 467 -41.93 1.43 -25.30
CA SER J 467 -41.02 1.43 -24.16
C SER J 467 -41.77 1.78 -22.88
N SER J 468 -41.14 1.52 -21.74
CA SER J 468 -41.78 1.76 -20.46
C SER J 468 -41.52 3.18 -19.96
N SER J 469 -40.87 3.97 -20.81
CA SER J 469 -40.54 5.40 -20.66
C SER J 469 -39.15 5.66 -21.21
N VAL J 470 -38.98 5.52 -22.52
CA VAL J 470 -37.72 5.88 -23.15
C VAL J 470 -37.84 7.26 -23.75
N LYS J 471 -38.72 8.06 -23.17
CA LYS J 471 -39.24 9.30 -23.76
C LYS J 471 -39.24 9.37 -25.29
N ALA J 472 -38.05 9.53 -25.85
CA ALA J 472 -37.81 9.49 -27.30
C ALA J 472 -38.67 8.48 -28.08
N SER J 473 -39.97 8.72 -28.11
CA SER J 473 -40.92 7.75 -28.67
C SER J 473 -40.72 7.56 -30.18
N SER J 474 -40.34 8.63 -30.86
CA SER J 474 -40.18 8.59 -32.31
C SER J 474 -39.06 7.66 -32.75
N ILE J 475 -37.99 7.62 -31.97
CA ILE J 475 -36.86 6.75 -32.27
C ILE J 475 -37.23 5.31 -31.92
N VAL J 476 -37.87 5.15 -30.76
CA VAL J 476 -38.32 3.84 -30.30
C VAL J 476 -39.31 3.21 -31.28
N ALA J 477 -40.22 4.03 -31.79
CA ALA J 477 -41.21 3.58 -32.77
C ALA J 477 -40.52 3.10 -34.05
N SER J 478 -39.45 3.79 -34.44
CA SER J 478 -38.67 3.39 -35.63
C SER J 478 -37.97 2.07 -35.39
N LEU J 479 -37.44 1.89 -34.18
CA LEU J 479 -36.79 0.66 -33.79
C LEU J 479 -37.75 -0.52 -33.89
N PHE J 480 -39.01 -0.27 -33.54
CA PHE J 480 -40.06 -1.28 -33.66
C PHE J 480 -40.25 -1.68 -35.11
N LEU J 481 -40.46 -0.67 -35.97
CA LEU J 481 -40.69 -0.90 -37.40
C LEU J 481 -39.55 -1.64 -38.07
N LYS J 482 -38.33 -1.33 -37.65
CA LYS J 482 -37.12 -1.93 -38.20
C LYS J 482 -37.13 -3.46 -38.07
N GLU J 483 -37.78 -3.96 -37.03
CA GLU J 483 -37.87 -5.39 -36.78
C GLU J 483 -38.69 -6.13 -37.84
N PHE J 484 -39.39 -5.40 -38.69
CA PHE J 484 -40.28 -6.01 -39.66
C PHE J 484 -39.79 -5.79 -41.10
N VAL J 485 -38.54 -5.35 -41.22
CA VAL J 485 -37.84 -5.28 -42.50
C VAL J 485 -36.50 -6.00 -42.38
N GLN J 486 -36.36 -7.14 -43.05
CA GLN J 486 -35.22 -8.01 -42.80
C GLN J 486 -34.00 -7.71 -43.66
N ASN J 487 -34.19 -7.49 -44.96
CA ASN J 487 -33.06 -7.26 -45.86
C ASN J 487 -33.40 -6.36 -47.03
N THR J 488 -34.09 -5.26 -46.76
CA THR J 488 -34.46 -4.31 -47.80
C THR J 488 -34.20 -2.88 -47.32
N ALA J 489 -33.71 -2.05 -48.23
CA ALA J 489 -33.54 -0.63 -47.94
C ALA J 489 -34.89 -0.04 -47.58
N TRP J 490 -34.96 0.56 -46.40
CA TRP J 490 -36.22 1.05 -45.86
C TRP J 490 -36.07 2.41 -45.19
N ALA J 491 -37.06 3.28 -45.43
CA ALA J 491 -37.09 4.60 -44.81
C ALA J 491 -38.48 4.89 -44.28
N HIS J 492 -38.53 5.66 -43.19
CA HIS J 492 -39.77 5.92 -42.49
C HIS J 492 -39.93 7.41 -42.25
N ILE J 493 -41.01 7.98 -42.78
CA ILE J 493 -41.24 9.42 -42.64
C ILE J 493 -42.37 9.69 -41.66
N ASP J 494 -42.02 10.27 -40.51
CA ASP J 494 -42.99 10.60 -39.48
C ASP J 494 -43.51 12.02 -39.69
N ILE J 495 -44.78 12.12 -40.07
CA ILE J 495 -45.40 13.39 -40.42
C ILE J 495 -46.47 13.80 -39.41
N ALA J 496 -46.41 13.24 -38.21
CA ALA J 496 -47.39 13.51 -37.16
C ALA J 496 -47.44 14.99 -36.81
N GLY J 497 -46.30 15.66 -36.91
CA GLY J 497 -46.21 17.07 -36.59
C GLY J 497 -46.54 18.00 -37.74
N VAL J 498 -46.28 17.55 -38.98
CA VAL J 498 -46.39 18.42 -40.14
C VAL J 498 -47.65 18.22 -40.98
N SER J 499 -48.42 17.18 -40.68
CA SER J 499 -49.57 16.85 -41.51
C SER J 499 -50.66 17.93 -41.49
N TRP J 500 -50.98 18.42 -40.31
CA TRP J 500 -52.06 19.39 -40.15
C TRP J 500 -51.56 20.83 -40.03
N ASN J 501 -52.20 21.73 -40.77
CA ASN J 501 -51.92 23.16 -40.67
C ASN J 501 -52.86 23.78 -39.63
N PHE J 502 -52.37 23.87 -38.39
CA PHE J 502 -53.22 24.30 -37.27
C PHE J 502 -53.66 25.75 -37.37
N LYS J 503 -52.81 26.59 -37.94
CA LYS J 503 -53.14 27.99 -38.11
C LYS J 503 -54.26 28.15 -39.13
N ALA J 504 -54.16 27.39 -40.23
CA ALA J 504 -55.14 27.48 -41.31
C ALA J 504 -56.30 26.53 -41.12
N ARG J 505 -56.20 25.67 -40.10
CA ARG J 505 -57.25 24.70 -39.78
C ARG J 505 -57.57 23.78 -40.94
N LYS J 506 -56.53 23.23 -41.56
CA LYS J 506 -56.69 22.37 -42.73
C LYS J 506 -55.47 21.48 -42.93
N PRO J 507 -55.61 20.40 -43.73
CA PRO J 507 -54.44 19.57 -44.02
C PRO J 507 -53.43 20.28 -44.91
N LYS J 508 -52.20 19.78 -44.93
CA LYS J 508 -51.19 20.32 -45.84
C LYS J 508 -51.06 19.45 -47.08
N GLY J 509 -51.55 18.22 -46.99
CA GLY J 509 -51.34 17.23 -48.03
C GLY J 509 -49.86 16.92 -48.12
N PHE J 510 -49.19 16.94 -46.97
CA PHE J 510 -47.74 16.78 -46.91
C PHE J 510 -47.30 15.39 -47.34
N GLY J 511 -46.31 15.34 -48.22
CA GLY J 511 -45.69 14.09 -48.61
C GLY J 511 -45.96 13.69 -50.04
N VAL J 512 -47.04 14.19 -50.63
CA VAL J 512 -47.39 13.84 -52.01
C VAL J 512 -46.27 14.22 -52.97
N ARG J 513 -45.85 15.47 -52.92
CA ARG J 513 -44.81 15.98 -53.81
C ARG J 513 -43.46 15.35 -53.48
N LEU J 514 -43.19 15.14 -52.20
CA LEU J 514 -41.97 14.49 -51.76
C LEU J 514 -41.81 13.09 -52.34
N LEU J 515 -42.84 12.27 -52.19
CA LEU J 515 -42.81 10.90 -52.65
C LEU J 515 -42.76 10.81 -54.18
N THR J 516 -43.43 11.75 -54.84
CA THR J 516 -43.47 11.76 -56.30
C THR J 516 -42.11 12.12 -56.87
N GLU J 517 -41.47 13.14 -56.29
CA GLU J 517 -40.11 13.50 -56.70
C GLU J 517 -39.14 12.35 -56.48
N PHE J 518 -39.39 11.56 -55.43
CA PHE J 518 -38.55 10.42 -55.12
C PHE J 518 -38.61 9.34 -56.20
N VAL J 519 -39.82 8.99 -56.65
CA VAL J 519 -39.96 7.98 -57.70
C VAL J 519 -39.55 8.53 -59.08
N LEU J 520 -39.80 9.82 -59.32
CA LEU J 520 -39.51 10.45 -60.61
C LEU J 520 -38.01 10.64 -60.84
N ASN J 521 -37.29 11.07 -59.81
CA ASN J 521 -35.85 11.31 -59.98
C ASN J 521 -35.06 10.05 -59.67
N ASP J 522 -35.80 8.94 -59.56
CA ASP J 522 -35.32 7.56 -59.36
C ASP J 522 -36.45 6.69 -58.81
N SER K 5 -68.21 -23.19 -23.03
CA SER K 5 -66.97 -23.90 -23.31
C SER K 5 -66.29 -23.38 -24.58
N GLU K 6 -67.08 -23.04 -25.60
CA GLU K 6 -66.51 -22.52 -26.83
C GLU K 6 -66.19 -21.04 -26.68
N VAL K 7 -64.93 -20.68 -26.94
CA VAL K 7 -64.50 -19.30 -26.82
C VAL K 7 -64.89 -18.51 -28.06
N PRO K 8 -65.65 -17.41 -27.86
CA PRO K 8 -66.02 -16.54 -28.98
C PRO K 8 -64.81 -15.81 -29.55
N GLN K 9 -64.84 -15.53 -30.85
CA GLN K 9 -63.74 -14.84 -31.52
C GLN K 9 -64.22 -13.64 -32.31
N VAL K 10 -63.39 -12.62 -32.39
CA VAL K 10 -63.67 -11.49 -33.28
C VAL K 10 -63.10 -11.81 -34.67
N VAL K 11 -61.87 -12.28 -34.68
CA VAL K 11 -61.23 -12.77 -35.90
C VAL K 11 -60.74 -14.20 -35.67
N SER K 12 -60.40 -14.89 -36.75
CA SER K 12 -59.98 -16.30 -36.65
C SER K 12 -58.61 -16.45 -36.00
N LEU K 13 -57.87 -15.35 -35.90
CA LEU K 13 -56.54 -15.39 -35.32
C LEU K 13 -56.56 -15.24 -33.80
N ASP K 14 -57.74 -14.94 -33.24
CA ASP K 14 -57.88 -14.83 -31.79
C ASP K 14 -57.74 -16.19 -31.12
N PRO K 15 -56.90 -16.26 -30.07
CA PRO K 15 -56.68 -17.52 -29.35
C PRO K 15 -57.94 -18.02 -28.64
N THR K 16 -58.07 -19.33 -28.53
CA THR K 16 -59.27 -19.94 -27.96
C THR K 16 -58.99 -20.78 -26.71
N SER K 17 -57.76 -20.70 -26.21
CA SER K 17 -57.41 -21.37 -24.97
C SER K 17 -56.16 -20.76 -24.35
N ILE K 18 -56.02 -20.93 -23.04
CA ILE K 18 -54.81 -20.53 -22.34
C ILE K 18 -53.76 -21.63 -22.41
N PRO K 19 -52.62 -21.34 -23.02
CA PRO K 19 -51.52 -22.32 -23.03
C PRO K 19 -51.02 -22.57 -21.61
N ILE K 20 -51.00 -23.83 -21.20
CA ILE K 20 -50.55 -24.16 -19.86
C ILE K 20 -49.46 -25.23 -19.92
N GLU K 21 -48.34 -24.96 -19.28
CA GLU K 21 -47.28 -25.96 -19.14
C GLU K 21 -47.44 -26.66 -17.78
N TYR K 22 -47.76 -27.95 -17.82
CA TYR K 22 -47.91 -28.74 -16.60
C TYR K 22 -46.60 -29.41 -16.22
N ASN K 23 -45.93 -30.00 -17.20
CA ASN K 23 -44.64 -30.64 -16.98
C ASN K 23 -43.47 -29.70 -17.23
N THR K 24 -42.97 -29.09 -16.16
CA THR K 24 -41.87 -28.14 -16.23
C THR K 24 -40.53 -28.82 -16.02
N PRO K 25 -39.42 -28.20 -16.50
CA PRO K 25 -38.08 -28.72 -16.28
C PRO K 25 -37.72 -28.91 -14.81
N ILE K 26 -38.33 -28.11 -13.94
CA ILE K 26 -38.11 -28.20 -12.50
C ILE K 26 -38.50 -29.58 -11.97
N HIS K 27 -39.52 -30.19 -12.57
CA HIS K 27 -40.00 -31.50 -12.15
C HIS K 27 -39.00 -32.61 -12.47
N ASP K 28 -38.03 -32.31 -13.32
CA ASP K 28 -37.01 -33.28 -13.71
C ASP K 28 -35.77 -33.17 -12.84
N ILE K 29 -35.78 -32.24 -11.88
CA ILE K 29 -34.63 -32.04 -11.02
C ILE K 29 -34.61 -33.04 -9.87
N LYS K 30 -33.60 -33.90 -9.86
CA LYS K 30 -33.39 -34.84 -8.75
C LYS K 30 -32.77 -34.09 -7.57
N VAL K 31 -33.47 -34.08 -6.44
CA VAL K 31 -33.00 -33.34 -5.28
C VAL K 31 -32.50 -34.27 -4.17
N GLN K 32 -31.26 -34.06 -3.75
CA GLN K 32 -30.65 -34.87 -2.70
C GLN K 32 -30.24 -33.96 -1.55
N VAL K 33 -30.60 -34.36 -0.33
CA VAL K 33 -30.23 -33.59 0.85
C VAL K 33 -29.25 -34.37 1.71
N TYR K 34 -28.09 -33.78 1.96
CA TYR K 34 -27.06 -34.40 2.77
C TYR K 34 -26.83 -33.63 4.05
N ASP K 35 -26.33 -34.31 5.07
CA ASP K 35 -25.96 -33.66 6.31
C ASP K 35 -24.60 -33.02 6.15
N ILE K 36 -24.44 -31.81 6.66
CA ILE K 36 -23.22 -31.05 6.44
C ILE K 36 -22.06 -31.68 7.20
N LYS K 37 -22.38 -32.47 8.23
CA LYS K 37 -21.38 -33.19 8.99
C LYS K 37 -20.89 -34.38 8.16
N GLY K 38 -19.58 -34.50 8.02
CA GLY K 38 -19.00 -35.56 7.23
C GLY K 38 -18.31 -35.00 6.01
N GLY K 39 -18.39 -33.69 5.86
CA GLY K 39 -17.77 -32.99 4.74
C GLY K 39 -18.60 -32.93 3.47
N CYS K 40 -18.25 -31.98 2.61
CA CYS K 40 -18.96 -31.75 1.36
C CYS K 40 -18.13 -32.26 0.19
N ASN K 41 -18.79 -32.89 -0.76
CA ASN K 41 -18.13 -33.34 -1.99
C ASN K 41 -18.30 -32.36 -3.14
N VAL K 42 -17.18 -31.96 -3.73
CA VAL K 42 -17.17 -31.06 -4.88
C VAL K 42 -16.75 -31.88 -6.08
N GLU K 43 -17.74 -32.41 -6.79
CA GLU K 43 -17.49 -33.36 -7.87
C GLU K 43 -17.79 -32.69 -9.20
N GLU K 44 -19.06 -32.71 -9.59
CA GLU K 44 -19.50 -32.02 -10.80
C GLU K 44 -20.21 -30.70 -10.49
N GLY K 45 -20.49 -29.92 -11.53
CA GLY K 45 -21.35 -28.75 -11.40
C GLY K 45 -20.89 -27.55 -10.58
N LEU K 46 -21.88 -26.86 -10.01
CA LEU K 46 -21.66 -25.65 -9.24
C LEU K 46 -21.95 -25.83 -7.75
N THR K 47 -21.01 -25.43 -6.91
CA THR K 47 -21.19 -25.52 -5.46
C THR K 47 -21.20 -24.12 -4.84
N ILE K 48 -22.34 -23.74 -4.26
CA ILE K 48 -22.50 -22.41 -3.69
C ILE K 48 -22.68 -22.46 -2.16
N PHE K 49 -21.86 -21.68 -1.45
CA PHE K 49 -21.97 -21.59 0.00
C PHE K 49 -22.79 -20.37 0.40
N LEU K 50 -23.81 -20.57 1.23
CA LEU K 50 -24.57 -19.45 1.77
C LEU K 50 -23.93 -19.00 3.08
N VAL K 51 -23.27 -17.84 3.04
CA VAL K 51 -22.46 -17.39 4.16
C VAL K 51 -22.87 -16.02 4.68
N ASN K 52 -22.78 -15.84 5.99
CA ASN K 52 -22.99 -14.55 6.62
C ASN K 52 -21.83 -14.19 7.54
N ASN K 53 -21.92 -13.04 8.21
CA ASN K 53 -20.92 -12.66 9.19
C ASN K 53 -21.53 -11.85 10.32
N PRO K 54 -21.94 -12.54 11.40
CA PRO K 54 -22.57 -11.93 12.58
C PRO K 54 -21.65 -10.94 13.27
N LYS K 56 -18.42 -7.84 10.64
CA LYS K 56 -19.86 -7.85 10.88
C LYS K 56 -20.62 -7.24 9.70
N GLU K 57 -20.73 -5.92 9.69
CA GLU K 57 -21.47 -5.22 8.64
C GLU K 57 -20.66 -5.23 7.37
N ASN K 58 -20.92 -6.24 6.54
CA ASN K 58 -20.20 -6.54 5.31
C ASN K 58 -18.79 -7.00 5.61
N GLY K 59 -18.71 -8.06 6.43
CA GLY K 59 -17.46 -8.64 6.85
C GLY K 59 -16.94 -9.61 5.81
N PRO K 60 -15.71 -10.10 6.00
CA PRO K 60 -15.09 -11.01 5.03
C PRO K 60 -15.80 -12.35 5.01
N VAL K 61 -15.69 -13.07 3.89
CA VAL K 61 -16.28 -14.40 3.77
C VAL K 61 -15.36 -15.43 4.44
N LYS K 62 -15.94 -16.27 5.29
CA LYS K 62 -15.17 -17.36 5.90
C LYS K 62 -15.97 -18.67 5.80
N ILE K 63 -15.37 -19.68 5.17
CA ILE K 63 -16.03 -20.96 4.97
C ILE K 63 -15.76 -21.95 6.10
N SER K 64 -16.82 -22.36 6.79
CA SER K 64 -16.69 -23.24 7.95
C SER K 64 -16.63 -24.73 7.57
N SER K 65 -17.41 -25.10 6.56
CA SER K 65 -17.55 -26.52 6.18
C SER K 65 -16.26 -27.15 5.68
N LYS K 66 -16.07 -28.42 6.02
CA LYS K 66 -14.95 -29.20 5.51
C LYS K 66 -15.26 -29.69 4.10
N VAL K 67 -14.30 -29.51 3.20
CA VAL K 67 -14.48 -29.97 1.82
C VAL K 67 -13.53 -31.11 1.50
N ASN K 68 -14.10 -32.24 1.07
CA ASN K 68 -13.33 -33.43 0.76
C ASN K 68 -12.63 -33.33 -0.59
N ASP K 69 -12.02 -32.17 -0.84
CA ASP K 69 -11.26 -31.94 -2.05
C ASP K 69 -10.13 -30.97 -1.76
N LYS K 70 -8.90 -31.41 -2.02
CA LYS K 70 -7.71 -30.63 -1.69
C LYS K 70 -7.62 -29.37 -2.54
N GLN K 71 -8.02 -29.48 -3.80
CA GLN K 71 -7.95 -28.35 -4.73
C GLN K 71 -8.92 -27.25 -4.35
N VAL K 72 -10.16 -27.64 -4.04
CA VAL K 72 -11.20 -26.70 -3.64
C VAL K 72 -10.94 -26.12 -2.25
N SER K 73 -10.49 -26.96 -1.33
CA SER K 73 -10.16 -26.54 0.04
C SER K 73 -9.14 -25.41 0.03
N GLU K 74 -8.17 -25.51 -0.88
CA GLU K 74 -7.14 -24.48 -1.01
C GLU K 74 -7.78 -23.19 -1.47
N PHE K 75 -8.73 -23.29 -2.39
CA PHE K 75 -9.51 -22.14 -2.84
C PHE K 75 -10.32 -21.51 -1.71
N LEU K 76 -10.87 -22.34 -0.84
CA LEU K 76 -11.77 -21.87 0.20
C LEU K 76 -11.06 -21.50 1.49
N LYS K 77 -9.73 -21.47 1.45
CA LYS K 77 -8.95 -21.06 2.63
C LYS K 77 -9.27 -19.61 2.99
N ASP K 78 -9.09 -19.26 4.25
CA ASP K 78 -9.49 -17.95 4.76
C ASP K 78 -8.83 -16.78 4.03
N GLU K 79 -7.56 -16.93 3.65
CA GLU K 79 -6.83 -15.85 2.98
C GLU K 79 -7.47 -15.46 1.65
N ASN K 80 -8.00 -16.44 0.92
CA ASN K 80 -8.65 -16.17 -0.35
C ASN K 80 -10.07 -15.62 -0.23
N MET K 81 -10.83 -16.12 0.73
CA MET K 81 -12.24 -15.78 0.79
C MET K 81 -12.47 -14.44 1.49
N GLU K 82 -11.48 -13.99 2.25
CA GLU K 82 -11.59 -12.72 2.97
C GLU K 82 -11.46 -11.54 2.02
N LYS K 83 -11.06 -11.84 0.77
CA LYS K 83 -11.00 -10.83 -0.27
C LYS K 83 -12.44 -10.52 -0.66
N PHE K 84 -13.34 -11.41 -0.24
CA PHE K 84 -14.77 -11.31 -0.51
C PHE K 84 -15.57 -10.99 0.76
N ASN K 85 -16.69 -10.29 0.59
CA ASN K 85 -17.53 -9.92 1.74
C ASN K 85 -18.92 -10.55 1.65
N VAL K 86 -19.67 -10.47 2.75
CA VAL K 86 -20.94 -11.17 2.88
C VAL K 86 -22.16 -10.28 2.69
N LYS K 87 -21.97 -9.09 2.13
CA LYS K 87 -23.08 -8.18 1.84
C LYS K 87 -24.22 -8.94 1.17
N LEU K 88 -25.43 -8.75 1.69
CA LEU K 88 -26.58 -9.52 1.26
C LEU K 88 -26.81 -9.44 -0.26
N GLY K 89 -26.75 -10.60 -0.91
CA GLY K 89 -26.99 -10.70 -2.34
C GLY K 89 -25.71 -10.74 -3.15
N THR K 90 -24.60 -10.30 -2.55
CA THR K 90 -23.31 -10.31 -3.24
C THR K 90 -22.84 -11.73 -3.48
N SER K 91 -22.34 -12.00 -4.69
CA SER K 91 -21.84 -13.33 -5.01
C SER K 91 -20.62 -13.31 -5.93
N LYS K 92 -19.79 -14.34 -5.78
CA LYS K 92 -18.69 -14.58 -6.70
C LYS K 92 -18.60 -16.09 -6.94
N HIS K 93 -18.35 -16.51 -8.17
CA HIS K 93 -18.06 -17.92 -8.42
C HIS K 93 -16.90 -18.06 -9.40
N PHE K 94 -16.04 -19.05 -9.13
CA PHE K 94 -14.86 -19.33 -9.93
C PHE K 94 -14.90 -20.73 -10.51
N TYR K 95 -14.30 -20.89 -11.70
CA TYR K 95 -14.17 -22.20 -12.34
C TYR K 95 -12.76 -22.69 -12.13
N MET K 96 -12.65 -23.97 -11.77
CA MET K 96 -11.35 -24.57 -11.47
C MET K 96 -11.40 -26.08 -11.64
N PHE K 97 -10.25 -26.72 -11.53
CA PHE K 97 -10.19 -28.17 -11.58
C PHE K 97 -10.05 -28.73 -10.18
N ASN K 98 -10.84 -29.75 -9.87
CA ASN K 98 -10.77 -30.41 -8.58
C ASN K 98 -9.67 -31.46 -8.57
N ASP K 99 -9.70 -32.34 -7.59
CA ASP K 99 -8.67 -33.37 -7.44
C ASP K 99 -8.64 -34.33 -8.63
N ASN K 100 -9.79 -34.49 -9.30
CA ASN K 100 -9.89 -35.40 -10.43
C ASN K 100 -9.71 -34.71 -11.78
N LYS K 101 -9.13 -33.52 -11.78
CA LYS K 101 -8.92 -32.74 -13.00
C LYS K 101 -10.23 -32.54 -13.74
N ASN K 102 -11.33 -32.51 -12.99
CA ASN K 102 -12.64 -32.25 -13.55
C ASN K 102 -13.03 -30.79 -13.33
N SER K 103 -13.68 -30.20 -14.32
CA SER K 103 -14.06 -28.79 -14.21
C SER K 103 -15.20 -28.62 -13.21
N VAL K 104 -14.98 -27.75 -12.23
CA VAL K 104 -15.98 -27.43 -11.23
C VAL K 104 -16.09 -25.92 -11.06
N ALA K 105 -17.26 -25.46 -10.62
CA ALA K 105 -17.45 -24.06 -10.33
C ALA K 105 -17.81 -23.90 -8.85
N VAL K 106 -17.09 -23.04 -8.13
CA VAL K 106 -17.33 -22.87 -6.70
C VAL K 106 -17.52 -21.40 -6.38
N GLY K 107 -18.40 -21.13 -5.42
CA GLY K 107 -18.70 -19.77 -5.04
C GLY K 107 -19.54 -19.66 -3.78
N TYR K 108 -19.99 -18.45 -3.53
CA TYR K 108 -20.82 -18.18 -2.36
C TYR K 108 -21.89 -17.14 -2.69
N VAL K 109 -22.90 -17.03 -1.82
CA VAL K 109 -23.83 -15.89 -1.86
C VAL K 109 -23.88 -15.26 -0.47
N GLY K 110 -23.69 -13.94 -0.40
CA GLY K 110 -23.67 -13.26 0.88
C GLY K 110 -25.05 -13.21 1.54
N CYS K 111 -25.09 -13.52 2.83
CA CYS K 111 -26.36 -13.55 3.54
C CYS K 111 -26.40 -12.49 4.65
N GLY K 112 -25.58 -11.45 4.49
CA GLY K 112 -25.61 -10.32 5.41
C GLY K 112 -24.99 -10.60 6.76
N SER K 113 -25.43 -9.84 7.77
CA SER K 113 -24.85 -9.93 9.10
C SER K 113 -25.86 -10.39 10.14
N VAL K 114 -27.13 -10.42 9.75
CA VAL K 114 -28.21 -10.87 10.62
C VAL K 114 -28.30 -12.41 10.63
N ALA K 115 -28.38 -12.98 11.83
CA ALA K 115 -28.38 -14.44 12.00
C ALA K 115 -29.70 -15.09 11.62
N ASP K 116 -30.79 -14.32 11.62
CA ASP K 116 -32.09 -14.85 11.26
C ASP K 116 -32.65 -14.19 10.00
N LEU K 117 -32.50 -14.87 8.86
CA LEU K 117 -32.94 -14.32 7.59
C LEU K 117 -34.46 -14.28 7.45
N SER K 118 -34.97 -13.13 7.02
CA SER K 118 -36.39 -12.97 6.76
C SER K 118 -36.73 -13.57 5.41
N GLU K 119 -38.02 -13.56 5.06
CA GLU K 119 -38.46 -14.07 3.76
C GLU K 119 -37.94 -13.18 2.62
N ALA K 120 -37.83 -11.88 2.89
CA ALA K 120 -37.32 -10.95 1.89
C ALA K 120 -35.82 -11.12 1.67
N ASP K 121 -35.10 -11.36 2.77
CA ASP K 121 -33.66 -11.59 2.69
C ASP K 121 -33.36 -12.86 1.94
N MET K 122 -34.13 -13.91 2.22
CA MET K 122 -33.96 -15.20 1.59
C MET K 122 -34.22 -15.10 0.08
N LYS K 123 -35.16 -14.25 -0.30
CA LYS K 123 -35.49 -14.06 -1.70
C LYS K 123 -34.33 -13.39 -2.44
N ARG K 124 -33.66 -12.44 -1.78
CA ARG K 124 -32.51 -11.79 -2.38
C ARG K 124 -31.35 -12.77 -2.57
N VAL K 125 -31.20 -13.68 -1.61
CA VAL K 125 -30.17 -14.72 -1.71
C VAL K 125 -30.46 -15.62 -2.91
N VAL K 126 -31.71 -16.06 -3.02
CA VAL K 126 -32.15 -16.92 -4.11
C VAL K 126 -31.97 -16.25 -5.47
N LEU K 127 -32.33 -14.97 -5.55
CA LEU K 127 -32.20 -14.21 -6.79
C LEU K 127 -30.76 -14.14 -7.26
N SER K 128 -29.85 -13.99 -6.32
CA SER K 128 -28.42 -13.98 -6.63
C SER K 128 -27.99 -15.35 -7.13
N LEU K 129 -28.55 -16.40 -6.53
CA LEU K 129 -28.28 -17.77 -6.93
C LEU K 129 -28.79 -18.05 -8.34
N VAL K 130 -30.01 -17.59 -8.63
CA VAL K 130 -30.64 -17.83 -9.93
C VAL K 130 -29.89 -17.12 -11.05
N THR K 131 -29.30 -15.98 -10.74
CA THR K 131 -28.52 -15.23 -11.72
C THR K 131 -27.34 -16.05 -12.23
N MET K 132 -26.73 -16.82 -11.34
CA MET K 132 -25.63 -17.70 -11.73
C MET K 132 -26.13 -18.91 -12.53
N LEU K 133 -27.34 -19.36 -12.24
CA LEU K 133 -27.89 -20.51 -12.95
C LEU K 133 -28.28 -20.15 -14.37
N HIS K 134 -28.75 -18.92 -14.56
CA HIS K 134 -29.14 -18.48 -15.88
C HIS K 134 -27.95 -18.14 -16.77
N ASP K 135 -26.75 -18.07 -16.19
CA ASP K 135 -25.57 -17.73 -16.98
C ASP K 135 -24.52 -18.84 -17.00
N ASN K 136 -24.91 -20.03 -16.56
CA ASN K 136 -24.03 -21.20 -16.56
C ASN K 136 -24.74 -22.45 -17.07
N LYS K 137 -24.09 -23.21 -17.95
CA LYS K 137 -24.70 -24.40 -18.55
C LYS K 137 -24.43 -25.65 -17.72
N LEU K 138 -24.83 -25.60 -16.46
CA LEU K 138 -24.57 -26.64 -15.48
C LEU K 138 -25.61 -27.75 -15.47
N SER K 139 -25.18 -28.95 -15.07
CA SER K 139 -26.08 -30.10 -14.94
C SER K 139 -26.47 -30.31 -13.48
N LYS K 140 -25.70 -29.71 -12.58
CA LYS K 140 -25.91 -29.89 -11.14
C LYS K 140 -25.61 -28.62 -10.35
N LEU K 141 -26.49 -28.30 -9.42
CA LEU K 141 -26.25 -27.25 -8.45
C LEU K 141 -26.19 -27.85 -7.05
N THR K 142 -25.19 -27.44 -6.28
CA THR K 142 -25.08 -27.87 -4.91
C THR K 142 -25.02 -26.66 -3.99
N VAL K 143 -25.95 -26.60 -3.05
CA VAL K 143 -26.04 -25.48 -2.12
C VAL K 143 -25.64 -25.92 -0.73
N VAL K 144 -24.67 -25.21 -0.15
CA VAL K 144 -24.18 -25.53 1.19
C VAL K 144 -24.67 -24.49 2.18
N PHE K 145 -25.54 -24.91 3.09
CA PHE K 145 -26.11 -24.02 4.09
C PHE K 145 -25.22 -23.83 5.32
N GLU K 146 -24.48 -22.72 5.35
CA GLU K 146 -23.70 -22.38 6.54
C GLU K 146 -24.40 -21.25 7.29
N ILE K 147 -25.73 -21.24 7.19
CA ILE K 147 -26.57 -20.27 7.89
C ILE K 147 -27.70 -20.98 8.61
N ASN K 148 -28.41 -20.25 9.47
CA ASN K 148 -29.51 -20.83 10.23
C ASN K 148 -30.84 -20.69 9.51
N VAL K 149 -31.43 -21.82 9.16
CA VAL K 149 -32.72 -21.83 8.48
C VAL K 149 -33.60 -22.93 9.10
N ASP K 150 -34.85 -22.61 9.38
CA ASP K 150 -35.79 -23.61 9.88
C ASP K 150 -36.48 -24.36 8.73
N LYS K 151 -37.34 -25.31 9.06
CA LYS K 151 -38.02 -26.12 8.05
C LYS K 151 -38.87 -25.30 7.09
N ASN K 152 -39.61 -24.32 7.64
CA ASN K 152 -40.48 -23.49 6.81
C ASN K 152 -39.69 -22.62 5.84
N LEU K 153 -38.62 -22.01 6.32
CA LEU K 153 -37.80 -21.15 5.49
C LEU K 153 -37.01 -21.98 4.47
N PHE K 154 -36.65 -23.20 4.86
CA PHE K 154 -35.95 -24.11 3.95
C PHE K 154 -36.87 -24.48 2.79
N ARG K 155 -38.13 -24.78 3.11
CA ARG K 155 -39.12 -25.08 2.09
C ARG K 155 -39.31 -23.84 1.21
N PHE K 156 -39.35 -22.68 1.86
CA PHE K 156 -39.47 -21.40 1.17
C PHE K 156 -38.32 -21.18 0.19
N PHE K 157 -37.11 -21.55 0.63
CA PHE K 157 -35.93 -21.46 -0.22
C PHE K 157 -36.11 -22.26 -1.51
N LEU K 158 -36.55 -23.51 -1.38
CA LEU K 158 -36.71 -24.38 -2.54
C LEU K 158 -37.80 -23.84 -3.46
N GLU K 159 -38.94 -23.50 -2.90
CA GLU K 159 -40.05 -22.91 -3.65
C GLU K 159 -39.60 -21.69 -4.44
N THR K 160 -38.94 -20.78 -3.75
CA THR K 160 -38.48 -19.53 -4.35
C THR K 160 -37.43 -19.81 -5.43
N LEU K 161 -36.53 -20.73 -5.14
CA LEU K 161 -35.52 -21.14 -6.10
C LEU K 161 -36.16 -21.66 -7.37
N PHE K 162 -37.07 -22.62 -7.21
CA PHE K 162 -37.79 -23.23 -8.32
C PHE K 162 -38.57 -22.19 -9.13
N TYR K 163 -39.29 -21.32 -8.43
CA TYR K 163 -40.15 -20.34 -9.09
C TYR K 163 -39.35 -19.33 -9.92
N GLU K 164 -38.27 -18.81 -9.35
CA GLU K 164 -37.46 -17.80 -10.03
C GLU K 164 -36.61 -18.42 -11.14
N TYR K 165 -36.18 -19.65 -10.94
CA TYR K 165 -35.38 -20.38 -11.93
C TYR K 165 -36.19 -20.63 -13.21
N MET K 166 -37.46 -20.98 -13.02
CA MET K 166 -38.36 -21.29 -14.13
C MET K 166 -38.62 -20.07 -15.02
N THR K 167 -38.66 -20.29 -16.33
CA THR K 167 -38.92 -19.21 -17.27
C THR K 167 -40.13 -19.51 -18.17
N ASP K 168 -41.05 -18.55 -18.22
CA ASP K 168 -42.29 -18.70 -18.97
C ASP K 168 -42.08 -18.30 -20.44
N GLU K 169 -42.13 -19.28 -21.34
CA GLU K 169 -41.85 -19.03 -22.74
C GLU K 169 -43.03 -19.40 -23.65
N ARG K 170 -44.22 -19.45 -23.05
CA ARG K 170 -45.44 -19.83 -23.77
C ARG K 170 -45.76 -18.90 -24.94
N PHE K 171 -45.34 -17.64 -24.85
CA PHE K 171 -45.70 -16.65 -25.85
C PHE K 171 -44.50 -16.20 -26.67
N LYS K 172 -43.37 -16.86 -26.45
CA LYS K 172 -42.17 -16.67 -27.25
C LYS K 172 -42.28 -17.48 -28.55
N SER K 173 -41.70 -16.97 -29.62
CA SER K 173 -41.69 -17.70 -30.89
C SER K 173 -40.27 -17.85 -31.41
N GLU K 181 -29.97 -24.91 -21.06
CA GLU K 181 -30.72 -26.03 -20.49
C GLU K 181 -30.67 -26.02 -18.96
N TYR K 182 -31.69 -26.61 -18.35
CA TYR K 182 -31.80 -26.63 -16.89
C TYR K 182 -30.96 -27.73 -16.27
N ILE K 183 -30.52 -27.49 -15.04
CA ILE K 183 -29.80 -28.50 -14.27
C ILE K 183 -30.69 -29.73 -14.07
N LYS K 184 -30.07 -30.87 -13.84
CA LYS K 184 -30.79 -32.12 -13.65
C LYS K 184 -30.70 -32.59 -12.20
N HIS K 185 -29.78 -32.00 -11.44
CA HIS K 185 -29.56 -32.42 -10.07
C HIS K 185 -29.42 -31.22 -9.14
N LEU K 186 -30.03 -31.32 -7.96
CA LEU K 186 -29.88 -30.30 -6.93
C LEU K 186 -29.40 -30.94 -5.64
N GLY K 187 -28.22 -30.53 -5.19
CA GLY K 187 -27.65 -31.03 -3.94
C GLY K 187 -27.75 -29.98 -2.84
N VAL K 188 -28.17 -30.41 -1.66
CA VAL K 188 -28.26 -29.51 -0.52
C VAL K 188 -27.50 -30.06 0.68
N TYR K 189 -26.52 -29.28 1.16
CA TYR K 189 -25.84 -29.61 2.40
C TYR K 189 -26.37 -28.72 3.51
N ILE K 190 -26.83 -29.36 4.58
CA ILE K 190 -27.42 -28.64 5.69
C ILE K 190 -27.30 -29.50 6.95
N ASN K 191 -27.15 -28.86 8.10
CA ASN K 191 -27.11 -29.59 9.35
C ASN K 191 -28.49 -30.16 9.65
N ASN K 192 -28.52 -31.37 10.21
CA ASN K 192 -29.78 -32.05 10.55
C ASN K 192 -30.65 -32.28 9.32
N ALA K 193 -30.02 -32.84 8.28
CA ALA K 193 -30.63 -33.02 6.98
C ALA K 193 -31.91 -33.85 7.00
N ASP K 194 -31.98 -34.84 7.89
CA ASP K 194 -33.12 -35.75 7.93
C ASP K 194 -34.43 -35.03 8.21
N THR K 195 -34.36 -33.95 9.00
CA THR K 195 -35.56 -33.19 9.35
C THR K 195 -36.10 -32.39 8.17
N TYR K 196 -35.24 -32.06 7.22
CA TYR K 196 -35.60 -31.19 6.11
C TYR K 196 -36.07 -31.94 4.86
N LYS K 197 -35.82 -33.25 4.80
CA LYS K 197 -36.10 -34.04 3.61
C LYS K 197 -37.57 -34.07 3.19
N GLU K 198 -38.47 -34.07 4.17
CA GLU K 198 -39.91 -34.12 3.89
C GLU K 198 -40.41 -32.83 3.23
N GLU K 199 -39.67 -31.74 3.40
CA GLU K 199 -40.07 -30.44 2.88
C GLU K 199 -39.81 -30.35 1.38
N VAL K 200 -38.96 -31.24 0.87
CA VAL K 200 -38.50 -31.19 -0.51
C VAL K 200 -39.63 -31.38 -1.53
N GLU K 201 -40.38 -32.46 -1.40
CA GLU K 201 -41.44 -32.74 -2.36
C GLU K 201 -42.66 -31.85 -2.11
N LYS K 202 -42.79 -31.37 -0.87
CA LYS K 202 -43.83 -30.40 -0.55
C LYS K 202 -43.57 -29.08 -1.27
N ALA K 203 -42.29 -28.71 -1.32
CA ALA K 203 -41.86 -27.50 -2.02
C ALA K 203 -42.17 -27.58 -3.51
N ARG K 204 -42.01 -28.76 -4.09
CA ARG K 204 -42.25 -28.96 -5.51
C ARG K 204 -43.72 -28.78 -5.85
N VAL K 205 -44.59 -29.25 -4.96
CA VAL K 205 -46.02 -29.07 -5.14
C VAL K 205 -46.38 -27.60 -4.98
N TYR K 206 -45.85 -26.97 -3.92
CA TYR K 206 -46.09 -25.56 -3.68
C TYR K 206 -45.54 -24.71 -4.83
N TYR K 207 -44.38 -25.11 -5.36
CA TYR K 207 -43.80 -24.44 -6.52
C TYR K 207 -44.79 -24.37 -7.69
N PHE K 208 -45.33 -25.51 -8.09
CA PHE K 208 -46.17 -25.54 -9.28
C PHE K 208 -47.51 -24.86 -9.06
N GLY K 209 -48.06 -24.98 -7.86
CA GLY K 209 -49.29 -24.29 -7.52
C GLY K 209 -49.13 -22.80 -7.74
N THR K 210 -48.00 -22.27 -7.27
CA THR K 210 -47.66 -20.86 -7.46
C THR K 210 -47.39 -20.55 -8.93
N TYR K 211 -46.65 -21.44 -9.60
CA TYR K 211 -46.31 -21.23 -11.00
C TYR K 211 -47.52 -21.36 -11.92
N TYR K 212 -48.43 -22.25 -11.58
CA TYR K 212 -49.67 -22.40 -12.33
C TYR K 212 -50.50 -21.12 -12.24
N ALA K 213 -50.62 -20.58 -11.03
CA ALA K 213 -51.32 -19.32 -10.82
C ALA K 213 -50.63 -18.22 -11.62
N SER K 214 -49.30 -18.18 -11.53
CA SER K 214 -48.48 -17.23 -12.27
C SER K 214 -48.75 -17.30 -13.78
N GLN K 215 -48.93 -18.51 -14.30
CA GLN K 215 -49.19 -18.70 -15.73
C GLN K 215 -50.52 -18.09 -16.13
N LEU K 216 -51.52 -18.22 -15.27
CA LEU K 216 -52.84 -17.66 -15.55
C LEU K 216 -52.82 -16.13 -15.49
N ILE K 217 -52.13 -15.59 -14.50
CA ILE K 217 -52.05 -14.14 -14.34
C ILE K 217 -51.27 -13.51 -15.50
N ALA K 218 -50.11 -14.07 -15.81
CA ALA K 218 -49.26 -13.55 -16.86
C ALA K 218 -49.92 -13.64 -18.24
N ALA K 219 -50.79 -14.64 -18.41
CA ALA K 219 -51.52 -14.79 -19.66
C ALA K 219 -52.37 -13.57 -19.94
N PRO K 220 -52.16 -12.94 -21.11
CA PRO K 220 -52.87 -11.72 -21.48
C PRO K 220 -54.37 -11.94 -21.61
N SER K 221 -55.13 -10.84 -21.67
CA SER K 221 -56.58 -10.92 -21.60
C SER K 221 -57.23 -11.44 -22.87
N ASN K 222 -56.51 -11.43 -23.99
CA ASN K 222 -57.04 -12.01 -25.21
C ASN K 222 -56.91 -13.53 -25.17
N TYR K 223 -55.97 -14.01 -24.36
CA TYR K 223 -55.82 -15.44 -24.13
C TYR K 223 -56.66 -15.86 -22.92
N CYS K 224 -56.53 -15.10 -21.84
CA CYS K 224 -57.23 -15.42 -20.61
C CYS K 224 -58.50 -14.58 -20.48
N ASN K 225 -59.61 -15.19 -20.84
CA ASN K 225 -60.92 -14.55 -20.76
C ASN K 225 -61.85 -15.43 -19.91
N PRO K 226 -63.05 -14.93 -19.55
CA PRO K 226 -63.94 -15.74 -18.71
C PRO K 226 -64.19 -17.16 -19.21
N VAL K 227 -64.27 -17.33 -20.53
CA VAL K 227 -64.52 -18.67 -21.08
C VAL K 227 -63.27 -19.54 -21.00
N SER K 228 -62.14 -19.01 -21.46
CA SER K 228 -60.90 -19.80 -21.47
C SER K 228 -60.38 -20.07 -20.06
N LEU K 229 -60.61 -19.14 -19.14
CA LEU K 229 -60.16 -19.33 -17.77
C LEU K 229 -60.97 -20.42 -17.06
N SER K 230 -62.27 -20.44 -17.31
CA SER K 230 -63.13 -21.45 -16.72
C SER K 230 -62.86 -22.83 -17.32
N ASN K 231 -62.54 -22.87 -18.61
CA ASN K 231 -62.14 -24.12 -19.27
C ASN K 231 -60.86 -24.69 -18.68
N ALA K 232 -59.91 -23.81 -18.38
CA ALA K 232 -58.64 -24.22 -17.78
C ALA K 232 -58.87 -24.81 -16.38
N ALA K 233 -59.83 -24.23 -15.65
CA ALA K 233 -60.15 -24.71 -14.32
C ALA K 233 -60.78 -26.10 -14.37
N VAL K 234 -61.62 -26.32 -15.37
CA VAL K 234 -62.24 -27.63 -15.59
C VAL K 234 -61.18 -28.67 -15.91
N GLU K 235 -60.27 -28.31 -16.81
CA GLU K 235 -59.17 -29.20 -17.18
C GLU K 235 -58.33 -29.57 -15.96
N LEU K 236 -58.08 -28.59 -15.10
CA LEU K 236 -57.32 -28.83 -13.87
C LEU K 236 -58.08 -29.76 -12.93
N ALA K 237 -59.38 -29.50 -12.80
CA ALA K 237 -60.23 -30.30 -11.91
C ALA K 237 -60.24 -31.76 -12.35
N GLN K 238 -60.26 -31.98 -13.65
CA GLN K 238 -60.29 -33.32 -14.20
C GLN K 238 -58.99 -34.08 -13.93
N LYS K 239 -57.86 -33.39 -14.01
CA LYS K 239 -56.57 -34.02 -13.76
C LYS K 239 -56.40 -34.37 -12.28
N LEU K 240 -57.13 -33.66 -11.41
CA LEU K 240 -57.02 -33.86 -9.98
C LEU K 240 -58.23 -34.60 -9.41
N ASN K 241 -59.17 -34.94 -10.29
CA ASN K 241 -60.44 -35.57 -9.89
C ASN K 241 -61.17 -34.80 -8.80
N LEU K 242 -61.25 -33.49 -8.98
CA LEU K 242 -62.05 -32.64 -8.12
C LEU K 242 -63.42 -32.50 -8.76
N GLU K 243 -64.45 -32.41 -7.93
CA GLU K 243 -65.78 -32.11 -8.44
C GLU K 243 -65.76 -30.71 -9.02
N TYR K 244 -66.47 -30.51 -10.13
CA TYR K 244 -66.48 -29.19 -10.75
C TYR K 244 -67.83 -28.86 -11.36
N LYS K 245 -68.15 -27.58 -11.34
CA LYS K 245 -69.42 -27.08 -11.86
C LYS K 245 -69.23 -25.65 -12.34
N ILE K 246 -69.56 -25.40 -13.59
CA ILE K 246 -69.45 -24.05 -14.16
C ILE K 246 -70.83 -23.48 -14.44
N LEU K 247 -71.16 -22.41 -13.73
CA LEU K 247 -72.46 -21.76 -13.88
C LEU K 247 -72.40 -20.74 -15.01
N GLY K 248 -73.33 -20.87 -15.95
CA GLY K 248 -73.41 -19.96 -17.08
C GLY K 248 -74.43 -18.88 -16.79
N VAL K 249 -74.63 -17.99 -17.75
CA VAL K 249 -75.47 -16.80 -17.55
C VAL K 249 -76.90 -17.17 -17.15
N LYS K 250 -77.46 -18.21 -17.77
CA LYS K 250 -78.83 -18.60 -17.48
C LYS K 250 -79.00 -19.07 -16.04
N GLU K 251 -78.03 -19.82 -15.51
CA GLU K 251 -78.09 -20.26 -14.12
C GLU K 251 -77.91 -19.08 -13.19
N LEU K 252 -77.01 -18.18 -13.56
CA LEU K 252 -76.70 -17.01 -12.76
C LEU K 252 -77.91 -16.08 -12.70
N GLU K 253 -78.67 -16.02 -13.78
CA GLU K 253 -79.89 -15.21 -13.78
C GLU K 253 -80.98 -15.73 -12.83
N GLU K 254 -81.18 -17.06 -12.81
CA GLU K 254 -82.17 -17.65 -11.92
C GLU K 254 -81.70 -17.51 -10.47
N LEU K 255 -80.39 -17.49 -10.25
CA LEU K 255 -79.85 -17.30 -8.92
C LEU K 255 -79.83 -15.82 -8.58
N LYS K 256 -80.22 -14.99 -9.55
CA LYS K 256 -80.39 -13.56 -9.34
C LYS K 256 -79.11 -12.86 -8.88
N MET K 257 -77.97 -13.27 -9.44
CA MET K 257 -76.68 -12.66 -9.15
C MET K 257 -76.51 -11.38 -9.98
N GLY K 258 -77.28 -10.36 -9.64
CA GLY K 258 -77.33 -9.13 -10.39
C GLY K 258 -76.09 -8.24 -10.33
N ALA K 259 -75.38 -8.29 -9.21
CA ALA K 259 -74.17 -7.50 -9.06
C ALA K 259 -73.08 -8.05 -9.97
N TYR K 260 -72.87 -9.35 -9.90
CA TYR K 260 -71.88 -10.04 -10.73
C TYR K 260 -72.21 -9.93 -12.22
N LEU K 261 -73.47 -10.13 -12.57
CA LEU K 261 -73.88 -10.08 -13.98
C LEU K 261 -73.78 -8.69 -14.58
N SER K 262 -74.00 -7.67 -13.75
CA SER K 262 -73.96 -6.28 -14.21
C SER K 262 -72.57 -5.90 -14.69
N VAL K 263 -71.55 -6.37 -13.98
CA VAL K 263 -70.16 -6.08 -14.32
C VAL K 263 -69.81 -6.63 -15.70
N GLY K 264 -70.29 -7.82 -16.02
CA GLY K 264 -69.95 -8.50 -17.27
C GLY K 264 -70.78 -8.13 -18.49
N LYS K 265 -71.80 -7.30 -18.29
CA LYS K 265 -72.72 -6.91 -19.36
C LYS K 265 -72.02 -6.34 -20.60
N GLY K 266 -70.97 -5.55 -20.38
CA GLY K 266 -70.27 -4.88 -21.47
C GLY K 266 -69.23 -5.73 -22.17
N SER K 267 -69.12 -7.00 -21.79
CA SER K 267 -68.11 -7.90 -22.36
C SER K 267 -68.66 -8.78 -23.48
N MET K 268 -67.78 -9.19 -24.39
CA MET K 268 -68.14 -10.13 -25.45
C MET K 268 -68.09 -11.57 -24.94
N TYR K 269 -67.49 -11.75 -23.78
CA TYR K 269 -67.39 -13.06 -23.15
C TYR K 269 -68.44 -13.21 -22.07
N PRO K 270 -69.23 -14.30 -22.13
CA PRO K 270 -70.25 -14.60 -21.11
C PRO K 270 -69.64 -14.84 -19.74
N ASN K 271 -70.32 -14.40 -18.69
CA ASN K 271 -69.89 -14.68 -17.33
C ASN K 271 -69.80 -16.18 -17.07
N LYS K 272 -68.77 -16.58 -16.34
CA LYS K 272 -68.59 -17.99 -15.99
C LYS K 272 -68.23 -18.11 -14.51
N PHE K 273 -69.12 -18.74 -13.74
CA PHE K 273 -68.87 -18.92 -12.31
C PHE K 273 -68.21 -20.26 -12.06
N ILE K 274 -66.99 -20.23 -11.54
CA ILE K 274 -66.24 -21.45 -11.28
C ILE K 274 -66.54 -22.00 -9.88
N HIS K 275 -66.89 -23.28 -9.81
CA HIS K 275 -67.11 -23.95 -8.54
C HIS K 275 -66.43 -25.31 -8.52
N LEU K 276 -65.25 -25.36 -7.90
CA LEU K 276 -64.55 -26.63 -7.70
C LEU K 276 -64.70 -27.08 -6.26
N THR K 277 -64.74 -28.39 -6.04
CA THR K 277 -64.89 -28.92 -4.70
C THR K 277 -63.93 -30.08 -4.43
N TYR K 278 -63.21 -29.97 -3.32
CA TYR K 278 -62.42 -31.09 -2.82
C TYR K 278 -63.06 -31.65 -1.55
N LYS K 279 -63.33 -32.95 -1.55
CA LYS K 279 -63.87 -33.59 -0.35
C LYS K 279 -62.98 -34.72 0.12
N SER K 280 -62.58 -34.68 1.38
CA SER K 280 -61.81 -35.77 2.00
C SER K 280 -62.55 -37.10 1.90
N LYS K 281 -61.83 -38.19 2.10
CA LYS K 281 -62.44 -39.52 2.02
C LYS K 281 -63.19 -39.93 3.29
N GLY K 282 -62.72 -39.47 4.44
CA GLY K 282 -63.37 -39.81 5.70
C GLY K 282 -64.46 -38.83 6.10
N ASP K 283 -64.64 -38.67 7.41
CA ASP K 283 -65.63 -37.73 7.93
C ASP K 283 -65.16 -36.30 7.72
N VAL K 284 -66.04 -35.45 7.21
CA VAL K 284 -65.73 -34.04 7.03
C VAL K 284 -65.95 -33.31 8.35
N LYS K 285 -64.89 -32.69 8.85
CA LYS K 285 -64.94 -32.06 10.16
C LYS K 285 -64.98 -30.53 10.04
N LYS K 286 -64.43 -30.02 8.95
CA LYS K 286 -64.44 -28.59 8.68
C LYS K 286 -64.71 -28.32 7.20
N LYS K 287 -65.62 -27.40 6.92
CA LYS K 287 -65.90 -26.97 5.55
C LYS K 287 -65.44 -25.55 5.30
N ILE K 288 -64.69 -25.36 4.21
CA ILE K 288 -64.09 -24.08 3.88
C ILE K 288 -64.42 -23.65 2.46
N ALA K 289 -64.82 -22.40 2.30
CA ALA K 289 -65.01 -21.82 0.97
C ALA K 289 -63.92 -20.80 0.66
N LEU K 290 -63.20 -21.02 -0.43
CA LEU K 290 -62.19 -20.06 -0.90
C LEU K 290 -62.71 -19.30 -2.11
N VAL K 291 -62.79 -17.98 -1.98
CA VAL K 291 -63.32 -17.14 -3.05
C VAL K 291 -62.21 -16.27 -3.65
N GLY K 292 -62.08 -16.32 -4.96
CA GLY K 292 -61.07 -15.52 -5.64
C GLY K 292 -61.67 -14.56 -6.63
N LYS K 293 -61.20 -13.32 -6.64
CA LYS K 293 -61.63 -12.34 -7.62
C LYS K 293 -61.14 -12.75 -9.01
N GLY K 294 -62.06 -12.77 -9.96
CA GLY K 294 -61.74 -13.23 -11.30
C GLY K 294 -62.13 -12.27 -12.40
N ILE K 295 -61.54 -11.07 -12.38
CA ILE K 295 -61.73 -10.13 -13.47
C ILE K 295 -60.58 -10.28 -14.47
N THR K 296 -60.87 -10.90 -15.61
CA THR K 296 -59.83 -11.25 -16.59
C THR K 296 -59.20 -10.02 -17.23
N PHE K 297 -59.97 -8.95 -17.35
CA PHE K 297 -59.43 -7.65 -17.70
C PHE K 297 -60.28 -6.55 -17.11
N ASP K 298 -59.63 -5.59 -16.47
CA ASP K 298 -60.32 -4.47 -15.85
C ASP K 298 -60.00 -3.16 -16.58
N SER K 299 -60.86 -2.78 -17.51
CA SER K 299 -60.70 -1.51 -18.22
C SER K 299 -61.16 -0.35 -17.34
N GLY K 300 -61.93 -0.68 -16.30
CA GLY K 300 -62.49 0.31 -15.42
C GLY K 300 -63.93 0.62 -15.75
N GLY K 301 -64.38 0.12 -16.91
CA GLY K 301 -65.72 0.43 -17.38
C GLY K 301 -65.79 1.88 -17.81
N TYR K 302 -66.96 2.50 -17.69
CA TYR K 302 -67.13 3.90 -18.07
C TYR K 302 -66.33 4.84 -17.16
N ASN K 303 -66.02 4.38 -15.95
CA ASN K 303 -64.99 5.03 -15.15
C ASN K 303 -63.62 4.52 -15.61
N LEU K 304 -63.32 4.76 -16.88
CA LEU K 304 -62.13 4.22 -17.55
C LEU K 304 -60.83 4.54 -16.81
N LYS K 305 -59.90 3.60 -16.82
CA LYS K 305 -58.58 3.83 -16.25
C LYS K 305 -57.77 4.69 -17.21
N ALA K 306 -58.00 6.00 -17.16
CA ALA K 306 -57.38 6.92 -18.09
C ALA K 306 -56.44 7.90 -17.40
N ALA K 307 -56.51 7.93 -16.08
CA ALA K 307 -55.65 8.81 -15.29
C ALA K 307 -54.19 8.40 -15.41
N PRO K 308 -53.27 9.37 -15.35
CA PRO K 308 -51.84 9.06 -15.43
C PRO K 308 -51.40 8.12 -14.30
N GLY K 309 -50.74 7.03 -14.67
CA GLY K 309 -50.24 6.08 -13.69
C GLY K 309 -51.27 5.09 -13.20
N SER K 310 -52.37 4.94 -13.96
CA SER K 310 -53.41 3.99 -13.59
C SER K 310 -53.08 2.58 -14.08
N MET K 311 -52.03 2.48 -14.91
CA MET K 311 -51.50 1.20 -15.35
C MET K 311 -52.56 0.25 -15.92
N ILE K 312 -53.26 0.70 -16.94
CA ILE K 312 -54.33 -0.11 -17.54
C ILE K 312 -53.76 -1.33 -18.25
N ASP K 313 -52.49 -1.27 -18.63
CA ASP K 313 -51.86 -2.39 -19.35
C ASP K 313 -51.50 -3.52 -18.39
N LEU K 314 -51.67 -3.26 -17.10
CA LEU K 314 -51.38 -4.26 -16.08
C LEU K 314 -52.62 -5.06 -15.71
N MET K 315 -53.78 -4.52 -16.06
CA MET K 315 -55.05 -5.00 -15.52
C MET K 315 -55.47 -6.39 -15.98
N LYS K 316 -54.57 -7.13 -16.62
CA LYS K 316 -54.83 -8.54 -16.85
C LYS K 316 -54.63 -9.31 -15.55
N PHE K 317 -53.82 -8.74 -14.65
CA PHE K 317 -53.52 -9.36 -13.36
C PHE K 317 -54.76 -9.41 -12.45
N ASP K 318 -55.81 -8.69 -12.82
CA ASP K 318 -56.97 -8.48 -11.93
C ASP K 318 -57.79 -9.74 -11.67
N MET K 319 -57.28 -10.88 -12.11
CA MET K 319 -57.88 -12.17 -11.79
C MET K 319 -56.90 -12.99 -10.96
N SER K 320 -55.95 -12.29 -10.35
CA SER K 320 -54.91 -12.89 -9.52
C SER K 320 -55.49 -13.66 -8.34
N GLY K 321 -56.59 -13.16 -7.79
CA GLY K 321 -57.27 -13.82 -6.70
C GLY K 321 -57.80 -15.17 -7.13
N CYS K 322 -58.40 -15.22 -8.31
CA CYS K 322 -58.90 -16.47 -8.85
C CYS K 322 -57.74 -17.45 -9.10
N ALA K 323 -56.64 -16.93 -9.62
CA ALA K 323 -55.47 -17.75 -9.92
C ALA K 323 -54.89 -18.37 -8.65
N ALA K 324 -54.85 -17.59 -7.57
CA ALA K 324 -54.37 -18.06 -6.28
C ALA K 324 -55.22 -19.23 -5.78
N VAL K 325 -56.54 -19.11 -5.98
CA VAL K 325 -57.48 -20.12 -5.57
C VAL K 325 -57.30 -21.41 -6.39
N LEU K 326 -57.10 -21.26 -7.69
CA LEU K 326 -56.90 -22.42 -8.56
C LEU K 326 -55.56 -23.09 -8.27
N GLY K 327 -54.54 -22.30 -7.98
CA GLY K 327 -53.24 -22.84 -7.62
C GLY K 327 -53.33 -23.59 -6.30
N CYS K 328 -54.17 -23.09 -5.41
CA CYS K 328 -54.42 -23.76 -4.14
C CYS K 328 -55.19 -25.06 -4.38
N ALA K 329 -56.12 -25.02 -5.32
CA ALA K 329 -56.86 -26.21 -5.71
C ALA K 329 -55.91 -27.30 -6.17
N TYR K 330 -54.85 -26.91 -6.88
CA TYR K 330 -53.83 -27.87 -7.28
C TYR K 330 -53.13 -28.47 -6.06
N CYS K 331 -52.67 -27.61 -5.16
CA CYS K 331 -51.93 -28.06 -3.98
C CYS K 331 -52.78 -28.95 -3.09
N VAL K 332 -54.03 -28.55 -2.87
CA VAL K 332 -54.94 -29.32 -2.03
C VAL K 332 -55.30 -30.66 -2.70
N GLY K 333 -55.61 -30.59 -4.00
CA GLY K 333 -55.96 -31.79 -4.75
C GLY K 333 -54.81 -32.77 -4.84
N THR K 334 -53.58 -32.28 -4.73
CA THR K 334 -52.38 -33.11 -4.84
C THR K 334 -51.97 -33.68 -3.49
N LEU K 335 -51.94 -32.82 -2.48
CA LEU K 335 -51.50 -33.22 -1.14
C LEU K 335 -52.60 -33.97 -0.40
N LYS K 336 -53.83 -33.80 -0.86
CA LYS K 336 -55.01 -34.48 -0.31
C LYS K 336 -55.13 -34.40 1.22
N PRO K 337 -55.44 -33.22 1.76
CA PRO K 337 -55.63 -33.16 3.21
C PRO K 337 -56.85 -33.95 3.64
N GLU K 338 -56.89 -34.37 4.91
CA GLU K 338 -57.98 -35.19 5.42
C GLU K 338 -58.95 -34.37 6.26
N ASN K 339 -60.18 -34.87 6.36
CA ASN K 339 -61.20 -34.30 7.25
C ASN K 339 -61.60 -32.89 6.88
N VAL K 340 -61.46 -32.54 5.61
CA VAL K 340 -61.83 -31.21 5.15
C VAL K 340 -62.60 -31.26 3.84
N GLU K 341 -63.53 -30.33 3.67
CA GLU K 341 -64.22 -30.15 2.40
C GLU K 341 -64.01 -28.71 1.98
N ILE K 342 -63.41 -28.53 0.80
CA ILE K 342 -63.06 -27.19 0.33
C ILE K 342 -63.80 -26.85 -0.96
N HIS K 343 -64.40 -25.67 -0.99
CA HIS K 343 -65.01 -25.17 -2.21
C HIS K 343 -64.19 -24.03 -2.80
N PHE K 344 -63.80 -24.19 -4.06
CA PHE K 344 -63.02 -23.18 -4.75
C PHE K 344 -63.92 -22.39 -5.69
N LEU K 345 -64.15 -21.12 -5.35
CA LEU K 345 -65.12 -20.31 -6.07
C LEU K 345 -64.47 -19.12 -6.77
N SER K 346 -65.02 -18.76 -7.92
CA SER K 346 -64.62 -17.53 -8.60
C SER K 346 -65.71 -17.06 -9.56
N ALA K 347 -66.18 -15.84 -9.33
CA ALA K 347 -67.12 -15.21 -10.25
C ALA K 347 -66.33 -14.51 -11.36
N VAL K 348 -66.11 -15.22 -12.46
CA VAL K 348 -65.24 -14.73 -13.51
C VAL K 348 -65.99 -13.94 -14.57
N CYS K 349 -65.46 -12.74 -14.88
CA CYS K 349 -66.02 -11.93 -15.95
C CYS K 349 -65.00 -10.89 -16.40
N GLU K 350 -65.46 -9.96 -17.23
CA GLU K 350 -64.61 -8.94 -17.81
C GLU K 350 -65.27 -7.57 -17.71
N ASN K 351 -64.51 -6.56 -17.31
CA ASN K 351 -65.03 -5.21 -17.13
C ASN K 351 -64.64 -4.31 -18.31
N MET K 352 -65.57 -4.14 -19.25
CA MET K 352 -65.27 -3.49 -20.53
C MET K 352 -66.17 -2.28 -20.79
N VAL K 353 -65.78 -1.48 -21.79
CA VAL K 353 -66.59 -0.34 -22.21
C VAL K 353 -67.36 -0.71 -23.47
N SER K 354 -68.68 -0.56 -23.43
CA SER K 354 -69.55 -0.98 -24.52
C SER K 354 -70.89 -0.25 -24.42
N LYS K 355 -71.74 -0.41 -25.43
CA LYS K 355 -73.10 0.12 -25.34
C LYS K 355 -73.89 -0.62 -24.27
N ASN K 356 -73.44 -1.82 -23.94
CA ASN K 356 -74.18 -2.68 -23.02
C ASN K 356 -73.62 -2.64 -21.60
N SER K 357 -72.57 -1.87 -21.38
CA SER K 357 -71.94 -1.79 -20.08
C SER K 357 -72.86 -1.16 -19.05
N TYR K 358 -72.69 -1.54 -17.79
CA TYR K 358 -73.40 -0.88 -16.70
C TYR K 358 -72.81 0.50 -16.49
N ARG K 359 -73.66 1.45 -16.12
CA ARG K 359 -73.23 2.84 -16.02
C ARG K 359 -72.99 3.27 -14.58
N PRO K 360 -72.13 4.28 -14.39
CA PRO K 360 -72.05 4.93 -13.08
C PRO K 360 -73.41 5.50 -12.72
N GLY K 361 -73.93 5.20 -11.53
CA GLY K 361 -75.23 5.67 -11.12
C GLY K 361 -76.29 4.58 -11.13
N ASP K 362 -76.03 3.50 -11.87
CA ASP K 362 -76.96 2.37 -11.93
C ASP K 362 -77.24 1.76 -10.55
N ILE K 363 -78.48 1.39 -10.31
CA ILE K 363 -78.84 0.66 -9.10
C ILE K 363 -79.12 -0.79 -9.46
N ILE K 364 -78.38 -1.70 -8.85
CA ILE K 364 -78.47 -3.12 -9.18
C ILE K 364 -78.76 -3.95 -7.94
N THR K 365 -79.35 -5.13 -8.13
CA THR K 365 -79.74 -5.97 -7.01
C THR K 365 -78.89 -7.23 -6.92
N ALA K 366 -78.22 -7.40 -5.79
CA ALA K 366 -77.42 -8.58 -5.54
C ALA K 366 -78.33 -9.78 -5.24
N SER K 367 -77.75 -10.97 -5.21
CA SER K 367 -78.53 -12.20 -5.02
C SER K 367 -79.19 -12.33 -3.64
N ASN K 368 -78.81 -11.49 -2.69
CA ASN K 368 -79.43 -11.54 -1.37
C ASN K 368 -80.50 -10.47 -1.20
N GLY K 369 -80.88 -9.83 -2.31
CA GLY K 369 -81.96 -8.85 -2.30
C GLY K 369 -81.53 -7.42 -2.09
N LYS K 370 -80.28 -7.22 -1.66
CA LYS K 370 -79.75 -5.89 -1.39
C LYS K 370 -79.56 -5.07 -2.67
N THR K 371 -80.10 -3.86 -2.70
CA THR K 371 -79.91 -2.98 -3.84
C THR K 371 -78.65 -2.13 -3.65
N ILE K 372 -77.90 -1.97 -4.73
CA ILE K 372 -76.61 -1.29 -4.68
C ILE K 372 -76.55 -0.15 -5.68
N GLU K 373 -76.18 1.03 -5.23
CA GLU K 373 -75.97 2.17 -6.12
C GLU K 373 -74.51 2.21 -6.59
N VAL K 374 -74.31 2.06 -7.89
CA VAL K 374 -72.96 2.10 -8.46
C VAL K 374 -72.44 3.53 -8.56
N GLY K 375 -71.38 3.83 -7.81
CA GLY K 375 -70.77 5.15 -7.88
C GLY K 375 -69.52 5.20 -8.74
N ASN K 376 -68.98 4.02 -9.02
CA ASN K 376 -67.74 3.89 -9.78
C ASN K 376 -67.62 2.49 -10.38
N THR K 377 -67.64 2.41 -11.71
CA THR K 377 -67.60 1.11 -12.39
C THR K 377 -66.24 0.44 -12.27
N ASP K 378 -65.23 1.18 -11.83
CA ASP K 378 -63.89 0.61 -11.67
C ASP K 378 -63.75 -0.08 -10.33
N ALA K 379 -64.76 0.08 -9.47
CA ALA K 379 -64.83 -0.68 -8.24
C ALA K 379 -65.71 -1.91 -8.43
N GLU K 380 -65.42 -2.67 -9.48
CA GLU K 380 -66.28 -3.78 -9.89
C GLU K 380 -65.99 -5.05 -9.10
N GLY K 381 -64.80 -5.13 -8.52
CA GLY K 381 -64.38 -6.32 -7.81
C GLY K 381 -65.29 -6.68 -6.65
N ARG K 382 -65.67 -5.68 -5.87
CA ARG K 382 -66.51 -5.91 -4.70
C ARG K 382 -67.92 -6.33 -5.12
N LEU K 383 -68.33 -5.96 -6.33
CA LEU K 383 -69.63 -6.35 -6.84
C LEU K 383 -69.68 -7.83 -7.19
N THR K 384 -68.64 -8.30 -7.87
CA THR K 384 -68.55 -9.71 -8.24
C THR K 384 -68.36 -10.56 -6.98
N LEU K 385 -67.56 -10.07 -6.03
CA LEU K 385 -67.37 -10.78 -4.77
C LEU K 385 -68.63 -10.83 -3.93
N ALA K 386 -69.45 -9.78 -4.01
CA ALA K 386 -70.69 -9.72 -3.24
C ALA K 386 -71.58 -10.91 -3.52
N ASP K 387 -71.85 -11.17 -4.80
CA ASP K 387 -72.67 -12.30 -5.20
C ASP K 387 -71.96 -13.63 -4.93
N ALA K 388 -70.64 -13.64 -5.07
CA ALA K 388 -69.85 -14.83 -4.81
C ALA K 388 -69.89 -15.19 -3.32
N LEU K 389 -69.85 -14.17 -2.47
CA LEU K 389 -69.90 -14.38 -1.02
C LEU K 389 -71.27 -14.88 -0.57
N VAL K 390 -72.32 -14.37 -1.21
CA VAL K 390 -73.68 -14.82 -0.92
C VAL K 390 -73.82 -16.29 -1.28
N TYR K 391 -73.30 -16.64 -2.45
CA TYR K 391 -73.27 -18.02 -2.93
C TYR K 391 -72.50 -18.92 -1.96
N ALA K 392 -71.37 -18.41 -1.47
CA ALA K 392 -70.51 -19.17 -0.58
C ALA K 392 -71.19 -19.51 0.75
N GLU K 393 -71.87 -18.53 1.33
CA GLU K 393 -72.50 -18.73 2.63
C GLU K 393 -73.67 -19.72 2.53
N LYS K 394 -74.28 -19.79 1.35
CA LYS K 394 -75.38 -20.72 1.12
C LYS K 394 -74.90 -22.17 1.13
N LEU K 395 -73.59 -22.37 0.95
CA LEU K 395 -73.02 -23.71 0.97
C LEU K 395 -72.92 -24.29 2.37
N GLY K 396 -73.05 -23.43 3.38
CA GLY K 396 -72.97 -23.86 4.75
C GLY K 396 -71.57 -24.30 5.15
N VAL K 397 -70.63 -23.36 5.08
CA VAL K 397 -69.25 -23.65 5.44
C VAL K 397 -68.91 -23.02 6.79
N ASP K 398 -67.73 -23.36 7.31
CA ASP K 398 -67.28 -22.82 8.59
C ASP K 398 -66.52 -21.51 8.38
N TYR K 399 -65.71 -21.47 7.33
CA TYR K 399 -64.92 -20.28 7.03
C TYR K 399 -65.10 -19.84 5.58
N ILE K 400 -65.27 -18.54 5.37
CA ILE K 400 -65.23 -17.97 4.02
C ILE K 400 -64.02 -17.05 3.90
N VAL K 401 -63.08 -17.41 3.04
CA VAL K 401 -61.91 -16.57 2.81
C VAL K 401 -61.86 -16.11 1.36
N ASP K 402 -61.86 -14.80 1.17
CA ASP K 402 -61.73 -14.26 -0.18
C ASP K 402 -60.38 -13.57 -0.37
N ILE K 403 -59.85 -13.66 -1.58
CA ILE K 403 -58.58 -13.06 -1.92
C ILE K 403 -58.72 -12.30 -3.24
N ALA K 404 -58.30 -11.04 -3.26
CA ALA K 404 -58.63 -10.17 -4.37
C ALA K 404 -57.66 -8.99 -4.55
N THR K 405 -57.44 -8.62 -5.79
CA THR K 405 -56.75 -7.37 -6.12
C THR K 405 -57.76 -6.24 -6.06
N LEU K 406 -58.17 -5.87 -4.85
CA LEU K 406 -59.37 -5.08 -4.65
C LEU K 406 -59.16 -3.56 -4.72
N THR K 407 -58.19 -3.02 -3.98
CA THR K 407 -58.04 -1.57 -3.91
C THR K 407 -56.60 -1.10 -4.13
N GLY K 408 -56.44 -0.10 -4.98
CA GLY K 408 -55.13 0.48 -5.24
C GLY K 408 -54.55 1.18 -4.04
N ALA K 409 -55.42 1.49 -3.07
CA ALA K 409 -55.01 2.15 -1.83
C ALA K 409 -54.01 1.31 -1.04
N MET K 410 -53.99 0.01 -1.30
CA MET K 410 -53.07 -0.89 -0.61
C MET K 410 -51.61 -0.54 -0.86
N LEU K 411 -51.33 0.08 -2.01
CA LEU K 411 -49.98 0.49 -2.32
C LEU K 411 -49.50 1.60 -1.41
N TYR K 412 -50.43 2.37 -0.86
CA TYR K 412 -50.10 3.48 0.00
C TYR K 412 -50.09 3.11 1.48
N SER K 413 -50.65 1.95 1.79
CA SER K 413 -50.76 1.52 3.19
C SER K 413 -49.67 0.51 3.53
N LEU K 414 -49.61 -0.58 2.78
CA LEU K 414 -48.64 -1.64 3.05
C LEU K 414 -47.64 -1.78 1.92
N GLY K 415 -47.95 -1.22 0.76
CA GLY K 415 -47.02 -1.25 -0.35
C GLY K 415 -47.08 -2.54 -1.15
N THR K 416 -45.91 -3.00 -1.57
CA THR K 416 -45.82 -4.12 -2.50
C THR K 416 -45.37 -5.44 -1.86
N SER K 417 -45.11 -5.42 -0.56
CA SER K 417 -44.59 -6.61 0.10
C SER K 417 -45.63 -7.34 0.94
N TYR K 418 -46.42 -6.59 1.69
CA TYR K 418 -47.39 -7.18 2.61
C TYR K 418 -48.81 -6.99 2.10
N ALA K 419 -49.55 -8.09 2.04
CA ALA K 419 -50.98 -8.00 1.75
C ALA K 419 -51.73 -7.65 3.02
N GLY K 420 -52.92 -7.10 2.88
CA GLY K 420 -53.75 -6.76 4.01
C GLY K 420 -54.88 -7.76 4.19
N VAL K 421 -55.18 -8.10 5.44
CA VAL K 421 -56.29 -9.00 5.72
C VAL K 421 -57.35 -8.30 6.58
N PHE K 422 -58.60 -8.47 6.18
CA PHE K 422 -59.74 -7.93 6.90
C PHE K 422 -60.67 -9.09 7.24
N GLY K 423 -61.51 -8.92 8.26
CA GLY K 423 -62.42 -9.98 8.64
C GLY K 423 -63.44 -9.59 9.70
N ASN K 424 -64.43 -10.47 9.90
CA ASN K 424 -65.44 -10.25 10.91
C ASN K 424 -65.25 -11.18 12.11
N ASN K 425 -64.14 -11.92 12.07
CA ASN K 425 -63.87 -12.94 13.08
C ASN K 425 -62.37 -13.03 13.40
N GLU K 426 -62.04 -12.82 14.67
CA GLU K 426 -60.65 -12.73 15.11
C GLU K 426 -59.91 -14.06 15.04
N GLU K 427 -60.61 -15.15 15.33
CA GLU K 427 -60.01 -16.48 15.28
C GLU K 427 -59.53 -16.81 13.87
N LEU K 428 -60.40 -16.58 12.89
CA LEU K 428 -60.07 -16.82 11.49
C LEU K 428 -58.91 -15.95 11.03
N ILE K 429 -58.94 -14.67 11.42
CA ILE K 429 -57.87 -13.74 11.07
C ILE K 429 -56.52 -14.21 11.62
N ASN K 430 -56.51 -14.67 12.86
CA ASN K 430 -55.29 -15.18 13.47
C ASN K 430 -54.79 -16.43 12.76
N LYS K 431 -55.72 -17.24 12.29
CA LYS K 431 -55.39 -18.45 11.54
C LYS K 431 -54.69 -18.10 10.23
N ILE K 432 -55.20 -17.08 9.54
CA ILE K 432 -54.58 -16.61 8.32
C ILE K 432 -53.20 -16.03 8.59
N LEU K 433 -53.08 -15.28 9.67
CA LEU K 433 -51.82 -14.69 10.07
C LEU K 433 -50.81 -15.78 10.41
N GLN K 434 -51.29 -16.84 11.06
CA GLN K 434 -50.45 -17.99 11.35
C GLN K 434 -49.96 -18.63 10.05
N SER K 435 -50.87 -18.76 9.09
CA SER K 435 -50.55 -19.30 7.78
C SER K 435 -49.53 -18.43 7.07
N SER K 436 -49.61 -17.13 7.32
CA SER K 436 -48.66 -16.17 6.75
C SER K 436 -47.25 -16.47 7.25
N LYS K 437 -47.14 -16.83 8.52
CA LYS K 437 -45.85 -17.16 9.12
C LYS K 437 -45.22 -18.40 8.49
N THR K 438 -46.01 -19.46 8.34
CA THR K 438 -45.47 -20.74 7.88
C THR K 438 -45.27 -20.80 6.37
N SER K 439 -46.05 -20.02 5.62
CA SER K 439 -45.93 -19.98 4.17
C SER K 439 -44.94 -18.92 3.69
N ASN K 440 -44.57 -18.03 4.61
CA ASN K 440 -43.72 -16.88 4.30
C ASN K 440 -44.30 -15.99 3.19
N GLU K 441 -45.63 -15.93 3.13
CA GLU K 441 -46.31 -14.94 2.30
C GLU K 441 -46.90 -13.90 3.25
N PRO K 442 -46.20 -12.76 3.40
CA PRO K 442 -46.46 -11.77 4.45
C PRO K 442 -47.83 -11.11 4.35
N VAL K 443 -48.55 -11.12 5.46
CA VAL K 443 -49.88 -10.53 5.52
C VAL K 443 -49.99 -9.73 6.82
N TRP K 444 -50.61 -8.56 6.75
CA TRP K 444 -50.79 -7.73 7.94
C TRP K 444 -52.27 -7.45 8.19
N TRP K 445 -52.67 -7.48 9.45
CA TRP K 445 -54.06 -7.28 9.84
C TRP K 445 -54.43 -5.80 9.81
N LEU K 446 -55.45 -5.48 9.03
CA LEU K 446 -55.96 -4.12 8.96
C LEU K 446 -57.39 -4.11 9.50
N PRO K 447 -57.81 -2.98 10.09
CA PRO K 447 -59.09 -2.94 10.78
C PRO K 447 -60.29 -2.67 9.87
N ILE K 448 -61.44 -3.23 10.22
CA ILE K 448 -62.70 -2.83 9.61
C ILE K 448 -63.35 -1.80 10.54
N ILE K 449 -63.20 -0.53 10.20
CA ILE K 449 -63.63 0.56 11.07
C ILE K 449 -65.10 0.91 10.85
N ASN K 450 -65.93 0.57 11.84
CA ASN K 450 -67.38 0.70 11.71
C ASN K 450 -67.85 2.15 11.60
N GLU K 451 -67.02 3.08 12.05
CA GLU K 451 -67.38 4.49 11.99
C GLU K 451 -67.49 4.98 10.55
N TYR K 452 -66.83 4.27 9.63
CA TYR K 452 -66.86 4.64 8.22
C TYR K 452 -68.06 4.06 7.50
N ARG K 453 -68.77 3.14 8.17
CA ARG K 453 -69.91 2.44 7.57
C ARG K 453 -71.00 3.39 7.08
N ALA K 454 -71.19 4.50 7.78
CA ALA K 454 -72.27 5.43 7.46
C ALA K 454 -72.06 6.11 6.10
N THR K 455 -70.83 6.08 5.59
CA THR K 455 -70.55 6.69 4.31
C THR K 455 -71.07 5.83 3.16
N LEU K 456 -71.51 4.61 3.49
CA LEU K 456 -72.07 3.71 2.49
C LEU K 456 -73.61 3.76 2.49
N ASN K 457 -74.16 4.63 3.31
CA ASN K 457 -75.62 4.82 3.34
C ASN K 457 -76.10 5.56 2.10
N SER K 458 -76.83 4.87 1.24
CA SER K 458 -77.34 5.47 0.01
C SER K 458 -78.68 6.17 0.20
N LYS K 459 -78.88 7.24 -0.55
CA LYS K 459 -80.11 8.00 -0.51
C LYS K 459 -81.27 7.21 -1.13
N TYR K 460 -80.97 6.39 -2.14
CA TYR K 460 -81.99 5.69 -2.90
C TYR K 460 -81.90 4.16 -2.81
N ALA K 461 -80.69 3.61 -2.86
CA ALA K 461 -80.51 2.17 -2.73
C ALA K 461 -80.35 1.76 -1.28
N ASP K 462 -80.26 0.46 -1.02
CA ASP K 462 -80.02 -0.03 0.32
C ASP K 462 -78.61 0.34 0.78
N ILE K 463 -77.66 0.31 -0.14
CA ILE K 463 -76.27 0.55 0.19
C ILE K 463 -75.50 1.14 -0.98
N ASN K 464 -74.51 1.96 -0.70
CA ASN K 464 -73.60 2.47 -1.71
C ASN K 464 -72.47 1.49 -2.00
N GLN K 465 -72.04 1.46 -3.25
CA GLN K 465 -70.90 0.64 -3.65
C GLN K 465 -69.60 1.23 -3.11
N ILE K 466 -69.46 2.54 -3.20
CA ILE K 466 -68.25 3.22 -2.73
C ILE K 466 -68.56 4.39 -1.83
N SER K 467 -67.53 4.84 -1.11
CA SER K 467 -67.62 6.04 -0.29
C SER K 467 -67.30 7.26 -1.14
N SER K 468 -67.57 8.44 -0.61
CA SER K 468 -67.31 9.67 -1.34
C SER K 468 -66.19 10.44 -0.64
N SER K 469 -66.04 10.18 0.66
CA SER K 469 -64.95 10.73 1.44
C SER K 469 -63.62 10.12 1.00
N LYS K 471 -60.90 8.21 0.39
CA LYS K 471 -60.25 8.08 1.70
C LYS K 471 -59.65 6.68 1.89
N ALA K 472 -59.96 6.08 3.03
CA ALA K 472 -59.57 4.72 3.35
C ALA K 472 -60.33 3.68 2.51
N SER K 473 -60.01 3.62 1.22
CA SER K 473 -60.76 2.78 0.29
C SER K 473 -60.72 1.30 0.64
N SER K 474 -59.60 0.84 1.17
CA SER K 474 -59.44 -0.56 1.52
C SER K 474 -60.41 -0.96 2.64
N ILE K 475 -60.60 -0.06 3.57
CA ILE K 475 -61.52 -0.28 4.69
C ILE K 475 -62.97 -0.18 4.22
N VAL K 476 -63.26 0.82 3.38
CA VAL K 476 -64.61 1.01 2.85
C VAL K 476 -65.06 -0.22 2.05
N ALA K 477 -64.15 -0.75 1.23
CA ALA K 477 -64.44 -1.95 0.45
C ALA K 477 -64.74 -3.15 1.36
N SER K 478 -63.99 -3.24 2.46
CA SER K 478 -64.21 -4.30 3.44
C SER K 478 -65.55 -4.17 4.13
N LEU K 479 -65.93 -2.94 4.46
CA LEU K 479 -67.24 -2.67 5.05
C LEU K 479 -68.35 -3.09 4.10
N PHE K 480 -68.13 -2.86 2.81
CA PHE K 480 -69.09 -3.27 1.79
C PHE K 480 -69.27 -4.79 1.77
N LEU K 481 -68.16 -5.51 1.65
CA LEU K 481 -68.17 -6.97 1.60
C LEU K 481 -68.80 -7.58 2.85
N LYS K 482 -68.57 -6.94 3.99
CA LYS K 482 -69.09 -7.39 5.27
C LYS K 482 -70.62 -7.51 5.26
N GLU K 483 -71.26 -6.65 4.49
CA GLU K 483 -72.72 -6.64 4.39
C GLU K 483 -73.28 -7.87 3.66
N PHE K 484 -72.42 -8.66 3.05
CA PHE K 484 -72.87 -9.82 2.27
C PHE K 484 -72.46 -11.14 2.90
N VAL K 485 -72.00 -11.08 4.14
CA VAL K 485 -71.76 -12.27 4.94
C VAL K 485 -72.50 -12.08 6.25
N GLN K 486 -73.58 -12.84 6.44
CA GLN K 486 -74.50 -12.54 7.54
C GLN K 486 -74.13 -13.20 8.86
N ASN K 487 -73.78 -14.48 8.82
CA ASN K 487 -73.50 -15.23 10.05
C ASN K 487 -72.46 -16.32 9.85
N THR K 488 -71.37 -15.98 9.18
CA THR K 488 -70.29 -16.92 8.95
C THR K 488 -68.94 -16.23 9.17
N ALA K 489 -67.99 -16.93 9.77
CA ALA K 489 -66.64 -16.39 9.92
C ALA K 489 -66.08 -16.11 8.54
N TRP K 490 -65.69 -14.86 8.32
CA TRP K 490 -65.27 -14.42 6.99
C TRP K 490 -64.04 -13.55 7.08
N ALA K 491 -63.13 -13.75 6.14
CA ALA K 491 -61.91 -12.95 6.06
C ALA K 491 -61.62 -12.56 4.63
N HIS K 492 -60.98 -11.41 4.46
CA HIS K 492 -60.72 -10.84 3.15
C HIS K 492 -59.28 -10.40 2.98
N ILE K 493 -58.59 -10.97 2.00
CA ILE K 493 -57.18 -10.64 1.78
C ILE K 493 -57.02 -9.79 0.51
N ASP K 494 -56.59 -8.54 0.69
CA ASP K 494 -56.40 -7.62 -0.43
C ASP K 494 -54.97 -7.70 -0.96
N ILE K 495 -54.82 -8.21 -2.18
CA ILE K 495 -53.51 -8.45 -2.76
C ILE K 495 -53.23 -7.54 -3.97
N ALA K 496 -53.95 -6.42 -4.04
CA ALA K 496 -53.79 -5.48 -5.14
C ALA K 496 -52.37 -4.94 -5.25
N GLY K 497 -51.72 -4.80 -4.09
CA GLY K 497 -50.38 -4.24 -4.04
C GLY K 497 -49.26 -5.25 -4.22
N VAL K 498 -49.48 -6.48 -3.78
CA VAL K 498 -48.41 -7.47 -3.74
C VAL K 498 -48.47 -8.50 -4.87
N SER K 499 -49.54 -8.47 -5.65
CA SER K 499 -49.74 -9.49 -6.68
C SER K 499 -48.70 -9.45 -7.80
N TRP K 500 -48.40 -8.26 -8.30
CA TRP K 500 -47.49 -8.10 -9.42
C TRP K 500 -46.09 -7.69 -8.97
N ASN K 501 -45.08 -8.35 -9.51
CA ASN K 501 -43.68 -7.99 -9.25
C ASN K 501 -43.20 -6.99 -10.29
N PHE K 502 -43.27 -5.71 -9.95
CA PHE K 502 -42.97 -4.63 -10.89
C PHE K 502 -41.51 -4.60 -11.31
N LYS K 503 -40.62 -4.96 -10.40
CA LYS K 503 -39.19 -4.99 -10.69
C LYS K 503 -38.86 -6.10 -11.69
N ALA K 504 -39.46 -7.27 -11.48
CA ALA K 504 -39.20 -8.43 -12.33
C ALA K 504 -40.14 -8.53 -13.53
N ARG K 505 -41.15 -7.67 -13.58
CA ARG K 505 -42.13 -7.65 -14.66
C ARG K 505 -42.85 -8.99 -14.84
N LYS K 506 -43.33 -9.54 -13.73
CA LYS K 506 -44.00 -10.83 -13.74
C LYS K 506 -44.88 -11.00 -12.50
N PRO K 507 -45.83 -11.94 -12.52
CA PRO K 507 -46.65 -12.17 -11.33
C PRO K 507 -45.85 -12.78 -10.19
N LYS K 508 -46.37 -12.71 -8.98
CA LYS K 508 -45.73 -13.39 -7.84
C LYS K 508 -46.42 -14.72 -7.54
N GLY K 509 -47.64 -14.87 -8.04
CA GLY K 509 -48.48 -16.02 -7.70
C GLY K 509 -48.79 -15.99 -6.21
N PHE K 510 -48.94 -14.78 -5.68
CA PHE K 510 -49.11 -14.56 -4.25
C PHE K 510 -50.42 -15.13 -3.73
N GLY K 511 -50.33 -15.87 -2.63
CA GLY K 511 -51.52 -16.36 -1.95
C GLY K 511 -51.74 -17.86 -2.03
N VAL K 512 -51.15 -18.51 -3.03
CA VAL K 512 -51.33 -19.93 -3.22
C VAL K 512 -50.86 -20.71 -1.99
N ARG K 513 -49.64 -20.44 -1.56
CA ARG K 513 -49.06 -21.12 -0.41
C ARG K 513 -49.76 -20.72 0.89
N LEU K 514 -50.15 -19.45 0.98
CA LEU K 514 -50.88 -18.94 2.15
C LEU K 514 -52.20 -19.69 2.35
N LEU K 515 -52.96 -19.81 1.27
CA LEU K 515 -54.25 -20.49 1.33
C LEU K 515 -54.08 -21.98 1.58
N THR K 516 -53.02 -22.56 1.02
CA THR K 516 -52.76 -23.99 1.19
C THR K 516 -52.35 -24.32 2.62
N GLU K 517 -51.45 -23.52 3.19
CA GLU K 517 -51.05 -23.70 4.57
C GLU K 517 -52.25 -23.54 5.49
N PHE K 518 -53.15 -22.64 5.12
CA PHE K 518 -54.37 -22.43 5.88
C PHE K 518 -55.24 -23.69 5.88
N VAL K 519 -55.39 -24.29 4.70
CA VAL K 519 -56.20 -25.49 4.56
C VAL K 519 -55.54 -26.70 5.20
N LEU K 520 -54.22 -26.81 5.05
CA LEU K 520 -53.48 -27.95 5.59
C LEU K 520 -53.28 -27.87 7.10
N ASN K 521 -52.87 -26.69 7.57
CA ASN K 521 -52.56 -26.49 8.98
C ASN K 521 -53.75 -25.94 9.76
N SER L 5 -91.75 0.39 -27.62
CA SER L 5 -92.35 0.20 -26.31
C SER L 5 -91.61 -0.84 -25.48
N GLU L 6 -91.08 -1.86 -26.14
CA GLU L 6 -90.31 -2.89 -25.44
C GLU L 6 -88.86 -2.48 -25.20
N VAL L 7 -88.46 -2.52 -23.93
CA VAL L 7 -87.10 -2.16 -23.53
C VAL L 7 -86.13 -3.32 -23.78
N PRO L 8 -85.06 -3.06 -24.54
CA PRO L 8 -84.05 -4.11 -24.76
C PRO L 8 -83.31 -4.43 -23.46
N GLN L 9 -82.86 -5.68 -23.32
CA GLN L 9 -82.13 -6.09 -22.12
C GLN L 9 -80.84 -6.79 -22.49
N VAL L 10 -79.81 -6.60 -21.66
CA VAL L 10 -78.56 -7.34 -21.83
C VAL L 10 -78.67 -8.66 -21.07
N VAL L 11 -79.16 -8.58 -19.85
CA VAL L 11 -79.48 -9.77 -19.06
C VAL L 11 -80.95 -9.70 -18.63
N SER L 12 -81.49 -10.83 -18.18
CA SER L 12 -82.91 -10.90 -17.83
C SER L 12 -83.23 -10.11 -16.56
N LEU L 13 -82.19 -9.74 -15.82
CA LEU L 13 -82.34 -9.01 -14.57
C LEU L 13 -82.45 -7.50 -14.81
N ASP L 14 -82.25 -7.08 -16.05
CA ASP L 14 -82.36 -5.67 -16.41
C ASP L 14 -83.80 -5.16 -16.33
N PRO L 15 -84.02 -4.05 -15.63
CA PRO L 15 -85.38 -3.49 -15.48
C PRO L 15 -85.94 -3.03 -16.82
N THR L 16 -87.26 -3.13 -16.98
CA THR L 16 -87.89 -2.80 -18.24
C THR L 16 -88.89 -1.66 -18.11
N SER L 17 -88.92 -1.01 -16.95
CA SER L 17 -89.76 0.16 -16.76
C SER L 17 -89.30 1.00 -15.57
N ILE L 18 -89.65 2.29 -15.60
CA ILE L 18 -89.38 3.17 -14.47
C ILE L 18 -90.47 3.07 -13.42
N PRO L 19 -90.10 2.67 -12.20
CA PRO L 19 -91.07 2.66 -11.08
C PRO L 19 -91.51 4.08 -10.75
N ILE L 20 -92.81 4.32 -10.76
CA ILE L 20 -93.37 5.65 -10.48
C ILE L 20 -94.46 5.60 -9.41
N GLU L 21 -94.32 6.44 -8.40
CA GLU L 21 -95.37 6.58 -7.38
C GLU L 21 -96.31 7.73 -7.72
N TYR L 22 -97.56 7.41 -8.02
CA TYR L 22 -98.56 8.43 -8.32
C TYR L 22 -99.35 8.84 -7.07
N ASN L 23 -99.75 7.85 -6.28
CA ASN L 23 -100.45 8.11 -5.03
C ASN L 23 -99.49 8.21 -3.84
N THR L 24 -99.13 9.44 -3.48
CA THR L 24 -98.19 9.66 -2.38
C THR L 24 -98.92 9.88 -1.06
N PRO L 25 -98.24 9.62 0.07
CA PRO L 25 -98.81 9.92 1.39
C PRO L 25 -99.22 11.37 1.53
N ILE L 26 -98.51 12.25 0.82
CA ILE L 26 -98.81 13.68 0.81
C ILE L 26 -100.23 13.95 0.30
N HIS L 27 -100.68 13.13 -0.65
CA HIS L 27 -102.01 13.29 -1.24
C HIS L 27 -103.14 12.96 -0.26
N ASP L 28 -102.80 12.26 0.83
CA ASP L 28 -103.79 11.87 1.83
C ASP L 28 -103.90 12.84 2.99
N ILE L 29 -103.11 13.92 2.95
CA ILE L 29 -103.13 14.89 4.03
C ILE L 29 -104.26 15.91 3.90
N LYS L 30 -105.18 15.90 4.85
CA LYS L 30 -106.25 16.88 4.89
C LYS L 30 -105.71 18.21 5.40
N VAL L 31 -105.82 19.25 4.57
CA VAL L 31 -105.27 20.56 4.91
C VAL L 31 -106.36 21.56 5.25
N GLN L 32 -106.24 22.18 6.41
CA GLN L 32 -107.19 23.17 6.87
C GLN L 32 -106.50 24.52 7.14
N VAL L 33 -107.09 25.60 6.66
CA VAL L 33 -106.53 26.93 6.90
C VAL L 33 -107.46 27.77 7.77
N TYR L 34 -106.95 28.23 8.92
CA TYR L 34 -107.72 29.05 9.83
C TYR L 34 -107.12 30.45 10.00
N ASP L 35 -107.97 31.39 10.39
CA ASP L 35 -107.50 32.75 10.63
C ASP L 35 -106.90 32.88 12.03
N ILE L 36 -105.78 33.58 12.11
CA ILE L 36 -105.01 33.70 13.35
C ILE L 36 -105.70 34.55 14.41
N LYS L 37 -106.67 35.36 14.00
CA LYS L 37 -107.37 36.24 14.92
C LYS L 37 -108.31 35.50 15.87
N GLY L 38 -108.75 34.32 15.47
CA GLY L 38 -109.65 33.52 16.29
C GLY L 38 -108.96 32.76 17.40
N GLY L 39 -107.64 32.87 17.47
CA GLY L 39 -106.87 32.14 18.47
C GLY L 39 -106.57 30.74 17.97
N CYS L 40 -105.57 30.10 18.57
CA CYS L 40 -105.16 28.77 18.12
C CYS L 40 -105.63 27.68 19.09
N ASN L 41 -106.15 26.60 18.53
CA ASN L 41 -106.51 25.43 19.32
C ASN L 41 -105.41 24.38 19.31
N VAL L 42 -104.98 23.98 20.50
CA VAL L 42 -103.92 22.98 20.64
C VAL L 42 -104.50 21.68 21.19
N GLU L 43 -104.87 20.78 20.29
CA GLU L 43 -105.52 19.53 20.69
C GLU L 43 -104.57 18.37 20.45
N GLU L 44 -104.55 17.83 19.24
CA GLU L 44 -103.63 16.74 18.95
C GLU L 44 -102.39 17.23 18.19
N GLY L 45 -101.42 16.32 18.04
CA GLY L 45 -100.25 16.57 17.21
C GLY L 45 -99.25 17.61 17.65
N LEU L 46 -98.58 18.20 16.65
CA LEU L 46 -97.53 19.19 16.86
C LEU L 46 -97.95 20.56 16.39
N THR L 47 -97.74 21.57 17.22
CA THR L 47 -98.02 22.94 16.86
C THR L 47 -96.74 23.74 16.80
N ILE L 48 -96.41 24.24 15.61
CA ILE L 48 -95.17 24.98 15.40
C ILE L 48 -95.47 26.44 15.05
N PHE L 49 -94.86 27.35 15.79
CA PHE L 49 -94.99 28.77 15.51
C PHE L 49 -93.83 29.28 14.66
N LEU L 50 -94.14 29.94 13.55
CA LEU L 50 -93.11 30.57 12.76
C LEU L 50 -92.94 32.01 13.24
N VAL L 51 -91.83 32.28 13.93
CA VAL L 51 -91.63 33.59 14.55
C VAL L 51 -90.33 34.25 14.11
N ASN L 52 -90.35 35.58 14.02
CA ASN L 52 -89.14 36.33 13.76
C ASN L 52 -88.98 37.45 14.78
N ASN L 53 -87.91 38.22 14.62
CA ASN L 53 -87.65 39.37 15.47
C ASN L 53 -86.87 40.43 14.72
N PRO L 54 -87.56 41.45 14.19
CA PRO L 54 -86.76 42.46 13.47
C PRO L 54 -85.72 43.09 14.41
N GLY L 55 -84.70 43.75 13.86
CA GLY L 55 -83.60 44.27 14.65
C GLY L 55 -83.14 43.28 15.72
N LYS L 56 -82.46 42.21 15.29
CA LYS L 56 -82.06 41.15 16.22
C LYS L 56 -80.70 40.51 15.93
N GLU L 57 -80.12 39.89 16.96
CA GLU L 57 -78.78 39.29 16.93
C GLU L 57 -78.50 37.89 16.29
N ASN L 58 -79.44 36.94 16.20
CA ASN L 58 -80.87 37.10 16.42
C ASN L 58 -81.34 37.09 17.87
N GLY L 59 -82.44 37.80 18.09
CA GLY L 59 -83.07 38.02 19.38
C GLY L 59 -83.98 36.92 19.87
N PRO L 60 -84.51 37.11 21.09
CA PRO L 60 -85.38 36.15 21.77
C PRO L 60 -86.73 35.94 21.10
N VAL L 61 -87.33 34.79 21.36
CA VAL L 61 -88.65 34.43 20.85
C VAL L 61 -89.79 35.00 21.68
N LYS L 62 -90.75 35.62 21.01
CA LYS L 62 -91.96 36.12 21.68
C LYS L 62 -93.20 35.70 20.88
N ILE L 63 -94.10 34.96 21.52
CA ILE L 63 -95.30 34.48 20.84
C ILE L 63 -96.46 35.46 20.99
N SER L 64 -96.91 36.02 19.86
CA SER L 64 -97.96 37.03 19.88
C SER L 64 -99.37 36.45 19.83
N SER L 65 -99.54 35.35 19.08
CA SER L 65 -100.87 34.77 18.86
C SER L 65 -101.47 34.26 20.16
N LYS L 66 -102.79 34.38 20.29
CA LYS L 66 -103.52 33.85 21.44
C LYS L 66 -103.76 32.34 21.31
N VAL L 67 -103.48 31.62 22.40
CA VAL L 67 -103.69 30.18 22.41
C VAL L 67 -104.80 29.80 23.39
N ASN L 68 -105.83 29.11 22.87
CA ASN L 68 -106.99 28.71 23.66
C ASN L 68 -106.72 27.49 24.54
N ASP L 69 -105.58 27.48 25.21
CA ASP L 69 -105.22 26.41 26.13
C ASP L 69 -104.38 26.95 27.27
N LYS L 70 -104.83 26.74 28.50
CA LYS L 70 -104.18 27.31 29.67
C LYS L 70 -102.79 26.72 29.88
N GLN L 71 -102.65 25.42 29.65
CA GLN L 71 -101.37 24.75 29.86
C GLN L 71 -100.32 25.20 28.84
N VAL L 72 -100.72 25.29 27.58
CA VAL L 72 -99.82 25.73 26.52
C VAL L 72 -99.49 27.22 26.67
N SER L 73 -100.49 28.01 27.05
CA SER L 73 -100.30 29.45 27.26
C SER L 73 -99.22 29.75 28.29
N GLU L 74 -99.18 28.96 29.37
CA GLU L 74 -98.16 29.13 30.39
C GLU L 74 -96.79 28.80 29.80
N PHE L 75 -96.75 27.75 28.99
CA PHE L 75 -95.53 27.38 28.27
C PHE L 75 -95.06 28.49 27.34
N LEU L 76 -96.01 29.15 26.70
CA LEU L 76 -95.69 30.15 25.69
C LEU L 76 -95.52 31.54 26.29
N LYS L 77 -95.44 31.62 27.61
CA LYS L 77 -95.21 32.89 28.30
C LYS L 77 -93.87 33.47 27.89
N ASP L 78 -93.76 34.80 27.93
CA ASP L 78 -92.57 35.49 27.45
C ASP L 78 -91.31 35.08 28.21
N GLU L 79 -91.45 34.86 29.51
CA GLU L 79 -90.33 34.48 30.36
C GLU L 79 -89.75 33.12 29.95
N ASN L 80 -90.61 32.21 29.52
CA ASN L 80 -90.17 30.89 29.10
C ASN L 80 -89.55 30.90 27.70
N MET L 81 -90.11 31.72 26.82
CA MET L 81 -89.71 31.75 25.42
C MET L 81 -88.49 32.65 25.19
N GLU L 82 -88.18 33.49 26.17
CA GLU L 82 -87.06 34.42 26.06
C GLU L 82 -85.72 33.69 26.11
N LYS L 83 -85.75 32.44 26.55
CA LYS L 83 -84.55 31.60 26.60
C LYS L 83 -84.14 31.09 25.23
N PHE L 84 -85.03 31.23 24.25
CA PHE L 84 -84.77 30.77 22.88
C PHE L 84 -84.61 31.95 21.93
N ASN L 85 -83.83 31.78 20.87
CA ASN L 85 -83.61 32.85 19.91
C ASN L 85 -84.19 32.52 18.53
N VAL L 86 -84.28 33.53 17.67
CA VAL L 86 -84.99 33.38 16.39
C VAL L 86 -84.08 33.25 15.18
N LYS L 87 -82.81 32.93 15.42
CA LYS L 87 -81.85 32.71 14.33
C LYS L 87 -82.45 31.77 13.29
N LEU L 88 -82.36 32.16 12.02
CA LEU L 88 -83.04 31.42 10.95
C LEU L 88 -82.67 29.94 10.90
N GLY L 89 -83.68 29.09 11.01
CA GLY L 89 -83.51 27.66 10.97
C GLY L 89 -83.50 27.01 12.34
N THR L 90 -83.28 27.81 13.38
CA THR L 90 -83.29 27.30 14.74
C THR L 90 -84.69 26.87 15.17
N SER L 91 -84.78 25.71 15.82
CA SER L 91 -86.06 25.22 16.31
C SER L 91 -85.93 24.44 17.61
N LYS L 92 -86.98 24.50 18.43
CA LYS L 92 -87.09 23.68 19.63
C LYS L 92 -88.52 23.21 19.74
N HIS L 93 -88.75 21.97 20.16
CA HIS L 93 -90.11 21.53 20.45
C HIS L 93 -90.18 20.70 21.75
N PHE L 94 -91.22 20.93 22.53
CA PHE L 94 -91.44 20.25 23.80
C PHE L 94 -92.73 19.46 23.83
N TYR L 95 -92.72 18.36 24.57
CA TYR L 95 -93.90 17.54 24.79
C TYR L 95 -94.49 17.80 26.17
N MET L 96 -95.80 17.95 26.22
CA MET L 96 -96.49 18.27 27.47
C MET L 96 -97.96 17.87 27.38
N PHE L 97 -98.67 18.00 28.51
CA PHE L 97 -100.10 17.74 28.53
C PHE L 97 -100.88 19.04 28.52
N ASN L 98 -101.92 19.08 27.69
CA ASN L 98 -102.77 20.27 27.62
C ASN L 98 -103.84 20.25 28.71
N ASP L 99 -104.85 21.10 28.56
CA ASP L 99 -105.89 21.22 29.58
C ASP L 99 -106.70 19.93 29.73
N ASN L 100 -106.79 19.16 28.66
CA ASN L 100 -107.55 17.91 28.69
C ASN L 100 -106.68 16.68 28.90
N LYS L 101 -105.50 16.89 29.49
CA LYS L 101 -104.56 15.82 29.79
C LYS L 101 -104.18 14.99 28.56
N ASN L 102 -104.23 15.62 27.39
CA ASN L 102 -103.80 14.98 26.16
C ASN L 102 -102.36 15.37 25.83
N SER L 103 -101.59 14.42 25.32
CA SER L 103 -100.20 14.69 24.99
C SER L 103 -100.10 15.57 23.76
N VAL L 104 -99.39 16.69 23.91
CA VAL L 104 -99.21 17.63 22.80
C VAL L 104 -97.74 18.00 22.66
N ALA L 105 -97.35 18.38 21.45
CA ALA L 105 -96.00 18.85 21.19
C ALA L 105 -96.05 20.28 20.68
N VAL L 106 -95.28 21.17 21.32
CA VAL L 106 -95.31 22.57 20.94
C VAL L 106 -93.89 23.06 20.66
N GLY L 107 -93.75 23.96 19.69
CA GLY L 107 -92.45 24.51 19.36
C GLY L 107 -92.48 25.68 18.39
N TYR L 108 -91.30 26.10 17.96
CA TYR L 108 -91.17 27.18 17.00
C TYR L 108 -90.07 26.92 15.98
N VAL L 109 -90.08 27.69 14.90
CA VAL L 109 -88.95 27.76 13.98
C VAL L 109 -88.57 29.22 13.76
N GLY L 110 -87.29 29.54 13.94
CA GLY L 110 -86.81 30.90 13.80
C GLY L 110 -86.79 31.39 12.36
N CYS L 111 -87.30 32.60 12.14
CA CYS L 111 -87.38 33.17 10.79
C CYS L 111 -86.51 34.41 10.64
N GLY L 112 -85.49 34.52 11.49
CA GLY L 112 -84.51 35.58 11.37
C GLY L 112 -84.97 36.96 11.80
N SER L 113 -84.34 37.99 11.23
CA SER L 113 -84.60 39.36 11.62
C SER L 113 -85.16 40.17 10.45
N VAL L 114 -85.11 39.59 9.26
CA VAL L 114 -85.64 40.26 8.08
C VAL L 114 -87.15 40.09 8.02
N ALA L 115 -87.87 41.19 7.81
CA ALA L 115 -89.33 41.18 7.81
C ALA L 115 -89.89 40.60 6.51
N ASP L 116 -89.09 40.61 5.46
CA ASP L 116 -89.50 40.06 4.16
C ASP L 116 -88.63 38.87 3.82
N LEU L 117 -89.16 37.68 4.10
CA LEU L 117 -88.42 36.44 3.91
C LEU L 117 -88.22 36.11 2.44
N SER L 118 -87.00 35.78 2.05
CA SER L 118 -86.71 35.38 0.67
C SER L 118 -87.08 33.93 0.41
N GLU L 119 -86.95 33.51 -0.83
CA GLU L 119 -87.25 32.12 -1.20
C GLU L 119 -86.25 31.14 -0.58
N ALA L 120 -84.99 31.55 -0.48
CA ALA L 120 -83.95 30.71 0.10
C ALA L 120 -84.11 30.59 1.62
N ASP L 121 -84.49 31.70 2.23
CA ASP L 121 -84.72 31.76 3.67
C ASP L 121 -85.87 30.85 4.09
N MET L 122 -86.94 30.88 3.31
CA MET L 122 -88.12 30.08 3.58
C MET L 122 -87.81 28.58 3.49
N LYS L 123 -86.91 28.21 2.59
CA LYS L 123 -86.53 26.82 2.41
C LYS L 123 -85.81 26.29 3.65
N ARG L 124 -84.99 27.14 4.27
CA ARG L 124 -84.32 26.76 5.51
C ARG L 124 -85.33 26.55 6.63
N VAL L 125 -86.38 27.37 6.63
CA VAL L 125 -87.46 27.24 7.60
C VAL L 125 -88.18 25.90 7.41
N VAL L 126 -88.54 25.58 6.17
CA VAL L 126 -89.24 24.34 5.86
C VAL L 126 -88.43 23.09 6.23
N LEU L 127 -87.14 23.09 5.89
CA LEU L 127 -86.27 21.96 6.21
C LEU L 127 -86.17 21.72 7.72
N SER L 128 -86.13 22.82 8.47
CA SER L 128 -86.09 22.72 9.93
C SER L 128 -87.39 22.12 10.45
N LEU L 129 -88.49 22.49 9.81
CA LEU L 129 -89.81 21.95 10.12
C LEU L 129 -89.88 20.46 9.78
N VAL L 130 -89.36 20.09 8.61
CA VAL L 130 -89.40 18.72 8.12
C VAL L 130 -88.54 17.80 8.99
N THR L 131 -87.48 18.35 9.55
CA THR L 131 -86.61 17.57 10.44
C THR L 131 -87.42 17.10 11.65
N MET L 132 -88.35 17.94 12.11
CA MET L 132 -89.22 17.54 13.20
C MET L 132 -90.27 16.54 12.75
N LEU L 133 -90.68 16.61 11.50
CA LEU L 133 -91.69 15.69 11.00
C LEU L 133 -91.13 14.29 10.77
N HIS L 134 -89.86 14.19 10.38
CA HIS L 134 -89.23 12.90 10.13
C HIS L 134 -88.91 12.15 11.40
N ASP L 135 -88.63 12.90 12.46
CA ASP L 135 -88.33 12.29 13.75
C ASP L 135 -89.55 12.26 14.65
N ASN L 136 -90.74 12.45 14.07
CA ASN L 136 -91.95 12.44 14.90
C ASN L 136 -93.11 11.65 14.29
N LYS L 137 -93.80 10.89 15.14
CA LYS L 137 -94.94 10.05 14.76
C LYS L 137 -96.28 10.78 14.89
N LEU L 138 -96.43 11.91 14.21
CA LEU L 138 -97.66 12.70 14.35
C LEU L 138 -98.82 12.34 13.46
N SER L 139 -100.02 12.67 13.95
CA SER L 139 -101.23 12.49 13.16
C SER L 139 -101.64 13.83 12.54
N LYS L 140 -101.16 14.92 13.16
CA LYS L 140 -101.51 16.27 12.74
C LYS L 140 -100.37 17.27 12.93
N LEU L 141 -100.15 18.12 11.92
CA LEU L 141 -99.23 19.25 12.08
C LEU L 141 -99.99 20.57 11.97
N THR L 142 -99.69 21.49 12.88
CA THR L 142 -100.31 22.81 12.84
C THR L 142 -99.25 23.90 12.79
N VAL L 143 -99.33 24.75 11.77
CA VAL L 143 -98.37 25.83 11.58
C VAL L 143 -99.04 27.18 11.81
N VAL L 144 -98.47 27.96 12.71
CA VAL L 144 -99.01 29.29 13.02
C VAL L 144 -98.12 30.37 12.44
N PHE L 145 -98.63 31.10 11.46
CA PHE L 145 -97.84 32.12 10.78
C PHE L 145 -97.82 33.45 11.55
N GLU L 146 -96.74 33.68 12.29
CA GLU L 146 -96.56 34.98 12.95
C GLU L 146 -95.54 35.81 12.20
N ILE L 147 -95.48 35.59 10.89
CA ILE L 147 -94.65 36.38 10.00
C ILE L 147 -95.50 36.77 8.81
N ASN L 148 -95.01 37.72 8.01
CA ASN L 148 -95.74 38.19 6.85
C ASN L 148 -95.33 37.46 5.57
N VAL L 149 -96.29 36.78 4.95
CA VAL L 149 -96.04 36.08 3.69
C VAL L 149 -97.20 36.33 2.73
N ASP L 150 -96.89 36.59 1.46
CA ASP L 150 -97.93 36.76 0.45
C ASP L 150 -98.39 35.40 -0.10
N LYS L 151 -99.35 35.43 -0.99
CA LYS L 151 -99.96 34.20 -1.52
C LYS L 151 -98.95 33.29 -2.23
N ASN L 152 -98.05 33.89 -3.00
CA ASN L 152 -97.05 33.12 -3.73
C ASN L 152 -96.09 32.40 -2.79
N LEU L 153 -95.64 33.11 -1.76
CA LEU L 153 -94.70 32.53 -0.81
C LEU L 153 -95.38 31.47 0.05
N PHE L 154 -96.66 31.67 0.34
CA PHE L 154 -97.43 30.71 1.11
C PHE L 154 -97.56 29.41 0.32
N ARG L 155 -97.86 29.54 -0.97
CA ARG L 155 -97.94 28.37 -1.84
C ARG L 155 -96.59 27.67 -1.91
N PHE L 156 -95.52 28.46 -2.01
CA PHE L 156 -94.16 27.94 -2.04
C PHE L 156 -93.83 27.18 -0.76
N PHE L 157 -94.30 27.71 0.38
CA PHE L 157 -94.11 27.05 1.67
C PHE L 157 -94.67 25.64 1.65
N LEU L 158 -95.90 25.50 1.17
CA LEU L 158 -96.58 24.21 1.12
C LEU L 158 -95.89 23.25 0.16
N GLU L 159 -95.60 23.75 -1.04
CA GLU L 159 -94.90 22.97 -2.06
C GLU L 159 -93.60 22.39 -1.52
N THR L 160 -92.80 23.26 -0.92
CA THR L 160 -91.51 22.88 -0.38
C THR L 160 -91.69 21.91 0.79
N LEU L 161 -92.68 22.20 1.63
CA LEU L 161 -92.99 21.31 2.75
C LEU L 161 -93.32 19.91 2.25
N PHE L 162 -94.25 19.82 1.31
CA PHE L 162 -94.66 18.54 0.75
C PHE L 162 -93.50 17.81 0.10
N TYR L 163 -92.73 18.54 -0.72
CA TYR L 163 -91.62 17.95 -1.45
C TYR L 163 -90.52 17.43 -0.54
N GLU L 164 -90.16 18.21 0.47
CA GLU L 164 -89.10 17.83 1.38
C GLU L 164 -89.54 16.75 2.36
N TYR L 165 -90.81 16.77 2.75
CA TYR L 165 -91.38 15.77 3.63
C TYR L 165 -91.36 14.39 2.98
N MET L 166 -91.71 14.34 1.70
CA MET L 166 -91.79 13.10 0.94
C MET L 166 -90.44 12.43 0.77
N THR L 167 -90.42 11.10 0.89
CA THR L 167 -89.20 10.33 0.76
C THR L 167 -89.31 9.26 -0.32
N ASP L 168 -88.33 9.22 -1.22
CA ASP L 168 -88.34 8.28 -2.34
C ASP L 168 -87.72 6.94 -1.96
N GLU L 169 -88.55 5.90 -1.93
CA GLU L 169 -88.08 4.58 -1.52
C GLU L 169 -88.30 3.51 -2.59
N ARG L 170 -88.44 3.94 -3.84
CA ARG L 170 -88.69 3.02 -4.95
C ARG L 170 -87.57 2.00 -5.11
N PHE L 171 -86.36 2.35 -4.71
CA PHE L 171 -85.20 1.48 -4.92
C PHE L 171 -84.68 0.90 -3.61
N LYS L 172 -85.40 1.18 -2.53
CA LYS L 172 -85.16 0.57 -1.23
C LYS L 172 -85.80 -0.82 -1.21
N SER L 173 -85.20 -1.75 -0.49
CA SER L 173 -85.78 -3.09 -0.36
C SER L 173 -85.95 -3.49 1.11
N GLU L 181 -96.85 6.42 9.62
CA GLU L 181 -95.65 7.13 9.19
C GLU L 181 -95.92 8.62 9.05
N TYR L 182 -96.57 8.99 7.95
CA TYR L 182 -96.84 10.39 7.63
C TYR L 182 -98.06 10.94 8.35
N ILE L 183 -98.05 12.24 8.63
CA ILE L 183 -99.20 12.92 9.21
C ILE L 183 -100.40 12.81 8.27
N LYS L 184 -101.60 12.91 8.83
CA LYS L 184 -102.82 12.81 8.03
C LYS L 184 -103.54 14.16 7.94
N HIS L 185 -103.15 15.10 8.80
CA HIS L 185 -103.78 16.41 8.85
C HIS L 185 -102.76 17.54 8.96
N LEU L 186 -103.01 18.61 8.22
CA LEU L 186 -102.17 19.81 8.30
C LEU L 186 -103.03 21.04 8.58
N GLY L 187 -102.76 21.69 9.71
CA GLY L 187 -103.46 22.91 10.08
C GLY L 187 -102.60 24.14 9.88
N VAL L 188 -103.17 25.17 9.30
CA VAL L 188 -102.45 26.43 9.09
C VAL L 188 -103.20 27.61 9.69
N TYR L 189 -102.56 28.31 10.62
CA TYR L 189 -103.11 29.54 11.16
C TYR L 189 -102.36 30.71 10.53
N ILE L 190 -103.12 31.62 9.91
CA ILE L 190 -102.52 32.72 9.18
C ILE L 190 -103.49 33.89 9.10
N ASN L 191 -102.95 35.10 9.05
CA ASN L 191 -103.78 36.29 8.94
C ASN L 191 -104.42 36.36 7.56
N ASN L 192 -105.68 36.77 7.52
CA ASN L 192 -106.45 36.85 6.27
C ASN L 192 -106.52 35.48 5.58
N ALA L 193 -106.88 34.46 6.34
CA ALA L 193 -106.84 33.07 5.88
C ALA L 193 -107.65 32.79 4.62
N ASP L 194 -108.77 33.47 4.46
CA ASP L 194 -109.66 33.24 3.33
C ASP L 194 -108.95 33.48 2.00
N THR L 195 -108.01 34.43 2.01
CA THR L 195 -107.25 34.78 0.82
C THR L 195 -106.24 33.70 0.43
N TYR L 196 -105.81 32.90 1.41
CA TYR L 196 -104.74 31.93 1.19
C TYR L 196 -105.25 30.54 0.82
N LYS L 197 -106.55 30.30 1.03
CA LYS L 197 -107.12 28.97 0.83
C LYS L 197 -107.00 28.43 -0.59
N GLU L 198 -107.10 29.33 -1.57
CA GLU L 198 -107.03 28.92 -2.98
C GLU L 198 -105.65 28.37 -3.35
N GLU L 199 -104.64 28.76 -2.57
CA GLU L 199 -103.25 28.36 -2.84
C GLU L 199 -102.95 26.92 -2.44
N VAL L 200 -103.81 26.34 -1.60
CA VAL L 200 -103.53 25.03 -1.01
C VAL L 200 -103.47 23.88 -2.03
N GLU L 201 -104.53 23.73 -2.83
CA GLU L 201 -104.57 22.62 -3.78
C GLU L 201 -103.69 22.86 -4.99
N LYS L 202 -103.43 24.13 -5.27
CA LYS L 202 -102.48 24.47 -6.32
C LYS L 202 -101.09 24.03 -5.90
N ALA L 203 -100.78 24.22 -4.63
CA ALA L 203 -99.50 23.80 -4.06
C ALA L 203 -99.36 22.29 -4.13
N ARG L 204 -100.45 21.58 -3.92
CA ARG L 204 -100.43 20.12 -3.95
C ARG L 204 -100.15 19.63 -5.36
N VAL L 205 -100.69 20.33 -6.34
CA VAL L 205 -100.44 19.99 -7.74
C VAL L 205 -98.97 20.28 -8.10
N TYR L 206 -98.50 21.46 -7.73
CA TYR L 206 -97.11 21.86 -8.00
C TYR L 206 -96.15 20.89 -7.30
N TYR L 207 -96.51 20.47 -6.10
CA TYR L 207 -95.73 19.48 -5.38
C TYR L 207 -95.48 18.24 -6.22
N PHE L 208 -96.55 17.62 -6.73
CA PHE L 208 -96.38 16.35 -7.41
C PHE L 208 -95.71 16.50 -8.76
N GLY L 209 -95.98 17.60 -9.44
CA GLY L 209 -95.32 17.91 -10.69
C GLY L 209 -93.82 17.94 -10.47
N THR L 210 -93.41 18.60 -9.39
CA THR L 210 -92.00 18.66 -9.02
C THR L 210 -91.50 17.29 -8.56
N TYR L 211 -92.30 16.60 -7.76
CA TYR L 211 -91.89 15.29 -7.24
C TYR L 211 -91.87 14.22 -8.34
N TYR L 212 -92.78 14.33 -9.30
CA TYR L 212 -92.78 13.42 -10.44
C TYR L 212 -91.51 13.58 -11.27
N ALA L 213 -91.16 14.83 -11.58
CA ALA L 213 -89.93 15.12 -12.31
C ALA L 213 -88.72 14.59 -11.54
N SER L 214 -88.69 14.85 -10.25
CA SER L 214 -87.63 14.36 -9.36
C SER L 214 -87.46 12.85 -9.45
N GLN L 215 -88.57 12.14 -9.54
CA GLN L 215 -88.55 10.68 -9.62
C GLN L 215 -87.85 10.19 -10.89
N LEU L 216 -88.09 10.89 -12.00
CA LEU L 216 -87.49 10.51 -13.27
C LEU L 216 -85.98 10.77 -13.26
N ILE L 217 -85.60 11.90 -12.68
CA ILE L 217 -84.20 12.30 -12.60
C ILE L 217 -83.42 11.37 -11.69
N ALA L 218 -83.98 11.11 -10.51
CA ALA L 218 -83.34 10.26 -9.51
C ALA L 218 -83.19 8.82 -10.00
N ALA L 219 -84.13 8.38 -10.83
CA ALA L 219 -84.08 7.04 -11.42
C ALA L 219 -82.80 6.83 -12.23
N PRO L 220 -82.04 5.77 -11.90
CA PRO L 220 -80.77 5.47 -12.57
C PRO L 220 -80.98 5.15 -14.04
N SER L 221 -79.89 5.15 -14.81
CA SER L 221 -79.97 5.06 -16.26
C SER L 221 -80.33 3.66 -16.75
N ASN L 222 -80.15 2.66 -15.91
CA ASN L 222 -80.56 1.30 -16.26
C ASN L 222 -82.07 1.15 -16.09
N TYR L 223 -82.65 2.02 -15.25
CA TYR L 223 -84.09 2.08 -15.07
C TYR L 223 -84.70 3.09 -16.04
N CYS L 224 -84.12 4.28 -16.09
CA CYS L 224 -84.60 5.36 -16.95
C CYS L 224 -83.77 5.45 -18.23
N ASN L 225 -84.28 4.85 -19.30
CA ASN L 225 -83.62 4.86 -20.60
C ASN L 225 -84.58 5.45 -21.65
N PRO L 226 -84.09 5.74 -22.87
CA PRO L 226 -84.96 6.35 -23.88
C PRO L 226 -86.30 5.63 -24.11
N VAL L 227 -86.30 4.32 -24.06
CA VAL L 227 -87.52 3.56 -24.29
C VAL L 227 -88.45 3.66 -23.07
N SER L 228 -87.90 3.41 -21.89
CA SER L 228 -88.71 3.41 -20.68
C SER L 228 -89.18 4.82 -20.32
N LEU L 229 -88.37 5.82 -20.62
CA LEU L 229 -88.74 7.21 -20.34
C LEU L 229 -89.87 7.65 -21.27
N SER L 230 -89.79 7.23 -22.52
CA SER L 230 -90.84 7.54 -23.49
C SER L 230 -92.11 6.78 -23.12
N ASN L 231 -91.94 5.56 -22.61
CA ASN L 231 -93.08 4.78 -22.13
C ASN L 231 -93.78 5.48 -20.98
N ALA L 232 -92.98 6.06 -20.08
CA ALA L 232 -93.52 6.79 -18.93
C ALA L 232 -94.28 8.04 -19.35
N ALA L 233 -93.81 8.70 -20.40
CA ALA L 233 -94.47 9.90 -20.91
C ALA L 233 -95.83 9.56 -21.49
N VAL L 234 -95.91 8.41 -22.16
CA VAL L 234 -97.17 7.92 -22.71
C VAL L 234 -98.16 7.60 -21.59
N GLU L 235 -97.67 6.88 -20.59
CA GLU L 235 -98.49 6.52 -19.44
C GLU L 235 -99.06 7.75 -18.75
N LEU L 236 -98.21 8.78 -18.62
CA LEU L 236 -98.62 10.04 -18.03
C LEU L 236 -99.67 10.75 -18.89
N ALA L 237 -99.44 10.77 -20.20
CA ALA L 237 -100.35 11.43 -21.13
C ALA L 237 -101.73 10.79 -21.09
N GLN L 238 -101.76 9.47 -20.96
CA GLN L 238 -103.01 8.73 -20.92
C GLN L 238 -103.82 9.00 -19.66
N LYS L 239 -103.14 9.15 -18.53
CA LYS L 239 -103.79 9.45 -17.27
C LYS L 239 -104.34 10.86 -17.27
N LEU L 240 -103.75 11.72 -18.09
CA LEU L 240 -104.13 13.13 -18.12
C LEU L 240 -104.99 13.43 -19.34
N ASN L 241 -105.26 12.40 -20.14
CA ASN L 241 -105.98 12.56 -21.40
C ASN L 241 -105.34 13.61 -22.31
N LEU L 242 -104.01 13.57 -22.42
CA LEU L 242 -103.29 14.44 -23.34
C LEU L 242 -103.03 13.72 -24.65
N GLU L 243 -103.06 14.48 -25.75
CA GLU L 243 -102.65 13.93 -27.04
C GLU L 243 -101.16 13.61 -26.97
N TYR L 244 -100.78 12.47 -27.53
CA TYR L 244 -99.38 12.07 -27.45
C TYR L 244 -98.91 11.34 -28.70
N LYS L 245 -97.61 11.49 -28.99
CA LYS L 245 -97.00 10.86 -30.14
C LYS L 245 -95.52 10.61 -29.85
N ILE L 246 -95.09 9.37 -30.01
CA ILE L 246 -93.69 9.02 -29.81
C ILE L 246 -93.03 8.65 -31.14
N LEU L 247 -92.07 9.45 -31.56
CA LEU L 247 -91.39 9.25 -32.83
C LEU L 247 -90.20 8.29 -32.67
N GLY L 248 -90.17 7.26 -33.51
CA GLY L 248 -89.10 6.27 -33.50
C GLY L 248 -88.03 6.55 -34.53
N VAL L 249 -87.04 5.66 -34.60
CA VAL L 249 -85.87 5.85 -35.44
C VAL L 249 -86.22 6.06 -36.92
N LYS L 250 -87.16 5.26 -37.42
CA LYS L 250 -87.52 5.32 -38.83
C LYS L 250 -88.16 6.66 -39.20
N GLU L 251 -88.98 7.18 -38.31
CA GLU L 251 -89.61 8.49 -38.53
C GLU L 251 -88.57 9.60 -38.46
N LEU L 252 -87.63 9.46 -37.53
CA LEU L 252 -86.58 10.45 -37.33
C LEU L 252 -85.63 10.51 -38.52
N GLU L 253 -85.39 9.36 -39.13
CA GLU L 253 -84.57 9.29 -40.34
C GLU L 253 -85.27 10.02 -41.48
N GLU L 254 -86.58 9.83 -41.57
CA GLU L 254 -87.39 10.46 -42.60
C GLU L 254 -87.46 11.98 -42.39
N LEU L 255 -87.42 12.39 -41.13
CA LEU L 255 -87.40 13.81 -40.78
C LEU L 255 -86.00 14.39 -40.86
N LYS L 256 -85.04 13.53 -41.15
CA LYS L 256 -83.64 13.91 -41.37
C LYS L 256 -83.01 14.57 -40.14
N MET L 257 -83.33 14.05 -38.95
CA MET L 257 -82.74 14.58 -37.73
C MET L 257 -81.37 13.96 -37.46
N GLY L 258 -80.40 14.31 -38.30
CA GLY L 258 -79.08 13.72 -38.25
C GLY L 258 -78.28 14.12 -37.03
N ALA L 259 -78.53 15.31 -36.51
CA ALA L 259 -77.84 15.76 -35.30
C ALA L 259 -78.33 14.95 -34.10
N TYR L 260 -79.65 14.86 -33.96
CA TYR L 260 -80.26 14.10 -32.88
C TYR L 260 -79.92 12.61 -32.99
N LEU L 261 -80.02 12.06 -34.20
CA LEU L 261 -79.75 10.64 -34.39
C LEU L 261 -78.29 10.26 -34.22
N SER L 262 -77.38 11.18 -34.52
CA SER L 262 -75.96 10.91 -34.38
C SER L 262 -75.57 10.66 -32.93
N VAL L 263 -76.16 11.44 -32.03
CA VAL L 263 -75.88 11.33 -30.60
C VAL L 263 -76.25 9.95 -30.06
N GLY L 264 -77.37 9.41 -30.52
CA GLY L 264 -77.87 8.13 -30.03
C GLY L 264 -77.31 6.89 -30.70
N LYS L 265 -76.52 7.09 -31.75
CA LYS L 265 -75.98 5.99 -32.56
C LYS L 265 -75.27 4.92 -31.72
N GLY L 266 -74.52 5.34 -30.71
CA GLY L 266 -73.72 4.43 -29.91
C GLY L 266 -74.49 3.76 -28.79
N SER L 267 -75.79 4.01 -28.72
CA SER L 267 -76.61 3.46 -27.64
C SER L 267 -77.33 2.17 -28.05
N MET L 268 -77.58 1.31 -27.07
CA MET L 268 -78.34 0.08 -27.29
C MET L 268 -79.83 0.36 -27.25
N TYR L 269 -80.20 1.55 -26.78
CA TYR L 269 -81.59 1.97 -26.73
C TYR L 269 -81.91 2.89 -27.91
N PRO L 270 -82.97 2.56 -28.66
CA PRO L 270 -83.39 3.42 -29.78
C PRO L 270 -83.82 4.81 -29.33
N ASN L 271 -83.48 5.82 -30.12
CA ASN L 271 -83.93 7.19 -29.87
C ASN L 271 -85.44 7.28 -29.83
N LYS L 272 -85.96 8.10 -28.93
CA LYS L 272 -87.41 8.29 -28.80
C LYS L 272 -87.74 9.77 -28.67
N PHE L 273 -88.46 10.30 -29.65
CA PHE L 273 -88.86 11.70 -29.59
C PHE L 273 -90.24 11.81 -28.97
N ILE L 274 -90.32 12.45 -27.81
CA ILE L 274 -91.58 12.59 -27.09
C ILE L 274 -92.33 13.84 -27.52
N HIS L 275 -93.59 13.67 -27.90
CA HIS L 275 -94.42 14.82 -28.26
C HIS L 275 -95.80 14.73 -27.62
N LEU L 276 -95.98 15.47 -26.52
CA LEU L 276 -97.28 15.57 -25.86
C LEU L 276 -97.91 16.91 -26.21
N THR L 277 -99.23 16.95 -26.29
CA THR L 277 -99.93 18.19 -26.61
C THR L 277 -101.12 18.43 -25.69
N TYR L 278 -101.16 19.62 -25.11
CA TYR L 278 -102.31 20.10 -24.36
C TYR L 278 -103.02 21.22 -25.11
N LYS L 279 -104.33 21.09 -25.30
CA LYS L 279 -105.09 22.18 -25.90
C LYS L 279 -106.19 22.64 -24.94
N SER L 280 -106.17 23.92 -24.58
CA SER L 280 -107.21 24.52 -23.74
C SER L 280 -108.60 24.41 -24.34
N LYS L 281 -109.60 24.60 -23.48
CA LYS L 281 -110.98 24.60 -23.93
C LYS L 281 -111.33 25.98 -24.49
N GLY L 282 -111.95 26.00 -25.65
CA GLY L 282 -112.36 27.24 -26.29
C GLY L 282 -111.31 27.82 -27.21
N ASP L 283 -111.32 29.15 -27.32
CA ASP L 283 -110.40 29.86 -28.20
C ASP L 283 -108.95 29.88 -27.70
N VAL L 284 -108.02 29.50 -28.58
CA VAL L 284 -106.59 29.52 -28.28
C VAL L 284 -105.96 30.87 -28.59
N LYS L 285 -105.34 31.49 -27.59
CA LYS L 285 -104.76 32.82 -27.76
C LYS L 285 -103.24 32.75 -27.90
N LYS L 286 -102.64 31.70 -27.33
CA LYS L 286 -101.20 31.51 -27.42
C LYS L 286 -100.82 30.04 -27.65
N LYS L 287 -99.91 29.80 -28.59
CA LYS L 287 -99.39 28.45 -28.79
C LYS L 287 -97.93 28.39 -28.34
N ILE L 288 -97.63 27.43 -27.48
CA ILE L 288 -96.30 27.34 -26.87
C ILE L 288 -95.70 25.94 -27.01
N ALA L 289 -94.43 25.89 -27.41
CA ALA L 289 -93.70 24.62 -27.40
C ALA L 289 -92.64 24.64 -26.30
N LEU L 290 -92.72 23.67 -25.39
CA LEU L 290 -91.70 23.51 -24.35
C LEU L 290 -90.77 22.35 -24.66
N VAL L 291 -89.48 22.65 -24.78
CA VAL L 291 -88.50 21.63 -25.16
C VAL L 291 -87.56 21.32 -24.01
N GLY L 292 -87.42 20.04 -23.68
CA GLY L 292 -86.53 19.65 -22.61
C GLY L 292 -85.45 18.72 -23.10
N LYS L 293 -84.22 18.96 -22.67
CA LYS L 293 -83.11 18.06 -23.00
C LYS L 293 -83.34 16.70 -22.35
N GLY L 294 -83.23 15.64 -23.15
CA GLY L 294 -83.52 14.31 -22.65
C GLY L 294 -82.42 13.30 -22.88
N ILE L 295 -81.25 13.55 -22.31
CA ILE L 295 -80.18 12.57 -22.33
C ILE L 295 -80.25 11.73 -21.07
N THR L 296 -80.71 10.48 -21.21
CA THR L 296 -80.96 9.62 -20.07
C THR L 296 -79.66 9.25 -19.35
N PHE L 297 -78.57 9.21 -20.11
CA PHE L 297 -77.23 9.13 -19.52
C PHE L 297 -76.21 9.79 -20.42
N ASP L 298 -75.39 10.65 -19.82
CA ASP L 298 -74.36 11.37 -20.57
C ASP L 298 -72.97 10.91 -20.15
N SER L 299 -72.43 9.95 -20.88
CA SER L 299 -71.09 9.46 -20.63
C SER L 299 -70.07 10.44 -21.20
N GLY L 300 -70.53 11.30 -22.10
CA GLY L 300 -69.66 12.23 -22.78
C GLY L 300 -69.27 11.76 -24.16
N GLY L 301 -69.58 10.50 -24.48
CA GLY L 301 -69.16 9.91 -25.73
C GLY L 301 -67.67 9.65 -25.74
N TYR L 302 -67.06 9.72 -26.93
CA TYR L 302 -65.62 9.50 -27.04
C TYR L 302 -64.84 10.61 -26.34
N ASN L 303 -65.46 11.77 -26.18
CA ASN L 303 -64.97 12.78 -25.25
C ASN L 303 -65.42 12.44 -23.83
N LEU L 304 -65.00 11.26 -23.37
CA LEU L 304 -65.44 10.70 -22.10
C LEU L 304 -65.26 11.66 -20.92
N LYS L 305 -66.22 11.63 -19.99
CA LYS L 305 -66.11 12.39 -18.75
C LYS L 305 -65.14 11.68 -17.81
N ALA L 306 -63.85 11.88 -18.05
CA ALA L 306 -62.82 11.18 -17.29
C ALA L 306 -61.97 12.15 -16.48
N ALA L 307 -62.13 13.43 -16.76
CA ALA L 307 -61.38 14.46 -16.03
C ALA L 307 -61.85 14.47 -14.58
N PRO L 308 -60.93 14.76 -13.65
CA PRO L 308 -61.29 14.83 -12.23
C PRO L 308 -62.38 15.87 -11.97
N GLY L 309 -63.44 15.45 -11.29
CA GLY L 309 -64.54 16.34 -10.98
C GLY L 309 -65.56 16.50 -12.11
N SER L 310 -65.54 15.57 -13.05
CA SER L 310 -66.50 15.61 -14.15
C SER L 310 -67.80 14.91 -13.73
N MET L 311 -67.71 14.22 -12.59
CA MET L 311 -68.85 13.60 -11.91
C MET L 311 -69.70 12.75 -12.85
N ILE L 312 -69.10 11.73 -13.46
CA ILE L 312 -69.80 10.89 -14.42
C ILE L 312 -70.93 10.09 -13.76
N ASP L 313 -70.82 9.89 -12.45
CA ASP L 313 -71.82 9.09 -11.73
C ASP L 313 -73.10 9.88 -11.50
N LEU L 314 -73.05 11.16 -11.82
CA LEU L 314 -74.17 12.06 -11.59
C LEU L 314 -75.03 12.15 -12.85
N MET L 315 -74.46 11.67 -13.95
CA MET L 315 -74.94 11.94 -15.30
C MET L 315 -76.28 11.31 -15.69
N LYS L 316 -77.00 10.76 -14.70
CA LYS L 316 -78.39 10.36 -14.92
C LYS L 316 -79.32 11.58 -14.93
N PHE L 317 -78.85 12.67 -14.31
CA PHE L 317 -79.58 13.94 -14.22
C PHE L 317 -79.78 14.61 -15.58
N ASP L 318 -79.04 14.17 -16.59
CA ASP L 318 -78.93 14.92 -17.86
C ASP L 318 -80.23 14.91 -18.66
N MET L 319 -81.30 14.37 -18.07
CA MET L 319 -82.63 14.43 -18.65
C MET L 319 -83.58 15.25 -17.76
N SER L 320 -82.99 16.09 -16.91
CA SER L 320 -83.75 16.94 -15.99
C SER L 320 -84.65 17.91 -16.74
N GLY L 321 -84.18 18.39 -17.88
CA GLY L 321 -84.94 19.32 -18.69
C GLY L 321 -86.20 18.64 -19.20
N CYS L 322 -86.03 17.40 -19.66
CA CYS L 322 -87.16 16.59 -20.10
C CYS L 322 -88.11 16.33 -18.94
N ALA L 323 -87.55 16.04 -17.78
CA ALA L 323 -88.34 15.76 -16.58
C ALA L 323 -89.16 16.97 -16.17
N ALA L 324 -88.55 18.15 -16.24
CA ALA L 324 -89.23 19.39 -15.90
C ALA L 324 -90.43 19.63 -16.81
N VAL L 325 -90.24 19.33 -18.10
CA VAL L 325 -91.30 19.50 -19.10
C VAL L 325 -92.45 18.52 -18.85
N LEU L 326 -92.13 17.29 -18.51
CA LEU L 326 -93.15 16.29 -18.22
C LEU L 326 -93.88 16.62 -16.92
N GLY L 327 -93.14 17.13 -15.94
CA GLY L 327 -93.72 17.54 -14.67
C GLY L 327 -94.65 18.71 -14.86
N CYS L 328 -94.30 19.56 -15.81
CA CYS L 328 -95.14 20.68 -16.21
C CYS L 328 -96.41 20.18 -16.90
N ALA L 329 -96.25 19.15 -17.72
CA ALA L 329 -97.38 18.53 -18.40
C ALA L 329 -98.42 18.05 -17.40
N TYR L 330 -97.97 17.51 -16.28
CA TYR L 330 -98.87 17.09 -15.22
C TYR L 330 -99.64 18.29 -14.66
N CYS L 331 -98.90 19.34 -14.31
CA CYS L 331 -99.50 20.53 -13.70
C CYS L 331 -100.50 21.18 -14.63
N VAL L 332 -100.13 21.29 -15.90
CA VAL L 332 -101.01 21.89 -16.90
C VAL L 332 -102.22 21.01 -17.13
N GLY L 333 -101.98 19.71 -17.28
CA GLY L 333 -103.03 18.74 -17.51
C GLY L 333 -103.99 18.63 -16.34
N THR L 334 -103.52 18.98 -15.15
CA THR L 334 -104.33 18.89 -13.94
C THR L 334 -105.10 20.19 -13.71
N LEU L 335 -104.41 21.32 -13.80
CA LEU L 335 -105.03 22.62 -13.53
C LEU L 335 -105.86 23.12 -14.71
N LYS L 336 -105.59 22.59 -15.89
CA LYS L 336 -106.33 22.92 -17.12
C LYS L 336 -106.53 24.42 -17.37
N PRO L 337 -105.45 25.12 -17.71
CA PRO L 337 -105.48 26.56 -18.01
C PRO L 337 -106.28 26.90 -19.27
N GLU L 338 -106.65 28.16 -19.43
CA GLU L 338 -107.47 28.59 -20.56
C GLU L 338 -106.69 29.27 -21.67
N ASN L 339 -107.24 29.20 -22.89
CA ASN L 339 -106.75 29.97 -24.03
C ASN L 339 -105.30 29.70 -24.45
N VAL L 340 -104.81 28.49 -24.19
CA VAL L 340 -103.43 28.15 -24.53
C VAL L 340 -103.31 26.75 -25.12
N GLU L 341 -102.35 26.60 -26.04
CA GLU L 341 -102.01 25.29 -26.58
C GLU L 341 -100.52 25.02 -26.36
N ILE L 342 -100.22 23.96 -25.63
CA ILE L 342 -98.83 23.66 -25.28
C ILE L 342 -98.36 22.34 -25.86
N HIS L 343 -97.17 22.37 -26.47
CA HIS L 343 -96.51 21.16 -26.95
C HIS L 343 -95.32 20.84 -26.07
N PHE L 344 -95.32 19.63 -25.53
CA PHE L 344 -94.24 19.19 -24.66
C PHE L 344 -93.30 18.27 -25.44
N LEU L 345 -92.10 18.77 -25.72
CA LEU L 345 -91.17 18.07 -26.59
C LEU L 345 -89.88 17.67 -25.87
N SER L 346 -89.36 16.51 -26.25
CA SER L 346 -88.05 16.10 -25.78
C SER L 346 -87.43 15.07 -26.71
N ALA L 347 -86.26 15.38 -27.24
CA ALA L 347 -85.50 14.43 -28.05
C ALA L 347 -84.68 13.55 -27.11
N VAL L 348 -85.24 12.41 -26.75
CA VAL L 348 -84.63 11.53 -25.75
C VAL L 348 -83.70 10.49 -26.36
N CYS L 349 -82.49 10.37 -25.81
CA CYS L 349 -81.55 9.34 -26.21
C CYS L 349 -80.47 9.17 -25.14
N GLU L 350 -79.43 8.42 -25.50
CA GLU L 350 -78.34 8.11 -24.56
C GLU L 350 -77.00 8.35 -25.24
N ASN L 351 -76.07 9.00 -24.53
CA ASN L 351 -74.76 9.33 -25.10
C ASN L 351 -73.70 8.35 -24.61
N MET L 352 -73.39 7.35 -25.43
CA MET L 352 -72.57 6.23 -24.99
C MET L 352 -71.31 6.02 -25.82
N VAL L 353 -70.40 5.21 -25.31
CA VAL L 353 -69.19 4.84 -26.04
C VAL L 353 -69.32 3.46 -26.65
N SER L 354 -69.18 3.39 -27.96
CA SER L 354 -69.39 2.15 -28.70
C SER L 354 -68.69 2.22 -30.03
N LYS L 355 -68.65 1.11 -30.75
CA LYS L 355 -68.13 1.08 -32.11
C LYS L 355 -69.04 1.90 -33.03
N ASN L 356 -70.29 2.09 -32.61
CA ASN L 356 -71.29 2.74 -33.44
C ASN L 356 -71.46 4.21 -33.10
N SER L 357 -70.69 4.67 -32.11
CA SER L 357 -70.78 6.05 -31.64
C SER L 357 -70.34 7.04 -32.71
N TYR L 358 -70.90 8.24 -32.68
CA TYR L 358 -70.41 9.29 -33.55
C TYR L 358 -69.08 9.76 -32.95
N ARG L 359 -68.15 10.14 -33.82
CA ARG L 359 -66.80 10.49 -33.39
C ARG L 359 -66.59 11.99 -33.35
N PRO L 360 -65.64 12.44 -32.53
CA PRO L 360 -65.21 13.84 -32.61
C PRO L 360 -64.67 14.15 -34.01
N GLY L 361 -65.16 15.22 -34.62
CA GLY L 361 -64.73 15.59 -35.96
C GLY L 361 -65.76 15.28 -37.02
N ASP L 362 -66.69 14.39 -36.71
CA ASP L 362 -67.75 14.01 -37.64
C ASP L 362 -68.57 15.23 -38.06
N ILE L 363 -68.93 15.28 -39.33
CA ILE L 363 -69.83 16.33 -39.82
C ILE L 363 -71.21 15.75 -40.07
N ILE L 364 -72.20 16.33 -39.41
CA ILE L 364 -73.57 15.82 -39.45
C ILE L 364 -74.52 16.89 -39.93
N THR L 365 -75.65 16.46 -40.48
CA THR L 365 -76.61 17.39 -41.05
C THR L 365 -77.89 17.43 -40.21
N ALA L 366 -78.24 18.62 -39.72
CA ALA L 366 -79.46 18.78 -38.93
C ALA L 366 -80.69 18.74 -39.86
N SER L 367 -81.87 18.64 -39.26
CA SER L 367 -83.11 18.52 -40.04
C SER L 367 -83.42 19.76 -40.86
N ASN L 368 -82.72 20.86 -40.59
CA ASN L 368 -82.91 22.07 -41.37
C ASN L 368 -81.81 22.23 -42.43
N GLY L 369 -81.01 21.17 -42.59
CA GLY L 369 -80.00 21.13 -43.62
C GLY L 369 -78.62 21.64 -43.27
N LYS L 370 -78.51 22.36 -42.15
CA LYS L 370 -77.22 22.90 -41.72
C LYS L 370 -76.26 21.80 -41.34
N THR L 371 -75.05 21.86 -41.90
CA THR L 371 -74.02 20.89 -41.54
C THR L 371 -73.26 21.35 -40.30
N ILE L 372 -72.98 20.41 -39.42
CA ILE L 372 -72.36 20.71 -38.14
C ILE L 372 -71.09 19.90 -37.95
N GLU L 373 -69.99 20.57 -37.63
CA GLU L 373 -68.75 19.88 -37.33
C GLU L 373 -68.66 19.62 -35.83
N VAL L 374 -68.65 18.36 -35.45
CA VAL L 374 -68.58 17.97 -34.05
C VAL L 374 -67.16 18.13 -33.50
N GLY L 375 -67.00 19.04 -32.55
CA GLY L 375 -65.71 19.23 -31.92
C GLY L 375 -65.64 18.52 -30.58
N ASN L 376 -66.79 18.13 -30.05
CA ASN L 376 -66.84 17.50 -28.74
C ASN L 376 -68.13 16.70 -28.55
N THR L 377 -67.99 15.37 -28.42
CA THR L 377 -69.15 14.50 -28.30
C THR L 377 -69.89 14.70 -26.97
N ASP L 378 -69.26 15.38 -26.03
CA ASP L 378 -69.87 15.63 -24.73
C ASP L 378 -70.75 16.88 -24.79
N ALA L 379 -70.69 17.59 -25.91
CA ALA L 379 -71.62 18.69 -26.14
C ALA L 379 -72.81 18.19 -26.93
N GLU L 380 -73.40 17.09 -26.46
CA GLU L 380 -74.44 16.40 -27.23
C GLU L 380 -75.83 17.03 -27.05
N GLY L 381 -76.01 17.75 -25.94
CA GLY L 381 -77.29 18.34 -25.62
C GLY L 381 -77.77 19.33 -26.67
N ARG L 382 -76.87 20.18 -27.13
CA ARG L 382 -77.23 21.19 -28.12
C ARG L 382 -77.52 20.56 -29.48
N LEU L 383 -76.96 19.39 -29.73
CA LEU L 383 -77.20 18.70 -30.99
C LEU L 383 -78.63 18.15 -31.01
N THR L 384 -79.02 17.53 -29.90
CA THR L 384 -80.37 17.00 -29.79
C THR L 384 -81.39 18.15 -29.76
N LEU L 385 -81.04 19.23 -29.07
CA LEU L 385 -81.93 20.39 -29.00
C LEU L 385 -82.08 21.07 -30.36
N ALA L 386 -81.03 21.05 -31.17
CA ALA L 386 -81.06 21.68 -32.50
C ALA L 386 -82.17 21.10 -33.35
N ASP L 387 -82.23 19.79 -33.45
CA ASP L 387 -83.26 19.13 -34.23
C ASP L 387 -84.64 19.29 -33.59
N ALA L 388 -84.67 19.30 -32.26
CA ALA L 388 -85.93 19.50 -31.54
C ALA L 388 -86.47 20.90 -31.77
N LEU L 389 -85.58 21.89 -31.82
CA LEU L 389 -85.98 23.27 -32.04
C LEU L 389 -86.50 23.48 -33.46
N VAL L 390 -85.91 22.80 -34.43
CA VAL L 390 -86.40 22.84 -35.80
C VAL L 390 -87.80 22.23 -35.86
N TYR L 391 -87.97 21.10 -35.19
CA TYR L 391 -89.26 20.42 -35.10
C TYR L 391 -90.30 21.32 -34.43
N ALA L 392 -89.89 22.02 -33.38
CA ALA L 392 -90.78 22.89 -32.63
C ALA L 392 -91.29 24.07 -33.46
N GLU L 393 -90.41 24.72 -34.21
CA GLU L 393 -90.80 25.89 -34.99
C GLU L 393 -91.73 25.53 -36.14
N LYS L 394 -91.61 24.31 -36.65
CA LYS L 394 -92.49 23.84 -37.71
C LYS L 394 -93.92 23.64 -37.22
N LEU L 395 -94.09 23.54 -35.89
CA LEU L 395 -95.40 23.37 -35.29
C LEU L 395 -96.21 24.67 -35.33
N GLY L 396 -95.53 25.77 -35.60
CA GLY L 396 -96.17 27.07 -35.70
C GLY L 396 -96.66 27.59 -34.38
N VAL L 397 -95.74 27.78 -33.44
CA VAL L 397 -96.10 28.25 -32.11
C VAL L 397 -95.70 29.71 -31.94
N ASP L 398 -96.15 30.31 -30.85
CA ASP L 398 -95.82 31.71 -30.56
C ASP L 398 -94.52 31.81 -29.77
N TYR L 399 -94.33 30.88 -28.83
CA TYR L 399 -93.13 30.85 -28.01
C TYR L 399 -92.48 29.47 -28.01
N ILE L 400 -91.15 29.45 -28.17
CA ILE L 400 -90.39 28.23 -27.95
C ILE L 400 -89.47 28.43 -26.75
N VAL L 401 -89.71 27.65 -25.70
CA VAL L 401 -88.87 27.73 -24.51
C VAL L 401 -88.22 26.38 -24.26
N ASP L 402 -86.89 26.35 -24.24
CA ASP L 402 -86.21 25.10 -23.95
C ASP L 402 -85.53 25.17 -22.57
N ILE L 403 -85.45 24.01 -21.92
CA ILE L 403 -84.84 23.90 -20.61
C ILE L 403 -83.91 22.70 -20.62
N ALA L 404 -82.66 22.90 -20.19
CA ALA L 404 -81.63 21.89 -20.39
C ALA L 404 -80.47 22.01 -19.40
N THR L 405 -79.94 20.86 -19.00
CA THR L 405 -78.69 20.83 -18.25
C THR L 405 -77.54 20.91 -19.26
N LEU L 406 -77.35 22.09 -19.83
CA LEU L 406 -76.53 22.23 -21.03
C LEU L 406 -75.04 22.41 -20.75
N THR L 407 -74.69 23.35 -19.88
CA THR L 407 -73.27 23.71 -19.71
C THR L 407 -72.84 23.76 -18.25
N GLY L 408 -71.73 23.11 -17.95
CA GLY L 408 -71.16 23.11 -16.62
C GLY L 408 -70.66 24.48 -16.19
N ALA L 409 -70.47 25.36 -17.17
CA ALA L 409 -70.02 26.72 -16.90
C ALA L 409 -71.00 27.49 -16.03
N MET L 410 -72.25 27.04 -16.01
CA MET L 410 -73.29 27.65 -15.19
C MET L 410 -72.94 27.62 -13.70
N LEU L 411 -72.16 26.63 -13.30
CA LEU L 411 -71.71 26.53 -11.92
C LEU L 411 -70.77 27.69 -11.58
N TYR L 412 -70.12 28.24 -12.59
CA TYR L 412 -69.16 29.33 -12.39
C TYR L 412 -69.78 30.71 -12.58
N SER L 413 -70.99 30.76 -13.16
CA SER L 413 -71.62 32.05 -13.44
C SER L 413 -72.69 32.38 -12.40
N LEU L 414 -73.66 31.50 -12.23
CA LEU L 414 -74.76 31.75 -11.30
C LEU L 414 -74.72 30.78 -10.13
N GLY L 415 -73.99 29.68 -10.31
CA GLY L 415 -73.85 28.71 -9.23
C GLY L 415 -74.99 27.72 -9.17
N THR L 416 -75.37 27.38 -7.94
CA THR L 416 -76.32 26.29 -7.72
C THR L 416 -77.72 26.75 -7.36
N SER L 417 -77.92 28.06 -7.27
CA SER L 417 -79.23 28.58 -6.86
C SER L 417 -80.01 29.16 -8.04
N TYR L 418 -79.31 29.87 -8.93
CA TYR L 418 -79.98 30.53 -10.05
C TYR L 418 -79.71 29.86 -11.39
N ALA L 419 -80.78 29.54 -12.12
CA ALA L 419 -80.62 29.09 -13.49
C ALA L 419 -80.46 30.32 -14.37
N GLY L 420 -79.85 30.16 -15.54
CA GLY L 420 -79.68 31.26 -16.45
C GLY L 420 -80.64 31.16 -17.62
N VAL L 421 -81.18 32.30 -18.06
CA VAL L 421 -82.05 32.30 -19.22
C VAL L 421 -81.45 33.16 -20.33
N PHE L 422 -81.47 32.61 -21.55
CA PHE L 422 -80.99 33.30 -22.73
C PHE L 422 -82.15 33.36 -23.72
N GLY L 423 -82.11 34.31 -24.66
CA GLY L 423 -83.19 34.40 -25.62
C GLY L 423 -82.97 35.39 -26.75
N ASN L 424 -83.84 35.32 -27.75
CA ASN L 424 -83.78 36.21 -28.90
C ASN L 424 -84.87 37.27 -28.85
N ASN L 425 -85.62 37.28 -27.76
CA ASN L 425 -86.78 38.15 -27.61
C ASN L 425 -86.94 38.63 -26.17
N GLU L 426 -86.90 39.94 -25.97
CA GLU L 426 -86.91 40.51 -24.62
C GLU L 426 -88.25 40.36 -23.91
N GLU L 427 -89.34 40.42 -24.67
CA GLU L 427 -90.67 40.27 -24.10
C GLU L 427 -90.81 38.89 -23.47
N LEU L 428 -90.38 37.87 -24.21
CA LEU L 428 -90.44 36.50 -23.73
C LEU L 428 -89.57 36.35 -22.48
N ILE L 429 -88.39 36.96 -22.51
CA ILE L 429 -87.47 36.94 -21.37
C ILE L 429 -88.14 37.56 -20.13
N ASN L 430 -88.87 38.64 -20.35
CA ASN L 430 -89.59 39.31 -19.27
C ASN L 430 -90.65 38.41 -18.65
N LYS L 431 -91.30 37.62 -19.49
CA LYS L 431 -92.29 36.66 -19.03
C LYS L 431 -91.64 35.55 -18.21
N ILE L 432 -90.50 35.06 -18.67
CA ILE L 432 -89.76 34.03 -17.97
C ILE L 432 -89.29 34.52 -16.60
N LEU L 433 -88.78 35.74 -16.55
CA LEU L 433 -88.32 36.33 -15.30
C LEU L 433 -89.48 36.58 -14.34
N GLN L 434 -90.61 37.01 -14.87
CA GLN L 434 -91.83 37.19 -14.08
C GLN L 434 -92.28 35.86 -13.49
N SER L 435 -92.23 34.81 -14.31
CA SER L 435 -92.60 33.47 -13.86
C SER L 435 -91.66 33.01 -12.75
N SER L 436 -90.40 33.45 -12.82
CA SER L 436 -89.41 33.12 -11.80
C SER L 436 -89.78 33.71 -10.44
N LYS L 437 -90.28 34.95 -10.45
CA LYS L 437 -90.69 35.63 -9.23
C LYS L 437 -91.87 34.97 -8.52
N THR L 438 -92.92 34.64 -9.29
CA THR L 438 -94.15 34.13 -8.70
C THR L 438 -94.05 32.65 -8.34
N SER L 439 -93.17 31.93 -9.03
CA SER L 439 -92.96 30.52 -8.76
C SER L 439 -91.88 30.31 -7.70
N ASN L 440 -91.13 31.37 -7.44
CA ASN L 440 -89.98 31.32 -6.54
C ASN L 440 -88.93 30.28 -6.97
N GLU L 441 -88.80 30.09 -8.28
CA GLU L 441 -87.66 29.36 -8.84
C GLU L 441 -86.74 30.36 -9.54
N PRO L 442 -85.64 30.73 -8.87
CA PRO L 442 -84.79 31.87 -9.26
C PRO L 442 -84.08 31.68 -10.59
N VAL L 443 -84.23 32.67 -11.47
CA VAL L 443 -83.62 32.67 -12.78
C VAL L 443 -83.02 34.05 -13.06
N TRP L 444 -81.84 34.09 -13.67
CA TRP L 444 -81.21 35.36 -13.99
C TRP L 444 -80.96 35.48 -15.49
N TRP L 445 -81.20 36.67 -16.02
CA TRP L 445 -81.05 36.92 -17.45
C TRP L 445 -79.58 37.10 -17.83
N LEU L 446 -79.11 36.25 -18.75
CA LEU L 446 -77.75 36.34 -19.26
C LEU L 446 -77.78 36.67 -20.75
N PRO L 447 -76.75 37.36 -21.25
CA PRO L 447 -76.78 37.86 -22.63
C PRO L 447 -76.33 36.84 -23.67
N ILE L 448 -76.92 36.94 -24.87
CA ILE L 448 -76.40 36.22 -26.04
C ILE L 448 -75.53 37.19 -26.82
N ILE L 449 -74.22 37.09 -26.63
CA ILE L 449 -73.26 38.05 -27.18
C ILE L 449 -72.86 37.70 -28.61
N ASN L 450 -73.33 38.50 -29.56
CA ASN L 450 -73.16 38.22 -30.99
C ASN L 450 -71.72 38.27 -31.46
N GLU L 451 -70.86 38.95 -30.69
CA GLU L 451 -69.45 39.05 -31.04
C GLU L 451 -68.76 37.69 -30.97
N TYR L 452 -69.34 36.75 -30.24
CA TYR L 452 -68.76 35.41 -30.10
C TYR L 452 -69.18 34.47 -31.23
N ARG L 453 -70.13 34.90 -32.04
CA ARG L 453 -70.69 34.09 -33.12
C ARG L 453 -69.64 33.60 -34.13
N ALA L 454 -68.63 34.42 -34.37
CA ALA L 454 -67.61 34.11 -35.38
C ALA L 454 -66.78 32.89 -35.00
N THR L 455 -66.80 32.54 -33.71
CA THR L 455 -66.04 31.41 -33.23
C THR L 455 -66.68 30.07 -33.59
N LEU L 456 -67.90 30.13 -34.09
CA LEU L 456 -68.62 28.93 -34.51
C LEU L 456 -68.51 28.71 -36.02
N ASN L 457 -67.72 29.56 -36.68
CA ASN L 457 -67.48 29.42 -38.11
C ASN L 457 -66.60 28.22 -38.41
N SER L 458 -67.18 27.21 -39.05
CA SER L 458 -66.44 26.00 -39.37
C SER L 458 -65.71 26.17 -40.70
N LYS L 459 -64.53 25.57 -40.79
CA LYS L 459 -63.75 25.63 -42.02
C LYS L 459 -64.40 24.80 -43.12
N TYR L 460 -65.05 23.71 -42.72
CA TYR L 460 -65.60 22.75 -43.69
C TYR L 460 -67.11 22.63 -43.62
N ALA L 461 -67.67 22.62 -42.42
CA ALA L 461 -69.12 22.55 -42.25
C ALA L 461 -69.74 23.95 -42.27
N ASP L 462 -71.07 24.01 -42.18
CA ASP L 462 -71.75 25.29 -42.09
C ASP L 462 -71.46 25.98 -40.78
N ILE L 463 -71.37 25.20 -39.71
CA ILE L 463 -71.18 25.75 -38.37
C ILE L 463 -70.47 24.76 -37.46
N ASN L 464 -69.70 25.29 -36.51
CA ASN L 464 -69.11 24.48 -35.46
C ASN L 464 -70.07 24.20 -34.31
N GLN L 465 -69.95 23.02 -33.72
CA GLN L 465 -70.73 22.64 -32.56
C GLN L 465 -70.28 23.42 -31.32
N ILE L 466 -68.97 23.54 -31.16
CA ILE L 466 -68.38 24.23 -30.01
C ILE L 466 -67.35 25.25 -30.47
N SER L 467 -66.96 26.15 -29.58
CA SER L 467 -65.88 27.07 -29.89
C SER L 467 -64.53 26.45 -29.52
N SER L 468 -63.47 26.94 -30.16
CA SER L 468 -62.11 26.44 -29.93
C SER L 468 -61.07 27.54 -29.66
N SER L 469 -61.12 28.20 -28.51
CA SER L 469 -62.08 27.94 -27.44
C SER L 469 -62.41 29.28 -26.76
N VAL L 470 -63.66 29.70 -26.87
CA VAL L 470 -64.09 30.96 -26.30
C VAL L 470 -64.81 30.75 -24.96
N LYS L 471 -64.03 30.64 -23.88
CA LYS L 471 -64.45 30.06 -22.59
C LYS L 471 -65.95 30.07 -22.37
N ALA L 472 -66.52 31.24 -22.13
CA ALA L 472 -67.97 31.51 -22.09
C ALA L 472 -68.86 30.45 -22.74
N SER L 473 -68.87 29.25 -22.18
CA SER L 473 -69.51 28.10 -22.82
C SER L 473 -71.02 28.23 -22.95
N SER L 474 -71.65 28.80 -21.94
CA SER L 474 -73.11 28.91 -21.92
C SER L 474 -73.63 29.86 -22.99
N ILE L 475 -72.89 30.94 -23.23
CA ILE L 475 -73.28 31.91 -24.25
C ILE L 475 -73.04 31.37 -25.64
N VAL L 476 -71.88 30.73 -25.84
CA VAL L 476 -71.57 30.14 -27.13
C VAL L 476 -72.59 29.08 -27.51
N ALA L 477 -72.98 28.26 -26.53
CA ALA L 477 -73.99 27.22 -26.74
C ALA L 477 -75.33 27.84 -27.13
N SER L 478 -75.65 28.98 -26.52
CA SER L 478 -76.87 29.70 -26.82
C SER L 478 -76.85 30.24 -28.25
N LEU L 479 -75.68 30.72 -28.68
CA LEU L 479 -75.51 31.19 -30.05
C LEU L 479 -75.76 30.06 -31.04
N PHE L 480 -75.32 28.86 -30.67
CA PHE L 480 -75.56 27.68 -31.49
C PHE L 480 -77.04 27.37 -31.66
N LEU L 481 -77.76 27.28 -30.53
CA LEU L 481 -79.18 26.97 -30.55
C LEU L 481 -79.94 28.04 -31.33
N LYS L 482 -79.50 29.29 -31.20
CA LYS L 482 -80.11 30.42 -31.89
C LYS L 482 -80.13 30.24 -33.41
N GLU L 483 -79.13 29.53 -33.93
CA GLU L 483 -79.02 29.30 -35.36
C GLU L 483 -80.11 28.38 -35.89
N PHE L 484 -80.86 27.77 -35.00
CA PHE L 484 -81.89 26.81 -35.41
C PHE L 484 -83.29 27.32 -35.09
N VAL L 485 -83.39 28.61 -34.77
CA VAL L 485 -84.68 29.29 -34.64
C VAL L 485 -84.66 30.54 -35.50
N GLN L 486 -85.43 30.52 -36.59
CA GLN L 486 -85.34 31.56 -37.62
C GLN L 486 -86.29 32.73 -37.42
N ASN L 487 -87.53 32.46 -37.03
CA ASN L 487 -88.53 33.52 -36.93
C ASN L 487 -89.55 33.29 -35.82
N THR L 488 -89.06 32.89 -34.65
CA THR L 488 -89.93 32.67 -33.49
C THR L 488 -89.29 33.21 -32.22
N ALA L 489 -90.10 33.82 -31.36
CA ALA L 489 -89.62 34.23 -30.03
C ALA L 489 -89.18 32.98 -29.28
N TRP L 490 -87.93 32.97 -28.82
CA TRP L 490 -87.34 31.78 -28.23
C TRP L 490 -86.52 32.09 -26.99
N ALA L 491 -86.63 31.23 -25.99
CA ALA L 491 -85.87 31.40 -24.75
C ALA L 491 -85.25 30.08 -24.31
N HIS L 492 -84.09 30.16 -23.67
CA HIS L 492 -83.32 28.99 -23.29
C HIS L 492 -82.92 29.05 -21.82
N ILE L 493 -83.34 28.07 -21.05
CA ILE L 493 -83.05 28.04 -19.62
C ILE L 493 -82.01 26.97 -19.32
N ASP L 494 -80.83 27.40 -18.89
CA ASP L 494 -79.76 26.46 -18.58
C ASP L 494 -79.80 26.13 -17.09
N ILE L 495 -80.15 24.88 -16.79
CA ILE L 495 -80.36 24.46 -15.40
C ILE L 495 -79.29 23.46 -14.94
N ALA L 496 -78.14 23.47 -15.61
CA ALA L 496 -77.06 22.56 -15.29
C ALA L 496 -76.57 22.70 -13.85
N GLY L 497 -76.63 23.93 -13.33
CA GLY L 497 -76.16 24.20 -11.99
C GLY L 497 -77.18 23.99 -10.89
N VAL L 498 -78.46 24.18 -11.23
CA VAL L 498 -79.52 24.19 -10.23
C VAL L 498 -80.32 22.89 -10.18
N SER L 499 -80.08 22.00 -11.13
CA SER L 499 -80.87 20.78 -11.23
C SER L 499 -80.69 19.85 -10.02
N TRP L 500 -79.44 19.64 -9.62
CA TRP L 500 -79.14 18.71 -8.54
C TRP L 500 -78.85 19.41 -7.21
N ASN L 501 -79.46 18.91 -6.14
CA ASN L 501 -79.20 19.38 -4.79
C ASN L 501 -78.08 18.53 -4.18
N PHE L 502 -76.85 19.04 -4.26
CA PHE L 502 -75.68 18.27 -3.83
C PHE L 502 -75.65 18.04 -2.31
N LYS L 503 -76.17 19.00 -1.55
CA LYS L 503 -76.19 18.86 -0.10
C LYS L 503 -77.16 17.76 0.31
N ALA L 504 -78.33 17.71 -0.31
CA ALA L 504 -79.36 16.73 0.03
C ALA L 504 -79.23 15.45 -0.80
N ARG L 505 -78.35 15.48 -1.79
CA ARG L 505 -78.10 14.33 -2.67
C ARG L 505 -79.36 13.85 -3.40
N LYS L 506 -80.10 14.79 -3.99
CA LYS L 506 -81.35 14.44 -4.66
C LYS L 506 -81.72 15.52 -5.69
N PRO L 507 -82.61 15.18 -6.64
CA PRO L 507 -83.01 16.22 -7.60
C PRO L 507 -83.84 17.30 -6.93
N LYS L 508 -83.95 18.45 -7.58
CA LYS L 508 -84.78 19.53 -7.09
C LYS L 508 -86.12 19.55 -7.82
N GLY L 509 -86.16 18.88 -8.98
CA GLY L 509 -87.31 18.96 -9.86
C GLY L 509 -87.44 20.39 -10.37
N PHE L 510 -86.30 21.03 -10.58
CA PHE L 510 -86.27 22.45 -10.94
C PHE L 510 -86.89 22.72 -12.31
N GLY L 511 -87.77 23.71 -12.34
CA GLY L 511 -88.33 24.17 -13.60
C GLY L 511 -89.80 23.86 -13.77
N VAL L 512 -90.29 22.86 -13.04
CA VAL L 512 -91.69 22.45 -13.15
C VAL L 512 -92.63 23.59 -12.80
N ARG L 513 -92.42 24.20 -11.65
CA ARG L 513 -93.25 25.31 -11.19
C ARG L 513 -93.02 26.55 -12.05
N LEU L 514 -91.78 26.76 -12.44
CA LEU L 514 -91.38 27.88 -13.29
C LEU L 514 -92.11 27.88 -14.63
N LEU L 515 -92.10 26.74 -15.29
CA LEU L 515 -92.75 26.60 -16.60
C LEU L 515 -94.26 26.71 -16.47
N THR L 516 -94.81 26.19 -15.37
CA THR L 516 -96.25 26.20 -15.16
C THR L 516 -96.77 27.61 -14.90
N GLU L 517 -96.05 28.36 -14.07
CA GLU L 517 -96.41 29.76 -13.85
C GLU L 517 -96.36 30.55 -15.14
N PHE L 518 -95.44 30.18 -16.02
CA PHE L 518 -95.29 30.84 -17.30
C PHE L 518 -96.52 30.64 -18.20
N VAL L 519 -97.01 29.42 -18.30
CA VAL L 519 -98.18 29.14 -19.14
C VAL L 519 -99.46 29.69 -18.50
N LEU L 520 -99.52 29.68 -17.16
CA LEU L 520 -100.70 30.13 -16.44
C LEU L 520 -100.88 31.65 -16.48
N ASN L 521 -99.78 32.38 -16.29
CA ASN L 521 -99.85 33.84 -16.20
C ASN L 521 -99.68 34.55 -17.54
N ASP L 522 -99.77 33.80 -18.64
CA ASP L 522 -99.67 34.39 -19.97
C ASP L 522 -100.89 34.05 -20.83
#